data_8EQM
#
_entry.id   8EQM
#
_cell.length_a   1.00
_cell.length_b   1.00
_cell.length_c   1.00
_cell.angle_alpha   90.00
_cell.angle_beta   90.00
_cell.angle_gamma   90.00
#
_symmetry.space_group_name_H-M   'P 1'
#
loop_
_entity.id
_entity.type
_entity.pdbx_description
1 polymer 'Photosystem II protein D1'
2 polymer 'Photosystem II CP47 reaction center protein'
3 polymer 'Photosystem II CP43 reaction center protein'
4 polymer 'Photosystem II D2 protein'
5 polymer 'Cytochrome b559 subunit alpha'
6 polymer 'Cytochrome b559 subunit beta'
7 polymer 'Photosystem II reaction center protein H'
8 polymer 'Photosystem II reaction center protein I'
9 polymer 'Photosystem II reaction center protein K'
10 polymer 'Photosystem II reaction center protein L'
11 polymer 'Photosystem II reaction center protein M'
12 polymer 'Photosystem II manganese-stabilizing polypeptide'
13 polymer 'Photosystem II reaction center protein T'
14 polymer 'Photosystem II 12 kDa extrinsic protein'
15 polymer 'Cytochrome c-550'
16 polymer 'Photosystem II reaction center X protein'
17 non-polymer 'CA-MN4-O5 CLUSTER'
18 non-polymer 'FE (II) ION'
19 non-polymer 'CHLORIDE ION'
20 non-polymer 'CHLOROPHYLL A'
21 non-polymer 'PHEOPHYTIN A'
22 non-polymer BETA-CAROTENE
23 non-polymer 1,2-DI-O-ACYL-3-O-[6-DEOXY-6-SULFO-ALPHA-D-GLUCOPYRANOSYL]-SN-GLYCEROL
24 non-polymer 2,3-DIMETHYL-5-(3,7,11,15,19,23,27,31,35-NONAMETHYL-2,6,10,14,18,22,26,30,34-HEXATRIACONTANONAENYL-2,5-CYCLOHEXADIENE-1,4-DIONE-2,3-DIMETHYL-5-SOLANESYL-1,4-BENZOQUINONE
25 non-polymer 'BICARBONATE ION'
26 non-polymer 1,2-DIPALMITOYL-PHOSPHATIDYL-GLYCEROLE
27 non-polymer 'Chlorophyll F'
28 non-polymer 'DIGALACTOSYL DIACYL GLYCEROL (DGDG)'
29 non-polymer 'CHLOROPHYLL D'
30 non-polymer 1,2-DISTEAROYL-MONOGALACTOSYL-DIGLYCERIDE
31 non-polymer 'PROTOPORPHYRIN IX CONTAINING FE'
32 non-polymer (3R)-beta,beta-caroten-3-ol
33 non-polymer DODECYL-BETA-D-MALTOSIDE
34 water water
#
loop_
_entity_poly.entity_id
_entity_poly.type
_entity_poly.pdbx_seq_one_letter_code
_entity_poly.pdbx_strand_id
1 'polypeptide(L)'
;MTTLIQRPNISQWERFCQWITSTENRLYIGWFGVLMLPLLGVSITVFVTAFIAAPPVDIDGIREPLSGSLLYGNNIITAA
VVPTSNAIGLHFYPIWEAATLDEWLYNGGPYQMIAFHYIPALLCYLGREWELSYRLGMRPWICIAYSAPVAATISVFLIY
PIGQGSFSDGLPMGISGTFNFMFVFQAEHNILMHPFHMLGVAGVLGGSLFCAMHGSLVTSSLVRETSDSQSQNEGYKFGQ
EEETYNILAAHGYFGRLIFQYASFNNSRQLHFFLAAWPVVCIWFVALGISTMAFNLNGFNFNHSVLDSQGRVLPSWADVV
NRASLGFEVMHERNAHNFPLDLASGESVQVAMRAPHIGA
;
A,a
2 'polypeptide(L)'
;MGLPWYRVHTSVLNDPGRLIAVHIMHNALCAGFAGSMLLFELALFDPSDPVLNPMWRQGCFLMPFVSRLGVVNSWQGWSV
TGETFTNPGFWTFETVAIAHIIFSGLSFLAACWHWVYWDVATFFDPKTDEPVIDLPKVFGIHLTLAGILCFGFGAFHLTG
LFGPGMWVSDPLGLTGHIQGVAPEWGAAGFDPHNPGGVVAHHIALGIVAIIGGLFHIFVRPPEYLYKGLRMGNIEGTLAS
GLAVFFSGAFIAAGTMWYGTATTPIELWGPTRYQWDQGFFQQAISRQVKASISDGKSPSEAWSEIPTKLAFYDYIGNSPA
KGGLFRVGRMVDGDGLPTGWLGHPVFKDGEGRELTVRRMPNFFENFPVVLFDQDGIVRADIPFRQAESKYGIEQTGVTVS
FYGGELDGQTFSDPKDVKKYARRAQLGEPFEFDRSVYDSDGLFRTSNRGFFAFFHVIFGLLWFFGHIWHGLRALFQDVFS
GIDPSLSAEQVEWGYFKKVGDPTSQQTPA
;
B,b
3 'polypeptide(L)'
;METPLETIPDLSLSPTAEVGSILAPASPGYDEATSGYAWWAGNARLITPELTGRFLGAHVAHAGLVALWAGGMLLFEVSH
FNLSKPMYEQGCILMPHIATLGIGVGQSGEITSMFPFFAIGVAHLIGSAVLGIGGMYHAIKGPEKLYGFFQFDWTDRAKV
AQILGFHIAILGIFALLFAAKAMYWGGLYDPWAPGGGDVRLVTNPTLDPRIIFGYLIKRPTGGEGWIVSVNNLEDIIGGH
IWIGCILIAGGIWHILVPPLRWTYNLFPWTGETYLSQSLGNVAGQAFIAAAFIWFNNTAYPSVFYGPTVPESSQAQSFVF
LMRDQGMGADVASAQGPTGLGKYLQRSPTGEIIFGGETMRFWDARAPWLEPLRGKNGLDLDKLQHDVQPWQLRRAAEYMT
HSPIGSLNSVAGLATESNAFNYVSPRTWLASAHFIFGFFFLVGHLWHAGRARAAAAGFETGLDREDEPVLSMAPIDPSLR
SD
;
C,c
4 'polypeptide(L)'
;MTITMGSLGSARDWIKQLDDWLKRDRFVFIGWSGLLLFPCSFLAIGAWFTGTTFVTSWYTHGLVSSYLEGCNFLTVAVST
PAESMGHSLLLLWGPEASGDFVRWCQIGGLWTFTALHGVFGLIGFMLRQIEIARLVGIRPYNAIAFSAPIAVYCATFLIY
PLGQSSWFFGPGFGVSAIFRFLLFFQGFHNYTLNPFHMMGVTGVLGGALLCAIHGATVQNTLFRDNQSKNTFKGFSTDQG
EETYSMVTANRFWSQIFGIAFSNKRWLHFFMLFVPVTGLWMSAIGMAGLAFNLRAYDFVSQEIRAAEDPEFETFYTKNIL
LNEGLRAWLSEMDQPAKKFVFPDEVLPRGFSE
;
D,d
5 'polypeptide(L)' MAGVTGERPFGDIVTSVRYWIIHSITIPALFIAGWLFVSTGLAYDAFGTPRPNEYYPSNQMELPIVDDRYNPDRTLKYQD E,e
6 'polypeptide(L)' MTNIGREQPISYPIFTIRWLAIHALAIPSVFFLGSIAAMQFIQR F,f
7 'polypeptide(L)' MRQKYVSNKAAPLQYPLRKLNSEAGKVVPGWGTAPLMGIMLIALLLFILTILQLYNGTVIVEGIDV H,h
8 'polypeptide(L)' MVTLKIVVYLTVSFFVGLFIFGFLSGDPARNPSGRDFD I,i
9 'polypeptide(L)' MDVAFLVAELPEAYRAFGPLIDVLPILPIFFLLLAFVWQASVGFR K,k
10 'polypeptide(L)' MADRPTNPNKQPVELNRTSLYLGLLVVFVTGLLFSSYFFN L,l
11 'polypeptide(L)' METNKLGFVASVLFVFVPTVFLLILYIQTASKKTGT M,m
12 'polypeptide(L)'
;MIATVLVLTLGLLTACSGTKIAGDSLTYDDIRGSGLANDCPALTGTNMDAIPLEGSQPYQIRSLCLQPQTFLVETFPSVN
GQLKKQAGRFVEGKLLTRSSFTLDQVSGQLQKASNGALTFVEQGGFDFQPVTVQIPNGDRVPLLFTVKGLVAKTAEAIDT
IRPSTRFSGSFDVPPYRTSSFIDPKGRGLAVGYDAAVGIPIQADREAFSRQNNKSFKVGTGNIVLQVDRVNQSTGEISGS
FESQQPSDTDFGSKPAMTVKILGQFYSRITPEIA
;
O,o
13 'polypeptide(L)' MEAVAYILIFACIIGTLFFAIAFREPPKITKD T,t
14 'polypeptide(L)'
;MKLAIRKALGRWLVFGITLMIVQGFMLSGSSLSAMASPSNSNTAFFANGQINGITLLANAGGKDLRNTVDDKLATAYGSK
IDVNNTNIAAFRKHRGLYPTIAGKVVSNAPYDSIEDILDIPGLREVEKDRLQKNMDIFTISDPVPALVEGADRFNNGVYK
;
U,u
15 'polypeptide(L)'
;MKKVFQKFAWWMATFVFVAIGLFGAGPLVEGAIAAELDANLRTIPLNEAGDTVTLSLEEFTRGQQKFNNACAICHLGGIT
KTNPNVGLDTESLAGAFPDRNNLEGLVDYLHNPTTYDGLTEISELHPSTKSSDIYPKMRNLTEDDLRAISGHILLMPKIR
GDQWGAGKTKSL
;
V,v
16 'polypeptide(L)' MTPSLTNFMLSLLAGLLIVVVPATIALIFISQRDQIRRG X,x
#
loop_
_chem_comp.id
_chem_comp.type
_chem_comp.name
_chem_comp.formula
BCR non-polymer BETA-CAROTENE 'C40 H56'
BCT non-polymer 'BICARBONATE ION' 'C H O3 -1'
CL non-polymer 'CHLORIDE ION' 'Cl -1'
CL7 non-polymer 'CHLOROPHYLL D' 'C54 H70 Mg N4 O6'
CLA non-polymer 'CHLOROPHYLL A' 'C55 H72 Mg N4 O5'
DGD saccharide 'DIGALACTOSYL DIACYL GLYCEROL (DGDG)' 'C51 H96 O15'
F6C non-polymer 'Chlorophyll F' 'C55 H68 Mg N4 O6'
FE2 non-polymer 'FE (II) ION' 'Fe 2'
HEM non-polymer 'PROTOPORPHYRIN IX CONTAINING FE' 'C34 H32 Fe N4 O4'
LHG non-polymer 1,2-DIPALMITOYL-PHOSPHATIDYL-GLYCEROLE 'C38 H75 O10 P'
LMG non-polymer 1,2-DISTEAROYL-MONOGALACTOSYL-DIGLYCERIDE 'C45 H86 O10'
LMT D-saccharide DODECYL-BETA-D-MALTOSIDE 'C24 H46 O11'
OEX non-polymer 'CA-MN4-O5 CLUSTER' 'Ca Mn4 O5'
PHO non-polymer 'PHEOPHYTIN A' 'C55 H74 N4 O5'
PL9 non-polymer 2,3-DIMETHYL-5-(3,7,11,15,19,23,27,31,35-NONAMETHYL-2,6,10,14,18,22,26,30,34-HEXATRIACONTANONAENYL-2,5-CYCLOHEXADIENE-1,4-DIONE-2,3-DIMETHYL-5-SOLANESYL-1,4-BENZOQUINONE 'C53 H80 O2'
RRX non-polymer (3R)-beta,beta-caroten-3-ol 'C40 H56 O'
SQD non-polymer 1,2-DI-O-ACYL-3-O-[6-DEOXY-6-SULFO-ALPHA-D-GLUCOPYRANOSYL]-SN-GLYCEROL 'C41 H78 O12 S'
#
# COMPACT_ATOMS: atom_id res chain seq x y z
N SER A 11 -5.40 -40.69 -44.63
CA SER A 11 -3.96 -40.54 -44.49
C SER A 11 -3.63 -39.56 -43.38
N GLN A 12 -2.63 -39.90 -42.56
CA GLN A 12 -2.21 -38.97 -41.52
C GLN A 12 -2.04 -37.55 -42.05
N TRP A 13 -1.47 -37.42 -43.25
CA TRP A 13 -1.27 -36.11 -43.85
C TRP A 13 -2.59 -35.46 -44.23
N GLU A 14 -3.53 -36.26 -44.74
CA GLU A 14 -4.85 -35.72 -45.04
C GLU A 14 -5.58 -35.33 -43.77
N ARG A 15 -5.38 -36.07 -42.69
CA ARG A 15 -5.92 -35.68 -41.40
C ARG A 15 -5.29 -34.38 -40.91
N PHE A 16 -4.00 -34.19 -41.18
CA PHE A 16 -3.35 -32.94 -40.80
C PHE A 16 -3.88 -31.77 -41.61
N CYS A 17 -4.05 -31.96 -42.91
CA CYS A 17 -4.52 -30.87 -43.75
C CYS A 17 -5.99 -30.57 -43.51
N GLN A 18 -6.70 -31.54 -42.96
CA GLN A 18 -8.07 -31.31 -42.59
C GLN A 18 -8.04 -30.52 -41.30
N TRP A 19 -7.11 -30.84 -40.40
CA TRP A 19 -7.14 -30.16 -39.12
C TRP A 19 -6.63 -28.73 -39.22
N ILE A 20 -5.66 -28.49 -40.08
CA ILE A 20 -5.13 -27.15 -40.27
C ILE A 20 -6.17 -26.26 -40.94
N THR A 21 -6.72 -26.72 -42.05
CA THR A 21 -7.70 -25.94 -42.77
C THR A 21 -9.10 -26.04 -42.19
N SER A 22 -9.22 -26.57 -40.98
CA SER A 22 -10.51 -26.80 -40.36
C SER A 22 -11.16 -25.50 -39.92
N THR A 23 -12.44 -25.34 -40.24
CA THR A 23 -13.24 -24.26 -39.70
C THR A 23 -13.94 -24.67 -38.43
N GLU A 24 -13.47 -25.74 -37.79
CA GLU A 24 -13.98 -26.20 -36.51
C GLU A 24 -13.17 -25.68 -35.35
N ASN A 25 -11.94 -25.23 -35.60
CA ASN A 25 -11.07 -24.77 -34.55
C ASN A 25 -11.60 -23.48 -33.94
N ARG A 26 -11.32 -23.29 -32.65
CA ARG A 26 -11.73 -22.07 -31.97
C ARG A 26 -11.07 -20.85 -32.61
N LEU A 27 -9.80 -20.98 -32.97
CA LEU A 27 -9.08 -20.00 -33.78
C LEU A 27 -8.63 -20.70 -35.04
N TYR A 28 -8.95 -20.11 -36.19
CA TYR A 28 -8.60 -20.74 -37.45
C TYR A 28 -7.09 -20.73 -37.66
N ILE A 29 -6.55 -21.86 -38.10
CA ILE A 29 -5.12 -21.91 -38.33
C ILE A 29 -4.83 -21.70 -39.81
N GLY A 30 -5.13 -22.70 -40.64
CA GLY A 30 -4.85 -22.57 -42.05
C GLY A 30 -3.38 -22.57 -42.39
N TRP A 31 -3.04 -22.53 -43.68
CA TRP A 31 -1.62 -22.60 -44.02
C TRP A 31 -0.92 -21.27 -43.79
N PHE A 32 -1.63 -20.16 -43.85
CA PHE A 32 -1.02 -18.90 -43.45
C PHE A 32 -0.83 -18.85 -41.94
N GLY A 33 -1.74 -19.45 -41.18
CA GLY A 33 -1.56 -19.54 -39.75
C GLY A 33 -0.49 -20.51 -39.28
N VAL A 34 -0.17 -21.56 -40.05
CA VAL A 34 0.94 -22.41 -39.61
C VAL A 34 2.26 -21.70 -39.79
N LEU A 35 2.33 -20.71 -40.67
CA LEU A 35 3.47 -19.80 -40.65
C LEU A 35 3.31 -18.68 -39.65
N MET A 36 2.09 -18.22 -39.41
CA MET A 36 1.87 -17.04 -38.61
C MET A 36 2.13 -17.32 -37.13
N LEU A 37 1.64 -18.45 -36.62
CA LEU A 37 1.77 -18.76 -35.20
C LEU A 37 3.21 -18.83 -34.69
N PRO A 38 4.18 -19.47 -35.36
CA PRO A 38 5.55 -19.43 -34.83
C PRO A 38 6.20 -18.07 -34.94
N LEU A 39 5.90 -17.31 -35.99
CA LEU A 39 6.40 -15.96 -36.13
C LEU A 39 5.90 -15.06 -35.02
N LEU A 40 4.61 -15.17 -34.67
CA LEU A 40 4.13 -14.47 -33.49
C LEU A 40 4.75 -15.00 -32.22
N GLY A 41 4.99 -16.30 -32.12
CA GLY A 41 5.59 -16.83 -30.91
C GLY A 41 6.94 -16.20 -30.64
N VAL A 42 7.77 -16.12 -31.67
CA VAL A 42 9.07 -15.49 -31.53
C VAL A 42 8.94 -14.00 -31.28
N SER A 43 8.11 -13.30 -32.08
CA SER A 43 7.89 -11.86 -31.89
C SER A 43 7.42 -11.50 -30.50
N ILE A 44 6.35 -12.15 -30.03
CA ILE A 44 5.81 -11.91 -28.71
C ILE A 44 6.82 -12.27 -27.63
N THR A 45 7.54 -13.39 -27.78
CA THR A 45 8.48 -13.79 -26.74
C THR A 45 9.61 -12.79 -26.61
N VAL A 46 10.24 -12.44 -27.73
CA VAL A 46 11.36 -11.51 -27.70
C VAL A 46 10.90 -10.12 -27.34
N PHE A 47 9.69 -9.69 -27.75
CA PHE A 47 9.24 -8.36 -27.37
C PHE A 47 8.92 -8.27 -25.88
N VAL A 48 8.20 -9.24 -25.33
CA VAL A 48 7.92 -9.20 -23.90
C VAL A 48 9.22 -9.33 -23.12
N THR A 49 10.19 -10.08 -23.64
CA THR A 49 11.47 -10.22 -22.97
C THR A 49 12.25 -8.90 -22.99
N ALA A 50 12.35 -8.27 -24.16
CA ALA A 50 13.19 -7.10 -24.35
C ALA A 50 12.56 -5.85 -23.78
N PHE A 51 11.24 -5.72 -23.83
CA PHE A 51 10.56 -4.56 -23.27
C PHE A 51 10.74 -4.50 -21.76
N ILE A 52 10.98 -5.62 -21.11
CA ILE A 52 11.14 -5.68 -19.68
C ILE A 52 12.61 -5.70 -19.27
N ALA A 53 13.46 -6.48 -19.94
CA ALA A 53 14.76 -6.80 -19.37
C ALA A 53 15.94 -6.60 -20.31
N ALA A 54 15.75 -6.01 -21.48
CA ALA A 54 16.88 -5.82 -22.37
C ALA A 54 17.84 -4.79 -21.79
N PRO A 55 19.14 -4.98 -21.91
CA PRO A 55 20.10 -3.98 -21.48
C PRO A 55 20.13 -2.82 -22.46
N PRO A 56 20.78 -1.71 -22.12
CA PRO A 56 20.79 -0.56 -23.02
C PRO A 56 21.47 -0.85 -24.35
N VAL A 57 20.94 -0.21 -25.40
CA VAL A 57 21.28 -0.53 -26.77
C VAL A 57 22.03 0.66 -27.37
N ASP A 58 23.11 0.37 -28.07
CA ASP A 58 23.98 1.37 -28.67
C ASP A 58 23.34 1.80 -30.01
N ILE A 59 22.29 2.64 -29.93
CA ILE A 59 21.41 2.90 -31.08
C ILE A 59 22.15 3.54 -32.25
N ASP A 60 23.03 4.50 -31.99
CA ASP A 60 23.60 5.25 -33.09
C ASP A 60 25.07 4.92 -33.30
N GLY A 61 25.53 3.79 -32.76
CA GLY A 61 26.82 3.27 -33.11
C GLY A 61 27.98 4.04 -32.55
N ILE A 62 27.75 4.84 -31.52
CA ILE A 62 28.75 5.75 -30.97
C ILE A 62 29.02 5.49 -29.50
N ARG A 63 28.61 4.32 -29.01
CA ARG A 63 28.98 3.80 -27.70
C ARG A 63 28.32 4.67 -26.65
N GLU A 64 27.09 5.05 -26.97
CA GLU A 64 26.18 5.76 -26.07
C GLU A 64 24.94 4.90 -25.89
N PRO A 65 24.96 3.96 -24.94
CA PRO A 65 23.82 3.04 -24.77
C PRO A 65 22.55 3.80 -24.41
N LEU A 66 21.47 3.48 -25.12
CA LEU A 66 20.16 4.05 -24.81
C LEU A 66 19.40 3.03 -23.98
N SER A 67 18.95 3.42 -22.80
CA SER A 67 18.30 2.49 -21.89
C SER A 67 16.82 2.42 -22.21
N GLY A 68 16.38 1.31 -22.78
CA GLY A 68 15.02 1.26 -23.27
C GLY A 68 14.08 0.28 -22.59
N SER A 69 14.52 -0.45 -21.58
CA SER A 69 13.68 -1.51 -21.04
C SER A 69 13.23 -1.23 -19.62
N LEU A 70 12.14 -1.88 -19.25
CA LEU A 70 11.34 -1.51 -18.10
C LEU A 70 12.03 -1.80 -16.78
N LEU A 71 13.03 -2.67 -16.74
CA LEU A 71 13.80 -2.90 -15.53
C LEU A 71 15.05 -2.03 -15.45
N TYR A 72 15.44 -1.36 -16.53
CA TYR A 72 16.56 -0.42 -16.47
C TYR A 72 16.03 0.99 -16.24
N GLY A 73 15.31 1.13 -15.13
CA GLY A 73 14.88 2.40 -14.60
C GLY A 73 13.99 3.19 -15.53
N ASN A 74 12.98 2.53 -16.08
CA ASN A 74 12.35 3.07 -17.27
C ASN A 74 10.87 2.74 -17.19
N ASN A 75 10.10 3.44 -18.01
CA ASN A 75 8.68 3.65 -17.80
C ASN A 75 7.90 3.00 -18.92
N ILE A 76 6.63 2.65 -18.66
CA ILE A 76 5.77 2.07 -19.71
C ILE A 76 5.67 3.01 -20.90
N ILE A 77 5.49 4.30 -20.63
CA ILE A 77 5.52 5.30 -21.68
C ILE A 77 6.89 5.39 -22.32
N THR A 78 7.95 5.31 -21.53
CA THR A 78 9.28 5.57 -22.08
C THR A 78 10.07 4.30 -22.40
N ALA A 79 9.53 3.12 -22.15
CA ALA A 79 10.24 1.92 -22.56
C ALA A 79 10.10 1.71 -24.05
N ALA A 80 11.05 0.99 -24.62
CA ALA A 80 11.08 0.72 -26.05
C ALA A 80 12.03 -0.41 -26.30
N VAL A 81 11.66 -1.34 -27.18
CA VAL A 81 12.72 -2.16 -27.74
C VAL A 81 13.49 -1.27 -28.69
N VAL A 82 14.70 -0.92 -28.30
CA VAL A 82 15.48 0.11 -28.98
C VAL A 82 15.96 -0.43 -30.32
N PRO A 83 15.87 0.36 -31.39
CA PRO A 83 16.31 -0.09 -32.72
C PRO A 83 17.75 -0.55 -32.76
N THR A 84 18.03 -1.33 -33.80
CA THR A 84 19.35 -1.92 -34.00
C THR A 84 20.37 -0.83 -34.32
N SER A 85 21.57 -0.99 -33.73
CA SER A 85 22.70 -0.07 -33.83
C SER A 85 22.93 0.45 -35.23
N ASN A 86 23.28 1.74 -35.32
CA ASN A 86 23.66 2.32 -36.61
C ASN A 86 24.94 1.72 -37.16
N ALA A 87 25.80 1.18 -36.28
CA ALA A 87 26.98 0.46 -36.75
C ALA A 87 26.60 -0.77 -37.57
N ILE A 88 25.43 -1.34 -37.32
CA ILE A 88 24.99 -2.50 -38.07
C ILE A 88 24.38 -2.09 -39.40
N GLY A 89 23.58 -1.05 -39.42
CA GLY A 89 22.97 -0.63 -40.67
C GLY A 89 21.87 -1.57 -41.03
N LEU A 90 21.90 -2.07 -42.26
CA LEU A 90 20.92 -3.01 -42.76
C LEU A 90 21.45 -4.44 -42.76
N HIS A 91 22.49 -4.70 -41.99
CA HIS A 91 23.12 -6.01 -41.99
C HIS A 91 22.25 -7.02 -41.26
N PHE A 92 22.21 -8.25 -41.77
CA PHE A 92 21.54 -9.31 -41.04
C PHE A 92 22.32 -9.63 -39.80
N TYR A 93 21.71 -9.44 -38.63
CA TYR A 93 22.43 -9.58 -37.38
C TYR A 93 21.61 -10.49 -36.47
N PRO A 94 21.65 -11.80 -36.70
CA PRO A 94 20.88 -12.70 -35.85
C PRO A 94 21.61 -13.06 -34.58
N ILE A 95 21.02 -13.99 -33.84
CA ILE A 95 21.58 -14.39 -32.56
C ILE A 95 22.93 -15.09 -32.73
N TRP A 96 23.19 -15.69 -33.89
CA TRP A 96 24.34 -16.55 -34.05
C TRP A 96 25.52 -15.88 -34.73
N GLU A 97 25.29 -14.82 -35.50
CA GLU A 97 26.39 -14.09 -36.11
C GLU A 97 27.11 -13.16 -35.15
N ALA A 98 26.52 -12.83 -34.01
CA ALA A 98 27.24 -12.09 -32.99
C ALA A 98 28.18 -13.03 -32.25
N ALA A 99 29.20 -12.45 -31.62
CA ALA A 99 30.11 -13.23 -30.78
C ALA A 99 29.37 -13.86 -29.60
N THR A 100 28.65 -13.05 -28.82
CA THR A 100 28.05 -13.54 -27.60
C THR A 100 26.59 -13.09 -27.49
N LEU A 101 25.97 -13.39 -26.36
CA LEU A 101 24.60 -13.01 -26.08
C LEU A 101 24.53 -11.67 -25.40
N ASP A 102 25.65 -10.98 -25.28
CA ASP A 102 25.69 -9.69 -24.66
C ASP A 102 26.14 -8.58 -25.59
N GLU A 103 26.86 -8.88 -26.67
CA GLU A 103 27.00 -7.83 -27.66
C GLU A 103 25.78 -7.80 -28.54
N TRP A 104 25.08 -8.92 -28.67
CA TRP A 104 23.85 -8.95 -29.45
C TRP A 104 22.78 -8.13 -28.77
N LEU A 105 22.68 -8.26 -27.45
CA LEU A 105 21.82 -7.40 -26.67
C LEU A 105 22.29 -5.96 -26.73
N TYR A 106 23.61 -5.74 -26.76
CA TYR A 106 24.16 -4.38 -26.73
C TYR A 106 23.96 -3.67 -28.06
N ASN A 107 23.97 -4.40 -29.16
CA ASN A 107 23.89 -3.85 -30.49
C ASN A 107 22.47 -3.77 -31.03
N GLY A 108 21.48 -4.20 -30.26
CA GLY A 108 20.11 -4.07 -30.69
C GLY A 108 19.58 -5.20 -31.54
N GLY A 109 20.19 -6.38 -31.45
CA GLY A 109 19.65 -7.58 -32.07
C GLY A 109 18.23 -7.94 -31.74
N PRO A 110 17.73 -7.74 -30.49
CA PRO A 110 16.31 -8.02 -30.23
C PRO A 110 15.34 -7.27 -31.10
N TYR A 111 15.62 -5.99 -31.41
CA TYR A 111 14.75 -5.24 -32.31
C TYR A 111 14.67 -5.90 -33.66
N GLN A 112 15.80 -6.33 -34.19
CA GLN A 112 15.80 -6.92 -35.52
C GLN A 112 15.10 -8.27 -35.52
N MET A 113 15.26 -9.04 -34.44
CA MET A 113 14.57 -10.32 -34.35
C MET A 113 13.04 -10.15 -34.26
N ILE A 114 12.57 -9.22 -33.41
CA ILE A 114 11.15 -8.91 -33.32
C ILE A 114 10.62 -8.40 -34.65
N ALA A 115 11.35 -7.50 -35.32
CA ALA A 115 10.88 -6.94 -36.58
C ALA A 115 10.84 -7.99 -37.68
N PHE A 116 11.86 -8.85 -37.76
CA PHE A 116 11.93 -9.86 -38.80
C PHE A 116 10.97 -11.01 -38.58
N HIS A 117 10.39 -11.12 -37.40
CA HIS A 117 9.28 -12.05 -37.29
C HIS A 117 7.93 -11.36 -37.32
N TYR A 118 7.85 -10.09 -36.94
CA TYR A 118 6.61 -9.33 -36.90
C TYR A 118 6.12 -8.99 -38.29
N ILE A 119 7.01 -8.56 -39.17
CA ILE A 119 6.59 -8.25 -40.54
C ILE A 119 6.03 -9.47 -41.29
N PRO A 120 6.69 -10.65 -41.29
CA PRO A 120 6.04 -11.79 -41.95
C PRO A 120 4.83 -12.30 -41.21
N ALA A 121 4.76 -12.12 -39.88
CA ALA A 121 3.55 -12.50 -39.17
C ALA A 121 2.37 -11.65 -39.58
N LEU A 122 2.59 -10.39 -39.92
CA LEU A 122 1.46 -9.60 -40.39
C LEU A 122 1.10 -9.92 -41.82
N LEU A 123 2.09 -10.26 -42.66
CA LEU A 123 1.77 -10.74 -44.00
C LEU A 123 0.96 -12.04 -43.94
N CYS A 124 1.32 -12.93 -43.02
CA CYS A 124 0.59 -14.17 -42.83
C CYS A 124 -0.77 -13.98 -42.18
N TYR A 125 -0.94 -12.98 -41.31
CA TYR A 125 -2.26 -12.63 -40.79
C TYR A 125 -3.18 -12.13 -41.90
N LEU A 126 -2.66 -11.33 -42.83
CA LEU A 126 -3.45 -10.91 -43.98
C LEU A 126 -3.85 -12.10 -44.85
N GLY A 127 -2.90 -12.98 -45.14
CA GLY A 127 -3.23 -14.19 -45.87
C GLY A 127 -4.22 -15.07 -45.13
N ARG A 128 -4.14 -15.09 -43.80
CA ARG A 128 -5.04 -15.90 -43.01
C ARG A 128 -6.46 -15.34 -43.03
N GLU A 129 -6.57 -14.01 -43.09
CA GLU A 129 -7.87 -13.38 -43.26
C GLU A 129 -8.49 -13.78 -44.60
N TRP A 130 -7.68 -13.79 -45.66
CA TRP A 130 -8.20 -14.32 -46.92
C TRP A 130 -8.57 -15.80 -46.83
N GLU A 131 -7.73 -16.59 -46.16
CA GLU A 131 -7.99 -18.02 -45.98
C GLU A 131 -9.34 -18.28 -45.36
N LEU A 132 -9.62 -17.66 -44.24
CA LEU A 132 -10.89 -17.88 -43.58
C LEU A 132 -12.06 -17.33 -44.39
N SER A 133 -11.87 -16.23 -45.12
CA SER A 133 -12.93 -15.79 -46.01
C SER A 133 -13.25 -16.86 -47.04
N TYR A 134 -12.22 -17.55 -47.53
CA TYR A 134 -12.43 -18.60 -48.52
C TYR A 134 -13.08 -19.84 -47.92
N ARG A 135 -12.68 -20.22 -46.71
CA ARG A 135 -13.28 -21.41 -46.10
C ARG A 135 -14.70 -21.17 -45.62
N LEU A 136 -15.15 -19.93 -45.48
CA LEU A 136 -16.52 -19.67 -45.05
C LEU A 136 -17.43 -19.21 -46.17
N GLY A 137 -16.92 -19.07 -47.39
CA GLY A 137 -17.77 -18.70 -48.51
C GLY A 137 -18.19 -17.25 -48.54
N MET A 138 -17.46 -16.37 -47.88
CA MET A 138 -17.70 -14.94 -47.92
C MET A 138 -16.69 -14.25 -48.83
N ARG A 139 -17.04 -13.05 -49.27
CA ARG A 139 -16.25 -12.35 -50.29
C ARG A 139 -14.86 -11.98 -49.74
N PRO A 140 -13.85 -11.97 -50.60
CA PRO A 140 -12.48 -12.09 -50.09
C PRO A 140 -11.68 -10.82 -49.88
N TRP A 141 -12.23 -9.73 -49.34
CA TRP A 141 -11.49 -8.48 -49.44
C TRP A 141 -11.37 -7.78 -48.10
N ILE A 142 -11.59 -8.47 -47.00
CA ILE A 142 -11.24 -7.89 -45.72
C ILE A 142 -9.72 -7.79 -45.59
N CYS A 143 -8.99 -8.71 -46.22
CA CYS A 143 -7.55 -8.61 -46.32
C CYS A 143 -7.11 -7.34 -47.04
N ILE A 144 -7.92 -6.83 -47.97
CA ILE A 144 -7.59 -5.60 -48.66
C ILE A 144 -7.70 -4.42 -47.72
N ALA A 145 -8.70 -4.43 -46.84
CA ALA A 145 -8.82 -3.36 -45.86
C ALA A 145 -7.69 -3.43 -44.85
N TYR A 146 -7.30 -4.65 -44.48
CA TYR A 146 -6.21 -4.86 -43.54
C TYR A 146 -4.86 -4.51 -44.13
N SER A 147 -4.75 -4.51 -45.46
CA SER A 147 -3.50 -4.12 -46.11
C SER A 147 -3.11 -2.67 -45.88
N ALA A 148 -4.00 -1.82 -45.37
CA ALA A 148 -3.64 -0.43 -45.14
C ALA A 148 -2.81 -0.26 -43.85
N PRO A 149 -3.25 -0.71 -42.67
CA PRO A 149 -2.32 -0.66 -41.52
C PRO A 149 -1.08 -1.51 -41.70
N VAL A 150 -1.14 -2.57 -42.51
CA VAL A 150 0.04 -3.38 -42.76
C VAL A 150 1.04 -2.62 -43.62
N ALA A 151 0.57 -1.93 -44.64
CA ALA A 151 1.45 -1.05 -45.40
C ALA A 151 2.05 0.03 -44.53
N ALA A 152 1.25 0.57 -43.60
CA ALA A 152 1.75 1.62 -42.73
C ALA A 152 2.83 1.11 -41.79
N THR A 153 2.66 -0.09 -41.24
CA THR A 153 3.64 -0.59 -40.31
C THR A 153 4.86 -1.20 -41.00
N ILE A 154 4.76 -1.56 -42.27
CA ILE A 154 5.96 -1.95 -43.00
C ILE A 154 6.75 -0.73 -43.50
N SER A 155 6.06 0.39 -43.75
CA SER A 155 6.79 1.58 -44.16
C SER A 155 7.69 2.12 -43.05
N VAL A 156 7.31 1.97 -41.79
CA VAL A 156 8.09 2.52 -40.69
C VAL A 156 8.94 1.48 -39.99
N PHE A 157 8.91 0.24 -40.43
CA PHE A 157 9.74 -0.80 -39.85
C PHE A 157 10.69 -1.41 -40.84
N LEU A 158 10.35 -1.38 -42.10
CA LEU A 158 11.24 -1.92 -43.09
C LEU A 158 11.61 -0.92 -44.18
N ILE A 159 10.67 -0.13 -44.67
CA ILE A 159 10.93 0.61 -45.89
C ILE A 159 11.71 1.87 -45.59
N TYR A 160 11.38 2.58 -44.52
CA TYR A 160 12.17 3.73 -44.12
C TYR A 160 13.59 3.35 -43.68
N PRO A 161 13.83 2.31 -42.86
CA PRO A 161 15.21 1.87 -42.65
C PRO A 161 15.97 1.47 -43.90
N ILE A 162 15.34 0.82 -44.86
CA ILE A 162 16.03 0.47 -46.10
C ILE A 162 16.38 1.73 -46.87
N GLY A 163 15.43 2.65 -47.00
CA GLY A 163 15.68 3.87 -47.75
C GLY A 163 16.70 4.77 -47.10
N GLN A 164 16.73 4.80 -45.77
CA GLN A 164 17.67 5.67 -45.09
C GLN A 164 19.02 4.99 -44.90
N GLY A 165 19.05 3.66 -44.86
CA GLY A 165 20.29 2.93 -44.79
C GLY A 165 20.56 2.24 -43.48
N SER A 166 19.70 2.37 -42.47
CA SER A 166 19.96 1.72 -41.20
C SER A 166 18.68 1.38 -40.50
N PHE A 167 18.73 0.30 -39.73
CA PHE A 167 17.61 -0.12 -38.91
C PHE A 167 17.49 0.71 -37.64
N SER A 168 18.44 1.60 -37.39
CA SER A 168 18.33 2.56 -36.31
C SER A 168 17.33 3.66 -36.63
N ASP A 169 17.03 3.85 -37.89
CA ASP A 169 16.03 4.81 -38.33
C ASP A 169 14.64 4.20 -38.38
N GLY A 170 14.47 3.00 -37.84
CA GLY A 170 13.18 2.38 -37.77
C GLY A 170 12.38 2.92 -36.62
N LEU A 171 11.11 2.60 -36.62
CA LEU A 171 10.24 3.05 -35.56
C LEU A 171 10.60 2.31 -34.28
N PRO A 172 10.94 3.01 -33.21
CA PRO A 172 11.23 2.32 -31.96
C PRO A 172 9.99 1.68 -31.41
N MET A 173 10.17 0.55 -30.75
CA MET A 173 9.06 -0.24 -30.25
C MET A 173 8.62 0.26 -28.89
N GLY A 174 8.20 1.52 -28.87
CA GLY A 174 7.83 2.15 -27.62
C GLY A 174 7.07 3.41 -27.90
N ILE A 175 6.39 3.87 -26.87
CA ILE A 175 5.51 5.02 -26.98
C ILE A 175 6.33 6.30 -27.21
N SER A 176 7.27 6.59 -26.31
CA SER A 176 8.09 7.78 -26.47
C SER A 176 9.08 7.63 -27.61
N GLY A 177 9.53 6.42 -27.90
CA GLY A 177 10.31 6.20 -29.09
C GLY A 177 9.55 6.51 -30.37
N THR A 178 8.26 6.17 -30.40
CA THR A 178 7.41 6.55 -31.52
C THR A 178 7.29 8.06 -31.64
N PHE A 179 7.10 8.75 -30.52
CA PHE A 179 7.05 10.21 -30.55
C PHE A 179 8.34 10.79 -31.08
N ASN A 180 9.47 10.24 -30.65
CA ASN A 180 10.78 10.67 -31.12
C ASN A 180 10.93 10.46 -32.61
N PHE A 181 10.46 9.32 -33.11
CA PHE A 181 10.45 9.05 -34.53
C PHE A 181 9.65 10.11 -35.28
N MET A 182 8.47 10.47 -34.76
CA MET A 182 7.64 11.49 -35.39
C MET A 182 8.35 12.83 -35.48
N PHE A 183 9.00 13.23 -34.38
CA PHE A 183 9.62 14.56 -34.38
C PHE A 183 10.83 14.59 -35.29
N VAL A 184 11.66 13.55 -35.27
CA VAL A 184 12.84 13.50 -36.10
C VAL A 184 12.45 13.43 -37.57
N PHE A 185 11.35 12.75 -37.86
CA PHE A 185 10.87 12.63 -39.22
C PHE A 185 10.36 13.97 -39.74
N GLN A 186 9.64 14.72 -38.90
CA GLN A 186 9.23 16.06 -39.27
C GLN A 186 10.42 16.97 -39.50
N ALA A 187 11.44 16.89 -38.63
CA ALA A 187 12.63 17.71 -38.79
C ALA A 187 13.34 17.43 -40.10
N GLU A 188 13.41 16.15 -40.47
CA GLU A 188 14.22 15.74 -41.60
C GLU A 188 13.47 15.67 -42.91
N HIS A 189 12.14 15.62 -42.88
CA HIS A 189 11.34 15.44 -44.08
C HIS A 189 10.16 16.38 -44.20
N ASN A 190 9.73 17.06 -43.14
CA ASN A 190 8.56 17.94 -43.11
C ASN A 190 7.32 17.21 -43.62
N ILE A 191 6.92 16.20 -42.85
CA ILE A 191 5.81 15.35 -43.25
C ILE A 191 4.49 16.10 -43.19
N LEU A 192 4.38 17.09 -42.30
CA LEU A 192 3.15 17.85 -42.19
C LEU A 192 2.82 18.57 -43.49
N MET A 193 3.83 19.02 -44.22
CA MET A 193 3.60 19.60 -45.52
C MET A 193 3.69 18.58 -46.64
N HIS A 194 3.60 17.28 -46.32
CA HIS A 194 3.52 16.24 -47.36
C HIS A 194 2.06 15.96 -47.66
N PRO A 195 1.64 16.06 -48.93
CA PRO A 195 0.22 15.87 -49.25
C PRO A 195 -0.31 14.47 -48.97
N PHE A 196 0.52 13.44 -49.07
CA PHE A 196 0.10 12.09 -48.67
C PHE A 196 -0.21 12.04 -47.18
N HIS A 197 0.48 12.85 -46.38
CA HIS A 197 0.16 12.86 -44.97
C HIS A 197 -1.07 13.69 -44.68
N MET A 198 -1.34 14.73 -45.47
CA MET A 198 -2.60 15.44 -45.33
C MET A 198 -3.77 14.54 -45.71
N LEU A 199 -3.57 13.67 -46.70
CA LEU A 199 -4.57 12.66 -47.01
C LEU A 199 -4.73 11.67 -45.88
N GLY A 200 -3.62 11.22 -45.28
CA GLY A 200 -3.72 10.31 -44.15
C GLY A 200 -4.44 10.93 -42.96
N VAL A 201 -4.21 12.21 -42.72
CA VAL A 201 -4.91 12.88 -41.64
C VAL A 201 -6.38 13.03 -41.96
N ALA A 202 -6.71 13.43 -43.19
CA ALA A 202 -8.09 13.45 -43.62
C ALA A 202 -8.71 12.07 -43.49
N GLY A 203 -7.97 11.02 -43.80
CA GLY A 203 -8.50 9.69 -43.69
C GLY A 203 -8.77 9.26 -42.27
N VAL A 204 -7.86 9.51 -41.36
CA VAL A 204 -8.07 9.07 -39.99
C VAL A 204 -9.12 9.94 -39.30
N LEU A 205 -9.07 11.26 -39.50
CA LEU A 205 -10.06 12.12 -38.89
C LEU A 205 -11.43 11.97 -39.54
N GLY A 206 -11.48 11.78 -40.86
CA GLY A 206 -12.75 11.55 -41.52
C GLY A 206 -13.28 10.16 -41.31
N GLY A 207 -12.41 9.16 -41.17
CA GLY A 207 -12.89 7.86 -40.75
C GLY A 207 -13.46 7.89 -39.36
N SER A 208 -12.89 8.69 -38.48
CA SER A 208 -13.51 8.88 -37.17
C SER A 208 -14.81 9.66 -37.28
N LEU A 209 -14.86 10.68 -38.12
CA LEU A 209 -16.11 11.39 -38.39
C LEU A 209 -17.18 10.44 -38.90
N PHE A 210 -16.84 9.66 -39.93
CA PHE A 210 -17.78 8.78 -40.57
C PHE A 210 -18.14 7.59 -39.70
N CYS A 211 -17.23 7.14 -38.85
CA CYS A 211 -17.55 6.11 -37.88
C CYS A 211 -18.55 6.62 -36.87
N ALA A 212 -18.27 7.78 -36.28
CA ALA A 212 -19.23 8.37 -35.34
C ALA A 212 -20.54 8.70 -36.01
N MET A 213 -20.49 9.13 -37.28
CA MET A 213 -21.67 9.56 -38.01
C MET A 213 -22.55 8.37 -38.34
N HIS A 214 -21.94 7.29 -38.85
CA HIS A 214 -22.69 6.10 -39.21
C HIS A 214 -23.24 5.42 -37.97
N GLY A 215 -22.44 5.36 -36.90
CA GLY A 215 -22.91 4.80 -35.66
C GLY A 215 -24.05 5.57 -35.03
N SER A 216 -23.96 6.91 -35.04
CA SER A 216 -25.04 7.71 -34.48
C SER A 216 -26.30 7.61 -35.32
N LEU A 217 -26.17 7.48 -36.63
CA LEU A 217 -27.36 7.38 -37.45
C LEU A 217 -28.06 6.03 -37.28
N VAL A 218 -27.30 4.94 -37.28
CA VAL A 218 -27.91 3.64 -37.08
C VAL A 218 -28.45 3.53 -35.66
N THR A 219 -27.77 4.12 -34.68
CA THR A 219 -28.26 4.10 -33.30
C THR A 219 -29.49 4.97 -33.13
N SER A 220 -29.56 6.07 -33.86
CA SER A 220 -30.64 7.02 -33.65
C SER A 220 -31.95 6.53 -34.25
N SER A 221 -31.88 5.83 -35.37
CA SER A 221 -33.08 5.29 -35.99
C SER A 221 -33.22 3.80 -35.70
N LEU A 222 -33.29 3.44 -34.43
CA LEU A 222 -33.48 2.05 -34.04
C LEU A 222 -34.97 1.76 -33.94
N VAL A 223 -35.35 0.56 -34.31
CA VAL A 223 -36.75 0.15 -34.18
C VAL A 223 -37.04 -0.17 -32.72
N ARG A 224 -38.18 0.30 -32.23
CA ARG A 224 -38.54 0.04 -30.85
C ARG A 224 -38.86 -1.42 -30.65
N GLU A 225 -38.05 -2.09 -29.84
CA GLU A 225 -38.27 -3.48 -29.47
C GLU A 225 -38.26 -3.71 -27.98
N THR A 226 -37.76 -2.77 -27.21
CA THR A 226 -37.43 -2.94 -25.82
C THR A 226 -38.16 -1.91 -24.97
N SER A 227 -38.03 -2.04 -23.66
CA SER A 227 -38.53 -1.05 -22.73
C SER A 227 -37.43 -0.05 -22.41
N ASP A 228 -37.79 1.00 -21.67
CA ASP A 228 -36.81 2.02 -21.34
C ASP A 228 -35.85 1.58 -20.26
N SER A 229 -36.24 0.60 -19.43
CA SER A 229 -35.37 0.10 -18.38
C SER A 229 -34.63 -1.15 -18.81
N GLN A 230 -34.28 -1.23 -20.09
CA GLN A 230 -33.43 -2.30 -20.59
C GLN A 230 -32.68 -1.75 -21.80
N SER A 231 -31.55 -2.38 -22.10
CA SER A 231 -30.66 -1.84 -23.12
C SER A 231 -31.28 -2.00 -24.49
N GLN A 232 -31.12 -0.97 -25.33
CA GLN A 232 -31.59 -1.03 -26.71
C GLN A 232 -30.95 -2.17 -27.49
N ASN A 233 -29.73 -2.59 -27.09
CA ASN A 233 -29.06 -3.72 -27.72
C ASN A 233 -29.81 -5.04 -27.54
N GLU A 234 -30.72 -5.12 -26.58
CA GLU A 234 -31.57 -6.31 -26.48
C GLU A 234 -32.64 -6.37 -27.56
N GLY A 235 -32.86 -5.28 -28.30
CA GLY A 235 -33.77 -5.34 -29.42
C GLY A 235 -33.28 -6.14 -30.60
N TYR A 236 -31.98 -6.37 -30.67
CA TYR A 236 -31.40 -7.17 -31.74
C TYR A 236 -31.14 -8.57 -31.21
N LYS A 237 -31.46 -9.56 -32.03
CA LYS A 237 -31.19 -10.95 -31.74
C LYS A 237 -30.19 -11.44 -32.77
N PHE A 238 -29.17 -12.16 -32.31
CA PHE A 238 -28.09 -12.57 -33.18
C PHE A 238 -28.60 -13.55 -34.22
N GLY A 239 -28.48 -13.18 -35.49
CA GLY A 239 -28.97 -14.00 -36.56
C GLY A 239 -30.38 -13.68 -37.02
N GLN A 240 -31.02 -12.68 -36.41
CA GLN A 240 -32.33 -12.24 -36.87
C GLN A 240 -32.22 -11.72 -38.30
N GLU A 241 -33.28 -11.92 -39.07
CA GLU A 241 -33.20 -11.67 -40.51
C GLU A 241 -33.67 -10.25 -40.82
N GLU A 242 -34.70 -9.82 -40.07
CA GLU A 242 -35.26 -8.46 -40.09
C GLU A 242 -34.16 -7.42 -39.83
N GLU A 243 -34.30 -6.26 -40.46
CA GLU A 243 -33.35 -5.18 -40.26
C GLU A 243 -33.65 -4.47 -38.94
N THR A 244 -32.61 -4.26 -38.13
CA THR A 244 -32.80 -3.78 -36.77
C THR A 244 -32.96 -2.27 -36.66
N TYR A 245 -32.75 -1.55 -37.75
CA TYR A 245 -32.90 -0.11 -37.74
C TYR A 245 -33.69 0.30 -38.97
N ASN A 246 -33.94 1.59 -39.08
CA ASN A 246 -34.72 2.16 -40.17
C ASN A 246 -33.76 2.95 -41.04
N ILE A 247 -33.44 2.41 -42.21
CA ILE A 247 -32.61 3.14 -43.16
C ILE A 247 -33.35 4.36 -43.68
N LEU A 248 -34.68 4.25 -43.83
CA LEU A 248 -35.49 5.36 -44.33
C LEU A 248 -35.46 6.55 -43.38
N ALA A 249 -35.58 6.29 -42.08
CA ALA A 249 -35.65 7.39 -41.12
C ALA A 249 -34.31 8.09 -40.96
N ALA A 250 -33.24 7.29 -40.86
CA ALA A 250 -31.90 7.86 -40.80
C ALA A 250 -31.56 8.62 -42.07
N HIS A 251 -32.02 8.10 -43.21
CA HIS A 251 -31.81 8.76 -44.50
C HIS A 251 -32.53 10.09 -44.55
N GLY A 252 -33.80 10.11 -44.13
CA GLY A 252 -34.56 11.34 -44.14
C GLY A 252 -33.97 12.38 -43.21
N TYR A 253 -33.48 11.95 -42.06
CA TYR A 253 -32.83 12.87 -41.13
C TYR A 253 -31.58 13.47 -41.74
N PHE A 254 -30.71 12.61 -42.29
CA PHE A 254 -29.45 13.09 -42.85
C PHE A 254 -29.71 14.01 -44.03
N GLY A 255 -30.71 13.69 -44.85
CA GLY A 255 -31.04 14.53 -45.98
C GLY A 255 -31.60 15.87 -45.58
N ARG A 256 -32.37 15.90 -44.50
CA ARG A 256 -32.85 17.18 -44.04
C ARG A 256 -31.72 17.98 -43.42
N LEU A 257 -30.75 17.27 -42.82
CA LEU A 257 -29.59 17.90 -42.20
C LEU A 257 -28.73 18.65 -43.21
N ILE A 258 -28.41 18.03 -44.35
CA ILE A 258 -27.67 18.83 -45.32
C ILE A 258 -28.45 19.14 -46.62
N PHE A 259 -28.56 18.23 -47.58
CA PHE A 259 -29.50 18.43 -48.68
C PHE A 259 -30.07 17.09 -49.13
N GLN A 260 -30.75 17.11 -50.29
CA GLN A 260 -31.46 15.94 -50.77
C GLN A 260 -30.51 14.88 -51.34
N TYR A 261 -29.79 15.21 -52.41
CA TYR A 261 -28.90 14.23 -53.05
C TYR A 261 -27.54 14.24 -52.35
N ALA A 262 -27.55 13.92 -51.05
CA ALA A 262 -26.31 13.79 -50.26
C ALA A 262 -26.33 12.48 -49.48
N SER A 263 -27.43 12.21 -48.77
CA SER A 263 -27.57 10.97 -47.95
C SER A 263 -27.59 9.74 -48.87
N PHE A 264 -26.59 8.87 -48.75
CA PHE A 264 -26.73 7.44 -49.13
C PHE A 264 -28.14 6.96 -48.79
N ASN A 265 -28.97 6.74 -49.82
CA ASN A 265 -30.04 5.74 -49.75
C ASN A 265 -29.55 4.28 -49.65
N ASN A 266 -28.58 3.90 -50.45
CA ASN A 266 -28.09 2.52 -50.50
C ASN A 266 -27.21 2.24 -49.28
N SER A 267 -27.23 0.99 -48.81
CA SER A 267 -26.33 0.61 -47.72
C SER A 267 -25.08 -0.14 -48.20
N ARG A 268 -25.15 -0.89 -49.30
CA ARG A 268 -23.94 -1.55 -49.80
C ARG A 268 -22.91 -0.54 -50.27
N GLN A 269 -23.37 0.50 -50.98
CA GLN A 269 -22.50 1.60 -51.34
C GLN A 269 -21.98 2.32 -50.11
N LEU A 270 -22.84 2.47 -49.12
CA LEU A 270 -22.50 3.18 -47.89
C LEU A 270 -21.35 2.51 -47.17
N HIS A 271 -21.42 1.19 -47.02
CA HIS A 271 -20.35 0.48 -46.35
C HIS A 271 -19.13 0.31 -47.24
N PHE A 272 -19.28 0.31 -48.57
CA PHE A 272 -18.08 0.40 -49.38
C PHE A 272 -17.35 1.72 -49.15
N PHE A 273 -18.09 2.82 -49.03
CA PHE A 273 -17.46 4.10 -48.70
C PHE A 273 -16.81 4.10 -47.32
N LEU A 274 -17.49 3.51 -46.33
CA LEU A 274 -16.89 3.36 -45.01
C LEU A 274 -15.60 2.57 -45.06
N ALA A 275 -15.53 1.56 -45.91
CA ALA A 275 -14.28 0.84 -46.08
C ALA A 275 -13.26 1.70 -46.82
N ALA A 276 -13.69 2.33 -47.91
CA ALA A 276 -12.76 2.89 -48.88
C ALA A 276 -12.07 4.13 -48.37
N TRP A 277 -12.76 4.98 -47.59
CA TRP A 277 -12.16 6.27 -47.22
C TRP A 277 -10.92 6.12 -46.33
N PRO A 278 -10.99 5.52 -45.13
CA PRO A 278 -9.75 5.40 -44.36
C PRO A 278 -8.76 4.41 -44.93
N VAL A 279 -9.21 3.38 -45.66
CA VAL A 279 -8.26 2.41 -46.21
C VAL A 279 -7.40 3.05 -47.30
N VAL A 280 -8.04 3.77 -48.23
CA VAL A 280 -7.31 4.42 -49.30
C VAL A 280 -6.40 5.52 -48.75
N CYS A 281 -6.89 6.29 -47.78
CA CYS A 281 -6.04 7.34 -47.25
C CYS A 281 -4.86 6.80 -46.44
N ILE A 282 -5.02 5.69 -45.73
CA ILE A 282 -3.89 5.09 -45.04
C ILE A 282 -2.93 4.43 -46.02
N TRP A 283 -3.43 3.90 -47.14
CA TRP A 283 -2.57 3.50 -48.24
C TRP A 283 -1.68 4.65 -48.68
N PHE A 284 -2.29 5.82 -48.86
CA PHE A 284 -1.54 6.98 -49.32
C PHE A 284 -0.55 7.47 -48.28
N VAL A 285 -0.89 7.36 -47.00
CA VAL A 285 0.07 7.91 -46.04
C VAL A 285 1.21 6.91 -45.79
N ALA A 286 0.94 5.60 -45.91
CA ALA A 286 2.01 4.63 -45.91
C ALA A 286 2.92 4.83 -47.09
N LEU A 287 2.33 5.16 -48.24
CA LEU A 287 3.14 5.47 -49.39
C LEU A 287 3.94 6.74 -49.19
N GLY A 288 3.40 7.72 -48.47
CA GLY A 288 4.15 8.94 -48.19
C GLY A 288 5.38 8.71 -47.34
N ILE A 289 5.22 7.93 -46.26
CA ILE A 289 6.38 7.46 -45.49
C ILE A 289 7.38 6.77 -46.40
N SER A 290 6.87 5.99 -47.36
CA SER A 290 7.75 5.22 -48.23
C SER A 290 8.49 6.07 -49.26
N THR A 291 7.88 7.14 -49.78
CA THR A 291 8.65 8.00 -50.69
C THR A 291 9.57 8.94 -49.92
N MET A 292 9.18 9.35 -48.71
CA MET A 292 10.16 10.03 -47.87
C MET A 292 11.28 9.11 -47.42
N ALA A 293 11.11 7.80 -47.48
CA ALA A 293 12.22 6.88 -47.31
C ALA A 293 13.29 7.07 -48.37
N PHE A 294 12.91 7.48 -49.56
CA PHE A 294 13.88 7.83 -50.58
C PHE A 294 14.20 9.30 -50.61
N ASN A 295 13.82 10.03 -49.55
CA ASN A 295 14.06 11.48 -49.40
C ASN A 295 13.35 12.29 -50.47
N LEU A 296 12.08 12.00 -50.68
CA LEU A 296 11.20 12.82 -51.49
C LEU A 296 10.24 13.46 -50.50
N ASN A 297 10.65 14.58 -49.93
CA ASN A 297 10.00 15.15 -48.76
C ASN A 297 8.77 15.94 -49.16
N GLY A 298 8.09 16.53 -48.18
CA GLY A 298 6.87 17.27 -48.43
C GLY A 298 7.06 18.59 -49.18
N PHE A 299 6.01 19.39 -49.24
CA PHE A 299 6.10 20.69 -49.91
C PHE A 299 7.04 21.62 -49.17
N ASN A 300 7.73 22.46 -49.94
CA ASN A 300 8.67 23.42 -49.38
C ASN A 300 8.24 24.80 -49.85
N PHE A 301 7.90 25.68 -48.91
CA PHE A 301 7.53 27.05 -49.24
C PHE A 301 8.38 28.06 -48.48
N ASN A 302 9.57 27.67 -48.05
CA ASN A 302 10.48 28.65 -47.50
C ASN A 302 10.97 29.60 -48.55
N HIS A 303 11.04 30.87 -48.17
CA HIS A 303 11.57 31.97 -48.95
C HIS A 303 10.79 32.13 -50.26
N SER A 304 9.48 31.94 -50.16
CA SER A 304 8.63 31.88 -51.33
C SER A 304 7.88 33.16 -51.62
N VAL A 305 7.61 33.96 -50.60
CA VAL A 305 6.96 35.26 -50.76
C VAL A 305 8.01 36.32 -50.55
N LEU A 306 8.36 37.05 -51.61
CA LEU A 306 9.36 38.09 -51.56
C LEU A 306 8.71 39.45 -51.73
N ASP A 307 9.31 40.47 -51.13
CA ASP A 307 8.84 41.83 -51.28
C ASP A 307 9.44 42.45 -52.54
N SER A 308 9.33 43.77 -52.68
CA SER A 308 9.83 44.45 -53.87
C SER A 308 11.35 44.38 -54.01
N GLN A 309 12.08 44.57 -52.91
CA GLN A 309 13.54 44.53 -53.00
C GLN A 309 14.05 43.10 -53.13
N GLY A 310 13.44 42.17 -52.41
CA GLY A 310 13.89 40.79 -52.43
C GLY A 310 13.94 40.17 -51.05
N ARG A 311 13.58 40.93 -50.04
CA ARG A 311 13.56 40.44 -48.67
C ARG A 311 12.51 39.35 -48.53
N VAL A 312 12.84 38.32 -47.75
CA VAL A 312 11.88 37.23 -47.52
C VAL A 312 10.86 37.73 -46.51
N LEU A 313 9.61 37.77 -46.92
CA LEU A 313 8.54 37.95 -45.95
C LEU A 313 8.22 36.60 -45.34
N PRO A 314 8.30 36.46 -44.02
CA PRO A 314 7.95 35.17 -43.40
C PRO A 314 6.51 34.79 -43.67
N SER A 315 6.28 33.52 -43.88
CA SER A 315 4.95 32.97 -43.97
C SER A 315 4.78 32.00 -42.82
N TRP A 316 3.66 31.28 -42.80
CA TRP A 316 3.45 30.29 -41.76
C TRP A 316 4.28 29.04 -42.00
N ALA A 317 4.56 28.74 -43.27
CA ALA A 317 5.48 27.66 -43.59
C ALA A 317 6.90 27.95 -43.11
N ASP A 318 7.29 29.23 -43.13
CA ASP A 318 8.56 29.64 -42.54
C ASP A 318 8.60 29.38 -41.04
N VAL A 319 7.50 29.64 -40.35
CA VAL A 319 7.45 29.39 -38.92
C VAL A 319 7.51 27.89 -38.63
N VAL A 320 6.85 27.08 -39.47
CA VAL A 320 6.94 25.63 -39.35
C VAL A 320 8.36 25.14 -39.61
N ASN A 321 9.04 25.72 -40.59
CA ASN A 321 10.46 25.44 -40.81
C ASN A 321 11.28 25.76 -39.59
N ARG A 322 11.01 26.90 -38.98
CA ARG A 322 11.83 27.36 -37.87
C ARG A 322 11.67 26.41 -36.68
N ALA A 323 10.47 25.91 -36.45
CA ALA A 323 10.28 24.84 -35.46
C ALA A 323 10.90 23.50 -35.90
N SER A 324 10.87 23.19 -37.19
CA SER A 324 11.47 21.94 -37.66
C SER A 324 12.99 22.01 -37.58
N LEU A 325 13.55 23.19 -37.77
CA LEU A 325 14.97 23.42 -37.57
C LEU A 325 15.33 23.28 -36.11
N GLY A 326 14.45 23.74 -35.22
CA GLY A 326 14.56 23.45 -33.80
C GLY A 326 14.73 21.98 -33.49
N PHE A 327 13.83 21.15 -34.02
CA PHE A 327 14.01 19.70 -33.90
C PHE A 327 15.25 19.19 -34.63
N GLU A 328 15.61 19.82 -35.75
CA GLU A 328 16.63 19.33 -36.67
C GLU A 328 18.03 19.36 -36.07
N VAL A 329 18.34 20.37 -35.28
CA VAL A 329 19.71 20.54 -34.78
C VAL A 329 19.85 20.02 -33.35
N MET A 330 19.02 19.07 -32.94
CA MET A 330 19.12 18.48 -31.62
C MET A 330 19.05 16.96 -31.61
N HIS A 331 18.65 16.36 -32.74
CA HIS A 331 18.51 14.89 -32.82
C HIS A 331 19.87 14.25 -33.17
N GLU A 332 20.25 13.18 -32.45
CA GLU A 332 21.50 12.50 -32.72
C GLU A 332 22.67 13.48 -32.63
N ARG A 333 22.73 14.14 -31.47
CA ARG A 333 23.67 15.22 -31.22
C ARG A 333 25.13 14.78 -31.38
N ASN A 334 25.54 13.68 -30.77
CA ASN A 334 26.96 13.33 -30.79
C ASN A 334 27.25 12.36 -31.93
N ALA A 335 26.58 12.57 -33.06
CA ALA A 335 26.69 11.59 -34.13
C ALA A 335 26.75 12.17 -35.54
N HIS A 336 26.77 13.50 -35.68
CA HIS A 336 26.90 14.12 -37.00
C HIS A 336 28.24 14.85 -37.01
N ASN A 337 29.25 14.22 -37.61
CA ASN A 337 30.56 14.85 -37.67
C ASN A 337 30.70 15.86 -38.79
N PHE A 338 29.81 15.82 -39.77
CA PHE A 338 29.76 16.75 -40.88
C PHE A 338 28.44 17.54 -40.84
N PRO A 339 28.37 18.71 -41.50
CA PRO A 339 27.16 19.53 -41.35
C PRO A 339 25.96 19.05 -42.14
N LEU A 340 26.10 17.98 -42.93
CA LEU A 340 25.05 17.56 -43.85
C LEU A 340 24.58 16.18 -43.41
N ASP A 341 23.52 16.14 -42.63
CA ASP A 341 22.88 14.89 -42.26
C ASP A 341 22.12 14.36 -43.47
N LEU A 342 22.79 13.50 -44.22
CA LEU A 342 22.12 12.78 -45.30
C LEU A 342 21.31 11.64 -44.69
N ALA A 343 20.72 10.81 -45.54
CA ALA A 343 19.71 9.85 -45.11
C ALA A 343 20.25 8.81 -44.14
N GLY B 2 -32.86 0.80 -15.88
CA GLY B 2 -32.60 0.43 -14.51
C GLY B 2 -31.81 -0.85 -14.41
N LEU B 3 -31.90 -1.65 -15.47
CA LEU B 3 -31.17 -2.90 -15.65
C LEU B 3 -29.74 -2.74 -16.16
N PRO B 4 -29.42 -1.92 -17.18
CA PRO B 4 -28.01 -1.65 -17.44
C PRO B 4 -27.36 -0.95 -16.27
N TRP B 5 -26.05 -1.15 -16.10
CA TRP B 5 -25.37 -0.65 -14.92
C TRP B 5 -25.35 0.86 -14.89
N TYR B 6 -25.33 1.48 -16.05
CA TYR B 6 -25.32 2.93 -16.19
C TYR B 6 -26.71 3.51 -16.06
N ARG B 7 -27.73 2.71 -15.76
CA ARG B 7 -29.09 3.21 -15.58
C ARG B 7 -29.66 2.97 -14.20
N VAL B 8 -28.86 2.46 -13.26
CA VAL B 8 -29.41 1.88 -12.05
C VAL B 8 -30.04 2.93 -11.16
N HIS B 9 -29.48 4.14 -11.13
CA HIS B 9 -30.04 5.17 -10.26
C HIS B 9 -31.36 5.69 -10.77
N THR B 10 -31.75 5.37 -12.00
CA THR B 10 -33.12 5.63 -12.38
C THR B 10 -34.11 4.78 -11.65
N SER B 11 -33.76 3.88 -10.72
CA SER B 11 -34.78 3.20 -9.94
C SER B 11 -35.50 4.14 -8.99
N VAL B 12 -34.89 5.28 -8.64
CA VAL B 12 -35.55 6.28 -7.81
C VAL B 12 -36.17 7.40 -8.63
N LEU B 13 -36.13 7.30 -9.95
CA LEU B 13 -36.64 8.37 -10.81
C LEU B 13 -38.15 8.54 -10.68
N ASN B 14 -38.86 7.44 -10.44
CA ASN B 14 -40.29 7.48 -10.14
C ASN B 14 -40.59 7.23 -8.66
N ASP B 15 -39.72 7.67 -7.77
CA ASP B 15 -39.88 7.43 -6.33
C ASP B 15 -39.31 8.59 -5.56
N PRO B 16 -40.06 9.70 -5.46
CA PRO B 16 -39.52 10.93 -4.89
C PRO B 16 -39.11 10.88 -3.43
N GLY B 17 -39.70 9.99 -2.63
CA GLY B 17 -39.16 9.76 -1.29
C GLY B 17 -37.78 9.17 -1.32
N ARG B 18 -37.56 8.15 -2.14
CA ARG B 18 -36.22 7.64 -2.35
C ARG B 18 -35.33 8.64 -3.06
N LEU B 19 -35.90 9.52 -3.89
CA LEU B 19 -35.11 10.59 -4.49
C LEU B 19 -34.58 11.54 -3.44
N ILE B 20 -35.41 11.90 -2.49
CA ILE B 20 -34.96 12.74 -1.38
C ILE B 20 -33.94 11.99 -0.54
N ALA B 21 -34.14 10.69 -0.34
CA ALA B 21 -33.17 9.89 0.38
C ALA B 21 -31.80 9.90 -0.31
N VAL B 22 -31.80 9.83 -1.63
CA VAL B 22 -30.52 9.62 -2.27
C VAL B 22 -29.83 10.97 -2.41
N HIS B 23 -30.61 12.04 -2.40
CA HIS B 23 -30.10 13.40 -2.30
C HIS B 23 -29.52 13.72 -0.93
N ILE B 24 -30.19 13.29 0.14
CA ILE B 24 -29.66 13.52 1.48
C ILE B 24 -28.40 12.73 1.67
N MET B 25 -28.27 11.59 0.99
CA MET B 25 -27.01 10.87 1.06
C MET B 25 -25.90 11.58 0.30
N HIS B 26 -26.21 12.18 -0.87
CA HIS B 26 -25.19 13.01 -1.52
C HIS B 26 -24.78 14.18 -0.63
N ASN B 27 -25.74 14.77 0.10
CA ASN B 27 -25.44 15.81 1.08
C ASN B 27 -24.51 15.33 2.18
N ALA B 28 -24.80 14.16 2.74
CA ALA B 28 -23.97 13.58 3.78
C ALA B 28 -22.56 13.34 3.28
N LEU B 29 -22.42 12.83 2.06
CA LEU B 29 -21.09 12.62 1.49
C LEU B 29 -20.38 13.93 1.23
N CYS B 30 -21.09 14.93 0.72
CA CYS B 30 -20.47 16.22 0.41
C CYS B 30 -19.97 16.90 1.66
N ALA B 31 -20.80 16.95 2.70
CA ALA B 31 -20.41 17.60 3.93
C ALA B 31 -19.37 16.79 4.68
N GLY B 32 -19.44 15.47 4.63
CA GLY B 32 -18.41 14.67 5.27
C GLY B 32 -17.08 14.83 4.59
N PHE B 33 -17.12 15.06 3.27
CA PHE B 33 -15.87 15.31 2.50
C PHE B 33 -15.33 16.70 2.87
N ALA B 34 -16.22 17.68 3.06
CA ALA B 34 -15.78 19.02 3.41
C ALA B 34 -15.14 19.03 4.80
N GLY B 35 -15.77 18.35 5.75
CA GLY B 35 -15.20 18.22 7.08
C GLY B 35 -13.89 17.46 7.10
N SER B 36 -13.85 16.30 6.45
CA SER B 36 -12.64 15.48 6.49
C SER B 36 -11.50 16.10 5.72
N MET B 37 -11.79 16.72 4.58
CA MET B 37 -10.78 17.43 3.83
C MET B 37 -10.22 18.61 4.59
N LEU B 38 -11.06 19.38 5.28
CA LEU B 38 -10.49 20.46 6.05
C LEU B 38 -9.64 19.93 7.21
N LEU B 39 -10.05 18.82 7.82
CA LEU B 39 -9.24 18.22 8.87
C LEU B 39 -7.89 17.74 8.33
N PHE B 40 -7.89 17.17 7.13
CA PHE B 40 -6.65 16.74 6.50
C PHE B 40 -5.83 17.94 6.03
N GLU B 41 -6.49 19.03 5.65
CA GLU B 41 -5.79 20.25 5.16
C GLU B 41 -5.09 20.93 6.34
N LEU B 42 -5.61 20.74 7.55
CA LEU B 42 -5.06 21.34 8.75
C LEU B 42 -4.06 20.44 9.46
N ALA B 43 -4.16 19.12 9.30
CA ALA B 43 -3.12 18.26 9.83
C ALA B 43 -1.81 18.47 9.09
N LEU B 44 -1.90 18.88 7.82
CA LEU B 44 -0.75 19.08 6.95
C LEU B 44 -0.35 20.54 6.81
N PHE B 45 -1.08 21.45 7.45
CA PHE B 45 -0.84 22.88 7.30
C PHE B 45 0.31 23.33 8.19
N ASP B 46 1.09 24.26 7.67
CA ASP B 46 2.16 24.90 8.43
C ASP B 46 1.74 26.34 8.63
N PRO B 47 1.23 26.71 9.81
CA PRO B 47 0.84 28.11 10.07
C PRO B 47 1.95 28.98 10.64
N SER B 48 3.21 28.52 10.61
CA SER B 48 4.30 29.25 11.25
C SER B 48 4.49 30.63 10.64
N ASP B 49 4.44 30.72 9.31
CA ASP B 49 4.57 32.04 8.73
C ASP B 49 3.70 32.28 7.50
N PRO B 50 2.88 33.33 7.51
CA PRO B 50 2.05 33.63 6.34
C PRO B 50 2.77 34.40 5.25
N VAL B 51 4.02 34.77 5.45
CA VAL B 51 4.76 35.55 4.47
C VAL B 51 5.40 34.67 3.42
N LEU B 52 6.16 33.66 3.84
CA LEU B 52 6.86 32.80 2.91
C LEU B 52 6.25 31.41 2.78
N ASN B 53 5.34 31.03 3.67
CA ASN B 53 4.60 29.77 3.54
C ASN B 53 3.11 29.99 3.71
N PRO B 54 2.45 30.67 2.77
CA PRO B 54 1.01 30.89 2.87
C PRO B 54 0.28 29.61 2.49
N MET B 55 -1.04 29.65 2.57
CA MET B 55 -1.81 28.43 2.32
C MET B 55 -1.79 28.03 0.86
N TRP B 56 -1.59 28.99 -0.04
CA TRP B 56 -1.60 28.63 -1.44
C TRP B 56 -0.33 27.95 -1.88
N ARG B 57 0.79 28.18 -1.18
CA ARG B 57 2.00 27.40 -1.41
C ARG B 57 1.88 26.01 -0.85
N GLN B 58 0.98 25.77 0.10
CA GLN B 58 0.93 24.49 0.78
C GLN B 58 -0.17 23.57 0.27
N GLY B 59 -0.77 23.89 -0.87
CA GLY B 59 -1.78 23.01 -1.44
C GLY B 59 -3.10 23.05 -0.74
N CYS B 60 -3.41 24.13 -0.03
CA CYS B 60 -4.66 24.20 0.70
C CYS B 60 -5.81 24.45 -0.24
N PHE B 61 -6.72 23.48 -0.31
CA PHE B 61 -7.84 23.57 -1.23
C PHE B 61 -9.03 24.20 -0.55
N LEU B 62 -9.46 23.65 0.59
CA LEU B 62 -10.67 24.15 1.21
C LEU B 62 -10.40 25.34 2.12
N MET B 63 -9.23 25.40 2.72
CA MET B 63 -8.87 26.49 3.62
C MET B 63 -9.03 27.89 3.03
N PRO B 64 -8.67 28.20 1.76
CA PRO B 64 -8.96 29.53 1.25
C PRO B 64 -10.42 29.85 1.20
N PHE B 65 -11.25 28.87 0.84
CA PHE B 65 -12.68 29.09 0.74
C PHE B 65 -13.29 29.30 2.10
N VAL B 66 -12.79 28.59 3.10
CA VAL B 66 -13.23 28.81 4.46
C VAL B 66 -12.82 30.20 4.95
N SER B 67 -11.58 30.61 4.67
CA SER B 67 -11.10 31.86 5.23
C SER B 67 -11.52 33.07 4.44
N ARG B 68 -11.99 32.89 3.21
CA ARG B 68 -12.42 34.01 2.39
C ARG B 68 -13.67 34.67 2.95
N LEU B 69 -14.54 33.91 3.60
CA LEU B 69 -15.73 34.52 4.17
C LEU B 69 -15.43 35.09 5.55
N GLY B 70 -15.20 34.25 6.53
CA GLY B 70 -14.78 34.83 7.79
C GLY B 70 -13.92 34.00 8.69
N VAL B 71 -13.60 32.77 8.31
CA VAL B 71 -13.05 31.86 9.30
C VAL B 71 -11.56 31.72 9.04
N VAL B 72 -10.77 32.55 9.71
CA VAL B 72 -9.34 32.68 9.45
C VAL B 72 -8.49 32.14 10.57
N ASN B 73 -9.02 32.10 11.78
CA ASN B 73 -8.27 31.72 12.95
C ASN B 73 -8.67 30.33 13.42
N SER B 74 -7.73 29.63 14.05
CA SER B 74 -7.95 28.27 14.54
C SER B 74 -8.12 28.34 16.05
N TRP B 75 -8.42 27.19 16.65
CA TRP B 75 -8.56 27.10 18.13
C TRP B 75 -7.16 26.97 18.73
N GLN B 76 -6.16 26.67 17.89
CA GLN B 76 -4.78 26.55 18.33
C GLN B 76 -4.18 27.91 18.65
N GLY B 77 -4.84 28.99 18.26
CA GLY B 77 -4.36 30.31 18.52
C GLY B 77 -4.08 31.04 17.22
N TRP B 78 -3.51 30.33 16.26
CA TRP B 78 -2.99 31.01 15.09
C TRP B 78 -4.10 31.46 14.16
N SER B 79 -3.70 32.18 13.12
CA SER B 79 -4.60 32.77 12.16
C SER B 79 -3.87 32.85 10.84
N VAL B 80 -4.60 32.75 9.74
CA VAL B 80 -3.96 32.85 8.46
C VAL B 80 -3.57 34.28 8.13
N THR B 81 -4.14 35.27 8.83
CA THR B 81 -3.59 36.61 8.76
C THR B 81 -2.30 36.73 9.53
N GLY B 82 -2.09 35.88 10.54
CA GLY B 82 -0.84 35.81 11.24
C GLY B 82 -0.89 35.88 12.76
N GLU B 83 -1.79 36.67 13.32
CA GLU B 83 -1.80 36.91 14.77
C GLU B 83 -2.27 35.70 15.56
N THR B 84 -1.47 35.32 16.56
CA THR B 84 -1.93 34.37 17.56
C THR B 84 -2.57 35.10 18.75
N PHE B 85 -3.68 34.52 19.22
CA PHE B 85 -4.43 35.06 20.40
C PHE B 85 -4.89 33.89 21.28
N THR B 86 -5.91 34.11 22.12
CA THR B 86 -6.41 33.05 22.97
C THR B 86 -7.91 32.80 22.92
N ASN B 87 -8.71 33.73 22.37
CA ASN B 87 -10.16 33.58 22.33
C ASN B 87 -10.60 33.72 20.88
N PRO B 88 -10.40 32.68 20.05
CA PRO B 88 -10.74 32.79 18.62
C PRO B 88 -12.21 32.57 18.30
N GLY B 89 -13.11 33.19 19.05
CA GLY B 89 -14.53 33.06 18.79
C GLY B 89 -14.99 31.63 19.01
N PHE B 90 -15.87 31.15 18.14
CA PHE B 90 -16.26 29.74 18.16
C PHE B 90 -16.07 29.18 16.76
N TRP B 91 -16.22 30.04 15.77
CA TRP B 91 -16.09 29.67 14.37
C TRP B 91 -14.62 29.72 13.92
N THR B 92 -13.90 28.68 14.31
CA THR B 92 -12.54 28.40 13.90
C THR B 92 -12.46 27.45 12.73
N PHE B 93 -11.24 27.05 12.37
CA PHE B 93 -11.02 26.13 11.23
C PHE B 93 -11.53 24.73 11.57
N GLU B 94 -11.41 24.33 12.84
CA GLU B 94 -11.85 22.98 13.31
C GLU B 94 -13.38 22.93 13.42
N THR B 95 -13.96 23.91 14.12
CA THR B 95 -15.43 23.96 14.33
C THR B 95 -16.16 23.80 12.99
N VAL B 96 -15.63 24.38 11.92
CA VAL B 96 -16.24 24.29 10.60
C VAL B 96 -16.21 22.85 10.09
N ALA B 97 -15.05 22.20 10.21
CA ALA B 97 -14.94 20.81 9.77
C ALA B 97 -15.77 19.89 10.65
N ILE B 98 -15.78 20.14 11.96
CA ILE B 98 -16.59 19.33 12.85
C ILE B 98 -18.08 19.57 12.62
N ALA B 99 -18.49 20.81 12.33
CA ALA B 99 -19.89 21.05 11.97
C ALA B 99 -20.29 20.27 10.73
N HIS B 100 -19.40 20.22 9.74
CA HIS B 100 -19.73 19.46 8.55
C HIS B 100 -19.75 17.95 8.80
N ILE B 101 -18.88 17.45 9.68
CA ILE B 101 -18.91 16.03 10.02
C ILE B 101 -20.20 15.67 10.76
N ILE B 102 -20.62 16.52 11.70
CA ILE B 102 -21.87 16.26 12.41
C ILE B 102 -23.06 16.35 11.48
N PHE B 103 -23.04 17.32 10.57
CA PHE B 103 -24.11 17.41 9.58
C PHE B 103 -24.14 16.17 8.71
N SER B 104 -22.97 15.66 8.33
CA SER B 104 -22.89 14.46 7.52
C SER B 104 -23.50 13.26 8.24
N GLY B 105 -23.22 13.13 9.53
CA GLY B 105 -23.83 12.05 10.29
C GLY B 105 -25.34 12.18 10.37
N LEU B 106 -25.83 13.40 10.64
CA LEU B 106 -27.27 13.63 10.70
C LEU B 106 -27.92 13.36 9.35
N SER B 107 -27.26 13.73 8.27
CA SER B 107 -27.83 13.51 6.95
C SER B 107 -27.80 12.05 6.57
N PHE B 108 -26.81 11.30 7.00
CA PHE B 108 -26.83 9.86 6.78
C PHE B 108 -28.03 9.22 7.48
N LEU B 109 -28.29 9.62 8.72
CA LEU B 109 -29.45 9.09 9.44
C LEU B 109 -30.77 9.49 8.78
N ALA B 110 -30.87 10.73 8.32
CA ALA B 110 -32.09 11.18 7.65
C ALA B 110 -32.29 10.51 6.30
N ALA B 111 -31.21 10.21 5.58
CA ALA B 111 -31.34 9.47 4.34
C ALA B 111 -31.75 8.04 4.60
N CYS B 112 -31.30 7.45 5.70
CA CYS B 112 -31.77 6.12 6.07
C CYS B 112 -33.27 6.13 6.33
N TRP B 113 -33.76 7.14 7.06
CA TRP B 113 -35.18 7.27 7.30
C TRP B 113 -35.96 7.44 6.01
N HIS B 114 -35.51 8.33 5.12
CA HIS B 114 -36.22 8.53 3.87
C HIS B 114 -36.09 7.39 2.89
N TRP B 115 -35.07 6.57 2.98
CA TRP B 115 -35.06 5.37 2.18
C TRP B 115 -36.10 4.38 2.69
N VAL B 116 -36.21 4.24 4.00
CA VAL B 116 -37.15 3.27 4.55
C VAL B 116 -38.58 3.76 4.38
N TYR B 117 -38.87 5.00 4.75
CA TYR B 117 -40.23 5.52 4.71
C TYR B 117 -40.48 6.32 3.43
N TRP B 118 -40.40 5.61 2.31
CA TRP B 118 -40.61 6.24 1.01
C TRP B 118 -42.08 6.57 0.78
N ASP B 119 -42.98 5.74 1.28
CA ASP B 119 -44.41 5.85 1.01
C ASP B 119 -45.08 6.79 2.01
N VAL B 120 -44.76 8.07 1.89
CA VAL B 120 -45.47 9.04 2.70
C VAL B 120 -46.34 9.84 1.76
N ALA B 121 -47.53 10.18 2.23
CA ALA B 121 -48.46 11.00 1.48
C ALA B 121 -48.03 12.45 1.44
N THR B 122 -46.90 12.70 0.85
CA THR B 122 -46.49 14.00 0.38
C THR B 122 -46.15 13.93 -1.08
N PHE B 123 -45.68 12.76 -1.50
CA PHE B 123 -45.11 12.50 -2.80
C PHE B 123 -46.10 11.85 -3.74
N PHE B 124 -47.35 11.69 -3.31
CA PHE B 124 -48.42 11.14 -4.11
C PHE B 124 -49.57 12.12 -4.01
N ASP B 125 -50.12 12.52 -5.15
CA ASP B 125 -51.17 13.52 -5.17
C ASP B 125 -52.46 12.99 -4.55
N PRO B 126 -53.39 13.87 -4.15
CA PRO B 126 -54.62 13.36 -3.54
C PRO B 126 -55.55 12.60 -4.48
N LYS B 127 -55.57 12.92 -5.77
CA LYS B 127 -56.64 12.41 -6.62
C LYS B 127 -56.38 10.99 -7.09
N THR B 128 -55.17 10.70 -7.52
CA THR B 128 -54.72 9.35 -7.83
C THR B 128 -53.61 9.02 -6.84
N ASP B 129 -52.97 7.87 -6.98
CA ASP B 129 -51.95 7.50 -6.02
C ASP B 129 -50.59 7.31 -6.66
N GLU B 130 -50.34 7.97 -7.78
CA GLU B 130 -49.06 7.80 -8.42
C GLU B 130 -48.06 8.81 -7.89
N PRO B 131 -46.78 8.44 -7.83
CA PRO B 131 -45.76 9.36 -7.29
C PRO B 131 -45.53 10.56 -8.20
N VAL B 132 -45.67 11.75 -7.62
CA VAL B 132 -45.50 12.98 -8.38
C VAL B 132 -44.90 14.03 -7.45
N ILE B 133 -44.12 14.93 -8.03
CA ILE B 133 -43.77 16.17 -7.36
C ILE B 133 -44.08 17.33 -8.31
N ASP B 134 -44.70 18.38 -7.78
CA ASP B 134 -45.13 19.55 -8.55
C ASP B 134 -43.93 20.44 -8.80
N LEU B 135 -43.29 20.28 -9.95
CA LEU B 135 -42.05 21.00 -10.23
C LEU B 135 -42.19 22.53 -10.29
N PRO B 136 -43.23 23.15 -10.87
CA PRO B 136 -43.34 24.60 -10.75
C PRO B 136 -43.50 25.12 -9.33
N LYS B 137 -44.34 24.46 -8.52
CA LYS B 137 -44.52 24.86 -7.14
C LYS B 137 -43.26 24.68 -6.32
N VAL B 138 -42.64 23.50 -6.42
CA VAL B 138 -41.39 23.21 -5.71
C VAL B 138 -40.30 24.17 -6.15
N PHE B 139 -40.24 24.48 -7.44
CA PHE B 139 -39.27 25.42 -7.95
C PHE B 139 -39.48 26.80 -7.36
N GLY B 140 -40.73 27.23 -7.23
CA GLY B 140 -40.99 28.52 -6.62
C GLY B 140 -40.59 28.57 -5.17
N ILE B 141 -40.93 27.52 -4.42
CA ILE B 141 -40.53 27.42 -3.01
C ILE B 141 -39.01 27.45 -2.88
N HIS B 142 -38.32 26.69 -3.72
CA HIS B 142 -36.88 26.62 -3.70
C HIS B 142 -36.23 27.93 -4.11
N LEU B 143 -36.78 28.59 -5.12
CA LEU B 143 -36.25 29.87 -5.55
C LEU B 143 -36.44 30.93 -4.49
N THR B 144 -37.54 30.85 -3.75
CA THR B 144 -37.73 31.80 -2.67
C THR B 144 -36.71 31.55 -1.57
N LEU B 145 -36.51 30.29 -1.19
CA LEU B 145 -35.52 29.95 -0.17
C LEU B 145 -34.13 30.40 -0.57
N ALA B 146 -33.77 30.19 -1.84
CA ALA B 146 -32.50 30.68 -2.35
C ALA B 146 -32.44 32.19 -2.34
N GLY B 147 -33.56 32.86 -2.59
CA GLY B 147 -33.58 34.31 -2.51
C GLY B 147 -33.31 34.87 -1.12
N ILE B 148 -33.96 34.30 -0.10
CA ILE B 148 -33.67 34.76 1.27
C ILE B 148 -32.23 34.45 1.64
N LEU B 149 -31.73 33.26 1.32
CA LEU B 149 -30.34 32.95 1.64
C LEU B 149 -29.36 33.86 0.94
N CYS B 150 -29.57 34.16 -0.34
CA CYS B 150 -28.72 35.11 -1.05
C CYS B 150 -28.76 36.50 -0.42
N PHE B 151 -29.97 37.04 -0.28
CA PHE B 151 -30.18 38.41 0.27
C PHE B 151 -29.49 38.49 1.64
N GLY B 152 -29.79 37.52 2.50
CA GLY B 152 -29.19 37.50 3.82
C GLY B 152 -27.68 37.38 3.83
N PHE B 153 -27.13 36.47 3.02
CA PHE B 153 -25.70 36.26 2.98
C PHE B 153 -24.98 37.51 2.50
N GLY B 154 -25.53 38.14 1.48
CA GLY B 154 -24.89 39.34 1.00
C GLY B 154 -25.20 40.58 1.76
N ALA B 155 -26.24 40.61 2.56
CA ALA B 155 -26.62 41.83 3.24
C ALA B 155 -26.37 41.78 4.73
N PHE B 156 -26.00 40.62 5.26
CA PHE B 156 -25.76 40.50 6.69
C PHE B 156 -24.46 39.79 7.00
N HIS B 157 -23.97 38.90 6.15
CA HIS B 157 -22.71 38.24 6.38
C HIS B 157 -21.58 38.96 5.68
N LEU B 158 -21.83 39.51 4.51
CA LEU B 158 -20.77 40.18 3.78
C LEU B 158 -20.65 41.64 4.19
N THR B 159 -21.79 42.28 4.44
CA THR B 159 -21.77 43.63 5.03
C THR B 159 -21.21 43.61 6.43
N GLY B 160 -21.44 42.53 7.16
CA GLY B 160 -20.96 42.43 8.51
C GLY B 160 -21.94 42.92 9.54
N LEU B 161 -23.16 43.32 9.12
CA LEU B 161 -24.18 43.77 10.06
C LEU B 161 -24.50 42.71 11.09
N PHE B 162 -24.67 41.47 10.64
CA PHE B 162 -24.72 40.33 11.54
C PHE B 162 -23.93 39.20 10.88
N GLY B 163 -22.63 39.44 10.69
CA GLY B 163 -21.78 38.49 10.04
C GLY B 163 -20.33 38.90 10.20
N PRO B 164 -19.41 38.00 9.87
CA PRO B 164 -17.99 38.35 9.99
C PRO B 164 -17.49 39.33 8.96
N GLY B 165 -18.14 39.47 7.83
CA GLY B 165 -17.56 40.23 6.74
C GLY B 165 -17.03 39.32 5.67
N MET B 166 -16.06 39.83 4.93
CA MET B 166 -15.36 39.04 3.95
C MET B 166 -13.92 39.51 3.89
N TRP B 167 -13.06 38.66 3.34
CA TRP B 167 -11.66 39.01 3.14
C TRP B 167 -11.54 40.13 2.13
N VAL B 168 -10.91 41.20 2.54
CA VAL B 168 -10.49 42.24 1.62
C VAL B 168 -8.99 42.38 1.72
N SER B 169 -8.43 42.97 0.67
CA SER B 169 -6.99 43.09 0.53
C SER B 169 -6.69 44.37 -0.22
N ASP B 170 -5.45 44.81 -0.11
CA ASP B 170 -4.93 45.86 -0.96
C ASP B 170 -4.53 45.26 -2.30
N PRO B 171 -4.37 46.09 -3.35
CA PRO B 171 -3.90 45.57 -4.65
C PRO B 171 -2.62 44.76 -4.60
N LEU B 172 -1.65 45.19 -3.79
CA LEU B 172 -0.41 44.44 -3.68
C LEU B 172 -0.59 43.15 -2.88
N GLY B 173 -1.66 43.06 -2.12
CA GLY B 173 -1.99 41.82 -1.46
C GLY B 173 -1.09 41.60 -0.28
N LEU B 174 -1.02 42.58 0.60
CA LEU B 174 -0.15 42.47 1.75
C LEU B 174 -0.98 42.64 3.01
N THR B 175 -1.97 43.53 2.95
CA THR B 175 -2.87 43.77 4.06
C THR B 175 -4.17 42.99 3.91
N GLY B 176 -4.08 41.67 3.85
CA GLY B 176 -5.28 40.86 3.75
C GLY B 176 -5.92 40.64 5.09
N HIS B 177 -7.19 41.00 5.22
CA HIS B 177 -7.90 40.83 6.48
C HIS B 177 -9.37 40.60 6.20
N ILE B 178 -10.17 40.54 7.26
CA ILE B 178 -11.59 40.27 7.18
C ILE B 178 -12.33 41.48 7.72
N GLN B 179 -13.21 42.06 6.90
CA GLN B 179 -14.06 43.14 7.37
C GLN B 179 -15.31 43.19 6.53
N GLY B 180 -16.37 43.75 7.14
CA GLY B 180 -17.64 43.80 6.46
C GLY B 180 -17.68 44.92 5.45
N VAL B 181 -18.18 44.60 4.27
CA VAL B 181 -18.02 45.45 3.10
C VAL B 181 -19.36 46.06 2.76
N ALA B 182 -19.40 47.40 2.67
CA ALA B 182 -20.61 48.08 2.25
C ALA B 182 -20.91 47.76 0.79
N PRO B 183 -22.18 47.75 0.40
CA PRO B 183 -22.51 47.44 -1.00
C PRO B 183 -22.20 48.60 -1.92
N GLU B 184 -21.86 48.26 -3.15
CA GLU B 184 -21.53 49.25 -4.18
C GLU B 184 -22.53 49.11 -5.32
N TRP B 185 -23.43 50.09 -5.45
CA TRP B 185 -24.53 50.02 -6.41
C TRP B 185 -24.25 50.65 -7.75
N GLY B 186 -23.19 51.45 -7.88
CA GLY B 186 -22.91 52.11 -9.13
C GLY B 186 -22.23 51.20 -10.13
N ALA B 187 -21.70 51.84 -11.17
CA ALA B 187 -20.81 51.15 -12.11
C ALA B 187 -19.65 50.48 -11.40
N ALA B 188 -19.18 51.10 -10.30
CA ALA B 188 -18.09 50.54 -9.51
C ALA B 188 -18.42 49.17 -8.94
N GLY B 189 -19.69 48.82 -8.81
CA GLY B 189 -20.04 47.49 -8.38
C GLY B 189 -19.80 46.39 -9.39
N PHE B 190 -19.49 46.73 -10.62
CA PHE B 190 -19.21 45.70 -11.62
C PHE B 190 -17.73 45.54 -11.85
N ASP B 191 -16.92 46.25 -11.09
CA ASP B 191 -15.50 46.05 -11.08
C ASP B 191 -15.22 44.67 -10.48
N PRO B 192 -14.51 43.79 -11.19
CA PRO B 192 -14.22 42.46 -10.62
C PRO B 192 -13.41 42.49 -9.34
N HIS B 193 -12.55 43.48 -9.19
CA HIS B 193 -11.76 43.65 -7.98
C HIS B 193 -12.38 44.71 -7.07
N ASN B 194 -13.61 44.45 -6.67
CA ASN B 194 -14.39 45.32 -5.81
C ASN B 194 -15.33 44.45 -4.97
N PRO B 195 -15.16 44.40 -3.65
CA PRO B 195 -16.03 43.52 -2.84
C PRO B 195 -17.41 44.08 -2.60
N GLY B 196 -17.59 45.40 -2.69
CA GLY B 196 -18.92 45.95 -2.59
C GLY B 196 -19.79 45.58 -3.75
N GLY B 197 -19.19 45.26 -4.87
CA GLY B 197 -19.93 44.75 -5.99
C GLY B 197 -20.48 43.40 -5.70
N VAL B 198 -19.69 42.56 -5.04
CA VAL B 198 -20.15 41.25 -4.60
C VAL B 198 -21.28 41.36 -3.61
N VAL B 199 -21.17 42.32 -2.70
CA VAL B 199 -22.20 42.48 -1.68
C VAL B 199 -23.51 42.97 -2.30
N ALA B 200 -23.41 43.95 -3.19
CA ALA B 200 -24.57 44.49 -3.91
C ALA B 200 -25.18 43.47 -4.85
N HIS B 201 -24.36 42.67 -5.53
CA HIS B 201 -24.85 41.59 -6.37
C HIS B 201 -25.72 40.64 -5.58
N HIS B 202 -25.21 40.18 -4.44
CA HIS B 202 -26.00 39.24 -3.67
C HIS B 202 -27.26 39.87 -3.12
N ILE B 203 -27.20 41.14 -2.72
CA ILE B 203 -28.42 41.80 -2.25
C ILE B 203 -29.45 41.87 -3.37
N ALA B 204 -29.06 42.43 -4.51
CA ALA B 204 -29.99 42.66 -5.61
C ALA B 204 -30.55 41.35 -6.13
N LEU B 205 -29.71 40.34 -6.27
CA LEU B 205 -30.17 39.05 -6.73
C LEU B 205 -30.95 38.30 -5.66
N GLY B 206 -30.78 38.62 -4.38
CA GLY B 206 -31.67 38.06 -3.39
C GLY B 206 -33.09 38.61 -3.51
N ILE B 207 -33.23 39.94 -3.66
CA ILE B 207 -34.57 40.48 -3.95
C ILE B 207 -35.14 39.89 -5.24
N VAL B 208 -34.30 39.74 -6.27
CA VAL B 208 -34.77 39.21 -7.54
C VAL B 208 -35.24 37.77 -7.40
N ALA B 209 -34.50 36.95 -6.68
CA ALA B 209 -34.89 35.56 -6.52
C ALA B 209 -36.07 35.39 -5.57
N ILE B 210 -36.23 36.25 -4.57
CA ILE B 210 -37.44 36.22 -3.74
C ILE B 210 -38.67 36.53 -4.58
N ILE B 211 -38.61 37.56 -5.42
CA ILE B 211 -39.75 37.91 -6.27
C ILE B 211 -40.04 36.80 -7.28
N GLY B 212 -39.01 36.26 -7.93
CA GLY B 212 -39.24 35.19 -8.88
C GLY B 212 -39.77 33.93 -8.24
N GLY B 213 -39.30 33.61 -7.05
CA GLY B 213 -39.83 32.47 -6.34
C GLY B 213 -41.26 32.65 -5.91
N LEU B 214 -41.61 33.86 -5.47
CA LEU B 214 -43.01 34.15 -5.18
C LEU B 214 -43.86 34.10 -6.44
N PHE B 215 -43.28 34.47 -7.58
CA PHE B 215 -44.02 34.44 -8.87
C PHE B 215 -44.12 32.99 -9.38
N HIS B 216 -43.19 32.13 -8.94
CA HIS B 216 -43.16 30.71 -9.36
C HIS B 216 -43.83 29.83 -8.30
N ILE B 217 -44.79 30.38 -7.57
CA ILE B 217 -45.52 29.62 -6.50
C ILE B 217 -47.02 29.91 -6.64
N PHE B 218 -47.35 31.11 -7.14
CA PHE B 218 -48.71 31.54 -7.34
C PHE B 218 -49.14 31.63 -8.80
N VAL B 219 -48.24 31.47 -9.74
CA VAL B 219 -48.59 31.53 -11.16
C VAL B 219 -48.19 30.22 -11.81
N ARG B 220 -49.16 29.51 -12.34
CA ARG B 220 -48.91 28.25 -13.00
C ARG B 220 -48.35 28.47 -14.40
N PRO B 221 -47.55 27.53 -14.91
CA PRO B 221 -46.88 27.75 -16.16
C PRO B 221 -47.90 27.65 -17.36
N PRO B 222 -47.57 28.33 -18.43
CA PRO B 222 -48.48 28.23 -19.61
C PRO B 222 -48.47 26.86 -20.23
N GLU B 223 -49.61 26.53 -20.82
CA GLU B 223 -49.87 25.20 -21.32
C GLU B 223 -48.96 24.86 -22.49
N TYR B 224 -48.56 25.88 -23.26
CA TYR B 224 -47.57 25.67 -24.30
C TYR B 224 -46.17 25.43 -23.74
N LEU B 225 -45.78 26.18 -22.71
CA LEU B 225 -44.47 25.94 -22.11
C LEU B 225 -44.45 24.77 -21.15
N TYR B 226 -45.60 24.29 -20.69
CA TYR B 226 -45.55 23.06 -19.92
C TYR B 226 -45.20 21.88 -20.80
N LYS B 227 -45.81 21.75 -21.96
CA LYS B 227 -45.46 20.66 -22.84
C LYS B 227 -44.23 20.96 -23.68
N GLY B 228 -43.89 22.24 -23.86
CA GLY B 228 -42.76 22.61 -24.68
C GLY B 228 -41.46 22.26 -23.99
N LEU B 229 -41.35 22.59 -22.72
CA LEU B 229 -40.11 22.37 -21.99
C LEU B 229 -40.15 21.12 -21.14
N ARG B 230 -41.17 20.29 -21.31
CA ARG B 230 -41.38 19.04 -20.57
C ARG B 230 -41.32 19.26 -19.07
N MET B 231 -42.15 20.21 -18.61
CA MET B 231 -42.09 20.65 -17.23
C MET B 231 -42.60 19.59 -16.26
N GLY B 232 -43.32 18.58 -16.74
CA GLY B 232 -43.64 17.46 -15.89
C GLY B 232 -42.51 16.48 -15.73
N ASN B 233 -41.54 16.53 -16.62
CA ASN B 233 -40.39 15.63 -16.57
C ASN B 233 -39.33 16.20 -15.65
N ILE B 234 -38.99 15.47 -14.59
CA ILE B 234 -37.98 15.92 -13.65
C ILE B 234 -36.61 15.90 -14.29
N GLU B 235 -36.48 15.09 -15.34
CA GLU B 235 -35.22 14.98 -16.12
C GLU B 235 -34.95 16.34 -16.78
N GLY B 236 -36.00 17.00 -17.26
CA GLY B 236 -35.83 18.32 -17.86
C GLY B 236 -35.31 19.34 -16.87
N THR B 237 -35.77 19.24 -15.62
CA THR B 237 -35.22 20.05 -14.55
C THR B 237 -33.75 19.75 -14.33
N LEU B 238 -33.38 18.48 -14.38
CA LEU B 238 -31.98 18.09 -14.26
C LEU B 238 -31.14 18.68 -15.37
N ALA B 239 -31.65 18.67 -16.60
CA ALA B 239 -30.93 19.22 -17.74
C ALA B 239 -30.68 20.71 -17.60
N SER B 240 -31.70 21.47 -17.22
CA SER B 240 -31.50 22.91 -17.03
C SER B 240 -30.60 23.22 -15.83
N GLY B 241 -30.68 22.41 -14.77
CA GLY B 241 -29.77 22.61 -13.66
C GLY B 241 -28.34 22.30 -14.03
N LEU B 242 -28.14 21.28 -14.86
CA LEU B 242 -26.81 20.93 -15.34
C LEU B 242 -26.27 22.02 -16.24
N ALA B 243 -27.15 22.71 -16.96
CA ALA B 243 -26.73 23.88 -17.73
C ALA B 243 -26.19 24.98 -16.83
N VAL B 244 -26.93 25.28 -15.77
CA VAL B 244 -26.51 26.32 -14.82
C VAL B 244 -25.19 25.94 -14.18
N PHE B 245 -25.07 24.63 -13.89
CA PHE B 245 -23.89 24.02 -13.25
C PHE B 245 -22.66 24.07 -14.17
N PHE B 246 -22.78 23.84 -15.47
CA PHE B 246 -21.53 23.87 -16.22
C PHE B 246 -21.17 25.28 -16.59
N SER B 247 -22.13 26.18 -16.73
CA SER B 247 -21.75 27.53 -17.07
C SER B 247 -21.23 28.29 -15.86
N GLY B 248 -21.71 27.96 -14.68
CA GLY B 248 -21.11 28.48 -13.48
C GLY B 248 -19.70 27.98 -13.31
N ALA B 249 -19.44 26.72 -13.65
CA ALA B 249 -18.10 26.18 -13.49
C ALA B 249 -17.11 26.93 -14.36
N PHE B 250 -17.51 27.25 -15.58
CA PHE B 250 -16.62 27.99 -16.45
C PHE B 250 -16.41 29.40 -15.92
N ILE B 251 -17.46 30.03 -15.39
CA ILE B 251 -17.32 31.36 -14.82
C ILE B 251 -16.45 31.35 -13.57
N ALA B 252 -16.65 30.34 -12.70
CA ALA B 252 -15.84 30.19 -11.50
C ALA B 252 -14.38 29.94 -11.83
N ALA B 253 -14.12 29.06 -12.80
CA ALA B 253 -12.76 28.79 -13.23
C ALA B 253 -12.12 30.01 -13.85
N GLY B 254 -12.87 30.76 -14.66
CA GLY B 254 -12.33 31.96 -15.26
C GLY B 254 -12.00 33.01 -14.23
N THR B 255 -12.88 33.24 -13.27
CA THR B 255 -12.61 34.24 -12.25
C THR B 255 -11.59 33.78 -11.23
N MET B 256 -11.32 32.49 -11.15
CA MET B 256 -10.17 32.05 -10.37
C MET B 256 -8.87 32.23 -11.13
N TRP B 257 -8.88 32.00 -12.44
CA TRP B 257 -7.64 32.17 -13.19
C TRP B 257 -7.31 33.63 -13.42
N TYR B 258 -8.31 34.49 -13.51
CA TYR B 258 -8.07 35.90 -13.74
C TYR B 258 -7.99 36.69 -12.45
N GLY B 259 -8.57 36.19 -11.39
CA GLY B 259 -8.50 36.88 -10.13
C GLY B 259 -9.57 37.92 -10.02
N THR B 260 -10.43 37.78 -9.03
CA THR B 260 -11.42 38.80 -8.75
C THR B 260 -11.26 39.20 -7.30
N ALA B 261 -12.16 40.06 -6.83
CA ALA B 261 -12.19 40.38 -5.40
C ALA B 261 -12.50 39.17 -4.55
N THR B 262 -13.17 38.16 -5.11
CA THR B 262 -13.50 36.98 -4.34
C THR B 262 -12.33 36.02 -4.17
N THR B 263 -11.33 36.04 -5.04
CA THR B 263 -10.15 35.18 -4.87
C THR B 263 -8.93 36.05 -4.68
N PRO B 264 -8.67 36.54 -3.48
CA PRO B 264 -7.52 37.40 -3.25
C PRO B 264 -6.24 36.59 -3.13
N ILE B 265 -5.11 37.27 -3.30
CA ILE B 265 -3.85 36.57 -3.46
C ILE B 265 -3.19 36.21 -2.15
N GLU B 266 -3.75 36.60 -1.01
CA GLU B 266 -3.28 36.01 0.22
C GLU B 266 -3.82 34.61 0.45
N LEU B 267 -4.86 34.21 -0.27
CA LEU B 267 -5.47 32.90 -0.10
C LEU B 267 -5.19 31.95 -1.26
N TRP B 268 -5.33 32.40 -2.49
CA TRP B 268 -5.07 31.58 -3.64
C TRP B 268 -3.79 31.96 -4.37
N GLY B 269 -3.08 32.96 -3.89
CA GLY B 269 -1.82 33.35 -4.49
C GLY B 269 -2.01 34.20 -5.71
N PRO B 270 -0.91 34.60 -6.33
CA PRO B 270 -0.99 35.43 -7.52
C PRO B 270 -1.49 34.65 -8.72
N THR B 271 -1.96 35.39 -9.71
CA THR B 271 -2.34 34.82 -10.99
C THR B 271 -1.13 34.78 -11.89
N ARG B 272 -1.24 34.02 -12.98
CA ARG B 272 -0.21 34.02 -13.99
C ARG B 272 -0.14 35.36 -14.71
N TYR B 273 -1.20 36.14 -14.69
CA TYR B 273 -1.23 37.42 -15.35
C TYR B 273 -0.61 38.52 -14.52
N GLN B 274 -0.34 38.27 -13.25
CA GLN B 274 0.46 39.18 -12.48
C GLN B 274 1.95 38.94 -12.69
N TRP B 275 2.32 37.80 -13.25
CA TRP B 275 3.70 37.57 -13.65
C TRP B 275 3.92 37.95 -15.10
N ASP B 276 2.90 37.76 -15.93
CA ASP B 276 3.01 38.05 -17.36
C ASP B 276 3.31 39.52 -17.61
N GLN B 277 2.67 40.40 -16.88
CA GLN B 277 2.84 41.84 -17.07
C GLN B 277 3.82 42.44 -16.08
N GLY B 278 4.42 41.63 -15.24
CA GLY B 278 5.34 42.10 -14.22
C GLY B 278 4.65 43.01 -13.23
N PHE B 279 3.54 42.57 -12.65
CA PHE B 279 2.74 43.46 -11.82
C PHE B 279 3.49 43.83 -10.54
N PHE B 280 3.92 42.83 -9.77
CA PHE B 280 4.68 43.12 -8.56
C PHE B 280 6.06 43.66 -8.86
N GLN B 281 6.64 43.29 -10.01
CA GLN B 281 7.92 43.85 -10.42
C GLN B 281 7.84 45.36 -10.61
N GLN B 282 6.82 45.82 -11.33
CA GLN B 282 6.65 47.26 -11.49
C GLN B 282 6.28 47.93 -10.18
N ALA B 283 5.52 47.25 -9.32
CA ALA B 283 5.16 47.83 -8.03
C ALA B 283 6.39 48.08 -7.17
N ILE B 284 7.28 47.09 -7.11
CA ILE B 284 8.51 47.24 -6.34
C ILE B 284 9.43 48.28 -6.96
N SER B 285 9.55 48.30 -8.29
CA SER B 285 10.41 49.31 -8.90
C SER B 285 9.89 50.70 -8.61
N ARG B 286 8.56 50.87 -8.64
CA ARG B 286 7.98 52.18 -8.38
C ARG B 286 8.23 52.61 -6.93
N GLN B 287 8.10 51.67 -6.00
CA GLN B 287 8.30 51.95 -4.58
C GLN B 287 9.77 52.27 -4.29
N VAL B 288 10.68 51.43 -4.79
CA VAL B 288 12.11 51.67 -4.75
C VAL B 288 12.49 53.05 -5.26
N LYS B 289 12.06 53.43 -6.47
CA LYS B 289 12.47 54.74 -7.00
C LYS B 289 11.86 55.88 -6.19
N ALA B 290 10.66 55.69 -5.63
CA ALA B 290 10.13 56.71 -4.73
C ALA B 290 11.00 56.88 -3.50
N SER B 291 11.52 55.78 -2.96
CA SER B 291 12.43 55.87 -1.82
C SER B 291 13.79 56.45 -2.20
N ILE B 292 14.29 56.11 -3.40
CA ILE B 292 15.56 56.65 -3.88
C ILE B 292 15.49 58.16 -3.96
N SER B 293 14.39 58.67 -4.51
CA SER B 293 14.19 60.11 -4.59
C SER B 293 13.75 60.70 -3.25
N ASP B 294 13.77 59.91 -2.19
CA ASP B 294 13.52 60.39 -0.84
C ASP B 294 14.84 60.49 -0.07
N GLY B 295 15.94 60.61 -0.80
CA GLY B 295 17.24 60.75 -0.21
C GLY B 295 17.75 59.54 0.53
N LYS B 296 17.43 58.35 0.03
CA LYS B 296 17.93 57.11 0.61
C LYS B 296 18.91 56.45 -0.35
N SER B 297 19.81 55.66 0.20
CA SER B 297 20.77 54.94 -0.62
C SER B 297 20.07 53.83 -1.38
N PRO B 298 20.65 53.36 -2.49
CA PRO B 298 20.10 52.19 -3.17
C PRO B 298 19.91 50.97 -2.29
N SER B 299 20.87 50.67 -1.42
CA SER B 299 20.71 49.52 -0.54
C SER B 299 19.66 49.78 0.53
N GLU B 300 19.52 51.03 0.95
CA GLU B 300 18.56 51.37 2.00
C GLU B 300 17.13 51.38 1.47
N ALA B 301 16.93 51.83 0.23
CA ALA B 301 15.62 51.77 -0.39
C ALA B 301 15.21 50.33 -0.68
N TRP B 302 16.15 49.51 -1.14
CA TRP B 302 15.85 48.16 -1.58
C TRP B 302 15.65 47.20 -0.44
N SER B 303 15.91 47.63 0.80
CA SER B 303 15.69 46.82 1.98
C SER B 303 14.41 47.18 2.71
N GLU B 304 13.66 48.15 2.22
CA GLU B 304 12.30 48.38 2.68
C GLU B 304 11.25 47.63 1.85
N ILE B 305 11.69 46.84 0.88
CA ILE B 305 10.77 46.00 0.12
C ILE B 305 10.42 44.82 1.01
N PRO B 306 9.14 44.59 1.32
CA PRO B 306 8.78 43.46 2.18
C PRO B 306 9.10 42.14 1.50
N THR B 307 9.46 41.15 2.32
CA THR B 307 9.72 39.81 1.82
C THR B 307 8.46 39.24 1.17
N LYS B 308 7.30 39.62 1.67
CA LYS B 308 6.05 39.18 1.06
C LYS B 308 5.82 39.87 -0.28
N LEU B 309 6.27 41.10 -0.42
CA LEU B 309 6.15 41.79 -1.70
C LEU B 309 7.18 41.32 -2.71
N ALA B 310 8.35 40.87 -2.24
CA ALA B 310 9.35 40.32 -3.13
C ALA B 310 8.99 38.91 -3.56
N PHE B 311 8.34 38.15 -2.66
CA PHE B 311 8.01 36.76 -2.94
C PHE B 311 6.98 36.61 -4.04
N TYR B 312 6.14 37.62 -4.21
CA TYR B 312 5.19 37.59 -5.30
C TYR B 312 5.87 37.62 -6.67
N ASP B 313 7.07 38.21 -6.77
CA ASP B 313 7.85 38.16 -8.01
C ASP B 313 8.57 36.87 -8.26
N TYR B 314 8.32 35.82 -7.52
CA TYR B 314 8.89 34.55 -7.91
C TYR B 314 8.02 33.92 -8.99
N ILE B 315 8.66 33.49 -10.09
CA ILE B 315 7.94 32.73 -11.11
C ILE B 315 7.53 31.37 -10.59
N GLY B 316 8.17 30.88 -9.54
CA GLY B 316 7.68 29.70 -8.90
C GLY B 316 6.33 29.86 -8.28
N ASN B 317 5.87 31.08 -8.08
CA ASN B 317 4.55 31.40 -7.56
C ASN B 317 3.55 31.73 -8.65
N SER B 318 3.95 31.71 -9.91
CA SER B 318 3.00 31.75 -10.99
C SER B 318 2.24 30.44 -10.99
N PRO B 319 0.91 30.47 -11.06
CA PRO B 319 0.14 29.22 -11.14
C PRO B 319 0.17 28.57 -12.51
N ALA B 320 0.85 29.14 -13.49
CA ALA B 320 0.94 28.59 -14.83
C ALA B 320 2.27 27.90 -15.07
N LYS B 321 2.86 27.36 -14.04
CA LYS B 321 4.21 26.87 -14.14
C LYS B 321 4.35 25.45 -13.62
N GLY B 322 3.32 24.91 -12.99
CA GLY B 322 3.30 23.53 -12.60
C GLY B 322 2.93 22.61 -13.74
N GLY B 323 2.63 21.37 -13.38
CA GLY B 323 2.36 20.33 -14.34
C GLY B 323 1.15 19.51 -13.94
N LEU B 324 0.61 18.80 -14.92
CA LEU B 324 -0.59 18.01 -14.70
C LEU B 324 -0.36 16.91 -13.68
N PHE B 325 0.77 16.22 -13.78
CA PHE B 325 1.07 15.11 -12.88
C PHE B 325 2.17 15.44 -11.87
N ARG B 326 2.60 16.69 -11.79
CA ARG B 326 3.39 17.14 -10.64
C ARG B 326 2.41 17.40 -9.51
N VAL B 327 2.13 16.35 -8.80
CA VAL B 327 1.01 16.38 -7.88
C VAL B 327 1.42 17.05 -6.58
N GLY B 328 0.46 17.68 -5.96
CA GLY B 328 0.68 18.09 -4.61
C GLY B 328 0.83 19.57 -4.42
N ARG B 329 1.58 19.93 -3.40
CA ARG B 329 1.61 21.30 -2.97
C ARG B 329 2.79 22.00 -3.62
N MET B 330 2.79 23.33 -3.60
CA MET B 330 3.86 24.06 -4.30
C MET B 330 5.22 23.87 -3.65
N VAL B 331 5.26 23.71 -2.32
CA VAL B 331 6.53 23.52 -1.63
C VAL B 331 7.05 22.10 -1.76
N ASP B 332 6.28 21.20 -2.38
CA ASP B 332 6.78 19.92 -2.83
C ASP B 332 7.67 20.05 -4.05
N GLY B 333 7.72 21.23 -4.64
CA GLY B 333 8.50 21.52 -5.82
C GLY B 333 9.76 22.29 -5.51
N ASP B 334 9.72 23.62 -5.61
CA ASP B 334 10.90 24.43 -5.33
C ASP B 334 11.34 24.28 -3.88
N GLY B 335 10.40 24.19 -2.94
CA GLY B 335 10.76 23.82 -1.60
C GLY B 335 10.23 24.83 -0.61
N LEU B 336 10.82 24.86 0.56
CA LEU B 336 10.43 25.84 1.56
C LEU B 336 11.31 27.08 1.41
N PRO B 337 10.72 28.27 1.23
CA PRO B 337 11.54 29.48 1.13
C PRO B 337 12.07 29.86 2.50
N THR B 338 13.36 30.14 2.58
CA THR B 338 14.00 30.54 3.81
C THR B 338 14.36 32.02 3.85
N GLY B 339 14.34 32.72 2.72
CA GLY B 339 14.56 34.14 2.75
C GLY B 339 14.85 34.76 1.41
N TRP B 340 14.69 36.08 1.33
CA TRP B 340 14.91 36.81 0.10
C TRP B 340 16.38 37.20 -0.01
N LEU B 341 17.01 36.79 -1.09
CA LEU B 341 18.42 37.05 -1.32
C LEU B 341 18.73 38.50 -1.66
N GLY B 342 17.73 39.34 -1.87
CA GLY B 342 17.94 40.71 -2.27
C GLY B 342 17.90 40.86 -3.78
N HIS B 343 17.71 42.10 -4.20
CA HIS B 343 17.72 42.41 -5.61
C HIS B 343 19.11 42.22 -6.17
N PRO B 344 19.31 41.36 -7.16
CA PRO B 344 20.62 41.27 -7.81
C PRO B 344 20.77 42.37 -8.85
N VAL B 345 21.96 42.96 -8.90
CA VAL B 345 22.30 43.98 -9.88
C VAL B 345 23.56 43.49 -10.58
N PHE B 346 23.39 43.05 -11.82
CA PHE B 346 24.49 42.55 -12.61
C PHE B 346 25.14 43.73 -13.33
N LYS B 347 26.46 43.75 -13.32
CA LYS B 347 27.24 44.81 -13.92
C LYS B 347 28.32 44.15 -14.75
N ASP B 348 28.52 44.62 -15.98
CA ASP B 348 29.53 44.01 -16.83
C ASP B 348 30.93 44.51 -16.46
N GLY B 349 31.94 44.12 -17.25
CA GLY B 349 33.27 44.65 -17.05
C GLY B 349 33.43 46.08 -17.47
N GLU B 350 32.51 46.59 -18.29
CA GLU B 350 32.48 47.99 -18.68
C GLU B 350 31.66 48.85 -17.74
N GLY B 351 31.14 48.29 -16.65
CA GLY B 351 30.34 49.05 -15.72
C GLY B 351 29.00 49.46 -16.29
N ARG B 352 28.26 48.50 -16.83
CA ARG B 352 26.94 48.75 -17.37
C ARG B 352 25.91 47.88 -16.67
N GLU B 353 24.80 48.49 -16.28
CA GLU B 353 23.65 47.84 -15.67
C GLU B 353 23.09 46.74 -16.55
N LEU B 354 23.18 45.49 -16.12
CA LEU B 354 22.65 44.40 -16.89
C LEU B 354 21.41 43.81 -16.23
N THR B 355 20.46 43.40 -17.06
CA THR B 355 19.21 42.80 -16.60
C THR B 355 19.07 41.42 -17.23
N VAL B 356 18.79 40.43 -16.41
CA VAL B 356 18.53 39.09 -16.94
C VAL B 356 17.09 39.04 -17.44
N ARG B 357 16.91 38.59 -18.68
CA ARG B 357 15.58 38.35 -19.22
C ARG B 357 14.86 37.30 -18.39
N ARG B 358 13.74 37.68 -17.80
CA ARG B 358 12.99 36.75 -16.98
C ARG B 358 12.31 35.72 -17.85
N MET B 359 11.99 34.61 -17.26
CA MET B 359 11.44 33.69 -18.22
C MET B 359 9.92 33.77 -18.21
N PRO B 360 9.29 33.52 -19.35
CA PRO B 360 7.83 33.59 -19.40
C PRO B 360 7.17 32.41 -18.73
N ASN B 361 5.84 32.40 -18.69
CA ASN B 361 5.13 31.24 -18.17
C ASN B 361 5.24 30.04 -19.10
N PHE B 362 5.43 30.26 -20.40
CA PHE B 362 5.44 29.17 -21.36
C PHE B 362 6.64 28.26 -21.20
N PHE B 363 7.79 28.80 -20.84
CA PHE B 363 9.04 28.08 -20.98
C PHE B 363 9.33 27.22 -19.77
N GLU B 364 9.62 25.94 -20.03
CA GLU B 364 10.08 25.05 -18.97
C GLU B 364 11.51 25.39 -18.56
N ASN B 365 12.36 25.71 -19.53
CA ASN B 365 13.67 26.27 -19.28
C ASN B 365 13.94 27.32 -20.34
N PHE B 366 14.79 28.27 -20.00
CA PHE B 366 14.96 29.49 -20.75
C PHE B 366 16.43 29.84 -20.88
N PRO B 367 16.86 30.33 -22.03
CA PRO B 367 18.23 30.85 -22.16
C PRO B 367 18.45 32.07 -21.28
N VAL B 368 19.45 32.00 -20.42
CA VAL B 368 19.82 33.11 -19.54
C VAL B 368 20.64 34.09 -20.37
N VAL B 369 20.07 35.24 -20.70
CA VAL B 369 20.72 36.25 -21.52
C VAL B 369 20.59 37.58 -20.80
N LEU B 370 21.72 38.29 -20.65
CA LEU B 370 21.77 39.54 -19.91
C LEU B 370 21.85 40.72 -20.86
N PHE B 371 20.88 41.62 -20.79
CA PHE B 371 20.76 42.77 -21.65
C PHE B 371 21.29 44.00 -20.94
N ASP B 372 21.07 45.18 -21.48
CA ASP B 372 21.43 46.40 -20.77
C ASP B 372 20.32 47.43 -20.93
N GLN B 373 20.63 48.68 -20.61
CA GLN B 373 19.69 49.78 -20.82
C GLN B 373 19.38 49.94 -22.30
N ASP B 374 20.39 49.75 -23.15
CA ASP B 374 20.14 49.75 -24.58
C ASP B 374 19.34 48.52 -25.00
N GLY B 375 19.44 47.42 -24.25
CA GLY B 375 18.79 46.19 -24.63
C GLY B 375 19.62 45.29 -25.51
N ILE B 376 20.87 45.58 -25.70
CA ILE B 376 21.76 44.73 -26.47
C ILE B 376 22.35 43.70 -25.54
N VAL B 377 22.59 42.50 -26.06
CA VAL B 377 23.08 41.40 -25.22
C VAL B 377 24.51 41.71 -24.81
N ARG B 378 24.78 41.58 -23.52
CA ARG B 378 26.11 41.84 -23.01
C ARG B 378 26.76 40.63 -22.36
N ALA B 379 25.98 39.70 -21.84
CA ALA B 379 26.50 38.43 -21.33
C ALA B 379 25.38 37.41 -21.40
N ASP B 380 25.75 36.14 -21.30
CA ASP B 380 24.80 35.03 -21.29
C ASP B 380 25.50 33.77 -20.83
N ILE B 381 24.73 32.72 -20.58
CA ILE B 381 25.26 31.43 -20.17
C ILE B 381 25.29 30.56 -21.42
N PRO B 382 26.45 30.33 -22.02
CA PRO B 382 26.50 29.83 -23.40
C PRO B 382 26.05 28.39 -23.54
N PHE B 383 25.85 28.00 -24.80
CA PHE B 383 25.70 26.61 -25.18
C PHE B 383 26.80 26.12 -26.10
N ARG B 384 27.06 26.84 -27.19
CA ARG B 384 28.06 26.38 -28.15
C ARG B 384 29.47 26.57 -27.63
N GLN B 385 29.70 27.68 -26.90
CA GLN B 385 30.94 28.03 -26.19
C GLN B 385 32.22 27.81 -26.98
N ALA B 386 32.16 28.00 -28.29
CA ALA B 386 33.33 27.90 -29.15
C ALA B 386 33.46 29.09 -30.09
N GLU B 387 32.37 29.81 -30.35
CA GLU B 387 32.41 31.14 -30.95
C GLU B 387 31.68 32.14 -30.06
N SER B 388 31.56 31.82 -28.77
CA SER B 388 30.76 32.60 -27.83
C SER B 388 31.49 33.87 -27.44
N LYS B 389 31.21 34.96 -28.17
CA LYS B 389 31.79 36.25 -27.86
C LYS B 389 31.31 36.81 -26.52
N TYR B 390 30.11 36.43 -26.09
CA TYR B 390 29.55 36.82 -24.81
C TYR B 390 29.86 35.75 -23.77
N GLY B 391 29.26 35.86 -22.60
CA GLY B 391 29.58 34.95 -21.53
C GLY B 391 29.94 35.66 -20.25
N ILE B 392 29.64 35.04 -19.10
CA ILE B 392 29.94 35.66 -17.81
C ILE B 392 31.43 35.90 -17.64
N GLU B 393 32.22 34.83 -17.67
CA GLU B 393 33.65 34.96 -17.41
C GLU B 393 34.40 35.69 -18.51
N GLN B 394 33.94 35.64 -19.76
CA GLN B 394 34.62 36.39 -20.81
C GLN B 394 34.37 37.89 -20.68
N THR B 395 33.22 38.28 -20.14
CA THR B 395 32.92 39.69 -19.95
C THR B 395 33.12 40.16 -18.52
N GLY B 396 33.30 39.24 -17.57
CA GLY B 396 33.51 39.60 -16.19
C GLY B 396 32.33 40.29 -15.56
N VAL B 397 31.20 39.60 -15.51
CA VAL B 397 29.99 40.16 -14.95
C VAL B 397 29.98 39.91 -13.45
N THR B 398 29.69 40.95 -12.68
CA THR B 398 29.63 40.87 -11.24
C THR B 398 28.22 41.14 -10.78
N VAL B 399 27.75 40.37 -9.81
CA VAL B 399 26.42 40.57 -9.26
C VAL B 399 26.59 41.18 -7.87
N SER B 400 25.83 42.23 -7.61
CA SER B 400 25.81 42.88 -6.30
C SER B 400 24.37 42.93 -5.82
N PHE B 401 24.15 42.53 -4.59
CA PHE B 401 22.79 42.47 -4.08
C PHE B 401 22.47 43.69 -3.22
N TYR B 402 21.26 44.20 -3.41
CA TYR B 402 20.69 45.22 -2.52
C TYR B 402 19.49 44.64 -1.80
N GLY B 403 19.40 44.84 -0.51
CA GLY B 403 18.29 44.30 0.24
C GLY B 403 18.51 42.85 0.58
N GLY B 404 17.60 42.32 1.39
CA GLY B 404 17.58 40.90 1.66
C GLY B 404 18.78 40.41 2.46
N GLU B 405 19.09 39.12 2.28
CA GLU B 405 20.16 38.50 3.03
C GLU B 405 21.55 38.85 2.51
N LEU B 406 21.67 39.22 1.24
CA LEU B 406 22.97 39.53 0.67
C LEU B 406 23.16 41.03 0.45
N ASP B 407 22.48 41.86 1.23
CA ASP B 407 22.64 43.32 1.22
C ASP B 407 24.06 43.81 1.31
N GLY B 408 24.55 44.40 0.23
CA GLY B 408 25.89 44.93 0.15
C GLY B 408 26.90 43.96 -0.42
N GLN B 409 26.60 42.67 -0.42
CA GLN B 409 27.55 41.67 -0.88
C GLN B 409 27.69 41.75 -2.40
N THR B 410 28.92 41.52 -2.87
CA THR B 410 29.23 41.47 -4.28
C THR B 410 29.89 40.14 -4.57
N PHE B 411 29.53 39.54 -5.70
CA PHE B 411 30.11 38.29 -6.14
C PHE B 411 30.69 38.52 -7.52
N SER B 412 31.86 37.94 -7.78
CA SER B 412 32.49 38.05 -9.08
C SER B 412 32.99 36.71 -9.62
N ASP B 413 32.86 35.64 -8.84
CA ASP B 413 33.28 34.33 -9.30
C ASP B 413 32.37 33.88 -10.45
N PRO B 414 32.92 33.26 -11.51
CA PRO B 414 32.06 32.77 -12.60
C PRO B 414 30.99 31.79 -12.17
N LYS B 415 31.30 30.89 -11.23
CA LYS B 415 30.29 29.97 -10.72
C LYS B 415 29.17 30.71 -10.01
N ASP B 416 29.52 31.71 -9.21
CA ASP B 416 28.51 32.39 -8.40
C ASP B 416 27.65 33.32 -9.24
N VAL B 417 28.25 34.02 -10.21
CA VAL B 417 27.47 34.86 -11.09
C VAL B 417 26.62 34.01 -12.02
N LYS B 418 27.14 32.88 -12.48
CA LYS B 418 26.38 31.95 -13.30
C LYS B 418 25.23 31.31 -12.53
N LYS B 419 25.33 31.19 -11.22
CA LYS B 419 24.21 30.72 -10.43
C LYS B 419 23.17 31.80 -10.16
N TYR B 420 23.61 32.99 -9.77
CA TYR B 420 22.64 34.01 -9.46
C TYR B 420 22.00 34.61 -10.70
N ALA B 421 22.61 34.48 -11.88
CA ALA B 421 21.91 34.84 -13.10
C ALA B 421 20.84 33.82 -13.47
N ARG B 422 20.97 32.57 -13.01
CA ARG B 422 19.87 31.62 -13.17
C ARG B 422 18.74 31.97 -12.21
N ARG B 423 19.08 32.31 -10.97
CA ARG B 423 18.00 32.69 -10.06
C ARG B 423 17.42 34.06 -10.37
N ALA B 424 18.12 34.91 -11.10
CA ALA B 424 17.56 36.21 -11.43
C ALA B 424 16.51 36.13 -12.52
N GLN B 425 16.59 35.14 -13.42
CA GLN B 425 15.54 35.07 -14.43
C GLN B 425 14.24 34.50 -13.87
N LEU B 426 14.30 33.77 -12.78
CA LEU B 426 13.10 33.30 -12.11
C LEU B 426 12.44 34.36 -11.26
N GLY B 427 12.86 35.61 -11.35
CA GLY B 427 12.27 36.70 -10.59
C GLY B 427 13.17 37.22 -9.50
N GLU B 428 12.61 37.54 -8.36
CA GLU B 428 13.42 37.91 -7.22
C GLU B 428 14.06 36.65 -6.65
N PRO B 429 15.37 36.62 -6.42
CA PRO B 429 16.02 35.40 -5.94
C PRO B 429 15.72 35.13 -4.49
N PHE B 430 15.48 33.85 -4.19
CA PHE B 430 15.12 33.40 -2.87
C PHE B 430 15.95 32.18 -2.55
N GLU B 431 16.14 31.94 -1.27
CA GLU B 431 16.87 30.75 -0.84
C GLU B 431 15.84 29.68 -0.50
N PHE B 432 16.01 28.49 -1.05
CA PHE B 432 15.04 27.43 -0.86
C PHE B 432 15.68 26.22 -0.19
N ASP B 433 15.06 25.78 0.89
CA ASP B 433 15.43 24.56 1.58
C ASP B 433 14.48 23.47 1.12
N ARG B 434 14.98 22.57 0.29
CA ARG B 434 14.19 21.43 -0.18
C ARG B 434 14.50 20.18 0.62
N SER B 435 14.49 20.28 1.94
CA SER B 435 14.77 19.12 2.76
C SER B 435 13.59 18.86 3.67
N VAL B 436 12.82 19.91 3.96
CA VAL B 436 11.68 19.77 4.84
C VAL B 436 10.58 18.95 4.19
N TYR B 437 10.31 19.18 2.91
CA TYR B 437 9.20 18.53 2.23
C TYR B 437 9.65 17.54 1.16
N ASP B 438 10.92 17.12 1.16
CA ASP B 438 11.52 16.23 0.15
C ASP B 438 11.24 16.76 -1.26
N SER B 439 11.50 18.04 -1.44
CA SER B 439 11.06 18.72 -2.65
C SER B 439 11.95 18.35 -3.83
N ASP B 440 11.33 17.96 -4.94
CA ASP B 440 12.04 17.43 -6.09
C ASP B 440 12.62 18.51 -6.99
N GLY B 441 12.19 19.75 -6.86
CA GLY B 441 12.76 20.82 -7.64
C GLY B 441 11.97 21.28 -8.83
N LEU B 442 10.84 20.64 -9.12
CA LEU B 442 10.04 20.94 -10.28
C LEU B 442 8.78 21.66 -9.84
N PHE B 443 8.48 22.77 -10.49
CA PHE B 443 7.44 23.69 -10.04
C PHE B 443 6.08 23.02 -10.06
N ARG B 444 5.21 23.45 -9.16
CA ARG B 444 3.86 22.94 -9.07
C ARG B 444 2.92 24.12 -9.05
N THR B 445 1.73 23.93 -9.62
CA THR B 445 0.77 25.01 -9.61
C THR B 445 0.17 25.18 -8.23
N SER B 446 -0.47 26.32 -8.02
CA SER B 446 -1.09 26.63 -6.74
C SER B 446 -2.46 25.97 -6.64
N ASN B 447 -3.14 26.23 -5.53
CA ASN B 447 -4.53 25.83 -5.40
C ASN B 447 -5.41 26.60 -6.37
N ARG B 448 -5.01 27.82 -6.74
CA ARG B 448 -5.70 28.57 -7.78
C ARG B 448 -5.69 27.83 -9.10
N GLY B 449 -4.53 27.32 -9.50
CA GLY B 449 -4.43 26.61 -10.76
C GLY B 449 -5.18 25.29 -10.76
N PHE B 450 -5.06 24.52 -9.68
CA PHE B 450 -5.74 23.23 -9.59
C PHE B 450 -7.24 23.40 -9.55
N PHE B 451 -7.74 24.41 -8.81
CA PHE B 451 -9.17 24.61 -8.78
C PHE B 451 -9.67 25.00 -10.14
N ALA B 452 -8.97 25.91 -10.82
CA ALA B 452 -9.41 26.37 -12.12
C ALA B 452 -9.44 25.23 -13.13
N PHE B 453 -8.42 24.39 -13.10
CA PHE B 453 -8.36 23.30 -14.05
C PHE B 453 -9.42 22.24 -13.78
N PHE B 454 -9.64 21.87 -12.51
CA PHE B 454 -10.69 20.92 -12.19
C PHE B 454 -12.06 21.47 -12.53
N HIS B 455 -12.33 22.73 -12.25
CA HIS B 455 -13.66 23.19 -12.51
C HIS B 455 -13.87 23.46 -14.00
N VAL B 456 -12.80 23.58 -14.79
CA VAL B 456 -12.95 23.56 -16.25
C VAL B 456 -13.30 22.17 -16.76
N ILE B 457 -12.66 21.13 -16.20
CA ILE B 457 -13.04 19.76 -16.55
C ILE B 457 -14.48 19.49 -16.16
N PHE B 458 -14.89 20.03 -15.01
CA PHE B 458 -16.26 19.90 -14.55
C PHE B 458 -17.22 20.63 -15.47
N GLY B 459 -16.84 21.83 -15.94
CA GLY B 459 -17.66 22.51 -16.92
C GLY B 459 -17.83 21.72 -18.20
N LEU B 460 -16.79 21.04 -18.64
CA LEU B 460 -16.87 20.33 -19.91
C LEU B 460 -17.76 19.10 -19.81
N LEU B 461 -17.57 18.29 -18.76
CA LEU B 461 -18.41 17.11 -18.60
C LEU B 461 -19.85 17.42 -18.24
N TRP B 462 -20.12 18.39 -17.38
CA TRP B 462 -21.44 18.98 -17.23
C TRP B 462 -22.02 19.66 -18.45
N PHE B 463 -21.22 20.15 -19.40
CA PHE B 463 -21.82 20.52 -20.68
C PHE B 463 -22.40 19.29 -21.36
N PHE B 464 -21.62 18.21 -21.39
CA PHE B 464 -22.13 16.99 -22.01
C PHE B 464 -23.31 16.41 -21.23
N GLY B 465 -23.28 16.47 -19.91
CA GLY B 465 -24.37 15.94 -19.11
C GLY B 465 -25.65 16.73 -19.29
N HIS B 466 -25.51 18.05 -19.38
CA HIS B 466 -26.61 18.90 -19.79
C HIS B 466 -27.21 18.48 -21.12
N ILE B 467 -26.36 18.29 -22.13
CA ILE B 467 -26.86 17.85 -23.43
C ILE B 467 -27.54 16.51 -23.34
N TRP B 468 -26.93 15.57 -22.61
CA TRP B 468 -27.48 14.24 -22.51
C TRP B 468 -28.86 14.27 -21.89
N HIS B 469 -29.02 15.02 -20.82
CA HIS B 469 -30.31 15.04 -20.17
C HIS B 469 -31.33 15.93 -20.84
N GLY B 470 -30.91 16.98 -21.55
CA GLY B 470 -31.88 17.72 -22.35
C GLY B 470 -32.42 16.88 -23.48
N LEU B 471 -31.54 16.16 -24.17
CA LEU B 471 -31.96 15.30 -25.25
C LEU B 471 -32.81 14.15 -24.75
N ARG B 472 -32.45 13.56 -23.61
CA ARG B 472 -33.28 12.54 -22.99
C ARG B 472 -34.63 13.08 -22.53
N ALA B 473 -34.68 14.31 -22.02
CA ALA B 473 -35.96 14.86 -21.58
C ALA B 473 -36.87 15.14 -22.77
N LEU B 474 -36.35 15.75 -23.83
CA LEU B 474 -37.21 16.00 -25.00
C LEU B 474 -37.58 14.71 -25.71
N PHE B 475 -36.60 13.87 -25.99
CA PHE B 475 -36.84 12.66 -26.78
C PHE B 475 -37.14 11.48 -25.89
N GLN B 476 -38.02 11.67 -24.90
CA GLN B 476 -38.40 10.58 -24.01
C GLN B 476 -39.24 9.54 -24.74
N ASP B 477 -40.05 9.97 -25.71
CA ASP B 477 -40.97 9.05 -26.37
C ASP B 477 -40.24 8.08 -27.27
N VAL B 478 -39.09 8.45 -27.79
CA VAL B 478 -38.41 7.64 -28.77
C VAL B 478 -37.12 7.04 -28.21
N PHE B 479 -36.93 7.01 -26.88
CA PHE B 479 -35.69 6.45 -26.34
C PHE B 479 -35.50 4.98 -26.67
N SER B 480 -36.54 4.16 -26.50
CA SER B 480 -36.39 2.74 -26.78
C SER B 480 -36.26 2.46 -28.25
N GLY B 481 -36.68 3.39 -29.09
CA GLY B 481 -36.66 3.20 -30.52
C GLY B 481 -37.70 4.08 -31.16
N ILE B 482 -37.66 4.13 -32.48
CA ILE B 482 -38.47 5.12 -33.16
C ILE B 482 -39.91 4.63 -33.35
N ASP B 483 -40.13 3.63 -34.20
CA ASP B 483 -41.39 3.00 -34.63
C ASP B 483 -41.07 1.78 -35.48
N PRO B 484 -41.91 0.73 -35.45
CA PRO B 484 -41.81 -0.39 -36.38
C PRO B 484 -42.05 0.02 -37.82
N PRO C 28 -25.21 -7.71 -77.41
CA PRO C 28 -23.93 -8.33 -77.07
C PRO C 28 -23.60 -8.18 -75.60
N GLY C 29 -22.32 -8.11 -75.24
CA GLY C 29 -21.91 -8.05 -73.86
C GLY C 29 -21.21 -6.76 -73.49
N TYR C 30 -21.76 -5.63 -73.93
CA TYR C 30 -21.10 -4.34 -73.81
C TYR C 30 -21.74 -3.44 -72.77
N ASP C 31 -22.89 -3.81 -72.22
CA ASP C 31 -23.50 -3.04 -71.16
C ASP C 31 -23.32 -3.77 -69.85
N GLU C 32 -23.94 -3.23 -68.80
CA GLU C 32 -23.88 -3.89 -67.51
C GLU C 32 -24.84 -5.08 -67.45
N ALA C 33 -26.03 -4.93 -68.05
CA ALA C 33 -27.08 -5.93 -67.89
C ALA C 33 -26.74 -7.26 -68.56
N THR C 34 -26.15 -7.21 -69.74
CA THR C 34 -25.81 -8.44 -70.45
C THR C 34 -24.38 -8.90 -70.18
N SER C 35 -23.63 -8.18 -69.35
CA SER C 35 -22.33 -8.64 -68.89
C SER C 35 -22.28 -8.95 -67.41
N GLY C 36 -23.02 -8.21 -66.59
CA GLY C 36 -22.86 -8.30 -65.16
C GLY C 36 -21.89 -7.31 -64.58
N TYR C 37 -21.21 -6.52 -65.40
CA TYR C 37 -20.16 -5.61 -64.95
C TYR C 37 -20.57 -4.18 -65.20
N ALA C 38 -20.47 -3.36 -64.16
CA ALA C 38 -20.77 -1.94 -64.25
C ALA C 38 -19.79 -1.22 -65.18
N TRP C 39 -20.04 0.07 -65.39
CA TRP C 39 -19.16 0.87 -66.22
C TRP C 39 -17.76 0.96 -65.63
N TRP C 40 -17.65 1.05 -64.31
CA TRP C 40 -16.37 1.24 -63.65
C TRP C 40 -15.58 -0.04 -63.52
N ALA C 41 -16.18 -1.17 -63.82
CA ALA C 41 -15.48 -2.42 -63.92
C ALA C 41 -15.73 -2.98 -65.30
N GLY C 42 -15.60 -2.14 -66.32
CA GLY C 42 -16.01 -2.52 -67.66
C GLY C 42 -15.00 -3.29 -68.49
N ASN C 43 -13.72 -3.20 -68.17
CA ASN C 43 -12.78 -4.06 -68.86
C ASN C 43 -12.92 -5.50 -68.42
N ALA C 44 -13.59 -5.74 -67.29
CA ALA C 44 -14.01 -7.09 -66.92
C ALA C 44 -15.00 -7.66 -67.90
N ARG C 45 -15.64 -6.84 -68.72
CA ARG C 45 -16.46 -7.35 -69.81
C ARG C 45 -15.63 -8.01 -70.89
N LEU C 46 -14.31 -7.85 -70.88
CA LEU C 46 -13.43 -8.56 -71.79
C LEU C 46 -12.90 -9.86 -71.21
N ILE C 47 -13.31 -10.22 -69.99
CA ILE C 47 -12.88 -11.49 -69.41
C ILE C 47 -13.45 -12.65 -70.21
N THR C 48 -14.71 -12.54 -70.62
CA THR C 48 -15.47 -13.66 -71.17
C THR C 48 -14.85 -14.16 -72.48
N PRO C 49 -14.77 -15.47 -72.69
CA PRO C 49 -13.92 -16.02 -73.76
C PRO C 49 -14.50 -15.90 -75.15
N GLU C 50 -15.70 -15.36 -75.32
CA GLU C 50 -16.16 -15.04 -76.66
C GLU C 50 -15.75 -13.65 -77.10
N LEU C 51 -15.34 -12.82 -76.15
CA LEU C 51 -14.84 -11.48 -76.44
C LEU C 51 -13.31 -11.46 -76.37
N THR C 52 -12.67 -12.23 -77.25
CA THR C 52 -11.22 -12.31 -77.28
C THR C 52 -10.59 -11.32 -78.24
N GLY C 53 -11.29 -10.97 -79.31
CA GLY C 53 -10.79 -9.96 -80.23
C GLY C 53 -10.67 -8.62 -79.53
N ARG C 54 -11.59 -8.33 -78.63
CA ARG C 54 -11.51 -7.09 -77.89
C ARG C 54 -10.40 -7.14 -76.84
N PHE C 55 -10.18 -8.32 -76.23
CA PHE C 55 -9.04 -8.52 -75.35
C PHE C 55 -7.73 -8.19 -76.05
N LEU C 56 -7.56 -8.73 -77.26
CA LEU C 56 -6.37 -8.42 -78.07
C LEU C 56 -6.31 -6.94 -78.43
N GLY C 57 -7.45 -6.32 -78.73
CA GLY C 57 -7.43 -4.90 -79.09
C GLY C 57 -7.03 -4.00 -77.94
N ALA C 58 -7.56 -4.28 -76.76
CA ALA C 58 -7.20 -3.51 -75.57
C ALA C 58 -5.72 -3.64 -75.29
N HIS C 59 -5.17 -4.81 -75.55
CA HIS C 59 -3.77 -5.02 -75.23
C HIS C 59 -2.84 -4.34 -76.21
N VAL C 60 -3.15 -4.45 -77.50
CA VAL C 60 -2.30 -3.84 -78.49
C VAL C 60 -2.37 -2.33 -78.39
N ALA C 61 -3.54 -1.77 -78.05
CA ALA C 61 -3.63 -0.32 -77.86
C ALA C 61 -2.93 0.14 -76.60
N HIS C 62 -2.95 -0.68 -75.54
CA HIS C 62 -2.20 -0.32 -74.35
C HIS C 62 -0.70 -0.34 -74.60
N ALA C 63 -0.23 -1.34 -75.34
CA ALA C 63 1.17 -1.41 -75.70
C ALA C 63 1.57 -0.23 -76.56
N GLY C 64 0.67 0.20 -77.44
CA GLY C 64 0.90 1.44 -78.16
C GLY C 64 1.02 2.63 -77.26
N LEU C 65 0.20 2.69 -76.21
CA LEU C 65 0.30 3.83 -75.29
C LEU C 65 1.62 3.82 -74.54
N VAL C 66 2.09 2.62 -74.19
CA VAL C 66 3.39 2.47 -73.53
C VAL C 66 4.51 2.96 -74.45
N ALA C 67 4.46 2.57 -75.73
CA ALA C 67 5.46 3.08 -76.68
C ALA C 67 5.27 4.56 -76.99
N LEU C 68 4.05 5.08 -76.88
CA LEU C 68 3.79 6.50 -77.05
C LEU C 68 4.50 7.32 -75.99
N TRP C 69 4.36 6.90 -74.74
CA TRP C 69 5.11 7.55 -73.66
C TRP C 69 6.60 7.37 -73.85
N ALA C 70 7.04 6.16 -74.22
CA ALA C 70 8.46 5.89 -74.41
C ALA C 70 9.08 6.79 -75.47
N GLY C 71 8.33 7.11 -76.51
CA GLY C 71 8.82 8.06 -77.48
C GLY C 71 8.74 9.49 -77.00
N GLY C 72 7.56 9.90 -76.57
CA GLY C 72 7.31 11.31 -76.30
C GLY C 72 8.06 11.84 -75.10
N MET C 73 8.16 11.04 -74.03
CA MET C 73 8.86 11.48 -72.84
C MET C 73 10.35 11.60 -73.09
N LEU C 74 10.92 10.68 -73.89
CA LEU C 74 12.31 10.81 -74.28
C LEU C 74 12.53 12.03 -75.15
N LEU C 75 11.63 12.30 -76.09
CA LEU C 75 11.77 13.50 -76.89
C LEU C 75 11.61 14.75 -76.05
N PHE C 76 10.77 14.69 -75.01
CA PHE C 76 10.64 15.79 -74.07
C PHE C 76 11.94 16.02 -73.30
N GLU C 77 12.57 14.93 -72.87
CA GLU C 77 13.86 15.03 -72.19
C GLU C 77 14.93 15.60 -73.11
N VAL C 78 14.95 15.18 -74.36
CA VAL C 78 15.92 15.69 -75.33
C VAL C 78 15.68 17.18 -75.62
N SER C 79 14.42 17.57 -75.76
CA SER C 79 14.08 18.93 -76.13
C SER C 79 14.40 19.93 -75.03
N HIS C 80 14.47 19.49 -73.78
CA HIS C 80 14.87 20.36 -72.68
C HIS C 80 16.20 19.92 -72.07
N PHE C 81 17.13 19.44 -72.87
CA PHE C 81 18.40 18.96 -72.35
C PHE C 81 19.45 20.06 -72.52
N ASN C 82 20.02 20.48 -71.39
CA ASN C 82 21.13 21.43 -71.37
C ASN C 82 22.41 20.63 -71.18
N LEU C 83 23.36 20.81 -72.11
CA LEU C 83 24.58 20.00 -72.09
C LEU C 83 25.52 20.37 -70.95
N SER C 84 25.35 21.55 -70.35
CA SER C 84 26.19 21.94 -69.23
C SER C 84 25.94 21.07 -68.01
N LYS C 85 24.70 20.91 -67.64
CA LYS C 85 24.35 20.05 -66.53
C LYS C 85 24.42 18.60 -66.98
N PRO C 86 24.97 17.68 -66.15
CA PRO C 86 25.46 16.40 -66.68
C PRO C 86 24.44 15.47 -67.33
N MET C 87 23.62 14.77 -66.56
CA MET C 87 22.36 14.26 -67.09
C MET C 87 21.33 14.21 -65.98
N TYR C 88 21.79 14.00 -64.76
CA TYR C 88 20.87 13.71 -63.68
C TYR C 88 20.36 14.97 -63.00
N GLU C 89 20.96 16.12 -63.29
CA GLU C 89 20.36 17.37 -62.83
C GLU C 89 19.19 17.81 -63.67
N GLN C 90 19.07 17.30 -64.89
CA GLN C 90 17.99 17.70 -65.78
C GLN C 90 16.66 17.09 -65.38
N GLY C 91 16.67 16.07 -64.52
CA GLY C 91 15.45 15.35 -64.22
C GLY C 91 15.06 14.35 -65.28
N CYS C 92 16.04 13.84 -66.03
CA CYS C 92 15.78 12.82 -67.04
C CYS C 92 15.76 11.44 -66.40
N ILE C 93 14.92 10.55 -66.94
CA ILE C 93 14.90 9.15 -66.53
C ILE C 93 15.04 8.19 -67.68
N LEU C 94 14.85 8.61 -68.92
CA LEU C 94 15.00 7.74 -70.07
C LEU C 94 16.31 7.93 -70.79
N MET C 95 16.82 9.16 -70.84
CA MET C 95 18.21 9.44 -71.20
C MET C 95 19.21 8.55 -70.47
N PRO C 96 19.14 8.34 -69.14
CA PRO C 96 20.14 7.45 -68.52
C PRO C 96 20.02 6.01 -68.93
N HIS C 97 18.82 5.51 -69.22
CA HIS C 97 18.65 4.13 -69.65
C HIS C 97 19.30 3.89 -70.99
N ILE C 98 19.18 4.84 -71.91
CA ILE C 98 19.84 4.73 -73.20
C ILE C 98 21.34 4.90 -73.08
N ALA C 99 21.77 5.85 -72.25
CA ALA C 99 23.19 6.09 -72.09
C ALA C 99 23.89 4.89 -71.47
N THR C 100 23.18 4.17 -70.59
CA THR C 100 23.72 2.95 -69.99
C THR C 100 24.02 1.90 -71.06
N LEU C 101 23.25 1.88 -72.13
CA LEU C 101 23.45 0.94 -73.22
C LEU C 101 24.57 1.34 -74.17
N GLY C 102 25.38 2.34 -73.83
CA GLY C 102 26.49 2.68 -74.68
C GLY C 102 26.09 3.39 -75.95
N ILE C 103 24.90 3.97 -75.98
CA ILE C 103 24.37 4.66 -77.15
C ILE C 103 24.34 6.14 -76.82
N GLY C 104 24.94 6.95 -77.69
CA GLY C 104 25.00 8.38 -77.50
C GLY C 104 26.18 8.88 -76.68
N VAL C 105 26.64 8.09 -75.71
CA VAL C 105 27.66 8.55 -74.78
C VAL C 105 28.98 7.80 -75.03
N GLY C 106 30.06 8.42 -74.56
CA GLY C 106 31.37 7.81 -74.58
C GLY C 106 32.08 7.93 -73.24
N GLN C 107 33.32 8.42 -73.29
CA GLN C 107 34.21 8.44 -72.12
C GLN C 107 33.63 9.28 -71.00
N SER C 108 33.62 8.71 -69.80
CA SER C 108 33.08 9.33 -68.58
C SER C 108 31.63 9.77 -68.73
N GLY C 109 30.89 9.09 -69.60
CA GLY C 109 29.49 9.40 -69.82
C GLY C 109 29.24 10.79 -70.36
N GLU C 110 30.07 11.23 -71.30
CA GLU C 110 29.84 12.51 -71.97
C GLU C 110 28.96 12.27 -73.18
N ILE C 111 27.92 13.08 -73.34
CA ILE C 111 27.03 12.96 -74.47
C ILE C 111 27.79 13.35 -75.73
N THR C 112 28.06 12.36 -76.58
CA THR C 112 28.73 12.63 -77.84
C THR C 112 27.78 13.25 -78.86
N SER C 113 26.54 12.79 -78.89
CA SER C 113 25.57 13.30 -79.83
C SER C 113 24.17 13.19 -79.23
N MET C 114 23.33 14.16 -79.56
CA MET C 114 21.92 14.16 -79.17
C MET C 114 21.02 13.50 -80.20
N PHE C 115 21.57 13.04 -81.31
CA PHE C 115 20.80 12.38 -82.36
C PHE C 115 20.38 10.94 -82.04
N PRO C 116 21.21 10.08 -81.40
CA PRO C 116 20.68 8.75 -81.05
C PRO C 116 19.48 8.77 -80.11
N PHE C 117 19.47 9.67 -79.14
CA PHE C 117 18.31 9.78 -78.25
C PHE C 117 17.07 10.19 -79.04
N PHE C 118 17.24 11.07 -80.01
CA PHE C 118 16.13 11.48 -80.87
C PHE C 118 15.66 10.32 -81.76
N ALA C 119 16.61 9.51 -82.25
CA ALA C 119 16.26 8.37 -83.11
C ALA C 119 15.44 7.33 -82.35
N ILE C 120 15.89 6.96 -81.16
CA ILE C 120 15.06 6.11 -80.30
C ILE C 120 13.73 6.75 -79.89
N GLY C 121 13.69 8.07 -79.67
CA GLY C 121 12.43 8.72 -79.35
C GLY C 121 11.44 8.78 -80.49
N VAL C 122 11.93 8.71 -81.72
CA VAL C 122 11.03 8.69 -82.87
C VAL C 122 10.69 7.25 -83.29
N ALA C 123 11.66 6.34 -83.09
CA ALA C 123 11.45 4.91 -83.41
C ALA C 123 10.33 4.38 -82.50
N HIS C 124 10.23 4.94 -81.29
CA HIS C 124 9.18 4.55 -80.31
C HIS C 124 7.84 5.14 -80.77
N LEU C 125 7.85 6.38 -81.28
CA LEU C 125 6.63 6.99 -81.78
C LEU C 125 6.05 6.21 -82.94
N ILE C 126 6.90 5.78 -83.87
CA ILE C 126 6.45 4.98 -85.01
C ILE C 126 5.88 3.64 -84.54
N GLY C 127 6.54 3.01 -83.58
CA GLY C 127 6.02 1.79 -82.99
C GLY C 127 4.69 2.01 -82.28
N SER C 128 4.56 3.13 -81.56
CA SER C 128 3.29 3.48 -80.95
C SER C 128 2.19 3.64 -81.97
N ALA C 129 2.51 4.26 -83.11
CA ALA C 129 1.52 4.42 -84.16
C ALA C 129 1.04 3.06 -84.68
N VAL C 130 1.98 2.17 -84.99
CA VAL C 130 1.63 0.85 -85.53
C VAL C 130 0.82 0.04 -84.52
N LEU C 131 1.26 0.05 -83.26
CA LEU C 131 0.53 -0.65 -82.20
C LEU C 131 -0.79 0.01 -81.88
N GLY C 132 -0.91 1.33 -82.05
CA GLY C 132 -2.20 1.96 -81.86
C GLY C 132 -3.19 1.58 -82.93
N ILE C 133 -2.72 1.47 -84.19
CA ILE C 133 -3.60 1.00 -85.25
C ILE C 133 -4.07 -0.42 -85.00
N GLY C 134 -3.17 -1.29 -84.54
CA GLY C 134 -3.60 -2.64 -84.20
C GLY C 134 -4.59 -2.69 -83.05
N GLY C 135 -4.37 -1.87 -82.03
CA GLY C 135 -5.30 -1.82 -80.93
C GLY C 135 -6.65 -1.24 -81.30
N MET C 136 -6.66 -0.27 -82.22
CA MET C 136 -7.93 0.25 -82.70
C MET C 136 -8.64 -0.74 -83.61
N TYR C 137 -7.88 -1.53 -84.36
CA TYR C 137 -8.50 -2.52 -85.24
C TYR C 137 -9.18 -3.61 -84.45
N HIS C 138 -8.48 -4.19 -83.48
CA HIS C 138 -9.16 -5.30 -82.81
C HIS C 138 -10.15 -4.85 -81.76
N ALA C 139 -10.33 -3.55 -81.56
CA ALA C 139 -11.35 -3.08 -80.64
C ALA C 139 -12.49 -2.33 -81.32
N ILE C 140 -12.33 -1.88 -82.57
CA ILE C 140 -13.40 -1.14 -83.22
C ILE C 140 -13.94 -1.91 -84.42
N LYS C 141 -13.06 -2.63 -85.13
CA LYS C 141 -13.46 -3.17 -86.43
C LYS C 141 -13.15 -4.64 -86.62
N GLY C 142 -12.13 -5.19 -85.97
CA GLY C 142 -11.74 -6.54 -86.22
C GLY C 142 -12.70 -7.54 -85.60
N PRO C 143 -12.42 -8.83 -85.80
CA PRO C 143 -13.37 -9.87 -85.37
C PRO C 143 -13.48 -9.94 -83.86
N GLU C 144 -14.71 -9.87 -83.38
CA GLU C 144 -15.00 -9.81 -81.95
C GLU C 144 -14.57 -11.08 -81.23
N LYS C 145 -14.52 -12.20 -81.93
CA LYS C 145 -14.13 -13.48 -81.37
C LYS C 145 -13.03 -14.08 -82.23
N LEU C 146 -11.95 -14.53 -81.61
CA LEU C 146 -10.79 -15.03 -82.32
C LEU C 146 -10.97 -16.52 -82.63
N TYR C 147 -10.22 -16.99 -83.63
CA TYR C 147 -10.45 -18.34 -84.13
C TYR C 147 -9.17 -18.89 -84.74
N GLY C 148 -9.31 -20.06 -85.38
CA GLY C 148 -8.18 -20.75 -86.03
C GLY C 148 -7.18 -21.27 -85.01
N PHE C 149 -6.04 -20.58 -84.87
CA PHE C 149 -5.00 -20.99 -83.90
C PHE C 149 -4.87 -19.88 -82.84
N PHE C 150 -5.72 -18.86 -82.93
CA PHE C 150 -5.68 -17.76 -81.98
C PHE C 150 -6.84 -17.77 -81.00
N GLN C 151 -7.80 -18.68 -81.18
CA GLN C 151 -8.88 -18.85 -80.22
C GLN C 151 -8.33 -19.48 -78.97
N PHE C 152 -8.32 -18.72 -77.89
CA PHE C 152 -8.01 -19.27 -76.60
C PHE C 152 -9.22 -19.15 -75.70
N ASP C 153 -9.42 -20.17 -74.88
CA ASP C 153 -10.30 -20.09 -73.73
C ASP C 153 -9.42 -20.13 -72.50
N TRP C 154 -9.83 -19.40 -71.47
CA TRP C 154 -9.09 -19.39 -70.22
C TRP C 154 -9.04 -20.75 -69.56
N THR C 155 -10.06 -21.57 -69.77
CA THR C 155 -10.08 -22.94 -69.27
C THR C 155 -9.37 -23.91 -70.19
N ASP C 156 -9.00 -23.50 -71.41
CA ASP C 156 -8.25 -24.34 -72.33
C ASP C 156 -6.79 -24.20 -71.94
N ARG C 157 -6.35 -25.04 -71.01
CA ARG C 157 -5.08 -24.83 -70.33
C ARG C 157 -3.89 -25.18 -71.18
N ALA C 158 -4.02 -26.13 -72.10
CA ALA C 158 -2.94 -26.39 -73.05
C ALA C 158 -2.70 -25.20 -73.96
N LYS C 159 -3.77 -24.55 -74.42
CA LYS C 159 -3.62 -23.39 -75.29
C LYS C 159 -3.05 -22.19 -74.55
N VAL C 160 -3.51 -21.95 -73.34
CA VAL C 160 -3.02 -20.80 -72.60
C VAL C 160 -1.57 -21.02 -72.17
N ALA C 161 -1.20 -22.26 -71.83
CA ALA C 161 0.20 -22.56 -71.58
C ALA C 161 1.02 -22.42 -72.86
N GLN C 162 0.44 -22.73 -74.01
CA GLN C 162 1.17 -22.56 -75.25
C GLN C 162 1.43 -21.09 -75.56
N ILE C 163 0.46 -20.22 -75.26
CA ILE C 163 0.67 -18.78 -75.42
C ILE C 163 1.69 -18.24 -74.42
N LEU C 164 1.62 -18.73 -73.17
CA LEU C 164 2.68 -18.52 -72.19
C LEU C 164 4.04 -18.92 -72.73
N GLY C 165 4.11 -20.06 -73.42
CA GLY C 165 5.37 -20.53 -73.94
C GLY C 165 5.91 -19.68 -75.06
N PHE C 166 5.04 -19.21 -75.96
CA PHE C 166 5.51 -18.27 -76.97
C PHE C 166 6.03 -16.99 -76.32
N HIS C 167 5.35 -16.51 -75.29
CA HIS C 167 5.81 -15.28 -74.64
C HIS C 167 7.16 -15.47 -73.94
N ILE C 168 7.34 -16.62 -73.27
CA ILE C 168 8.63 -16.97 -72.68
C ILE C 168 9.73 -17.13 -73.74
N ALA C 169 9.42 -17.73 -74.90
CA ALA C 169 10.45 -17.88 -75.91
C ALA C 169 10.85 -16.54 -76.52
N ILE C 170 9.89 -15.67 -76.77
CA ILE C 170 10.19 -14.36 -77.33
C ILE C 170 10.93 -13.50 -76.30
N LEU C 171 10.58 -13.64 -75.03
CA LEU C 171 11.30 -12.93 -73.98
C LEU C 171 12.74 -13.41 -73.86
N GLY C 172 12.96 -14.71 -73.96
CA GLY C 172 14.31 -15.22 -73.95
C GLY C 172 15.13 -14.77 -75.15
N ILE C 173 14.50 -14.64 -76.32
CA ILE C 173 15.33 -14.24 -77.44
C ILE C 173 15.62 -12.74 -77.37
N PHE C 174 14.74 -11.93 -76.75
CA PHE C 174 15.16 -10.56 -76.42
C PHE C 174 16.30 -10.52 -75.40
N ALA C 175 16.27 -11.37 -74.37
CA ALA C 175 17.34 -11.34 -73.37
C ALA C 175 18.68 -11.77 -73.96
N LEU C 176 18.67 -12.83 -74.78
CA LEU C 176 19.88 -13.22 -75.49
C LEU C 176 20.31 -12.17 -76.51
N LEU C 177 19.38 -11.45 -77.12
CA LEU C 177 19.78 -10.44 -78.10
C LEU C 177 20.43 -9.25 -77.41
N PHE C 178 19.92 -8.87 -76.24
CA PHE C 178 20.57 -7.86 -75.42
C PHE C 178 21.96 -8.29 -74.99
N ALA C 179 22.10 -9.55 -74.57
CA ALA C 179 23.42 -10.06 -74.21
C ALA C 179 24.37 -10.08 -75.41
N ALA C 180 23.86 -10.41 -76.60
CA ALA C 180 24.70 -10.41 -77.79
C ALA C 180 25.16 -9.01 -78.14
N LYS C 181 24.26 -8.02 -78.04
CA LYS C 181 24.63 -6.63 -78.27
C LYS C 181 25.64 -6.15 -77.25
N ALA C 182 25.46 -6.51 -75.98
CA ALA C 182 26.46 -6.17 -74.97
C ALA C 182 27.79 -6.83 -75.27
N MET C 183 27.78 -7.99 -75.91
CA MET C 183 29.01 -8.66 -76.27
C MET C 183 29.54 -8.32 -77.66
N TYR C 184 28.69 -8.02 -78.63
CA TYR C 184 29.24 -7.86 -79.96
C TYR C 184 29.14 -6.46 -80.54
N TRP C 185 27.92 -5.95 -80.71
CA TRP C 185 27.72 -4.64 -81.33
C TRP C 185 27.74 -3.53 -80.30
N GLY C 186 28.65 -2.57 -80.49
CA GLY C 186 28.75 -1.48 -79.54
C GLY C 186 29.28 -1.90 -78.19
N GLY C 187 28.40 -2.03 -77.20
CA GLY C 187 28.78 -2.37 -75.85
C GLY C 187 27.87 -1.71 -74.83
N LEU C 188 28.17 -1.86 -73.54
CA LEU C 188 27.45 -1.11 -72.52
C LEU C 188 28.40 -0.15 -71.82
N TYR C 189 27.82 0.80 -71.10
CA TYR C 189 28.61 1.70 -70.28
C TYR C 189 29.07 0.94 -69.04
N ASP C 190 30.39 0.85 -68.88
CA ASP C 190 30.98 0.18 -67.73
C ASP C 190 31.45 1.26 -66.77
N PRO C 191 30.75 1.52 -65.66
CA PRO C 191 31.25 2.52 -64.71
C PRO C 191 32.51 2.10 -63.99
N TRP C 192 32.84 0.81 -64.02
CA TRP C 192 34.03 0.27 -63.37
C TRP C 192 35.20 0.14 -64.34
N ALA C 193 35.09 0.69 -65.53
CA ALA C 193 36.19 0.60 -66.48
C ALA C 193 37.37 1.41 -65.96
N PRO C 194 38.63 1.04 -66.34
CA PRO C 194 39.80 1.77 -65.83
C PRO C 194 39.76 3.27 -66.04
N GLY C 195 39.54 4.00 -64.94
CA GLY C 195 39.53 5.44 -64.92
C GLY C 195 38.23 5.97 -65.46
N GLY C 196 37.41 6.60 -64.62
CA GLY C 196 36.20 7.21 -65.14
C GLY C 196 35.12 6.20 -65.47
N GLY C 197 35.36 5.41 -66.51
CA GLY C 197 34.40 4.46 -67.03
C GLY C 197 33.93 4.78 -68.42
N ASP C 198 34.42 4.06 -69.41
CA ASP C 198 34.01 4.26 -70.79
C ASP C 198 33.12 3.11 -71.24
N VAL C 199 32.39 3.33 -72.34
CA VAL C 199 31.68 2.25 -73.00
C VAL C 199 32.65 1.18 -73.48
N ARG C 200 32.37 -0.08 -73.16
CA ARG C 200 33.19 -1.17 -73.64
C ARG C 200 32.33 -2.42 -73.83
N LEU C 201 32.60 -3.18 -74.88
CA LEU C 201 31.86 -4.39 -75.15
C LEU C 201 32.41 -5.55 -74.34
N VAL C 202 31.50 -6.28 -73.68
CA VAL C 202 31.84 -7.32 -72.73
C VAL C 202 32.28 -8.55 -73.53
N THR C 203 33.57 -8.85 -73.51
CA THR C 203 34.03 -10.01 -74.27
C THR C 203 33.87 -11.31 -73.50
N ASN C 204 34.01 -11.26 -72.18
CA ASN C 204 34.11 -12.47 -71.34
C ASN C 204 33.07 -12.40 -70.23
N PRO C 205 31.82 -12.72 -70.52
CA PRO C 205 30.80 -12.75 -69.48
C PRO C 205 30.98 -13.97 -68.57
N THR C 206 30.47 -13.85 -67.36
CA THR C 206 30.66 -14.86 -66.33
C THR C 206 29.68 -16.00 -66.56
N LEU C 207 30.16 -17.10 -67.14
CA LEU C 207 29.31 -18.25 -67.44
C LEU C 207 29.33 -19.31 -66.34
N ASP C 208 29.82 -18.98 -65.16
CA ASP C 208 29.89 -19.96 -64.08
C ASP C 208 28.53 -20.11 -63.45
N PRO C 209 27.94 -21.31 -63.42
CA PRO C 209 26.71 -21.51 -62.63
C PRO C 209 26.90 -21.26 -61.16
N ARG C 210 28.10 -21.46 -60.63
CA ARG C 210 28.33 -21.23 -59.21
C ARG C 210 28.23 -19.75 -58.89
N ILE C 211 28.74 -18.90 -59.78
CA ILE C 211 28.72 -17.47 -59.52
C ILE C 211 27.35 -16.89 -59.78
N ILE C 212 26.77 -17.17 -60.96
CA ILE C 212 25.55 -16.52 -61.41
C ILE C 212 24.37 -16.86 -60.51
N PHE C 213 24.20 -18.14 -60.21
CA PHE C 213 23.12 -18.54 -59.33
C PHE C 213 23.53 -18.48 -57.86
N GLY C 214 24.78 -18.10 -57.57
CA GLY C 214 25.14 -17.73 -56.23
C GLY C 214 24.63 -16.36 -55.83
N TYR C 215 24.22 -15.54 -56.80
CA TYR C 215 23.57 -14.28 -56.47
C TYR C 215 22.19 -14.53 -55.88
N LEU C 216 21.54 -15.60 -56.29
CA LEU C 216 20.20 -15.91 -55.83
C LEU C 216 20.17 -16.39 -54.39
N ILE C 217 21.29 -16.87 -53.86
CA ILE C 217 21.35 -17.36 -52.49
C ILE C 217 21.97 -16.37 -51.54
N LYS C 218 22.43 -15.22 -52.04
CA LYS C 218 22.92 -14.17 -51.16
C LYS C 218 21.75 -13.59 -50.38
N ARG C 219 21.99 -13.32 -49.10
CA ARG C 219 20.95 -12.77 -48.25
C ARG C 219 20.55 -11.40 -48.78
N PRO C 220 19.26 -11.04 -48.66
CA PRO C 220 18.83 -9.72 -49.11
C PRO C 220 19.23 -8.58 -48.20
N THR C 221 20.02 -8.86 -47.18
CA THR C 221 20.31 -7.92 -46.14
C THR C 221 21.56 -7.13 -46.49
N GLY C 222 21.90 -6.18 -45.61
CA GLY C 222 23.01 -5.31 -45.88
C GLY C 222 24.33 -6.05 -45.89
N GLY C 223 25.22 -5.58 -46.72
CA GLY C 223 26.45 -6.29 -46.98
C GLY C 223 26.36 -7.17 -48.18
N GLU C 224 25.35 -8.02 -48.23
CA GLU C 224 25.13 -8.87 -49.39
C GLU C 224 24.30 -8.18 -50.45
N GLY C 225 23.06 -7.85 -50.13
CA GLY C 225 22.24 -7.17 -51.10
C GLY C 225 21.89 -8.02 -52.29
N TRP C 226 20.99 -8.99 -52.08
CA TRP C 226 20.84 -10.27 -52.77
C TRP C 226 21.23 -10.31 -54.24
N ILE C 227 20.56 -9.59 -55.13
CA ILE C 227 21.01 -9.46 -56.50
C ILE C 227 21.28 -8.02 -56.88
N VAL C 228 21.03 -7.07 -55.98
CA VAL C 228 21.30 -5.67 -56.26
C VAL C 228 22.79 -5.39 -56.28
N SER C 229 23.58 -6.26 -55.66
CA SER C 229 25.02 -6.14 -55.60
C SER C 229 25.72 -6.80 -56.76
N VAL C 230 25.03 -7.04 -57.88
CA VAL C 230 25.75 -7.36 -59.09
C VAL C 230 26.51 -6.11 -59.52
N ASN C 231 27.81 -6.26 -59.72
CA ASN C 231 28.68 -5.10 -59.73
C ASN C 231 29.74 -5.16 -60.80
N ASN C 232 29.44 -5.81 -61.92
CA ASN C 232 30.33 -5.81 -63.07
C ASN C 232 29.48 -6.16 -64.27
N LEU C 233 30.02 -5.96 -65.47
CA LEU C 233 29.18 -6.28 -66.62
C LEU C 233 29.34 -7.72 -67.10
N GLU C 234 30.41 -8.41 -66.73
CA GLU C 234 30.50 -9.83 -67.02
C GLU C 234 29.43 -10.62 -66.29
N ASP C 235 29.24 -10.36 -64.99
CA ASP C 235 28.19 -11.04 -64.24
C ASP C 235 26.80 -10.72 -64.79
N ILE C 236 26.57 -9.45 -65.12
CA ILE C 236 25.30 -9.01 -65.67
C ILE C 236 25.01 -9.73 -66.98
N ILE C 237 25.96 -9.72 -67.89
CA ILE C 237 25.70 -10.31 -69.19
C ILE C 237 25.73 -11.84 -69.12
N GLY C 238 26.50 -12.44 -68.22
CA GLY C 238 26.48 -13.89 -68.07
C GLY C 238 25.16 -14.40 -67.50
N GLY C 239 24.63 -13.69 -66.51
CA GLY C 239 23.30 -13.99 -66.03
C GLY C 239 22.23 -13.77 -67.08
N HIS C 240 22.41 -12.78 -67.96
CA HIS C 240 21.44 -12.61 -69.02
C HIS C 240 21.54 -13.70 -70.08
N ILE C 241 22.75 -14.17 -70.38
CA ILE C 241 22.91 -15.31 -71.28
C ILE C 241 22.23 -16.54 -70.69
N TRP C 242 22.46 -16.79 -69.41
CA TRP C 242 21.80 -17.91 -68.74
C TRP C 242 20.28 -17.79 -68.76
N ILE C 243 19.75 -16.61 -68.45
CA ILE C 243 18.29 -16.55 -68.38
C ILE C 243 17.69 -16.53 -69.76
N GLY C 244 18.41 -16.04 -70.77
CA GLY C 244 17.92 -16.14 -72.12
C GLY C 244 17.81 -17.58 -72.57
N CYS C 245 18.83 -18.39 -72.27
CA CYS C 245 18.75 -19.80 -72.58
C CYS C 245 17.67 -20.50 -71.76
N ILE C 246 17.53 -20.13 -70.48
CA ILE C 246 16.54 -20.75 -69.62
C ILE C 246 15.13 -20.41 -70.10
N LEU C 247 14.93 -19.20 -70.61
CA LEU C 247 13.63 -18.83 -71.11
C LEU C 247 13.34 -19.44 -72.46
N ILE C 248 14.34 -19.59 -73.34
CA ILE C 248 14.11 -20.36 -74.57
C ILE C 248 13.68 -21.78 -74.21
N ALA C 249 14.35 -22.38 -73.23
CA ALA C 249 14.02 -23.75 -72.82
C ALA C 249 12.61 -23.84 -72.25
N GLY C 250 12.25 -22.92 -71.35
CA GLY C 250 10.91 -22.95 -70.76
C GLY C 250 9.81 -22.64 -71.75
N GLY C 251 10.07 -21.74 -72.69
CA GLY C 251 9.11 -21.49 -73.74
C GLY C 251 8.87 -22.70 -74.63
N ILE C 252 9.95 -23.38 -75.03
CA ILE C 252 9.78 -24.59 -75.84
C ILE C 252 9.08 -25.67 -75.02
N TRP C 253 9.36 -25.73 -73.72
CA TRP C 253 8.66 -26.66 -72.83
C TRP C 253 7.17 -26.42 -72.82
N HIS C 254 6.76 -25.17 -72.74
CA HIS C 254 5.33 -24.91 -72.65
C HIS C 254 4.62 -25.01 -73.99
N ILE C 255 5.33 -24.79 -75.10
CA ILE C 255 4.71 -25.10 -76.40
C ILE C 255 4.55 -26.61 -76.58
N LEU C 256 5.48 -27.43 -76.08
CA LEU C 256 5.43 -28.86 -76.36
C LEU C 256 4.84 -29.71 -75.25
N VAL C 257 4.74 -29.21 -74.02
CA VAL C 257 4.24 -30.00 -72.91
C VAL C 257 3.07 -29.26 -72.27
N PRO C 258 1.86 -29.81 -72.31
CA PRO C 258 0.71 -29.15 -71.66
C PRO C 258 0.82 -29.22 -70.16
N PRO C 259 -0.01 -28.48 -69.42
CA PRO C 259 0.03 -28.56 -67.96
C PRO C 259 -0.19 -29.96 -67.42
N LEU C 260 0.66 -30.36 -66.49
CA LEU C 260 0.64 -31.72 -66.00
C LEU C 260 -0.47 -31.89 -64.97
N ARG C 261 -0.73 -33.15 -64.64
CA ARG C 261 -1.81 -33.52 -63.74
C ARG C 261 -1.65 -32.91 -62.36
N TRP C 262 -0.41 -32.70 -61.92
CA TRP C 262 -0.22 -32.19 -60.57
C TRP C 262 -0.57 -30.71 -60.48
N THR C 263 -0.49 -29.98 -61.59
CA THR C 263 -1.04 -28.63 -61.69
C THR C 263 -2.44 -28.67 -62.27
N TYR C 264 -3.36 -29.30 -61.55
CA TYR C 264 -4.76 -29.25 -61.97
C TYR C 264 -5.62 -28.60 -60.89
N ASN C 265 -5.43 -28.99 -59.64
CA ASN C 265 -6.21 -28.48 -58.52
C ASN C 265 -5.41 -27.54 -57.63
N LEU C 266 -4.29 -27.02 -58.15
CA LEU C 266 -3.47 -26.11 -57.36
C LEU C 266 -4.16 -24.77 -57.16
N PHE C 267 -4.92 -24.34 -58.16
CA PHE C 267 -5.60 -23.06 -58.24
C PHE C 267 -6.57 -23.11 -59.42
N PRO C 268 -7.61 -22.27 -59.41
CA PRO C 268 -8.52 -22.21 -60.56
C PRO C 268 -7.80 -21.79 -61.81
N TRP C 269 -8.19 -22.39 -62.92
CA TRP C 269 -7.61 -22.02 -64.22
C TRP C 269 -8.56 -21.10 -64.98
N THR C 270 -8.79 -19.94 -64.39
CA THR C 270 -9.56 -18.88 -65.00
C THR C 270 -8.61 -17.81 -65.52
N GLY C 271 -9.17 -16.72 -66.03
CA GLY C 271 -8.34 -15.65 -66.55
C GLY C 271 -7.94 -14.65 -65.48
N GLU C 272 -8.85 -14.44 -64.53
CA GLU C 272 -8.55 -13.56 -63.41
C GLU C 272 -7.46 -14.16 -62.53
N THR C 273 -7.40 -15.49 -62.44
CA THR C 273 -6.27 -16.14 -61.75
C THR C 273 -4.96 -15.80 -62.42
N TYR C 274 -4.96 -15.81 -63.75
CA TYR C 274 -3.72 -15.66 -64.48
C TYR C 274 -3.23 -14.24 -64.32
N LEU C 275 -4.17 -13.31 -64.37
CA LEU C 275 -3.91 -11.91 -64.07
C LEU C 275 -3.39 -11.72 -62.65
N SER C 276 -3.99 -12.38 -61.66
CA SER C 276 -3.54 -12.19 -60.27
C SER C 276 -2.12 -12.66 -60.08
N GLN C 277 -1.77 -13.78 -60.70
CA GLN C 277 -0.41 -14.29 -60.58
C GLN C 277 0.60 -13.38 -61.27
N SER C 278 0.26 -12.87 -62.46
CA SER C 278 1.08 -11.85 -63.09
C SER C 278 1.25 -10.65 -62.19
N LEU C 279 0.17 -10.22 -61.54
CA LEU C 279 0.20 -9.03 -60.71
C LEU C 279 1.15 -9.20 -59.54
N GLY C 280 1.09 -10.36 -58.89
CA GLY C 280 1.96 -10.58 -57.74
C GLY C 280 3.42 -10.66 -58.11
N ASN C 281 3.72 -11.36 -59.21
CA ASN C 281 5.11 -11.43 -59.65
C ASN C 281 5.63 -10.05 -60.06
N VAL C 282 4.82 -9.25 -60.76
CA VAL C 282 5.33 -7.97 -61.22
C VAL C 282 5.33 -6.93 -60.10
N ALA C 283 4.53 -7.12 -59.04
CA ALA C 283 4.68 -6.29 -57.85
C ALA C 283 6.02 -6.53 -57.18
N GLY C 284 6.37 -7.80 -57.00
CA GLY C 284 7.69 -8.10 -56.48
C GLY C 284 8.80 -7.59 -57.37
N GLN C 285 8.58 -7.64 -58.67
CA GLN C 285 9.55 -7.18 -59.64
C GLN C 285 9.75 -5.67 -59.58
N ALA C 286 8.69 -4.92 -59.33
CA ALA C 286 8.81 -3.48 -59.13
C ALA C 286 9.55 -3.15 -57.84
N PHE C 287 9.31 -3.92 -56.79
CA PHE C 287 10.09 -3.73 -55.56
C PHE C 287 11.57 -3.99 -55.79
N ILE C 288 11.88 -5.00 -56.59
CA ILE C 288 13.26 -5.35 -56.90
C ILE C 288 13.91 -4.22 -57.70
N ALA C 289 13.19 -3.68 -58.69
CA ALA C 289 13.72 -2.57 -59.47
C ALA C 289 13.89 -1.32 -58.64
N ALA C 290 13.04 -1.09 -57.64
CA ALA C 290 13.26 0.01 -56.73
C ALA C 290 14.57 -0.18 -55.97
N ALA C 291 14.86 -1.40 -55.55
CA ALA C 291 16.13 -1.69 -54.90
C ALA C 291 17.31 -1.48 -55.86
N PHE C 292 17.15 -1.89 -57.11
CA PHE C 292 18.23 -1.70 -58.09
C PHE C 292 18.49 -0.24 -58.39
N ILE C 293 17.45 0.58 -58.52
CA ILE C 293 17.70 1.98 -58.81
C ILE C 293 18.23 2.70 -57.57
N TRP C 294 17.97 2.18 -56.38
CA TRP C 294 18.40 2.91 -55.19
C TRP C 294 19.77 2.51 -54.69
N PHE C 295 20.19 1.27 -54.86
CA PHE C 295 21.45 0.81 -54.30
C PHE C 295 22.51 0.55 -55.34
N ASN C 296 22.13 0.02 -56.48
CA ASN C 296 23.09 -0.42 -57.46
C ASN C 296 23.63 0.76 -58.25
N ASN C 297 24.95 0.75 -58.49
CA ASN C 297 25.56 1.79 -59.31
C ASN C 297 26.40 1.19 -60.43
N THR C 298 26.11 -0.05 -60.82
CA THR C 298 26.73 -0.68 -61.98
C THR C 298 25.78 -0.72 -63.16
N ALA C 299 24.59 -1.29 -62.96
CA ALA C 299 23.56 -1.26 -63.98
C ALA C 299 22.92 0.11 -64.06
N TYR C 300 23.09 0.92 -63.03
CA TYR C 300 22.62 2.30 -63.01
C TYR C 300 23.81 3.18 -62.69
N PRO C 301 24.61 3.55 -63.70
CA PRO C 301 25.85 4.28 -63.44
C PRO C 301 25.55 5.68 -62.96
N SER C 302 26.24 6.10 -61.90
CA SER C 302 25.97 7.39 -61.24
C SER C 302 26.37 8.57 -62.10
N VAL C 303 27.07 8.37 -63.21
CA VAL C 303 27.29 9.44 -64.15
C VAL C 303 25.96 9.86 -64.78
N PHE C 304 25.05 8.92 -64.91
CA PHE C 304 23.76 9.13 -65.53
C PHE C 304 22.62 9.30 -64.55
N TYR C 305 22.58 8.52 -63.48
CA TYR C 305 21.48 8.60 -62.54
C TYR C 305 21.85 9.40 -61.29
N GLY C 306 23.09 9.82 -61.16
CA GLY C 306 23.52 10.46 -59.96
C GLY C 306 23.90 9.44 -58.91
N PRO C 307 24.62 9.88 -57.89
CA PRO C 307 25.06 8.95 -56.85
C PRO C 307 23.92 8.39 -56.03
N THR C 308 24.08 7.13 -55.65
CA THR C 308 23.29 6.59 -54.57
C THR C 308 23.59 7.34 -53.27
N VAL C 309 22.63 7.32 -52.36
CA VAL C 309 22.79 7.87 -51.02
C VAL C 309 23.98 7.25 -50.29
N PRO C 310 24.25 5.92 -50.38
CA PRO C 310 25.49 5.42 -49.79
C PRO C 310 26.75 6.03 -50.39
N GLU C 311 26.77 6.18 -51.71
CA GLU C 311 27.95 6.69 -52.37
C GLU C 311 28.11 8.18 -52.20
N SER C 312 27.00 8.91 -52.14
CA SER C 312 27.04 10.33 -51.84
C SER C 312 27.53 10.58 -50.41
N SER C 313 27.15 9.71 -49.49
CA SER C 313 27.51 9.91 -48.10
C SER C 313 28.93 9.49 -47.79
N GLN C 314 29.48 8.53 -48.55
CA GLN C 314 30.93 8.31 -48.49
C GLN C 314 31.71 9.40 -49.24
N ALA C 315 31.12 10.02 -50.26
CA ALA C 315 31.79 11.10 -50.97
C ALA C 315 31.99 12.32 -50.10
N GLN C 316 30.99 12.61 -49.26
CA GLN C 316 31.13 13.68 -48.28
C GLN C 316 32.32 13.43 -47.35
N SER C 317 32.46 12.20 -46.86
CA SER C 317 33.55 11.89 -45.94
C SER C 317 34.89 11.98 -46.61
N PHE C 318 34.94 11.56 -47.86
CA PHE C 318 36.16 11.58 -48.63
C PHE C 318 36.61 13.02 -48.94
N VAL C 319 35.66 13.92 -49.16
CA VAL C 319 36.00 15.33 -49.41
C VAL C 319 36.34 16.07 -48.11
N PHE C 320 35.66 15.78 -47.00
CA PHE C 320 36.11 16.30 -45.71
C PHE C 320 37.42 15.67 -45.25
N LEU C 321 37.78 14.51 -45.78
CA LEU C 321 39.10 13.95 -45.57
C LEU C 321 40.15 14.75 -46.32
N MET C 322 39.94 14.94 -47.62
CA MET C 322 40.91 15.65 -48.44
C MET C 322 40.99 17.13 -48.10
N ARG C 323 39.99 17.71 -47.42
CA ARG C 323 40.20 19.05 -46.90
C ARG C 323 41.28 19.04 -45.83
N ASP C 324 41.24 18.05 -44.93
CA ASP C 324 42.18 17.99 -43.81
C ASP C 324 43.57 17.52 -44.19
N GLN C 325 43.74 16.89 -45.35
CA GLN C 325 45.08 16.73 -45.93
C GLN C 325 45.50 18.02 -46.59
N GLY C 326 46.65 18.54 -46.20
CA GLY C 326 47.18 19.75 -46.79
C GLY C 326 47.23 20.85 -45.74
N MET C 327 46.24 20.83 -44.84
CA MET C 327 46.23 21.66 -43.66
C MET C 327 46.53 20.84 -42.41
N GLY C 328 47.23 19.72 -42.61
CA GLY C 328 48.04 19.06 -41.59
C GLY C 328 47.30 18.46 -40.42
N ALA C 329 46.18 17.81 -40.69
CA ALA C 329 45.36 17.16 -39.67
C ALA C 329 45.43 15.67 -39.93
N ASP C 330 46.24 14.96 -39.15
CA ASP C 330 46.41 13.53 -39.38
C ASP C 330 45.12 12.80 -39.00
N VAL C 331 44.57 12.09 -39.98
CA VAL C 331 43.20 11.60 -39.88
C VAL C 331 43.08 10.44 -38.91
N ALA C 332 44.01 9.50 -38.97
CA ALA C 332 43.84 8.23 -38.27
C ALA C 332 43.99 8.36 -36.76
N SER C 333 44.47 9.49 -36.25
CA SER C 333 44.59 9.75 -34.82
C SER C 333 43.58 10.78 -34.34
N ALA C 334 42.46 10.90 -35.05
CA ALA C 334 41.48 11.95 -34.77
C ALA C 334 40.22 11.33 -34.21
N GLN C 335 39.81 11.79 -33.04
CA GLN C 335 38.62 11.27 -32.35
C GLN C 335 37.40 12.16 -32.60
N GLY C 336 36.23 11.53 -32.63
CA GLY C 336 35.00 12.26 -32.76
C GLY C 336 34.48 12.72 -31.40
N PRO C 337 33.17 12.84 -31.24
CA PRO C 337 32.65 13.34 -29.97
C PRO C 337 32.53 12.21 -28.98
N THR C 338 32.87 11.02 -29.46
CA THR C 338 32.51 9.77 -28.81
C THR C 338 33.70 8.82 -28.72
N GLY C 339 34.90 9.30 -29.07
CA GLY C 339 36.06 8.46 -29.07
C GLY C 339 36.22 7.57 -30.28
N LEU C 340 35.22 7.52 -31.13
CA LEU C 340 35.32 6.78 -32.37
C LEU C 340 36.09 7.65 -33.35
N GLY C 341 36.34 7.10 -34.53
CA GLY C 341 37.10 7.82 -35.54
C GLY C 341 36.40 9.06 -36.06
N LYS C 342 37.14 10.17 -36.13
CA LYS C 342 36.55 11.42 -36.59
C LYS C 342 36.26 11.38 -38.08
N TYR C 343 37.15 10.79 -38.86
CA TYR C 343 36.91 10.61 -40.29
C TYR C 343 36.97 9.14 -40.70
N LEU C 344 37.90 8.38 -40.12
CA LEU C 344 38.08 6.97 -40.41
C LEU C 344 37.99 6.18 -39.11
N GLN C 345 37.23 5.09 -39.14
CA GLN C 345 37.14 4.20 -38.00
C GLN C 345 37.12 2.76 -38.48
N ARG C 346 36.76 1.85 -37.59
CA ARG C 346 36.71 0.43 -37.89
C ARG C 346 35.27 -0.05 -37.85
N SER C 347 34.99 -1.01 -38.71
CA SER C 347 33.68 -1.57 -38.89
C SER C 347 33.33 -2.47 -37.72
N PRO C 348 32.07 -2.89 -37.61
CA PRO C 348 31.80 -4.08 -36.79
C PRO C 348 32.59 -5.29 -37.23
N THR C 349 32.80 -5.48 -38.53
CA THR C 349 33.72 -6.52 -38.94
C THR C 349 35.17 -6.17 -38.68
N GLY C 350 35.49 -4.89 -38.43
CA GLY C 350 36.86 -4.49 -38.34
C GLY C 350 37.49 -4.33 -39.69
N GLU C 351 36.99 -3.38 -40.45
CA GLU C 351 37.58 -2.95 -41.71
C GLU C 351 37.59 -1.43 -41.68
N ILE C 352 38.55 -0.82 -42.36
CA ILE C 352 38.76 0.62 -42.23
C ILE C 352 37.72 1.34 -43.08
N ILE C 353 36.80 2.04 -42.42
CA ILE C 353 35.64 2.64 -43.04
C ILE C 353 35.61 4.12 -42.67
N PHE C 354 34.79 4.89 -43.39
CA PHE C 354 34.64 6.30 -43.06
C PHE C 354 33.81 6.50 -41.79
N GLY C 355 34.28 7.39 -40.93
CA GLY C 355 33.64 7.59 -39.65
C GLY C 355 32.48 8.55 -39.74
N GLY C 356 31.78 8.67 -38.62
CA GLY C 356 30.60 9.49 -38.58
C GLY C 356 29.33 8.67 -38.66
N GLU C 357 28.25 9.32 -39.09
CA GLU C 357 27.05 8.54 -39.32
C GLU C 357 27.13 7.72 -40.59
N THR C 358 28.05 8.03 -41.49
CA THR C 358 28.20 7.32 -42.74
C THR C 358 28.87 5.96 -42.58
N MET C 359 29.07 5.51 -41.35
CA MET C 359 29.49 4.15 -41.08
C MET C 359 28.41 3.13 -41.37
N ARG C 360 27.16 3.57 -41.52
CA ARG C 360 26.12 2.64 -41.96
C ARG C 360 26.31 2.26 -43.41
N PHE C 361 26.77 3.20 -44.23
CA PHE C 361 27.04 2.90 -45.64
C PHE C 361 28.47 2.46 -45.85
N TRP C 362 28.97 1.57 -45.01
CA TRP C 362 30.31 1.09 -45.27
C TRP C 362 30.35 0.00 -46.31
N ASP C 363 29.18 -0.43 -46.80
CA ASP C 363 29.09 -1.42 -47.86
C ASP C 363 29.05 -0.82 -49.24
N ALA C 364 29.02 0.51 -49.35
CA ALA C 364 29.01 1.14 -50.67
C ALA C 364 30.30 0.90 -51.39
N ARG C 365 30.23 0.68 -52.71
CA ARG C 365 31.45 0.40 -53.52
C ARG C 365 31.45 1.25 -54.80
N ALA C 366 31.76 2.55 -54.70
CA ALA C 366 31.76 3.36 -55.92
C ALA C 366 33.10 3.25 -56.61
N PRO C 367 33.13 3.35 -57.94
CA PRO C 367 34.39 3.15 -58.68
C PRO C 367 35.40 4.28 -58.54
N TRP C 368 34.99 5.48 -58.10
CA TRP C 368 35.96 6.51 -57.76
C TRP C 368 36.60 6.29 -56.41
N LEU C 369 36.20 5.26 -55.67
CA LEU C 369 36.78 4.99 -54.37
C LEU C 369 37.46 3.64 -54.27
N GLU C 370 37.21 2.71 -55.19
CA GLU C 370 37.89 1.42 -55.20
C GLU C 370 39.41 1.48 -55.26
N PRO C 371 40.08 2.38 -55.99
CA PRO C 371 41.54 2.47 -55.83
C PRO C 371 42.02 3.01 -54.48
N LEU C 372 41.13 3.46 -53.59
CA LEU C 372 41.49 3.62 -52.19
C LEU C 372 41.31 2.33 -51.39
N ARG C 373 40.65 1.33 -51.96
CA ARG C 373 40.39 0.11 -51.22
C ARG C 373 41.62 -0.78 -51.25
N GLY C 374 42.00 -1.29 -50.09
CA GLY C 374 43.19 -2.10 -50.04
C GLY C 374 42.86 -3.54 -49.74
N LYS C 375 43.33 -4.02 -48.61
CA LYS C 375 42.98 -5.34 -48.09
C LYS C 375 42.02 -5.24 -46.92
N ASN C 376 42.23 -4.25 -46.06
CA ASN C 376 41.47 -4.06 -44.84
C ASN C 376 40.42 -2.97 -45.00
N GLY C 377 40.15 -2.55 -46.23
CA GLY C 377 39.26 -1.45 -46.50
C GLY C 377 40.05 -0.27 -47.00
N LEU C 378 39.93 0.85 -46.33
CA LEU C 378 40.60 2.08 -46.72
C LEU C 378 41.96 2.11 -46.03
N ASP C 379 42.97 1.54 -46.69
CA ASP C 379 44.31 1.63 -46.12
C ASP C 379 44.84 3.05 -46.21
N LEU C 380 45.74 3.38 -45.29
CA LEU C 380 46.27 4.74 -45.25
C LEU C 380 47.33 4.97 -46.32
N ASP C 381 47.84 3.89 -46.93
CA ASP C 381 48.93 4.02 -47.89
C ASP C 381 48.42 4.70 -49.15
N LYS C 382 47.53 4.04 -49.88
CA LYS C 382 46.91 4.65 -51.06
C LYS C 382 45.61 5.32 -50.65
N LEU C 383 45.74 6.17 -49.63
CA LEU C 383 44.77 7.21 -49.34
C LEU C 383 45.46 8.57 -49.21
N GLN C 384 46.60 8.60 -48.51
CA GLN C 384 47.25 9.87 -48.24
C GLN C 384 48.00 10.41 -49.45
N HIS C 385 48.78 9.56 -50.14
CA HIS C 385 49.50 9.98 -51.34
C HIS C 385 48.86 9.39 -52.59
N ASP C 386 47.61 9.01 -52.48
CA ASP C 386 46.70 8.65 -53.56
C ASP C 386 46.06 9.99 -53.92
N VAL C 387 44.75 10.07 -53.79
CA VAL C 387 43.70 10.36 -54.76
C VAL C 387 44.16 11.00 -56.04
N GLN C 388 43.93 10.26 -57.14
CA GLN C 388 44.20 10.53 -58.55
C GLN C 388 43.17 11.55 -58.98
N PRO C 389 43.58 12.77 -59.43
CA PRO C 389 42.79 14.00 -59.20
C PRO C 389 41.27 13.93 -59.33
N TRP C 390 40.81 13.28 -60.41
CA TRP C 390 39.39 13.22 -60.75
C TRP C 390 38.56 12.58 -59.64
N GLN C 391 39.16 11.64 -58.92
CA GLN C 391 38.54 10.94 -57.81
C GLN C 391 38.07 11.91 -56.73
N LEU C 392 38.82 12.99 -56.52
CA LEU C 392 38.29 14.04 -55.66
C LEU C 392 37.14 14.76 -56.34
N ARG C 393 37.32 15.18 -57.60
CA ARG C 393 36.33 15.97 -58.33
C ARG C 393 34.99 15.23 -58.41
N ARG C 394 35.03 13.97 -58.84
CA ARG C 394 33.84 13.12 -58.87
C ARG C 394 33.19 13.05 -57.49
N ALA C 395 33.98 12.83 -56.46
CA ALA C 395 33.40 12.76 -55.12
C ALA C 395 33.05 14.15 -54.61
N ALA C 396 33.63 15.18 -55.20
CA ALA C 396 33.15 16.53 -54.94
C ALA C 396 31.80 16.74 -55.58
N GLU C 397 31.56 16.08 -56.72
CA GLU C 397 30.29 16.24 -57.40
C GLU C 397 29.17 15.51 -56.66
N TYR C 398 29.46 14.31 -56.16
CA TYR C 398 28.45 13.44 -55.56
C TYR C 398 28.13 13.82 -54.12
N MET C 399 29.04 14.51 -53.45
CA MET C 399 28.75 15.12 -52.15
C MET C 399 27.55 16.03 -52.20
N THR C 400 27.53 16.97 -53.14
CA THR C 400 26.55 18.04 -53.14
C THR C 400 25.43 17.78 -54.13
N HIS C 401 25.34 16.57 -54.66
CA HIS C 401 24.18 16.12 -55.40
C HIS C 401 23.71 14.85 -54.71
N SER C 402 22.98 15.01 -53.72
CA SER C 402 22.52 13.84 -52.99
C SER C 402 21.05 13.59 -53.31
N PRO C 403 20.59 12.36 -53.23
CA PRO C 403 19.16 12.12 -53.34
C PRO C 403 18.40 12.61 -52.12
N ILE C 404 18.12 13.92 -52.07
CA ILE C 404 17.24 14.54 -51.07
C ILE C 404 16.38 15.58 -51.77
N GLY C 405 15.09 15.62 -51.45
CA GLY C 405 14.30 16.65 -52.06
C GLY C 405 12.82 16.77 -51.75
N SER C 406 12.03 17.40 -52.62
CA SER C 406 10.62 17.63 -52.34
C SER C 406 9.78 17.33 -53.56
N LEU C 407 8.47 17.54 -53.44
CA LEU C 407 7.58 17.32 -54.56
C LEU C 407 7.64 18.43 -55.58
N ASN C 408 7.91 19.64 -55.13
CA ASN C 408 8.10 20.77 -56.01
C ASN C 408 9.56 21.01 -56.38
N SER C 409 10.40 19.96 -56.32
CA SER C 409 11.78 20.00 -56.77
C SER C 409 12.64 21.04 -56.04
N VAL C 410 13.08 20.75 -54.81
CA VAL C 410 14.09 21.55 -54.15
C VAL C 410 15.05 20.58 -53.51
N ALA C 411 16.26 21.06 -53.19
CA ALA C 411 17.31 20.23 -52.55
C ALA C 411 17.73 20.86 -51.20
N GLY C 412 18.87 20.41 -50.68
CA GLY C 412 19.39 20.94 -49.39
C GLY C 412 18.55 20.50 -48.21
N LEU C 413 18.76 19.27 -47.73
CA LEU C 413 18.01 18.71 -46.57
C LEU C 413 16.50 18.92 -46.79
N ALA C 414 15.82 19.49 -45.79
CA ALA C 414 14.37 19.74 -45.87
C ALA C 414 14.02 21.01 -45.09
N THR C 415 14.70 21.24 -43.97
CA THR C 415 14.47 22.42 -43.14
C THR C 415 15.42 23.53 -43.53
N GLU C 416 15.78 23.56 -44.82
CA GLU C 416 16.72 24.51 -45.39
C GLU C 416 16.00 25.47 -46.32
N SER C 417 16.69 26.56 -46.63
CA SER C 417 16.20 27.55 -47.56
C SER C 417 15.97 26.96 -48.95
N ASN C 418 14.87 27.35 -49.57
CA ASN C 418 14.58 27.00 -50.96
C ASN C 418 15.32 27.99 -51.85
N ALA C 419 16.36 27.52 -52.53
CA ALA C 419 16.90 28.21 -53.68
C ALA C 419 17.16 27.22 -54.81
N PHE C 420 17.75 26.09 -54.41
CA PHE C 420 18.15 24.98 -55.32
C PHE C 420 16.90 24.23 -55.79
N ASN C 421 16.74 24.13 -57.11
CA ASN C 421 15.57 23.45 -57.67
C ASN C 421 16.01 22.10 -58.26
N TYR C 422 16.00 21.06 -57.42
CA TYR C 422 16.50 19.72 -57.78
C TYR C 422 16.09 18.61 -56.83
N VAL C 423 15.59 17.51 -57.42
CA VAL C 423 15.39 16.21 -56.77
C VAL C 423 15.94 15.13 -57.69
N SER C 424 16.64 14.17 -57.12
CA SER C 424 17.40 13.15 -57.83
C SER C 424 16.52 12.24 -58.69
N PRO C 425 17.03 11.75 -59.83
CA PRO C 425 16.34 10.66 -60.53
C PRO C 425 16.12 9.41 -59.70
N ARG C 426 17.10 9.01 -58.90
CA ARG C 426 16.97 7.76 -58.14
C ARG C 426 15.86 7.85 -57.12
N THR C 427 15.71 9.01 -56.48
CA THR C 427 14.57 9.27 -55.59
C THR C 427 13.25 9.11 -56.31
N TRP C 428 13.12 9.69 -57.51
CA TRP C 428 11.87 9.62 -58.26
C TRP C 428 11.56 8.19 -58.67
N LEU C 429 12.54 7.47 -59.23
CA LEU C 429 12.32 6.13 -59.71
C LEU C 429 12.04 5.16 -58.56
N ALA C 430 12.78 5.25 -57.47
CA ALA C 430 12.55 4.36 -56.35
C ALA C 430 11.21 4.63 -55.70
N SER C 431 10.83 5.90 -55.57
CA SER C 431 9.53 6.25 -55.00
C SER C 431 8.41 5.73 -55.89
N ALA C 432 8.52 5.95 -57.19
CA ALA C 432 7.48 5.54 -58.13
C ALA C 432 7.34 4.04 -58.19
N HIS C 433 8.44 3.31 -58.10
CA HIS C 433 8.28 1.87 -58.22
C HIS C 433 8.00 1.19 -56.91
N PHE C 434 8.31 1.80 -55.77
CA PHE C 434 7.68 1.31 -54.56
C PHE C 434 6.17 1.55 -54.61
N ILE C 435 5.74 2.67 -55.15
CA ILE C 435 4.31 2.94 -55.29
C ILE C 435 3.67 1.90 -56.21
N PHE C 436 4.30 1.63 -57.34
CA PHE C 436 3.77 0.65 -58.27
C PHE C 436 3.79 -0.74 -57.69
N GLY C 437 4.85 -1.10 -56.96
CA GLY C 437 4.90 -2.39 -56.31
C GLY C 437 3.83 -2.55 -55.26
N PHE C 438 3.55 -1.50 -54.50
CA PHE C 438 2.54 -1.60 -53.46
C PHE C 438 1.14 -1.72 -54.03
N PHE C 439 0.79 -0.86 -55.00
CA PHE C 439 -0.52 -1.01 -55.63
C PHE C 439 -0.65 -2.33 -56.34
N PHE C 440 0.41 -2.84 -56.94
CA PHE C 440 0.24 -4.10 -57.63
C PHE C 440 0.23 -5.28 -56.70
N LEU C 441 0.83 -5.17 -55.52
CA LEU C 441 0.62 -6.23 -54.53
C LEU C 441 -0.81 -6.20 -54.03
N VAL C 442 -1.39 -5.01 -53.88
CA VAL C 442 -2.80 -4.89 -53.50
C VAL C 442 -3.70 -5.45 -54.61
N GLY C 443 -3.42 -5.12 -55.85
CA GLY C 443 -4.22 -5.61 -56.96
C GLY C 443 -4.09 -7.10 -57.16
N HIS C 444 -2.92 -7.65 -56.89
CA HIS C 444 -2.77 -9.09 -56.89
C HIS C 444 -3.59 -9.74 -55.80
N LEU C 445 -3.61 -9.17 -54.60
CA LEU C 445 -4.43 -9.74 -53.55
C LEU C 445 -5.90 -9.66 -53.90
N TRP C 446 -6.29 -8.56 -54.55
CA TRP C 446 -7.66 -8.39 -55.01
C TRP C 446 -8.04 -9.48 -56.00
N HIS C 447 -7.26 -9.64 -57.05
CA HIS C 447 -7.62 -10.64 -58.04
C HIS C 447 -7.40 -12.06 -57.55
N ALA C 448 -6.48 -12.31 -56.62
CA ALA C 448 -6.34 -13.66 -56.09
C ALA C 448 -7.57 -14.06 -55.29
N GLY C 449 -8.02 -13.18 -54.40
CA GLY C 449 -9.24 -13.45 -53.67
C GLY C 449 -10.44 -13.57 -54.60
N ARG C 450 -10.52 -12.68 -55.60
CA ARG C 450 -11.69 -12.69 -56.45
C ARG C 450 -11.69 -13.89 -57.39
N ALA C 451 -10.53 -14.31 -57.88
CA ALA C 451 -10.47 -15.47 -58.74
C ALA C 451 -10.86 -16.73 -58.01
N ARG C 452 -10.34 -16.90 -56.78
CA ARG C 452 -10.71 -18.04 -55.96
C ARG C 452 -12.20 -18.04 -55.66
N ALA C 453 -12.75 -16.87 -55.31
CA ALA C 453 -14.16 -16.80 -54.96
C ALA C 453 -15.07 -16.97 -56.16
N ALA C 454 -14.66 -16.47 -57.32
CA ALA C 454 -15.50 -16.59 -58.52
C ALA C 454 -15.52 -18.02 -59.03
N ALA C 455 -14.39 -18.73 -58.94
CA ALA C 455 -14.40 -20.12 -59.34
C ALA C 455 -15.18 -20.97 -58.38
N ALA C 456 -15.08 -20.64 -57.08
CA ALA C 456 -15.80 -21.38 -56.02
C ALA C 456 -17.30 -21.25 -56.23
N GLY C 457 -17.77 -20.05 -56.59
CA GLY C 457 -19.20 -19.79 -56.84
C GLY C 457 -19.83 -18.98 -55.73
N PHE C 458 -19.04 -18.14 -55.06
CA PHE C 458 -19.56 -17.28 -53.96
C PHE C 458 -18.86 -15.92 -53.99
N GLU C 459 -18.69 -15.36 -55.20
CA GLU C 459 -18.02 -14.03 -55.36
C GLU C 459 -19.07 -12.92 -55.51
N THR C 460 -20.36 -13.27 -55.43
CA THR C 460 -21.46 -12.27 -55.55
C THR C 460 -22.18 -12.11 -54.21
N GLY C 461 -21.77 -12.89 -53.20
CA GLY C 461 -22.38 -12.83 -51.90
C GLY C 461 -22.64 -14.16 -51.28
N LEU C 462 -23.31 -14.17 -50.15
CA LEU C 462 -23.72 -15.40 -49.51
C LEU C 462 -25.06 -15.84 -50.08
N ASP C 463 -25.18 -17.12 -50.36
CA ASP C 463 -26.49 -17.66 -50.72
C ASP C 463 -27.39 -17.60 -49.51
N ARG C 464 -28.55 -16.95 -49.67
CA ARG C 464 -29.51 -16.91 -48.58
C ARG C 464 -30.12 -18.27 -48.36
N GLU C 465 -30.28 -19.05 -49.43
CA GLU C 465 -30.88 -20.38 -49.35
C GLU C 465 -30.04 -21.31 -48.47
N ASP C 466 -28.73 -21.32 -48.68
CA ASP C 466 -27.81 -22.02 -47.79
C ASP C 466 -26.51 -21.24 -47.66
N GLU C 467 -26.23 -20.79 -46.46
CA GLU C 467 -25.11 -20.06 -45.89
C GLU C 467 -24.18 -21.03 -45.17
N PRO C 468 -22.90 -21.01 -45.57
CA PRO C 468 -21.97 -22.03 -45.07
C PRO C 468 -21.77 -22.03 -43.57
N VAL C 469 -21.81 -20.87 -42.93
CA VAL C 469 -21.68 -20.83 -41.48
C VAL C 469 -22.86 -21.48 -40.80
N LEU C 470 -24.04 -21.47 -41.42
CA LEU C 470 -25.20 -22.11 -40.81
C LEU C 470 -25.08 -23.63 -40.84
N SER C 471 -24.28 -24.18 -41.75
CA SER C 471 -24.03 -25.60 -41.84
C SER C 471 -22.68 -25.99 -41.26
N MET C 472 -22.18 -25.23 -40.30
CA MET C 472 -20.93 -25.53 -39.59
C MET C 472 -21.20 -25.75 -38.11
N ALA C 473 -20.40 -26.62 -37.51
CA ALA C 473 -20.52 -26.92 -36.09
C ALA C 473 -19.92 -25.77 -35.27
N PRO C 474 -20.40 -25.53 -34.04
CA PRO C 474 -19.93 -24.36 -33.29
C PRO C 474 -18.48 -24.50 -32.85
N ILE C 475 -17.81 -23.35 -32.76
CA ILE C 475 -16.40 -23.34 -32.41
C ILE C 475 -16.21 -23.36 -30.91
N ASP C 476 -17.20 -22.92 -30.15
CA ASP C 476 -17.09 -22.83 -28.71
C ASP C 476 -16.98 -24.22 -28.09
N PRO C 477 -15.94 -24.48 -27.28
CA PRO C 477 -15.73 -25.82 -26.74
C PRO C 477 -16.85 -26.36 -25.87
N SER C 478 -17.59 -25.49 -25.18
CA SER C 478 -18.70 -25.95 -24.36
C SER C 478 -19.86 -26.44 -25.21
N LEU C 479 -20.11 -25.79 -26.34
CA LEU C 479 -21.21 -26.19 -27.20
C LEU C 479 -20.93 -27.55 -27.83
N ARG C 480 -21.92 -28.43 -27.75
CA ARG C 480 -21.76 -29.81 -28.20
C ARG C 480 -22.48 -30.05 -29.52
N TRP D 14 -50.75 33.70 -36.22
CA TRP D 14 -49.76 34.73 -36.53
C TRP D 14 -48.36 34.20 -36.24
N ILE D 15 -48.10 33.88 -34.98
CA ILE D 15 -46.80 33.32 -34.58
C ILE D 15 -46.68 31.86 -35.02
N LYS D 16 -47.80 31.16 -35.20
CA LYS D 16 -47.79 29.76 -35.63
C LYS D 16 -47.47 29.64 -37.10
N GLN D 17 -47.83 30.65 -37.88
CA GLN D 17 -47.62 30.64 -39.32
C GLN D 17 -46.12 30.58 -39.64
N LEU D 18 -45.32 31.35 -38.92
CA LEU D 18 -43.88 31.36 -39.13
C LEU D 18 -43.24 30.03 -38.71
N ASP D 19 -43.75 29.43 -37.63
CA ASP D 19 -43.31 28.09 -37.24
C ASP D 19 -43.60 27.10 -38.36
N ASP D 20 -44.83 27.13 -38.91
CA ASP D 20 -45.19 26.26 -40.02
C ASP D 20 -44.35 26.56 -41.26
N TRP D 21 -44.00 27.82 -41.47
CA TRP D 21 -43.06 28.18 -42.52
C TRP D 21 -41.72 27.50 -42.39
N LEU D 22 -41.08 27.66 -41.23
CA LEU D 22 -39.69 27.23 -41.12
C LEU D 22 -39.56 25.72 -41.18
N LYS D 23 -40.61 24.99 -40.79
CA LYS D 23 -40.60 23.54 -40.75
C LYS D 23 -40.95 22.92 -42.10
N ARG D 24 -40.93 23.70 -43.18
CA ARG D 24 -41.37 23.22 -44.48
C ARG D 24 -40.32 22.34 -45.12
N ASP D 25 -40.74 21.65 -46.17
CA ASP D 25 -39.88 20.75 -46.93
C ASP D 25 -39.40 21.51 -48.15
N ARG D 26 -38.13 21.92 -48.12
CA ARG D 26 -37.50 22.60 -49.23
C ARG D 26 -36.17 21.94 -49.56
N PHE D 27 -35.37 22.56 -50.43
CA PHE D 27 -34.08 21.99 -50.78
C PHE D 27 -33.12 22.04 -49.61
N VAL D 28 -33.24 23.05 -48.75
CA VAL D 28 -32.44 23.15 -47.54
C VAL D 28 -33.38 23.46 -46.38
N PHE D 29 -33.39 22.61 -45.37
CA PHE D 29 -34.24 22.81 -44.21
C PHE D 29 -33.75 24.00 -43.42
N ILE D 30 -34.67 24.87 -43.01
CA ILE D 30 -34.29 26.05 -42.26
C ILE D 30 -34.44 25.81 -40.77
N GLY D 31 -35.66 25.62 -40.30
CA GLY D 31 -35.89 25.41 -38.90
C GLY D 31 -35.76 26.68 -38.09
N TRP D 32 -36.02 26.55 -36.80
CA TRP D 32 -35.80 27.66 -35.90
C TRP D 32 -34.32 27.85 -35.60
N SER D 33 -33.58 26.75 -35.54
CA SER D 33 -32.13 26.81 -35.35
C SER D 33 -31.42 27.51 -36.49
N GLY D 34 -32.02 27.55 -37.67
CA GLY D 34 -31.43 28.21 -38.81
C GLY D 34 -31.29 29.70 -38.68
N LEU D 35 -31.92 30.30 -37.68
CA LEU D 35 -31.67 31.69 -37.35
C LEU D 35 -30.37 31.88 -36.59
N LEU D 36 -29.96 30.90 -35.78
CA LEU D 36 -28.70 30.98 -35.06
C LEU D 36 -27.59 30.24 -35.79
N LEU D 37 -27.89 29.60 -36.92
CA LEU D 37 -26.88 28.85 -37.65
C LEU D 37 -26.48 29.53 -38.95
N PHE D 38 -27.45 29.80 -39.83
CA PHE D 38 -27.11 30.38 -41.12
C PHE D 38 -26.53 31.79 -41.04
N PRO D 39 -27.04 32.73 -40.21
CA PRO D 39 -26.32 34.01 -40.09
C PRO D 39 -24.95 33.92 -39.43
N CYS D 40 -24.64 32.90 -38.66
CA CYS D 40 -23.30 32.87 -38.09
C CYS D 40 -22.32 32.11 -38.95
N SER D 41 -22.71 30.93 -39.43
CA SER D 41 -21.83 30.09 -40.23
C SER D 41 -21.43 30.78 -41.52
N PHE D 42 -22.41 31.38 -42.20
CA PHE D 42 -22.11 32.16 -43.40
C PHE D 42 -21.13 33.29 -43.12
N LEU D 43 -21.20 33.87 -41.93
CA LEU D 43 -20.23 34.89 -41.61
C LEU D 43 -18.87 34.26 -41.34
N ALA D 44 -18.83 33.19 -40.54
CA ALA D 44 -17.56 32.64 -40.09
C ALA D 44 -16.77 32.09 -41.27
N ILE D 45 -17.41 31.23 -42.05
CA ILE D 45 -16.87 30.74 -43.31
C ILE D 45 -16.50 31.91 -44.21
N GLY D 46 -17.39 32.91 -44.32
CA GLY D 46 -17.10 34.05 -45.16
C GLY D 46 -15.93 34.85 -44.68
N ALA D 47 -15.81 35.03 -43.36
CA ALA D 47 -14.70 35.80 -42.84
C ALA D 47 -13.39 35.05 -42.99
N TRP D 48 -13.45 33.73 -43.15
CA TRP D 48 -12.20 33.05 -43.44
C TRP D 48 -11.76 33.37 -44.86
N PHE D 49 -12.70 33.36 -45.81
CA PHE D 49 -12.32 33.57 -47.20
C PHE D 49 -11.91 35.01 -47.42
N THR D 50 -12.54 35.94 -46.72
CA THR D 50 -12.10 37.32 -46.72
C THR D 50 -10.71 37.45 -46.11
N GLY D 51 -10.47 36.73 -45.02
CA GLY D 51 -9.19 36.84 -44.35
C GLY D 51 -8.06 36.26 -45.19
N THR D 52 -8.20 34.99 -45.56
CA THR D 52 -7.15 34.28 -46.25
C THR D 52 -6.92 34.78 -47.66
N THR D 53 -7.81 35.59 -48.19
CA THR D 53 -7.55 36.21 -49.48
C THR D 53 -6.83 37.55 -49.32
N PHE D 54 -7.16 38.31 -48.28
CA PHE D 54 -6.89 39.74 -48.38
C PHE D 54 -6.09 40.34 -47.24
N VAL D 55 -6.28 39.87 -46.02
CA VAL D 55 -5.74 40.62 -44.89
C VAL D 55 -4.39 40.05 -44.51
N THR D 56 -3.57 40.88 -43.88
CA THR D 56 -2.22 40.49 -43.55
C THR D 56 -2.12 40.14 -42.07
N SER D 57 -1.08 39.37 -41.74
CA SER D 57 -0.71 39.14 -40.36
C SER D 57 0.55 39.89 -39.99
N TRP D 58 0.96 40.83 -40.84
CA TRP D 58 2.19 41.58 -40.67
C TRP D 58 2.22 42.38 -39.38
N TYR D 59 1.08 42.91 -38.97
CA TYR D 59 0.96 43.74 -37.78
C TYR D 59 0.56 42.97 -36.55
N THR D 60 0.17 41.72 -36.70
CA THR D 60 -0.11 40.85 -35.58
C THR D 60 0.97 39.81 -35.35
N HIS D 61 1.65 39.39 -36.41
CA HIS D 61 2.54 38.26 -36.34
C HIS D 61 3.87 38.49 -37.04
N GLY D 62 4.00 39.54 -37.83
CA GLY D 62 5.16 39.69 -38.67
C GLY D 62 5.28 38.65 -39.75
N LEU D 63 4.16 38.21 -40.30
CA LEU D 63 4.18 37.23 -41.37
C LEU D 63 3.07 37.55 -42.37
N VAL D 64 3.14 36.91 -43.52
CA VAL D 64 2.19 37.11 -44.60
C VAL D 64 1.27 35.92 -44.67
N SER D 65 -0.03 36.17 -44.78
CA SER D 65 -0.98 35.08 -44.64
C SER D 65 -2.19 35.23 -45.53
N SER D 66 -2.03 35.82 -46.71
CA SER D 66 -3.12 36.02 -47.65
C SER D 66 -2.67 35.63 -49.04
N TYR D 67 -3.66 35.34 -49.89
CA TYR D 67 -3.36 35.14 -51.31
C TYR D 67 -2.82 36.41 -51.94
N LEU D 68 -3.25 37.57 -51.44
CA LEU D 68 -2.73 38.84 -51.95
C LEU D 68 -1.27 39.03 -51.56
N GLU D 69 -0.86 38.50 -50.41
CA GLU D 69 0.54 38.55 -50.02
C GLU D 69 1.40 37.75 -50.99
N GLY D 70 0.93 36.59 -51.38
CA GLY D 70 1.68 35.71 -52.23
C GLY D 70 1.57 34.31 -51.73
N CYS D 71 0.85 34.13 -50.64
CA CYS D 71 0.70 32.81 -50.07
C CYS D 71 -0.24 31.96 -50.91
N ASN D 72 -0.19 30.67 -50.65
CA ASN D 72 -1.08 29.70 -51.26
C ASN D 72 -2.03 29.13 -50.19
N PHE D 73 -2.84 28.16 -50.60
CA PHE D 73 -3.86 27.61 -49.72
C PHE D 73 -3.26 26.96 -48.49
N LEU D 74 -2.06 26.41 -48.61
CA LEU D 74 -1.44 25.79 -47.46
C LEU D 74 -0.93 26.82 -46.48
N THR D 75 -0.56 28.00 -46.94
CA THR D 75 0.09 28.98 -46.07
C THR D 75 -0.72 30.26 -45.93
N VAL D 76 -1.99 30.23 -46.20
CA VAL D 76 -2.86 31.33 -45.82
C VAL D 76 -3.47 31.00 -44.48
N ALA D 77 -3.85 32.05 -43.75
CA ALA D 77 -4.53 31.85 -42.49
C ALA D 77 -5.29 33.11 -42.16
N VAL D 78 -6.31 32.94 -41.32
CA VAL D 78 -6.79 34.04 -40.50
C VAL D 78 -6.05 33.86 -39.18
N SER D 79 -4.89 34.52 -39.08
CA SER D 79 -4.05 34.39 -37.91
C SER D 79 -4.70 35.04 -36.70
N THR D 80 -4.23 34.63 -35.53
CA THR D 80 -4.75 35.09 -34.26
C THR D 80 -4.48 36.58 -34.07
N PRO D 81 -5.21 37.24 -33.18
CA PRO D 81 -4.99 38.67 -32.97
C PRO D 81 -3.59 39.00 -32.46
N ALA D 82 -3.30 40.30 -32.47
CA ALA D 82 -2.07 40.81 -31.92
C ALA D 82 -1.96 40.45 -30.45
N GLU D 83 -0.74 40.14 -30.01
CA GLU D 83 -0.51 39.66 -28.66
C GLU D 83 -0.84 40.72 -27.62
N SER D 84 -0.78 41.99 -28.01
CA SER D 84 -1.13 43.09 -27.14
C SER D 84 -2.63 43.30 -27.03
N MET D 85 -3.42 42.67 -27.90
CA MET D 85 -4.87 42.78 -27.79
C MET D 85 -5.42 42.01 -26.60
N GLY D 86 -4.64 41.10 -26.03
CA GLY D 86 -5.05 40.39 -24.84
C GLY D 86 -6.18 39.43 -25.13
N HIS D 87 -7.20 39.45 -24.29
CA HIS D 87 -8.42 38.68 -24.50
C HIS D 87 -9.58 39.58 -24.85
N SER D 88 -9.29 40.69 -25.52
CA SER D 88 -10.31 41.57 -26.04
C SER D 88 -11.13 40.85 -27.10
N LEU D 89 -12.43 41.12 -27.10
CA LEU D 89 -13.31 40.55 -28.11
C LEU D 89 -13.01 41.08 -29.48
N LEU D 90 -12.44 42.29 -29.59
CA LEU D 90 -12.15 42.95 -30.84
C LEU D 90 -13.40 43.09 -31.70
N LEU D 91 -14.40 43.74 -31.11
CA LEU D 91 -15.58 44.15 -31.84
C LEU D 91 -15.20 45.25 -32.81
N LEU D 92 -15.93 45.31 -33.93
CA LEU D 92 -15.64 46.33 -34.93
C LEU D 92 -15.88 47.73 -34.37
N TRP D 93 -16.93 47.89 -33.60
CA TRP D 93 -17.22 49.15 -32.94
C TRP D 93 -16.49 49.30 -31.63
N GLY D 94 -15.68 48.31 -31.25
CA GLY D 94 -14.97 48.34 -30.00
C GLY D 94 -13.88 49.39 -30.01
N PRO D 95 -13.31 49.65 -28.84
CA PRO D 95 -12.30 50.70 -28.73
C PRO D 95 -11.02 50.44 -29.51
N GLU D 96 -10.68 49.18 -29.75
CA GLU D 96 -9.44 48.86 -30.43
C GLU D 96 -9.51 49.07 -31.93
N ALA D 97 -10.72 49.20 -32.49
CA ALA D 97 -10.89 49.57 -33.88
C ALA D 97 -11.52 50.93 -34.06
N SER D 98 -12.38 51.33 -33.11
CA SER D 98 -13.13 52.59 -33.14
C SER D 98 -13.94 52.72 -34.41
N GLY D 99 -14.52 51.61 -34.86
CA GLY D 99 -15.35 51.58 -36.04
C GLY D 99 -14.58 51.47 -37.33
N ASP D 100 -13.27 51.70 -37.30
CA ASP D 100 -12.45 51.74 -38.51
C ASP D 100 -12.16 50.32 -38.97
N PHE D 101 -12.63 49.99 -40.17
CA PHE D 101 -12.58 48.62 -40.65
C PHE D 101 -11.15 48.13 -40.81
N VAL D 102 -10.30 48.95 -41.42
CA VAL D 102 -8.94 48.50 -41.72
C VAL D 102 -8.17 48.26 -40.43
N ARG D 103 -8.26 49.18 -39.46
CA ARG D 103 -7.56 48.99 -38.19
C ARG D 103 -8.11 47.80 -37.41
N TRP D 104 -9.36 47.40 -37.69
CA TRP D 104 -9.87 46.16 -37.12
C TRP D 104 -9.32 44.93 -37.80
N CYS D 105 -9.04 45.01 -39.09
CA CYS D 105 -8.46 43.84 -39.75
C CYS D 105 -6.95 43.73 -39.57
N GLN D 106 -6.25 44.83 -39.29
CA GLN D 106 -4.81 44.74 -39.08
C GLN D 106 -4.44 44.19 -37.71
N ILE D 107 -5.35 44.24 -36.73
CA ILE D 107 -5.05 43.78 -35.39
C ILE D 107 -5.62 42.41 -35.11
N GLY D 108 -6.12 41.73 -36.13
CA GLY D 108 -6.59 40.38 -35.97
C GLY D 108 -8.00 40.27 -35.49
N GLY D 109 -8.83 41.29 -35.77
CA GLY D 109 -10.22 41.22 -35.41
C GLY D 109 -11.00 40.20 -36.20
N LEU D 110 -10.52 39.84 -37.39
CA LEU D 110 -11.20 38.82 -38.16
C LEU D 110 -11.07 37.45 -37.52
N TRP D 111 -10.02 37.21 -36.76
CA TRP D 111 -9.91 35.96 -36.02
C TRP D 111 -11.01 35.86 -34.98
N THR D 112 -11.28 36.93 -34.27
CA THR D 112 -12.32 36.89 -33.26
C THR D 112 -13.72 36.86 -33.88
N PHE D 113 -13.94 37.60 -34.97
CA PHE D 113 -15.16 37.47 -35.75
C PHE D 113 -15.39 36.02 -36.15
N THR D 114 -14.38 35.40 -36.77
CA THR D 114 -14.52 34.03 -37.26
C THR D 114 -14.72 33.05 -36.12
N ALA D 115 -13.98 33.20 -35.02
CA ALA D 115 -14.08 32.23 -33.94
C ALA D 115 -15.42 32.34 -33.23
N LEU D 116 -15.91 33.55 -32.98
CA LEU D 116 -17.18 33.70 -32.31
C LEU D 116 -18.34 33.30 -33.19
N HIS D 117 -18.31 33.67 -34.48
CA HIS D 117 -19.34 33.21 -35.39
C HIS D 117 -19.27 31.73 -35.61
N GLY D 118 -18.09 31.13 -35.52
CA GLY D 118 -17.98 29.69 -35.64
C GLY D 118 -18.52 28.95 -34.46
N VAL D 119 -18.27 29.44 -33.23
CA VAL D 119 -18.83 28.73 -32.09
C VAL D 119 -20.34 28.87 -32.09
N PHE D 120 -20.86 30.01 -32.54
CA PHE D 120 -22.31 30.12 -32.62
C PHE D 120 -22.88 29.28 -33.76
N GLY D 121 -22.16 29.18 -34.88
CA GLY D 121 -22.57 28.26 -35.91
C GLY D 121 -22.58 26.83 -35.44
N LEU D 122 -21.60 26.44 -34.63
CA LEU D 122 -21.56 25.08 -34.11
C LEU D 122 -22.72 24.80 -33.17
N ILE D 123 -23.06 25.77 -32.31
CA ILE D 123 -24.27 25.68 -31.50
C ILE D 123 -25.51 25.59 -32.38
N GLY D 124 -25.57 26.41 -33.43
CA GLY D 124 -26.72 26.38 -34.34
C GLY D 124 -26.84 25.08 -35.08
N PHE D 125 -25.72 24.46 -35.42
CA PHE D 125 -25.76 23.19 -36.11
C PHE D 125 -26.18 22.06 -35.17
N MET D 126 -25.71 22.10 -33.92
CA MET D 126 -26.18 21.09 -32.98
C MET D 126 -27.66 21.26 -32.69
N LEU D 127 -28.12 22.50 -32.62
CA LEU D 127 -29.55 22.76 -32.50
C LEU D 127 -30.30 22.27 -33.73
N ARG D 128 -29.72 22.40 -34.91
CA ARG D 128 -30.33 21.88 -36.13
C ARG D 128 -30.44 20.37 -36.11
N GLN D 129 -29.40 19.68 -35.65
CA GLN D 129 -29.45 18.23 -35.53
C GLN D 129 -30.54 17.79 -34.57
N ILE D 130 -30.65 18.48 -33.44
CA ILE D 130 -31.72 18.21 -32.47
C ILE D 130 -33.09 18.47 -33.07
N GLU D 131 -33.23 19.59 -33.78
CA GLU D 131 -34.53 19.97 -34.34
C GLU D 131 -34.99 19.01 -35.42
N ILE D 132 -34.07 18.57 -36.27
CA ILE D 132 -34.45 17.64 -37.33
C ILE D 132 -34.71 16.26 -36.77
N ALA D 133 -33.99 15.84 -35.74
CA ALA D 133 -34.34 14.59 -35.06
C ALA D 133 -35.73 14.68 -34.45
N ARG D 134 -36.07 15.81 -33.85
CA ARG D 134 -37.38 15.97 -33.25
C ARG D 134 -38.48 15.99 -34.30
N LEU D 135 -38.24 16.67 -35.42
CA LEU D 135 -39.21 16.74 -36.50
C LEU D 135 -39.44 15.36 -37.12
N VAL D 136 -38.37 14.67 -37.50
CA VAL D 136 -38.51 13.36 -38.09
C VAL D 136 -38.98 12.34 -37.06
N GLY D 137 -38.38 12.36 -35.88
CA GLY D 137 -38.85 11.50 -34.81
C GLY D 137 -37.86 10.44 -34.41
N ILE D 138 -36.60 10.60 -34.83
CA ILE D 138 -35.52 9.70 -34.47
C ILE D 138 -34.86 10.15 -33.18
N ARG D 139 -34.02 9.30 -32.62
CA ARG D 139 -33.27 9.66 -31.44
C ARG D 139 -32.19 10.68 -31.79
N PRO D 140 -31.78 11.50 -30.84
CA PRO D 140 -30.79 12.54 -31.12
C PRO D 140 -29.36 12.10 -30.86
N TYR D 141 -28.94 11.00 -31.47
CA TYR D 141 -27.60 10.55 -31.18
C TYR D 141 -26.56 11.28 -31.99
N ASN D 142 -26.96 11.87 -33.12
CA ASN D 142 -26.02 12.61 -33.92
C ASN D 142 -25.62 13.91 -33.26
N ALA D 143 -26.54 14.56 -32.55
CA ALA D 143 -26.18 15.73 -31.76
C ALA D 143 -25.24 15.37 -30.61
N ILE D 144 -25.47 14.23 -29.98
CA ILE D 144 -24.57 13.74 -28.94
C ILE D 144 -23.17 13.51 -29.52
N ALA D 145 -23.10 12.91 -30.70
CA ALA D 145 -21.82 12.71 -31.34
C ALA D 145 -21.17 13.99 -31.82
N PHE D 146 -21.96 15.00 -32.14
CA PHE D 146 -21.44 16.30 -32.50
C PHE D 146 -21.00 17.10 -31.30
N SER D 147 -21.38 16.69 -30.09
CA SER D 147 -20.83 17.36 -28.92
C SER D 147 -19.33 17.16 -28.77
N ALA D 148 -18.73 16.19 -29.46
CA ALA D 148 -17.29 15.98 -29.38
C ALA D 148 -16.51 16.96 -30.24
N PRO D 149 -16.88 17.25 -31.51
CA PRO D 149 -16.25 18.38 -32.17
C PRO D 149 -16.44 19.70 -31.47
N ILE D 150 -17.59 19.94 -30.83
CA ILE D 150 -17.73 21.21 -30.13
C ILE D 150 -16.89 21.26 -28.87
N ALA D 151 -16.74 20.12 -28.16
CA ALA D 151 -15.83 20.09 -27.02
C ALA D 151 -14.41 20.38 -27.46
N VAL D 152 -14.00 19.82 -28.59
CA VAL D 152 -12.66 20.09 -29.11
C VAL D 152 -12.48 21.52 -29.59
N TYR D 153 -13.49 22.06 -30.28
CA TYR D 153 -13.41 23.46 -30.73
C TYR D 153 -13.32 24.42 -29.56
N CYS D 154 -14.14 24.21 -28.53
CA CYS D 154 -14.12 25.10 -27.39
C CYS D 154 -12.84 24.94 -26.59
N ALA D 155 -12.28 23.74 -26.52
CA ALA D 155 -11.00 23.57 -25.81
C ALA D 155 -9.86 24.23 -26.56
N THR D 156 -9.73 23.96 -27.85
CA THR D 156 -8.58 24.42 -28.62
C THR D 156 -8.65 25.91 -28.95
N PHE D 157 -9.79 26.39 -29.37
CA PHE D 157 -9.84 27.75 -29.89
C PHE D 157 -10.28 28.75 -28.85
N LEU D 158 -10.91 28.30 -27.78
CA LEU D 158 -11.45 29.23 -26.80
C LEU D 158 -10.85 29.02 -25.41
N ILE D 159 -10.90 27.80 -24.87
CA ILE D 159 -10.46 27.61 -23.49
C ILE D 159 -8.95 27.77 -23.39
N TYR D 160 -8.23 27.22 -24.36
CA TYR D 160 -6.77 27.33 -24.36
C TYR D 160 -6.28 28.77 -24.46
N PRO D 161 -6.71 29.61 -25.41
CA PRO D 161 -6.21 30.97 -25.42
C PRO D 161 -6.72 31.82 -24.29
N LEU D 162 -7.84 31.47 -23.68
CA LEU D 162 -8.31 32.18 -22.50
C LEU D 162 -7.44 31.87 -21.31
N GLY D 163 -6.95 30.64 -21.21
CA GLY D 163 -6.04 30.31 -20.13
C GLY D 163 -4.65 30.85 -20.34
N GLN D 164 -4.29 31.14 -21.56
CA GLN D 164 -2.99 31.66 -21.89
C GLN D 164 -2.98 33.19 -21.77
N SER D 165 -1.95 33.81 -22.32
CA SER D 165 -1.79 35.26 -22.21
C SER D 165 -2.82 36.02 -23.02
N SER D 166 -3.08 35.58 -24.25
CA SER D 166 -3.92 36.35 -25.16
C SER D 166 -4.56 35.42 -26.17
N TRP D 167 -5.28 36.00 -27.12
CA TRP D 167 -5.80 35.23 -28.25
C TRP D 167 -4.71 34.84 -29.22
N PHE D 168 -3.56 35.52 -29.16
CA PHE D 168 -2.42 35.28 -30.04
C PHE D 168 -2.01 33.82 -30.03
N PHE D 169 -2.06 33.18 -28.87
CA PHE D 169 -1.57 31.84 -28.71
C PHE D 169 -2.63 30.80 -29.06
N GLY D 170 -3.77 31.23 -29.56
CA GLY D 170 -4.72 30.33 -30.14
C GLY D 170 -4.23 29.78 -31.46
N PRO D 171 -4.99 28.89 -32.01
CA PRO D 171 -4.64 28.38 -33.34
C PRO D 171 -5.18 29.28 -34.45
N GLY D 172 -4.35 29.56 -35.44
CA GLY D 172 -4.80 30.35 -36.55
C GLY D 172 -5.68 29.55 -37.48
N PHE D 173 -6.53 30.25 -38.21
CA PHE D 173 -7.48 29.60 -39.12
C PHE D 173 -6.82 29.42 -40.49
N GLY D 174 -5.84 28.53 -40.52
CA GLY D 174 -5.20 28.19 -41.77
C GLY D 174 -4.43 26.91 -41.56
N VAL D 175 -3.97 26.33 -42.66
CA VAL D 175 -3.34 25.01 -42.63
C VAL D 175 -2.00 25.06 -41.92
N SER D 176 -1.08 25.90 -42.39
CA SER D 176 0.24 25.95 -41.77
C SER D 176 0.20 26.60 -40.40
N ALA D 177 -0.80 27.45 -40.13
CA ALA D 177 -0.99 27.96 -38.77
C ALA D 177 -1.30 26.83 -37.80
N ILE D 178 -2.11 25.87 -38.23
CA ILE D 178 -2.34 24.66 -37.46
C ILE D 178 -1.06 23.82 -37.34
N PHE D 179 -0.23 23.79 -38.38
CA PHE D 179 1.00 23.01 -38.26
C PHE D 179 1.96 23.63 -37.25
N ARG D 180 2.04 24.96 -37.24
CA ARG D 180 2.79 25.66 -36.21
C ARG D 180 2.20 25.37 -34.84
N PHE D 181 0.88 25.38 -34.73
CA PHE D 181 0.22 25.06 -33.48
C PHE D 181 0.58 23.68 -32.98
N LEU D 182 0.64 22.70 -33.89
CA LEU D 182 0.99 21.33 -33.53
C LEU D 182 2.42 21.25 -33.00
N LEU D 183 3.36 21.86 -33.73
CA LEU D 183 4.76 21.80 -33.28
C LEU D 183 5.01 22.66 -32.06
N PHE D 184 4.28 23.76 -31.91
CA PHE D 184 4.36 24.57 -30.70
C PHE D 184 3.90 23.76 -29.52
N PHE D 185 2.85 22.98 -29.70
CA PHE D 185 2.33 22.19 -28.60
C PHE D 185 3.28 21.07 -28.22
N GLN D 186 3.99 20.50 -29.18
CA GLN D 186 5.01 19.55 -28.76
C GLN D 186 6.15 20.24 -28.02
N GLY D 187 6.71 21.28 -28.60
CA GLY D 187 7.92 21.86 -28.03
C GLY D 187 7.68 22.55 -26.70
N PHE D 188 6.56 23.24 -26.56
CA PHE D 188 6.27 23.96 -25.34
C PHE D 188 5.43 23.16 -24.39
N HIS D 189 4.60 22.24 -24.89
CA HIS D 189 3.67 21.53 -24.04
C HIS D 189 3.98 20.06 -23.84
N ASN D 190 4.77 19.45 -24.72
CA ASN D 190 5.01 18.01 -24.78
C ASN D 190 3.69 17.26 -24.81
N TYR D 191 2.91 17.58 -25.84
CA TYR D 191 1.52 17.15 -25.87
C TYR D 191 1.38 15.69 -26.25
N THR D 192 2.32 15.13 -27.02
CA THR D 192 2.29 13.69 -27.24
C THR D 192 2.40 12.92 -25.94
N LEU D 193 3.09 13.47 -24.94
CA LEU D 193 3.22 12.77 -23.68
C LEU D 193 1.95 12.89 -22.85
N ASN D 194 1.02 13.76 -23.23
CA ASN D 194 -0.21 13.98 -22.48
C ASN D 194 -1.13 12.76 -22.62
N PRO D 195 -1.51 12.10 -21.53
CA PRO D 195 -2.26 10.84 -21.67
C PRO D 195 -3.67 11.03 -22.17
N PHE D 196 -4.27 12.17 -21.89
CA PHE D 196 -5.58 12.48 -22.43
C PHE D 196 -5.51 12.63 -23.94
N HIS D 197 -4.42 13.20 -24.43
CA HIS D 197 -4.20 13.20 -25.86
C HIS D 197 -3.90 11.80 -26.39
N MET D 198 -3.23 10.95 -25.62
CA MET D 198 -2.99 9.57 -26.06
C MET D 198 -4.30 8.80 -26.21
N MET D 199 -5.24 9.01 -25.30
CA MET D 199 -6.58 8.47 -25.47
C MET D 199 -7.30 9.12 -26.63
N GLY D 200 -7.07 10.39 -26.89
CA GLY D 200 -7.63 11.01 -28.09
C GLY D 200 -7.13 10.35 -29.36
N VAL D 201 -5.82 10.11 -29.43
CA VAL D 201 -5.23 9.44 -30.58
C VAL D 201 -5.77 8.03 -30.69
N THR D 202 -5.88 7.33 -29.57
CA THR D 202 -6.42 5.98 -29.57
C THR D 202 -7.86 5.97 -30.04
N GLY D 203 -8.65 6.92 -29.57
CA GLY D 203 -10.03 7.00 -30.00
C GLY D 203 -10.17 7.30 -31.47
N VAL D 204 -9.37 8.23 -31.98
CA VAL D 204 -9.49 8.58 -33.39
C VAL D 204 -8.96 7.48 -34.30
N LEU D 205 -7.83 6.86 -33.94
CA LEU D 205 -7.30 5.77 -34.73
C LEU D 205 -8.21 4.55 -34.67
N GLY D 206 -8.79 4.26 -33.51
CA GLY D 206 -9.77 3.20 -33.41
C GLY D 206 -11.06 3.51 -34.14
N GLY D 207 -11.46 4.78 -34.18
CA GLY D 207 -12.62 5.15 -34.99
C GLY D 207 -12.38 4.91 -36.45
N ALA D 208 -11.19 5.22 -36.93
CA ALA D 208 -10.84 4.92 -38.33
C ALA D 208 -10.74 3.42 -38.57
N LEU D 209 -10.17 2.69 -37.60
CA LEU D 209 -10.11 1.23 -37.72
C LEU D 209 -11.50 0.64 -37.81
N LEU D 210 -12.40 1.06 -36.92
CA LEU D 210 -13.78 0.58 -36.90
C LEU D 210 -14.51 0.92 -38.18
N CYS D 211 -14.35 2.15 -38.67
CA CYS D 211 -14.95 2.55 -39.94
C CYS D 211 -14.52 1.62 -41.06
N ALA D 212 -13.22 1.41 -41.21
CA ALA D 212 -12.71 0.55 -42.27
C ALA D 212 -13.16 -0.89 -42.10
N ILE D 213 -13.07 -1.42 -40.88
CA ILE D 213 -13.26 -2.84 -40.68
C ILE D 213 -14.74 -3.16 -40.81
N HIS D 214 -15.62 -2.25 -40.38
CA HIS D 214 -17.04 -2.50 -40.44
C HIS D 214 -17.52 -2.40 -41.88
N GLY D 215 -17.03 -1.41 -42.62
CA GLY D 215 -17.37 -1.34 -44.02
C GLY D 215 -16.92 -2.55 -44.83
N ALA D 216 -15.67 -2.99 -44.62
CA ALA D 216 -15.18 -4.14 -45.38
C ALA D 216 -15.86 -5.43 -44.96
N THR D 217 -16.19 -5.55 -43.67
CA THR D 217 -16.87 -6.74 -43.20
C THR D 217 -18.27 -6.82 -43.77
N VAL D 218 -18.99 -5.71 -43.79
CA VAL D 218 -20.31 -5.70 -44.40
C VAL D 218 -20.20 -6.01 -45.87
N GLN D 219 -19.24 -5.39 -46.56
CA GLN D 219 -19.12 -5.59 -47.99
C GLN D 219 -18.70 -7.01 -48.35
N ASN D 220 -18.10 -7.74 -47.43
CA ASN D 220 -17.64 -9.07 -47.75
C ASN D 220 -18.49 -10.16 -47.12
N THR D 221 -19.53 -9.80 -46.38
CA THR D 221 -20.53 -10.75 -45.92
C THR D 221 -21.88 -10.49 -46.53
N LEU D 222 -21.92 -9.89 -47.70
CA LEU D 222 -23.16 -9.60 -48.40
C LEU D 222 -23.89 -10.88 -48.79
N PHE D 223 -25.20 -10.77 -48.94
CA PHE D 223 -25.98 -11.87 -49.46
C PHE D 223 -26.12 -11.76 -50.99
N ARG D 224 -26.37 -12.90 -51.64
CA ARG D 224 -26.61 -12.94 -53.08
C ARG D 224 -28.04 -12.48 -53.39
N ASP D 225 -28.25 -11.17 -53.29
CA ASP D 225 -29.57 -10.61 -53.55
C ASP D 225 -29.66 -9.97 -54.92
N ASN D 226 -28.90 -10.48 -55.88
CA ASN D 226 -28.97 -10.00 -57.26
C ASN D 226 -28.40 -11.12 -58.14
N GLN D 227 -28.15 -10.81 -59.41
CA GLN D 227 -27.66 -11.79 -60.38
C GLN D 227 -26.39 -11.28 -61.03
N SER D 228 -26.21 -9.96 -61.01
CA SER D 228 -25.04 -9.37 -61.65
C SER D 228 -23.85 -9.38 -60.72
N LYS D 229 -22.67 -9.21 -61.30
CA LYS D 229 -21.44 -9.22 -60.53
C LYS D 229 -21.29 -7.94 -59.73
N ASN D 230 -21.94 -6.88 -60.18
CA ASN D 230 -22.02 -5.61 -59.46
C ASN D 230 -22.96 -5.77 -58.28
N THR D 231 -22.42 -6.03 -57.10
CA THR D 231 -23.30 -6.27 -55.96
C THR D 231 -23.87 -5.01 -55.36
N PHE D 232 -23.62 -3.85 -55.94
CA PHE D 232 -24.21 -2.64 -55.38
C PHE D 232 -25.68 -2.53 -55.70
N LYS D 233 -26.18 -3.29 -56.68
CA LYS D 233 -27.60 -3.35 -56.98
C LYS D 233 -28.28 -4.51 -56.29
N GLY D 234 -27.72 -5.01 -55.20
CA GLY D 234 -28.39 -6.06 -54.48
C GLY D 234 -29.02 -5.51 -53.23
N PHE D 235 -29.38 -4.24 -53.25
CA PHE D 235 -29.99 -3.68 -52.05
C PHE D 235 -31.05 -2.71 -52.53
N SER D 236 -32.21 -2.77 -51.88
CA SER D 236 -33.28 -1.83 -52.11
C SER D 236 -33.49 -1.05 -50.82
N THR D 237 -33.95 0.18 -50.96
CA THR D 237 -34.21 0.97 -49.76
C THR D 237 -35.38 0.42 -48.98
N ASP D 238 -36.39 -0.12 -49.69
CA ASP D 238 -37.65 -0.49 -49.06
C ASP D 238 -37.58 -1.80 -48.30
N GLN D 239 -36.59 -2.64 -48.61
CA GLN D 239 -36.51 -3.99 -48.04
C GLN D 239 -36.28 -3.91 -46.53
N GLY D 240 -36.83 -4.87 -45.80
CA GLY D 240 -36.67 -4.91 -44.37
C GLY D 240 -35.73 -5.98 -43.89
N GLU D 241 -34.92 -6.53 -44.77
CA GLU D 241 -34.03 -7.63 -44.39
C GLU D 241 -32.58 -7.20 -44.47
N GLU D 242 -31.76 -7.84 -43.62
CA GLU D 242 -30.34 -7.55 -43.57
C GLU D 242 -29.68 -7.89 -44.90
N THR D 243 -28.83 -6.97 -45.38
CA THR D 243 -28.16 -7.20 -46.64
C THR D 243 -26.85 -7.94 -46.47
N TYR D 244 -26.40 -8.11 -45.24
CA TYR D 244 -25.19 -8.86 -44.99
C TYR D 244 -25.40 -9.82 -43.84
N SER D 245 -24.73 -10.95 -43.91
CA SER D 245 -24.83 -11.96 -42.89
C SER D 245 -24.05 -11.56 -41.65
N MET D 246 -24.76 -11.29 -40.56
CA MET D 246 -24.07 -11.05 -39.31
C MET D 246 -23.51 -12.33 -38.72
N VAL D 247 -24.08 -13.48 -39.08
CA VAL D 247 -23.62 -14.75 -38.57
C VAL D 247 -22.26 -15.13 -39.17
N THR D 248 -22.11 -14.96 -40.49
CA THR D 248 -20.84 -15.23 -41.14
C THR D 248 -19.77 -14.25 -40.71
N ALA D 249 -20.14 -12.99 -40.50
CA ALA D 249 -19.20 -12.01 -40.00
C ALA D 249 -18.75 -12.32 -38.58
N ASN D 250 -19.69 -12.72 -37.71
CA ASN D 250 -19.32 -13.15 -36.36
C ASN D 250 -18.41 -14.37 -36.39
N ARG D 251 -18.71 -15.34 -37.26
CA ARG D 251 -17.86 -16.51 -37.41
C ARG D 251 -16.46 -16.14 -37.85
N PHE D 252 -16.37 -15.25 -38.84
CA PHE D 252 -15.07 -14.88 -39.40
C PHE D 252 -14.23 -14.16 -38.35
N TRP D 253 -14.80 -13.17 -37.69
CA TRP D 253 -13.99 -12.43 -36.75
C TRP D 253 -13.75 -13.21 -35.47
N SER D 254 -14.65 -14.12 -35.09
CA SER D 254 -14.35 -14.99 -33.95
C SER D 254 -13.18 -15.91 -34.25
N GLN D 255 -13.05 -16.39 -35.47
CA GLN D 255 -11.95 -17.30 -35.75
C GLN D 255 -10.71 -16.62 -36.32
N ILE D 256 -10.76 -15.31 -36.56
CA ILE D 256 -9.60 -14.53 -36.95
C ILE D 256 -9.03 -13.78 -35.75
N PHE D 257 -9.87 -13.02 -35.07
CA PHE D 257 -9.47 -12.13 -33.99
C PHE D 257 -9.75 -12.69 -32.61
N GLY D 258 -10.43 -13.83 -32.49
CA GLY D 258 -10.80 -14.37 -31.22
C GLY D 258 -12.13 -13.87 -30.69
N ILE D 259 -12.49 -12.63 -31.01
CA ILE D 259 -13.79 -12.07 -30.68
C ILE D 259 -14.41 -11.47 -31.93
N ALA D 260 -15.71 -11.22 -31.83
CA ALA D 260 -16.49 -10.65 -32.91
C ALA D 260 -17.70 -10.01 -32.28
N PHE D 261 -18.32 -9.11 -33.01
CA PHE D 261 -19.61 -8.63 -32.61
C PHE D 261 -20.64 -9.68 -32.91
N SER D 262 -21.62 -9.82 -32.03
CA SER D 262 -22.83 -10.53 -32.36
C SER D 262 -24.06 -9.63 -32.34
N ASN D 263 -23.98 -8.49 -31.69
CA ASN D 263 -25.08 -7.54 -31.59
C ASN D 263 -24.82 -6.39 -32.54
N LYS D 264 -25.71 -6.24 -33.53
CA LYS D 264 -25.55 -5.17 -34.52
C LYS D 264 -25.73 -3.82 -33.88
N ARG D 265 -26.69 -3.70 -32.95
CA ARG D 265 -26.93 -2.42 -32.30
C ARG D 265 -25.76 -2.01 -31.42
N TRP D 266 -25.17 -2.97 -30.72
CA TRP D 266 -23.99 -2.68 -29.92
C TRP D 266 -22.81 -2.30 -30.80
N LEU D 267 -22.66 -2.97 -31.94
CA LEU D 267 -21.63 -2.61 -32.91
C LEU D 267 -21.73 -1.15 -33.32
N HIS D 268 -22.93 -0.74 -33.71
CA HIS D 268 -23.08 0.63 -34.16
C HIS D 268 -23.08 1.62 -33.01
N PHE D 269 -23.35 1.19 -31.78
CA PHE D 269 -23.15 2.10 -30.68
C PHE D 269 -21.67 2.25 -30.37
N PHE D 270 -20.91 1.18 -30.52
CA PHE D 270 -19.46 1.23 -30.35
C PHE D 270 -18.82 2.14 -31.36
N MET D 271 -19.31 2.09 -32.61
CA MET D 271 -18.79 2.97 -33.65
C MET D 271 -19.08 4.42 -33.34
N LEU D 272 -20.14 4.70 -32.62
CA LEU D 272 -20.37 6.02 -32.07
C LEU D 272 -19.43 6.33 -30.93
N PHE D 273 -19.29 5.41 -30.00
CA PHE D 273 -18.70 5.67 -28.70
C PHE D 273 -17.21 5.90 -28.81
N VAL D 274 -16.53 5.20 -29.71
CA VAL D 274 -15.07 5.19 -29.74
C VAL D 274 -14.48 6.54 -30.17
N PRO D 275 -14.81 7.11 -31.34
CA PRO D 275 -14.17 8.38 -31.68
C PRO D 275 -14.69 9.55 -30.88
N VAL D 276 -15.94 9.48 -30.40
CA VAL D 276 -16.50 10.57 -29.61
C VAL D 276 -15.80 10.67 -28.27
N THR D 277 -15.60 9.53 -27.59
CA THR D 277 -14.89 9.57 -26.32
C THR D 277 -13.41 9.85 -26.47
N GLY D 278 -12.78 9.37 -27.55
CA GLY D 278 -11.42 9.82 -27.82
C GLY D 278 -11.34 11.33 -27.97
N LEU D 279 -12.28 11.91 -28.70
CA LEU D 279 -12.20 13.31 -29.03
C LEU D 279 -12.46 14.14 -27.78
N TRP D 280 -13.38 13.65 -26.93
CA TRP D 280 -13.63 14.29 -25.64
C TRP D 280 -12.44 14.22 -24.71
N MET D 281 -11.72 13.09 -24.69
CA MET D 281 -10.56 12.97 -23.81
C MET D 281 -9.43 13.90 -24.25
N SER D 282 -9.26 14.06 -25.56
CA SER D 282 -8.30 15.04 -26.06
C SER D 282 -8.71 16.45 -25.68
N ALA D 283 -10.00 16.74 -25.66
CA ALA D 283 -10.46 18.05 -25.21
C ALA D 283 -10.15 18.28 -23.74
N ILE D 284 -10.25 17.24 -22.93
CA ILE D 284 -9.83 17.32 -21.53
C ILE D 284 -8.35 17.67 -21.43
N GLY D 285 -7.53 17.03 -22.27
CA GLY D 285 -6.11 17.35 -22.29
C GLY D 285 -5.81 18.79 -22.66
N MET D 286 -6.53 19.32 -23.64
CA MET D 286 -6.36 20.73 -23.98
C MET D 286 -6.83 21.67 -22.87
N ALA D 287 -7.92 21.32 -22.20
CA ALA D 287 -8.37 22.12 -21.06
C ALA D 287 -7.29 22.19 -19.99
N GLY D 288 -6.56 21.10 -19.82
CA GLY D 288 -5.39 21.13 -18.95
C GLY D 288 -4.26 21.99 -19.48
N LEU D 289 -4.06 21.99 -20.78
CA LEU D 289 -2.98 22.81 -21.32
C LEU D 289 -3.30 24.29 -21.34
N ALA D 290 -4.55 24.67 -21.05
CA ALA D 290 -4.88 26.09 -20.93
C ALA D 290 -4.22 26.70 -19.70
N PHE D 291 -4.15 25.95 -18.62
CA PHE D 291 -3.56 26.42 -17.38
C PHE D 291 -2.13 26.02 -17.22
N ASN D 292 -1.52 25.55 -18.31
CA ASN D 292 -0.16 25.04 -18.39
C ASN D 292 0.03 23.79 -17.54
N LEU D 293 -1.06 23.16 -17.11
CA LEU D 293 -0.97 21.92 -16.36
C LEU D 293 -0.61 20.81 -17.32
N ARG D 294 0.67 20.51 -17.37
CA ARG D 294 1.24 19.69 -18.42
C ARG D 294 1.79 18.37 -17.91
N ALA D 295 1.57 17.34 -18.69
CA ALA D 295 2.38 16.13 -18.59
C ALA D 295 3.64 16.36 -19.44
N TYR D 296 4.49 17.25 -18.93
CA TYR D 296 5.72 17.58 -19.64
C TYR D 296 6.80 16.56 -19.37
N ASP D 297 6.89 16.08 -18.14
CA ASP D 297 8.07 15.34 -17.74
C ASP D 297 7.72 14.28 -16.72
N PHE D 298 8.57 13.28 -16.62
CA PHE D 298 8.53 12.29 -15.57
C PHE D 298 9.64 12.63 -14.59
N VAL D 299 9.26 13.00 -13.37
CA VAL D 299 10.19 13.59 -12.41
C VAL D 299 11.31 12.61 -12.07
N SER D 300 10.97 11.32 -11.98
CA SER D 300 11.96 10.28 -11.72
C SER D 300 13.04 10.23 -12.79
N GLN D 301 12.68 10.45 -14.04
CA GLN D 301 13.68 10.37 -15.09
C GLN D 301 14.43 11.66 -15.33
N GLU D 302 13.79 12.82 -15.14
CA GLU D 302 14.53 14.08 -15.18
C GLU D 302 15.53 14.15 -14.05
N ILE D 303 15.20 13.53 -12.92
CA ILE D 303 16.16 13.35 -11.84
C ILE D 303 17.28 12.41 -12.26
N ARG D 304 16.96 11.15 -12.62
CA ARG D 304 18.00 10.15 -12.87
C ARG D 304 18.96 10.54 -13.99
N ALA D 305 18.44 11.11 -15.08
CA ALA D 305 19.31 11.56 -16.15
C ALA D 305 20.26 12.67 -15.72
N ALA D 306 19.91 13.42 -14.67
CA ALA D 306 20.75 14.49 -14.15
C ALA D 306 21.72 14.04 -13.06
N GLU D 307 21.40 12.99 -12.31
CA GLU D 307 22.43 12.31 -11.52
C GLU D 307 23.21 11.27 -12.31
N ASP D 308 22.77 10.90 -13.50
CA ASP D 308 23.57 9.93 -14.23
C ASP D 308 23.72 10.40 -15.67
N PRO D 309 24.91 10.86 -16.06
CA PRO D 309 25.11 11.35 -17.43
C PRO D 309 25.23 10.23 -18.46
N GLU D 310 24.84 9.01 -18.07
CA GLU D 310 24.80 7.85 -18.95
C GLU D 310 23.38 7.36 -19.20
N PHE D 311 22.41 7.78 -18.39
CA PHE D 311 21.03 7.34 -18.49
C PHE D 311 20.33 8.11 -19.60
N GLU D 312 20.18 7.46 -20.74
CA GLU D 312 19.50 7.95 -21.92
C GLU D 312 18.30 7.06 -22.22
N THR D 313 17.12 7.66 -22.27
CA THR D 313 15.94 7.01 -22.80
C THR D 313 15.43 7.87 -23.94
N PHE D 314 14.49 7.34 -24.73
CA PHE D 314 13.84 8.12 -25.79
C PHE D 314 13.10 9.33 -25.24
N TYR D 315 12.70 9.26 -23.99
CA TYR D 315 12.07 10.40 -23.34
C TYR D 315 13.06 11.54 -23.13
N THR D 316 14.31 11.23 -22.73
CA THR D 316 15.29 12.28 -22.52
C THR D 316 15.66 12.93 -23.85
N LYS D 317 15.67 12.09 -24.87
CA LYS D 317 15.82 12.67 -26.28
CA LYS D 317 15.79 12.59 -26.28
C LYS D 317 14.61 13.43 -26.88
N ASN D 318 13.47 13.25 -26.17
CA ASN D 318 12.35 14.09 -26.53
C ASN D 318 12.39 15.40 -25.78
N ILE D 319 12.87 15.37 -24.53
CA ILE D 319 13.00 16.59 -23.76
C ILE D 319 14.04 17.51 -24.41
N LEU D 320 15.15 16.94 -24.88
CA LEU D 320 16.15 17.74 -25.60
C LEU D 320 15.58 18.33 -26.89
N LEU D 321 14.83 17.54 -27.65
CA LEU D 321 14.21 18.03 -28.87
C LEU D 321 13.21 19.14 -28.58
N ASN D 322 12.50 19.05 -27.46
CA ASN D 322 11.57 20.11 -27.07
C ASN D 322 12.29 21.41 -26.78
N GLU D 323 13.40 21.34 -26.05
CA GLU D 323 14.21 22.54 -25.80
C GLU D 323 14.74 23.13 -27.09
N GLY D 324 15.21 22.28 -27.99
CA GLY D 324 15.62 22.75 -29.29
C GLY D 324 14.52 23.46 -30.06
N LEU D 325 13.32 22.89 -30.06
CA LEU D 325 12.19 23.56 -30.70
C LEU D 325 11.89 24.90 -30.05
N ARG D 326 11.88 24.92 -28.71
CA ARG D 326 11.48 26.11 -27.99
C ARG D 326 12.38 27.28 -28.26
N ALA D 327 13.69 27.05 -28.20
CA ALA D 327 14.62 28.16 -28.37
C ALA D 327 14.76 28.58 -29.82
N TRP D 328 14.45 27.71 -30.75
CA TRP D 328 14.65 28.00 -32.16
C TRP D 328 13.37 28.36 -32.87
N LEU D 329 12.32 28.68 -32.13
CA LEU D 329 11.08 29.07 -32.74
C LEU D 329 10.61 30.38 -32.15
N SER D 330 10.88 30.56 -30.87
CA SER D 330 10.16 31.53 -30.07
C SER D 330 10.51 32.96 -30.42
N GLU D 331 11.66 33.19 -31.03
CA GLU D 331 12.04 34.55 -31.35
C GLU D 331 11.26 35.10 -32.53
N MET D 332 10.73 34.25 -33.41
CA MET D 332 9.82 34.70 -34.46
C MET D 332 8.41 34.20 -34.28
N ASP D 333 8.17 33.28 -33.35
CA ASP D 333 6.80 32.91 -33.04
C ASP D 333 6.08 34.06 -32.35
N GLN D 334 6.59 34.51 -31.21
CA GLN D 334 6.01 35.71 -30.61
C GLN D 334 6.92 36.91 -30.79
N PRO D 335 6.63 37.81 -31.73
CA PRO D 335 7.49 38.95 -31.97
C PRO D 335 7.15 40.16 -31.13
N ALA D 336 6.07 40.10 -30.35
CA ALA D 336 5.83 41.13 -29.36
C ALA D 336 6.76 40.97 -28.18
N LYS D 337 7.22 39.75 -27.91
CA LYS D 337 8.07 39.52 -26.75
C LYS D 337 9.48 40.04 -26.97
N LYS D 338 9.91 40.11 -28.23
CA LYS D 338 11.26 40.51 -28.62
C LYS D 338 12.31 39.63 -27.94
N PHE D 339 12.17 38.32 -28.13
CA PHE D 339 13.15 37.38 -27.61
C PHE D 339 14.44 37.53 -28.39
N VAL D 340 15.52 37.86 -27.70
CA VAL D 340 16.83 37.91 -28.30
C VAL D 340 17.63 36.75 -27.74
N PHE D 341 17.92 35.77 -28.59
CA PHE D 341 18.78 34.66 -28.24
C PHE D 341 20.00 34.74 -29.12
N PRO D 342 21.21 34.95 -28.57
CA PRO D 342 22.42 34.87 -29.37
C PRO D 342 22.61 33.47 -29.95
N ASP D 343 23.36 33.41 -31.06
CA ASP D 343 23.56 32.15 -31.77
C ASP D 343 24.23 31.10 -30.92
N GLU D 344 24.91 31.49 -29.85
CA GLU D 344 25.69 30.60 -29.03
C GLU D 344 25.03 30.24 -27.70
N VAL D 345 23.81 30.70 -27.44
CA VAL D 345 22.98 30.05 -26.44
C VAL D 345 21.90 29.18 -27.06
N LEU D 346 21.72 29.22 -28.37
CA LEU D 346 20.75 28.33 -28.99
C LEU D 346 21.25 26.89 -28.88
N PRO D 347 20.46 25.98 -28.33
CA PRO D 347 20.87 24.58 -28.26
C PRO D 347 21.03 23.97 -29.63
N ARG D 348 22.26 23.68 -29.99
CA ARG D 348 22.59 22.97 -31.20
C ARG D 348 22.93 21.54 -30.82
N GLY D 349 22.95 20.66 -31.78
CA GLY D 349 23.35 19.31 -31.45
C GLY D 349 24.68 19.05 -32.07
N PHE D 350 25.55 20.06 -32.08
CA PHE D 350 26.92 19.95 -32.55
C PHE D 350 26.98 19.51 -34.02
N SER D 351 26.54 20.40 -34.90
CA SER D 351 26.53 20.14 -36.33
C SER D 351 27.94 19.86 -36.85
N TRP E 20 -28.38 32.47 -69.35
CA TRP E 20 -27.53 32.90 -70.44
C TRP E 20 -28.11 34.13 -71.15
N ILE E 21 -29.14 34.71 -70.55
CA ILE E 21 -29.71 35.94 -71.08
C ILE E 21 -29.61 37.03 -70.01
N ILE E 22 -30.27 36.82 -68.88
CA ILE E 22 -30.17 37.72 -67.74
C ILE E 22 -28.83 37.61 -67.02
N HIS E 23 -28.08 36.55 -67.29
CA HIS E 23 -26.74 36.40 -66.75
C HIS E 23 -25.62 36.58 -67.77
N SER E 24 -25.95 36.92 -69.01
CA SER E 24 -24.98 37.21 -70.07
C SER E 24 -23.84 38.13 -69.62
N ILE E 25 -24.20 39.31 -69.09
CA ILE E 25 -23.19 40.22 -68.55
C ILE E 25 -23.10 40.19 -67.03
N THR E 26 -24.06 39.56 -66.35
CA THR E 26 -24.06 39.56 -64.88
C THR E 26 -22.85 38.84 -64.32
N ILE E 27 -22.52 37.67 -64.86
CA ILE E 27 -21.33 36.91 -64.46
C ILE E 27 -20.09 37.71 -64.85
N PRO E 28 -19.95 38.26 -66.10
CA PRO E 28 -18.81 39.14 -66.39
C PRO E 28 -18.63 40.33 -65.49
N ALA E 29 -19.70 41.11 -65.26
CA ALA E 29 -19.58 42.35 -64.50
C ALA E 29 -19.03 42.08 -63.11
N LEU E 30 -19.54 41.04 -62.47
CA LEU E 30 -19.09 40.65 -61.13
C LEU E 30 -17.65 40.16 -61.13
N PHE E 31 -17.30 39.29 -62.08
CA PHE E 31 -15.95 38.74 -62.13
C PHE E 31 -14.93 39.85 -62.38
N ILE E 32 -15.20 40.69 -63.38
CA ILE E 32 -14.38 41.87 -63.66
C ILE E 32 -14.34 42.82 -62.47
N ALA E 33 -15.44 42.94 -61.72
CA ALA E 33 -15.43 43.77 -60.52
C ALA E 33 -14.41 43.28 -59.50
N GLY E 34 -14.37 41.97 -59.26
CA GLY E 34 -13.35 41.42 -58.37
C GLY E 34 -11.93 41.57 -58.92
N TRP E 35 -11.77 41.33 -60.21
CA TRP E 35 -10.49 41.51 -60.89
C TRP E 35 -9.99 42.94 -60.77
N LEU E 36 -10.86 43.91 -61.03
CA LEU E 36 -10.48 45.31 -60.96
C LEU E 36 -10.37 45.81 -59.53
N PHE E 37 -10.99 45.13 -58.58
CA PHE E 37 -10.80 45.47 -57.18
C PHE E 37 -9.39 45.13 -56.75
N VAL E 38 -8.88 43.97 -57.18
CA VAL E 38 -7.46 43.69 -56.95
C VAL E 38 -6.56 44.56 -57.83
N SER E 39 -6.89 44.71 -59.11
CA SER E 39 -5.94 45.27 -60.06
C SER E 39 -5.78 46.78 -59.90
N THR E 40 -6.82 47.49 -59.50
CA THR E 40 -6.69 48.92 -59.29
C THR E 40 -6.03 49.27 -57.98
N GLY E 41 -5.76 48.28 -57.12
CA GLY E 41 -5.15 48.53 -55.84
C GLY E 41 -6.12 48.84 -54.73
N LEU E 42 -7.43 48.76 -54.99
CA LEU E 42 -8.41 49.01 -53.95
C LEU E 42 -8.38 47.97 -52.85
N ALA E 43 -7.86 46.77 -53.12
CA ALA E 43 -7.82 45.74 -52.07
C ALA E 43 -6.82 46.10 -50.99
N TYR E 44 -5.66 46.63 -51.39
CA TYR E 44 -4.61 47.01 -50.45
C TYR E 44 -5.09 48.11 -49.52
N ASP E 45 -5.86 49.06 -50.06
CA ASP E 45 -6.44 50.10 -49.24
C ASP E 45 -7.71 49.65 -48.51
N ALA E 46 -8.34 48.59 -49.00
CA ALA E 46 -9.60 48.13 -48.42
C ALA E 46 -9.36 47.38 -47.12
N PHE E 47 -8.30 46.60 -47.07
CA PHE E 47 -7.99 45.82 -45.89
C PHE E 47 -6.73 46.27 -45.15
N GLY E 48 -6.10 47.36 -45.61
CA GLY E 48 -4.86 47.77 -45.00
C GLY E 48 -3.70 46.86 -45.31
N THR E 49 -3.81 46.06 -46.35
CA THR E 49 -2.76 45.14 -46.71
C THR E 49 -1.55 45.91 -47.22
N PRO E 50 -0.34 45.61 -46.73
CA PRO E 50 0.85 46.27 -47.24
C PRO E 50 1.09 45.93 -48.71
N ARG E 51 1.42 46.96 -49.47
CA ARG E 51 1.79 46.78 -50.86
C ARG E 51 3.18 46.13 -50.90
N PRO E 52 3.59 45.56 -52.05
CA PRO E 52 4.90 44.87 -52.10
C PRO E 52 6.14 45.65 -51.69
N ASN E 53 6.05 46.95 -51.43
CA ASN E 53 7.18 47.71 -50.91
C ASN E 53 6.89 48.46 -49.62
N GLU E 54 5.76 48.21 -48.97
CA GLU E 54 5.47 48.80 -47.66
C GLU E 54 5.91 47.92 -46.51
N TYR E 55 6.51 46.77 -46.79
CA TYR E 55 6.87 45.86 -45.71
C TYR E 55 8.07 46.36 -44.93
N TYR E 56 9.12 46.78 -45.63
CA TYR E 56 10.36 47.26 -45.00
C TYR E 56 10.72 48.59 -45.63
N PRO E 57 10.13 49.70 -45.15
CA PRO E 57 10.43 51.01 -45.73
C PRO E 57 11.84 51.50 -45.41
N LEU E 63 10.09 45.62 -37.92
CA LEU E 63 8.79 45.48 -38.54
C LEU E 63 7.68 45.68 -37.50
N PRO E 64 6.58 46.34 -37.90
CA PRO E 64 5.62 46.87 -36.90
C PRO E 64 4.54 45.92 -36.38
N ILE E 65 4.91 45.10 -35.39
CA ILE E 65 3.90 44.44 -34.58
C ILE E 65 3.29 45.47 -33.65
N VAL E 66 1.96 45.57 -33.66
CA VAL E 66 1.31 46.55 -32.81
C VAL E 66 1.43 46.11 -31.37
N ASP E 67 1.85 47.02 -30.50
CA ASP E 67 2.23 46.72 -29.14
C ASP E 67 1.24 47.25 -28.11
N ASP E 68 0.17 47.88 -28.54
CA ASP E 68 -0.80 48.48 -27.64
C ASP E 68 -2.21 48.24 -28.14
N ARG E 69 -3.15 48.22 -27.19
CA ARG E 69 -4.49 47.70 -27.44
C ARG E 69 -5.44 48.77 -27.96
N TYR E 70 -5.66 49.82 -27.19
CA TYR E 70 -6.72 50.76 -27.52
C TYR E 70 -6.34 51.67 -28.69
N ASN E 71 -5.05 51.92 -28.89
CA ASN E 71 -4.59 52.70 -30.05
C ASN E 71 -3.52 51.94 -30.82
N PRO E 72 -3.90 51.02 -31.74
CA PRO E 72 -2.99 50.35 -32.68
C PRO E 72 -2.13 51.32 -33.49
N PHE F 15 -35.76 36.49 -56.11
CA PHE F 15 -36.23 37.25 -54.95
C PHE F 15 -36.77 36.30 -53.89
N THR F 16 -36.83 35.02 -54.22
CA THR F 16 -37.33 33.99 -53.32
C THR F 16 -36.19 33.38 -52.51
N ILE F 17 -36.46 32.28 -51.83
CA ILE F 17 -35.53 31.69 -50.87
C ILE F 17 -34.52 30.92 -51.69
N ARG F 18 -34.98 30.38 -52.81
CA ARG F 18 -34.10 29.67 -53.73
C ARG F 18 -33.08 30.62 -54.37
N TRP F 19 -33.42 31.90 -54.51
CA TRP F 19 -32.60 32.88 -55.21
C TRP F 19 -31.60 33.55 -54.29
N LEU F 20 -31.68 33.28 -53.00
CA LEU F 20 -30.80 33.88 -51.99
C LEU F 20 -29.80 32.88 -51.43
N ALA F 21 -30.20 31.63 -51.28
CA ALA F 21 -29.32 30.59 -50.79
C ALA F 21 -28.45 30.01 -51.89
N ILE F 22 -28.44 30.62 -53.08
CA ILE F 22 -27.61 30.15 -54.18
C ILE F 22 -26.82 31.35 -54.67
N HIS F 23 -27.13 32.52 -54.13
CA HIS F 23 -26.46 33.74 -54.55
C HIS F 23 -25.62 34.39 -53.47
N ALA F 24 -26.07 34.38 -52.21
CA ALA F 24 -25.23 34.87 -51.12
C ALA F 24 -23.95 34.06 -51.00
N LEU F 25 -23.96 32.80 -51.45
CA LEU F 25 -22.74 32.02 -51.52
C LEU F 25 -22.00 32.23 -52.84
N ALA F 26 -22.64 32.79 -53.86
CA ALA F 26 -22.04 32.79 -55.20
C ALA F 26 -21.86 34.17 -55.83
N ILE F 27 -22.67 35.16 -55.47
CA ILE F 27 -22.33 36.54 -55.81
C ILE F 27 -20.99 36.95 -55.21
N PRO F 28 -20.66 36.63 -53.95
CA PRO F 28 -19.27 36.85 -53.52
C PRO F 28 -18.27 35.93 -54.18
N SER F 29 -18.61 34.67 -54.45
CA SER F 29 -17.62 33.68 -54.81
C SER F 29 -16.98 33.98 -56.15
N VAL F 30 -17.78 34.44 -57.12
CA VAL F 30 -17.25 34.81 -58.42
C VAL F 30 -16.35 36.04 -58.31
N PHE F 31 -16.73 36.98 -57.44
CA PHE F 31 -15.89 38.15 -57.17
C PHE F 31 -14.54 37.74 -56.60
N PHE F 32 -14.58 36.82 -55.62
CA PHE F 32 -13.34 36.29 -54.98
C PHE F 32 -12.49 35.61 -56.05
N LEU F 33 -13.11 34.74 -56.86
CA LEU F 33 -12.36 34.05 -57.92
C LEU F 33 -11.77 35.02 -58.93
N GLY F 34 -12.48 36.11 -59.25
CA GLY F 34 -11.91 37.11 -60.14
C GLY F 34 -10.74 37.83 -59.52
N SER F 35 -10.85 38.16 -58.24
CA SER F 35 -9.76 38.77 -57.51
C SER F 35 -8.54 37.84 -57.48
N ILE F 36 -8.74 36.56 -57.16
CA ILE F 36 -7.64 35.62 -57.04
C ILE F 36 -7.03 35.32 -58.40
N ALA F 37 -7.83 35.34 -59.46
CA ALA F 37 -7.25 35.21 -60.80
C ALA F 37 -6.43 36.43 -61.17
N ALA F 38 -6.82 37.62 -60.71
CA ALA F 38 -5.96 38.79 -60.90
C ALA F 38 -4.66 38.67 -60.10
N MET F 39 -4.70 38.02 -58.94
CA MET F 39 -3.49 37.86 -58.12
C MET F 39 -2.44 36.97 -58.76
N GLN F 40 -2.80 36.17 -59.75
CA GLN F 40 -1.80 35.40 -60.46
C GLN F 40 -0.97 36.27 -61.40
N PHE F 41 -1.34 37.55 -61.55
CA PHE F 41 -0.63 38.45 -62.48
C PHE F 41 0.00 39.65 -61.74
N ILE F 42 0.06 39.60 -60.41
CA ILE F 42 0.65 40.68 -59.64
C ILE F 42 2.16 40.49 -59.61
N GLN F 43 2.90 41.53 -59.95
CA GLN F 43 4.35 41.53 -59.84
C GLN F 43 4.71 42.18 -58.50
N ARG F 44 5.34 41.40 -57.64
CA ARG F 44 5.74 41.89 -56.33
C ARG F 44 7.25 41.80 -56.23
N ARG G 2 -47.38 3.35 -4.13
CA ARG G 2 -48.10 2.87 -2.97
C ARG G 2 -49.48 3.49 -2.87
N GLN G 3 -50.45 2.67 -2.47
CA GLN G 3 -51.79 3.15 -2.13
C GLN G 3 -51.97 3.36 -0.64
N LYS G 4 -51.18 2.69 0.19
CA LYS G 4 -51.20 2.89 1.62
C LYS G 4 -49.95 3.66 2.03
N TYR G 5 -50.16 4.80 2.64
CA TYR G 5 -49.10 5.62 3.19
C TYR G 5 -48.84 5.20 4.61
N VAL G 6 -47.72 5.68 5.16
CA VAL G 6 -47.40 5.32 6.53
C VAL G 6 -48.28 6.09 7.48
N SER G 7 -48.31 5.63 8.73
CA SER G 7 -49.04 6.29 9.80
C SER G 7 -48.59 7.73 10.00
N ASN G 8 -49.49 8.55 10.52
CA ASN G 8 -49.13 9.91 10.90
C ASN G 8 -48.15 9.96 12.05
N LYS G 9 -48.03 8.88 12.82
CA LYS G 9 -47.02 8.82 13.87
C LYS G 9 -45.63 8.54 13.31
N ALA G 10 -45.54 7.83 12.19
CA ALA G 10 -44.26 7.62 11.52
C ALA G 10 -43.86 8.81 10.65
N ALA G 11 -44.81 9.62 10.21
CA ALA G 11 -44.51 10.79 9.39
C ALA G 11 -45.48 11.91 9.72
N PRO G 12 -45.17 12.72 10.74
CA PRO G 12 -46.10 13.77 11.15
C PRO G 12 -46.38 14.85 10.12
N LEU G 13 -45.41 15.24 9.31
CA LEU G 13 -45.59 16.31 8.34
C LEU G 13 -46.06 15.81 7.00
N GLN G 14 -46.64 14.62 6.97
CA GLN G 14 -47.06 13.95 5.75
C GLN G 14 -48.14 14.74 5.02
N TYR G 15 -49.31 14.80 5.60
CA TYR G 15 -50.43 15.57 5.07
C TYR G 15 -50.27 17.08 5.14
N PRO G 16 -49.56 17.67 6.12
CA PRO G 16 -49.31 19.12 6.04
C PRO G 16 -48.43 19.56 4.87
N LEU G 17 -47.64 18.68 4.28
CA LEU G 17 -46.74 19.05 3.20
C LEU G 17 -47.19 18.51 1.85
N ARG G 18 -48.29 17.78 1.82
CA ARG G 18 -48.86 17.30 0.56
C ARG G 18 -49.75 18.34 -0.08
N LYS G 19 -50.29 19.28 0.71
CA LYS G 19 -51.06 20.39 0.16
C LYS G 19 -50.24 21.20 -0.83
N LEU G 20 -48.93 21.35 -0.57
CA LEU G 20 -48.07 22.02 -1.51
C LEU G 20 -47.80 21.15 -2.74
N ASN G 21 -47.71 19.84 -2.55
CA ASN G 21 -47.53 18.93 -3.70
C ASN G 21 -48.84 18.33 -4.18
N SER G 22 -49.84 19.16 -4.42
CA SER G 22 -51.16 18.64 -4.73
C SER G 22 -51.68 19.04 -6.09
N GLU G 23 -51.30 20.20 -6.61
CA GLU G 23 -51.75 20.66 -7.91
C GLU G 23 -50.74 20.39 -9.01
N ALA G 24 -49.99 19.31 -8.87
CA ALA G 24 -49.00 18.86 -9.85
C ALA G 24 -49.65 18.57 -11.19
N GLY G 25 -49.31 19.37 -12.20
CA GLY G 25 -49.85 19.24 -13.53
C GLY G 25 -50.77 20.38 -13.95
N LYS G 26 -51.22 21.19 -12.99
CA LYS G 26 -52.09 22.31 -13.31
C LYS G 26 -51.31 23.38 -14.06
N VAL G 27 -51.90 23.86 -15.17
CA VAL G 27 -51.31 24.89 -16.01
C VAL G 27 -52.33 26.00 -16.18
N VAL G 28 -51.88 27.11 -16.78
CA VAL G 28 -52.83 28.08 -17.29
C VAL G 28 -52.98 27.84 -18.79
N PRO G 29 -54.17 28.00 -19.35
CA PRO G 29 -54.34 27.71 -20.78
C PRO G 29 -53.75 28.79 -21.65
N GLY G 30 -53.32 28.38 -22.83
CA GLY G 30 -52.75 29.31 -23.78
C GLY G 30 -51.31 29.68 -23.45
N TRP G 31 -50.87 30.79 -24.03
CA TRP G 31 -49.48 31.21 -23.93
C TRP G 31 -49.13 31.78 -22.57
N GLY G 32 -50.11 32.01 -21.71
CA GLY G 32 -49.84 32.34 -20.31
C GLY G 32 -49.16 33.67 -20.14
N THR G 33 -48.13 33.69 -19.29
CA THR G 33 -47.36 34.90 -19.01
C THR G 33 -46.02 34.92 -19.73
N ALA G 34 -45.75 33.93 -20.58
CA ALA G 34 -44.58 33.83 -21.44
C ALA G 34 -44.20 35.06 -22.29
N PRO G 35 -45.12 35.93 -22.73
CA PRO G 35 -44.66 37.17 -23.37
C PRO G 35 -43.79 38.05 -22.49
N LEU G 36 -44.00 38.03 -21.17
CA LEU G 36 -43.11 38.72 -20.26
C LEU G 36 -41.80 37.97 -20.08
N MET G 37 -41.89 36.64 -20.11
CA MET G 37 -40.71 35.79 -20.06
C MET G 37 -39.78 36.05 -21.22
N GLY G 38 -40.31 36.27 -22.42
CA GLY G 38 -39.46 36.61 -23.55
C GLY G 38 -38.73 37.94 -23.38
N ILE G 39 -39.43 38.93 -22.80
CA ILE G 39 -38.82 40.22 -22.50
C ILE G 39 -37.68 40.04 -21.49
N MET G 40 -37.88 39.18 -20.51
CA MET G 40 -36.81 38.92 -19.55
C MET G 40 -35.67 38.10 -20.15
N LEU G 41 -35.97 37.15 -21.04
CA LEU G 41 -34.89 36.47 -21.76
C LEU G 41 -34.12 37.38 -22.69
N ILE G 42 -34.67 38.51 -23.12
CA ILE G 42 -33.79 39.36 -23.93
C ILE G 42 -33.05 40.31 -23.00
N ALA G 43 -33.69 40.73 -21.90
CA ALA G 43 -33.06 41.68 -20.99
C ALA G 43 -31.91 41.05 -20.23
N LEU G 44 -32.05 39.80 -19.78
CA LEU G 44 -30.98 39.15 -19.04
C LEU G 44 -29.81 38.80 -19.96
N LEU G 45 -30.10 38.43 -21.21
CA LEU G 45 -29.01 38.23 -22.17
C LEU G 45 -28.30 39.54 -22.47
N LEU G 46 -29.02 40.66 -22.53
CA LEU G 46 -28.37 41.96 -22.67
C LEU G 46 -27.52 42.29 -21.45
N PHE G 47 -27.98 41.92 -20.25
CA PHE G 47 -27.17 42.12 -19.05
C PHE G 47 -25.90 41.29 -19.09
N ILE G 48 -26.01 40.03 -19.52
CA ILE G 48 -24.83 39.15 -19.58
C ILE G 48 -23.85 39.67 -20.61
N LEU G 49 -24.36 40.12 -21.76
CA LEU G 49 -23.50 40.71 -22.79
C LEU G 49 -22.79 41.96 -22.30
N THR G 50 -23.51 42.86 -21.62
CA THR G 50 -22.87 44.10 -21.19
C THR G 50 -21.89 43.85 -20.05
N ILE G 51 -22.15 42.88 -19.19
CA ILE G 51 -21.24 42.64 -18.09
C ILE G 51 -20.00 41.91 -18.58
N LEU G 52 -20.14 41.08 -19.62
CA LEU G 52 -18.97 40.47 -20.22
C LEU G 52 -18.13 41.50 -20.95
N GLN G 53 -18.78 42.41 -21.69
CA GLN G 53 -18.06 43.47 -22.40
C GLN G 53 -17.39 44.42 -21.43
N LEU G 54 -17.95 44.56 -20.24
CA LEU G 54 -17.44 45.50 -19.27
C LEU G 54 -16.24 44.92 -18.52
N TYR G 55 -16.35 43.64 -18.11
CA TYR G 55 -15.19 42.88 -17.63
C TYR G 55 -14.06 42.91 -18.66
N ASN G 56 -14.38 42.67 -19.92
CA ASN G 56 -13.38 42.45 -20.97
C ASN G 56 -12.68 43.74 -21.39
N GLY G 57 -13.19 44.91 -21.02
CA GLY G 57 -12.59 46.13 -21.47
C GLY G 57 -12.97 46.53 -22.87
N THR G 58 -13.98 45.89 -23.45
CA THR G 58 -14.63 46.44 -24.64
C THR G 58 -15.46 47.66 -24.27
N VAL G 59 -16.09 47.65 -23.12
CA VAL G 59 -16.79 48.82 -22.62
C VAL G 59 -15.95 49.41 -21.50
N ILE G 60 -15.37 50.58 -21.75
CA ILE G 60 -14.58 51.30 -20.77
C ILE G 60 -15.46 52.46 -20.33
N VAL G 61 -16.17 52.27 -19.24
CA VAL G 61 -16.88 53.36 -18.61
C VAL G 61 -16.13 53.72 -17.34
N GLU G 62 -16.11 55.01 -17.00
CA GLU G 62 -15.53 55.50 -15.76
C GLU G 62 -16.17 54.82 -14.56
N GLY G 63 -15.37 54.06 -13.82
CA GLY G 63 -15.88 53.30 -12.69
C GLY G 63 -15.31 51.91 -12.68
N ILE G 64 -14.98 51.40 -13.87
CA ILE G 64 -14.40 50.08 -14.05
C ILE G 64 -12.92 50.27 -14.37
N ASP G 65 -12.05 49.72 -13.53
CA ASP G 65 -10.62 49.78 -13.81
C ASP G 65 -10.22 48.83 -14.94
N VAL G 66 -11.06 47.84 -15.24
CA VAL G 66 -10.85 46.79 -16.25
C VAL G 66 -9.63 45.92 -15.94
N MET H 1 27.09 -21.41 -31.06
CA MET H 1 25.82 -20.94 -31.62
C MET H 1 25.57 -21.57 -32.98
N VAL H 2 26.47 -22.46 -33.39
CA VAL H 2 26.29 -23.18 -34.64
C VAL H 2 25.11 -24.14 -34.54
N THR H 3 24.99 -24.83 -33.41
CA THR H 3 23.83 -25.69 -33.20
C THR H 3 22.54 -24.89 -33.17
N LEU H 4 22.57 -23.66 -32.65
CA LEU H 4 21.35 -22.86 -32.65
C LEU H 4 21.01 -22.37 -34.04
N LYS H 5 22.03 -22.05 -34.84
CA LYS H 5 21.81 -21.72 -36.24
C LYS H 5 21.20 -22.89 -36.99
N ILE H 6 21.64 -24.12 -36.70
CA ILE H 6 21.06 -25.31 -37.32
C ILE H 6 19.61 -25.49 -36.89
N VAL H 7 19.32 -25.31 -35.59
CA VAL H 7 17.94 -25.43 -35.10
C VAL H 7 17.04 -24.41 -35.78
N VAL H 8 17.53 -23.18 -35.95
CA VAL H 8 16.72 -22.17 -36.61
C VAL H 8 16.51 -22.51 -38.07
N TYR H 9 17.55 -23.02 -38.75
CA TYR H 9 17.42 -23.39 -40.15
C TYR H 9 16.41 -24.51 -40.33
N LEU H 10 16.45 -25.52 -39.47
CA LEU H 10 15.50 -26.62 -39.55
C LEU H 10 14.09 -26.20 -39.14
N THR H 11 13.94 -25.36 -38.12
CA THR H 11 12.62 -24.90 -37.72
C THR H 11 11.95 -24.08 -38.82
N VAL H 12 12.70 -23.17 -39.44
CA VAL H 12 12.18 -22.40 -40.55
C VAL H 12 11.84 -23.31 -41.70
N SER H 13 12.72 -24.30 -41.97
CA SER H 13 12.47 -25.26 -43.03
C SER H 13 11.18 -26.03 -42.81
N PHE H 14 10.97 -26.48 -41.59
CA PHE H 14 9.80 -27.28 -41.26
C PHE H 14 8.51 -26.47 -41.41
N PHE H 15 8.52 -25.23 -40.90
CA PHE H 15 7.28 -24.45 -40.97
C PHE H 15 6.99 -24.00 -42.39
N VAL H 16 8.01 -23.62 -43.16
CA VAL H 16 7.74 -23.22 -44.53
C VAL H 16 7.41 -24.43 -45.39
N GLY H 17 7.95 -25.62 -45.07
CA GLY H 17 7.56 -26.81 -45.79
C GLY H 17 6.14 -27.19 -45.52
N LEU H 18 5.70 -27.01 -44.27
CA LEU H 18 4.29 -27.22 -43.95
C LEU H 18 3.41 -26.30 -44.76
N PHE H 19 3.77 -25.01 -44.83
CA PHE H 19 3.03 -24.05 -45.67
C PHE H 19 2.96 -24.51 -47.12
N ILE H 20 4.11 -24.85 -47.69
CA ILE H 20 4.18 -25.11 -49.13
C ILE H 20 3.48 -26.41 -49.48
N PHE H 21 3.80 -27.51 -48.80
CA PHE H 21 3.13 -28.76 -49.10
C PHE H 21 1.67 -28.75 -48.68
N GLY H 22 1.27 -27.87 -47.75
CA GLY H 22 -0.14 -27.75 -47.46
C GLY H 22 -0.90 -26.98 -48.50
N PHE H 23 -0.24 -26.11 -49.25
CA PHE H 23 -0.89 -25.49 -50.38
C PHE H 23 -0.76 -26.28 -51.68
N LEU H 24 -0.11 -27.44 -51.67
CA LEU H 24 -0.24 -28.41 -52.75
C LEU H 24 -1.10 -29.60 -52.38
N SER H 25 -1.91 -29.47 -51.35
CA SER H 25 -2.85 -30.52 -50.95
C SER H 25 -4.23 -30.31 -51.54
N GLY H 26 -4.34 -29.68 -52.71
CA GLY H 26 -5.62 -29.41 -53.31
C GLY H 26 -6.44 -28.39 -52.55
N ASP H 27 -5.79 -27.29 -52.16
CA ASP H 27 -6.43 -26.28 -51.33
C ASP H 27 -7.68 -25.62 -51.93
N PRO H 28 -7.81 -25.33 -53.23
CA PRO H 28 -9.08 -24.77 -53.72
C PRO H 28 -10.29 -25.67 -53.56
N ALA H 29 -10.11 -26.96 -53.37
CA ALA H 29 -11.23 -27.85 -53.08
C ALA H 29 -11.67 -27.80 -51.62
N ARG H 30 -11.08 -26.92 -50.81
CA ARG H 30 -11.40 -26.81 -49.40
C ARG H 30 -12.35 -25.65 -49.11
N ASN H 31 -13.16 -25.30 -50.04
CA ASN H 31 -14.24 -24.34 -50.08
C ASN H 31 -15.56 -24.99 -49.64
N PRO H 32 -16.51 -24.20 -49.10
CA PRO H 32 -17.81 -24.79 -48.77
C PRO H 32 -18.58 -25.29 -49.97
N SER H 33 -18.50 -24.56 -51.09
CA SER H 33 -19.20 -24.97 -52.31
C SER H 33 -18.24 -25.85 -53.12
N GLY H 34 -18.31 -27.16 -52.85
CA GLY H 34 -17.57 -28.12 -53.65
C GLY H 34 -16.22 -28.52 -53.11
N GLU I 9 18.72 20.38 -76.03
CA GLU I 9 17.81 20.78 -77.09
C GLU I 9 17.75 19.73 -78.21
N LEU I 10 16.57 19.60 -78.82
CA LEU I 10 16.36 18.70 -79.94
C LEU I 10 17.06 19.24 -81.18
N PRO I 11 17.33 18.36 -82.16
CA PRO I 11 18.05 18.79 -83.37
C PRO I 11 17.35 19.92 -84.12
N GLU I 12 18.17 20.83 -84.65
CA GLU I 12 17.67 22.06 -85.25
C GLU I 12 16.85 21.78 -86.51
N ALA I 13 17.20 20.71 -87.23
CA ALA I 13 16.46 20.29 -88.41
C ALA I 13 15.00 20.01 -88.08
N TYR I 14 14.76 19.42 -86.91
CA TYR I 14 13.42 19.12 -86.45
C TYR I 14 13.07 19.92 -85.19
N ARG I 15 13.42 21.21 -85.20
CA ARG I 15 13.16 22.14 -84.11
C ARG I 15 12.01 23.07 -84.48
N ALA I 16 10.98 22.49 -85.12
CA ALA I 16 9.77 23.22 -85.47
C ALA I 16 8.57 22.83 -84.64
N PHE I 17 8.59 21.64 -84.04
CA PHE I 17 7.47 21.15 -83.24
C PHE I 17 7.19 22.05 -82.04
N GLY I 18 8.22 22.32 -81.24
CA GLY I 18 8.11 23.20 -80.10
C GLY I 18 7.15 22.67 -79.04
N PRO I 19 5.99 23.30 -78.91
CA PRO I 19 4.99 22.84 -77.93
C PRO I 19 4.43 21.46 -78.21
N LEU I 20 4.59 20.94 -79.44
CA LEU I 20 4.17 19.57 -79.72
C LEU I 20 4.88 18.57 -78.82
N ILE I 21 6.21 18.68 -78.72
CA ILE I 21 7.01 17.82 -77.85
C ILE I 21 6.61 18.02 -76.39
N ASP I 22 6.17 19.22 -76.02
CA ASP I 22 5.61 19.40 -74.69
C ASP I 22 4.33 18.60 -74.51
N VAL I 23 3.51 18.49 -75.57
CA VAL I 23 2.23 17.82 -75.43
C VAL I 23 2.39 16.30 -75.37
N LEU I 24 3.29 15.73 -76.18
CA LEU I 24 3.34 14.27 -76.29
C LEU I 24 3.55 13.44 -75.02
N PRO I 25 4.25 13.88 -73.96
CA PRO I 25 4.27 13.03 -72.75
C PRO I 25 2.93 12.93 -72.07
N ILE I 26 2.15 14.00 -72.03
CA ILE I 26 0.87 13.97 -71.33
C ILE I 26 -0.23 13.59 -72.30
N LEU I 27 0.15 13.09 -73.48
CA LEU I 27 -0.85 12.52 -74.37
C LEU I 27 -1.52 11.29 -73.76
N PRO I 28 -0.81 10.30 -73.20
CA PRO I 28 -1.52 9.16 -72.59
C PRO I 28 -2.33 9.50 -71.35
N ILE I 29 -2.04 10.57 -70.61
CA ILE I 29 -2.88 10.90 -69.47
C ILE I 29 -4.26 11.39 -69.92
N PHE I 30 -4.41 11.79 -71.18
CA PHE I 30 -5.70 12.15 -71.74
C PHE I 30 -6.52 10.97 -72.22
N PHE I 31 -5.90 9.80 -72.41
CA PHE I 31 -6.68 8.65 -72.88
C PHE I 31 -7.57 8.11 -71.79
N LEU I 32 -7.06 8.04 -70.56
CA LEU I 32 -7.87 7.71 -69.40
C LEU I 32 -8.97 8.74 -69.16
N LEU I 33 -8.73 10.01 -69.49
CA LEU I 33 -9.80 11.00 -69.36
C LEU I 33 -10.86 10.80 -70.43
N LEU I 34 -10.45 10.55 -71.67
CA LEU I 34 -11.39 10.33 -72.76
C LEU I 34 -12.16 9.04 -72.58
N ALA I 35 -11.65 8.10 -71.78
CA ALA I 35 -12.43 6.92 -71.41
C ALA I 35 -13.68 7.31 -70.60
N PHE I 36 -13.47 8.20 -69.62
CA PHE I 36 -14.60 8.72 -68.80
C PHE I 36 -15.51 9.58 -69.70
N VAL I 37 -14.91 10.28 -70.68
CA VAL I 37 -15.69 11.10 -71.60
C VAL I 37 -16.61 10.23 -72.46
N TRP I 38 -16.07 9.13 -73.00
CA TRP I 38 -16.87 8.22 -73.82
C TRP I 38 -17.94 7.54 -72.97
N GLN I 39 -17.62 7.19 -71.72
CA GLN I 39 -18.61 6.57 -70.85
C GLN I 39 -19.73 7.53 -70.48
N ALA I 40 -19.42 8.82 -70.35
CA ALA I 40 -20.47 9.80 -70.16
C ALA I 40 -21.29 9.97 -71.43
N SER I 41 -20.63 9.89 -72.59
CA SER I 41 -21.31 10.06 -73.87
C SER I 41 -22.32 8.96 -74.10
N VAL I 42 -21.97 7.72 -73.77
CA VAL I 42 -22.95 6.64 -73.83
C VAL I 42 -23.85 6.67 -72.60
N GLY I 43 -23.49 7.41 -71.57
CA GLY I 43 -24.30 7.54 -70.41
C GLY I 43 -24.00 6.55 -69.31
N PHE I 44 -22.82 5.93 -69.31
CA PHE I 44 -22.45 4.81 -68.46
C PHE I 44 -23.50 3.71 -68.54
N ARG I 45 -23.82 3.33 -69.77
CA ARG I 45 -24.84 2.35 -70.04
C ARG I 45 -24.29 0.96 -69.71
N GLN J 11 -36.66 -3.90 -12.29
CA GLN J 11 -35.72 -4.83 -12.90
C GLN J 11 -34.38 -4.78 -12.16
N PRO J 12 -33.75 -5.92 -11.98
CA PRO J 12 -32.43 -5.93 -11.35
C PRO J 12 -31.35 -5.54 -12.35
N VAL J 13 -30.20 -5.15 -11.82
CA VAL J 13 -29.06 -4.76 -12.63
C VAL J 13 -28.46 -6.00 -13.30
N GLU J 14 -27.93 -5.84 -14.50
CA GLU J 14 -27.16 -6.91 -15.09
C GLU J 14 -25.75 -6.44 -15.39
N LEU J 15 -24.89 -7.42 -15.66
CA LEU J 15 -23.65 -7.20 -16.35
C LEU J 15 -23.33 -8.53 -17.01
N ASN J 16 -23.51 -8.63 -18.31
CA ASN J 16 -23.26 -9.90 -18.97
C ASN J 16 -21.75 -10.15 -19.10
N ARG J 17 -21.37 -11.31 -19.63
CA ARG J 17 -19.96 -11.67 -19.70
C ARG J 17 -19.18 -10.73 -20.59
N THR J 18 -19.75 -10.37 -21.73
CA THR J 18 -19.07 -9.49 -22.66
C THR J 18 -18.83 -8.12 -22.04
N SER J 19 -19.82 -7.58 -21.34
CA SER J 19 -19.64 -6.33 -20.65
C SER J 19 -18.60 -6.45 -19.55
N LEU J 20 -18.54 -7.59 -18.87
CA LEU J 20 -17.49 -7.78 -17.87
C LEU J 20 -16.11 -7.76 -18.50
N TYR J 21 -15.92 -8.44 -19.63
CA TYR J 21 -14.62 -8.46 -20.28
C TYR J 21 -14.24 -7.09 -20.81
N LEU J 22 -15.22 -6.37 -21.38
CA LEU J 22 -14.97 -5.03 -21.87
C LEU J 22 -14.61 -4.10 -20.72
N GLY J 23 -15.32 -4.22 -19.60
CA GLY J 23 -15.01 -3.39 -18.46
C GLY J 23 -13.66 -3.71 -17.87
N LEU J 24 -13.32 -4.98 -17.80
CA LEU J 24 -12.01 -5.35 -17.29
C LEU J 24 -10.90 -4.81 -18.17
N LEU J 25 -11.02 -4.94 -19.49
CA LEU J 25 -9.97 -4.39 -20.34
C LEU J 25 -9.89 -2.88 -20.25
N VAL J 26 -11.03 -2.18 -20.21
CA VAL J 26 -10.93 -0.72 -20.19
C VAL J 26 -10.30 -0.26 -18.88
N VAL J 27 -10.66 -0.90 -17.76
CA VAL J 27 -9.98 -0.65 -16.48
C VAL J 27 -8.51 -0.97 -16.56
N PHE J 28 -8.15 -2.14 -17.07
CA PHE J 28 -6.77 -2.60 -16.98
C PHE J 28 -5.87 -1.78 -17.89
N VAL J 29 -6.32 -1.48 -19.10
CA VAL J 29 -5.54 -0.68 -20.02
C VAL J 29 -5.47 0.78 -19.58
N THR J 30 -6.56 1.33 -19.04
CA THR J 30 -6.53 2.69 -18.54
C THR J 30 -5.61 2.80 -17.32
N GLY J 31 -5.61 1.78 -16.47
CA GLY J 31 -4.70 1.78 -15.34
C GLY J 31 -3.25 1.65 -15.75
N LEU J 32 -2.98 0.81 -16.75
CA LEU J 32 -1.63 0.73 -17.28
C LEU J 32 -1.19 2.04 -17.90
N LEU J 33 -2.11 2.75 -18.53
CA LEU J 33 -1.78 4.06 -19.10
C LEU J 33 -1.46 5.07 -18.01
N PHE J 34 -2.29 5.15 -16.98
CA PHE J 34 -2.12 6.18 -15.97
C PHE J 34 -1.16 5.79 -14.86
N SER J 35 -0.70 4.55 -14.82
CA SER J 35 0.26 4.13 -13.82
C SER J 35 1.57 4.89 -13.94
N SER J 36 2.05 5.08 -15.17
CA SER J 36 3.31 5.76 -15.41
C SER J 36 3.30 7.18 -14.90
N TYR J 37 2.12 7.80 -14.86
CA TYR J 37 1.97 9.16 -14.41
C TYR J 37 1.60 9.25 -12.94
N PHE J 38 1.01 8.21 -12.38
CA PHE J 38 0.82 8.16 -10.95
C PHE J 38 2.15 7.95 -10.25
N PHE J 39 3.02 7.14 -10.84
CA PHE J 39 4.38 6.97 -10.34
C PHE J 39 5.23 8.20 -10.58
N ASN J 40 4.97 8.90 -11.68
CA ASN J 40 5.73 10.05 -12.16
C ASN J 40 7.22 9.78 -12.27
N MET K 1 15.22 5.06 -8.32
CA MET K 1 14.25 5.88 -9.04
C MET K 1 13.39 6.70 -8.08
N GLU K 2 13.46 8.02 -8.22
CA GLU K 2 12.68 8.93 -7.40
C GLU K 2 11.26 8.99 -7.93
N THR K 3 10.51 7.93 -7.67
CA THR K 3 9.13 7.82 -8.10
C THR K 3 8.24 8.08 -6.91
N ASN K 4 7.00 8.47 -7.21
CA ASN K 4 5.98 8.63 -6.19
C ASN K 4 5.75 7.32 -5.46
N LYS K 5 5.84 7.38 -4.13
CA LYS K 5 5.61 6.22 -3.31
C LYS K 5 4.16 5.74 -3.45
N LEU K 6 3.21 6.65 -3.24
CA LEU K 6 1.79 6.32 -3.32
C LEU K 6 1.36 6.05 -4.75
N GLY K 7 2.22 6.32 -5.72
CA GLY K 7 1.95 5.93 -7.09
C GLY K 7 1.78 4.43 -7.26
N PHE K 8 2.33 3.63 -6.35
CA PHE K 8 1.98 2.22 -6.42
C PHE K 8 0.54 2.00 -5.94
N VAL K 9 0.20 2.57 -4.78
CA VAL K 9 -1.11 2.31 -4.21
C VAL K 9 -2.18 3.08 -4.98
N ALA K 10 -1.80 4.14 -5.70
CA ALA K 10 -2.75 4.76 -6.61
C ALA K 10 -2.99 3.88 -7.83
N SER K 11 -1.95 3.18 -8.29
CA SER K 11 -2.10 2.37 -9.50
C SER K 11 -3.02 1.19 -9.27
N VAL K 12 -2.95 0.58 -8.09
CA VAL K 12 -3.62 -0.70 -7.87
C VAL K 12 -5.06 -0.49 -7.42
N LEU K 13 -5.36 0.57 -6.67
CA LEU K 13 -6.76 0.88 -6.39
C LEU K 13 -7.48 1.53 -7.55
N PHE K 14 -6.75 2.21 -8.43
CA PHE K 14 -7.38 2.71 -9.64
C PHE K 14 -7.89 1.57 -10.52
N VAL K 15 -7.29 0.40 -10.43
CA VAL K 15 -7.54 -0.65 -11.41
C VAL K 15 -8.21 -1.86 -10.79
N PHE K 16 -8.29 -1.96 -9.47
CA PHE K 16 -9.06 -3.05 -8.89
C PHE K 16 -10.29 -2.63 -8.08
N VAL K 17 -10.39 -1.38 -7.63
CA VAL K 17 -11.67 -0.89 -7.11
C VAL K 17 -12.78 -0.92 -8.16
N PRO K 18 -12.58 -0.44 -9.40
CA PRO K 18 -13.60 -0.71 -10.42
C PRO K 18 -13.75 -2.17 -10.77
N THR K 19 -12.64 -2.93 -10.77
CA THR K 19 -12.66 -4.31 -11.24
C THR K 19 -13.56 -5.18 -10.38
N VAL K 20 -13.44 -5.08 -9.06
CA VAL K 20 -14.31 -5.87 -8.17
C VAL K 20 -15.76 -5.47 -8.38
N PHE K 21 -16.02 -4.18 -8.65
CA PHE K 21 -17.37 -3.72 -8.95
C PHE K 21 -17.93 -4.48 -10.13
N LEU K 22 -17.14 -4.58 -11.20
CA LEU K 22 -17.59 -5.29 -12.37
C LEU K 22 -17.82 -6.75 -12.05
N LEU K 23 -16.92 -7.36 -11.29
CA LEU K 23 -17.11 -8.77 -10.98
C LEU K 23 -18.33 -8.98 -10.12
N ILE K 24 -18.59 -8.05 -9.18
CA ILE K 24 -19.80 -8.14 -8.38
C ILE K 24 -21.01 -8.14 -9.30
N LEU K 25 -21.03 -7.17 -10.22
CA LEU K 25 -22.14 -7.04 -11.15
C LEU K 25 -22.23 -8.23 -12.08
N TYR K 26 -21.10 -8.80 -12.46
CA TYR K 26 -21.18 -9.94 -13.35
C TYR K 26 -21.70 -11.16 -12.60
N ILE K 27 -21.20 -11.37 -11.38
CA ILE K 27 -21.49 -12.59 -10.65
C ILE K 27 -22.95 -12.64 -10.28
N GLN K 28 -23.49 -11.52 -9.81
CA GLN K 28 -24.91 -11.42 -9.52
C GLN K 28 -25.77 -11.52 -10.77
N THR K 29 -25.22 -11.24 -11.95
CA THR K 29 -25.98 -11.47 -13.16
C THR K 29 -25.97 -12.95 -13.51
N ALA K 30 -24.85 -13.62 -13.26
CA ALA K 30 -24.72 -15.01 -13.67
C ALA K 30 -25.46 -15.95 -12.73
N SER K 31 -25.86 -15.47 -11.57
CA SER K 31 -26.49 -16.32 -10.58
C SER K 31 -27.95 -15.93 -10.41
N TYR L 28 40.18 -7.12 -51.40
CA TYR L 28 39.38 -6.70 -50.25
C TYR L 28 38.13 -7.55 -50.09
N ASP L 29 37.60 -8.06 -51.21
CA ASP L 29 36.38 -8.86 -51.18
C ASP L 29 36.56 -10.15 -50.41
N ASP L 30 37.78 -10.69 -50.36
CA ASP L 30 38.06 -11.84 -49.51
C ASP L 30 38.00 -11.47 -48.02
N ILE L 31 38.44 -10.26 -47.66
CA ILE L 31 38.42 -9.80 -46.28
C ILE L 31 37.21 -8.94 -45.95
N ARG L 32 36.37 -8.61 -46.93
CA ARG L 32 35.15 -7.86 -46.67
C ARG L 32 34.13 -8.80 -46.03
N GLY L 33 33.85 -8.58 -44.76
CA GLY L 33 32.97 -9.44 -43.98
C GLY L 33 33.69 -10.42 -43.09
N SER L 34 34.95 -10.73 -43.38
CA SER L 34 35.75 -11.57 -42.51
C SER L 34 36.32 -10.77 -41.35
N GLY L 35 37.13 -9.75 -41.65
CA GLY L 35 37.67 -8.91 -40.60
C GLY L 35 39.17 -8.93 -40.44
N LEU L 36 39.89 -9.04 -41.55
CA LEU L 36 41.34 -9.24 -41.52
C LEU L 36 42.10 -8.07 -40.91
N ALA L 37 41.48 -6.90 -40.78
CA ALA L 37 42.11 -5.83 -40.01
C ALA L 37 42.05 -6.11 -38.52
N ASN L 38 40.89 -6.53 -38.02
CA ASN L 38 40.64 -6.64 -36.60
C ASN L 38 41.48 -7.70 -35.91
N ILE L 61 59.92 3.62 -38.60
CA ILE L 61 59.11 2.42 -38.38
C ILE L 61 57.74 2.58 -39.04
N ARG L 62 57.31 1.52 -39.72
CA ARG L 62 56.11 1.53 -40.55
C ARG L 62 54.89 1.15 -39.70
N SER L 63 53.79 0.79 -40.38
CA SER L 63 52.50 0.44 -39.77
C SER L 63 52.61 -0.62 -38.70
N LEU L 64 52.31 -0.25 -37.46
CA LEU L 64 52.43 -1.09 -36.29
C LEU L 64 51.03 -1.41 -35.78
N CYS L 65 50.58 -2.64 -35.99
CA CYS L 65 49.25 -3.06 -35.60
C CYS L 65 49.34 -3.82 -34.29
N LEU L 66 48.31 -3.68 -33.47
CA LEU L 66 48.28 -4.17 -32.10
C LEU L 66 46.97 -4.90 -31.93
N GLN L 67 46.99 -6.22 -31.77
CA GLN L 67 45.76 -7.01 -31.79
C GLN L 67 45.52 -7.67 -30.44
N PRO L 68 44.73 -7.07 -29.56
CA PRO L 68 44.38 -7.72 -28.30
C PRO L 68 43.48 -8.91 -28.52
N GLN L 69 43.56 -9.86 -27.58
CA GLN L 69 42.60 -10.95 -27.54
C GLN L 69 42.01 -11.18 -26.16
N THR L 70 42.35 -10.35 -25.17
CA THR L 70 41.77 -10.49 -23.85
C THR L 70 41.83 -9.17 -23.10
N PHE L 71 40.80 -8.92 -22.25
CA PHE L 71 40.68 -7.66 -21.50
C PHE L 71 40.36 -7.97 -20.02
N LEU L 72 41.40 -8.12 -19.20
CA LEU L 72 41.22 -8.29 -17.76
C LEU L 72 41.17 -6.93 -17.08
N VAL L 73 40.03 -6.62 -16.45
CA VAL L 73 39.88 -5.39 -15.66
C VAL L 73 40.08 -5.77 -14.19
N GLU L 74 40.87 -4.97 -13.48
CA GLU L 74 41.14 -5.22 -12.07
C GLU L 74 40.01 -4.61 -11.23
N THR L 75 38.94 -5.38 -11.09
CA THR L 75 37.80 -4.97 -10.29
C THR L 75 38.10 -5.12 -8.80
N PHE L 76 37.41 -4.33 -7.99
CA PHE L 76 37.58 -4.39 -6.54
C PHE L 76 36.53 -5.31 -5.92
N ARG L 89 40.84 -8.09 -8.19
CA ARG L 89 41.62 -8.89 -9.12
C ARG L 89 41.21 -8.62 -10.56
N PHE L 90 42.09 -8.98 -11.48
CA PHE L 90 41.83 -8.81 -12.91
C PHE L 90 40.93 -9.95 -13.39
N VAL L 91 39.66 -9.63 -13.63
CA VAL L 91 38.69 -10.56 -14.23
C VAL L 91 38.50 -10.19 -15.69
N GLU L 92 38.31 -11.19 -16.54
CA GLU L 92 38.16 -10.97 -17.97
C GLU L 92 36.69 -11.02 -18.37
N GLY L 93 36.24 -9.98 -19.06
CA GLY L 93 34.85 -9.83 -19.45
C GLY L 93 34.58 -10.40 -20.83
N LYS L 94 33.74 -9.71 -21.59
CA LYS L 94 33.44 -10.09 -22.96
C LYS L 94 33.30 -8.86 -23.86
N LEU L 95 33.66 -9.03 -25.13
CA LEU L 95 33.78 -7.94 -26.10
C LEU L 95 32.43 -7.55 -26.66
N LEU L 96 31.97 -6.34 -26.36
CA LEU L 96 30.63 -5.94 -26.78
C LEU L 96 30.65 -5.10 -28.04
N THR L 97 31.83 -4.76 -28.53
CA THR L 97 32.05 -3.99 -29.75
C THR L 97 32.75 -4.88 -30.77
N ARG L 98 31.98 -5.33 -31.78
CA ARG L 98 32.04 -6.61 -32.52
C ARG L 98 33.46 -7.11 -32.71
N SER L 99 34.29 -6.42 -33.49
CA SER L 99 35.72 -6.69 -33.59
C SER L 99 36.35 -5.42 -34.18
N SER L 100 36.61 -4.42 -33.33
CA SER L 100 37.17 -3.18 -33.84
C SER L 100 38.30 -2.71 -32.92
N PHE L 101 39.10 -3.66 -32.44
CA PHE L 101 40.09 -3.38 -31.40
C PHE L 101 41.52 -3.41 -31.93
N THR L 102 41.72 -3.32 -33.24
CA THR L 102 43.06 -3.42 -33.82
C THR L 102 43.70 -2.03 -33.85
N LEU L 103 44.55 -1.73 -32.87
CA LEU L 103 45.27 -0.45 -32.88
C LEU L 103 46.32 -0.54 -33.97
N ASP L 104 45.97 -0.07 -35.17
CA ASP L 104 46.73 -0.43 -36.35
C ASP L 104 47.32 0.79 -37.04
N GLN L 105 48.34 0.50 -37.85
CA GLN L 105 49.00 1.47 -38.73
C GLN L 105 49.67 2.61 -37.97
N VAL L 106 50.13 2.32 -36.76
CA VAL L 106 50.85 3.31 -35.95
C VAL L 106 52.21 3.62 -36.57
N LEU L 118 67.69 2.93 -26.92
CA LEU L 118 66.60 2.60 -27.83
C LEU L 118 65.25 3.09 -27.30
N THR L 119 64.57 3.92 -28.08
CA THR L 119 63.27 4.45 -27.71
C THR L 119 62.45 4.71 -28.97
N PHE L 120 61.13 4.53 -28.84
CA PHE L 120 60.17 4.73 -29.95
C PHE L 120 59.17 5.82 -29.57
N VAL L 121 59.01 6.81 -30.46
CA VAL L 121 58.09 7.93 -30.25
C VAL L 121 56.81 7.61 -31.00
N GLU L 122 55.68 7.98 -30.41
CA GLU L 122 54.39 7.72 -31.02
C GLU L 122 54.17 8.58 -32.26
N GLN L 123 53.26 8.12 -33.11
CA GLN L 123 53.03 8.68 -34.43
C GLN L 123 51.54 8.70 -34.71
N GLY L 124 51.15 8.84 -35.98
CA GLY L 124 49.73 8.79 -36.31
C GLY L 124 49.16 7.39 -36.27
N GLY L 125 48.31 7.06 -37.23
CA GLY L 125 47.65 5.77 -37.23
C GLY L 125 46.54 5.68 -36.22
N PHE L 126 45.90 4.52 -36.17
CA PHE L 126 44.79 4.30 -35.23
C PHE L 126 45.36 3.98 -33.85
N ASP L 127 45.89 5.03 -33.25
CA ASP L 127 46.40 5.00 -31.90
C ASP L 127 45.30 5.22 -30.87
N PHE L 128 44.04 4.98 -31.26
CA PHE L 128 42.93 4.88 -30.31
C PHE L 128 41.97 3.85 -30.87
N GLN L 129 41.39 3.04 -29.98
CA GLN L 129 40.23 2.22 -30.29
C GLN L 129 39.35 2.21 -29.05
N PRO L 130 38.17 2.85 -29.12
CA PRO L 130 37.18 2.70 -28.05
C PRO L 130 36.44 1.37 -28.06
N VAL L 131 36.66 0.53 -27.05
CA VAL L 131 36.03 -0.78 -27.01
C VAL L 131 35.31 -0.93 -25.67
N THR L 132 34.00 -1.17 -25.73
CA THR L 132 33.18 -1.43 -24.54
C THR L 132 33.21 -2.92 -24.26
N VAL L 133 33.73 -3.31 -23.10
CA VAL L 133 33.72 -4.72 -22.72
C VAL L 133 32.78 -4.90 -21.54
N GLN L 134 32.36 -6.14 -21.32
CA GLN L 134 31.49 -6.40 -20.17
C GLN L 134 32.13 -7.44 -19.25
N ASN L 137 28.50 -9.98 -13.75
CA ASN L 137 28.08 -8.74 -13.08
C ASN L 137 26.99 -8.03 -13.89
N GLY L 138 27.36 -7.57 -15.09
CA GLY L 138 26.42 -6.90 -15.96
C GLY L 138 26.66 -5.41 -16.08
N ASP L 139 27.93 -5.00 -16.07
CA ASP L 139 28.31 -3.59 -16.13
C ASP L 139 29.21 -3.37 -17.33
N ARG L 140 28.82 -2.45 -18.20
CA ARG L 140 29.61 -2.10 -19.38
C ARG L 140 30.75 -1.15 -19.00
N VAL L 141 31.96 -1.51 -19.39
CA VAL L 141 33.14 -0.67 -19.17
C VAL L 141 33.66 -0.21 -20.53
N PRO L 142 33.40 1.05 -20.91
CA PRO L 142 33.87 1.57 -22.21
C PRO L 142 35.32 2.05 -22.20
N LEU L 143 36.32 1.21 -22.44
CA LEU L 143 37.70 1.66 -22.27
C LEU L 143 38.22 2.19 -23.61
N LEU L 144 38.86 3.36 -23.57
CA LEU L 144 39.60 3.87 -24.70
C LEU L 144 40.97 3.20 -24.70
N PHE L 145 41.05 2.02 -25.32
CA PHE L 145 42.33 1.42 -25.60
C PHE L 145 43.17 2.33 -26.48
N THR L 146 44.30 2.83 -25.99
CA THR L 146 45.06 3.74 -26.81
C THR L 146 46.51 3.70 -26.36
N VAL L 147 47.41 4.04 -27.27
CA VAL L 147 48.79 4.41 -26.92
C VAL L 147 49.14 5.72 -27.64
N LYS L 148 49.05 6.82 -26.91
CA LYS L 148 49.51 8.12 -27.40
C LYS L 148 50.69 8.55 -26.55
N GLY L 149 51.91 8.26 -27.02
CA GLY L 149 53.11 8.69 -26.35
C GLY L 149 53.98 7.55 -25.85
N THR L 160 70.20 -4.64 -30.00
CA THR L 160 69.59 -5.17 -31.22
C THR L 160 68.26 -5.85 -30.92
N ILE L 161 67.42 -5.99 -31.94
CA ILE L 161 66.12 -6.65 -31.79
C ILE L 161 66.32 -8.15 -31.90
N ARG L 162 66.10 -8.85 -30.80
CA ARG L 162 66.26 -10.30 -30.72
C ARG L 162 64.98 -10.87 -30.14
N PRO L 163 64.83 -12.20 -30.00
CA PRO L 163 63.65 -12.70 -29.30
C PRO L 163 63.72 -12.60 -27.78
N SER L 164 64.21 -11.48 -27.25
CA SER L 164 64.03 -11.17 -25.83
C SER L 164 63.81 -9.67 -25.61
N THR L 165 64.15 -8.85 -26.61
CA THR L 165 64.29 -7.42 -26.41
C THR L 165 62.95 -6.74 -26.20
N ARG L 166 62.84 -5.91 -25.17
CA ARG L 166 61.56 -5.26 -24.88
C ARG L 166 61.65 -3.74 -24.87
N PHE L 167 60.66 -3.10 -25.47
CA PHE L 167 60.52 -1.65 -25.50
C PHE L 167 59.47 -1.20 -24.48
N SER L 168 59.83 -1.24 -23.21
CA SER L 168 58.92 -0.80 -22.15
C SER L 168 58.78 0.71 -22.16
N GLY L 169 57.55 1.19 -21.99
CA GLY L 169 57.29 2.61 -22.08
C GLY L 169 55.95 2.97 -21.47
N SER L 170 55.66 4.28 -21.50
CA SER L 170 54.42 4.84 -20.97
C SER L 170 53.79 5.77 -21.99
N PHE L 171 52.45 5.85 -21.93
CA PHE L 171 51.66 6.63 -22.87
C PHE L 171 50.58 7.43 -22.15
N ASP L 172 50.16 8.51 -22.79
CA ASP L 172 49.16 9.43 -22.24
C ASP L 172 47.80 9.10 -22.86
N VAL L 173 46.91 8.52 -22.04
CA VAL L 173 45.54 8.19 -22.42
C VAL L 173 44.69 9.46 -22.40
N PRO L 174 44.15 9.87 -23.55
CA PRO L 174 43.20 10.99 -23.55
C PRO L 174 41.86 10.56 -22.98
N PRO L 175 40.94 11.49 -22.71
CA PRO L 175 39.60 11.07 -22.28
C PRO L 175 38.90 10.28 -23.37
N TYR L 176 38.00 9.39 -22.92
CA TYR L 176 37.23 8.52 -23.80
C TYR L 176 36.54 9.31 -24.89
N ARG L 177 35.81 10.35 -24.51
CA ARG L 177 35.16 11.22 -25.47
C ARG L 177 35.74 12.63 -25.31
N THR L 178 35.76 13.36 -26.41
CA THR L 178 36.29 14.73 -26.35
C THR L 178 35.26 15.65 -25.70
N SER L 179 35.70 16.87 -25.41
CA SER L 179 34.90 17.75 -24.56
C SER L 179 33.64 18.28 -25.25
N SER L 180 33.50 18.10 -26.56
CA SER L 180 32.25 18.42 -27.24
C SER L 180 31.19 17.32 -27.11
N PHE L 181 31.36 16.35 -26.22
CA PHE L 181 30.29 15.43 -25.89
C PHE L 181 29.25 16.08 -24.99
N ILE L 182 28.00 15.68 -25.18
CA ILE L 182 26.86 16.14 -24.40
C ILE L 182 26.21 14.93 -23.73
N ASP L 183 25.91 15.06 -22.44
CA ASP L 183 25.17 14.03 -21.70
C ASP L 183 23.70 14.04 -22.12
N PRO L 184 22.90 13.10 -21.60
CA PRO L 184 21.44 13.18 -21.78
C PRO L 184 20.74 14.47 -21.31
N LYS L 185 21.37 15.35 -20.54
CA LYS L 185 20.67 16.52 -20.03
C LYS L 185 20.97 17.81 -20.79
N GLY L 186 21.72 17.74 -21.88
CA GLY L 186 22.08 18.93 -22.62
C GLY L 186 23.40 19.55 -22.23
N ARG L 187 24.08 19.02 -21.23
CA ARG L 187 25.29 19.68 -20.74
C ARG L 187 26.53 19.07 -21.35
N GLY L 188 27.54 19.91 -21.54
CA GLY L 188 28.82 19.49 -22.07
C GLY L 188 29.82 20.59 -21.84
N LEU L 189 31.06 20.33 -22.25
CA LEU L 189 32.17 21.20 -21.85
C LEU L 189 32.55 22.17 -22.96
N ALA L 190 32.94 21.66 -24.13
CA ALA L 190 33.19 22.54 -25.25
C ALA L 190 31.89 23.10 -25.80
N VAL L 191 30.88 22.26 -25.92
CA VAL L 191 29.54 22.63 -26.32
C VAL L 191 28.54 22.00 -25.36
N GLY L 192 27.56 22.78 -24.90
CA GLY L 192 26.53 22.27 -24.03
C GLY L 192 26.18 23.15 -22.86
N TYR L 193 25.18 22.73 -22.09
CA TYR L 193 24.82 23.39 -20.84
C TYR L 193 25.94 23.27 -19.82
N ASP L 194 25.90 24.18 -18.87
CA ASP L 194 26.83 24.19 -17.75
C ASP L 194 26.21 23.62 -16.49
N ALA L 195 24.89 23.45 -16.47
CA ALA L 195 24.15 22.90 -15.34
C ALA L 195 22.96 22.12 -15.86
N ALA L 196 22.38 21.30 -14.99
CA ALA L 196 21.12 20.65 -15.29
C ALA L 196 20.01 21.67 -15.50
N VAL L 197 19.48 21.73 -16.73
CA VAL L 197 18.38 22.64 -17.04
C VAL L 197 17.02 21.98 -16.93
N GLY L 198 16.95 20.74 -16.46
CA GLY L 198 15.65 20.15 -16.17
C GLY L 198 15.00 20.75 -14.94
N ILE L 199 15.78 20.95 -13.89
CA ILE L 199 15.27 21.40 -12.60
C ILE L 199 15.79 22.80 -12.28
N PRO L 200 15.12 23.57 -11.41
CA PRO L 200 15.48 24.94 -11.04
C PRO L 200 15.07 25.30 -9.61
N ARG L 205 24.39 24.48 -8.69
CA ARG L 205 23.06 24.83 -8.20
C ARG L 205 22.74 24.05 -6.93
N GLU L 206 23.09 22.76 -6.95
CA GLU L 206 22.81 21.83 -5.88
C GLU L 206 23.92 20.79 -5.86
N ALA L 207 23.66 19.63 -5.27
CA ALA L 207 24.59 18.51 -5.24
C ALA L 207 24.86 17.90 -6.62
N PHE L 208 24.31 18.45 -7.69
CA PHE L 208 24.51 17.95 -9.04
C PHE L 208 25.82 18.38 -9.65
N SER L 209 26.55 19.28 -8.98
CA SER L 209 27.69 19.98 -9.60
C SER L 209 28.86 19.07 -9.89
N ARG L 210 28.88 17.84 -9.37
CA ARG L 210 29.90 16.88 -9.76
C ARG L 210 29.67 16.39 -11.18
N GLN L 211 28.40 16.27 -11.60
CA GLN L 211 28.10 15.94 -12.99
C GLN L 211 27.91 17.17 -13.88
N ASN L 212 27.65 18.34 -13.29
CA ASN L 212 27.47 19.55 -14.08
C ASN L 212 28.75 20.01 -14.77
N ASN L 213 29.75 20.43 -13.99
CA ASN L 213 31.02 20.94 -14.50
C ASN L 213 31.92 19.79 -14.93
N LYS L 214 31.99 19.53 -16.23
CA LYS L 214 32.77 18.40 -16.72
C LYS L 214 34.24 18.75 -16.87
N SER L 215 35.08 17.77 -16.56
CA SER L 215 36.53 17.92 -16.59
C SER L 215 37.11 17.04 -17.70
N PHE L 216 38.30 17.43 -18.17
CA PHE L 216 39.02 16.70 -19.21
C PHE L 216 40.48 16.55 -18.77
N LYS L 217 40.74 15.53 -17.95
CA LYS L 217 42.11 15.26 -17.51
C LYS L 217 42.78 14.26 -18.45
N VAL L 218 43.96 13.77 -18.08
CA VAL L 218 44.70 12.83 -18.91
C VAL L 218 45.21 11.73 -17.99
N GLY L 219 45.29 10.51 -18.52
CA GLY L 219 45.74 9.38 -17.74
C GLY L 219 47.05 8.86 -18.31
N THR L 220 47.73 8.04 -17.52
CA THR L 220 48.92 7.38 -17.99
C THR L 220 48.72 5.86 -18.03
N GLY L 221 49.37 5.24 -18.98
CA GLY L 221 49.34 3.79 -19.12
C GLY L 221 50.74 3.24 -19.34
N ASN L 222 51.09 2.16 -18.63
CA ASN L 222 52.35 1.47 -18.86
C ASN L 222 52.15 0.33 -19.85
N ILE L 223 53.00 0.25 -20.87
CA ILE L 223 52.94 -0.82 -21.86
C ILE L 223 54.34 -1.44 -21.98
N VAL L 224 54.39 -2.77 -21.92
CA VAL L 224 55.63 -3.53 -22.11
C VAL L 224 55.46 -4.37 -23.35
N LEU L 225 56.29 -4.09 -24.36
CA LEU L 225 56.22 -4.75 -25.65
C LEU L 225 57.32 -5.82 -25.72
N GLN L 226 56.93 -7.08 -25.81
CA GLN L 226 57.87 -8.19 -25.96
C GLN L 226 58.09 -8.47 -27.44
N VAL L 227 59.34 -8.76 -27.81
CA VAL L 227 59.69 -9.14 -29.18
C VAL L 227 60.04 -10.62 -29.18
N ASP L 228 59.31 -11.40 -29.97
CA ASP L 228 59.48 -12.84 -30.03
C ASP L 228 59.93 -13.34 -31.40
N ARG L 229 59.26 -12.94 -32.47
CA ARG L 229 59.59 -13.41 -33.81
C ARG L 229 60.15 -12.28 -34.65
N VAL L 230 61.38 -12.41 -35.12
CA VAL L 230 62.04 -11.37 -35.91
C VAL L 230 62.43 -11.97 -37.25
N ASN L 231 61.95 -11.36 -38.34
CA ASN L 231 62.27 -11.79 -39.69
C ASN L 231 62.85 -10.58 -40.41
N GLN L 232 64.17 -10.56 -40.55
CA GLN L 232 64.87 -9.43 -41.15
C GLN L 232 64.83 -9.45 -42.67
N SER L 233 64.44 -10.57 -43.27
CA SER L 233 64.31 -10.63 -44.73
C SER L 233 63.23 -9.68 -45.22
N THR L 234 62.07 -9.66 -44.54
CA THR L 234 61.10 -8.62 -44.80
C THR L 234 61.46 -7.32 -44.09
N GLY L 235 62.15 -7.41 -42.96
CA GLY L 235 62.56 -6.24 -42.21
C GLY L 235 61.55 -5.91 -41.14
N GLU L 236 61.10 -6.93 -40.39
CA GLU L 236 59.92 -6.77 -39.55
C GLU L 236 59.99 -7.68 -38.32
N ILE L 237 59.48 -7.16 -37.20
CA ILE L 237 59.51 -7.88 -35.94
C ILE L 237 58.11 -7.93 -35.33
N SER L 238 57.86 -8.99 -34.55
CA SER L 238 56.55 -9.23 -33.98
C SER L 238 56.72 -9.87 -32.62
N GLY L 239 55.66 -9.79 -31.82
CA GLY L 239 55.72 -10.27 -30.45
C GLY L 239 54.41 -10.00 -29.75
N SER L 240 54.45 -10.07 -28.42
CA SER L 240 53.27 -9.84 -27.60
C SER L 240 53.46 -8.60 -26.72
N PHE L 241 52.36 -8.10 -26.17
CA PHE L 241 52.44 -6.98 -25.24
C PHE L 241 51.67 -7.26 -23.96
N GLU L 242 51.91 -6.43 -22.95
CA GLU L 242 50.96 -6.21 -21.86
C GLU L 242 50.80 -4.72 -21.63
N SER L 243 49.57 -4.25 -21.58
CA SER L 243 49.33 -2.82 -21.34
C SER L 243 48.28 -2.61 -20.27
N GLN L 244 48.53 -1.64 -19.39
CA GLN L 244 47.67 -1.32 -18.26
C GLN L 244 47.23 0.14 -18.41
N GLN L 245 46.02 0.38 -18.88
CA GLN L 245 45.59 1.76 -19.02
C GLN L 245 44.21 1.96 -18.41
N PRO L 246 43.89 3.16 -17.91
CA PRO L 246 42.60 3.35 -17.25
C PRO L 246 41.44 3.43 -18.24
N SER L 247 40.25 3.20 -17.71
CA SER L 247 39.01 3.26 -18.47
C SER L 247 38.39 4.64 -18.35
N ASP L 248 37.12 4.76 -18.71
CA ASP L 248 36.43 6.04 -18.77
C ASP L 248 35.80 6.41 -17.43
N THR L 249 35.86 7.70 -17.10
CA THR L 249 35.25 8.24 -15.89
C THR L 249 33.93 8.97 -16.15
N ASP L 250 33.45 8.99 -17.40
CA ASP L 250 32.25 9.73 -17.81
C ASP L 250 32.37 11.21 -17.48
N PHE L 251 33.46 11.84 -17.96
CA PHE L 251 33.80 13.25 -17.69
C PHE L 251 33.86 13.55 -16.20
N GLY L 252 34.43 12.63 -15.43
CA GLY L 252 34.45 12.79 -13.99
C GLY L 252 33.09 12.53 -13.38
N SER L 253 32.62 11.29 -13.46
CA SER L 253 31.37 10.87 -12.83
C SER L 253 31.47 9.56 -12.06
N LYS L 254 32.41 8.69 -12.40
CA LYS L 254 32.52 7.36 -11.82
C LYS L 254 34.00 6.98 -11.78
N PRO L 255 34.44 6.26 -10.75
CA PRO L 255 35.87 5.89 -10.68
C PRO L 255 36.21 4.81 -11.69
N ALA L 256 37.10 5.14 -12.61
CA ALA L 256 37.55 4.19 -13.61
C ALA L 256 38.40 3.10 -12.96
N MET L 257 38.59 2.00 -13.70
CA MET L 257 39.40 0.89 -13.27
C MET L 257 40.43 0.57 -14.35
N THR L 258 41.51 -0.09 -13.93
CA THR L 258 42.59 -0.43 -14.84
C THR L 258 42.27 -1.74 -15.56
N VAL L 259 42.54 -1.77 -16.85
CA VAL L 259 42.36 -2.97 -17.67
C VAL L 259 43.72 -3.47 -18.14
N LYS L 260 43.90 -4.78 -18.05
CA LYS L 260 45.07 -5.49 -18.56
C LYS L 260 44.77 -5.93 -19.98
N ILE L 261 45.68 -5.65 -20.90
CA ILE L 261 45.48 -6.00 -22.32
C ILE L 261 46.66 -6.84 -22.77
N LEU L 262 46.38 -7.97 -23.42
CA LEU L 262 47.38 -8.85 -24.00
C LEU L 262 47.06 -9.18 -25.45
N GLY L 263 48.08 -9.25 -26.28
CA GLY L 263 47.90 -9.59 -27.68
C GLY L 263 49.17 -9.37 -28.46
N GLN L 264 49.15 -9.93 -29.67
CA GLN L 264 50.30 -9.89 -30.56
C GLN L 264 50.31 -8.62 -31.39
N PHE L 265 51.51 -8.11 -31.63
CA PHE L 265 51.74 -6.98 -32.48
C PHE L 265 52.83 -7.34 -33.47
N TYR L 266 52.89 -6.56 -34.55
CA TYR L 266 53.77 -6.82 -35.68
C TYR L 266 54.05 -5.49 -36.36
N SER L 267 55.33 -5.17 -36.56
CA SER L 267 55.71 -3.91 -37.17
C SER L 267 56.86 -4.11 -38.14
N ARG L 268 57.00 -3.15 -39.06
CA ARG L 268 58.04 -3.12 -40.08
C ARG L 268 58.97 -1.96 -39.74
N ILE L 269 60.12 -2.25 -39.14
CA ILE L 269 61.09 -1.20 -38.84
C ILE L 269 61.75 -0.74 -40.13
N THR L 270 61.58 0.52 -40.48
CA THR L 270 62.17 1.09 -41.68
C THR L 270 62.44 2.58 -41.52
N MET M 1 9.74 -0.94 -7.19
CA MET M 1 8.35 -1.48 -7.04
C MET M 1 7.47 -0.90 -8.15
N GLU M 2 8.02 0.01 -8.96
CA GLU M 2 7.28 0.63 -10.05
C GLU M 2 7.18 -0.30 -11.25
N ALA M 3 8.16 -1.15 -11.48
CA ALA M 3 8.04 -2.15 -12.52
C ALA M 3 7.07 -3.24 -12.12
N VAL M 4 6.89 -3.47 -10.82
CA VAL M 4 6.04 -4.56 -10.35
C VAL M 4 4.59 -4.27 -10.69
N ALA M 5 4.16 -3.03 -10.46
CA ALA M 5 2.85 -2.54 -10.86
C ALA M 5 2.61 -2.68 -12.36
N TYR M 6 3.59 -2.32 -13.17
CA TYR M 6 3.43 -2.42 -14.62
C TYR M 6 3.28 -3.87 -15.05
N ILE M 7 4.09 -4.77 -14.48
CA ILE M 7 4.05 -6.17 -14.88
C ILE M 7 2.76 -6.84 -14.39
N LEU M 8 2.31 -6.50 -13.19
CA LEU M 8 1.05 -7.01 -12.68
C LEU M 8 -0.13 -6.54 -13.54
N ILE M 9 -0.14 -5.27 -13.93
CA ILE M 9 -1.25 -4.80 -14.74
C ILE M 9 -1.21 -5.44 -16.13
N PHE M 10 -0.02 -5.61 -16.70
CA PHE M 10 0.09 -6.28 -18.00
C PHE M 10 -0.37 -7.74 -17.92
N ALA M 11 -0.07 -8.41 -16.80
CA ALA M 11 -0.61 -9.75 -16.58
C ALA M 11 -2.13 -9.74 -16.48
N CYS M 12 -2.70 -8.67 -15.92
CA CYS M 12 -4.16 -8.56 -15.87
C CYS M 12 -4.79 -8.37 -17.26
N ILE M 13 -4.18 -7.54 -18.11
CA ILE M 13 -4.63 -7.48 -19.50
C ILE M 13 -4.52 -8.84 -20.18
N ILE M 14 -3.42 -9.57 -19.96
CA ILE M 14 -3.25 -10.85 -20.63
C ILE M 14 -4.27 -11.88 -20.13
N GLY M 15 -4.56 -11.87 -18.83
CA GLY M 15 -5.57 -12.76 -18.30
C GLY M 15 -6.96 -12.45 -18.83
N THR M 16 -7.31 -11.16 -18.92
CA THR M 16 -8.59 -10.78 -19.50
C THR M 16 -8.66 -11.19 -20.97
N LEU M 17 -7.56 -11.08 -21.70
CA LEU M 17 -7.58 -11.44 -23.11
C LEU M 17 -7.80 -12.93 -23.30
N PHE M 18 -7.12 -13.74 -22.48
CA PHE M 18 -7.31 -15.18 -22.53
C PHE M 18 -8.74 -15.56 -22.18
N PHE M 19 -9.27 -14.99 -21.10
CA PHE M 19 -10.59 -15.40 -20.65
C PHE M 19 -11.68 -14.87 -21.58
N ALA M 20 -11.42 -13.78 -22.29
CA ALA M 20 -12.41 -13.29 -23.22
C ALA M 20 -12.33 -13.97 -24.57
N ILE M 21 -11.25 -14.69 -24.84
CA ILE M 21 -11.28 -15.56 -26.01
C ILE M 21 -11.72 -16.96 -25.60
N ALA M 22 -11.00 -17.56 -24.65
CA ALA M 22 -11.26 -18.95 -24.28
C ALA M 22 -12.64 -19.12 -23.66
N PHE M 23 -12.90 -18.44 -22.57
CA PHE M 23 -14.18 -18.58 -21.88
C PHE M 23 -15.11 -17.41 -22.21
N ARG M 24 -15.43 -17.28 -23.48
CA ARG M 24 -16.33 -16.23 -23.92
C ARG M 24 -17.76 -16.74 -23.90
N GLU M 25 -18.70 -15.81 -23.77
CA GLU M 25 -20.12 -16.16 -23.80
C GLU M 25 -20.49 -16.57 -25.22
N PRO M 26 -21.09 -17.73 -25.44
CA PRO M 26 -21.37 -18.19 -26.80
C PRO M 26 -22.42 -17.34 -27.48
N PRO M 27 -22.17 -16.94 -28.74
CA PRO M 27 -23.20 -16.26 -29.54
C PRO M 27 -24.16 -17.27 -30.15
N LYS M 28 -25.39 -17.28 -29.66
CA LYS M 28 -26.42 -18.19 -30.13
C LYS M 28 -27.24 -17.52 -31.22
N ILE M 29 -27.54 -18.28 -32.28
CA ILE M 29 -28.30 -17.72 -33.40
C ILE M 29 -29.76 -17.61 -32.98
N THR M 30 -30.17 -16.41 -32.57
CA THR M 30 -31.52 -16.04 -32.13
C THR M 30 -32.06 -16.91 -30.99
N ILE N 81 45.34 36.20 -31.79
CA ILE N 81 44.86 34.90 -31.38
C ILE N 81 46.00 34.05 -30.82
N ASP N 82 45.70 33.30 -29.76
CA ASP N 82 46.65 32.36 -29.19
C ASP N 82 47.07 31.33 -30.23
N VAL N 83 48.30 30.86 -30.13
CA VAL N 83 48.80 29.91 -31.12
C VAL N 83 49.11 28.59 -30.43
N ASN N 84 48.51 28.39 -29.26
CA ASN N 84 48.57 27.04 -28.67
C ASN N 84 47.25 26.63 -28.02
N ASN N 85 46.14 27.30 -28.30
CA ASN N 85 44.87 26.82 -27.77
C ASN N 85 43.82 27.00 -28.86
N THR N 86 44.09 27.87 -29.83
CA THR N 86 43.07 28.32 -30.78
C THR N 86 43.14 27.52 -32.07
N ASN N 87 41.98 27.37 -32.71
CA ASN N 87 41.79 26.44 -33.82
C ASN N 87 42.14 27.11 -35.16
N ILE N 88 41.85 26.45 -36.28
CA ILE N 88 42.07 27.06 -37.60
C ILE N 88 40.93 28.00 -37.98
N ALA N 89 39.71 27.74 -37.51
CA ALA N 89 38.57 28.58 -37.88
C ALA N 89 38.65 29.99 -37.30
N ALA N 90 39.37 30.17 -36.20
CA ALA N 90 39.60 31.49 -35.61
C ALA N 90 40.95 32.06 -36.02
N PHE N 91 41.56 31.49 -37.04
CA PHE N 91 42.68 32.10 -37.73
C PHE N 91 42.23 32.71 -39.05
N ARG N 92 40.97 32.47 -39.44
CA ARG N 92 40.28 33.27 -40.46
C ARG N 92 40.29 34.75 -40.19
N LYS N 93 40.10 35.14 -38.93
CA LYS N 93 39.80 36.51 -38.57
C LYS N 93 40.91 37.48 -39.01
N HIS N 94 42.15 37.02 -38.98
CA HIS N 94 43.31 37.80 -39.41
C HIS N 94 43.29 38.06 -40.91
N ARG N 95 43.82 39.22 -41.31
CA ARG N 95 43.76 39.65 -42.70
C ARG N 95 44.73 38.82 -43.55
N GLY N 96 44.26 37.67 -44.01
CA GLY N 96 44.94 36.84 -44.99
C GLY N 96 45.91 35.86 -44.37
N LEU N 97 45.37 34.74 -43.86
CA LEU N 97 46.23 33.78 -43.20
C LEU N 97 45.92 32.34 -43.64
N TYR N 98 44.65 32.05 -43.92
CA TYR N 98 44.18 30.70 -44.25
C TYR N 98 44.81 30.23 -45.57
N PRO N 99 45.07 28.92 -45.75
CA PRO N 99 45.04 27.79 -44.82
C PRO N 99 46.40 27.19 -44.46
N THR N 100 47.45 27.48 -45.22
CA THR N 100 48.73 26.79 -45.03
C THR N 100 49.43 27.28 -43.77
N ILE N 101 49.41 28.60 -43.56
CA ILE N 101 50.01 29.18 -42.36
C ILE N 101 49.31 28.64 -41.13
N ALA N 102 47.98 28.64 -41.15
CA ALA N 102 47.19 28.06 -40.08
C ALA N 102 47.30 26.56 -40.01
N GLY N 103 47.47 25.88 -41.15
CA GLY N 103 47.62 24.43 -41.11
C GLY N 103 48.97 23.95 -40.64
N LYS N 104 49.96 24.85 -40.59
CA LYS N 104 51.29 24.51 -40.10
C LYS N 104 51.59 25.05 -38.72
N VAL N 105 50.95 26.15 -38.31
CA VAL N 105 51.17 26.67 -36.96
C VAL N 105 50.48 25.77 -35.94
N VAL N 106 49.49 25.00 -36.39
CA VAL N 106 48.73 24.14 -35.49
C VAL N 106 49.26 22.71 -35.47
N SER N 107 49.85 22.25 -36.58
CA SER N 107 50.23 20.84 -36.72
C SER N 107 51.33 20.46 -35.74
N ASN N 108 52.23 21.39 -35.42
CA ASN N 108 53.23 21.20 -34.38
C ASN N 108 52.76 21.95 -33.14
N ALA N 109 52.67 21.24 -32.02
CA ALA N 109 52.20 21.79 -30.75
C ALA N 109 52.71 20.89 -29.64
N PRO N 110 52.98 21.43 -28.43
CA PRO N 110 52.99 22.84 -28.02
C PRO N 110 54.23 23.65 -28.45
N TYR N 111 54.04 24.96 -28.57
CA TYR N 111 55.11 25.93 -28.75
C TYR N 111 55.37 26.66 -27.45
N ASP N 112 56.64 26.65 -27.01
CA ASP N 112 56.99 27.37 -25.79
C ASP N 112 57.17 28.86 -26.08
N SER N 113 58.09 29.20 -26.98
CA SER N 113 58.28 30.59 -27.36
C SER N 113 57.11 31.11 -28.18
N ILE N 114 56.76 32.37 -27.96
CA ILE N 114 55.75 33.02 -28.79
C ILE N 114 56.29 33.18 -30.21
N GLU N 115 57.58 33.50 -30.34
CA GLU N 115 58.22 33.70 -31.62
C GLU N 115 58.80 32.42 -32.19
N ASP N 116 58.38 31.27 -31.66
CA ASP N 116 58.81 29.97 -32.19
C ASP N 116 58.05 29.59 -33.45
N ILE N 117 56.94 30.26 -33.75
CA ILE N 117 56.28 29.99 -35.03
C ILE N 117 57.10 30.55 -36.18
N LEU N 118 58.07 31.41 -35.89
CA LEU N 118 58.75 32.13 -36.97
C LEU N 118 59.98 31.40 -37.45
N ASP N 119 60.47 30.43 -36.65
CA ASP N 119 61.60 29.59 -37.05
C ASP N 119 61.22 28.80 -38.31
N ILE N 120 59.97 28.36 -38.39
CA ILE N 120 59.37 27.64 -39.52
C ILE N 120 60.16 26.36 -39.80
N PRO N 121 59.94 25.29 -39.02
CA PRO N 121 60.71 24.05 -39.18
C PRO N 121 60.62 23.37 -40.55
N GLY N 122 59.57 23.63 -41.31
CA GLY N 122 59.51 23.12 -42.67
C GLY N 122 58.87 24.06 -43.69
N LEU N 123 58.54 25.27 -43.28
CA LEU N 123 57.89 26.21 -44.18
C LEU N 123 58.91 26.98 -45.00
N ARG N 124 58.44 27.53 -46.11
CA ARG N 124 59.25 28.21 -47.10
C ARG N 124 59.35 29.71 -46.75
N GLU N 125 59.91 30.51 -47.65
CA GLU N 125 60.12 31.92 -47.39
C GLU N 125 58.86 32.76 -47.53
N VAL N 126 57.94 32.36 -48.42
CA VAL N 126 56.68 33.07 -48.57
C VAL N 126 55.78 32.85 -47.37
N GLU N 127 55.98 31.76 -46.63
CA GLU N 127 55.30 31.55 -45.37
C GLU N 127 56.01 32.29 -44.24
N LYS N 128 57.34 32.19 -44.21
CA LYS N 128 58.16 32.78 -43.15
C LYS N 128 57.99 34.31 -43.06
N ASP N 129 58.16 35.01 -44.19
CA ASP N 129 58.04 36.48 -44.19
C ASP N 129 56.64 36.95 -43.83
N ARG N 130 55.62 36.27 -44.39
CA ARG N 130 54.24 36.66 -44.13
C ARG N 130 53.87 36.46 -42.66
N LEU N 131 54.32 35.36 -42.06
CA LEU N 131 54.16 35.19 -40.62
C LEU N 131 54.98 36.23 -39.85
N GLN N 132 56.14 36.65 -40.40
CA GLN N 132 56.96 37.65 -39.74
C GLN N 132 56.29 39.01 -39.69
N LYS N 133 55.41 39.30 -40.65
CA LYS N 133 54.54 40.46 -40.51
C LYS N 133 53.58 40.30 -39.33
N ASN N 134 53.00 39.10 -39.17
CA ASN N 134 51.93 38.87 -38.20
C ASN N 134 52.51 38.26 -36.92
N MET N 135 52.98 39.14 -36.04
CA MET N 135 53.45 38.76 -34.72
C MET N 135 52.74 39.50 -33.60
N ASP N 136 51.80 40.39 -33.91
CA ASP N 136 51.15 41.23 -32.91
C ASP N 136 49.95 40.56 -32.25
N ILE N 137 49.63 39.31 -32.60
CA ILE N 137 48.44 38.67 -32.06
C ILE N 137 48.76 37.30 -31.48
N PHE N 138 49.92 36.75 -31.83
CA PHE N 138 50.24 35.37 -31.45
C PHE N 138 50.59 35.26 -29.97
N THR N 139 50.31 34.10 -29.40
CA THR N 139 50.50 33.86 -27.97
C THR N 139 50.88 32.40 -27.74
N ILE N 140 51.36 32.13 -26.53
CA ILE N 140 51.79 30.79 -26.13
C ILE N 140 51.22 30.42 -24.76
N SER N 141 50.02 30.92 -24.45
CA SER N 141 49.47 30.88 -23.09
C SER N 141 49.28 29.49 -22.50
N ASP N 142 48.34 28.70 -23.02
CA ASP N 142 48.02 27.44 -22.36
C ASP N 142 47.35 26.44 -23.30
N PRO N 143 48.00 25.32 -23.60
CA PRO N 143 47.31 24.26 -24.36
C PRO N 143 46.36 23.46 -23.47
N VAL N 144 45.07 23.73 -23.60
CA VAL N 144 44.07 23.06 -22.77
C VAL N 144 43.81 21.67 -23.33
N PRO N 145 43.90 20.62 -22.51
CA PRO N 145 43.69 19.25 -23.02
C PRO N 145 42.28 18.99 -23.54
N ALA N 146 41.29 19.77 -23.12
CA ALA N 146 39.97 19.66 -23.72
C ALA N 146 39.91 20.21 -25.13
N LEU N 147 40.88 21.04 -25.53
CA LEU N 147 40.93 21.62 -26.85
C LEU N 147 41.93 20.95 -27.78
N VAL N 148 42.77 20.06 -27.26
CA VAL N 148 43.68 19.23 -28.06
C VAL N 148 43.49 17.77 -27.64
N GLU N 149 42.61 17.07 -28.33
CA GLU N 149 42.43 15.63 -28.10
C GLU N 149 42.30 14.91 -29.44
N GLY N 150 43.09 15.33 -30.42
CA GLY N 150 43.14 14.70 -31.73
C GLY N 150 42.20 15.35 -32.72
N ALA N 151 42.78 16.17 -33.61
CA ALA N 151 42.05 17.04 -34.56
C ALA N 151 40.83 17.71 -33.92
N ASP N 152 41.08 18.54 -32.91
CA ASP N 152 40.08 19.44 -32.37
C ASP N 152 40.32 20.89 -32.79
N ARG N 153 41.54 21.21 -33.18
CA ARG N 153 41.89 22.52 -33.69
C ARG N 153 41.69 22.61 -35.18
N PHE N 154 41.63 21.47 -35.86
CA PHE N 154 41.54 21.45 -37.33
C PHE N 154 40.07 21.42 -37.74
N ASN N 155 39.36 20.37 -37.32
CA ASN N 155 37.91 20.30 -37.41
C ASN N 155 37.44 19.98 -36.00
N ASN N 156 37.06 21.02 -35.26
CA ASN N 156 36.36 20.77 -34.01
C ASN N 156 35.04 20.06 -34.26
N GLY N 157 34.39 20.35 -35.38
CA GLY N 157 33.09 19.82 -35.71
C GLY N 157 31.97 20.82 -35.65
N VAL N 158 32.28 22.11 -35.73
CA VAL N 158 31.30 23.18 -35.58
C VAL N 158 31.23 23.92 -36.91
N TYR N 159 30.18 23.62 -37.68
CA TYR N 159 29.99 24.24 -38.98
C TYR N 159 28.89 25.29 -38.91
N ALA O 39 18.13 50.78 -54.76
CA ALA O 39 18.67 52.13 -54.87
C ALA O 39 20.17 52.14 -54.64
N ASN O 40 20.58 52.41 -53.39
CA ASN O 40 21.99 52.30 -53.03
C ASN O 40 22.42 50.84 -52.94
N LEU O 41 21.46 49.93 -52.84
CA LEU O 41 21.76 48.51 -52.80
C LEU O 41 22.40 48.04 -54.10
N ARG O 42 21.97 48.62 -55.22
CA ARG O 42 22.56 48.34 -56.51
C ARG O 42 24.04 48.68 -56.53
N THR O 43 24.41 49.85 -55.99
CA THR O 43 25.79 50.30 -55.89
C THR O 43 26.63 49.36 -55.05
N ILE O 44 27.69 48.79 -55.65
CA ILE O 44 28.57 47.84 -54.98
C ILE O 44 30.02 48.26 -55.19
N PRO O 45 30.96 47.80 -54.36
CA PRO O 45 32.39 47.95 -54.72
C PRO O 45 32.71 47.22 -56.02
N LEU O 46 33.32 47.96 -56.95
CA LEU O 46 33.85 47.40 -58.20
C LEU O 46 35.24 46.81 -58.00
N ASN O 47 36.19 47.67 -57.60
CA ASN O 47 37.58 47.27 -57.42
C ASN O 47 38.09 47.56 -56.02
N GLU O 48 39.40 47.38 -55.82
CA GLU O 48 40.05 47.80 -54.59
C GLU O 48 40.53 49.24 -54.64
N ALA O 49 40.59 49.83 -55.83
CA ALA O 49 40.89 51.27 -55.96
C ALA O 49 39.84 52.11 -55.25
N GLY O 50 38.58 51.74 -55.44
CA GLY O 50 37.45 52.39 -54.78
C GLY O 50 36.59 53.16 -55.77
N ASP O 51 35.50 52.51 -56.21
CA ASP O 51 34.57 53.12 -57.15
C ASP O 51 33.27 52.32 -57.08
N THR O 52 32.28 52.84 -56.35
CA THR O 52 30.99 52.18 -56.23
C THR O 52 30.25 52.14 -57.56
N VAL O 53 30.11 50.95 -58.16
CA VAL O 53 29.43 50.80 -59.44
C VAL O 53 27.99 50.34 -59.21
N THR O 54 27.06 51.00 -59.88
CA THR O 54 25.64 50.70 -59.76
C THR O 54 25.25 49.59 -60.72
N LEU O 55 24.28 48.78 -60.30
CA LEU O 55 23.79 47.66 -61.11
C LEU O 55 22.34 47.89 -61.51
N SER O 56 22.02 47.55 -62.76
CA SER O 56 20.63 47.54 -63.18
C SER O 56 19.86 46.46 -62.44
N LEU O 57 18.59 46.73 -62.15
CA LEU O 57 17.74 45.75 -61.48
C LEU O 57 17.60 44.47 -62.29
N GLU O 58 17.40 44.62 -63.61
CA GLU O 58 17.29 43.47 -64.50
C GLU O 58 18.60 42.71 -64.58
N GLU O 59 19.73 43.42 -64.67
CA GLU O 59 21.04 42.80 -64.67
C GLU O 59 21.30 42.03 -63.38
N PHE O 60 20.94 42.63 -62.24
CA PHE O 60 21.06 41.96 -60.94
C PHE O 60 20.21 40.70 -60.88
N THR O 61 18.96 40.77 -61.35
CA THR O 61 18.10 39.59 -61.37
C THR O 61 18.64 38.49 -62.29
N ARG O 62 19.17 38.88 -63.44
CA ARG O 62 19.78 37.92 -64.37
C ARG O 62 20.98 37.22 -63.74
N GLY O 63 21.80 37.97 -63.00
CA GLY O 63 22.90 37.36 -62.26
C GLY O 63 22.43 36.46 -61.14
N GLN O 64 21.35 36.88 -60.45
CA GLN O 64 20.76 36.10 -59.36
C GLN O 64 20.29 34.73 -59.84
N GLN O 65 19.64 34.68 -61.01
CA GLN O 65 19.21 33.41 -61.57
C GLN O 65 20.38 32.45 -61.81
N LYS O 66 21.40 32.93 -62.53
CA LYS O 66 22.61 32.15 -62.79
C LYS O 66 23.37 31.76 -61.52
N PHE O 67 23.20 32.49 -60.42
CA PHE O 67 23.65 31.98 -59.13
C PHE O 67 22.96 30.68 -58.73
N ASN O 68 21.72 30.47 -59.13
CA ASN O 68 20.94 29.33 -58.66
C ASN O 68 20.91 28.17 -59.65
N ASN O 69 21.80 28.18 -60.63
CA ASN O 69 21.85 27.11 -61.62
C ASN O 69 23.21 26.45 -61.71
N ALA O 70 24.29 27.20 -61.50
CA ALA O 70 25.64 26.67 -61.57
C ALA O 70 26.41 26.79 -60.27
N CYS O 71 25.91 27.54 -59.29
CA CYS O 71 26.61 27.78 -58.04
C CYS O 71 25.83 27.37 -56.79
N ALA O 72 24.51 27.28 -56.87
CA ALA O 72 23.68 26.85 -55.74
C ALA O 72 23.79 25.36 -55.44
N ILE O 73 24.55 24.62 -56.26
CA ILE O 73 24.87 23.23 -55.97
C ILE O 73 25.47 23.11 -54.59
N CYS O 74 26.39 24.01 -54.24
CA CYS O 74 27.00 23.99 -52.93
C CYS O 74 27.30 25.36 -52.33
N HIS O 75 26.86 26.45 -52.94
CA HIS O 75 26.97 27.78 -52.33
C HIS O 75 25.59 28.36 -52.01
N LEU O 76 24.58 27.51 -51.86
CA LEU O 76 23.22 27.96 -51.60
C LEU O 76 23.12 28.43 -50.15
N GLY O 77 22.89 29.71 -49.96
CA GLY O 77 22.65 30.21 -48.62
C GLY O 77 23.63 31.27 -48.17
N GLY O 78 24.89 31.12 -48.56
CA GLY O 78 25.89 32.10 -48.17
C GLY O 78 27.23 31.52 -47.80
N ILE O 79 27.29 30.21 -47.61
CA ILE O 79 28.53 29.54 -47.28
C ILE O 79 28.79 28.49 -48.34
N THR O 80 29.89 27.74 -48.20
CA THR O 80 30.26 26.68 -49.13
C THR O 80 30.06 25.35 -48.43
N LYS O 81 29.41 24.41 -49.13
CA LYS O 81 29.17 23.10 -48.54
C LYS O 81 30.45 22.28 -48.47
N THR O 82 31.35 22.43 -49.46
CA THR O 82 32.60 21.69 -49.46
C THR O 82 33.45 22.04 -48.24
N ASN O 83 33.57 23.33 -47.95
CA ASN O 83 34.28 23.82 -46.76
C ASN O 83 33.36 24.80 -46.06
N PRO O 84 32.82 24.47 -44.88
CA PRO O 84 31.98 25.40 -44.13
C PRO O 84 32.73 26.52 -43.39
N ASN O 85 33.71 27.12 -44.06
CA ASN O 85 34.37 28.28 -43.48
C ASN O 85 34.56 29.42 -44.46
N VAL O 86 34.43 29.12 -45.76
CA VAL O 86 34.71 30.13 -46.77
C VAL O 86 33.37 30.57 -47.35
N GLY O 87 32.70 31.47 -46.64
CA GLY O 87 31.39 31.91 -47.02
C GLY O 87 31.45 33.04 -48.03
N LEU O 88 30.33 33.30 -48.67
CA LEU O 88 30.24 34.42 -49.60
C LEU O 88 29.68 35.66 -48.91
N ASP O 89 30.26 36.02 -47.77
CA ASP O 89 29.81 37.15 -46.97
C ASP O 89 30.76 38.33 -47.15
N THR O 90 30.29 39.49 -46.70
CA THR O 90 31.07 40.73 -46.86
C THR O 90 32.33 40.70 -46.00
N GLU O 91 32.18 40.30 -44.73
CA GLU O 91 33.31 40.25 -43.82
C GLU O 91 34.34 39.21 -44.25
N SER O 92 33.89 38.09 -44.81
CA SER O 92 34.83 37.09 -45.31
C SER O 92 35.53 37.57 -46.57
N LEU O 93 34.78 38.16 -47.50
CA LEU O 93 35.38 38.54 -48.78
C LEU O 93 36.29 39.75 -48.66
N ALA O 94 35.99 40.66 -47.73
CA ALA O 94 36.90 41.77 -47.47
C ALA O 94 38.18 41.30 -46.80
N GLY O 95 38.07 40.30 -45.93
CA GLY O 95 39.20 39.69 -45.27
C GLY O 95 39.87 38.60 -46.06
N ALA O 96 39.45 38.35 -47.30
CA ALA O 96 40.16 37.44 -48.18
C ALA O 96 41.49 38.07 -48.60
N PHE O 97 42.45 37.22 -48.96
CA PHE O 97 43.74 37.66 -49.48
C PHE O 97 43.92 37.12 -50.88
N PRO O 98 43.84 37.96 -51.94
CA PRO O 98 43.65 39.41 -51.91
C PRO O 98 42.19 39.76 -51.62
N ASP O 99 41.90 41.04 -51.38
CA ASP O 99 40.55 41.46 -51.02
C ASP O 99 39.59 41.12 -52.15
N ARG O 100 38.71 40.13 -51.94
CA ARG O 100 37.84 39.68 -53.01
C ARG O 100 36.40 40.15 -52.82
N ASN O 101 36.21 41.23 -52.06
CA ASN O 101 34.90 41.82 -51.87
C ASN O 101 34.60 42.87 -52.93
N ASN O 102 35.17 42.70 -54.11
CA ASN O 102 35.02 43.60 -55.23
C ASN O 102 34.50 42.83 -56.43
N LEU O 103 33.75 43.52 -57.31
CA LEU O 103 33.16 42.87 -58.47
C LEU O 103 34.23 42.37 -59.44
N GLU O 104 35.21 43.22 -59.73
CA GLU O 104 36.35 42.80 -60.54
C GLU O 104 37.17 41.74 -59.82
N GLY O 105 37.28 41.87 -58.49
CA GLY O 105 37.94 40.84 -57.70
C GLY O 105 37.26 39.48 -57.80
N LEU O 106 35.93 39.45 -57.71
CA LEU O 106 35.21 38.18 -57.83
C LEU O 106 35.29 37.61 -59.24
N VAL O 107 35.20 38.46 -60.27
CA VAL O 107 35.32 37.97 -61.64
C VAL O 107 36.72 37.42 -61.89
N ASP O 108 37.75 38.08 -61.34
CA ASP O 108 39.11 37.57 -61.47
C ASP O 108 39.33 36.31 -60.65
N TYR O 109 38.60 36.14 -59.54
CA TYR O 109 38.60 34.85 -58.85
C TYR O 109 38.04 33.77 -59.75
N LEU O 110 36.94 34.07 -60.42
CA LEU O 110 36.32 33.09 -61.31
C LEU O 110 37.21 32.79 -62.51
N HIS O 111 38.09 33.71 -62.86
CA HIS O 111 39.11 33.43 -63.86
C HIS O 111 40.25 32.57 -63.33
N ASN O 112 40.43 32.48 -62.01
CA ASN O 112 41.55 31.75 -61.42
C ASN O 112 41.28 31.35 -59.97
N PRO O 113 40.77 30.14 -59.72
CA PRO O 113 40.57 29.70 -58.33
C PRO O 113 41.86 29.50 -57.55
N THR O 114 42.04 30.30 -56.51
CA THR O 114 43.19 30.22 -55.62
C THR O 114 42.69 29.94 -54.20
N THR O 115 43.60 30.04 -53.24
CA THR O 115 43.21 29.87 -51.85
C THR O 115 42.74 31.19 -51.26
N TYR O 116 42.44 31.17 -49.96
CA TYR O 116 42.03 32.37 -49.25
C TYR O 116 43.20 33.31 -49.03
N ASP O 117 44.44 32.79 -49.10
CA ASP O 117 45.62 33.64 -49.17
C ASP O 117 46.23 33.71 -50.57
N GLY O 118 45.91 32.76 -51.45
CA GLY O 118 46.35 32.85 -52.82
C GLY O 118 47.70 32.22 -53.07
N LEU O 119 47.96 31.08 -52.43
CA LEU O 119 49.24 30.39 -52.63
C LEU O 119 49.23 29.59 -53.92
N THR O 120 48.37 28.59 -54.00
CA THR O 120 48.30 27.68 -55.14
C THR O 120 47.02 27.95 -55.93
N GLU O 121 47.16 28.20 -57.23
CA GLU O 121 46.03 28.46 -58.11
C GLU O 121 45.40 27.12 -58.48
N ILE O 122 44.60 26.60 -57.55
CA ILE O 122 44.00 25.26 -57.72
C ILE O 122 42.67 25.48 -58.44
N SER O 123 42.74 25.57 -59.76
CA SER O 123 41.57 25.67 -60.61
C SER O 123 40.91 24.32 -60.86
N GLU O 124 41.36 23.26 -60.20
CA GLU O 124 40.83 21.92 -60.42
C GLU O 124 39.86 21.48 -59.34
N LEU O 125 40.07 21.89 -58.09
CA LEU O 125 39.11 21.60 -57.03
C LEU O 125 37.88 22.49 -57.09
N HIS O 126 37.91 23.54 -57.91
CA HIS O 126 36.88 24.54 -58.02
C HIS O 126 36.45 24.70 -59.47
N PRO O 127 35.19 25.08 -59.72
CA PRO O 127 34.81 25.53 -61.06
C PRO O 127 35.60 26.76 -61.46
N SER O 128 35.97 26.83 -62.73
CA SER O 128 36.91 27.83 -63.23
C SER O 128 36.55 28.22 -64.65
N THR O 129 36.57 29.53 -64.91
CA THR O 129 36.22 30.05 -66.24
C THR O 129 37.18 29.52 -67.31
N LYS O 130 38.46 29.38 -66.97
CA LYS O 130 39.40 28.77 -67.91
C LYS O 130 39.18 27.27 -68.01
N SER O 131 38.98 26.60 -66.86
CA SER O 131 38.88 25.14 -66.82
C SER O 131 37.40 24.75 -67.00
N SER O 132 36.97 24.70 -68.25
CA SER O 132 35.64 24.23 -68.58
C SER O 132 35.54 22.70 -68.60
N ASP O 133 36.68 22.00 -68.70
CA ASP O 133 36.65 20.55 -68.79
C ASP O 133 36.29 19.91 -67.45
N ILE O 134 36.85 20.41 -66.36
CA ILE O 134 36.52 19.88 -65.04
C ILE O 134 35.10 20.26 -64.65
N TYR O 135 34.72 21.51 -64.90
CA TYR O 135 33.38 22.01 -64.58
C TYR O 135 32.77 22.61 -65.83
N PRO O 136 31.80 21.95 -66.46
CA PRO O 136 31.16 22.51 -67.67
C PRO O 136 30.04 23.50 -67.41
N LYS O 137 29.91 24.02 -66.18
CA LYS O 137 28.78 24.87 -65.83
C LYS O 137 28.92 26.29 -66.36
N MET O 138 30.14 26.79 -66.54
CA MET O 138 30.37 28.16 -66.97
C MET O 138 30.85 28.24 -68.42
N ARG O 139 30.80 27.12 -69.16
CA ARG O 139 31.23 27.10 -70.56
C ARG O 139 30.32 27.97 -71.43
N ASN O 140 29.06 28.14 -71.04
CA ASN O 140 28.13 29.01 -71.75
C ASN O 140 28.10 30.43 -71.21
N LEU O 141 28.75 30.70 -70.07
CA LEU O 141 28.70 32.00 -69.45
C LEU O 141 29.72 32.94 -70.10
N THR O 142 29.25 34.13 -70.49
CA THR O 142 30.11 35.13 -71.11
C THR O 142 30.72 36.02 -70.02
N GLU O 143 31.34 37.12 -70.45
CA GLU O 143 31.87 38.09 -69.49
C GLU O 143 30.75 38.80 -68.74
N ASP O 144 29.63 39.06 -69.41
CA ASP O 144 28.49 39.71 -68.77
C ASP O 144 27.88 38.80 -67.71
N ASP O 145 27.83 37.49 -67.96
CA ASP O 145 27.29 36.55 -66.99
C ASP O 145 28.14 36.51 -65.73
N LEU O 146 29.47 36.48 -65.88
CA LEU O 146 30.37 36.53 -64.73
C LEU O 146 30.24 37.83 -63.97
N ARG O 147 30.13 38.95 -64.71
CA ARG O 147 29.94 40.25 -64.08
C ARG O 147 28.65 40.30 -63.27
N ALA O 148 27.57 39.74 -63.81
CA ALA O 148 26.27 39.80 -63.13
C ALA O 148 26.24 38.89 -61.91
N ILE O 149 26.79 37.67 -62.02
CA ILE O 149 26.80 36.77 -60.85
C ILE O 149 27.72 37.30 -59.77
N SER O 150 28.82 37.97 -60.15
CA SER O 150 29.67 38.57 -59.14
C SER O 150 29.07 39.83 -58.53
N GLY O 151 28.23 40.54 -59.29
CA GLY O 151 27.57 41.70 -58.73
C GLY O 151 26.35 41.43 -57.89
N HIS O 152 25.69 40.28 -58.08
CA HIS O 152 24.58 39.92 -57.21
C HIS O 152 25.02 39.41 -55.86
N ILE O 153 26.20 38.79 -55.77
CA ILE O 153 26.72 38.33 -54.49
C ILE O 153 27.02 39.50 -53.56
N LEU O 154 27.40 40.65 -54.10
CA LEU O 154 27.75 41.81 -53.29
C LEU O 154 26.66 42.88 -53.27
N LEU O 155 25.42 42.53 -53.66
CA LEU O 155 24.33 43.49 -53.58
C LEU O 155 23.09 42.90 -52.95
N MET O 156 23.25 41.79 -52.26
CA MET O 156 22.42 41.32 -51.16
C MET O 156 22.78 41.76 -49.73
N PRO O 157 24.05 41.88 -49.30
CA PRO O 157 24.30 41.86 -47.83
C PRO O 157 23.71 43.03 -47.05
N LYS O 158 23.40 44.16 -47.69
CA LYS O 158 22.66 45.20 -46.99
C LYS O 158 21.15 45.08 -47.17
N ILE O 159 20.69 44.25 -48.12
CA ILE O 159 19.30 43.79 -48.13
C ILE O 159 19.03 42.83 -46.99
N ARG O 160 19.87 41.80 -46.82
CA ARG O 160 19.57 40.78 -45.84
C ARG O 160 20.27 41.02 -44.52
N GLY O 161 21.60 41.03 -44.53
CA GLY O 161 22.34 41.23 -43.30
C GLY O 161 22.78 39.91 -42.69
N ASP O 162 22.09 39.51 -41.62
CA ASP O 162 22.31 38.23 -40.98
C ASP O 162 21.41 37.14 -41.53
N GLN O 163 20.94 37.30 -42.77
CA GLN O 163 20.13 36.29 -43.45
C GLN O 163 20.83 35.76 -44.69
N TRP O 164 22.06 36.20 -44.96
CA TRP O 164 22.84 35.56 -46.02
C TRP O 164 24.21 35.13 -45.51
N GLY O 165 24.80 35.91 -44.60
CA GLY O 165 26.16 35.71 -44.11
C GLY O 165 26.53 34.30 -43.70
N ALA O 166 25.77 33.72 -42.78
CA ALA O 166 25.90 32.31 -42.45
C ALA O 166 24.53 31.66 -42.28
N GLY O 167 23.47 32.28 -42.78
CA GLY O 167 22.12 31.84 -42.50
C GLY O 167 21.62 32.38 -41.17
N LYS O 168 20.30 32.42 -41.04
CA LYS O 168 19.66 32.88 -39.80
C LYS O 168 19.74 31.79 -38.74
N THR O 169 20.97 31.56 -38.27
CA THR O 169 21.37 30.48 -37.36
C THR O 169 20.92 29.09 -37.83
N MET P 1 -20.87 58.38 -20.32
CA MET P 1 -21.09 58.09 -21.73
C MET P 1 -19.76 58.20 -22.47
N THR P 2 -18.84 57.34 -22.09
CA THR P 2 -17.57 57.24 -22.80
C THR P 2 -17.81 56.68 -24.20
N PRO P 3 -16.98 57.07 -25.20
CA PRO P 3 -17.16 56.56 -26.57
C PRO P 3 -17.28 55.06 -26.71
N SER P 4 -16.52 54.33 -25.91
CA SER P 4 -16.58 52.87 -25.87
C SER P 4 -17.90 52.34 -25.30
N LEU P 5 -18.66 53.19 -24.59
CA LEU P 5 -20.03 52.85 -24.20
C LEU P 5 -21.05 53.34 -25.22
N THR P 6 -20.79 54.48 -25.86
CA THR P 6 -21.68 54.98 -26.90
C THR P 6 -21.73 54.02 -28.08
N ASN P 7 -20.57 53.49 -28.50
CA ASN P 7 -20.56 52.49 -29.56
C ASN P 7 -21.20 51.18 -29.12
N PHE P 8 -21.12 50.82 -27.85
CA PHE P 8 -21.80 49.62 -27.38
C PHE P 8 -23.32 49.76 -27.48
N MET P 9 -23.85 50.88 -26.97
CA MET P 9 -25.29 51.13 -27.08
C MET P 9 -25.71 51.32 -28.53
N LEU P 10 -24.83 51.89 -29.36
CA LEU P 10 -25.16 52.08 -30.75
C LEU P 10 -25.12 50.77 -31.51
N SER P 11 -24.28 49.84 -31.10
CA SER P 11 -24.29 48.53 -31.73
C SER P 11 -25.57 47.78 -31.39
N LEU P 12 -26.02 47.92 -30.14
CA LEU P 12 -27.35 47.44 -29.78
C LEU P 12 -28.43 48.05 -30.67
N LEU P 13 -28.46 49.39 -30.75
CA LEU P 13 -29.51 50.10 -31.46
C LEU P 13 -29.42 49.95 -32.98
N ALA P 14 -28.26 49.52 -33.49
CA ALA P 14 -28.07 49.33 -34.92
C ALA P 14 -28.31 47.89 -35.33
N GLY P 15 -27.73 46.92 -34.62
CA GLY P 15 -27.97 45.53 -34.92
C GLY P 15 -29.37 45.06 -34.60
N LEU P 16 -30.13 45.83 -33.80
CA LEU P 16 -31.56 45.57 -33.73
C LEU P 16 -32.24 45.91 -35.06
N LEU P 17 -31.65 46.84 -35.83
CA LEU P 17 -32.14 47.18 -37.16
C LEU P 17 -31.25 46.60 -38.26
N ILE P 18 -30.48 45.56 -37.97
CA ILE P 18 -29.65 44.87 -38.95
C ILE P 18 -30.07 43.43 -39.13
N VAL P 19 -30.24 42.70 -38.03
CA VAL P 19 -30.65 41.30 -38.12
C VAL P 19 -31.83 40.96 -37.21
N VAL P 20 -32.16 41.76 -36.21
CA VAL P 20 -33.22 41.38 -35.28
C VAL P 20 -34.59 41.55 -35.90
N VAL P 21 -34.92 42.77 -36.35
CA VAL P 21 -36.15 42.96 -37.10
C VAL P 21 -36.00 43.71 -38.43
N PRO P 22 -34.94 43.49 -39.24
CA PRO P 22 -35.18 43.42 -40.69
C PRO P 22 -35.62 42.03 -41.07
N ALA P 23 -35.06 41.06 -40.36
CA ALA P 23 -35.31 39.66 -40.67
C ALA P 23 -36.68 39.22 -40.20
N THR P 24 -37.15 39.71 -39.05
CA THR P 24 -38.45 39.28 -38.53
C THR P 24 -39.60 39.89 -39.34
N ILE P 25 -39.46 41.16 -39.73
CA ILE P 25 -40.48 41.79 -40.56
C ILE P 25 -40.47 41.22 -41.96
N ALA P 26 -39.37 40.57 -42.37
CA ALA P 26 -39.35 39.81 -43.61
C ALA P 26 -39.90 38.40 -43.43
N LEU P 27 -39.69 37.78 -42.26
CA LEU P 27 -40.28 36.48 -41.97
C LEU P 27 -41.79 36.55 -41.91
N ILE P 28 -42.35 37.65 -41.41
CA ILE P 28 -43.81 37.83 -41.45
C ILE P 28 -44.31 37.87 -42.89
N PHE P 29 -43.68 38.69 -43.74
CA PHE P 29 -44.10 38.80 -45.14
C PHE P 29 -43.94 37.50 -45.89
N ILE P 30 -42.92 36.70 -45.56
CA ILE P 30 -42.66 35.47 -46.29
C ILE P 30 -43.37 34.27 -45.66
N SER P 31 -43.96 34.43 -44.47
CA SER P 31 -44.79 33.38 -43.91
C SER P 31 -46.26 33.58 -44.21
N GLN P 32 -46.67 34.81 -44.52
CA GLN P 32 -48.06 35.00 -44.93
C GLN P 32 -48.31 34.51 -46.36
N ARG P 33 -47.31 34.53 -47.24
CA ARG P 33 -47.52 34.12 -48.61
C ARG P 33 -46.92 32.77 -48.98
N ASP P 34 -46.28 32.07 -48.04
CA ASP P 34 -46.00 30.67 -48.26
C ASP P 34 -46.68 29.80 -47.21
N GLN P 35 -47.94 30.12 -46.91
CA GLN P 35 -48.75 29.33 -45.98
C GLN P 35 -48.90 27.88 -46.44
N SER Q 11 -53.04 12.51 26.63
CA SER Q 11 -52.12 13.49 27.22
C SER Q 11 -50.73 13.35 26.65
N GLN Q 12 -50.09 14.46 26.32
CA GLN Q 12 -48.72 14.41 25.84
C GLN Q 12 -47.85 13.49 26.69
N TRP Q 13 -48.02 13.56 28.01
CA TRP Q 13 -47.25 12.71 28.91
C TRP Q 13 -47.62 11.25 28.76
N GLU Q 14 -48.91 10.96 28.59
CA GLU Q 14 -49.33 9.59 28.36
C GLU Q 14 -48.82 9.08 27.02
N ARG Q 15 -48.77 9.96 26.02
CA ARG Q 15 -48.16 9.60 24.75
C ARG Q 15 -46.67 9.32 24.91
N PHE Q 16 -46.00 10.07 25.79
CA PHE Q 16 -44.59 9.82 26.04
C PHE Q 16 -44.38 8.50 26.76
N CYS Q 17 -45.20 8.20 27.75
CA CYS Q 17 -45.04 6.96 28.50
C CYS Q 17 -45.46 5.75 27.66
N GLN Q 18 -46.27 6.00 26.65
CA GLN Q 18 -46.62 4.93 25.75
C GLN Q 18 -45.43 4.73 24.84
N TRP Q 19 -44.78 5.82 24.43
CA TRP Q 19 -43.70 5.65 23.47
C TRP Q 19 -42.46 5.06 24.10
N ILE Q 20 -42.19 5.42 25.35
CA ILE Q 20 -41.03 4.89 26.05
C ILE Q 20 -41.21 3.41 26.34
N THR Q 21 -42.34 3.05 26.93
CA THR Q 21 -42.61 1.67 27.28
C THR Q 21 -43.12 0.85 26.11
N SER Q 22 -43.00 1.38 24.89
CA SER Q 22 -43.53 0.73 23.71
C SER Q 22 -42.73 -0.48 23.32
N THR Q 23 -43.40 -1.59 23.04
CA THR Q 23 -42.77 -2.76 22.44
C THR Q 23 -42.84 -2.72 20.94
N GLU Q 24 -43.08 -1.54 20.38
CA GLU Q 24 -43.08 -1.32 18.94
C GLU Q 24 -41.75 -0.81 18.44
N ASN Q 25 -40.91 -0.26 19.32
CA ASN Q 25 -39.65 0.30 18.92
C ASN Q 25 -38.70 -0.78 18.45
N ARG Q 26 -37.83 -0.40 17.52
CA ARG Q 26 -36.83 -1.34 17.02
C ARG Q 26 -35.91 -1.79 18.14
N LEU Q 27 -35.52 -0.88 19.01
CA LEU Q 27 -34.83 -1.18 20.25
C LEU Q 27 -35.69 -0.68 21.39
N TYR Q 28 -35.96 -1.55 22.36
CA TYR Q 28 -36.82 -1.17 23.46
C TYR Q 28 -36.14 -0.13 24.33
N ILE Q 29 -36.90 0.90 24.72
CA ILE Q 29 -36.31 1.93 25.57
C ILE Q 29 -36.71 1.67 27.02
N GLY Q 30 -37.96 1.90 27.36
CA GLY Q 30 -38.39 1.72 28.74
C GLY Q 30 -37.80 2.71 29.71
N TRP Q 31 -38.20 2.64 30.98
CA TRP Q 31 -37.69 3.64 31.92
C TRP Q 31 -36.26 3.34 32.34
N PHE Q 32 -35.83 2.09 32.30
CA PHE Q 32 -34.42 1.81 32.53
C PHE Q 32 -33.60 2.24 31.34
N GLY Q 33 -34.14 2.14 30.14
CA GLY Q 33 -33.45 2.65 28.98
C GLY Q 33 -33.40 4.16 28.85
N VAL Q 34 -34.35 4.91 29.42
CA VAL Q 34 -34.20 6.36 29.37
C VAL Q 34 -33.10 6.83 30.30
N LEU Q 35 -32.75 6.03 31.30
CA LEU Q 35 -31.51 6.27 32.03
C LEU Q 35 -30.31 5.66 31.33
N MET Q 36 -30.49 4.53 30.67
CA MET Q 36 -29.36 3.78 30.14
C MET Q 36 -28.75 4.48 28.94
N LEU Q 37 -29.58 4.97 28.03
CA LEU Q 37 -29.09 5.59 26.79
C LEU Q 37 -28.17 6.80 27.00
N PRO Q 38 -28.46 7.77 27.89
CA PRO Q 38 -27.48 8.86 28.08
C PRO Q 38 -26.21 8.41 28.78
N LEU Q 39 -26.32 7.47 29.71
CA LEU Q 39 -25.14 6.92 30.37
C LEU Q 39 -24.23 6.23 29.38
N LEU Q 40 -24.80 5.44 28.46
CA LEU Q 40 -23.98 4.90 27.39
C LEU Q 40 -23.45 5.98 26.47
N GLY Q 41 -24.25 7.03 26.20
CA GLY Q 41 -23.76 8.07 25.32
C GLY Q 41 -22.49 8.70 25.85
N VAL Q 42 -22.49 9.02 27.14
CA VAL Q 42 -21.30 9.60 27.78
C VAL Q 42 -20.17 8.58 27.82
N SER Q 43 -20.45 7.35 28.28
CA SER Q 43 -19.44 6.30 28.35
C SER Q 43 -18.77 6.04 27.01
N ILE Q 44 -19.56 5.78 25.98
CA ILE Q 44 -19.04 5.53 24.64
C ILE Q 44 -18.30 6.73 24.11
N THR Q 45 -18.81 7.95 24.32
CA THR Q 45 -18.15 9.13 23.78
C THR Q 45 -16.79 9.33 24.41
N VAL Q 46 -16.74 9.31 25.75
CA VAL Q 46 -15.48 9.53 26.45
C VAL Q 46 -14.53 8.37 26.23
N PHE Q 47 -15.02 7.12 26.12
CA PHE Q 47 -14.11 6.01 25.87
C PHE Q 47 -13.51 6.07 24.48
N VAL Q 48 -14.32 6.28 23.45
CA VAL Q 48 -13.78 6.39 22.11
C VAL Q 48 -12.85 7.59 22.00
N THR Q 49 -13.16 8.66 22.74
CA THR Q 49 -12.29 9.83 22.74
C THR Q 49 -10.95 9.54 23.41
N ALA Q 50 -10.98 8.94 24.59
CA ALA Q 50 -9.80 8.75 25.40
C ALA Q 50 -8.94 7.60 24.90
N PHE Q 51 -9.55 6.54 24.36
CA PHE Q 51 -8.78 5.44 23.82
C PHE Q 51 -7.94 5.85 22.64
N ILE Q 52 -8.34 6.91 21.95
CA ILE Q 52 -7.63 7.38 20.77
C ILE Q 52 -6.71 8.55 21.10
N ALA Q 53 -7.16 9.53 21.89
CA ALA Q 53 -6.47 10.81 21.94
C ALA Q 53 -6.17 11.32 23.33
N ALA Q 54 -6.38 10.54 24.38
CA ALA Q 54 -6.07 11.04 25.71
C ALA Q 54 -4.56 11.19 25.88
N PRO Q 55 -4.11 12.24 26.56
CA PRO Q 55 -2.70 12.38 26.85
C PRO Q 55 -2.30 11.43 27.97
N PRO Q 56 -1.01 11.26 28.23
CA PRO Q 56 -0.58 10.32 29.26
C PRO Q 56 -1.06 10.69 30.65
N VAL Q 57 -1.35 9.67 31.45
CA VAL Q 57 -2.05 9.81 32.71
C VAL Q 57 -1.08 9.45 33.83
N ASP Q 58 -1.06 10.26 34.87
CA ASP Q 58 -0.19 10.10 36.02
C ASP Q 58 -0.81 9.07 36.96
N ILE Q 59 -0.70 7.78 36.59
CA ILE Q 59 -1.49 6.72 37.23
C ILE Q 59 -1.19 6.58 38.72
N ASP Q 60 0.08 6.63 39.12
CA ASP Q 60 0.40 6.32 40.50
C ASP Q 60 0.81 7.55 41.28
N GLY Q 61 0.46 8.74 40.79
CA GLY Q 61 0.58 9.95 41.56
C GLY Q 61 1.99 10.41 41.80
N ILE Q 62 2.94 9.95 40.98
CA ILE Q 62 4.36 10.21 41.18
C ILE Q 62 4.98 10.91 39.99
N ARG Q 63 4.16 11.48 39.11
CA ARG Q 63 4.57 12.39 38.05
C ARG Q 63 5.35 11.58 37.04
N GLU Q 64 4.86 10.35 36.82
CA GLU Q 64 5.34 9.44 35.80
C GLU Q 64 4.17 9.14 34.88
N PRO Q 65 3.93 9.97 33.85
CA PRO Q 65 2.77 9.78 32.98
C PRO Q 65 2.83 8.44 32.25
N LEU Q 66 1.73 7.71 32.27
CA LEU Q 66 1.63 6.47 31.53
C LEU Q 66 0.88 6.75 30.24
N SER Q 67 1.48 6.44 29.11
CA SER Q 67 0.90 6.77 27.82
C SER Q 67 -0.04 5.67 27.39
N GLY Q 68 -1.34 5.95 27.42
CA GLY Q 68 -2.29 4.89 27.20
C GLY Q 68 -3.16 4.99 25.97
N SER Q 69 -3.00 6.01 25.13
CA SER Q 69 -3.95 6.21 24.05
C SER Q 69 -3.31 6.02 22.69
N LEU Q 70 -4.16 5.73 21.73
CA LEU Q 70 -3.77 5.18 20.44
C LEU Q 70 -3.01 6.15 19.56
N LEU Q 71 -3.13 7.45 19.81
CA LEU Q 71 -2.33 8.44 19.08
C LEU Q 71 -1.03 8.79 19.78
N TYR Q 72 -0.85 8.40 21.03
CA TYR Q 72 0.42 8.62 21.72
C TYR Q 72 1.29 7.37 21.60
N GLY Q 73 1.54 7.00 20.35
CA GLY Q 73 2.50 5.98 19.96
C GLY Q 73 2.19 4.63 20.52
N ASN Q 74 0.94 4.19 20.39
CA ASN Q 74 0.46 3.12 21.22
C ASN Q 74 -0.48 2.27 20.39
N ASN Q 75 -0.76 1.07 20.90
CA ASN Q 75 -1.22 -0.04 20.09
C ASN Q 75 -2.62 -0.44 20.55
N ILE Q 76 -3.39 -1.08 19.67
CA ILE Q 76 -4.73 -1.55 20.04
C ILE Q 76 -4.66 -2.52 21.21
N ILE Q 77 -3.68 -3.42 21.19
CA ILE Q 77 -3.42 -4.29 22.33
C ILE Q 77 -2.97 -3.49 23.54
N THR Q 78 -2.12 -2.48 23.33
CA THR Q 78 -1.52 -1.82 24.48
C THR Q 78 -2.18 -0.50 24.84
N ALA Q 79 -3.20 -0.06 24.11
CA ALA Q 79 -3.90 1.14 24.53
C ALA Q 79 -4.82 0.85 25.69
N ALA Q 80 -5.13 1.88 26.46
CA ALA Q 80 -5.97 1.74 27.63
C ALA Q 80 -6.42 3.13 28.03
N VAL Q 81 -7.69 3.25 28.41
CA VAL Q 81 -8.02 4.43 29.19
C VAL Q 81 -7.43 4.20 30.57
N VAL Q 82 -6.37 4.94 30.87
CA VAL Q 82 -5.54 4.69 32.05
C VAL Q 82 -6.31 5.07 33.30
N PRO Q 83 -6.28 4.25 34.35
CA PRO Q 83 -7.00 4.58 35.59
C PRO Q 83 -6.63 5.92 36.20
N THR Q 84 -7.53 6.39 37.05
CA THR Q 84 -7.38 7.68 37.69
C THR Q 84 -6.23 7.66 38.68
N SER Q 85 -5.46 8.76 38.70
CA SER Q 85 -4.26 8.95 39.52
C SER Q 85 -4.42 8.48 40.95
N ASN Q 86 -3.35 7.87 41.47
CA ASN Q 86 -3.33 7.47 42.88
C ASN Q 86 -3.38 8.68 43.81
N ALA Q 87 -2.94 9.84 43.34
CA ALA Q 87 -3.08 11.06 44.13
C ALA Q 87 -4.54 11.40 44.38
N ILE Q 88 -5.43 10.98 43.49
CA ILE Q 88 -6.85 11.24 43.67
C ILE Q 88 -7.48 10.25 44.62
N GLY Q 89 -7.13 8.98 44.50
CA GLY Q 89 -7.71 7.99 45.38
C GLY Q 89 -9.13 7.71 44.97
N LEU Q 90 -10.03 7.78 45.92
CA LEU Q 90 -11.46 7.57 45.69
C LEU Q 90 -12.22 8.87 45.60
N HIS Q 91 -11.53 9.98 45.38
CA HIS Q 91 -12.17 11.29 45.38
C HIS Q 91 -13.00 11.48 44.12
N PHE Q 92 -14.14 12.13 44.26
CA PHE Q 92 -14.92 12.51 43.10
C PHE Q 92 -14.18 13.57 42.32
N TYR Q 93 -13.81 13.25 41.09
CA TYR Q 93 -12.96 14.15 40.31
C TYR Q 93 -13.62 14.35 38.95
N PRO Q 94 -14.65 15.18 38.87
CA PRO Q 94 -15.31 15.39 37.58
C PRO Q 94 -14.60 16.43 36.75
N ILE Q 95 -15.24 16.79 35.64
CA ILE Q 95 -14.65 17.74 34.71
C ILE Q 95 -14.56 19.13 35.32
N TRP Q 96 -15.40 19.45 36.30
CA TRP Q 96 -15.52 20.81 36.78
C TRP Q 96 -14.75 21.08 38.06
N GLU Q 97 -14.45 20.04 38.85
CA GLU Q 97 -13.65 20.23 40.05
C GLU Q 97 -12.16 20.37 39.77
N ALA Q 98 -11.70 19.97 38.59
CA ALA Q 98 -10.31 20.25 38.22
C ALA Q 98 -10.17 21.71 37.81
N ALA Q 99 -8.94 22.22 37.88
CA ALA Q 99 -8.67 23.58 37.40
C ALA Q 99 -8.95 23.72 35.91
N THR Q 100 -8.37 22.83 35.09
CA THR Q 100 -8.46 22.99 33.64
C THR Q 100 -8.81 21.67 32.99
N LEU Q 101 -8.81 21.66 31.66
CA LEU Q 101 -9.11 20.48 30.87
C LEU Q 101 -7.86 19.71 30.55
N ASP Q 102 -6.74 20.11 31.13
CA ASP Q 102 -5.48 19.43 30.89
C ASP Q 102 -4.89 18.83 32.15
N GLU Q 103 -5.24 19.31 33.34
CA GLU Q 103 -4.87 18.51 34.49
C GLU Q 103 -5.87 17.40 34.69
N TRP Q 104 -7.10 17.60 34.22
CA TRP Q 104 -8.10 16.54 34.31
C TRP Q 104 -7.74 15.39 33.42
N LEU Q 105 -7.27 15.70 32.22
CA LEU Q 105 -6.72 14.69 31.34
C LEU Q 105 -5.46 14.08 31.93
N TYR Q 106 -4.64 14.89 32.62
CA TYR Q 106 -3.37 14.41 33.16
C TYR Q 106 -3.57 13.50 34.36
N ASN Q 107 -4.61 13.74 35.14
CA ASN Q 107 -4.87 13.02 36.38
C ASN Q 107 -5.78 11.83 36.19
N GLY Q 108 -6.23 11.55 34.98
CA GLY Q 108 -7.03 10.38 34.74
C GLY Q 108 -8.51 10.53 34.97
N GLY Q 109 -9.03 11.77 34.91
CA GLY Q 109 -10.45 12.01 34.91
C GLY Q 109 -11.28 11.28 33.89
N PRO Q 110 -10.81 11.08 32.63
CA PRO Q 110 -11.61 10.29 31.69
C PRO Q 110 -11.96 8.90 32.15
N TYR Q 111 -11.04 8.21 32.84
CA TYR Q 111 -11.35 6.88 33.37
C TYR Q 111 -12.50 6.95 34.34
N GLN Q 112 -12.48 7.93 35.22
CA GLN Q 112 -13.53 8.02 36.23
C GLN Q 112 -14.86 8.39 35.60
N MET Q 113 -14.84 9.24 34.58
CA MET Q 113 -16.08 9.59 33.89
C MET Q 113 -16.69 8.39 33.15
N ILE Q 114 -15.86 7.64 32.40
CA ILE Q 114 -16.31 6.42 31.74
C ILE Q 114 -16.82 5.41 32.75
N ALA Q 115 -16.11 5.21 33.86
CA ALA Q 115 -16.52 4.22 34.85
C ALA Q 115 -17.82 4.63 35.54
N PHE Q 116 -17.97 5.91 35.89
CA PHE Q 116 -19.15 6.39 36.59
C PHE Q 116 -20.36 6.48 35.70
N HIS Q 117 -20.20 6.40 34.39
CA HIS Q 117 -21.38 6.22 33.56
C HIS Q 117 -21.58 4.78 33.13
N TYR Q 118 -20.51 3.98 33.05
CA TYR Q 118 -20.57 2.60 32.61
C TYR Q 118 -21.22 1.70 33.65
N ILE Q 119 -20.87 1.88 34.92
CA ILE Q 119 -21.49 1.07 35.96
C ILE Q 119 -23.00 1.28 36.07
N PRO Q 120 -23.53 2.52 36.11
CA PRO Q 120 -24.99 2.65 36.12
C PRO Q 120 -25.63 2.26 34.80
N ALA Q 121 -24.92 2.39 33.68
CA ALA Q 121 -25.48 1.93 32.42
C ALA Q 121 -25.65 0.42 32.41
N LEU Q 122 -24.78 -0.32 33.09
CA LEU Q 122 -25.00 -1.76 33.15
C LEU Q 122 -26.08 -2.12 34.13
N LEU Q 123 -26.20 -1.38 35.23
CA LEU Q 123 -27.34 -1.59 36.12
C LEU Q 123 -28.67 -1.32 35.41
N CYS Q 124 -28.71 -0.28 34.58
CA CYS Q 124 -29.90 0.04 33.81
C CYS Q 124 -30.13 -0.94 32.66
N TYR Q 125 -29.08 -1.50 32.06
CA TYR Q 125 -29.27 -2.57 31.07
C TYR Q 125 -29.89 -3.82 31.71
N LEU Q 126 -29.47 -4.16 32.93
CA LEU Q 126 -30.10 -5.27 33.64
C LEU Q 126 -31.57 -4.99 33.94
N GLY Q 127 -31.87 -3.78 34.43
CA GLY Q 127 -33.25 -3.41 34.63
C GLY Q 127 -34.04 -3.38 33.34
N ARG Q 128 -33.41 -3.02 32.23
CA ARG Q 128 -34.08 -2.97 30.96
C ARG Q 128 -34.40 -4.37 30.45
N GLU Q 129 -33.53 -5.32 30.74
CA GLU Q 129 -33.80 -6.72 30.43
C GLU Q 129 -35.02 -7.21 31.18
N TRP Q 130 -35.12 -6.85 32.47
CA TRP Q 130 -36.35 -7.18 33.20
C TRP Q 130 -37.57 -6.45 32.62
N GLU Q 131 -37.42 -5.18 32.26
CA GLU Q 131 -38.50 -4.40 31.66
C GLU Q 131 -39.09 -5.07 30.44
N LEU Q 132 -38.24 -5.43 29.50
CA LEU Q 132 -38.75 -6.06 28.28
C LEU Q 132 -39.32 -7.45 28.56
N SER Q 133 -38.76 -8.19 29.52
CA SER Q 133 -39.39 -9.44 29.90
C SER Q 133 -40.81 -9.21 30.39
N TYR Q 134 -41.02 -8.13 31.13
CA TYR Q 134 -42.34 -7.82 31.64
C TYR Q 134 -43.29 -7.35 30.56
N ARG Q 135 -42.81 -6.54 29.62
CA ARG Q 135 -43.68 -6.07 28.55
C ARG Q 135 -44.02 -7.14 27.53
N LEU Q 136 -43.28 -8.25 27.48
CA LEU Q 136 -43.58 -9.32 26.53
C LEU Q 136 -44.23 -10.53 27.17
N GLY Q 137 -44.44 -10.52 28.48
CA GLY Q 137 -45.12 -11.63 29.13
C GLY Q 137 -44.29 -12.89 29.29
N MET Q 138 -42.98 -12.77 29.25
CA MET Q 138 -42.08 -13.89 29.50
C MET Q 138 -41.49 -13.81 30.90
N ARG Q 139 -40.99 -14.94 31.39
CA ARG Q 139 -40.56 -15.05 32.78
C ARG Q 139 -39.33 -14.16 33.05
N PRO Q 140 -39.21 -13.62 34.25
CA PRO Q 140 -38.37 -12.44 34.41
C PRO Q 140 -36.94 -12.63 34.89
N TRP Q 141 -36.18 -13.62 34.43
CA TRP Q 141 -34.94 -13.91 35.13
C TRP Q 141 -33.75 -13.99 34.21
N ILE Q 142 -33.85 -13.44 33.00
CA ILE Q 142 -32.65 -13.28 32.19
C ILE Q 142 -31.75 -12.22 32.81
N CYS Q 143 -32.35 -11.23 33.48
CA CYS Q 143 -31.59 -10.27 34.27
C CYS Q 143 -30.78 -10.95 35.37
N ILE Q 144 -31.26 -12.06 35.90
CA ILE Q 144 -30.51 -12.79 36.93
C ILE Q 144 -29.27 -13.42 36.33
N ALA Q 145 -29.38 -13.94 35.11
CA ALA Q 145 -28.21 -14.50 34.45
C ALA Q 145 -27.22 -13.40 34.09
N TYR Q 146 -27.73 -12.25 33.69
CA TYR Q 146 -26.89 -11.11 33.34
C TYR Q 146 -26.24 -10.49 34.55
N SER Q 147 -26.79 -10.71 35.74
CA SER Q 147 -26.18 -10.19 36.96
C SER Q 147 -24.82 -10.80 37.28
N ALA Q 148 -24.42 -11.88 36.61
CA ALA Q 148 -23.12 -12.48 36.89
C ALA Q 148 -21.98 -11.71 36.21
N PRO Q 149 -21.99 -11.45 34.90
CA PRO Q 149 -20.95 -10.56 34.36
C PRO Q 149 -21.01 -9.15 34.90
N VAL Q 150 -22.19 -8.69 35.33
CA VAL Q 150 -22.29 -7.36 35.91
C VAL Q 150 -21.63 -7.31 37.27
N ALA Q 151 -21.85 -8.34 38.09
CA ALA Q 151 -21.12 -8.43 39.35
C ALA Q 151 -19.62 -8.50 39.11
N ALA Q 152 -19.20 -9.23 38.07
CA ALA Q 152 -17.78 -9.36 37.79
C ALA Q 152 -17.16 -8.03 37.37
N THR Q 153 -17.88 -7.25 36.56
CA THR Q 153 -17.31 -6.00 36.10
C THR Q 153 -17.45 -4.88 37.12
N ILE Q 154 -18.35 -5.00 38.09
CA ILE Q 154 -18.37 -4.04 39.18
C ILE Q 154 -17.33 -4.37 40.24
N SER Q 155 -16.96 -5.65 40.39
CA SER Q 155 -15.92 -5.99 41.35
C SER Q 155 -14.56 -5.44 40.94
N VAL Q 156 -14.28 -5.34 39.64
CA VAL Q 156 -12.97 -4.88 39.18
C VAL Q 156 -12.97 -3.43 38.75
N PHE Q 157 -14.09 -2.74 38.84
CA PHE Q 157 -14.15 -1.33 38.50
C PHE Q 157 -14.58 -0.47 39.65
N LEU Q 158 -15.31 -1.03 40.58
CA LEU Q 158 -15.72 -0.25 41.72
C LEU Q 158 -15.31 -0.86 43.04
N ILE Q 159 -15.44 -2.18 43.20
CA ILE Q 159 -15.33 -2.75 44.54
C ILE Q 159 -13.88 -2.93 44.94
N TYR Q 160 -13.04 -3.39 44.01
CA TYR Q 160 -11.62 -3.46 44.29
C TYR Q 160 -10.97 -2.09 44.49
N PRO Q 161 -11.22 -1.06 43.66
CA PRO Q 161 -10.75 0.29 44.03
C PRO Q 161 -11.23 0.81 45.36
N ILE Q 162 -12.47 0.56 45.75
CA ILE Q 162 -12.95 1.00 47.06
C ILE Q 162 -12.22 0.27 48.17
N GLY Q 163 -12.08 -1.05 48.03
CA GLY Q 163 -11.43 -1.82 49.07
C GLY Q 163 -9.95 -1.52 49.19
N GLN Q 164 -9.30 -1.22 48.07
CA GLN Q 164 -7.87 -0.96 48.12
C GLN Q 164 -7.60 0.52 48.42
N GLY Q 165 -8.53 1.41 48.11
CA GLY Q 165 -8.40 2.80 48.46
C GLY Q 165 -8.15 3.75 47.31
N SER Q 166 -8.03 3.25 46.09
CA SER Q 166 -7.78 4.15 44.97
C SER Q 166 -8.35 3.60 43.68
N PHE Q 167 -8.75 4.51 42.81
CA PHE Q 167 -9.24 4.15 41.50
C PHE Q 167 -8.11 3.82 40.54
N SER Q 168 -6.86 3.97 40.97
CA SER Q 168 -5.72 3.51 40.20
C SER Q 168 -5.58 2.01 40.25
N ASP Q 169 -6.18 1.38 41.24
CA ASP Q 169 -6.19 -0.07 41.36
C ASP Q 169 -7.37 -0.69 40.63
N GLY Q 170 -8.06 0.08 39.82
CA GLY Q 170 -9.13 -0.43 39.01
C GLY Q 170 -8.62 -1.12 37.79
N LEU Q 171 -9.50 -1.83 37.13
CA LEU Q 171 -9.12 -2.51 35.90
C LEU Q 171 -8.87 -1.48 34.82
N PRO Q 172 -7.70 -1.44 34.21
CA PRO Q 172 -7.47 -0.50 33.13
C PRO Q 172 -8.31 -0.87 31.93
N MET Q 173 -8.73 0.15 31.20
CA MET Q 173 -9.64 -0.04 30.08
C MET Q 173 -8.86 -0.38 28.81
N GLY Q 174 -8.16 -1.50 28.89
CA GLY Q 174 -7.31 -1.89 27.79
C GLY Q 174 -6.90 -3.33 27.96
N ILE Q 175 -6.43 -3.89 26.86
CA ILE Q 175 -6.09 -5.30 26.81
C ILE Q 175 -4.86 -5.59 27.66
N SER Q 176 -3.75 -4.89 27.40
CA SER Q 176 -2.55 -5.10 28.19
C SER Q 176 -2.68 -4.54 29.59
N GLY Q 177 -3.47 -3.49 29.77
CA GLY Q 177 -3.79 -3.04 31.10
C GLY Q 177 -4.54 -4.10 31.91
N THR Q 178 -5.46 -4.82 31.27
CA THR Q 178 -6.13 -5.93 31.92
C THR Q 178 -5.15 -7.02 32.31
N PHE Q 179 -4.23 -7.36 31.41
CA PHE Q 179 -3.21 -8.36 31.74
C PHE Q 179 -2.36 -7.91 32.92
N ASN Q 180 -2.01 -6.63 32.95
CA ASN Q 180 -1.24 -6.07 34.06
C ASN Q 180 -2.01 -6.16 35.36
N PHE Q 181 -3.31 -5.88 35.31
CA PHE Q 181 -4.17 -6.03 36.47
C PHE Q 181 -4.15 -7.46 36.98
N MET Q 182 -4.25 -8.44 36.07
CA MET Q 182 -4.22 -9.84 36.45
C MET Q 182 -2.93 -10.21 37.15
N PHE Q 183 -1.80 -9.76 36.60
CA PHE Q 183 -0.52 -10.17 37.19
C PHE Q 183 -0.30 -9.51 38.54
N VAL Q 184 -0.63 -8.23 38.66
CA VAL Q 184 -0.45 -7.53 39.93
C VAL Q 184 -1.39 -8.09 40.98
N PHE Q 185 -2.58 -8.52 40.57
CA PHE Q 185 -3.53 -9.10 41.48
C PHE Q 185 -3.05 -10.45 41.99
N GLN Q 186 -2.49 -11.27 41.10
CA GLN Q 186 -1.89 -12.54 41.54
C GLN Q 186 -0.74 -12.31 42.49
N ALA Q 187 0.12 -11.31 42.20
CA ALA Q 187 1.25 -11.02 43.07
C ALA Q 187 0.79 -10.60 44.46
N GLU Q 188 -0.27 -9.81 44.53
CA GLU Q 188 -0.68 -9.22 45.78
C GLU Q 188 -1.73 -10.01 46.53
N HIS Q 189 -2.41 -10.94 45.88
CA HIS Q 189 -3.51 -11.67 46.49
C HIS Q 189 -3.48 -13.17 46.26
N ASN Q 190 -2.70 -13.67 45.30
CA ASN Q 190 -2.65 -15.09 44.94
C ASN Q 190 -4.04 -15.64 44.62
N ILE Q 191 -4.62 -15.09 43.55
CA ILE Q 191 -5.99 -15.44 43.19
C ILE Q 191 -6.08 -16.87 42.70
N LEU Q 192 -5.01 -17.40 42.11
CA LEU Q 192 -5.03 -18.76 41.61
C LEU Q 192 -5.27 -19.76 42.73
N MET Q 193 -4.77 -19.48 43.92
CA MET Q 193 -5.07 -20.31 45.06
C MET Q 193 -6.30 -19.84 45.84
N HIS Q 194 -7.14 -18.98 45.24
CA HIS Q 194 -8.41 -18.60 45.85
C HIS Q 194 -9.50 -19.55 45.38
N PRO Q 195 -10.22 -20.20 46.28
CA PRO Q 195 -11.23 -21.19 45.86
C PRO Q 195 -12.38 -20.60 45.05
N PHE Q 196 -12.76 -19.35 45.29
CA PHE Q 196 -13.76 -18.68 44.46
C PHE Q 196 -13.27 -18.55 43.03
N HIS Q 197 -11.96 -18.39 42.84
CA HIS Q 197 -11.47 -18.31 41.49
C HIS Q 197 -11.34 -19.68 40.85
N MET Q 198 -11.09 -20.73 41.64
CA MET Q 198 -11.15 -22.07 41.09
C MET Q 198 -12.57 -22.43 40.67
N LEU Q 199 -13.56 -21.94 41.42
CA LEU Q 199 -14.95 -22.08 41.00
C LEU Q 199 -15.23 -21.29 39.73
N GLY Q 200 -14.71 -20.06 39.63
CA GLY Q 200 -14.89 -19.30 38.41
C GLY Q 200 -14.26 -19.94 37.20
N VAL Q 201 -13.10 -20.56 37.38
CA VAL Q 201 -12.46 -21.26 36.29
C VAL Q 201 -13.25 -22.51 35.90
N ALA Q 202 -13.69 -23.28 36.90
CA ALA Q 202 -14.59 -24.40 36.63
C ALA Q 202 -15.84 -23.93 35.92
N GLY Q 203 -16.37 -22.77 36.30
CA GLY Q 203 -17.56 -22.26 35.66
C GLY Q 203 -17.35 -21.86 34.22
N VAL Q 204 -16.28 -21.14 33.92
CA VAL Q 204 -16.07 -20.72 32.54
C VAL Q 204 -15.64 -21.88 31.66
N LEU Q 205 -14.76 -22.75 32.16
CA LEU Q 205 -14.36 -23.90 31.36
C LEU Q 205 -15.46 -24.94 31.25
N GLY Q 206 -16.23 -25.16 32.32
CA GLY Q 206 -17.34 -26.06 32.24
C GLY Q 206 -18.53 -25.50 31.51
N GLY Q 207 -18.76 -24.20 31.56
CA GLY Q 207 -19.74 -23.60 30.69
C GLY Q 207 -19.37 -23.72 29.24
N SER Q 208 -18.08 -23.63 28.93
CA SER Q 208 -17.65 -23.91 27.56
C SER Q 208 -17.80 -25.39 27.22
N LEU Q 209 -17.47 -26.28 28.15
CA LEU Q 209 -17.72 -27.71 27.96
C LEU Q 209 -19.18 -27.98 27.70
N PHE Q 210 -20.06 -27.46 28.55
CA PHE Q 210 -21.48 -27.71 28.47
C PHE Q 210 -22.11 -27.01 27.29
N CYS Q 211 -21.58 -25.86 26.88
CA CYS Q 211 -22.05 -25.20 25.68
C CYS Q 211 -21.71 -26.03 24.46
N ALA Q 212 -20.45 -26.46 24.34
CA ALA Q 212 -20.06 -27.32 23.23
C ALA Q 212 -20.81 -28.64 23.27
N MET Q 213 -21.06 -29.16 24.46
CA MET Q 213 -21.68 -30.46 24.64
C MET Q 213 -23.14 -30.40 24.24
N HIS Q 214 -23.86 -29.39 24.73
CA HIS Q 214 -25.27 -29.23 24.43
C HIS Q 214 -25.47 -28.90 22.96
N GLY Q 215 -24.61 -28.04 22.40
CA GLY Q 215 -24.69 -27.74 20.99
C GLY Q 215 -24.40 -28.94 20.10
N SER Q 216 -23.39 -29.74 20.44
CA SER Q 216 -23.09 -30.93 19.65
C SER Q 216 -24.20 -31.96 19.75
N LEU Q 217 -24.83 -32.07 20.91
CA LEU Q 217 -25.89 -33.05 21.03
C LEU Q 217 -27.14 -32.65 20.26
N VAL Q 218 -27.55 -31.39 20.37
CA VAL Q 218 -28.71 -30.95 19.62
C VAL Q 218 -28.41 -30.95 18.12
N THR Q 219 -27.18 -30.62 17.73
CA THR Q 219 -26.80 -30.65 16.32
C THR Q 219 -26.71 -32.07 15.80
N SER Q 220 -26.29 -33.00 16.64
CA SER Q 220 -26.05 -34.36 16.18
C SER Q 220 -27.35 -35.12 15.98
N SER Q 221 -28.33 -34.87 16.80
CA SER Q 221 -29.63 -35.53 16.66
C SER Q 221 -30.64 -34.60 16.02
N LEU Q 222 -30.35 -34.13 14.81
CA LEU Q 222 -31.28 -33.28 14.07
C LEU Q 222 -32.20 -34.14 13.23
N VAL Q 223 -33.43 -33.73 13.11
CA VAL Q 223 -34.38 -34.44 12.25
C VAL Q 223 -34.08 -34.12 10.80
N ARG Q 224 -34.10 -35.14 9.95
CA ARG Q 224 -33.82 -34.94 8.54
C ARG Q 224 -34.96 -34.17 7.90
N GLU Q 225 -34.65 -32.97 7.43
CA GLU Q 225 -35.60 -32.14 6.70
C GLU Q 225 -35.07 -31.64 5.38
N THR Q 226 -33.77 -31.72 5.16
CA THR Q 226 -33.09 -31.05 4.08
C THR Q 226 -32.32 -32.07 3.24
N SER Q 227 -31.74 -31.60 2.15
CA SER Q 227 -30.84 -32.40 1.34
C SER Q 227 -29.40 -32.17 1.81
N ASP Q 228 -28.49 -32.95 1.24
CA ASP Q 228 -27.09 -32.83 1.64
C ASP Q 228 -26.43 -31.60 1.06
N SER Q 229 -26.94 -31.07 -0.04
CA SER Q 229 -26.38 -29.87 -0.66
C SER Q 229 -27.12 -28.61 -0.22
N GLN Q 230 -27.60 -28.59 1.01
CA GLN Q 230 -28.17 -27.40 1.60
C GLN Q 230 -27.96 -27.48 3.10
N SER Q 231 -27.97 -26.32 3.75
CA SER Q 231 -27.61 -26.25 5.16
C SER Q 231 -28.68 -26.91 6.01
N GLN Q 232 -28.23 -27.65 7.04
CA GLN Q 232 -29.16 -28.27 7.98
C GLN Q 232 -30.02 -27.23 8.70
N ASN Q 233 -29.54 -25.99 8.82
CA ASN Q 233 -30.30 -24.90 9.43
C ASN Q 233 -31.56 -24.54 8.63
N GLU Q 234 -31.63 -24.94 7.37
CA GLU Q 234 -32.87 -24.77 6.62
C GLU Q 234 -33.96 -25.75 7.03
N GLY Q 235 -33.62 -26.78 7.81
CA GLY Q 235 -34.65 -27.65 8.32
C GLY Q 235 -35.53 -27.03 9.39
N TYR Q 236 -35.08 -25.96 10.01
CA TYR Q 236 -35.86 -25.25 11.01
C TYR Q 236 -36.50 -24.05 10.36
N LYS Q 237 -37.76 -23.82 10.70
CA LYS Q 237 -38.49 -22.65 10.26
C LYS Q 237 -38.82 -21.84 11.50
N PHE Q 238 -38.62 -20.53 11.42
CA PHE Q 238 -38.77 -19.67 12.58
C PHE Q 238 -40.22 -19.64 13.01
N GLY Q 239 -40.48 -20.08 14.23
CA GLY Q 239 -41.83 -20.15 14.75
C GLY Q 239 -42.51 -21.48 14.55
N GLN Q 240 -41.84 -22.45 13.96
CA GLN Q 240 -42.39 -23.80 13.85
C GLN Q 240 -42.62 -24.38 15.23
N GLU Q 241 -43.66 -25.18 15.36
CA GLU Q 241 -44.11 -25.61 16.68
C GLU Q 241 -43.45 -26.95 17.04
N GLU Q 242 -43.32 -27.81 16.03
CA GLU Q 242 -42.62 -29.09 16.09
C GLU Q 242 -41.19 -28.92 16.60
N GLU Q 243 -40.72 -29.92 17.34
CA GLU Q 243 -39.35 -29.89 17.85
C GLU Q 243 -38.37 -30.26 16.74
N THR Q 244 -37.32 -29.47 16.57
CA THR Q 244 -36.44 -29.60 15.42
C THR Q 244 -35.38 -30.68 15.60
N TYR Q 245 -35.24 -31.24 16.79
CA TYR Q 245 -34.26 -32.29 17.04
C TYR Q 245 -34.93 -33.40 17.81
N ASN Q 246 -34.18 -34.45 18.07
CA ASN Q 246 -34.68 -35.61 18.78
C ASN Q 246 -34.02 -35.64 20.15
N ILE Q 247 -34.79 -35.32 21.18
CA ILE Q 247 -34.28 -35.40 22.53
C ILE Q 247 -34.01 -36.85 22.91
N LEU Q 248 -34.83 -37.77 22.40
CA LEU Q 248 -34.67 -39.19 22.70
C LEU Q 248 -33.35 -39.73 22.17
N ALA Q 249 -32.99 -39.36 20.94
CA ALA Q 249 -31.78 -39.91 20.33
C ALA Q 249 -30.53 -39.36 20.97
N ALA Q 250 -30.52 -38.04 21.21
CA ALA Q 250 -29.39 -37.42 21.90
C ALA Q 250 -29.26 -37.95 23.32
N HIS Q 251 -30.40 -38.20 23.97
CA HIS Q 251 -30.41 -38.78 25.31
C HIS Q 251 -29.83 -40.17 25.32
N GLY Q 252 -30.27 -41.01 24.38
CA GLY Q 252 -29.76 -42.37 24.31
C GLY Q 252 -28.28 -42.40 24.02
N TYR Q 253 -27.80 -41.51 23.16
CA TYR Q 253 -26.38 -41.43 22.87
C TYR Q 253 -25.59 -41.04 24.11
N PHE Q 254 -26.03 -39.97 24.80
CA PHE Q 254 -25.30 -39.51 25.96
C PHE Q 254 -25.31 -40.55 27.07
N GLY Q 255 -26.43 -41.25 27.23
CA GLY Q 255 -26.51 -42.29 28.22
C GLY Q 255 -25.64 -43.47 27.93
N ARG Q 256 -25.50 -43.81 26.65
CA ARG Q 256 -24.61 -44.90 26.32
C ARG Q 256 -23.16 -44.45 26.49
N LEU Q 257 -22.91 -43.15 26.26
CA LEU Q 257 -21.58 -42.57 26.41
C LEU Q 257 -21.07 -42.67 27.84
N ILE Q 258 -21.88 -42.28 28.83
CA ILE Q 258 -21.39 -42.49 30.19
C ILE Q 258 -22.15 -43.54 31.01
N PHE Q 259 -23.32 -43.25 31.57
CA PHE Q 259 -24.15 -44.31 32.14
C PHE Q 259 -25.63 -43.96 31.96
N GLN Q 260 -26.49 -44.73 32.63
CA GLN Q 260 -27.93 -44.59 32.46
C GLN Q 260 -28.48 -43.34 33.15
N TYR Q 261 -28.37 -43.27 34.47
CA TYR Q 261 -28.93 -42.13 35.22
C TYR Q 261 -27.92 -40.98 35.25
N ALA Q 262 -27.55 -40.50 34.07
CA ALA Q 262 -26.64 -39.34 33.93
C ALA Q 262 -27.24 -38.33 32.95
N SER Q 263 -27.67 -38.79 31.78
CA SER Q 263 -28.26 -37.90 30.74
C SER Q 263 -29.58 -37.33 31.23
N PHE Q 264 -29.66 -36.00 31.41
CA PHE Q 264 -30.94 -35.26 31.35
C PHE Q 264 -31.85 -35.89 30.29
N ASN Q 265 -32.91 -36.58 30.74
CA ASN Q 265 -34.15 -36.70 29.97
C ASN Q 265 -34.91 -35.38 29.77
N ASN Q 266 -35.07 -34.59 30.83
CA ASN Q 266 -35.84 -33.36 30.79
C ASN Q 266 -35.03 -32.27 30.09
N SER Q 267 -35.74 -31.36 29.40
CA SER Q 267 -35.06 -30.21 28.80
C SER Q 267 -35.19 -28.92 29.62
N ARG Q 268 -36.29 -28.73 30.36
CA ARG Q 268 -36.39 -27.54 31.21
C ARG Q 268 -35.35 -27.56 32.31
N GLN Q 269 -35.15 -28.72 32.93
CA GLN Q 269 -34.07 -28.89 33.90
C GLN Q 269 -32.72 -28.71 33.24
N LEU Q 270 -32.58 -29.21 32.03
CA LEU Q 270 -31.33 -29.14 31.30
C LEU Q 270 -30.90 -27.70 31.06
N HIS Q 271 -31.82 -26.87 30.61
CA HIS Q 271 -31.49 -25.48 30.38
C HIS Q 271 -31.41 -24.68 31.66
N PHE Q 272 -32.09 -25.09 32.73
CA PHE Q 272 -31.80 -24.46 34.01
C PHE Q 272 -30.36 -24.73 34.44
N PHE Q 273 -29.88 -25.96 34.24
CA PHE Q 273 -28.48 -26.26 34.55
C PHE Q 273 -27.51 -25.48 33.66
N LEU Q 274 -27.82 -25.37 32.36
CA LEU Q 274 -27.01 -24.54 31.47
C LEU Q 274 -26.96 -23.10 31.95
N ALA Q 275 -28.05 -22.58 32.48
CA ALA Q 275 -28.02 -21.25 33.05
C ALA Q 275 -27.22 -21.23 34.33
N ALA Q 276 -27.49 -22.19 35.22
CA ALA Q 276 -27.07 -22.10 36.61
C ALA Q 276 -25.57 -22.29 36.76
N TRP Q 277 -24.94 -23.18 35.97
CA TRP Q 277 -23.53 -23.49 36.22
C TRP Q 277 -22.60 -22.29 36.00
N PRO Q 278 -22.52 -21.68 34.80
CA PRO Q 278 -21.61 -20.54 34.69
C PRO Q 278 -22.11 -19.29 35.42
N VAL Q 279 -23.42 -19.11 35.60
CA VAL Q 279 -23.90 -17.92 36.30
C VAL Q 279 -23.50 -17.97 37.77
N VAL Q 280 -23.73 -19.10 38.43
CA VAL Q 280 -23.38 -19.22 39.84
C VAL Q 280 -21.88 -19.16 40.04
N CYS Q 281 -21.12 -19.79 39.15
CA CYS Q 281 -19.66 -19.74 39.33
C CYS Q 281 -19.09 -18.35 39.06
N ILE Q 282 -19.65 -17.59 38.13
CA ILE Q 282 -19.19 -16.23 37.92
C ILE Q 282 -19.64 -15.32 39.06
N TRP Q 283 -20.80 -15.60 39.67
CA TRP Q 283 -21.16 -14.94 40.93
C TRP Q 283 -20.08 -15.14 41.97
N PHE Q 284 -19.63 -16.38 42.10
CA PHE Q 284 -18.62 -16.70 43.11
C PHE Q 284 -17.28 -16.07 42.77
N VAL Q 285 -16.93 -15.96 41.51
CA VAL Q 285 -15.61 -15.41 41.26
C VAL Q 285 -15.63 -13.87 41.35
N ALA Q 286 -16.77 -13.24 41.03
CA ALA Q 286 -16.95 -11.82 41.31
C ALA Q 286 -16.89 -11.57 42.79
N LEU Q 287 -17.48 -12.47 43.57
CA LEU Q 287 -17.37 -12.34 45.01
C LEU Q 287 -15.95 -12.54 45.50
N GLY Q 288 -15.18 -13.41 44.84
CA GLY Q 288 -13.79 -13.59 45.22
C GLY Q 288 -12.94 -12.36 45.00
N ILE Q 289 -13.07 -11.73 43.83
CA ILE Q 289 -12.48 -10.41 43.60
C ILE Q 289 -12.90 -9.45 44.71
N SER Q 290 -14.16 -9.51 45.12
CA SER Q 290 -14.68 -8.58 46.10
C SER Q 290 -14.16 -8.82 47.51
N THR Q 291 -13.94 -10.06 47.92
CA THR Q 291 -13.35 -10.28 49.24
C THR Q 291 -11.84 -10.04 49.22
N MET Q 292 -11.18 -10.31 48.10
CA MET Q 292 -9.81 -9.86 47.98
C MET Q 292 -9.68 -8.35 47.91
N ALA Q 293 -10.76 -7.64 47.60
CA ALA Q 293 -10.78 -6.19 47.75
C ALA Q 293 -10.59 -5.78 49.20
N PHE Q 294 -11.05 -6.59 50.14
CA PHE Q 294 -10.76 -6.33 51.54
C PHE Q 294 -9.56 -7.07 52.04
N ASN Q 295 -8.72 -7.58 51.13
CA ASN Q 295 -7.48 -8.31 51.43
C ASN Q 295 -7.75 -9.59 52.20
N LEU Q 296 -8.70 -10.37 51.73
CA LEU Q 296 -8.92 -11.73 52.19
C LEU Q 296 -8.48 -12.62 51.04
N ASN Q 297 -7.20 -12.93 50.99
CA ASN Q 297 -6.58 -13.50 49.82
C ASN Q 297 -6.81 -15.01 49.76
N GLY Q 298 -6.27 -15.66 48.74
CA GLY Q 298 -6.45 -17.08 48.56
C GLY Q 298 -5.76 -17.97 49.58
N PHE Q 299 -5.72 -19.27 49.32
CA PHE Q 299 -5.06 -20.19 50.23
C PHE Q 299 -3.56 -19.94 50.25
N ASN Q 300 -2.96 -20.17 51.40
CA ASN Q 300 -1.52 -19.99 51.58
C ASN Q 300 -0.96 -21.29 52.10
N PHE Q 301 -0.05 -21.91 51.32
CA PHE Q 301 0.61 -23.13 51.74
C PHE Q 301 2.12 -23.00 51.71
N ASN Q 302 2.63 -21.79 51.81
CA ASN Q 302 4.07 -21.65 51.98
C ASN Q 302 4.52 -22.14 53.33
N HIS Q 303 5.65 -22.84 53.31
CA HIS Q 303 6.36 -23.33 54.47
C HIS Q 303 5.47 -24.29 55.26
N SER Q 304 4.72 -25.10 54.53
CA SER Q 304 3.68 -25.94 55.12
C SER Q 304 4.12 -27.39 55.30
N VAL Q 305 5.04 -27.87 54.49
CA VAL Q 305 5.56 -29.22 54.62
C VAL Q 305 6.98 -29.10 55.16
N LEU Q 306 7.19 -29.57 56.39
CA LEU Q 306 8.48 -29.49 57.06
C LEU Q 306 9.05 -30.89 57.20
N ASP Q 307 10.38 -30.98 57.18
CA ASP Q 307 11.06 -32.25 57.40
C ASP Q 307 11.23 -32.48 58.90
N SER Q 308 12.07 -33.46 59.27
CA SER Q 308 12.26 -33.81 60.67
C SER Q 308 12.91 -32.69 61.47
N GLN Q 309 13.93 -32.03 60.91
CA GLN Q 309 14.60 -30.97 61.66
C GLN Q 309 13.77 -29.69 61.69
N GLY Q 310 13.10 -29.37 60.59
CA GLY Q 310 12.33 -28.15 60.51
C GLY Q 310 12.53 -27.41 59.21
N ARG Q 311 13.38 -27.94 58.34
CA ARG Q 311 13.66 -27.33 57.05
C ARG Q 311 12.40 -27.35 56.19
N VAL Q 312 12.16 -26.27 55.45
CA VAL Q 312 11.01 -26.20 54.58
C VAL Q 312 11.31 -27.04 53.33
N LEU Q 313 10.52 -28.07 53.10
CA LEU Q 313 10.56 -28.76 51.83
C LEU Q 313 9.70 -27.97 50.86
N PRO Q 314 10.24 -27.52 49.73
CA PRO Q 314 9.42 -26.79 48.75
C PRO Q 314 8.30 -27.66 48.23
N SER Q 315 7.16 -27.04 48.01
CA SER Q 315 6.04 -27.67 47.35
C SER Q 315 5.78 -26.91 46.06
N TRP Q 316 4.71 -27.26 45.37
CA TRP Q 316 4.36 -26.53 44.16
C TRP Q 316 3.76 -25.17 44.48
N ALA Q 317 3.10 -25.04 45.63
CA ALA Q 317 2.64 -23.75 46.08
C ALA Q 317 3.78 -22.81 46.39
N ASP Q 318 4.91 -23.35 46.88
CA ASP Q 318 6.12 -22.56 47.06
C ASP Q 318 6.65 -22.02 45.74
N VAL Q 319 6.60 -22.84 44.69
CA VAL Q 319 7.05 -22.40 43.38
C VAL Q 319 6.12 -21.32 42.83
N VAL Q 320 4.83 -21.46 43.07
CA VAL Q 320 3.87 -20.42 42.67
C VAL Q 320 4.10 -19.14 43.45
N ASN Q 321 4.42 -19.23 44.74
CA ASN Q 321 4.83 -18.07 45.52
C ASN Q 321 6.05 -17.41 44.94
N ARG Q 322 7.02 -18.21 44.53
CA ARG Q 322 8.28 -17.66 44.06
C ARG Q 322 8.06 -16.89 42.76
N ALA Q 323 7.19 -17.39 41.90
CA ALA Q 323 6.79 -16.60 40.73
C ALA Q 323 5.93 -15.39 41.08
N SER Q 324 5.08 -15.50 42.10
CA SER Q 324 4.27 -14.36 42.51
C SER Q 324 5.11 -13.28 43.16
N LEU Q 325 6.17 -13.68 43.86
CA LEU Q 325 7.15 -12.74 44.39
C LEU Q 325 7.91 -12.07 43.26
N GLY Q 326 8.21 -12.82 42.20
CA GLY Q 326 8.71 -12.22 40.98
C GLY Q 326 7.88 -11.07 40.46
N PHE Q 327 6.57 -11.31 40.31
CA PHE Q 327 5.67 -10.21 39.96
C PHE Q 327 5.59 -9.14 41.05
N GLU Q 328 5.70 -9.54 42.31
CA GLU Q 328 5.43 -8.69 43.47
C GLU Q 328 6.44 -7.55 43.61
N VAL Q 329 7.70 -7.81 43.31
CA VAL Q 329 8.75 -6.82 43.55
C VAL Q 329 9.11 -6.07 42.27
N MET Q 330 8.18 -5.94 41.33
CA MET Q 330 8.42 -5.19 40.11
C MET Q 330 7.29 -4.26 39.73
N HIS Q 331 6.13 -4.42 40.37
CA HIS Q 331 4.94 -3.57 40.06
C HIS Q 331 5.01 -2.25 40.83
N GLU Q 332 4.76 -1.13 40.16
CA GLU Q 332 4.77 0.18 40.82
C GLU Q 332 6.12 0.40 41.50
N ARG Q 333 7.16 0.29 40.69
CA ARG Q 333 8.54 0.31 41.15
C ARG Q 333 8.89 1.62 41.87
N ASN Q 334 8.58 2.77 41.30
CA ASN Q 334 9.03 4.02 41.89
C ASN Q 334 7.94 4.62 42.79
N ALA Q 335 7.24 3.74 43.49
CA ALA Q 335 6.09 4.22 44.23
C ALA Q 335 5.88 3.56 45.60
N HIS Q 336 6.80 2.69 46.03
CA HIS Q 336 6.70 2.08 47.36
C HIS Q 336 7.90 2.58 48.15
N ASN Q 337 7.69 3.58 49.00
CA ASN Q 337 8.78 4.11 49.79
C ASN Q 337 9.04 3.31 51.05
N PHE Q 338 8.12 2.47 51.46
CA PHE Q 338 8.25 1.57 52.60
C PHE Q 338 8.18 0.12 52.13
N PRO Q 339 8.68 -0.84 52.92
CA PRO Q 339 8.74 -2.22 52.42
C PRO Q 339 7.41 -2.95 52.43
N LEU Q 340 6.35 -2.34 52.93
CA LEU Q 340 5.09 -3.03 53.14
C LEU Q 340 4.04 -2.38 52.24
N ASP Q 341 3.84 -2.96 51.07
CA ASP Q 341 2.77 -2.53 50.17
C ASP Q 341 1.45 -3.00 50.75
N LEU Q 342 0.80 -2.12 51.50
CA LEU Q 342 -0.54 -2.38 51.95
C LEU Q 342 -1.51 -2.10 50.80
N ALA Q 343 -2.81 -2.17 51.07
CA ALA Q 343 -3.81 -2.18 50.02
C ALA Q 343 -3.84 -0.90 49.20
N GLY R 2 -23.44 -27.95 -1.47
CA GLY R 2 -22.94 -27.20 -2.62
C GLY R 2 -23.43 -25.78 -2.61
N LEU R 3 -24.54 -25.56 -1.93
CA LEU R 3 -25.16 -24.26 -1.72
C LEU R 3 -24.56 -23.43 -0.57
N PRO R 4 -24.28 -23.96 0.62
CA PRO R 4 -23.49 -23.17 1.57
C PRO R 4 -22.10 -22.90 1.02
N TRP R 5 -21.53 -21.77 1.44
CA TRP R 5 -20.26 -21.33 0.85
C TRP R 5 -19.14 -22.30 1.18
N TYR R 6 -19.21 -22.95 2.32
CA TYR R 6 -18.23 -23.91 2.76
C TYR R 6 -18.45 -25.28 2.14
N ARG R 7 -19.41 -25.42 1.24
CA ARG R 7 -19.64 -26.70 0.56
C ARG R 7 -19.46 -26.65 -0.94
N VAL R 8 -18.99 -25.53 -1.49
CA VAL R 8 -19.13 -25.27 -2.92
C VAL R 8 -18.27 -26.22 -3.74
N HIS R 9 -17.10 -26.59 -3.23
CA HIS R 9 -16.24 -27.46 -4.00
C HIS R 9 -16.75 -28.88 -4.07
N THR R 10 -17.76 -29.22 -3.26
CA THR R 10 -18.44 -30.49 -3.52
C THR R 10 -19.21 -30.48 -4.80
N SER R 11 -19.27 -29.44 -5.64
CA SER R 11 -19.92 -29.57 -6.92
C SER R 11 -19.15 -30.48 -7.86
N VAL R 12 -17.86 -30.70 -7.63
CA VAL R 12 -17.07 -31.65 -8.42
C VAL R 12 -16.96 -33.01 -7.76
N LEU R 13 -17.63 -33.21 -6.62
CA LEU R 13 -17.51 -34.47 -5.88
C LEU R 13 -18.08 -35.64 -6.65
N ASN R 14 -19.13 -35.40 -7.45
CA ASN R 14 -19.69 -36.39 -8.35
C ASN R 14 -19.34 -36.11 -9.81
N ASP R 15 -18.16 -35.57 -10.07
CA ASP R 15 -17.75 -35.21 -11.44
C ASP R 15 -16.25 -35.38 -11.58
N PRO R 16 -15.79 -36.62 -11.76
CA PRO R 16 -14.35 -36.90 -11.72
C PRO R 16 -13.52 -36.24 -12.79
N GLY R 17 -14.08 -35.91 -13.96
CA GLY R 17 -13.35 -35.07 -14.90
C GLY R 17 -13.09 -33.69 -14.37
N ARG R 18 -14.10 -33.05 -13.79
CA ARG R 18 -13.89 -31.79 -13.11
C ARG R 18 -13.05 -31.96 -11.85
N LEU R 19 -13.08 -33.13 -11.21
CA LEU R 19 -12.19 -33.37 -10.08
C LEU R 19 -10.73 -33.37 -10.53
N ILE R 20 -10.45 -34.01 -11.65
CA ILE R 20 -9.11 -33.98 -12.20
C ILE R 20 -8.74 -32.55 -12.61
N ALA R 21 -9.69 -31.81 -13.17
CA ALA R 21 -9.45 -30.42 -13.52
C ALA R 21 -9.06 -29.59 -12.29
N VAL R 22 -9.73 -29.84 -11.17
CA VAL R 22 -9.53 -28.91 -10.08
C VAL R 22 -8.25 -29.33 -9.34
N HIS R 23 -7.87 -30.60 -9.46
CA HIS R 23 -6.58 -31.07 -9.02
C HIS R 23 -5.43 -30.55 -9.84
N ILE R 24 -5.58 -30.52 -11.17
CA ILE R 24 -4.52 -29.99 -12.02
C ILE R 24 -4.37 -28.51 -11.77
N MET R 25 -5.44 -27.83 -11.39
CA MET R 25 -5.30 -26.43 -11.02
C MET R 25 -4.57 -26.27 -9.70
N HIS R 26 -4.83 -27.14 -8.70
CA HIS R 26 -4.02 -27.08 -7.48
C HIS R 26 -2.55 -27.34 -7.80
N ASN R 27 -2.27 -28.25 -8.74
CA ASN R 27 -0.90 -28.49 -9.21
C ASN R 27 -0.27 -27.25 -9.83
N ALA R 28 -1.01 -26.58 -10.70
CA ALA R 28 -0.53 -25.37 -11.34
C ALA R 28 -0.22 -24.31 -10.30
N LEU R 29 -1.08 -24.15 -9.31
CA LEU R 29 -0.84 -23.17 -8.26
C LEU R 29 0.36 -23.55 -7.39
N CYS R 30 0.49 -24.84 -7.07
CA CYS R 30 1.60 -25.30 -6.23
C CYS R 30 2.93 -25.09 -6.92
N ALA R 31 3.01 -25.51 -8.18
CA ALA R 31 4.26 -25.37 -8.91
C ALA R 31 4.56 -23.92 -9.25
N GLY R 32 3.53 -23.11 -9.53
CA GLY R 32 3.77 -21.71 -9.79
C GLY R 32 4.25 -21.00 -8.55
N PHE R 33 3.78 -21.47 -7.39
CA PHE R 33 4.24 -20.91 -6.09
C PHE R 33 5.69 -21.33 -5.84
N ALA R 34 6.04 -22.57 -6.19
CA ALA R 34 7.41 -23.04 -6.00
C ALA R 34 8.38 -22.27 -6.88
N GLY R 35 8.01 -22.08 -8.14
CA GLY R 35 8.82 -21.28 -9.05
C GLY R 35 8.94 -19.83 -8.63
N SER R 36 7.82 -19.19 -8.31
CA SER R 36 7.84 -17.77 -7.97
C SER R 36 8.53 -17.52 -6.64
N MET R 37 8.29 -18.38 -5.66
CA MET R 37 8.97 -18.28 -4.39
C MET R 37 10.46 -18.47 -4.51
N LEU R 38 10.93 -19.42 -5.32
CA LEU R 38 12.37 -19.54 -5.48
C LEU R 38 12.94 -18.33 -6.20
N LEU R 39 12.20 -17.76 -7.15
CA LEU R 39 12.67 -16.54 -7.81
C LEU R 39 12.75 -15.38 -6.84
N PHE R 40 11.78 -15.28 -5.93
CA PHE R 40 11.80 -14.25 -4.91
C PHE R 40 12.88 -14.52 -3.86
N GLU R 41 13.15 -15.80 -3.60
CA GLU R 41 14.17 -16.19 -2.58
C GLU R 41 15.57 -15.86 -3.11
N LEU R 42 15.72 -15.84 -4.44
CA LEU R 42 16.99 -15.56 -5.08
C LEU R 42 17.18 -14.09 -5.42
N ALA R 43 16.10 -13.35 -5.62
CA ALA R 43 16.24 -11.90 -5.79
C ALA R 43 16.71 -11.27 -4.49
N LEU R 44 16.38 -11.88 -3.36
CA LEU R 44 16.70 -11.37 -2.04
C LEU R 44 17.90 -12.06 -1.40
N PHE R 45 18.48 -13.04 -2.08
CA PHE R 45 19.58 -13.82 -1.53
C PHE R 45 20.89 -13.08 -1.65
N ASP R 46 21.74 -13.23 -0.63
CA ASP R 46 23.09 -12.70 -0.66
C ASP R 46 24.02 -13.90 -0.69
N PRO R 47 24.58 -14.25 -1.85
CA PRO R 47 25.52 -15.37 -1.95
C PRO R 47 26.98 -15.01 -1.72
N SER R 48 27.27 -13.81 -1.22
CA SER R 48 28.64 -13.34 -1.10
C SER R 48 29.46 -14.23 -0.18
N ASP R 49 28.87 -14.64 0.96
CA ASP R 49 29.64 -15.53 1.81
C ASP R 49 28.80 -16.59 2.51
N PRO R 50 29.16 -17.86 2.37
CA PRO R 50 28.41 -18.93 3.04
C PRO R 50 28.82 -19.15 4.49
N VAL R 51 29.82 -18.43 4.97
CA VAL R 51 30.31 -18.62 6.33
C VAL R 51 29.50 -17.82 7.33
N LEU R 52 29.35 -16.52 7.10
CA LEU R 52 28.65 -15.65 8.03
C LEU R 52 27.26 -15.23 7.55
N ASN R 53 26.94 -15.44 6.28
CA ASN R 53 25.59 -15.18 5.76
C ASN R 53 25.08 -16.39 4.97
N PRO R 54 24.80 -17.51 5.62
CA PRO R 54 24.28 -18.68 4.92
C PRO R 54 22.80 -18.46 4.62
N MET R 55 22.19 -19.42 3.95
CA MET R 55 20.80 -19.24 3.54
C MET R 55 19.86 -19.30 4.72
N TRP R 56 20.23 -19.98 5.78
CA TRP R 56 19.31 -20.08 6.89
C TRP R 56 19.27 -18.80 7.71
N ARG R 57 20.32 -17.99 7.68
CA ARG R 57 20.26 -16.66 8.26
C ARG R 57 19.44 -15.71 7.42
N GLN R 58 19.25 -16.00 6.15
CA GLN R 58 18.61 -15.05 5.25
C GLN R 58 17.15 -15.37 4.97
N GLY R 59 16.55 -16.27 5.74
CA GLY R 59 15.15 -16.55 5.56
C GLY R 59 14.83 -17.38 4.35
N CYS R 60 15.78 -18.15 3.84
CA CYS R 60 15.55 -18.93 2.65
C CYS R 60 14.70 -20.14 2.97
N PHE R 61 13.51 -20.19 2.41
CA PHE R 61 12.58 -21.27 2.69
C PHE R 61 12.74 -22.39 1.68
N LEU R 62 12.65 -22.09 0.39
CA LEU R 62 12.70 -23.17 -0.58
C LEU R 62 14.11 -23.54 -0.98
N MET R 63 15.04 -22.57 -0.94
CA MET R 63 16.43 -22.83 -1.29
C MET R 63 17.09 -23.98 -0.54
N PRO R 64 16.91 -24.20 0.77
CA PRO R 64 17.49 -25.40 1.37
C PRO R 64 16.95 -26.69 0.81
N PHE R 65 15.66 -26.73 0.51
CA PHE R 65 15.05 -27.94 -0.01
C PHE R 65 15.53 -28.21 -1.42
N VAL R 66 15.73 -27.15 -2.20
CA VAL R 66 16.30 -27.31 -3.52
C VAL R 66 17.74 -27.82 -3.43
N SER R 67 18.54 -27.23 -2.53
CA SER R 67 19.95 -27.57 -2.51
C SER R 67 20.25 -28.85 -1.76
N ARG R 68 19.30 -29.35 -0.96
CA ARG R 68 19.51 -30.57 -0.21
C ARG R 68 19.64 -31.78 -1.12
N LEU R 69 18.93 -31.77 -2.25
CA LEU R 69 19.05 -32.90 -3.16
C LEU R 69 20.25 -32.75 -4.08
N GLY R 70 20.22 -31.81 -4.99
CA GLY R 70 21.43 -31.60 -5.75
C GLY R 70 21.69 -30.22 -6.31
N VAL R 71 20.77 -29.29 -6.11
CA VAL R 71 20.84 -28.08 -6.90
C VAL R 71 21.38 -26.96 -6.01
N VAL R 72 22.69 -26.78 -6.04
CA VAL R 72 23.39 -25.90 -5.13
C VAL R 72 23.94 -24.66 -5.81
N ASN R 73 24.22 -24.75 -7.10
CA ASN R 73 24.86 -23.69 -7.84
C ASN R 73 23.87 -22.97 -8.73
N SER R 74 24.12 -21.70 -9.00
CA SER R 74 23.26 -20.86 -9.82
C SER R 74 23.92 -20.69 -11.18
N TRP R 75 23.21 -20.04 -12.10
CA TRP R 75 23.77 -19.74 -13.45
C TRP R 75 24.66 -18.50 -13.34
N GLN R 76 24.56 -17.77 -12.22
CA GLN R 76 25.38 -16.59 -11.99
C GLN R 76 26.81 -16.97 -11.67
N GLY R 77 27.08 -18.24 -11.41
CA GLY R 77 28.41 -18.69 -11.11
C GLY R 77 28.47 -19.25 -9.71
N TRP R 78 27.80 -18.60 -8.77
CA TRP R 78 28.03 -18.92 -7.38
C TRP R 78 27.34 -20.23 -7.00
N SER R 79 27.59 -20.63 -5.76
CA SER R 79 27.12 -21.90 -5.23
C SER R 79 26.94 -21.70 -3.74
N VAL R 80 25.98 -22.43 -3.16
CA VAL R 80 25.79 -22.30 -1.73
C VAL R 80 26.87 -23.02 -0.95
N THR R 81 27.61 -23.92 -1.60
CA THR R 81 28.84 -24.43 -0.98
C THR R 81 29.94 -23.37 -1.02
N GLY R 82 29.89 -22.46 -1.98
CA GLY R 82 30.81 -21.34 -2.01
C GLY R 82 31.53 -21.08 -3.32
N GLU R 83 31.92 -22.13 -4.05
CA GLU R 83 32.75 -21.97 -5.23
C GLU R 83 32.00 -21.33 -6.40
N THR R 84 32.60 -20.29 -6.97
CA THR R 84 32.14 -19.78 -8.26
C THR R 84 32.90 -20.45 -9.40
N PHE R 85 32.14 -20.79 -10.46
CA PHE R 85 32.69 -21.41 -11.70
C PHE R 85 32.02 -20.78 -12.92
N THR R 86 32.04 -21.48 -14.06
CA THR R 86 31.41 -20.96 -15.27
C THR R 86 30.46 -21.90 -15.97
N ASN R 87 30.47 -23.20 -15.68
CA ASN R 87 29.61 -24.17 -16.33
C ASN R 87 28.82 -24.91 -15.28
N PRO R 88 27.78 -24.27 -14.70
CA PRO R 88 27.02 -24.91 -13.61
C PRO R 88 25.96 -25.91 -14.06
N GLY R 89 26.32 -26.80 -14.99
CA GLY R 89 25.38 -27.80 -15.45
C GLY R 89 24.21 -27.16 -16.17
N PHE R 90 23.01 -27.69 -15.94
CA PHE R 90 21.80 -27.05 -16.46
C PHE R 90 20.84 -26.85 -15.30
N TRP R 91 20.93 -27.75 -14.32
CA TRP R 91 20.07 -27.73 -13.14
C TRP R 91 20.65 -26.79 -12.08
N THR R 92 20.43 -25.51 -12.31
CA THR R 92 20.73 -24.43 -11.38
C THR R 92 19.53 -24.02 -10.56
N PHE R 93 19.70 -22.95 -9.77
CA PHE R 93 18.61 -22.44 -8.89
C PHE R 93 17.49 -21.82 -9.74
N GLU R 94 17.86 -21.20 -10.86
CA GLU R 94 16.86 -20.54 -11.75
C GLU R 94 16.11 -21.59 -12.58
N THR R 95 16.85 -22.50 -13.24
CA THR R 95 16.24 -23.56 -14.09
C THR R 95 15.12 -24.27 -13.32
N VAL R 96 15.32 -24.51 -12.02
CA VAL R 96 14.34 -25.19 -11.19
C VAL R 96 13.08 -24.34 -11.07
N ALA R 97 13.24 -23.05 -10.77
CA ALA R 97 12.08 -22.17 -10.65
C ALA R 97 11.41 -21.97 -12.00
N ILE R 98 12.18 -21.85 -13.06
CA ILE R 98 11.60 -21.71 -14.40
C ILE R 98 10.92 -23.00 -14.83
N ALA R 99 11.46 -24.17 -14.49
CA ALA R 99 10.77 -25.42 -14.79
C ALA R 99 9.43 -25.48 -14.08
N HIS R 100 9.38 -25.02 -12.83
CA HIS R 100 8.10 -25.04 -12.13
C HIS R 100 7.12 -24.03 -12.69
N ILE R 101 7.60 -22.88 -13.16
CA ILE R 101 6.72 -21.90 -13.78
C ILE R 101 6.15 -22.43 -15.09
N ILE R 102 6.98 -23.08 -15.91
CA ILE R 102 6.50 -23.65 -17.15
C ILE R 102 5.52 -24.79 -16.89
N PHE R 103 5.81 -25.61 -15.88
CA PHE R 103 4.88 -26.66 -15.51
C PHE R 103 3.56 -26.09 -15.05
N SER R 104 3.61 -24.98 -14.30
CA SER R 104 2.39 -24.32 -13.84
C SER R 104 1.55 -23.82 -15.00
N GLY R 105 2.20 -23.25 -16.02
CA GLY R 105 1.45 -22.82 -17.19
C GLY R 105 0.82 -23.98 -17.94
N LEU R 106 1.58 -25.06 -18.11
CA LEU R 106 1.04 -26.24 -18.78
C LEU R 106 -0.11 -26.86 -18.00
N SER R 107 -0.01 -26.85 -16.68
CA SER R 107 -1.06 -27.42 -15.86
C SER R 107 -2.29 -26.54 -15.85
N PHE R 108 -2.13 -25.23 -15.93
CA PHE R 108 -3.29 -24.36 -16.07
C PHE R 108 -4.04 -24.66 -17.37
N LEU R 109 -3.30 -24.84 -18.46
CA LEU R 109 -3.95 -25.16 -19.73
C LEU R 109 -4.63 -26.54 -19.69
N ALA R 110 -3.98 -27.52 -19.06
CA ALA R 110 -4.58 -28.84 -18.96
C ALA R 110 -5.80 -28.86 -18.05
N ALA R 111 -5.80 -28.04 -16.99
CA ALA R 111 -6.98 -27.93 -16.15
C ALA R 111 -8.11 -27.25 -16.88
N CYS R 112 -7.80 -26.29 -17.75
CA CYS R 112 -8.83 -25.69 -18.59
C CYS R 112 -9.47 -26.72 -19.51
N TRP R 113 -8.64 -27.57 -20.13
CA TRP R 113 -9.15 -28.63 -20.97
C TRP R 113 -10.03 -29.60 -20.18
N HIS R 114 -9.57 -30.03 -19.01
CA HIS R 114 -10.36 -30.97 -18.23
C HIS R 114 -11.58 -30.37 -17.59
N TRP R 115 -11.61 -29.07 -17.37
CA TRP R 115 -12.86 -28.44 -16.95
C TRP R 115 -13.87 -28.45 -18.08
N VAL R 116 -13.41 -28.14 -19.29
CA VAL R 116 -14.34 -28.09 -20.42
C VAL R 116 -14.79 -29.48 -20.83
N TYR R 117 -13.85 -30.40 -21.01
CA TYR R 117 -14.19 -31.74 -21.48
C TYR R 117 -14.34 -32.73 -20.33
N TRP R 118 -15.32 -32.47 -19.49
CA TRP R 118 -15.57 -33.31 -18.34
C TRP R 118 -16.18 -34.65 -18.75
N ASP R 119 -17.01 -34.65 -19.79
CA ASP R 119 -17.78 -35.82 -20.20
C ASP R 119 -16.97 -36.70 -21.13
N VAL R 120 -15.93 -37.32 -20.60
CA VAL R 120 -15.21 -38.29 -21.42
C VAL R 120 -15.51 -39.65 -20.84
N ALA R 121 -15.65 -40.63 -21.72
CA ALA R 121 -15.88 -42.01 -21.31
C ALA R 121 -14.63 -42.64 -20.76
N THR R 122 -14.14 -42.12 -19.68
CA THR R 122 -13.20 -42.77 -18.79
C THR R 122 -13.77 -42.80 -17.39
N PHE R 123 -14.56 -41.79 -17.07
CA PHE R 123 -15.08 -41.51 -15.75
C PHE R 123 -16.48 -42.03 -15.56
N PHE R 124 -17.03 -42.73 -16.54
CA PHE R 124 -18.35 -43.32 -16.48
C PHE R 124 -18.18 -44.77 -16.88
N ASP R 125 -18.69 -45.68 -16.07
CA ASP R 125 -18.50 -47.10 -16.32
C ASP R 125 -19.25 -47.56 -17.57
N PRO R 126 -18.90 -48.71 -18.14
CA PRO R 126 -19.61 -49.14 -19.35
C PRO R 126 -21.07 -49.53 -19.14
N LYS R 127 -21.44 -50.05 -17.97
CA LYS R 127 -22.75 -50.68 -17.87
C LYS R 127 -23.87 -49.68 -17.66
N THR R 128 -23.68 -48.71 -16.79
CA THR R 128 -24.56 -47.57 -16.62
C THR R 128 -23.78 -46.33 -17.03
N ASP R 129 -24.36 -45.15 -16.86
CA ASP R 129 -23.66 -43.95 -17.30
C ASP R 129 -23.42 -42.98 -16.16
N GLU R 130 -23.34 -43.48 -14.94
CA GLU R 130 -23.10 -42.59 -13.83
C GLU R 130 -21.60 -42.40 -13.59
N PRO R 131 -21.20 -41.21 -13.13
CA PRO R 131 -19.77 -40.95 -12.91
C PRO R 131 -19.20 -41.76 -11.76
N VAL R 132 -18.15 -42.52 -12.05
CA VAL R 132 -17.51 -43.36 -11.05
C VAL R 132 -16.02 -43.40 -11.33
N ILE R 133 -15.23 -43.54 -10.28
CA ILE R 133 -13.84 -43.95 -10.41
C ILE R 133 -13.60 -45.12 -9.48
N ASP R 134 -12.91 -46.14 -9.99
CA ASP R 134 -12.64 -47.38 -9.26
C ASP R 134 -11.48 -47.14 -8.30
N LEU R 135 -11.81 -46.84 -7.04
CA LEU R 135 -10.80 -46.48 -6.07
C LEU R 135 -9.78 -47.58 -5.74
N PRO R 136 -10.14 -48.86 -5.59
CA PRO R 136 -9.07 -49.87 -5.42
C PRO R 136 -8.12 -50.00 -6.60
N LYS R 137 -8.65 -49.99 -7.82
CA LYS R 137 -7.81 -50.08 -9.01
C LYS R 137 -6.92 -48.86 -9.16
N VAL R 138 -7.51 -47.67 -9.04
CA VAL R 138 -6.76 -46.42 -9.14
C VAL R 138 -5.71 -46.34 -8.04
N PHE R 139 -6.06 -46.79 -6.84
CA PHE R 139 -5.11 -46.81 -5.74
C PHE R 139 -3.95 -47.73 -6.04
N GLY R 140 -4.21 -48.89 -6.62
CA GLY R 140 -3.13 -49.78 -6.98
C GLY R 140 -2.20 -49.20 -8.04
N ILE R 141 -2.79 -48.59 -9.07
CA ILE R 141 -2.01 -47.92 -10.11
C ILE R 141 -1.15 -46.81 -9.51
N HIS R 142 -1.75 -46.00 -8.64
CA HIS R 142 -1.05 -44.90 -8.00
C HIS R 142 0.03 -45.38 -7.06
N LEU R 143 -0.24 -46.43 -6.30
CA LEU R 143 0.76 -46.97 -5.40
C LEU R 143 1.92 -47.55 -6.16
N THR R 144 1.65 -48.14 -7.32
CA THR R 144 2.75 -48.65 -8.12
C THR R 144 3.60 -47.51 -8.66
N LEU R 145 2.96 -46.45 -9.16
CA LEU R 145 3.68 -45.28 -9.65
C LEU R 145 4.54 -44.65 -8.56
N ALA R 146 3.97 -44.54 -7.36
CA ALA R 146 4.73 -44.05 -6.21
C ALA R 146 5.87 -44.99 -5.86
N GLY R 147 5.67 -46.30 -6.03
CA GLY R 147 6.75 -47.23 -5.77
C GLY R 147 7.93 -47.09 -6.72
N ILE R 148 7.66 -46.97 -8.02
CA ILE R 148 8.77 -46.74 -8.95
C ILE R 148 9.46 -45.41 -8.67
N LEU R 149 8.69 -44.35 -8.43
CA LEU R 149 9.33 -43.06 -8.14
C LEU R 149 10.16 -43.10 -6.87
N CYS R 150 9.68 -43.73 -5.80
CA CYS R 150 10.47 -43.90 -4.59
C CYS R 150 11.75 -44.69 -4.83
N PHE R 151 11.59 -45.89 -5.39
CA PHE R 151 12.74 -46.80 -5.66
C PHE R 151 13.78 -46.05 -6.49
N GLY R 152 13.33 -45.44 -7.59
CA GLY R 152 14.24 -44.70 -8.44
C GLY R 152 14.91 -43.52 -7.78
N PHE R 153 14.15 -42.71 -7.03
CA PHE R 153 14.71 -41.54 -6.38
C PHE R 153 15.74 -41.94 -5.35
N GLY R 154 15.45 -42.98 -4.59
CA GLY R 154 16.44 -43.39 -3.62
C GLY R 154 17.53 -44.26 -4.13
N ALA R 155 17.40 -44.85 -5.30
CA ALA R 155 18.40 -45.78 -5.78
C ALA R 155 19.18 -45.22 -6.95
N PHE R 156 18.79 -44.08 -7.50
CA PHE R 156 19.47 -43.50 -8.64
C PHE R 156 19.76 -42.03 -8.47
N HIS R 157 18.97 -41.30 -7.70
CA HIS R 157 19.24 -39.89 -7.45
C HIS R 157 20.01 -39.70 -6.17
N LEU R 158 19.74 -40.51 -5.17
CA LEU R 158 20.43 -40.32 -3.90
C LEU R 158 21.73 -41.11 -3.87
N THR R 159 21.75 -42.29 -4.47
CA THR R 159 22.99 -43.02 -4.65
C THR R 159 23.92 -42.28 -5.61
N GLY R 160 23.35 -41.58 -6.58
CA GLY R 160 24.15 -40.87 -7.55
C GLY R 160 24.50 -41.68 -8.77
N LEU R 161 23.97 -42.91 -8.88
CA LEU R 161 24.22 -43.74 -10.06
C LEU R 161 23.76 -43.03 -11.33
N PHE R 162 22.57 -42.46 -11.29
CA PHE R 162 22.13 -41.55 -12.35
C PHE R 162 21.41 -40.38 -11.66
N GLY R 163 22.14 -39.65 -10.86
CA GLY R 163 21.59 -38.55 -10.11
C GLY R 163 22.70 -37.74 -9.47
N PRO R 164 22.36 -36.56 -8.97
CA PRO R 164 23.38 -35.73 -8.33
C PRO R 164 23.88 -36.23 -7.00
N GLY R 165 23.12 -37.06 -6.30
CA GLY R 165 23.45 -37.36 -4.94
C GLY R 165 22.56 -36.62 -3.97
N MET R 166 23.09 -36.42 -2.78
CA MET R 166 22.41 -35.62 -1.78
C MET R 166 23.45 -34.89 -0.96
N TRP R 167 23.01 -33.84 -0.27
CA TRP R 167 23.88 -33.09 0.62
C TRP R 167 24.29 -33.97 1.79
N VAL R 168 25.58 -34.11 1.97
CA VAL R 168 26.12 -34.69 3.18
C VAL R 168 27.03 -33.66 3.84
N SER R 169 27.26 -33.87 5.12
CA SER R 169 28.00 -32.94 5.93
C SER R 169 28.74 -33.72 7.00
N ASP R 170 29.74 -33.08 7.59
CA ASP R 170 30.37 -33.58 8.80
C ASP R 170 29.51 -33.20 10.00
N PRO R 171 29.72 -33.86 11.15
CA PRO R 171 28.96 -33.47 12.36
C PRO R 171 29.05 -32.00 12.75
N LEU R 172 30.23 -31.39 12.60
CA LEU R 172 30.37 -29.97 12.89
C LEU R 172 29.71 -29.10 11.84
N GLY R 173 29.45 -29.65 10.67
CA GLY R 173 28.69 -28.93 9.69
C GLY R 173 29.54 -27.86 9.04
N LEU R 174 30.69 -28.26 8.53
CA LEU R 174 31.59 -27.30 7.93
C LEU R 174 31.89 -27.72 6.51
N THR R 175 31.99 -29.04 6.29
CA THR R 175 32.22 -29.59 4.98
C THR R 175 30.93 -30.07 4.33
N GLY R 176 29.99 -29.16 4.13
CA GLY R 176 28.76 -29.52 3.48
C GLY R 176 28.89 -29.55 1.98
N HIS R 177 28.56 -30.67 1.36
CA HIS R 177 28.66 -30.79 -0.09
C HIS R 177 27.62 -31.78 -0.58
N ILE R 178 27.67 -32.08 -1.87
CA ILE R 178 26.71 -32.96 -2.53
C ILE R 178 27.47 -34.16 -3.06
N GLN R 179 27.06 -35.36 -2.65
CA GLN R 179 27.64 -36.57 -3.20
C GLN R 179 26.65 -37.71 -3.05
N GLY R 180 26.80 -38.69 -3.92
CA GLY R 180 25.89 -39.81 -3.93
C GLY R 180 26.21 -40.78 -2.83
N VAL R 181 25.17 -41.20 -2.12
CA VAL R 181 25.32 -41.91 -0.86
C VAL R 181 24.93 -43.36 -1.06
N ALA R 182 25.84 -44.27 -0.70
CA ALA R 182 25.54 -45.69 -0.74
C ALA R 182 24.48 -46.03 0.30
N PRO R 183 23.63 -47.03 0.04
CA PRO R 183 22.60 -47.39 1.01
C PRO R 183 23.18 -48.12 2.21
N GLU R 184 22.53 -47.92 3.34
CA GLU R 184 22.93 -48.56 4.59
C GLU R 184 21.80 -49.45 5.08
N TRP R 185 21.99 -50.77 4.99
CA TRP R 185 20.95 -51.74 5.28
C TRP R 185 20.93 -52.25 6.71
N GLY R 186 21.97 -52.02 7.49
CA GLY R 186 22.01 -52.53 8.83
C GLY R 186 21.24 -51.67 9.80
N ALA R 187 21.48 -51.93 11.09
CA ALA R 187 20.99 -51.05 12.14
C ALA R 187 21.43 -49.62 11.93
N ALA R 188 22.62 -49.42 11.35
CA ALA R 188 23.13 -48.09 11.05
C ALA R 188 22.24 -47.32 10.09
N GLY R 189 21.40 -47.98 9.32
CA GLY R 189 20.46 -47.27 8.49
C GLY R 189 19.32 -46.61 9.22
N PHE R 190 19.14 -46.88 10.50
CA PHE R 190 18.07 -46.23 11.25
C PHE R 190 18.60 -45.10 12.11
N ASP R 191 19.88 -44.81 11.99
CA ASP R 191 20.46 -43.64 12.60
C ASP R 191 19.88 -42.41 11.90
N PRO R 192 19.27 -41.48 12.64
CA PRO R 192 18.70 -40.28 11.99
C PRO R 192 19.74 -39.42 11.28
N HIS R 193 20.97 -39.40 11.77
CA HIS R 193 22.05 -38.67 11.14
C HIS R 193 22.93 -39.60 10.31
N ASN R 194 22.30 -40.25 9.33
CA ASN R 194 22.94 -41.18 8.43
C ASN R 194 22.23 -41.12 7.09
N PRO R 195 22.88 -40.66 6.01
CA PRO R 195 22.19 -40.54 4.73
C PRO R 195 22.00 -41.86 4.00
N GLY R 196 22.82 -42.86 4.29
CA GLY R 196 22.59 -44.17 3.71
C GLY R 196 21.35 -44.82 4.21
N GLY R 197 20.90 -44.42 5.38
CA GLY R 197 19.64 -44.88 5.88
C GLY R 197 18.51 -44.34 5.07
N VAL R 198 18.60 -43.07 4.69
CA VAL R 198 17.62 -42.45 3.82
C VAL R 198 17.59 -43.13 2.46
N VAL R 199 18.77 -43.47 1.94
CA VAL R 199 18.84 -44.09 0.63
C VAL R 199 18.24 -45.49 0.66
N ALA R 200 18.58 -46.26 1.70
CA ALA R 200 18.06 -47.60 1.88
C ALA R 200 16.57 -47.61 2.18
N HIS R 201 16.09 -46.65 2.97
CA HIS R 201 14.67 -46.49 3.21
C HIS R 201 13.90 -46.33 1.93
N HIS R 202 14.35 -45.40 1.09
CA HIS R 202 13.63 -45.19 -0.15
C HIS R 202 13.71 -46.39 -1.07
N ILE R 203 14.85 -47.08 -1.11
CA ILE R 203 14.93 -48.30 -1.93
C ILE R 203 13.93 -49.34 -1.43
N ALA R 204 14.01 -49.68 -0.14
CA ALA R 204 13.20 -50.74 0.42
C ALA R 204 11.73 -50.42 0.31
N LEU R 205 11.35 -49.18 0.60
CA LEU R 205 9.96 -48.79 0.49
C LEU R 205 9.52 -48.62 -0.96
N GLY R 206 10.43 -48.42 -1.90
CA GLY R 206 10.04 -48.49 -3.30
C GLY R 206 9.66 -49.89 -3.73
N ILE R 207 10.48 -50.89 -3.35
CA ILE R 207 10.07 -52.28 -3.62
C ILE R 207 8.75 -52.60 -2.91
N VAL R 208 8.59 -52.13 -1.68
CA VAL R 208 7.37 -52.41 -0.91
C VAL R 208 6.14 -51.78 -1.58
N ALA R 209 6.26 -50.54 -2.03
CA ALA R 209 5.13 -49.90 -2.67
C ALA R 209 4.85 -50.43 -4.06
N ILE R 210 5.86 -50.88 -4.81
CA ILE R 210 5.61 -51.55 -6.08
C ILE R 210 4.83 -52.85 -5.88
N ILE R 211 5.22 -53.65 -4.88
CA ILE R 211 4.50 -54.89 -4.61
C ILE R 211 3.07 -54.62 -4.13
N GLY R 212 2.90 -53.66 -3.21
CA GLY R 212 1.57 -53.35 -2.75
C GLY R 212 0.68 -52.76 -3.82
N GLY R 213 1.24 -51.95 -4.70
CA GLY R 213 0.47 -51.43 -5.81
C GLY R 213 0.08 -52.50 -6.80
N LEU R 214 0.98 -53.44 -7.07
CA LEU R 214 0.61 -54.57 -7.90
C LEU R 214 -0.44 -55.45 -7.23
N PHE R 215 -0.40 -55.52 -5.90
CA PHE R 215 -1.40 -56.33 -5.15
C PHE R 215 -2.73 -55.58 -5.08
N HIS R 216 -2.68 -54.24 -5.21
CA HIS R 216 -3.90 -53.40 -5.16
C HIS R 216 -4.39 -53.06 -6.57
N ILE R 217 -4.13 -53.96 -7.53
CA ILE R 217 -4.56 -53.76 -8.95
C ILE R 217 -5.17 -55.07 -9.46
N PHE R 218 -4.70 -56.20 -8.92
CA PHE R 218 -5.17 -57.52 -9.28
C PHE R 218 -6.01 -58.20 -8.22
N VAL R 219 -6.10 -57.66 -7.01
CA VAL R 219 -6.89 -58.28 -5.96
C VAL R 219 -7.94 -57.27 -5.50
N ARG R 220 -9.19 -57.64 -5.66
CA ARG R 220 -10.29 -56.79 -5.26
C ARG R 220 -10.49 -56.83 -3.75
N PRO R 221 -11.01 -55.76 -3.16
CA PRO R 221 -11.09 -55.69 -1.71
C PRO R 221 -12.23 -56.64 -1.19
N PRO R 222 -12.08 -57.09 0.04
CA PRO R 222 -13.14 -57.94 0.60
C PRO R 222 -14.43 -57.19 0.83
N GLU R 223 -15.52 -57.92 0.73
CA GLU R 223 -16.85 -57.36 0.74
C GLU R 223 -17.18 -56.75 2.09
N TYR R 224 -16.59 -57.29 3.17
CA TYR R 224 -16.74 -56.67 4.47
C TYR R 224 -15.93 -55.37 4.57
N LEU R 225 -14.71 -55.35 4.05
CA LEU R 225 -13.94 -54.10 4.09
C LEU R 225 -14.34 -53.11 3.01
N TYR R 226 -15.05 -53.53 1.99
CA TYR R 226 -15.56 -52.53 1.06
C TYR R 226 -16.65 -51.70 1.72
N LYS R 227 -17.60 -52.32 2.40
CA LYS R 227 -18.63 -51.56 3.08
C LYS R 227 -18.17 -51.05 4.44
N GLY R 228 -17.15 -51.67 5.02
CA GLY R 228 -16.69 -51.27 6.33
C GLY R 228 -15.98 -49.95 6.28
N LEU R 229 -15.08 -49.80 5.31
CA LEU R 229 -14.27 -48.59 5.21
C LEU R 229 -14.81 -47.61 4.19
N ARG R 230 -16.01 -47.85 3.67
CA ARG R 230 -16.68 -47.03 2.67
C ARG R 230 -15.79 -46.80 1.46
N MET R 231 -15.31 -47.91 0.90
CA MET R 231 -14.32 -47.84 -0.17
C MET R 231 -14.89 -47.31 -1.47
N GLY R 232 -16.22 -47.28 -1.63
CA GLY R 232 -16.80 -46.59 -2.75
C GLY R 232 -16.87 -45.11 -2.58
N ASN R 233 -16.75 -44.63 -1.36
CA ASN R 233 -16.80 -43.20 -1.07
C ASN R 233 -15.42 -42.59 -1.24
N ILE R 234 -15.29 -41.64 -2.15
CA ILE R 234 -14.01 -40.98 -2.38
C ILE R 234 -13.63 -40.11 -1.20
N GLU R 235 -14.65 -39.73 -0.42
CA GLU R 235 -14.45 -38.91 0.80
C GLU R 235 -13.63 -39.75 1.80
N GLY R 236 -13.89 -41.05 1.87
CA GLY R 236 -13.13 -41.93 2.76
C GLY R 236 -11.67 -41.98 2.38
N THR R 237 -11.40 -41.97 1.07
CA THR R 237 -10.03 -41.87 0.59
C THR R 237 -9.40 -40.56 1.02
N LEU R 238 -10.17 -39.47 0.96
CA LEU R 238 -9.68 -38.17 1.41
C LEU R 238 -9.33 -38.20 2.89
N ALA R 239 -10.18 -38.83 3.70
CA ALA R 239 -9.94 -38.91 5.14
C ALA R 239 -8.67 -39.67 5.48
N SER R 240 -8.46 -40.82 4.83
CA SER R 240 -7.23 -41.57 5.08
C SER R 240 -5.99 -40.85 4.54
N GLY R 241 -6.12 -40.15 3.42
CA GLY R 241 -5.00 -39.37 2.93
C GLY R 241 -4.67 -38.21 3.84
N LEU R 242 -5.70 -37.58 4.42
CA LEU R 242 -5.50 -36.50 5.37
C LEU R 242 -4.84 -37.02 6.64
N ALA R 243 -5.14 -38.27 7.00
CA ALA R 243 -4.42 -38.89 8.12
C ALA R 243 -2.94 -39.02 7.84
N VAL R 244 -2.60 -39.51 6.66
CA VAL R 244 -1.20 -39.66 6.27
C VAL R 244 -0.51 -38.31 6.25
N PHE R 245 -1.26 -37.32 5.76
CA PHE R 245 -0.81 -35.92 5.62
C PHE R 245 -0.57 -35.26 6.99
N PHE R 246 -1.41 -35.49 8.01
CA PHE R 246 -1.11 -34.77 9.24
C PHE R 246 -0.06 -35.51 10.04
N SER R 247 0.04 -36.84 9.91
CA SER R 247 1.06 -37.49 10.68
C SER R 247 2.43 -37.35 10.06
N GLY R 248 2.50 -37.22 8.75
CA GLY R 248 3.74 -36.85 8.12
C GLY R 248 4.18 -35.46 8.51
N ALA R 249 3.22 -34.53 8.65
CA ALA R 249 3.58 -33.17 9.02
C ALA R 249 4.23 -33.13 10.38
N PHE R 250 3.69 -33.90 11.31
CA PHE R 250 4.27 -33.93 12.64
C PHE R 250 5.65 -34.58 12.60
N ILE R 251 5.81 -35.63 11.79
CA ILE R 251 7.13 -36.27 11.67
C ILE R 251 8.14 -35.34 10.99
N ALA R 252 7.71 -34.64 9.94
CA ALA R 252 8.57 -33.68 9.25
C ALA R 252 8.97 -32.54 10.15
N ALA R 253 8.01 -31.99 10.91
CA ALA R 253 8.31 -30.93 11.84
C ALA R 253 9.23 -31.39 12.96
N GLY R 254 9.01 -32.61 13.47
CA GLY R 254 9.89 -33.12 14.50
C GLY R 254 11.30 -33.35 14.00
N THR R 255 11.46 -33.91 12.81
CA THR R 255 12.80 -34.14 12.30
C THR R 255 13.45 -32.87 11.79
N MET R 256 12.69 -31.82 11.57
CA MET R 256 13.31 -30.53 11.33
C MET R 256 13.76 -29.87 12.63
N TRP R 257 12.98 -30.02 13.69
CA TRP R 257 13.37 -29.40 14.95
C TRP R 257 14.50 -30.15 15.63
N TYR R 258 14.57 -31.46 15.43
CA TYR R 258 15.61 -32.26 16.06
C TYR R 258 16.83 -32.41 15.18
N GLY R 259 16.66 -32.29 13.87
CA GLY R 259 17.78 -32.38 12.98
C GLY R 259 18.04 -33.82 12.62
N THR R 260 17.97 -34.13 11.34
CA THR R 260 18.34 -35.46 10.87
C THR R 260 19.38 -35.28 9.79
N ALA R 261 19.78 -36.37 9.16
CA ALA R 261 20.66 -36.29 8.00
C ALA R 261 20.01 -35.55 6.85
N THR R 262 18.68 -35.48 6.80
CA THR R 262 18.00 -34.79 5.73
C THR R 262 17.98 -33.29 5.91
N THR R 263 18.10 -32.76 7.13
CA THR R 263 18.15 -31.32 7.33
C THR R 263 19.49 -30.95 7.94
N PRO R 264 20.53 -30.80 7.12
CA PRO R 264 21.86 -30.48 7.66
C PRO R 264 21.96 -28.98 7.97
N ILE R 265 22.95 -28.65 8.79
CA ILE R 265 23.01 -27.32 9.36
C ILE R 265 23.69 -26.30 8.46
N GLU R 266 24.20 -26.71 7.31
CA GLU R 266 24.59 -25.71 6.34
C GLU R 266 23.41 -25.14 5.58
N LEU R 267 22.27 -25.80 5.63
CA LEU R 267 21.08 -25.35 4.90
C LEU R 267 19.99 -24.79 5.81
N TRP R 268 19.68 -25.47 6.90
CA TRP R 268 18.68 -25.00 7.84
C TRP R 268 19.27 -24.48 9.13
N GLY R 269 20.59 -24.51 9.28
CA GLY R 269 21.21 -23.99 10.46
C GLY R 269 21.17 -24.95 11.61
N PRO R 270 21.73 -24.55 12.74
CA PRO R 270 21.75 -25.42 13.92
C PRO R 270 20.36 -25.54 14.53
N THR R 271 20.20 -26.58 15.32
CA THR R 271 19.00 -26.78 16.12
C THR R 271 19.17 -26.07 17.44
N ARG R 272 18.05 -25.90 18.15
CA ARG R 272 18.11 -25.38 19.50
C ARG R 272 18.79 -26.35 20.45
N TYR R 273 18.82 -27.63 20.11
CA TYR R 273 19.43 -28.64 20.95
C TYR R 273 20.92 -28.71 20.78
N GLN R 274 21.47 -28.07 19.76
CA GLN R 274 22.91 -27.90 19.68
C GLN R 274 23.39 -26.72 20.50
N TRP R 275 22.48 -25.84 20.89
CA TRP R 275 22.82 -24.78 21.82
C TRP R 275 22.54 -25.18 23.25
N ASP R 276 21.50 -25.98 23.45
CA ASP R 276 21.11 -26.41 24.78
C ASP R 276 22.21 -27.20 25.47
N GLN R 277 22.87 -28.09 24.73
CA GLN R 277 23.90 -28.93 25.30
C GLN R 277 25.29 -28.40 25.05
N GLY R 278 25.41 -27.23 24.42
CA GLY R 278 26.68 -26.65 24.08
C GLY R 278 27.46 -27.51 23.12
N PHE R 279 26.84 -27.92 22.01
CA PHE R 279 27.47 -28.88 21.12
C PHE R 279 28.71 -28.30 20.45
N PHE R 280 28.56 -27.16 19.77
CA PHE R 280 29.72 -26.52 19.15
C PHE R 280 30.67 -25.94 20.18
N GLN R 281 30.17 -25.53 21.35
CA GLN R 281 31.04 -25.05 22.42
C GLN R 281 31.99 -26.14 22.88
N GLN R 282 31.48 -27.35 23.13
CA GLN R 282 32.37 -28.43 23.51
C GLN R 282 33.27 -28.84 22.36
N ALA R 283 32.79 -28.76 21.12
CA ALA R 283 33.63 -29.10 19.98
C ALA R 283 34.83 -28.18 19.87
N ILE R 284 34.60 -26.88 20.01
CA ILE R 284 35.68 -25.92 19.96
C ILE R 284 36.61 -26.05 21.15
N SER R 285 36.08 -26.28 22.34
CA SER R 285 36.96 -26.45 23.49
C SER R 285 37.85 -27.68 23.31
N ARG R 286 37.28 -28.75 22.75
CA ARG R 286 38.06 -29.97 22.55
C ARG R 286 39.16 -29.74 21.53
N GLN R 287 38.86 -29.02 20.46
CA GLN R 287 39.82 -28.73 19.41
C GLN R 287 40.93 -27.81 19.91
N VAL R 288 40.54 -26.72 20.58
CA VAL R 288 41.47 -25.82 21.25
C VAL R 288 42.42 -26.55 22.18
N LYS R 289 41.92 -27.38 23.10
CA LYS R 289 42.83 -28.05 24.03
C LYS R 289 43.73 -29.05 23.32
N ALA R 290 43.25 -29.68 22.24
CA ALA R 290 44.13 -30.54 21.44
C ALA R 290 45.27 -29.73 20.84
N SER R 291 44.98 -28.51 20.36
CA SER R 291 46.04 -27.66 19.83
C SER R 291 46.97 -27.13 20.91
N ILE R 292 46.42 -26.81 22.09
CA ILE R 292 47.24 -26.35 23.23
C ILE R 292 48.25 -27.41 23.60
N SER R 293 47.81 -28.66 23.67
CA SER R 293 48.73 -29.76 23.96
C SER R 293 49.56 -30.16 22.75
N ASP R 294 49.48 -29.39 21.67
CA ASP R 294 50.34 -29.58 20.51
C ASP R 294 51.42 -28.52 20.48
N GLY R 295 51.73 -27.96 21.65
CA GLY R 295 52.78 -26.97 21.78
C GLY R 295 52.48 -25.65 21.11
N LYS R 296 51.23 -25.22 21.13
CA LYS R 296 50.85 -23.93 20.58
C LYS R 296 50.42 -23.00 21.71
N SER R 297 50.56 -21.71 21.48
CA SER R 297 50.15 -20.73 22.48
C SER R 297 48.62 -20.70 22.55
N PRO R 298 48.07 -20.22 23.67
CA PRO R 298 46.62 -20.00 23.73
C PRO R 298 46.05 -19.14 22.61
N SER R 299 46.72 -18.06 22.24
CA SER R 299 46.21 -17.23 21.16
C SER R 299 46.37 -17.92 19.81
N GLU R 300 47.39 -18.74 19.67
CA GLU R 300 47.64 -19.42 18.41
C GLU R 300 46.69 -20.59 18.20
N ALA R 301 46.33 -21.30 19.26
CA ALA R 301 45.33 -22.35 19.16
C ALA R 301 43.95 -21.79 18.90
N TRP R 302 43.61 -20.67 19.55
CA TRP R 302 42.28 -20.11 19.49
C TRP R 302 42.01 -19.38 18.20
N SER R 303 43.03 -19.19 17.36
CA SER R 303 42.87 -18.55 16.06
C SER R 303 42.83 -19.55 14.92
N GLU R 304 42.92 -20.84 15.22
CA GLU R 304 42.61 -21.89 14.24
C GLU R 304 41.16 -22.34 14.30
N ILE R 305 40.35 -21.73 15.16
CA ILE R 305 38.93 -22.02 15.19
C ILE R 305 38.30 -21.31 14.00
N PRO R 306 37.63 -22.02 13.10
CA PRO R 306 37.03 -21.35 11.93
C PRO R 306 35.92 -20.41 12.37
N THR R 307 35.77 -19.32 11.61
CA THR R 307 34.69 -18.39 11.86
C THR R 307 33.33 -19.06 11.71
N LYS R 308 33.24 -20.05 10.82
CA LYS R 308 32.01 -20.80 10.66
C LYS R 308 31.78 -21.72 11.85
N LEU R 309 32.84 -22.23 12.47
CA LEU R 309 32.68 -23.05 13.66
C LEU R 309 32.39 -22.22 14.90
N ALA R 310 32.87 -20.97 14.94
CA ALA R 310 32.57 -20.08 16.04
C ALA R 310 31.16 -19.53 15.92
N PHE R 311 30.69 -19.31 14.70
CA PHE R 311 29.40 -18.70 14.46
C PHE R 311 28.26 -19.60 14.89
N TYR R 312 28.49 -20.90 14.88
CA TYR R 312 27.47 -21.83 15.36
C TYR R 312 27.21 -21.65 16.85
N ASP R 313 28.18 -21.19 17.64
CA ASP R 313 27.97 -20.87 19.05
C ASP R 313 27.29 -19.57 19.31
N TYR R 314 26.74 -18.90 18.33
CA TYR R 314 25.92 -17.75 18.64
C TYR R 314 24.53 -18.21 19.03
N ILE R 315 24.02 -17.72 20.17
CA ILE R 315 22.64 -17.98 20.52
C ILE R 315 21.69 -17.28 19.58
N GLY R 316 22.14 -16.25 18.88
CA GLY R 316 21.33 -15.69 17.84
C GLY R 316 21.04 -16.64 16.71
N ASN R 317 21.80 -17.73 16.61
CA ASN R 317 21.60 -18.78 15.62
C ASN R 317 20.82 -19.98 16.16
N SER R 318 20.44 -19.95 17.42
CA SER R 318 19.48 -20.90 17.92
C SER R 318 18.14 -20.60 17.26
N PRO R 319 17.45 -21.60 16.72
CA PRO R 319 16.12 -21.36 16.16
C PRO R 319 15.03 -21.23 17.19
N ALA R 320 15.33 -21.32 18.47
CA ALA R 320 14.35 -21.20 19.55
C ALA R 320 14.42 -19.84 20.21
N LYS R 321 14.80 -18.83 19.47
CA LYS R 321 15.09 -17.56 20.08
C LYS R 321 14.36 -16.41 19.38
N GLY R 322 13.75 -16.67 18.24
CA GLY R 322 12.90 -15.70 17.59
C GLY R 322 11.52 -15.63 18.19
N GLY R 323 10.64 -14.96 17.46
CA GLY R 323 9.30 -14.69 17.93
C GLY R 323 8.29 -14.97 16.84
N LEU R 324 7.03 -15.11 17.27
CA LEU R 324 5.95 -15.42 16.35
C LEU R 324 5.75 -14.30 15.34
N PHE R 325 5.77 -13.06 15.79
CA PHE R 325 5.54 -11.92 14.92
C PHE R 325 6.79 -11.11 14.64
N ARG R 326 7.97 -11.58 15.04
CA ARG R 326 9.23 -11.05 14.53
C ARG R 326 9.44 -11.67 13.16
N VAL R 327 8.86 -11.04 12.19
CA VAL R 327 8.75 -11.66 10.88
C VAL R 327 10.04 -11.51 10.12
N GLY R 328 10.31 -12.48 9.28
CA GLY R 328 11.34 -12.28 8.31
C GLY R 328 12.58 -13.09 8.56
N ARG R 329 13.69 -12.56 8.11
CA ARG R 329 14.91 -13.32 8.05
C ARG R 329 15.71 -13.05 9.31
N MET R 330 16.69 -13.92 9.60
CA MET R 330 17.43 -13.78 10.87
C MET R 330 18.28 -12.52 10.89
N VAL R 331 18.81 -12.09 9.73
CA VAL R 331 19.63 -10.89 9.70
C VAL R 331 18.80 -9.62 9.73
N ASP R 332 17.47 -9.73 9.69
CA ASP R 332 16.59 -8.64 10.03
C ASP R 332 16.57 -8.34 11.52
N GLY R 333 17.17 -9.22 12.32
CA GLY R 333 17.23 -9.10 13.75
C GLY R 333 18.57 -8.61 14.24
N ASP R 334 19.47 -9.54 14.61
CA ASP R 334 20.78 -9.13 15.09
C ASP R 334 21.58 -8.38 14.02
N GLY R 335 21.47 -8.80 12.77
CA GLY R 335 22.01 -8.01 11.70
C GLY R 335 22.92 -8.83 10.83
N LEU R 336 23.80 -8.15 10.11
CA LEU R 336 24.78 -8.85 9.29
C LEU R 336 26.05 -9.06 10.10
N PRO R 337 26.53 -10.28 10.26
CA PRO R 337 27.78 -10.50 10.99
C PRO R 337 28.96 -10.06 10.14
N THR R 338 29.85 -9.29 10.75
CA THR R 338 31.05 -8.81 10.07
C THR R 338 32.32 -9.49 10.53
N GLY R 339 32.29 -10.22 11.65
CA GLY R 339 33.46 -10.97 12.04
C GLY R 339 33.43 -11.47 13.47
N TRP R 340 34.26 -12.45 13.75
CA TRP R 340 34.34 -13.04 15.08
C TRP R 340 35.31 -12.27 15.94
N LEU R 341 34.84 -11.78 17.07
CA LEU R 341 35.63 -10.97 17.98
C LEU R 341 36.68 -11.76 18.74
N GLY R 342 36.68 -13.08 18.63
CA GLY R 342 37.60 -13.91 19.39
C GLY R 342 37.00 -14.37 20.69
N HIS R 343 37.60 -15.40 21.24
CA HIS R 343 37.18 -15.93 22.53
C HIS R 343 37.48 -14.92 23.61
N PRO R 344 36.50 -14.43 24.36
CA PRO R 344 36.80 -13.57 25.51
C PRO R 344 37.19 -14.40 26.72
N VAL R 345 38.20 -13.95 27.44
CA VAL R 345 38.65 -14.57 28.67
C VAL R 345 38.61 -13.50 29.75
N PHE R 346 37.63 -13.61 30.63
CA PHE R 346 37.45 -12.67 31.71
C PHE R 346 38.31 -13.12 32.87
N LYS R 347 39.00 -12.18 33.50
CA LYS R 347 39.89 -12.43 34.61
C LYS R 347 39.57 -11.40 35.68
N ASP R 348 39.44 -11.83 36.92
CA ASP R 348 39.12 -10.89 37.99
C ASP R 348 40.36 -10.12 38.43
N GLY R 349 40.21 -9.32 39.48
CA GLY R 349 41.37 -8.65 40.05
C GLY R 349 42.30 -9.57 40.81
N GLU R 350 41.82 -10.74 41.19
CA GLU R 350 42.63 -11.76 41.83
C GLU R 350 43.28 -12.71 40.84
N GLY R 351 43.12 -12.46 39.53
CA GLY R 351 43.70 -13.34 38.54
C GLY R 351 43.06 -14.71 38.50
N ARG R 352 41.73 -14.74 38.40
CA ARG R 352 40.99 -15.99 38.30
C ARG R 352 40.16 -16.01 37.03
N GLU R 353 40.23 -17.13 36.32
CA GLU R 353 39.46 -17.40 35.11
C GLU R 353 37.96 -17.28 35.36
N LEU R 354 37.30 -16.32 34.75
CA LEU R 354 35.87 -16.16 34.93
C LEU R 354 35.14 -16.55 33.65
N THR R 355 33.97 -17.14 33.82
CA THR R 355 33.11 -17.56 32.73
C THR R 355 31.76 -16.91 32.89
N VAL R 356 31.26 -16.29 31.84
CA VAL R 356 29.92 -15.73 31.86
C VAL R 356 28.92 -16.84 31.62
N ARG R 357 27.92 -16.96 32.49
CA ARG R 357 26.82 -17.89 32.29
C ARG R 357 26.08 -17.55 31.01
N ARG R 358 26.07 -18.48 30.06
CA ARG R 358 25.39 -18.23 28.80
C ARG R 358 23.89 -18.25 29.00
N MET R 359 23.20 -17.63 28.10
CA MET R 359 21.81 -17.65 28.46
C MET R 359 21.10 -18.80 27.77
N PRO R 360 20.07 -19.36 28.40
CA PRO R 360 19.36 -20.47 27.78
C PRO R 360 18.47 -20.03 26.63
N ASN R 361 17.81 -20.98 25.98
CA ASN R 361 16.86 -20.63 24.94
C ASN R 361 15.60 -19.98 25.51
N PHE R 362 15.26 -20.28 26.77
CA PHE R 362 14.02 -19.77 27.35
C PHE R 362 14.04 -18.28 27.57
N PHE R 363 15.19 -17.71 27.92
CA PHE R 363 15.23 -16.37 28.46
C PHE R 363 15.32 -15.33 27.37
N GLU R 364 14.41 -14.34 27.43
CA GLU R 364 14.49 -13.19 26.55
C GLU R 364 15.64 -12.28 26.93
N ASN R 365 15.85 -12.09 28.23
CA ASN R 365 17.05 -11.45 28.75
C ASN R 365 17.46 -12.17 30.02
N PHE R 366 18.74 -12.09 30.34
CA PHE R 366 19.37 -12.94 31.32
C PHE R 366 20.30 -12.12 32.19
N PRO R 367 20.34 -12.38 33.50
CA PRO R 367 21.35 -11.75 34.35
C PRO R 367 22.75 -12.19 33.98
N VAL R 368 23.61 -11.22 33.69
CA VAL R 368 25.00 -11.48 33.36
C VAL R 368 25.76 -11.70 34.66
N VAL R 369 26.15 -12.94 34.94
CA VAL R 369 26.84 -13.31 36.18
C VAL R 369 28.08 -14.10 35.80
N LEU R 370 29.22 -13.72 36.35
CA LEU R 370 30.51 -14.33 36.02
C LEU R 370 30.96 -15.24 37.14
N PHE R 371 31.16 -16.51 36.82
CA PHE R 371 31.53 -17.55 37.77
C PHE R 371 33.02 -17.79 37.68
N ASP R 372 33.52 -18.86 38.30
CA ASP R 372 34.92 -19.22 38.13
C ASP R 372 35.03 -20.73 37.98
N GLN R 373 36.25 -21.24 38.12
CA GLN R 373 36.46 -22.69 38.12
C GLN R 373 35.74 -23.35 39.29
N ASP R 374 35.72 -22.69 40.44
CA ASP R 374 34.93 -23.18 41.55
C ASP R 374 33.43 -23.06 41.27
N GLY R 375 33.04 -22.11 40.43
CA GLY R 375 31.65 -21.86 40.16
C GLY R 375 30.99 -20.89 41.10
N ILE R 376 31.76 -20.20 41.91
CA ILE R 376 31.23 -19.17 42.80
C ILE R 376 31.21 -17.87 42.05
N VAL R 377 30.21 -17.03 42.32
CA VAL R 377 30.06 -15.78 41.60
C VAL R 377 31.19 -14.84 41.97
N ARG R 378 31.84 -14.27 40.97
CA ARG R 378 32.94 -13.36 41.20
C ARG R 378 32.69 -11.96 40.69
N ALA R 379 31.86 -11.80 39.67
CA ALA R 379 31.44 -10.49 39.19
C ALA R 379 30.10 -10.66 38.49
N ASP R 380 29.41 -9.53 38.30
CA ASP R 380 28.13 -9.51 37.60
C ASP R 380 27.77 -8.07 37.25
N ILE R 381 26.74 -7.90 36.44
CA ILE R 381 26.26 -6.58 36.05
C ILE R 381 25.06 -6.26 36.94
N PRO R 382 25.20 -5.41 37.95
CA PRO R 382 24.22 -5.36 39.04
C PRO R 382 22.88 -4.79 38.63
N PHE R 383 21.92 -4.96 39.52
CA PHE R 383 20.65 -4.26 39.47
C PHE R 383 20.43 -3.34 40.67
N ARG R 384 20.58 -3.86 41.88
CA ARG R 384 20.30 -3.06 43.07
C ARG R 384 21.40 -2.04 43.31
N GLN R 385 22.66 -2.42 43.04
CA GLN R 385 23.87 -1.59 43.08
C GLN R 385 23.99 -0.69 44.31
N ALA R 386 23.48 -1.16 45.45
CA ALA R 386 23.61 -0.44 46.70
C ALA R 386 24.11 -1.33 47.84
N GLU R 387 23.95 -2.64 47.71
CA GLU R 387 24.67 -3.61 48.55
C GLU R 387 25.43 -4.59 47.67
N SER R 388 25.75 -4.18 46.43
CA SER R 388 26.33 -5.07 45.43
C SER R 388 27.81 -5.27 45.71
N LYS R 389 28.12 -6.34 46.45
CA LYS R 389 29.51 -6.69 46.75
C LYS R 389 30.28 -7.11 45.51
N TYR R 390 29.60 -7.63 44.50
CA TYR R 390 30.19 -8.01 43.23
C TYR R 390 30.06 -6.85 42.24
N GLY R 391 30.38 -7.10 40.98
CA GLY R 391 30.37 -6.02 40.00
C GLY R 391 31.67 -5.95 39.23
N ILE R 392 31.60 -5.51 37.98
CA ILE R 392 32.80 -5.40 37.14
C ILE R 392 33.80 -4.43 37.75
N GLU R 393 33.41 -3.17 37.90
CA GLU R 393 34.35 -2.16 38.37
C GLU R 393 34.76 -2.33 39.83
N GLN R 394 33.91 -2.92 40.67
CA GLN R 394 34.31 -3.15 42.05
C GLN R 394 35.33 -4.27 42.17
N THR R 395 35.27 -5.24 41.26
CA THR R 395 36.24 -6.33 41.27
C THR R 395 37.34 -6.17 40.24
N GLY R 396 37.21 -5.23 39.31
CA GLY R 396 38.23 -5.00 38.30
C GLY R 396 38.41 -6.16 37.36
N VAL R 397 37.36 -6.53 36.65
CA VAL R 397 37.42 -7.65 35.72
C VAL R 397 37.93 -7.16 34.39
N THR R 398 38.90 -7.87 33.82
CA THR R 398 39.48 -7.52 32.54
C THR R 398 39.17 -8.62 31.55
N VAL R 399 38.82 -8.26 30.33
CA VAL R 399 38.56 -9.23 29.28
C VAL R 399 39.73 -9.19 28.31
N SER R 400 40.23 -10.37 27.96
CA SER R 400 41.30 -10.51 26.98
C SER R 400 40.83 -11.48 25.91
N PHE R 401 40.99 -11.11 24.66
CA PHE R 401 40.51 -11.94 23.58
C PHE R 401 41.61 -12.77 22.97
N TYR R 402 41.30 -14.02 22.68
CA TYR R 402 42.16 -14.90 21.89
C TYR R 402 41.45 -15.24 20.59
N GLY R 403 42.16 -15.13 19.47
CA GLY R 403 41.55 -15.42 18.20
C GLY R 403 40.76 -14.24 17.68
N GLY R 404 40.30 -14.37 16.45
CA GLY R 404 39.39 -13.42 15.89
C GLY R 404 40.00 -12.05 15.66
N GLU R 405 39.15 -11.03 15.65
CA GLU R 405 39.59 -9.66 15.38
C GLU R 405 40.29 -9.01 16.56
N LEU R 406 40.04 -9.44 17.78
CA LEU R 406 40.66 -8.82 18.94
C LEU R 406 41.74 -9.71 19.56
N ASP R 407 42.37 -10.57 18.75
CA ASP R 407 43.49 -11.41 19.16
C ASP R 407 44.63 -10.67 19.85
N GLY R 408 44.79 -10.95 21.14
CA GLY R 408 45.81 -10.33 21.95
C GLY R 408 45.36 -9.10 22.69
N GLN R 409 44.27 -8.48 22.25
CA GLN R 409 43.81 -7.24 22.87
C GLN R 409 43.24 -7.53 24.25
N THR R 410 43.47 -6.59 25.18
CA THR R 410 42.94 -6.66 26.52
C THR R 410 42.17 -5.37 26.78
N PHE R 411 41.04 -5.50 27.45
CA PHE R 411 40.21 -4.36 27.81
C PHE R 411 40.03 -4.39 29.32
N SER R 412 40.09 -3.22 29.95
CA SER R 412 39.87 -3.15 31.38
C SER R 412 38.92 -2.03 31.78
N ASP R 413 38.43 -1.25 30.82
CA ASP R 413 37.46 -0.20 31.11
C ASP R 413 36.15 -0.83 31.58
N PRO R 414 35.49 -0.26 32.59
CA PRO R 414 34.20 -0.82 33.02
C PRO R 414 33.14 -0.86 31.93
N LYS R 415 33.07 0.15 31.07
CA LYS R 415 32.13 0.14 29.96
C LYS R 415 32.43 -1.00 29.00
N ASP R 416 33.71 -1.22 28.70
CA ASP R 416 34.07 -2.20 27.69
C ASP R 416 33.92 -3.62 28.22
N VAL R 417 34.28 -3.85 29.48
CA VAL R 417 34.09 -5.17 30.06
C VAL R 417 32.60 -5.45 30.28
N LYS R 418 31.84 -4.42 30.66
CA LYS R 418 30.39 -4.56 30.80
C LYS R 418 29.70 -4.80 29.47
N LYS R 419 30.28 -4.37 28.37
CA LYS R 419 29.72 -4.70 27.07
C LYS R 419 30.12 -6.10 26.59
N TYR R 420 31.39 -6.45 26.72
CA TYR R 420 31.78 -7.76 26.23
C TYR R 420 31.31 -8.88 27.13
N ALA R 421 30.98 -8.62 28.39
CA ALA R 421 30.31 -9.64 29.19
C ALA R 421 28.86 -9.84 28.78
N ARG R 422 28.24 -8.83 28.18
CA ARG R 422 26.93 -9.06 27.59
C ARG R 422 27.04 -9.87 26.33
N ARG R 423 28.03 -9.57 25.50
CA ARG R 423 28.19 -10.40 24.30
C ARG R 423 28.75 -11.79 24.59
N ALA R 424 29.38 -12.00 25.74
CA ALA R 424 29.89 -13.32 26.05
C ALA R 424 28.79 -14.27 26.47
N GLN R 425 27.70 -13.78 27.06
CA GLN R 425 26.65 -14.72 27.43
C GLN R 425 25.84 -15.16 26.23
N LEU R 426 25.84 -14.41 25.14
CA LEU R 426 25.20 -14.82 23.92
C LEU R 426 26.04 -15.80 23.11
N GLY R 427 27.12 -16.32 23.67
CA GLY R 427 27.95 -17.29 22.99
C GLY R 427 29.30 -16.73 22.59
N GLU R 428 29.77 -17.09 21.42
CA GLU R 428 30.99 -16.48 20.90
C GLU R 428 30.66 -15.06 20.42
N PRO R 429 31.41 -14.05 20.84
CA PRO R 429 31.08 -12.68 20.45
C PRO R 429 31.39 -12.39 19.00
N PHE R 430 30.49 -11.67 18.36
CA PHE R 430 30.59 -11.35 16.96
C PHE R 430 30.27 -9.88 16.79
N GLU R 431 30.78 -9.29 15.74
CA GLU R 431 30.49 -7.90 15.43
C GLU R 431 29.35 -7.88 14.42
N PHE R 432 28.31 -7.10 14.72
CA PHE R 432 27.13 -7.07 13.86
C PHE R 432 26.90 -5.68 13.31
N ASP R 433 26.76 -5.59 12.00
CA ASP R 433 26.38 -4.37 11.31
C ASP R 433 24.89 -4.46 11.01
N ARG R 434 24.11 -3.70 11.76
CA ARG R 434 22.67 -3.65 11.54
C ARG R 434 22.28 -2.42 10.72
N SER R 435 22.97 -2.20 9.61
CA SER R 435 22.65 -1.05 8.78
C SER R 435 22.28 -1.54 7.39
N VAL R 436 22.78 -2.72 7.02
CA VAL R 436 22.52 -3.26 5.70
C VAL R 436 21.06 -3.67 5.57
N TYR R 437 20.50 -4.30 6.59
CA TYR R 437 19.16 -4.83 6.51
C TYR R 437 18.16 -4.11 7.41
N ASP R 438 18.51 -2.91 7.90
CA ASP R 438 17.69 -2.15 8.86
C ASP R 438 17.28 -2.99 10.05
N SER R 439 18.25 -3.68 10.62
CA SER R 439 17.97 -4.71 11.61
C SER R 439 17.60 -4.08 12.94
N ASP R 440 16.49 -4.54 13.51
CA ASP R 440 15.93 -3.93 14.71
C ASP R 440 16.58 -4.41 16.00
N GLY R 441 17.33 -5.50 15.96
CA GLY R 441 18.05 -5.96 17.13
C GLY R 441 17.42 -7.10 17.89
N LEU R 442 16.25 -7.56 17.47
CA LEU R 442 15.52 -8.61 18.16
C LEU R 442 15.61 -9.88 17.35
N PHE R 443 15.96 -10.98 18.03
CA PHE R 443 16.31 -12.22 17.36
C PHE R 443 15.13 -12.79 16.59
N ARG R 444 15.42 -13.49 15.51
CA ARG R 444 14.40 -14.12 14.70
C ARG R 444 14.79 -15.57 14.51
N THR R 445 13.79 -16.43 14.40
CA THR R 445 14.10 -17.83 14.19
C THR R 445 14.55 -18.07 12.76
N SER R 446 15.15 -19.23 12.54
CA SER R 446 15.65 -19.59 11.23
C SER R 446 14.53 -20.13 10.36
N ASN R 447 14.90 -20.55 9.14
CA ASN R 447 13.96 -21.27 8.30
C ASN R 447 13.62 -22.63 8.90
N ARG R 448 14.53 -23.21 9.67
CA ARG R 448 14.25 -24.43 10.41
C ARG R 448 13.10 -24.24 11.38
N GLY R 449 13.13 -23.15 12.15
CA GLY R 449 12.08 -22.90 13.11
C GLY R 449 10.74 -22.59 12.47
N PHE R 450 10.75 -21.75 11.43
CA PHE R 450 9.51 -21.40 10.75
C PHE R 450 8.90 -22.59 10.05
N PHE R 451 9.71 -23.45 9.42
CA PHE R 451 9.15 -24.61 8.76
C PHE R 451 8.55 -25.54 9.79
N ALA R 452 9.25 -25.76 10.90
CA ALA R 452 8.76 -26.68 11.91
C ALA R 452 7.45 -26.18 12.51
N PHE R 453 7.37 -24.88 12.77
CA PHE R 453 6.16 -24.34 13.37
C PHE R 453 4.98 -24.37 12.40
N PHE R 454 5.20 -24.00 11.13
CA PHE R 454 4.12 -24.08 10.15
C PHE R 454 3.66 -25.50 9.95
N HIS R 455 4.58 -26.45 9.85
CA HIS R 455 4.12 -27.79 9.56
C HIS R 455 3.52 -28.44 10.80
N VAL R 456 3.78 -27.93 12.00
CA VAL R 456 3.02 -28.35 13.18
C VAL R 456 1.59 -27.80 13.14
N ILE R 457 1.41 -26.55 12.74
CA ILE R 457 0.06 -26.00 12.55
C ILE R 457 -0.68 -26.80 11.47
N PHE R 458 0.04 -27.18 10.43
CA PHE R 458 -0.54 -27.99 9.37
C PHE R 458 -0.93 -29.37 9.88
N GLY R 459 -0.09 -29.98 10.72
CA GLY R 459 -0.45 -31.23 11.33
C GLY R 459 -1.71 -31.13 12.18
N LEU R 460 -1.88 -30.03 12.88
CA LEU R 460 -3.02 -29.92 13.77
C LEU R 460 -4.32 -29.75 13.00
N LEU R 461 -4.33 -28.85 12.01
CA LEU R 461 -5.54 -28.65 11.21
C LEU R 461 -5.87 -29.81 10.31
N TRP R 462 -4.90 -30.45 9.67
CA TRP R 462 -5.09 -31.76 9.05
C TRP R 462 -5.44 -32.89 9.99
N PHE R 463 -5.12 -32.86 11.28
CA PHE R 463 -5.75 -33.81 12.17
C PHE R 463 -7.25 -33.58 12.21
N PHE R 464 -7.66 -32.33 12.36
CA PHE R 464 -9.09 -32.04 12.38
C PHE R 464 -9.74 -32.35 11.03
N GLY R 465 -9.07 -32.06 9.93
CA GLY R 465 -9.64 -32.34 8.62
C GLY R 465 -9.79 -33.81 8.36
N HIS R 466 -8.81 -34.59 8.79
CA HIS R 466 -8.93 -36.03 8.82
C HIS R 466 -10.16 -36.49 9.59
N ILE R 467 -10.34 -35.98 10.80
CA ILE R 467 -11.51 -36.35 11.60
C ILE R 467 -12.79 -35.95 10.90
N TRP R 468 -12.83 -34.74 10.36
CA TRP R 468 -14.03 -34.25 9.71
C TRP R 468 -14.43 -35.12 8.54
N HIS R 469 -13.46 -35.50 7.72
CA HIS R 469 -13.80 -36.30 6.56
C HIS R 469 -13.97 -37.77 6.88
N GLY R 470 -13.34 -38.31 7.91
CA GLY R 470 -13.65 -39.66 8.31
C GLY R 470 -15.06 -39.77 8.84
N LEU R 471 -15.46 -38.82 9.68
CA LEU R 471 -16.80 -38.81 10.22
C LEU R 471 -17.84 -38.56 9.14
N ARG R 472 -17.55 -37.67 8.20
CA ARG R 472 -18.42 -37.47 7.05
C ARG R 472 -18.50 -38.69 6.15
N ALA R 473 -17.40 -39.41 5.95
CA ALA R 473 -17.45 -40.60 5.11
C ALA R 473 -18.24 -41.72 5.77
N LEU R 474 -18.04 -41.98 7.06
CA LEU R 474 -18.83 -43.02 7.71
C LEU R 474 -20.29 -42.61 7.87
N PHE R 475 -20.54 -41.42 8.37
CA PHE R 475 -21.90 -40.99 8.67
C PHE R 475 -22.50 -40.23 7.50
N GLN R 476 -22.35 -40.78 6.29
CA GLN R 476 -22.91 -40.15 5.11
C GLN R 476 -24.44 -40.24 5.11
N ASP R 477 -24.98 -41.32 5.65
CA ASP R 477 -26.42 -41.55 5.59
C ASP R 477 -27.19 -40.58 6.48
N VAL R 478 -26.57 -40.12 7.56
CA VAL R 478 -27.27 -39.30 8.52
C VAL R 478 -26.79 -37.85 8.50
N PHE R 479 -26.10 -37.40 7.44
CA PHE R 479 -25.63 -36.02 7.44
C PHE R 479 -26.75 -34.99 7.48
N SER R 480 -27.79 -35.18 6.68
CA SER R 480 -28.88 -34.22 6.65
C SER R 480 -29.71 -34.27 7.92
N GLY R 481 -29.63 -35.37 8.65
CA GLY R 481 -30.42 -35.55 9.85
C GLY R 481 -30.60 -37.01 10.10
N ILE R 482 -31.17 -37.32 11.26
CA ILE R 482 -31.17 -38.70 11.68
C ILE R 482 -32.34 -39.48 11.08
N ASP R 483 -33.58 -39.18 11.48
CA ASP R 483 -34.87 -39.76 11.12
C ASP R 483 -35.99 -38.94 11.73
N PRO R 484 -37.15 -38.87 11.08
CA PRO R 484 -38.35 -38.26 11.67
C PRO R 484 -38.86 -39.03 12.88
N PRO S 28 -54.32 -30.66 52.90
CA PRO S 28 -53.97 -29.25 53.06
C PRO S 28 -53.00 -28.78 51.99
N GLY S 29 -52.14 -27.82 52.29
CA GLY S 29 -51.24 -27.24 51.32
C GLY S 29 -49.77 -27.49 51.61
N TYR S 30 -49.44 -28.73 51.98
CA TYR S 30 -48.12 -29.05 52.47
C TYR S 30 -47.30 -29.88 51.49
N ASP S 31 -47.89 -30.34 50.39
CA ASP S 31 -47.14 -31.05 49.37
C ASP S 31 -46.99 -30.15 48.17
N GLU S 32 -46.42 -30.71 47.11
CA GLU S 32 -46.27 -29.95 45.89
C GLU S 32 -47.59 -29.87 45.13
N ALA S 33 -48.37 -30.95 45.12
CA ALA S 33 -49.55 -31.04 44.27
C ALA S 33 -50.64 -30.08 44.70
N THR S 34 -50.87 -29.94 46.00
CA THR S 34 -51.91 -29.05 46.50
C THR S 34 -51.40 -27.66 46.82
N SER S 35 -50.11 -27.39 46.62
CA SER S 35 -49.57 -26.05 46.73
C SER S 35 -49.09 -25.48 45.41
N GLY S 36 -48.55 -26.31 44.53
CA GLY S 36 -47.87 -25.82 43.36
C GLY S 36 -46.39 -25.63 43.53
N TYR S 37 -45.85 -25.83 44.73
CA TYR S 37 -44.45 -25.56 45.03
C TYR S 37 -43.73 -26.85 45.38
N ALA S 38 -42.60 -27.07 44.73
CA ALA S 38 -41.77 -28.24 44.98
C ALA S 38 -41.19 -28.20 46.38
N TRP S 39 -40.46 -29.26 46.73
CA TRP S 39 -39.82 -29.32 48.04
C TRP S 39 -38.77 -28.23 48.20
N TRP S 40 -38.03 -27.92 47.14
CA TRP S 40 -36.95 -26.97 47.21
C TRP S 40 -37.41 -25.53 47.18
N ALA S 41 -38.68 -25.30 46.91
CA ALA S 41 -39.28 -23.99 47.04
C ALA S 41 -40.46 -24.13 48.00
N GLY S 42 -40.25 -24.81 49.11
CA GLY S 42 -41.36 -25.16 49.97
C GLY S 42 -41.79 -24.12 50.99
N ASN S 43 -40.92 -23.17 51.33
CA ASN S 43 -41.39 -22.09 52.16
C ASN S 43 -42.30 -21.14 51.40
N ALA S 44 -42.30 -21.22 50.06
CA ALA S 44 -43.31 -20.57 49.25
C ALA S 44 -44.70 -21.15 49.49
N ARG S 45 -44.80 -22.33 50.09
CA ARG S 45 -46.10 -22.83 50.53
C ARG S 45 -46.65 -22.04 51.70
N LEU S 46 -45.85 -21.19 52.33
CA LEU S 46 -46.36 -20.28 53.36
C LEU S 46 -46.76 -18.93 52.82
N ILE S 47 -46.67 -18.71 51.51
CA ILE S 47 -47.10 -17.46 50.92
C ILE S 47 -48.61 -17.28 51.09
N THR S 48 -49.36 -18.37 50.87
CA THR S 48 -50.81 -18.32 50.75
C THR S 48 -51.46 -17.84 52.05
N PRO S 49 -52.48 -16.97 51.96
CA PRO S 49 -52.94 -16.25 53.14
C PRO S 49 -53.79 -17.06 54.11
N GLU S 50 -54.08 -18.32 53.82
CA GLU S 50 -54.72 -19.15 54.82
C GLU S 50 -53.70 -19.86 55.69
N LEU S 51 -52.44 -19.89 55.26
CA LEU S 51 -51.35 -20.46 56.04
C LEU S 51 -50.52 -19.34 56.70
N THR S 52 -51.17 -18.58 57.57
CA THR S 52 -50.50 -17.48 58.26
C THR S 52 -49.91 -17.88 59.60
N GLY S 53 -50.52 -18.86 60.26
CA GLY S 53 -49.95 -19.35 61.50
C GLY S 53 -48.60 -19.98 61.27
N ARG S 54 -48.44 -20.64 60.14
CA ARG S 54 -47.15 -21.21 59.81
C ARG S 54 -46.14 -20.14 59.42
N PHE S 55 -46.60 -19.08 58.74
CA PHE S 55 -45.76 -17.92 58.46
C PHE S 55 -45.18 -17.34 59.74
N LEU S 56 -46.05 -17.14 60.74
CA LEU S 56 -45.60 -16.66 62.05
C LEU S 56 -44.66 -17.66 62.72
N GLY S 57 -44.91 -18.96 62.59
CA GLY S 57 -44.05 -19.94 63.22
C GLY S 57 -42.66 -19.98 62.62
N ALA S 58 -42.59 -19.92 61.30
CA ALA S 58 -41.30 -19.89 60.63
C ALA S 58 -40.50 -18.67 61.04
N HIS S 59 -41.20 -17.56 61.26
CA HIS S 59 -40.50 -16.34 61.59
C HIS S 59 -39.98 -16.33 63.02
N VAL S 60 -40.82 -16.78 63.94
CA VAL S 60 -40.41 -16.77 65.34
C VAL S 60 -39.29 -17.79 65.55
N ALA S 61 -39.32 -18.92 64.85
CA ALA S 61 -38.22 -19.89 64.97
C ALA S 61 -36.95 -19.38 64.31
N HIS S 62 -37.06 -18.65 63.21
CA HIS S 62 -35.86 -18.07 62.61
C HIS S 62 -35.24 -17.02 63.52
N ALA S 63 -36.08 -16.19 64.15
CA ALA S 63 -35.58 -15.20 65.10
C ALA S 63 -34.92 -15.88 66.28
N GLY S 64 -35.47 -17.00 66.71
CA GLY S 64 -34.80 -17.80 67.72
C GLY S 64 -33.44 -18.29 67.26
N LEU S 65 -33.32 -18.69 66.00
CA LEU S 65 -32.03 -19.14 65.50
C LEU S 65 -31.01 -18.00 65.48
N VAL S 66 -31.48 -16.81 65.12
CA VAL S 66 -30.63 -15.63 65.14
C VAL S 66 -30.14 -15.33 66.56
N ALA S 67 -31.03 -15.40 67.54
CA ALA S 67 -30.61 -15.23 68.93
C ALA S 67 -29.77 -16.40 69.45
N LEU S 68 -29.96 -17.60 68.89
CA LEU S 68 -29.13 -18.75 69.23
C LEU S 68 -27.69 -18.51 68.83
N TRP S 69 -27.48 -18.07 67.61
CA TRP S 69 -26.14 -17.71 67.18
C TRP S 69 -25.59 -16.55 68.00
N ALA S 70 -26.43 -15.53 68.25
CA ALA S 70 -25.99 -14.36 69.01
C ALA S 70 -25.52 -14.73 70.40
N GLY S 71 -26.14 -15.72 71.01
CA GLY S 71 -25.66 -16.19 72.29
C GLY S 71 -24.43 -17.08 72.17
N GLY S 72 -24.53 -18.11 71.33
CA GLY S 72 -23.52 -19.14 71.31
C GLY S 72 -22.19 -18.66 70.75
N MET S 73 -22.22 -17.84 69.70
CA MET S 73 -21.00 -17.35 69.09
C MET S 73 -20.27 -16.40 70.03
N LEU S 74 -21.03 -15.57 70.77
CA LEU S 74 -20.40 -14.73 71.79
C LEU S 74 -19.81 -15.56 72.91
N LEU S 75 -20.50 -16.59 73.35
CA LEU S 75 -19.93 -17.45 74.37
C LEU S 75 -18.71 -18.20 73.85
N PHE S 76 -18.70 -18.54 72.56
CA PHE S 76 -17.53 -19.14 71.95
C PHE S 76 -16.36 -18.16 71.93
N GLU S 77 -16.62 -16.90 71.62
CA GLU S 77 -15.58 -15.87 71.65
C GLU S 77 -15.05 -15.68 73.07
N VAL S 78 -15.93 -15.67 74.06
CA VAL S 78 -15.51 -15.51 75.46
C VAL S 78 -14.69 -16.71 75.92
N SER S 79 -15.12 -17.92 75.55
CA SER S 79 -14.47 -19.14 76.02
C SER S 79 -13.06 -19.30 75.45
N HIS S 80 -12.77 -18.69 74.31
CA HIS S 80 -11.43 -18.71 73.73
C HIS S 80 -10.78 -17.32 73.73
N PHE S 81 -11.04 -16.52 74.74
CA PHE S 81 -10.50 -15.17 74.79
C PHE S 81 -9.25 -15.15 75.66
N ASN S 82 -8.13 -14.77 75.06
CA ASN S 82 -6.88 -14.56 75.76
C ASN S 82 -6.71 -13.08 76.03
N LEU S 83 -6.53 -12.71 77.30
CA LEU S 83 -6.49 -11.29 77.66
C LEU S 83 -5.22 -10.60 77.20
N SER S 84 -4.17 -11.35 76.88
CA SER S 84 -2.94 -10.75 76.40
C SER S 84 -3.13 -10.08 75.04
N LYS S 85 -3.71 -10.80 74.11
CA LYS S 85 -3.99 -10.25 72.80
C LYS S 85 -5.23 -9.36 72.89
N PRO S 86 -5.23 -8.17 72.23
CA PRO S 86 -6.16 -7.10 72.63
C PRO S 86 -7.64 -7.39 72.51
N MET S 87 -8.21 -7.35 71.31
CA MET S 87 -9.47 -8.05 71.06
C MET S 87 -9.52 -8.53 69.62
N TYR S 88 -8.87 -7.79 68.74
CA TYR S 88 -9.03 -8.03 67.33
C TYR S 88 -8.07 -9.05 66.79
N GLU S 89 -7.06 -9.44 67.57
CA GLU S 89 -6.24 -10.57 67.18
C GLU S 89 -6.91 -11.90 67.46
N GLN S 90 -7.90 -11.92 68.34
CA GLN S 90 -8.58 -13.17 68.69
C GLN S 90 -9.51 -13.65 67.58
N GLY S 91 -9.84 -12.79 66.62
CA GLY S 91 -10.84 -13.14 65.63
C GLY S 91 -12.25 -13.01 66.15
N CYS S 92 -12.48 -12.14 67.13
CA CYS S 92 -13.83 -11.89 67.64
C CYS S 92 -14.53 -10.86 66.78
N ILE S 93 -15.86 -11.02 66.66
CA ILE S 93 -16.69 -10.03 65.98
C ILE S 93 -17.86 -9.56 66.82
N LEU S 94 -18.22 -10.25 67.88
CA LEU S 94 -19.32 -9.84 68.73
C LEU S 94 -18.84 -9.16 70.01
N MET S 95 -17.72 -9.61 70.56
CA MET S 95 -16.98 -8.87 71.58
C MET S 95 -16.78 -7.39 71.22
N PRO S 96 -16.34 -7.01 70.01
CA PRO S 96 -16.20 -5.58 69.74
C PRO S 96 -17.50 -4.80 69.72
N HIS S 97 -18.60 -5.43 69.30
CA HIS S 97 -19.89 -4.75 69.27
C HIS S 97 -20.37 -4.42 70.67
N ILE S 98 -20.16 -5.33 71.62
CA ILE S 98 -20.51 -5.07 73.01
C ILE S 98 -19.57 -4.06 73.62
N ALA S 99 -18.27 -4.19 73.34
CA ALA S 99 -17.30 -3.26 73.91
C ALA S 99 -17.54 -1.85 73.42
N THR S 100 -18.01 -1.69 72.19
CA THR S 100 -18.35 -0.38 71.66
C THR S 100 -19.45 0.29 72.47
N LEU S 101 -20.36 -0.50 73.03
CA LEU S 101 -21.44 0.01 73.84
C LEU S 101 -21.02 0.35 75.26
N GLY S 102 -19.73 0.37 75.57
CA GLY S 102 -19.31 0.76 76.90
C GLY S 102 -19.59 -0.27 77.96
N ILE S 103 -19.78 -1.52 77.57
CA ILE S 103 -20.09 -2.61 78.47
C ILE S 103 -18.88 -3.53 78.51
N GLY S 104 -18.39 -3.81 79.71
CA GLY S 104 -17.23 -4.66 79.89
C GLY S 104 -15.89 -3.94 79.85
N VAL S 105 -15.78 -2.88 79.06
CA VAL S 105 -14.50 -2.21 78.84
C VAL S 105 -14.49 -0.85 79.50
N GLY S 106 -13.28 -0.35 79.74
CA GLY S 106 -13.06 0.99 80.22
C GLY S 106 -12.01 1.73 79.44
N GLN S 107 -11.04 2.31 80.16
CA GLN S 107 -10.04 3.21 79.59
C GLN S 107 -9.19 2.49 78.54
N SER S 108 -9.05 3.12 77.37
CA SER S 108 -8.30 2.60 76.22
C SER S 108 -8.81 1.23 75.76
N GLY S 109 -10.08 0.94 76.02
CA GLY S 109 -10.65 -0.34 75.62
C GLY S 109 -10.02 -1.54 76.29
N GLU S 110 -9.72 -1.45 77.58
CA GLU S 110 -9.23 -2.57 78.33
C GLU S 110 -10.41 -3.33 78.91
N ILE S 111 -10.40 -4.65 78.74
CA ILE S 111 -11.47 -5.49 79.27
C ILE S 111 -11.39 -5.45 80.79
N THR S 112 -12.36 -4.81 81.42
CA THR S 112 -12.41 -4.78 82.88
C THR S 112 -12.92 -6.10 83.44
N SER S 113 -13.90 -6.71 82.78
CA SER S 113 -14.46 -7.97 83.26
C SER S 113 -14.96 -8.77 82.07
N MET S 114 -14.84 -10.09 82.18
CA MET S 114 -15.37 -11.02 81.20
C MET S 114 -16.79 -11.48 81.51
N PHE S 115 -17.35 -11.03 82.62
CA PHE S 115 -18.71 -11.39 83.01
C PHE S 115 -19.82 -10.69 82.21
N PRO S 116 -19.73 -9.39 81.86
CA PRO S 116 -20.80 -8.83 81.01
C PRO S 116 -20.96 -9.50 79.66
N PHE S 117 -19.86 -9.88 79.03
CA PHE S 117 -19.96 -10.58 77.75
C PHE S 117 -20.65 -11.93 77.93
N PHE S 118 -20.37 -12.61 79.05
CA PHE S 118 -21.05 -13.87 79.36
C PHE S 118 -22.53 -13.64 79.64
N ALA S 119 -22.88 -12.55 80.31
CA ALA S 119 -24.27 -12.26 80.64
C ALA S 119 -25.10 -12.00 79.39
N ILE S 120 -24.59 -11.17 78.48
CA ILE S 120 -25.22 -11.02 77.17
C ILE S 120 -25.24 -12.33 76.35
N GLY S 121 -24.20 -13.16 76.44
CA GLY S 121 -24.22 -14.42 75.71
C GLY S 121 -25.20 -15.43 76.26
N VAL S 122 -25.58 -15.31 77.52
CA VAL S 122 -26.59 -16.21 78.08
C VAL S 122 -27.99 -15.61 77.96
N ALA S 123 -28.07 -14.28 78.04
CA ALA S 123 -29.37 -13.57 77.89
C ALA S 123 -29.89 -13.83 76.47
N HIS S 124 -28.97 -14.00 75.51
CA HIS S 124 -29.34 -14.29 74.10
C HIS S 124 -29.80 -15.75 74.01
N LEU S 125 -29.12 -16.66 74.71
CA LEU S 125 -29.53 -18.06 74.72
C LEU S 125 -30.94 -18.24 75.27
N ILE S 126 -31.25 -17.55 76.36
CA ILE S 126 -32.59 -17.61 76.96
C ILE S 126 -33.63 -17.05 75.99
N GLY S 127 -33.30 -15.94 75.32
CA GLY S 127 -34.19 -15.40 74.31
C GLY S 127 -34.37 -16.34 73.14
N SER S 128 -33.29 -17.00 72.71
CA SER S 128 -33.38 -18.01 71.67
C SER S 128 -34.30 -19.15 72.07
N ALA S 129 -34.22 -19.58 73.33
CA ALA S 129 -35.10 -20.64 73.81
C ALA S 129 -36.56 -20.22 73.73
N VAL S 130 -36.88 -19.02 74.23
CA VAL S 130 -38.27 -18.54 74.23
C VAL S 130 -38.80 -18.37 72.82
N LEU S 131 -37.98 -17.78 71.94
CA LEU S 131 -38.37 -17.62 70.55
C LEU S 131 -38.42 -18.95 69.79
N GLY S 132 -37.59 -19.91 70.18
CA GLY S 132 -37.70 -21.22 69.56
C GLY S 132 -38.98 -21.93 69.94
N ILE S 133 -39.41 -21.80 71.19
CA ILE S 133 -40.68 -22.38 71.61
C ILE S 133 -41.83 -21.74 70.85
N GLY S 134 -41.80 -20.43 70.68
CA GLY S 134 -42.84 -19.77 69.89
C GLY S 134 -42.84 -20.20 68.43
N GLY S 135 -41.66 -20.34 67.85
CA GLY S 135 -41.58 -20.81 66.48
C GLY S 135 -42.02 -22.25 66.30
N MET S 136 -41.75 -23.09 67.30
CA MET S 136 -42.24 -24.46 67.24
C MET S 136 -43.73 -24.53 67.47
N TYR S 137 -44.28 -23.64 68.28
CA TYR S 137 -45.72 -23.65 68.52
C TYR S 137 -46.49 -23.26 67.29
N HIS S 138 -46.11 -22.15 66.65
CA HIS S 138 -46.94 -21.77 65.52
C HIS S 138 -46.63 -22.56 64.26
N ALA S 139 -45.68 -23.48 64.29
CA ALA S 139 -45.43 -24.32 63.14
C ALA S 139 -45.78 -25.79 63.36
N ILE S 140 -45.95 -26.25 64.60
CA ILE S 140 -46.26 -27.65 64.83
C ILE S 140 -47.65 -27.81 65.44
N LYS S 141 -48.05 -26.87 66.29
CA LYS S 141 -49.25 -27.10 67.09
C LYS S 141 -50.26 -25.96 67.08
N GLY S 142 -49.84 -24.71 66.87
CA GLY S 142 -50.74 -23.60 66.96
C GLY S 142 -51.66 -23.52 65.76
N PRO S 143 -52.55 -22.52 65.78
CA PRO S 143 -53.58 -22.44 64.74
C PRO S 143 -52.98 -22.13 63.38
N GLU S 144 -53.35 -22.97 62.41
CA GLU S 144 -52.78 -22.90 61.06
C GLU S 144 -53.14 -21.59 60.36
N LYS S 145 -54.27 -20.99 60.73
CA LYS S 145 -54.73 -19.74 60.14
C LYS S 145 -55.01 -18.75 61.26
N LEU S 146 -54.50 -17.53 61.13
CA LEU S 146 -54.62 -16.53 62.17
C LEU S 146 -55.93 -15.77 62.01
N TYR S 147 -56.35 -15.14 63.11
CA TYR S 147 -57.69 -14.54 63.13
C TYR S 147 -57.72 -13.39 64.13
N GLY S 148 -58.93 -12.87 64.35
CA GLY S 148 -59.17 -11.75 65.28
C GLY S 148 -58.57 -10.45 64.75
N PHE S 149 -57.43 -10.05 65.32
CA PHE S 149 -56.74 -8.81 64.88
C PHE S 149 -55.38 -9.19 64.28
N PHE S 150 -55.11 -10.50 64.19
CA PHE S 150 -53.85 -10.97 63.64
C PHE S 150 -53.99 -11.58 62.26
N GLN S 151 -55.22 -11.73 61.77
CA GLN S 151 -55.44 -12.19 60.40
C GLN S 151 -55.04 -11.10 59.44
N PHE S 152 -53.99 -11.35 58.69
CA PHE S 152 -53.63 -10.46 57.61
C PHE S 152 -53.74 -11.23 56.30
N ASP S 153 -54.19 -10.53 55.28
CA ASP S 153 -54.06 -10.96 53.91
C ASP S 153 -53.06 -10.02 53.25
N TRP S 154 -52.26 -10.56 52.34
CA TRP S 154 -51.29 -9.75 51.61
C TRP S 154 -51.96 -8.68 50.77
N THR S 155 -53.17 -8.94 50.29
CA THR S 155 -53.94 -7.96 49.55
C THR S 155 -54.71 -7.01 50.46
N ASP S 156 -54.79 -7.28 51.75
CA ASP S 156 -55.45 -6.40 52.71
C ASP S 156 -54.43 -5.34 53.08
N ARG S 157 -54.39 -4.27 52.30
CA ARG S 157 -53.27 -3.33 52.35
C ARG S 157 -53.32 -2.42 53.56
N ALA S 158 -54.51 -2.11 54.08
CA ALA S 158 -54.58 -1.36 55.32
C ALA S 158 -54.02 -2.17 56.48
N LYS S 159 -54.30 -3.48 56.53
CA LYS S 159 -53.79 -4.32 57.61
C LYS S 159 -52.29 -4.51 57.51
N VAL S 160 -51.78 -4.73 56.30
CA VAL S 160 -50.35 -4.96 56.15
C VAL S 160 -49.58 -3.66 56.42
N ALA S 161 -50.14 -2.51 56.01
CA ALA S 161 -49.53 -1.25 56.39
C ALA S 161 -49.60 -1.02 57.88
N GLN S 162 -50.66 -1.50 58.54
CA GLN S 162 -50.74 -1.36 59.98
C GLN S 162 -49.68 -2.21 60.70
N ILE S 163 -49.41 -3.40 60.18
CA ILE S 163 -48.33 -4.23 60.74
C ILE S 163 -46.97 -3.60 60.48
N LEU S 164 -46.78 -3.06 59.27
CA LEU S 164 -45.62 -2.21 58.97
C LEU S 164 -45.47 -1.08 59.97
N GLY S 165 -46.58 -0.45 60.33
CA GLY S 165 -46.54 0.66 61.26
C GLY S 165 -46.16 0.25 62.67
N PHE S 166 -46.68 -0.88 63.14
CA PHE S 166 -46.22 -1.38 64.43
C PHE S 166 -44.73 -1.69 64.40
N HIS S 167 -44.25 -2.26 63.31
CA HIS S 167 -42.83 -2.58 63.24
C HIS S 167 -41.96 -1.32 63.22
N ILE S 168 -42.38 -0.30 62.47
CA ILE S 168 -41.72 1.00 62.51
C ILE S 168 -41.76 1.66 63.88
N ALA S 169 -42.89 1.57 64.59
CA ALA S 169 -42.96 2.19 65.91
C ALA S 169 -42.05 1.48 66.91
N ILE S 170 -42.03 0.15 66.88
CA ILE S 170 -41.18 -0.61 67.78
C ILE S 170 -39.71 -0.39 67.45
N LEU S 171 -39.39 -0.28 66.15
CA LEU S 171 -38.02 0.02 65.75
C LEU S 171 -37.59 1.41 66.21
N GLY S 172 -38.47 2.39 66.10
CA GLY S 172 -38.15 3.70 66.62
C GLY S 172 -37.97 3.74 68.12
N ILE S 173 -38.73 2.94 68.86
CA ILE S 173 -38.55 3.02 70.30
C ILE S 173 -37.27 2.28 70.70
N PHE S 174 -36.84 1.24 69.95
CA PHE S 174 -35.47 0.75 70.17
C PHE S 174 -34.41 1.78 69.84
N ALA S 175 -34.56 2.53 68.74
CA ALA S 175 -33.53 3.52 68.38
C ALA S 175 -33.45 4.64 69.42
N LEU S 176 -34.60 5.13 69.89
CA LEU S 176 -34.60 6.11 70.97
C LEU S 176 -34.08 5.52 72.27
N LEU S 177 -34.32 4.22 72.54
CA LEU S 177 -33.84 3.64 73.78
C LEU S 177 -32.32 3.50 73.75
N PHE S 178 -31.76 3.13 72.60
CA PHE S 178 -30.32 3.13 72.43
C PHE S 178 -29.73 4.53 72.61
N ALA S 179 -30.38 5.55 72.03
CA ALA S 179 -29.91 6.92 72.22
C ALA S 179 -29.99 7.34 73.69
N ALA S 180 -31.05 6.93 74.39
CA ALA S 180 -31.17 7.26 75.80
C ALA S 180 -30.08 6.61 76.63
N LYS S 181 -29.78 5.34 76.35
CA LYS S 181 -28.69 4.66 77.03
C LYS S 181 -27.35 5.31 76.73
N ALA S 182 -27.12 5.69 75.48
CA ALA S 182 -25.90 6.42 75.15
C ALA S 182 -25.83 7.76 75.88
N MET S 183 -26.99 8.35 76.17
CA MET S 183 -27.02 9.61 76.90
C MET S 183 -27.14 9.45 78.40
N TYR S 184 -27.81 8.41 78.92
CA TYR S 184 -28.03 8.43 80.35
C TYR S 184 -27.33 7.30 81.12
N TRP S 185 -27.66 6.05 80.79
CA TRP S 185 -27.10 4.92 81.52
C TRP S 185 -25.80 4.44 80.91
N GLY S 186 -24.73 4.43 81.70
CA GLY S 186 -23.45 4.02 81.18
C GLY S 186 -22.87 4.98 80.17
N GLY S 187 -22.94 4.64 78.89
CA GLY S 187 -22.37 5.44 77.83
C GLY S 187 -21.88 4.58 76.69
N LEU S 188 -21.23 5.19 75.70
CA LEU S 188 -20.58 4.41 74.65
C LEU S 188 -19.07 4.63 74.70
N TYR S 189 -18.34 3.75 74.03
CA TYR S 189 -16.91 3.92 73.88
C TYR S 189 -16.65 5.03 72.88
N ASP S 190 -15.98 6.08 73.33
CA ASP S 190 -15.63 7.20 72.47
C ASP S 190 -14.16 7.07 72.11
N PRO S 191 -13.81 6.65 70.89
CA PRO S 191 -12.39 6.56 70.53
C PRO S 191 -11.73 7.91 70.41
N TRP S 192 -12.51 8.98 70.30
CA TRP S 192 -12.00 10.34 70.18
C TRP S 192 -11.95 11.06 71.51
N ALA S 193 -12.16 10.35 72.61
CA ALA S 193 -12.11 11.00 73.91
C ALA S 193 -10.67 11.45 74.19
N PRO S 194 -10.49 12.51 75.03
CA PRO S 194 -9.13 13.01 75.30
C PRO S 194 -8.15 11.96 75.79
N GLY S 195 -7.23 11.57 74.91
CA GLY S 195 -6.17 10.64 75.22
C GLY S 195 -6.70 9.22 75.18
N GLY S 196 -6.26 8.39 74.24
CA GLY S 196 -6.68 7.01 74.26
C GLY S 196 -8.10 6.81 73.80
N GLY S 197 -9.04 7.27 74.62
CA GLY S 197 -10.46 7.07 74.41
C GLY S 197 -11.11 6.20 75.46
N ASP S 198 -11.85 6.81 76.38
CA ASP S 198 -12.55 6.07 77.42
C ASP S 198 -14.05 6.07 77.12
N VAL S 199 -14.77 5.16 77.78
CA VAL S 199 -16.22 5.19 77.77
C VAL S 199 -16.72 6.49 78.40
N ARG S 200 -17.64 7.15 77.72
CA ARG S 200 -18.24 8.37 78.26
C ARG S 200 -19.67 8.51 77.74
N LEU S 201 -20.56 8.97 78.61
CA LEU S 201 -21.95 9.15 78.21
C LEU S 201 -22.14 10.48 77.51
N VAL S 202 -22.82 10.44 76.36
CA VAL S 202 -22.96 11.59 75.48
C VAL S 202 -24.01 12.52 76.09
N THR S 203 -23.57 13.66 76.61
CA THR S 203 -24.52 14.57 77.22
C THR S 203 -25.19 15.47 76.18
N ASN S 204 -24.47 15.85 75.13
CA ASN S 204 -24.93 16.89 74.19
C ASN S 204 -24.87 16.34 72.78
N PRO S 205 -25.88 15.56 72.37
CA PRO S 205 -25.93 15.09 70.99
C PRO S 205 -26.30 16.21 70.03
N THR S 206 -25.91 16.04 68.77
CA THR S 206 -26.08 17.07 67.75
C THR S 206 -27.51 17.04 67.25
N LEU S 207 -28.34 17.97 67.72
CA LEU S 207 -29.73 18.03 67.33
C LEU S 207 -29.99 18.98 66.16
N ASP S 208 -28.95 19.39 65.45
CA ASP S 208 -29.13 20.31 64.34
C ASP S 208 -29.63 19.56 63.12
N PRO S 209 -30.79 19.93 62.56
CA PRO S 209 -31.19 19.33 61.27
C PRO S 209 -30.22 19.65 60.14
N ARG S 210 -29.52 20.78 60.21
CA ARG S 210 -28.58 21.11 59.15
C ARG S 210 -27.40 20.14 59.15
N ILE S 211 -26.94 19.75 60.34
CA ILE S 211 -25.79 18.87 60.44
C ILE S 211 -26.18 17.43 60.16
N ILE S 212 -27.22 16.95 60.85
CA ILE S 212 -27.58 15.52 60.80
C ILE S 212 -28.02 15.10 59.41
N PHE S 213 -28.88 15.86 58.78
CA PHE S 213 -29.32 15.55 57.43
C PHE S 213 -28.38 16.13 56.38
N GLY S 214 -27.34 16.85 56.80
CA GLY S 214 -26.26 17.17 55.89
C GLY S 214 -25.34 16.00 55.62
N TYR S 215 -25.40 14.96 56.45
CA TYR S 215 -24.66 13.75 56.14
C TYR S 215 -25.26 13.04 54.94
N LEU S 216 -26.57 13.16 54.76
CA LEU S 216 -27.26 12.49 53.66
C LEU S 216 -26.95 13.11 52.31
N ILE S 217 -26.48 14.36 52.27
CA ILE S 217 -26.19 15.02 51.02
C ILE S 217 -24.70 15.05 50.72
N LYS S 218 -23.87 14.52 51.61
CA LYS S 218 -22.45 14.39 51.32
C LYS S 218 -22.25 13.34 50.24
N ARG S 219 -21.36 13.62 49.32
CA ARG S 219 -21.08 12.70 48.22
C ARG S 219 -20.53 11.40 48.79
N PRO S 220 -20.87 10.26 48.17
CA PRO S 220 -20.33 8.99 48.66
C PRO S 220 -18.88 8.75 48.31
N THR S 221 -18.21 9.73 47.75
CA THR S 221 -16.90 9.56 47.20
C THR S 221 -15.85 9.87 48.25
N GLY S 222 -14.59 9.70 47.88
CA GLY S 222 -13.51 9.88 48.81
C GLY S 222 -13.38 11.32 49.26
N GLY S 223 -12.98 11.48 50.51
CA GLY S 223 -12.98 12.78 51.15
C GLY S 223 -14.23 13.01 51.93
N GLU S 224 -15.39 12.82 51.31
CA GLU S 224 -16.66 12.95 52.01
C GLU S 224 -17.06 11.67 52.70
N GLY S 225 -17.31 10.62 51.91
CA GLY S 225 -17.68 9.36 52.51
C GLY S 225 -19.03 9.39 53.18
N TRP S 226 -20.09 9.41 52.37
CA TRP S 226 -21.41 9.98 52.60
C TRP S 226 -21.93 9.97 54.04
N ILE S 227 -22.16 8.81 54.64
CA ILE S 227 -22.47 8.74 56.06
C ILE S 227 -21.47 7.92 56.84
N VAL S 228 -20.49 7.33 56.16
CA VAL S 228 -19.45 6.55 56.83
C VAL S 228 -18.52 7.45 57.61
N SER S 229 -18.46 8.72 57.25
CA SER S 229 -17.62 9.70 57.90
C SER S 229 -18.28 10.37 59.07
N VAL S 230 -19.32 9.79 59.65
CA VAL S 230 -19.74 10.25 60.95
C VAL S 230 -18.65 9.90 61.95
N ASN S 231 -18.20 10.89 62.70
CA ASN S 231 -16.92 10.75 63.36
C ASN S 231 -16.92 11.33 64.77
N ASN S 232 -18.07 11.29 65.43
CA ASN S 232 -18.15 11.68 66.84
C ASN S 232 -19.40 11.02 67.39
N LEU S 233 -19.53 11.00 68.72
CA LEU S 233 -20.72 10.34 69.24
C LEU S 233 -21.91 11.29 69.40
N GLU S 234 -21.68 12.60 69.43
CA GLU S 234 -22.82 13.52 69.40
C GLU S 234 -23.59 13.42 68.09
N ASP S 235 -22.90 13.40 66.96
CA ASP S 235 -23.59 13.26 65.67
C ASP S 235 -24.30 11.91 65.57
N ILE S 236 -23.65 10.85 66.03
CA ILE S 236 -24.23 9.51 66.00
C ILE S 236 -25.50 9.46 66.83
N ILE S 237 -25.44 9.95 68.06
CA ILE S 237 -26.61 9.87 68.92
C ILE S 237 -27.67 10.89 68.54
N GLY S 238 -27.30 12.04 67.99
CA GLY S 238 -28.29 12.99 67.52
C GLY S 238 -29.06 12.50 66.32
N GLY S 239 -28.36 11.88 65.37
CA GLY S 239 -29.02 11.21 64.28
C GLY S 239 -29.90 10.06 64.73
N HIS S 240 -29.49 9.35 65.79
CA HIS S 240 -30.35 8.29 66.28
C HIS S 240 -31.58 8.84 66.99
N ILE S 241 -31.46 9.95 67.71
CA ILE S 241 -32.63 10.61 68.29
C ILE S 241 -33.59 11.05 67.21
N TRP S 242 -33.06 11.67 66.16
CA TRP S 242 -33.90 12.06 65.03
C TRP S 242 -34.58 10.88 64.37
N ILE S 243 -33.86 9.79 64.12
CA ILE S 243 -34.52 8.72 63.39
C ILE S 243 -35.45 7.95 64.31
N GLY S 244 -35.19 7.94 65.61
CA GLY S 244 -36.15 7.34 66.52
C GLY S 244 -37.45 8.10 66.53
N CYS S 245 -37.38 9.43 66.56
CA CYS S 245 -38.59 10.22 66.47
C CYS S 245 -39.27 10.07 65.11
N ILE S 246 -38.47 10.02 64.04
CA ILE S 246 -39.03 9.88 62.70
C ILE S 246 -39.72 8.54 62.53
N LEU S 247 -39.17 7.50 63.15
CA LEU S 247 -39.80 6.20 63.05
C LEU S 247 -41.02 6.07 63.94
N ILE S 248 -41.03 6.70 65.12
CA ILE S 248 -42.28 6.76 65.90
C ILE S 248 -43.35 7.45 65.08
N ALA S 249 -43.00 8.55 64.41
CA ALA S 249 -43.96 9.29 63.60
C ALA S 249 -44.48 8.46 62.43
N GLY S 250 -43.58 7.80 61.70
CA GLY S 250 -44.00 6.98 60.58
C GLY S 250 -44.80 5.74 60.98
N GLY S 251 -44.46 5.15 62.10
CA GLY S 251 -45.24 4.05 62.61
C GLY S 251 -46.65 4.47 62.99
N ILE S 252 -46.79 5.60 63.70
CA ILE S 252 -48.13 6.08 64.02
C ILE S 252 -48.88 6.46 62.75
N TRP S 253 -48.19 6.99 61.76
CA TRP S 253 -48.80 7.29 60.48
C TRP S 253 -49.38 6.04 59.82
N HIS S 254 -48.64 4.95 59.83
CA HIS S 254 -49.14 3.76 59.17
C HIS S 254 -50.19 3.03 59.96
N ILE S 255 -50.20 3.14 61.28
CA ILE S 255 -51.33 2.61 62.04
C ILE S 255 -52.59 3.43 61.78
N LEU S 256 -52.47 4.74 61.61
CA LEU S 256 -53.67 5.57 61.50
C LEU S 256 -54.08 5.95 60.09
N VAL S 257 -53.20 5.84 59.10
CA VAL S 257 -53.51 6.22 57.73
C VAL S 257 -53.27 5.03 56.81
N PRO S 258 -54.29 4.50 56.16
CA PRO S 258 -54.09 3.39 55.23
C PRO S 258 -53.40 3.85 53.96
N PRO S 259 -52.93 2.94 53.11
CA PRO S 259 -52.29 3.34 51.86
C PRO S 259 -53.18 4.21 50.98
N LEU S 260 -52.60 5.29 50.49
CA LEU S 260 -53.37 6.27 49.76
C LEU S 260 -53.58 5.81 48.32
N ARG S 261 -54.48 6.51 47.64
CA ARG S 261 -54.87 6.16 46.28
C ARG S 261 -53.71 6.20 45.31
N TRP S 262 -52.72 7.06 45.56
CA TRP S 262 -51.63 7.18 44.60
C TRP S 262 -50.69 5.99 44.69
N THR S 263 -50.63 5.32 45.84
CA THR S 263 -49.97 4.02 45.98
C THR S 263 -50.98 2.90 45.81
N TYR S 264 -51.57 2.79 44.63
CA TYR S 264 -52.45 1.66 44.34
C TYR S 264 -51.92 0.85 43.18
N ASN S 265 -51.51 1.52 42.09
CA ASN S 265 -51.02 0.87 40.90
C ASN S 265 -49.52 1.05 40.72
N LEU S 266 -48.81 1.40 41.79
CA LEU S 266 -47.37 1.59 41.70
C LEU S 266 -46.65 0.25 41.51
N PHE S 267 -47.19 -0.80 42.11
CA PHE S 267 -46.64 -2.15 42.15
C PHE S 267 -47.71 -3.08 42.69
N PRO S 268 -47.63 -4.38 42.39
CA PRO S 268 -48.58 -5.34 42.96
C PRO S 268 -48.49 -5.37 44.47
N TRP S 269 -49.64 -5.51 45.11
CA TRP S 269 -49.67 -5.61 46.57
C TRP S 269 -49.84 -7.07 46.98
N THR S 270 -48.84 -7.86 46.63
CA THR S 270 -48.75 -9.25 47.04
C THR S 270 -47.72 -9.37 48.16
N GLY S 271 -47.46 -10.60 48.58
CA GLY S 271 -46.50 -10.80 49.64
C GLY S 271 -45.07 -10.93 49.14
N GLU S 272 -44.93 -11.51 47.96
CA GLU S 272 -43.62 -11.62 47.34
C GLU S 272 -43.10 -10.24 46.95
N THR S 273 -44.00 -9.31 46.61
CA THR S 273 -43.58 -7.92 46.38
C THR S 273 -42.97 -7.33 47.65
N TYR S 274 -43.60 -7.61 48.78
CA TYR S 274 -43.21 -6.98 50.03
C TYR S 274 -41.84 -7.51 50.44
N LEU S 275 -41.68 -8.81 50.25
CA LEU S 275 -40.39 -9.47 50.43
C LEU S 275 -39.33 -8.90 49.49
N SER S 276 -39.65 -8.68 48.21
CA SER S 276 -38.64 -8.16 47.28
C SER S 276 -38.18 -6.78 47.67
N GLN S 277 -39.10 -5.94 48.11
CA GLN S 277 -38.73 -4.59 48.53
C GLN S 277 -37.87 -4.61 49.78
N SER S 278 -38.23 -5.45 50.76
CA SER S 278 -37.37 -5.65 51.91
C SER S 278 -35.99 -6.11 51.49
N LEU S 279 -35.92 -7.03 50.53
CA LEU S 279 -34.65 -7.59 50.10
C LEU S 279 -33.75 -6.54 49.50
N GLY S 280 -34.32 -5.68 48.65
CA GLY S 280 -33.51 -4.64 48.02
C GLY S 280 -33.00 -3.62 49.01
N ASN S 281 -33.86 -3.19 49.93
CA ASN S 281 -33.42 -2.24 50.94
C ASN S 281 -32.35 -2.84 51.84
N VAL S 282 -32.50 -4.10 52.23
CA VAL S 282 -31.52 -4.67 53.14
C VAL S 282 -30.24 -5.09 52.43
N ALA S 283 -30.29 -5.32 51.10
CA ALA S 283 -29.06 -5.49 50.34
C ALA S 283 -28.25 -4.21 50.33
N GLY S 284 -28.91 -3.07 50.07
CA GLY S 284 -28.22 -1.80 50.15
C GLY S 284 -27.71 -1.53 51.55
N GLN S 285 -28.46 -1.95 52.55
CA GLN S 285 -28.08 -1.76 53.94
C GLN S 285 -26.86 -2.58 54.32
N ALA S 286 -26.73 -3.78 53.77
CA ALA S 286 -25.53 -4.59 53.98
C ALA S 286 -24.31 -3.97 53.29
N PHE S 287 -24.51 -3.41 52.11
CA PHE S 287 -23.41 -2.69 51.46
C PHE S 287 -22.95 -1.50 52.29
N ILE S 288 -23.90 -0.81 52.89
CA ILE S 288 -23.59 0.35 53.73
C ILE S 288 -22.82 -0.08 54.96
N ALA S 289 -23.25 -1.17 55.60
CA ALA S 289 -22.54 -1.69 56.76
C ALA S 289 -21.15 -2.20 56.41
N ALA S 290 -20.97 -2.74 55.20
CA ALA S 290 -19.62 -3.08 54.76
C ALA S 290 -18.74 -1.85 54.69
N ALA S 291 -19.29 -0.74 54.19
CA ALA S 291 -18.55 0.51 54.17
C ALA S 291 -18.25 1.01 55.58
N PHE S 292 -19.21 0.89 56.49
CA PHE S 292 -18.98 1.32 57.86
C PHE S 292 -17.92 0.50 58.57
N ILE S 293 -17.92 -0.82 58.38
CA ILE S 293 -16.91 -1.60 59.05
C ILE S 293 -15.54 -1.41 58.41
N TRP S 294 -15.50 -0.99 57.14
CA TRP S 294 -14.20 -0.89 56.49
C TRP S 294 -13.56 0.47 56.61
N PHE S 295 -14.33 1.55 56.67
CA PHE S 295 -13.76 2.89 56.67
C PHE S 295 -13.91 3.60 58.00
N ASN S 296 -15.00 3.39 58.69
CA ASN S 296 -15.30 4.17 59.88
C ASN S 296 -14.54 3.62 61.06
N ASN S 297 -13.98 4.52 61.87
CA ASN S 297 -13.30 4.12 63.10
C ASN S 297 -13.83 4.85 64.31
N THR S 298 -15.05 5.37 64.23
CA THR S 298 -15.74 5.96 65.37
C THR S 298 -16.80 5.04 65.95
N ALA S 299 -17.72 4.59 65.10
CA ALA S 299 -18.69 3.59 65.49
C ALA S 299 -18.07 2.22 65.57
N TYR S 300 -16.90 2.04 64.94
CA TYR S 300 -16.13 0.82 65.02
C TYR S 300 -14.74 1.19 65.50
N PRO S 301 -14.54 1.30 66.81
CA PRO S 301 -13.25 1.78 67.33
C PRO S 301 -12.17 0.76 67.09
N SER S 302 -11.02 1.23 66.60
CA SER S 302 -9.92 0.35 66.20
C SER S 302 -9.24 -0.33 67.37
N VAL S 303 -9.57 0.07 68.61
CA VAL S 303 -9.12 -0.69 69.76
C VAL S 303 -9.76 -2.05 69.77
N PHE S 304 -10.97 -2.15 69.25
CA PHE S 304 -11.76 -3.37 69.23
C PHE S 304 -11.76 -4.08 67.90
N TYR S 305 -11.85 -3.36 66.79
CA TYR S 305 -11.91 -4.00 65.49
C TYR S 305 -10.57 -3.97 64.77
N GLY S 306 -9.57 -3.31 65.33
CA GLY S 306 -8.32 -3.14 64.64
C GLY S 306 -8.39 -1.98 63.70
N PRO S 307 -7.24 -1.51 63.24
CA PRO S 307 -7.20 -0.35 62.37
C PRO S 307 -7.81 -0.62 61.00
N THR S 308 -8.46 0.39 60.47
CA THR S 308 -8.75 0.41 59.05
C THR S 308 -7.46 0.44 58.25
N VAL S 309 -7.53 -0.05 57.02
CA VAL S 309 -6.43 0.02 56.07
C VAL S 309 -5.95 1.45 55.86
N PRO S 310 -6.81 2.49 55.76
CA PRO S 310 -6.27 3.85 55.72
C PRO S 310 -5.48 4.21 56.95
N GLU S 311 -5.97 3.83 58.12
CA GLU S 311 -5.32 4.22 59.36
C GLU S 311 -4.07 3.41 59.61
N SER S 312 -4.07 2.13 59.22
CA SER S 312 -2.87 1.32 59.29
C SER S 312 -1.78 1.82 58.35
N SER S 313 -2.17 2.32 57.18
CA SER S 313 -1.20 2.76 56.20
C SER S 313 -0.65 4.15 56.52
N GLN S 314 -1.41 4.99 57.21
CA GLN S 314 -0.82 6.20 57.77
C GLN S 314 0.02 5.89 59.02
N ALA S 315 -0.31 4.83 59.77
CA ALA S 315 0.49 4.46 60.94
C ALA S 315 1.88 4.00 60.54
N GLN S 316 1.98 3.29 59.43
CA GLN S 316 3.29 2.92 58.89
C GLN S 316 4.14 4.15 58.60
N SER S 317 3.55 5.16 57.97
CA SER S 317 4.29 6.35 57.60
C SER S 317 4.72 7.12 58.83
N PHE S 318 3.87 7.16 59.82
CA PHE S 318 4.14 7.84 61.06
C PHE S 318 5.26 7.17 61.85
N VAL S 319 5.34 5.84 61.80
CA VAL S 319 6.42 5.13 62.49
C VAL S 319 7.73 5.18 61.71
N PHE S 320 7.69 5.12 60.37
CA PHE S 320 8.90 5.40 59.60
C PHE S 320 9.33 6.86 59.66
N LEU S 321 8.41 7.76 60.02
CA LEU S 321 8.79 9.13 60.33
C LEU S 321 9.54 9.21 61.64
N MET S 322 8.96 8.63 62.70
CA MET S 322 9.60 8.70 64.01
C MET S 322 10.87 7.87 64.10
N ARG S 323 11.10 6.93 63.18
CA ARG S 323 12.42 6.32 63.13
C ARG S 323 13.46 7.35 62.70
N ASP S 324 13.14 8.16 61.70
CA ASP S 324 14.08 9.13 61.15
C ASP S 324 14.28 10.37 62.04
N GLN S 325 13.37 10.64 62.95
CA GLN S 325 13.65 11.59 64.03
C GLN S 325 14.49 10.90 65.09
N GLY S 326 15.64 11.50 65.40
CA GLY S 326 16.52 10.96 66.42
C GLY S 326 17.82 10.52 65.80
N MET S 327 17.72 10.02 64.57
CA MET S 327 18.88 9.73 63.73
C MET S 327 19.01 10.77 62.62
N GLY S 328 18.46 11.95 62.86
CA GLY S 328 18.87 13.20 62.22
C GLY S 328 18.59 13.32 60.75
N ALA S 329 17.42 12.86 60.30
CA ALA S 329 17.02 12.91 58.91
C ALA S 329 15.84 13.88 58.82
N ASP S 330 16.10 15.10 58.38
CA ASP S 330 15.04 16.10 58.32
C ASP S 330 14.04 15.73 57.25
N VAL S 331 12.79 15.56 57.67
CA VAL S 331 11.79 14.91 56.84
C VAL S 331 11.33 15.80 55.69
N ALA S 332 11.09 17.07 55.97
CA ALA S 332 10.41 17.92 55.00
C ALA S 332 11.28 18.29 53.80
N SER S 333 12.59 18.02 53.85
CA SER S 333 13.50 18.26 52.73
C SER S 333 13.94 16.96 52.08
N ALA S 334 13.14 15.91 52.19
CA ALA S 334 13.54 14.59 51.74
C ALA S 334 12.71 14.20 50.53
N GLN S 335 13.38 13.86 49.43
CA GLN S 335 12.72 13.49 48.19
C GLN S 335 12.64 11.98 48.03
N GLY S 336 11.57 11.52 47.38
CA GLY S 336 11.42 10.12 47.07
C GLY S 336 12.12 9.76 45.78
N PRO S 337 11.62 8.75 45.05
CA PRO S 337 12.31 8.33 43.83
C PRO S 337 11.88 9.21 42.67
N THR S 338 10.96 10.12 42.97
CA THR S 338 10.19 10.82 41.97
C THR S 338 10.14 12.32 42.24
N GLY S 339 10.92 12.80 43.20
CA GLY S 339 10.90 14.20 43.56
C GLY S 339 9.78 14.61 44.46
N LEU S 340 8.84 13.73 44.72
CA LEU S 340 7.78 14.00 45.66
C LEU S 340 8.34 13.77 47.06
N GLY S 341 7.52 14.05 48.07
CA GLY S 341 7.96 13.91 49.44
C GLY S 341 8.27 12.49 49.84
N LYS S 342 9.41 12.28 50.49
CA LYS S 342 9.81 10.94 50.89
C LYS S 342 8.94 10.42 52.02
N TYR S 343 8.60 11.28 52.97
CA TYR S 343 7.68 10.90 54.04
C TYR S 343 6.47 11.80 54.09
N LEU S 344 6.64 13.09 53.87
CA LEU S 344 5.57 14.08 53.88
C LEU S 344 5.56 14.82 52.56
N GLN S 345 4.37 14.98 51.97
CA GLN S 345 4.22 15.74 50.75
C GLN S 345 2.93 16.55 50.84
N ARG S 346 2.51 17.08 49.71
CA ARG S 346 1.31 17.90 49.63
C ARG S 346 0.25 17.18 48.81
N SER S 347 -0.99 17.40 49.20
CA SER S 347 -2.15 16.77 48.62
C SER S 347 -2.44 17.37 47.25
N PRO S 348 -3.32 16.75 46.48
CA PRO S 348 -3.95 17.51 45.39
C PRO S 348 -4.64 18.77 45.85
N THR S 349 -5.26 18.76 47.03
CA THR S 349 -5.75 20.01 47.57
C THR S 349 -4.63 20.89 48.11
N GLY S 350 -3.44 20.35 48.32
CA GLY S 350 -2.40 21.10 48.98
C GLY S 350 -2.60 21.16 50.46
N GLU S 351 -2.51 20.01 51.09
CA GLU S 351 -2.48 19.86 52.53
C GLU S 351 -1.35 18.89 52.86
N ILE S 352 -0.75 19.04 54.03
CA ILE S 352 0.46 18.29 54.34
C ILE S 352 0.07 16.88 54.74
N ILE S 353 0.42 15.91 53.90
CA ILE S 353 -0.02 14.53 54.04
C ILE S 353 1.21 13.63 54.02
N PHE S 354 1.03 12.38 54.44
CA PHE S 354 2.13 11.42 54.40
C PHE S 354 2.44 10.98 52.98
N GLY S 355 3.71 10.94 52.65
CA GLY S 355 4.13 10.63 51.31
C GLY S 355 4.20 9.14 51.05
N GLY S 356 4.45 8.81 49.80
CA GLY S 356 4.47 7.42 49.39
C GLY S 356 3.19 7.02 48.70
N GLU S 357 2.92 5.71 48.71
CA GLU S 357 1.64 5.29 48.17
C GLU S 357 0.49 5.59 49.11
N THR S 358 0.77 5.87 50.38
CA THR S 358 -0.26 6.16 51.37
C THR S 358 -0.83 7.55 51.23
N MET S 359 -0.48 8.27 50.16
CA MET S 359 -1.13 9.52 49.82
C MET S 359 -2.55 9.33 49.36
N ARG S 360 -2.94 8.10 49.00
CA ARG S 360 -4.34 7.86 48.68
C ARG S 360 -5.19 7.92 49.93
N PHE S 361 -4.67 7.45 51.05
CA PHE S 361 -5.40 7.53 52.33
C PHE S 361 -5.08 8.81 53.07
N TRP S 362 -5.09 9.93 52.39
CA TRP S 362 -4.87 11.16 53.11
C TRP S 362 -6.14 11.66 53.79
N ASP S 363 -7.27 10.99 53.56
CA ASP S 363 -8.53 11.33 54.21
C ASP S 363 -8.75 10.59 55.51
N ALA S 364 -7.85 9.68 55.89
CA ALA S 364 -8.01 8.98 57.14
C ALA S 364 -7.86 9.92 58.31
N ARG S 365 -8.67 9.71 59.36
CA ARG S 365 -8.62 10.59 60.56
C ARG S 365 -8.61 9.76 61.85
N ALA S 366 -7.47 9.15 62.21
CA ALA S 366 -7.44 8.36 63.41
C ALA S 366 -7.16 9.25 64.62
N PRO S 367 -7.71 8.91 65.79
CA PRO S 367 -7.53 9.79 66.95
C PRO S 367 -6.14 9.82 67.56
N TRP S 368 -5.28 8.84 67.26
CA TRP S 368 -3.88 8.96 67.66
C TRP S 368 -3.09 9.86 66.75
N LEU S 369 -3.70 10.40 65.70
CA LEU S 369 -2.99 11.29 64.79
C LEU S 369 -3.59 12.69 64.72
N GLU S 370 -4.82 12.89 65.18
CA GLU S 370 -5.41 14.23 65.21
C GLU S 370 -4.63 15.29 65.99
N PRO S 371 -3.98 15.02 67.13
CA PRO S 371 -3.09 16.06 67.69
C PRO S 371 -1.83 16.36 66.87
N LEU S 372 -1.55 15.62 65.80
CA LEU S 372 -0.60 16.09 64.80
C LEU S 372 -1.25 16.98 63.75
N ARG S 373 -2.58 17.03 63.71
CA ARG S 373 -3.26 17.79 62.68
C ARG S 373 -3.29 19.26 63.08
N GLY S 374 -2.92 20.12 62.15
CA GLY S 374 -2.90 21.52 62.48
C GLY S 374 -3.97 22.29 61.75
N LYS S 375 -3.56 23.19 60.88
CA LYS S 375 -4.45 23.92 59.99
C LYS S 375 -4.32 23.42 58.56
N ASN S 376 -3.09 23.13 58.13
CA ASN S 376 -2.78 22.71 56.78
C ASN S 376 -2.59 21.21 56.67
N GLY S 377 -2.99 20.48 57.70
CA GLY S 377 -2.77 19.05 57.76
C GLY S 377 -1.75 18.74 58.83
N LEU S 378 -0.67 18.07 58.43
CA LEU S 378 0.38 17.67 59.36
C LEU S 378 1.39 18.80 59.41
N ASP S 379 1.20 19.75 60.31
CA ASP S 379 2.21 20.79 60.47
C ASP S 379 3.46 20.23 61.10
N LEU S 380 4.59 20.87 60.82
CA LEU S 380 5.87 20.40 61.33
C LEU S 380 6.07 20.78 62.79
N ASP S 381 5.26 21.71 63.30
CA ASP S 381 5.45 22.20 64.67
C ASP S 381 5.11 21.11 65.67
N LYS S 382 3.84 20.72 65.73
CA LYS S 382 3.42 19.62 66.58
C LYS S 382 3.44 18.32 65.78
N LEU S 383 4.60 18.09 65.16
CA LEU S 383 5.01 16.77 64.69
C LEU S 383 6.40 16.43 65.21
N GLN S 384 7.32 17.40 65.15
CA GLN S 384 8.71 17.10 65.50
C GLN S 384 8.90 17.03 67.01
N HIS S 385 8.38 17.99 67.76
CA HIS S 385 8.48 17.97 69.22
C HIS S 385 7.14 17.61 69.87
N ASP S 386 6.28 16.96 69.11
CA ASP S 386 5.06 16.30 69.52
C ASP S 386 5.54 14.89 69.84
N VAL S 387 4.99 13.91 69.14
CA VAL S 387 4.23 12.75 69.54
C VAL S 387 4.33 12.36 71.00
N GLN S 388 3.16 12.43 71.66
CA GLN S 388 2.85 12.15 73.06
C GLN S 388 2.86 10.64 73.17
N PRO S 389 3.75 10.04 74.03
CA PRO S 389 4.35 8.72 73.74
C PRO S 389 3.47 7.64 73.13
N TRP S 390 2.26 7.49 73.69
CA TRP S 390 1.34 6.41 73.31
C TRP S 390 0.97 6.47 71.83
N GLN S 391 0.93 7.68 71.28
CA GLN S 391 0.62 7.93 69.88
C GLN S 391 1.59 7.21 68.96
N LEU S 392 2.85 7.09 69.37
CA LEU S 392 3.75 6.22 68.62
C LEU S 392 3.37 4.76 68.83
N ARG S 393 3.18 4.34 70.10
CA ARG S 393 2.91 2.95 70.43
C ARG S 393 1.67 2.43 69.71
N ARG S 394 0.57 3.18 69.82
CA ARG S 394 -0.66 2.87 69.10
C ARG S 394 -0.41 2.74 67.60
N ALA S 395 0.31 3.70 67.03
CA ALA S 395 0.60 3.62 65.60
C ALA S 395 1.65 2.58 65.31
N ALA S 396 2.43 2.20 66.33
CA ALA S 396 3.29 1.03 66.18
C ALA S 396 2.46 -0.23 66.15
N GLU S 397 1.33 -0.24 66.86
CA GLU S 397 0.49 -1.41 66.89
C GLU S 397 -0.26 -1.58 65.57
N TYR S 398 -0.77 -0.48 65.00
CA TYR S 398 -1.62 -0.52 63.83
C TYR S 398 -0.86 -0.67 62.54
N MET S 399 0.43 -0.30 62.54
CA MET S 399 1.32 -0.62 61.43
C MET S 399 1.36 -2.11 61.12
N THR S 400 1.60 -2.92 62.13
CA THR S 400 1.88 -4.33 61.91
C THR S 400 0.66 -5.21 62.18
N HIS S 401 -0.51 -4.60 62.32
CA HIS S 401 -1.77 -5.32 62.31
C HIS S 401 -2.62 -4.68 61.22
N SER S 402 -2.41 -5.09 60.07
CA SER S 402 -3.14 -4.52 58.97
C SER S 402 -4.21 -5.48 58.49
N PRO S 403 -5.31 -4.99 57.95
CA PRO S 403 -6.26 -5.90 57.32
C PRO S 403 -5.72 -6.51 56.03
N ILE S 404 -4.89 -7.55 56.15
CA ILE S 404 -4.42 -8.37 55.02
C ILE S 404 -4.42 -9.82 55.45
N GLY S 405 -4.90 -10.71 54.59
CA GLY S 405 -4.84 -12.10 54.98
C GLY S 405 -5.35 -13.18 54.05
N SER S 406 -5.70 -14.35 54.58
CA SER S 406 -6.11 -15.46 53.73
C SER S 406 -7.33 -16.15 54.32
N LEU S 407 -7.79 -17.21 53.65
CA LEU S 407 -8.92 -17.97 54.15
C LEU S 407 -8.55 -18.88 55.29
N ASN S 408 -7.33 -19.37 55.31
CA ASN S 408 -6.81 -20.17 56.41
C ASN S 408 -6.07 -19.34 57.45
N SER S 409 -6.39 -18.05 57.55
CA SER S 409 -5.86 -17.16 58.59
C SER S 409 -4.33 -17.04 58.59
N VAL S 410 -3.76 -16.26 57.68
CA VAL S 410 -2.35 -15.90 57.77
C VAL S 410 -2.27 -14.43 57.44
N ALA S 411 -1.16 -13.79 57.84
CA ALA S 411 -0.94 -12.35 57.59
C ALA S 411 0.35 -12.14 56.78
N GLY S 412 0.85 -10.91 56.76
CA GLY S 412 2.09 -10.58 56.01
C GLY S 412 1.89 -10.65 54.51
N LEU S 413 1.33 -9.58 53.93
CA LEU S 413 1.08 -9.51 52.46
C LEU S 413 0.38 -10.79 51.99
N ALA S 414 0.90 -11.42 50.94
CA ALA S 414 0.31 -12.66 50.40
C ALA S 414 1.42 -13.57 49.86
N THR S 415 2.46 -12.97 49.26
CA THR S 415 3.58 -13.72 48.70
C THR S 415 4.69 -13.84 49.74
N GLU S 416 4.30 -13.88 51.01
CA GLU S 416 5.20 -13.94 52.14
C GLU S 416 5.10 -15.30 52.82
N SER S 417 6.09 -15.57 53.65
CA SER S 417 6.13 -16.79 54.45
C SER S 417 4.95 -16.88 55.39
N ASN S 418 4.38 -18.08 55.50
CA ASN S 418 3.34 -18.37 56.48
C ASN S 418 4.01 -18.68 57.81
N ALA S 419 3.89 -17.76 58.77
CA ALA S 419 4.14 -18.08 60.16
C ALA S 419 3.01 -17.51 61.02
N PHE S 420 2.68 -16.25 60.70
CA PHE S 420 1.65 -15.44 61.42
C PHE S 420 0.26 -15.97 61.07
N ASN S 421 -0.50 -16.31 62.11
CA ASN S 421 -1.85 -16.85 61.90
C ASN S 421 -2.88 -15.79 62.31
N TYR S 422 -3.27 -14.93 61.35
CA TYR S 422 -4.14 -13.77 61.59
C TYR S 422 -4.72 -13.13 60.33
N VAL S 423 -6.04 -12.91 60.36
CA VAL S 423 -6.79 -12.07 59.42
C VAL S 423 -7.73 -11.18 60.23
N SER S 424 -7.79 -9.91 59.84
CA SER S 424 -8.48 -8.86 60.58
C SER S 424 -9.99 -9.10 60.71
N PRO S 425 -10.61 -8.67 61.81
CA PRO S 425 -12.08 -8.62 61.85
C PRO S 425 -12.72 -7.78 60.75
N ARG S 426 -12.15 -6.63 60.42
CA ARG S 426 -12.76 -5.74 59.44
C ARG S 426 -12.79 -6.38 58.07
N THR S 427 -11.73 -7.11 57.71
CA THR S 427 -11.71 -7.89 56.48
C THR S 427 -12.82 -8.92 56.44
N TRP S 428 -13.03 -9.65 57.55
CA TRP S 428 -14.06 -10.68 57.59
C TRP S 428 -15.44 -10.08 57.48
N LEU S 429 -15.72 -9.02 58.25
CA LEU S 429 -17.04 -8.41 58.25
C LEU S 429 -17.35 -7.73 56.94
N ALA S 430 -16.40 -7.00 56.36
CA ALA S 430 -16.64 -6.35 55.09
C ALA S 430 -16.82 -7.35 53.98
N SER S 431 -16.03 -8.43 53.97
CA SER S 431 -16.18 -9.46 52.96
C SER S 431 -17.53 -10.13 53.07
N ALA S 432 -17.92 -10.49 54.30
CA ALA S 432 -19.17 -11.20 54.52
C ALA S 432 -20.36 -10.33 54.18
N HIS S 433 -20.30 -9.04 54.45
CA HIS S 433 -21.48 -8.25 54.16
C HIS S 433 -21.51 -7.72 52.75
N PHE S 434 -20.39 -7.64 52.06
CA PHE S 434 -20.50 -7.51 50.61
C PHE S 434 -21.11 -8.75 50.01
N ILE S 435 -20.75 -9.93 50.53
CA ILE S 435 -21.37 -11.17 50.03
C ILE S 435 -22.86 -11.17 50.29
N PHE S 436 -23.27 -10.79 51.50
CA PHE S 436 -24.68 -10.76 51.83
C PHE S 436 -25.41 -9.69 51.03
N GLY S 437 -24.80 -8.53 50.82
CA GLY S 437 -25.41 -7.51 49.99
C GLY S 437 -25.58 -7.95 48.56
N PHE S 438 -24.60 -8.67 48.02
CA PHE S 438 -24.69 -9.09 46.63
C PHE S 438 -25.77 -10.17 46.45
N PHE S 439 -25.77 -11.19 47.31
CA PHE S 439 -26.83 -12.19 47.20
C PHE S 439 -28.19 -11.59 47.46
N PHE S 440 -28.30 -10.62 48.34
CA PHE S 440 -29.63 -10.08 48.58
C PHE S 440 -30.05 -9.11 47.51
N LEU S 441 -29.12 -8.48 46.80
CA LEU S 441 -29.54 -7.73 45.62
C LEU S 441 -30.01 -8.66 44.52
N VAL S 442 -29.36 -9.83 44.40
CA VAL S 442 -29.83 -10.85 43.45
C VAL S 442 -31.20 -11.39 43.85
N GLY S 443 -31.38 -11.68 45.13
CA GLY S 443 -32.66 -12.18 45.60
C GLY S 443 -33.77 -11.17 45.50
N HIS S 444 -33.45 -9.90 45.69
CA HIS S 444 -34.42 -8.85 45.44
C HIS S 444 -34.81 -8.79 43.97
N LEU S 445 -33.84 -8.90 43.06
CA LEU S 445 -34.19 -8.89 41.65
C LEU S 445 -35.03 -10.09 41.29
N TRP S 446 -34.74 -11.23 41.91
CA TRP S 446 -35.52 -12.44 41.70
C TRP S 446 -36.97 -12.23 42.13
N HIS S 447 -37.18 -11.80 43.36
CA HIS S 447 -38.54 -11.62 43.81
C HIS S 447 -39.24 -10.44 43.18
N ALA S 448 -38.52 -9.40 42.76
CA ALA S 448 -39.18 -8.31 42.06
C ALA S 448 -39.73 -8.76 40.72
N GLY S 449 -38.90 -9.45 39.93
CA GLY S 449 -39.38 -10.01 38.70
C GLY S 449 -40.50 -11.01 38.91
N ARG S 450 -40.37 -11.86 39.91
CA ARG S 450 -41.36 -12.90 40.11
C ARG S 450 -42.66 -12.34 40.64
N ALA S 451 -42.61 -11.32 41.50
CA ALA S 451 -43.83 -10.73 42.02
C ALA S 451 -44.59 -10.02 40.92
N ARG S 452 -43.88 -9.26 40.08
CA ARG S 452 -44.51 -8.61 38.94
C ARG S 452 -45.13 -9.63 38.00
N ALA S 453 -44.41 -10.70 37.70
CA ALA S 453 -44.89 -11.70 36.76
C ALA S 453 -46.05 -12.51 37.33
N ALA S 454 -46.02 -12.80 38.63
CA ALA S 454 -47.08 -13.59 39.23
C ALA S 454 -48.36 -12.80 39.34
N ALA S 455 -48.27 -11.51 39.63
CA ALA S 455 -49.47 -10.70 39.67
C ALA S 455 -50.04 -10.49 38.28
N ALA S 456 -49.14 -10.34 37.29
CA ALA S 456 -49.55 -10.14 35.88
C ALA S 456 -50.32 -11.37 35.39
N GLY S 457 -49.85 -12.56 35.76
CA GLY S 457 -50.51 -13.83 35.36
C GLY S 457 -49.72 -14.57 34.30
N PHE S 458 -48.39 -14.39 34.28
CA PHE S 458 -47.52 -15.08 33.29
C PHE S 458 -46.19 -15.46 33.95
N GLU S 459 -46.25 -15.96 35.18
CA GLU S 459 -45.04 -16.38 35.93
C GLU S 459 -44.83 -17.89 35.82
N THR S 460 -45.69 -18.59 35.07
CA THR S 460 -45.58 -20.07 34.90
C THR S 460 -45.20 -20.39 33.44
N GLY S 461 -45.11 -19.36 32.59
CA GLY S 461 -44.76 -19.55 31.21
C GLY S 461 -45.58 -18.73 30.26
N LEU S 462 -45.39 -18.98 28.97
CA LEU S 462 -46.20 -18.32 27.96
C LEU S 462 -47.46 -19.13 27.74
N ASP S 463 -48.59 -18.45 27.63
CA ASP S 463 -49.80 -19.13 27.21
C ASP S 463 -49.66 -19.56 25.76
N ARG S 464 -49.84 -20.85 25.52
CA ARG S 464 -49.79 -21.35 24.15
C ARG S 464 -50.99 -20.84 23.36
N GLU S 465 -52.14 -20.71 24.03
CA GLU S 465 -53.37 -20.25 23.39
C GLU S 465 -53.21 -18.84 22.82
N ASP S 466 -52.66 -17.93 23.60
CA ASP S 466 -52.28 -16.61 23.11
C ASP S 466 -50.99 -16.14 23.77
N GLU S 467 -49.97 -15.96 22.96
CA GLU S 467 -48.62 -15.49 23.17
C GLU S 467 -48.50 -14.03 22.78
N PRO S 468 -48.03 -13.19 23.71
CA PRO S 468 -48.07 -11.74 23.50
C PRO S 468 -47.27 -11.26 22.30
N VAL S 469 -46.15 -11.92 21.99
CA VAL S 469 -45.38 -11.51 20.82
C VAL S 469 -46.13 -11.79 19.53
N LEU S 470 -47.00 -12.80 19.52
CA LEU S 470 -47.79 -13.08 18.32
C LEU S 470 -48.85 -12.03 18.07
N SER S 471 -49.25 -11.28 19.10
CA SER S 471 -50.21 -10.20 18.97
C SER S 471 -49.54 -8.83 19.01
N MET S 472 -48.28 -8.75 18.58
CA MET S 472 -47.55 -7.49 18.49
C MET S 472 -47.15 -7.21 17.05
N ALA S 473 -47.09 -5.93 16.72
CA ALA S 473 -46.71 -5.51 15.38
C ALA S 473 -45.19 -5.62 15.20
N PRO S 474 -44.70 -5.86 13.98
CA PRO S 474 -43.26 -6.12 13.83
C PRO S 474 -42.42 -4.87 14.10
N ILE S 475 -41.21 -5.10 14.58
CA ILE S 475 -40.31 -4.02 14.94
C ILE S 475 -39.54 -3.52 13.73
N ASP S 476 -39.38 -4.36 12.72
CA ASP S 476 -38.59 -4.01 11.56
C ASP S 476 -39.25 -2.89 10.77
N PRO S 477 -38.54 -1.79 10.50
CA PRO S 477 -39.15 -0.63 9.84
C PRO S 477 -39.71 -0.91 8.45
N SER S 478 -39.12 -1.85 7.71
CA SER S 478 -39.64 -2.18 6.39
C SER S 478 -40.98 -2.89 6.47
N LEU S 479 -41.16 -3.75 7.47
CA LEU S 479 -42.41 -4.48 7.60
C LEU S 479 -43.55 -3.54 7.95
N ARG S 480 -44.66 -3.67 7.24
CA ARG S 480 -45.78 -2.76 7.39
C ARG S 480 -46.94 -3.43 8.13
N TRP T 14 -18.04 -66.86 14.99
CA TRP T 14 -16.94 -66.89 15.95
C TRP T 14 -16.47 -65.46 16.25
N ILE T 15 -15.99 -64.78 15.21
CA ILE T 15 -15.57 -63.39 15.34
C ILE T 15 -16.76 -62.45 15.44
N LYS T 16 -17.92 -62.85 14.93
CA LYS T 16 -19.12 -62.03 14.98
C LYS T 16 -19.74 -62.04 16.37
N GLN T 17 -19.55 -63.14 17.09
CA GLN T 17 -20.11 -63.30 18.43
C GLN T 17 -19.55 -62.25 19.38
N LEU T 18 -18.25 -62.01 19.30
CA LEU T 18 -17.60 -61.01 20.15
C LEU T 18 -18.06 -59.60 19.80
N ASP T 19 -18.24 -59.33 18.52
CA ASP T 19 -18.83 -58.05 18.08
C ASP T 19 -20.21 -57.88 18.67
N ASP T 20 -21.06 -58.90 18.58
CA ASP T 20 -22.39 -58.85 19.18
C ASP T 20 -22.33 -58.72 20.70
N TRP T 21 -21.32 -59.32 21.32
CA TRP T 21 -21.09 -59.12 22.73
C TRP T 21 -20.83 -57.67 23.09
N LEU T 22 -19.86 -57.05 22.43
CA LEU T 22 -19.40 -55.73 22.89
C LEU T 22 -20.47 -54.67 22.66
N LYS T 23 -21.35 -54.87 21.68
CA LYS T 23 -22.39 -53.91 21.33
C LYS T 23 -23.64 -54.07 22.18
N ARG T 24 -23.56 -54.81 23.29
CA ARG T 24 -24.73 -55.11 24.09
C ARG T 24 -25.14 -53.91 24.93
N ASP T 25 -26.35 -54.01 25.48
CA ASP T 25 -26.92 -52.96 26.32
C ASP T 25 -26.67 -53.38 27.76
N ARG T 26 -25.73 -52.72 28.41
CA ARG T 26 -25.42 -52.95 29.82
C ARG T 26 -25.40 -51.63 30.57
N PHE T 27 -24.94 -51.66 31.83
CA PHE T 27 -24.87 -50.43 32.60
C PHE T 27 -23.81 -49.49 32.06
N VAL T 28 -22.73 -50.04 31.49
CA VAL T 28 -21.68 -49.26 30.85
C VAL T 28 -21.39 -49.89 29.49
N PHE T 29 -21.55 -49.10 28.42
CA PHE T 29 -21.30 -49.61 27.08
C PHE T 29 -19.82 -49.83 26.89
N ILE T 30 -19.46 -50.97 26.31
CA ILE T 30 -18.05 -51.30 26.11
C ILE T 30 -17.62 -50.91 24.70
N GLY T 31 -18.17 -51.58 23.71
CA GLY T 31 -17.79 -51.31 22.34
C GLY T 31 -16.41 -51.84 22.00
N TRP T 32 -16.05 -51.65 20.75
CA TRP T 32 -14.70 -52.01 20.32
C TRP T 32 -13.69 -51.00 20.79
N SER T 33 -14.07 -49.73 20.84
CA SER T 33 -13.21 -48.67 21.36
C SER T 33 -12.87 -48.87 22.82
N GLY T 34 -13.70 -49.60 23.57
CA GLY T 34 -13.45 -49.85 24.97
C GLY T 34 -12.23 -50.69 25.25
N LEU T 35 -11.65 -51.32 24.24
CA LEU T 35 -10.36 -51.97 24.39
C LEU T 35 -9.21 -50.97 24.37
N LEU T 36 -9.35 -49.86 23.66
CA LEU T 36 -8.32 -48.84 23.64
C LEU T 36 -8.62 -47.70 24.62
N LEU T 37 -9.77 -47.76 25.30
CA LEU T 37 -10.14 -46.70 26.23
C LEU T 37 -10.05 -47.15 27.68
N PHE T 38 -10.75 -48.21 28.04
CA PHE T 38 -10.75 -48.64 29.44
C PHE T 38 -9.39 -49.12 29.95
N PRO T 39 -8.59 -49.91 29.23
CA PRO T 39 -7.23 -50.20 29.73
C PRO T 39 -6.30 -49.00 29.79
N CYS T 40 -6.52 -47.93 29.04
CA CYS T 40 -5.60 -46.81 29.16
C CYS T 40 -6.06 -45.81 30.19
N SER T 41 -7.34 -45.42 30.15
CA SER T 41 -7.87 -44.42 31.06
C SER T 41 -7.77 -44.87 32.50
N PHE T 42 -8.14 -46.12 32.77
CA PHE T 42 -7.98 -46.67 34.11
C PHE T 42 -6.54 -46.64 34.57
N LEU T 43 -5.60 -46.80 33.65
CA LEU T 43 -4.22 -46.68 34.06
C LEU T 43 -3.86 -45.22 34.32
N ALA T 44 -4.25 -44.32 33.42
CA ALA T 44 -3.80 -42.94 33.49
C ALA T 44 -4.35 -42.27 34.75
N ILE T 45 -5.66 -42.36 34.93
CA ILE T 45 -6.32 -41.93 36.15
C ILE T 45 -5.71 -42.62 37.36
N GLY T 46 -5.47 -43.93 37.26
CA GLY T 46 -4.90 -44.66 38.37
C GLY T 46 -3.49 -44.22 38.68
N ALA T 47 -2.69 -43.96 37.63
CA ALA T 47 -1.33 -43.53 37.89
C ALA T 47 -1.28 -42.13 38.46
N TRP T 48 -2.34 -41.35 38.28
CA TRP T 48 -2.35 -40.06 38.95
C TRP T 48 -2.54 -40.26 40.44
N PHE T 49 -3.46 -41.15 40.82
CA PHE T 49 -3.76 -41.33 42.22
C PHE T 49 -2.62 -42.01 42.94
N THR T 50 -1.94 -42.92 42.25
CA THR T 50 -0.70 -43.51 42.77
C THR T 50 0.36 -42.44 42.92
N GLY T 51 0.48 -41.55 41.93
CA GLY T 51 1.51 -40.54 41.98
C GLY T 51 1.28 -39.53 43.08
N THR T 52 0.11 -38.90 43.07
CA THR T 52 -0.19 -37.82 43.98
C THR T 52 -0.37 -38.30 45.41
N THR T 53 -0.47 -39.59 45.63
CA THR T 53 -0.49 -40.09 46.99
C THR T 53 0.92 -40.40 47.48
N PHE T 54 1.79 -40.91 46.61
CA PHE T 54 2.92 -41.66 47.15
C PHE T 54 4.29 -41.22 46.67
N VAL T 55 4.43 -40.77 45.44
CA VAL T 55 5.76 -40.61 44.88
C VAL T 55 6.21 -39.18 45.06
N THR T 56 7.51 -38.98 45.08
CA THR T 56 8.08 -37.67 45.34
C THR T 56 8.56 -37.03 44.04
N SER T 57 8.68 -35.71 44.06
CA SER T 57 9.34 -34.98 43.00
C SER T 57 10.69 -34.47 43.45
N TRP T 58 11.19 -34.97 44.57
CA TRP T 58 12.44 -34.53 45.17
C TRP T 58 13.64 -34.74 44.25
N TYR T 59 13.63 -35.82 43.49
CA TYR T 59 14.72 -36.18 42.61
C TYR T 59 14.53 -35.70 41.18
N THR T 60 13.35 -35.20 40.86
CA THR T 60 13.10 -34.59 39.57
C THR T 60 13.01 -33.08 39.64
N HIS T 61 12.55 -32.55 40.77
CA HIS T 61 12.21 -31.15 40.89
C HIS T 61 12.73 -30.49 42.14
N GLY T 62 13.19 -31.25 43.12
CA GLY T 62 13.50 -30.69 44.42
C GLY T 62 12.29 -30.17 45.16
N LEU T 63 11.15 -30.82 45.01
CA LEU T 63 9.95 -30.42 45.73
C LEU T 63 9.17 -31.65 46.13
N VAL T 64 8.20 -31.44 47.01
CA VAL T 64 7.36 -32.51 47.54
C VAL T 64 5.99 -32.42 46.90
N SER T 65 5.47 -33.55 46.44
CA SER T 65 4.26 -33.50 45.64
C SER T 65 3.34 -34.68 45.88
N SER T 66 3.31 -35.21 47.09
CA SER T 66 2.46 -36.34 47.44
C SER T 66 1.76 -36.08 48.75
N TYR T 67 0.66 -36.79 48.95
CA TYR T 67 0.00 -36.77 50.26
C TYR T 67 0.90 -37.34 51.33
N LEU T 68 1.76 -38.30 50.97
CA LEU T 68 2.71 -38.85 51.93
C LEU T 68 3.78 -37.84 52.32
N GLU T 69 4.13 -36.93 51.41
CA GLU T 69 5.05 -35.86 51.74
C GLU T 69 4.46 -34.94 52.78
N GLY T 70 3.19 -34.61 52.64
CA GLY T 70 2.54 -33.68 53.53
C GLY T 70 1.70 -32.73 52.73
N CYS T 71 1.71 -32.91 51.42
CA CYS T 71 0.95 -32.02 50.56
C CYS T 71 -0.54 -32.34 50.66
N ASN T 72 -1.34 -31.41 50.18
CA ASN T 72 -2.77 -31.56 50.06
C ASN T 72 -3.17 -31.64 48.59
N PHE T 73 -4.47 -31.69 48.34
CA PHE T 73 -4.98 -31.88 46.99
C PHE T 73 -4.57 -30.74 46.07
N LEU T 74 -4.42 -29.54 46.61
CA LEU T 74 -4.03 -28.42 45.77
C LEU T 74 -2.58 -28.50 45.39
N THR T 75 -1.73 -29.12 46.23
CA THR T 75 -0.30 -29.09 46.01
C THR T 75 0.30 -30.47 45.79
N VAL T 76 -0.50 -31.44 45.42
CA VAL T 76 0.04 -32.70 44.95
C VAL T 76 0.11 -32.63 43.43
N ALA T 77 1.01 -33.42 42.87
CA ALA T 77 1.11 -33.49 41.42
C ALA T 77 1.80 -34.80 41.07
N VAL T 78 1.56 -35.24 39.85
CA VAL T 78 2.49 -36.12 39.16
C VAL T 78 3.35 -35.17 38.34
N SER T 79 4.45 -34.73 38.93
CA SER T 79 5.33 -33.76 38.29
C SER T 79 6.03 -34.40 37.10
N THR T 80 6.52 -33.52 36.24
CA THR T 80 7.18 -33.91 35.01
C THR T 80 8.48 -34.64 35.30
N PRO T 81 9.01 -35.41 34.34
CA PRO T 81 10.26 -36.13 34.59
C PRO T 81 11.44 -35.21 34.87
N ALA T 82 12.53 -35.85 35.31
CA ALA T 82 13.78 -35.16 35.51
C ALA T 82 14.26 -34.52 34.22
N GLU T 83 14.85 -33.33 34.35
CA GLU T 83 15.24 -32.55 33.19
C GLU T 83 16.33 -33.24 32.39
N SER T 84 17.10 -34.11 33.04
CA SER T 84 18.13 -34.90 32.37
C SER T 84 17.57 -36.10 31.63
N MET T 85 16.31 -36.45 31.85
CA MET T 85 15.72 -37.56 31.12
C MET T 85 15.43 -37.18 29.67
N GLY T 86 15.42 -35.89 29.35
CA GLY T 86 15.25 -35.46 27.97
C GLY T 86 13.84 -35.72 27.48
N HIS T 87 13.73 -36.30 26.29
CA HIS T 87 12.46 -36.74 25.74
C HIS T 87 12.36 -38.24 25.70
N SER T 88 13.01 -38.89 26.66
CA SER T 88 12.88 -40.32 26.82
C SER T 88 11.46 -40.69 27.18
N LEU T 89 10.99 -41.81 26.64
CA LEU T 89 9.67 -42.30 26.97
C LEU T 89 9.56 -42.74 28.41
N LEU T 90 10.68 -43.14 29.03
CA LEU T 90 10.74 -43.63 30.39
C LEU T 90 9.80 -44.83 30.58
N LEU T 91 10.04 -45.84 29.75
CA LEU T 91 9.40 -47.13 29.93
C LEU T 91 9.94 -47.78 31.18
N LEU T 92 9.10 -48.60 31.81
CA LEU T 92 9.53 -49.29 33.03
C LEU T 92 10.67 -50.24 32.75
N TRP T 93 10.62 -50.94 31.64
CA TRP T 93 11.69 -51.82 31.22
C TRP T 93 12.78 -51.09 30.46
N GLY T 94 12.65 -49.77 30.30
CA GLY T 94 13.61 -49.00 29.56
C GLY T 94 14.91 -48.89 30.32
N PRO T 95 15.94 -48.38 29.63
CA PRO T 95 17.27 -48.30 30.25
C PRO T 95 17.37 -47.38 31.44
N GLU T 96 16.51 -46.36 31.53
CA GLU T 96 16.60 -45.40 32.62
C GLU T 96 16.00 -45.94 33.92
N ALA T 97 15.23 -47.02 33.86
CA ALA T 97 14.76 -47.69 35.06
C ALA T 97 15.35 -49.08 35.22
N SER T 98 15.65 -49.75 34.10
CA SER T 98 16.17 -51.12 34.06
C SER T 98 15.26 -52.09 34.81
N GLY T 99 13.95 -51.88 34.67
CA GLY T 99 12.97 -52.72 35.29
C GLY T 99 12.67 -52.39 36.73
N ASP T 100 13.52 -51.58 37.36
CA ASP T 100 13.41 -51.28 38.78
C ASP T 100 12.31 -50.26 39.00
N PHE T 101 11.28 -50.66 39.74
CA PHE T 101 10.07 -49.84 39.86
C PHE T 101 10.37 -48.51 40.55
N VAL T 102 11.12 -48.56 41.66
CA VAL T 102 11.34 -47.35 42.43
C VAL T 102 12.15 -46.35 41.64
N ARG T 103 13.23 -46.79 40.97
CA ARG T 103 14.04 -45.88 40.17
C ARG T 103 13.24 -45.32 38.98
N TRP T 104 12.20 -46.03 38.55
CA TRP T 104 11.30 -45.48 37.55
C TRP T 104 10.37 -44.42 38.11
N CYS T 105 9.97 -44.56 39.36
CA CYS T 105 9.12 -43.53 39.94
C CYS T 105 9.88 -42.32 40.46
N GLN T 106 11.16 -42.46 40.78
CA GLN T 106 11.92 -41.31 41.26
C GLN T 106 12.35 -40.38 40.13
N ILE T 107 12.36 -40.85 38.88
CA ILE T 107 12.82 -40.03 37.77
C ILE T 107 11.66 -39.50 36.96
N GLY T 108 10.44 -39.65 37.45
CA GLY T 108 9.29 -39.07 36.79
C GLY T 108 8.73 -39.93 35.70
N GLY T 109 8.91 -41.25 35.78
CA GLY T 109 8.33 -42.14 34.81
C GLY T 109 6.83 -42.21 34.90
N LEU T 110 6.26 -41.90 36.06
CA LEU T 110 4.81 -41.90 36.18
C LEU T 110 4.18 -40.78 35.38
N TRP T 111 4.90 -39.67 35.17
CA TRP T 111 4.37 -38.63 34.30
C TRP T 111 4.23 -39.12 32.88
N THR T 112 5.21 -39.87 32.39
CA THR T 112 5.12 -40.36 31.02
C THR T 112 4.10 -41.50 30.90
N PHE T 113 4.02 -42.38 31.90
CA PHE T 113 2.94 -43.36 31.98
C PHE T 113 1.58 -42.67 31.89
N THR T 114 1.36 -41.68 32.74
CA THR T 114 0.08 -40.99 32.80
C THR T 114 -0.22 -40.25 31.50
N ALA T 115 0.78 -39.56 30.94
CA ALA T 115 0.52 -38.77 29.75
C ALA T 115 0.25 -39.64 28.54
N LEU T 116 1.01 -40.74 28.38
CA LEU T 116 0.79 -41.61 27.24
C LEU T 116 -0.52 -42.38 27.37
N HIS T 117 -0.82 -42.89 28.57
CA HIS T 117 -2.10 -43.55 28.77
C HIS T 117 -3.25 -42.58 28.65
N GLY T 118 -3.04 -41.32 29.00
CA GLY T 118 -4.09 -40.34 28.83
C GLY T 118 -4.35 -39.97 27.39
N VAL T 119 -3.30 -39.84 26.58
CA VAL T 119 -3.57 -39.53 25.19
C VAL T 119 -4.23 -40.71 24.50
N PHE T 120 -3.86 -41.94 24.90
CA PHE T 120 -4.56 -43.08 24.32
C PHE T 120 -5.99 -43.21 24.85
N GLY T 121 -6.22 -42.86 26.11
CA GLY T 121 -7.57 -42.80 26.61
C GLY T 121 -8.41 -41.77 25.88
N LEU T 122 -7.81 -40.62 25.56
CA LEU T 122 -8.54 -39.60 24.82
C LEU T 122 -8.89 -40.05 23.42
N ILE T 123 -7.96 -40.73 22.74
CA ILE T 123 -8.27 -41.36 21.47
C ILE T 123 -9.37 -42.41 21.62
N GLY T 124 -9.28 -43.23 22.67
CA GLY T 124 -10.31 -44.23 22.91
C GLY T 124 -11.67 -43.64 23.20
N PHE T 125 -11.71 -42.51 23.88
CA PHE T 125 -12.97 -41.86 24.16
C PHE T 125 -13.56 -41.22 22.91
N MET T 126 -12.72 -40.63 22.06
CA MET T 126 -13.25 -40.10 20.82
C MET T 126 -13.75 -41.22 19.93
N LEU T 127 -13.04 -42.35 19.92
CA LEU T 127 -13.52 -43.53 19.22
C LEU T 127 -14.83 -44.03 19.80
N ARG T 128 -14.99 -43.96 21.12
CA ARG T 128 -16.25 -44.34 21.76
C ARG T 128 -17.39 -43.43 21.36
N GLN T 129 -17.15 -42.13 21.30
CA GLN T 129 -18.18 -41.19 20.85
C GLN T 129 -18.60 -41.49 19.42
N ILE T 130 -17.63 -41.76 18.54
CA ILE T 130 -17.91 -42.14 17.16
C ILE T 130 -18.70 -43.44 17.09
N GLU T 131 -18.29 -44.43 17.89
CA GLU T 131 -18.92 -45.74 17.84
C GLU T 131 -20.35 -45.70 18.34
N ILE T 132 -20.61 -44.94 19.41
CA ILE T 132 -21.96 -44.84 19.94
C ILE T 132 -22.85 -44.02 19.02
N ALA T 133 -22.30 -42.98 18.38
CA ALA T 133 -23.07 -42.28 17.36
C ALA T 133 -23.43 -43.21 16.20
N ARG T 134 -22.50 -44.06 15.79
CA ARG T 134 -22.77 -44.98 14.71
C ARG T 134 -23.80 -46.03 15.09
N LEU T 135 -23.70 -46.54 16.32
CA LEU T 135 -24.65 -47.54 16.81
C LEU T 135 -26.05 -46.95 16.92
N VAL T 136 -26.19 -45.80 17.59
CA VAL T 136 -27.49 -45.18 17.74
C VAL T 136 -27.98 -44.63 16.42
N GLY T 137 -27.13 -43.94 15.68
CA GLY T 137 -27.50 -43.48 14.36
C GLY T 137 -27.57 -41.98 14.24
N ILE T 138 -27.02 -41.28 15.21
CA ILE T 138 -26.95 -39.82 15.21
C ILE T 138 -25.69 -39.35 14.50
N ARG T 139 -25.63 -38.06 14.23
CA ARG T 139 -24.44 -37.48 13.64
C ARG T 139 -23.31 -37.45 14.68
N PRO T 140 -22.07 -37.47 14.24
CA PRO T 140 -20.94 -37.48 15.17
C PRO T 140 -20.41 -36.09 15.51
N TYR T 141 -21.29 -35.22 15.99
CA TYR T 141 -20.79 -33.88 16.26
C TYR T 141 -20.11 -33.79 17.60
N ASN T 142 -20.41 -34.72 18.50
CA ASN T 142 -19.78 -34.70 19.81
C ASN T 142 -18.31 -35.09 19.71
N ALA T 143 -17.98 -36.03 18.82
CA ALA T 143 -16.58 -36.35 18.57
C ALA T 143 -15.83 -35.18 17.94
N ILE T 144 -16.49 -34.46 17.03
CA ILE T 144 -15.90 -33.26 16.46
C ILE T 144 -15.63 -32.23 17.55
N ALA T 145 -16.58 -32.04 18.46
CA ALA T 145 -16.37 -31.12 19.56
C ALA T 145 -15.33 -31.60 20.56
N PHE T 146 -15.16 -32.90 20.69
CA PHE T 146 -14.12 -33.44 21.54
C PHE T 146 -12.74 -33.37 20.89
N SER T 147 -12.69 -33.11 19.59
CA SER T 147 -11.37 -32.89 18.98
C SER T 147 -10.68 -31.63 19.51
N ALA T 148 -11.41 -30.72 20.16
CA ALA T 148 -10.80 -29.52 20.71
C ALA T 148 -10.08 -29.78 22.04
N PRO T 149 -10.66 -30.52 23.01
CA PRO T 149 -9.82 -30.95 24.14
C PRO T 149 -8.63 -31.79 23.73
N ILE T 150 -8.74 -32.64 22.72
CA ILE T 150 -7.56 -33.41 22.34
C ILE T 150 -6.52 -32.53 21.65
N ALA T 151 -6.94 -31.54 20.86
CA ALA T 151 -5.98 -30.60 20.29
C ALA T 151 -5.24 -29.86 21.39
N VAL T 152 -5.96 -29.45 22.43
CA VAL T 152 -5.34 -28.77 23.56
C VAL T 152 -4.43 -29.68 24.36
N TYR T 153 -4.86 -30.91 24.61
CA TYR T 153 -4.02 -31.86 25.35
C TYR T 153 -2.74 -32.16 24.60
N CYS T 154 -2.82 -32.39 23.29
CA CYS T 154 -1.63 -32.69 22.52
C CYS T 154 -0.73 -31.48 22.40
N ALA T 155 -1.29 -30.27 22.33
CA ALA T 155 -0.44 -29.08 22.28
C ALA T 155 0.27 -28.85 23.61
N THR T 156 -0.47 -28.87 24.71
CA THR T 156 0.11 -28.50 26.00
C THR T 156 1.00 -29.60 26.58
N PHE T 157 0.57 -30.85 26.53
CA PHE T 157 1.29 -31.87 27.25
C PHE T 157 2.28 -32.60 26.38
N LEU T 158 2.13 -32.53 25.07
CA LEU T 158 2.98 -33.29 24.18
C LEU T 158 3.78 -32.42 23.23
N ILE T 159 3.13 -31.55 22.47
CA ILE T 159 3.85 -30.79 21.45
C ILE T 159 4.78 -29.78 22.10
N TYR T 160 4.29 -29.11 23.14
CA TYR T 160 5.11 -28.12 23.84
C TYR T 160 6.36 -28.73 24.48
N PRO T 161 6.31 -29.80 25.28
CA PRO T 161 7.56 -30.32 25.83
C PRO T 161 8.43 -30.99 24.81
N LEU T 162 7.89 -31.44 23.69
CA LEU T 162 8.71 -31.98 22.62
C LEU T 162 9.49 -30.87 21.94
N GLY T 163 8.89 -29.70 21.80
CA GLY T 163 9.61 -28.58 21.22
C GLY T 163 10.61 -27.97 22.16
N GLN T 164 10.44 -28.18 23.45
CA GLN T 164 11.33 -27.63 24.45
C GLN T 164 12.48 -28.60 24.70
N SER T 165 13.21 -28.38 25.79
CA SER T 165 14.40 -29.17 26.08
C SER T 165 14.04 -30.59 26.48
N SER T 166 13.03 -30.78 27.31
CA SER T 166 12.74 -32.09 27.87
C SER T 166 11.27 -32.17 28.23
N TRP T 167 10.88 -33.29 28.84
CA TRP T 167 9.54 -33.43 29.39
C TRP T 167 9.36 -32.60 30.64
N PHE T 168 10.47 -32.20 31.28
CA PHE T 168 10.45 -31.40 32.51
C PHE T 168 9.61 -30.14 32.36
N PHE T 169 9.66 -29.52 31.20
CA PHE T 169 8.99 -28.25 31.00
C PHE T 169 7.55 -28.41 30.57
N GLY T 170 7.06 -29.64 30.56
CA GLY T 170 5.65 -29.88 30.42
C GLY T 170 4.89 -29.46 31.66
N PRO T 171 3.59 -29.57 31.58
CA PRO T 171 2.78 -29.29 32.76
C PRO T 171 2.64 -30.50 33.65
N GLY T 172 2.82 -30.29 34.95
CA GLY T 172 2.64 -31.38 35.89
C GLY T 172 1.17 -31.71 36.09
N PHE T 173 0.93 -32.95 36.48
CA PHE T 173 -0.45 -33.43 36.67
C PHE T 173 -0.88 -33.13 38.10
N GLY T 174 -1.04 -31.86 38.39
CA GLY T 174 -1.55 -31.44 39.68
C GLY T 174 -1.99 -30.01 39.58
N VAL T 175 -2.70 -29.54 40.60
CA VAL T 175 -3.32 -28.21 40.58
C VAL T 175 -2.26 -27.11 40.59
N SER T 176 -1.42 -27.11 41.62
CA SER T 176 -0.42 -26.05 41.70
C SER T 176 0.67 -26.19 40.65
N ALA T 177 0.91 -27.41 40.15
CA ALA T 177 1.81 -27.57 39.01
C ALA T 177 1.28 -26.84 37.79
N ILE T 178 -0.03 -26.90 37.57
CA ILE T 178 -0.66 -26.11 36.53
C ILE T 178 -0.57 -24.61 36.84
N PHE T 179 -0.65 -24.22 38.10
CA PHE T 179 -0.55 -22.79 38.40
C PHE T 179 0.86 -22.27 38.11
N ARG T 180 1.87 -23.07 38.45
CA ARG T 180 3.24 -22.76 38.06
C ARG T 180 3.37 -22.69 36.56
N PHE T 181 2.75 -23.63 35.85
CA PHE T 181 2.78 -23.63 34.39
C PHE T 181 2.18 -22.34 33.83
N LEU T 182 1.08 -21.87 34.42
CA LEU T 182 0.44 -20.63 33.96
C LEU T 182 1.34 -19.43 34.15
N LEU T 183 1.93 -19.31 35.35
CA LEU T 183 2.79 -18.16 35.61
C LEU T 183 4.11 -18.26 34.87
N PHE T 184 4.62 -19.47 34.65
CA PHE T 184 5.80 -19.67 33.83
C PHE T 184 5.53 -19.22 32.43
N PHE T 185 4.34 -19.51 31.91
CA PHE T 185 4.02 -19.12 30.56
C PHE T 185 3.86 -17.63 30.41
N GLN T 186 3.35 -16.95 31.44
CA GLN T 186 3.37 -15.49 31.34
C GLN T 186 4.80 -14.95 31.40
N GLY T 187 5.58 -15.35 32.40
CA GLY T 187 6.87 -14.73 32.58
C GLY T 187 7.87 -15.04 31.49
N PHE T 188 7.86 -16.27 31.01
CA PHE T 188 8.81 -16.68 29.99
C PHE T 188 8.24 -16.57 28.60
N HIS T 189 6.92 -16.67 28.44
CA HIS T 189 6.34 -16.69 27.12
C HIS T 189 5.51 -15.48 26.77
N ASN T 190 5.07 -14.71 27.76
CA ASN T 190 4.11 -13.60 27.59
C ASN T 190 2.88 -14.08 26.84
N TYR T 191 2.24 -15.09 27.43
CA TYR T 191 1.22 -15.83 26.71
C TYR T 191 -0.10 -15.07 26.66
N THR T 192 -0.38 -14.19 27.61
CA THR T 192 -1.54 -13.33 27.47
C THR T 192 -1.45 -12.46 26.23
N LEU T 193 -0.25 -12.09 25.83
CA LEU T 193 -0.10 -11.26 24.64
C LEU T 193 -0.25 -12.07 23.37
N ASN T 194 -0.28 -13.39 23.46
CA ASN T 194 -0.40 -14.26 22.29
C ASN T 194 -1.81 -14.18 21.72
N PRO T 195 -1.98 -13.78 20.45
CA PRO T 195 -3.33 -13.53 19.94
C PRO T 195 -4.15 -14.79 19.77
N PHE T 196 -3.49 -15.91 19.49
CA PHE T 196 -4.19 -17.18 19.43
C PHE T 196 -4.74 -17.56 20.78
N HIS T 197 -4.00 -17.25 21.84
CA HIS T 197 -4.55 -17.42 23.17
C HIS T 197 -5.67 -16.41 23.45
N MET T 198 -5.59 -15.19 22.90
CA MET T 198 -6.68 -14.23 23.09
C MET T 198 -7.96 -14.71 22.44
N MET T 199 -7.85 -15.32 21.26
CA MET T 199 -9.01 -15.98 20.67
C MET T 199 -9.45 -17.19 21.47
N GLY T 200 -8.52 -17.91 22.09
CA GLY T 200 -8.91 -18.98 22.99
C GLY T 200 -9.73 -18.48 24.16
N VAL T 201 -9.28 -17.39 24.78
CA VAL T 201 -10.00 -16.78 25.89
C VAL T 201 -11.34 -16.28 25.42
N THR T 202 -11.38 -15.65 24.24
CA THR T 202 -12.63 -15.16 23.69
C THR T 202 -13.60 -16.31 23.42
N GLY T 203 -13.10 -17.40 22.87
CA GLY T 203 -13.94 -18.56 22.61
C GLY T 203 -14.46 -19.18 23.88
N VAL T 204 -13.63 -19.32 24.89
CA VAL T 204 -14.08 -19.95 26.12
C VAL T 204 -15.03 -19.05 26.90
N LEU T 205 -14.75 -17.75 26.98
CA LEU T 205 -15.64 -16.83 27.65
C LEU T 205 -16.96 -16.69 26.91
N GLY T 206 -16.92 -16.65 25.59
CA GLY T 206 -18.14 -16.66 24.81
C GLY T 206 -18.91 -17.95 24.91
N GLY T 207 -18.22 -19.09 25.03
CA GLY T 207 -18.89 -20.34 25.27
C GLY T 207 -19.64 -20.34 26.59
N ALA T 208 -19.03 -19.79 27.63
CA ALA T 208 -19.71 -19.66 28.90
C ALA T 208 -20.86 -18.66 28.83
N LEU T 209 -20.67 -17.56 28.10
CA LEU T 209 -21.75 -16.59 27.90
C LEU T 209 -22.93 -17.24 27.20
N LEU T 210 -22.66 -17.97 26.12
CA LEU T 210 -23.69 -18.65 25.35
C LEU T 210 -24.41 -19.69 26.18
N CYS T 211 -23.67 -20.48 26.95
CA CYS T 211 -24.28 -21.47 27.85
C CYS T 211 -25.26 -20.80 28.80
N ALA T 212 -24.81 -19.75 29.49
CA ALA T 212 -25.67 -19.07 30.44
C ALA T 212 -26.86 -18.41 29.77
N ILE T 213 -26.63 -17.73 28.64
CA ILE T 213 -27.68 -16.91 28.07
C ILE T 213 -28.72 -17.80 27.41
N HIS T 214 -28.30 -18.93 26.84
CA HIS T 214 -29.24 -19.82 26.19
C HIS T 214 -30.07 -20.55 27.21
N GLY T 215 -29.44 -21.00 28.30
CA GLY T 215 -30.22 -21.61 29.36
C GLY T 215 -31.24 -20.68 29.98
N ALA T 216 -30.84 -19.44 30.29
CA ALA T 216 -31.77 -18.51 30.91
C ALA T 216 -32.85 -18.07 29.94
N THR T 217 -32.51 -17.93 28.66
CA THR T 217 -33.51 -17.55 27.67
C THR T 217 -34.54 -18.65 27.49
N VAL T 218 -34.10 -19.90 27.43
CA VAL T 218 -35.04 -21.00 27.34
C VAL T 218 -35.91 -21.05 28.58
N GLN T 219 -35.29 -20.91 29.74
CA GLN T 219 -36.02 -21.01 30.99
C GLN T 219 -37.02 -19.87 31.18
N ASN T 220 -36.82 -18.75 30.51
CA ASN T 220 -37.70 -17.62 30.68
C ASN T 220 -38.64 -17.40 29.52
N THR T 221 -38.56 -18.22 28.48
CA THR T 221 -39.53 -18.21 27.41
C THR T 221 -40.30 -19.51 27.36
N LEU T 222 -40.44 -20.19 28.49
CA LEU T 222 -41.18 -21.43 28.57
C LEU T 222 -42.66 -21.22 28.28
N PHE T 223 -43.33 -22.27 27.83
CA PHE T 223 -44.76 -22.24 27.66
C PHE T 223 -45.45 -22.75 28.93
N ARG T 224 -46.71 -22.36 29.11
CA ARG T 224 -47.53 -22.83 30.23
C ARG T 224 -48.06 -24.22 29.93
N ASP T 225 -47.17 -25.20 30.05
CA ASP T 225 -47.55 -26.58 29.78
C ASP T 225 -47.77 -27.37 31.05
N ASN T 226 -48.20 -26.72 32.12
CA ASN T 226 -48.53 -27.39 33.37
C ASN T 226 -49.46 -26.45 34.14
N GLN T 227 -49.70 -26.73 35.42
CA GLN T 227 -50.62 -25.97 36.25
C GLN T 227 -49.90 -25.52 37.52
N SER T 228 -48.85 -26.24 37.89
CA SER T 228 -48.12 -25.93 39.10
C SER T 228 -47.09 -24.84 38.85
N LYS T 229 -46.64 -24.22 39.94
CA LYS T 229 -45.67 -23.15 39.85
C LYS T 229 -44.29 -23.69 39.52
N ASN T 230 -44.05 -24.96 39.84
CA ASN T 230 -42.84 -25.68 39.47
C ASN T 230 -42.89 -25.99 37.98
N THR T 231 -42.25 -25.17 37.16
CA THR T 231 -42.35 -25.39 35.72
C THR T 231 -41.44 -26.49 35.22
N PHE T 232 -40.74 -27.20 36.10
CA PHE T 232 -39.90 -28.28 35.62
C PHE T 232 -40.72 -29.50 35.23
N LYS T 233 -41.96 -29.59 35.68
CA LYS T 233 -42.87 -30.64 35.26
C LYS T 233 -43.74 -30.24 34.09
N GLY T 234 -43.31 -29.26 33.31
CA GLY T 234 -44.08 -28.90 32.15
C GLY T 234 -43.43 -29.42 30.90
N PHE T 235 -42.69 -30.52 31.03
CA PHE T 235 -42.03 -31.05 29.85
C PHE T 235 -42.09 -32.56 29.98
N SER T 236 -42.42 -33.22 28.88
CA SER T 236 -42.40 -34.66 28.78
C SER T 236 -41.33 -35.04 27.76
N THR T 237 -40.72 -36.20 27.93
CA THR T 237 -39.72 -36.63 26.96
C THR T 237 -40.36 -36.96 25.63
N ASP T 238 -41.58 -37.49 25.64
CA ASP T 238 -42.21 -38.03 24.44
C ASP T 238 -42.77 -36.96 23.53
N GLN T 239 -43.02 -35.75 24.07
CA GLN T 239 -43.70 -34.70 23.31
C GLN T 239 -42.83 -34.24 22.15
N GLY T 240 -43.47 -33.85 21.05
CA GLY T 240 -42.74 -33.39 19.89
C GLY T 240 -42.82 -31.90 19.67
N GLU T 241 -43.22 -31.15 20.69
CA GLU T 241 -43.39 -29.71 20.53
C GLU T 241 -42.38 -28.95 21.36
N GLU T 242 -42.04 -27.76 20.87
CA GLU T 242 -41.08 -26.90 21.55
C GLU T 242 -41.62 -26.50 22.92
N THR T 243 -40.74 -26.58 23.93
CA THR T 243 -41.15 -26.24 25.27
C THR T 243 -40.94 -24.76 25.58
N TYR T 244 -40.28 -24.05 24.69
CA TYR T 244 -40.09 -22.63 24.87
C TYR T 244 -40.36 -21.90 23.57
N SER T 245 -40.86 -20.69 23.70
CA SER T 245 -41.19 -19.88 22.54
C SER T 245 -39.92 -19.30 21.93
N MET T 246 -39.58 -19.74 20.73
CA MET T 246 -38.48 -19.11 20.03
C MET T 246 -38.85 -17.73 19.51
N VAL T 247 -40.14 -17.50 19.29
CA VAL T 247 -40.59 -16.21 18.78
C VAL T 247 -40.46 -15.13 19.84
N THR T 248 -40.87 -15.42 21.07
CA THR T 248 -40.74 -14.47 22.18
C THR T 248 -39.28 -14.22 22.51
N ALA T 249 -38.45 -15.26 22.44
CA ALA T 249 -37.02 -15.11 22.68
C ALA T 249 -36.37 -14.26 21.59
N ASN T 250 -36.73 -14.49 20.33
CA ASN T 250 -36.23 -13.64 19.24
C ASN T 250 -36.67 -12.19 19.42
N ARG T 251 -37.93 -11.98 19.81
CA ARG T 251 -38.42 -10.62 20.06
C ARG T 251 -37.64 -9.96 21.18
N PHE T 252 -37.41 -10.67 22.27
CA PHE T 252 -36.74 -10.11 23.43
C PHE T 252 -35.32 -9.73 23.09
N TRP T 253 -34.58 -10.65 22.48
CA TRP T 253 -33.19 -10.32 22.22
C TRP T 253 -33.04 -9.36 21.05
N SER T 254 -33.97 -9.32 20.10
CA SER T 254 -33.93 -8.29 19.08
C SER T 254 -34.14 -6.91 19.67
N GLN T 255 -34.99 -6.77 20.67
CA GLN T 255 -35.23 -5.45 21.22
C GLN T 255 -34.36 -5.13 22.42
N ILE T 256 -33.57 -6.06 22.91
CA ILE T 256 -32.58 -5.80 23.95
C ILE T 256 -31.19 -5.61 23.36
N PHE T 257 -30.75 -6.57 22.55
CA PHE T 257 -29.40 -6.61 22.02
C PHE T 257 -29.31 -6.15 20.57
N GLY T 258 -30.43 -5.87 19.91
CA GLY T 258 -30.42 -5.50 18.52
C GLY T 258 -30.47 -6.67 17.58
N ILE T 259 -29.91 -7.82 17.95
CA ILE T 259 -30.00 -9.05 17.19
C ILE T 259 -30.46 -10.18 18.10
N ALA T 260 -30.89 -11.26 17.47
CA ALA T 260 -31.38 -12.43 18.15
C ALA T 260 -31.23 -13.59 17.20
N PHE T 261 -31.23 -14.78 17.75
CA PHE T 261 -31.34 -15.95 16.90
C PHE T 261 -32.79 -16.08 16.45
N SER T 262 -32.96 -16.50 15.21
CA SER T 262 -34.25 -16.99 14.77
C SER T 262 -34.21 -18.46 14.39
N ASN T 263 -33.04 -19.00 14.12
CA ASN T 263 -32.86 -20.40 13.73
C ASN T 263 -32.34 -21.17 14.93
N LYS T 264 -33.13 -22.13 15.40
CA LYS T 264 -32.74 -22.93 16.54
C LYS T 264 -31.53 -23.81 16.22
N ARG T 265 -31.51 -24.36 15.02
CA ARG T 265 -30.40 -25.23 14.63
C ARG T 265 -29.11 -24.44 14.51
N TRP T 266 -29.18 -23.23 13.96
CA TRP T 266 -27.99 -22.38 13.91
C TRP T 266 -27.53 -21.98 15.28
N LEU T 267 -28.47 -21.69 16.19
CA LEU T 267 -28.13 -21.38 17.57
C LEU T 267 -27.32 -22.50 18.20
N HIS T 268 -27.81 -23.72 18.07
CA HIS T 268 -27.10 -24.82 18.69
C HIS T 268 -25.84 -25.21 17.93
N PHE T 269 -25.73 -24.85 16.65
CA PHE T 269 -24.45 -25.05 16.00
C PHE T 269 -23.45 -24.00 16.46
N PHE T 270 -23.91 -22.79 16.70
CA PHE T 270 -23.07 -21.73 17.24
C PHE T 270 -22.54 -22.09 18.62
N MET T 271 -23.40 -22.68 19.44
CA MET T 271 -22.99 -23.12 20.77
C MET T 271 -21.93 -24.20 20.70
N LEU T 272 -21.94 -24.98 19.65
CA LEU T 272 -20.84 -25.88 19.37
C LEU T 272 -19.60 -25.16 18.89
N PHE T 273 -19.78 -24.24 17.96
CA PHE T 273 -18.69 -23.69 17.18
C PHE T 273 -17.82 -22.79 18.01
N VAL T 274 -18.39 -22.04 18.94
CA VAL T 274 -17.67 -20.98 19.65
C VAL T 274 -16.60 -21.53 20.59
N PRO T 275 -16.90 -22.40 21.56
CA PRO T 275 -15.81 -22.83 22.44
C PRO T 275 -14.85 -23.79 21.77
N VAL T 276 -15.31 -24.54 20.77
CA VAL T 276 -14.43 -25.47 20.07
C VAL T 276 -13.38 -24.73 19.27
N THR T 277 -13.79 -23.70 18.53
CA THR T 277 -12.82 -22.92 17.77
C THR T 277 -11.93 -22.07 18.66
N GLY T 278 -12.46 -21.54 19.77
CA GLY T 278 -11.58 -20.91 20.73
C GLY T 278 -10.50 -21.85 21.24
N LEU T 279 -10.90 -23.07 21.55
CA LEU T 279 -9.99 -24.00 22.19
C LEU T 279 -8.94 -24.46 21.18
N TRP T 280 -9.36 -24.62 19.92
CA TRP T 280 -8.44 -24.93 18.84
C TRP T 280 -7.44 -23.80 18.58
N MET T 281 -7.89 -22.55 18.65
CA MET T 281 -6.99 -21.43 18.40
C MET T 281 -5.95 -21.32 19.50
N SER T 282 -6.36 -21.58 20.75
CA SER T 282 -5.38 -21.63 21.84
C SER T 282 -4.38 -22.76 21.64
N ALA T 283 -4.83 -23.89 21.09
CA ALA T 283 -3.90 -24.98 20.78
C ALA T 283 -2.89 -24.57 19.71
N ILE T 284 -3.32 -23.77 18.75
CA ILE T 284 -2.39 -23.21 17.76
C ILE T 284 -1.34 -22.33 18.43
N GLY T 285 -1.79 -21.52 19.39
CA GLY T 285 -0.84 -20.69 20.15
C GLY T 285 0.18 -21.49 20.93
N MET T 286 -0.25 -22.59 21.55
CA MET T 286 0.70 -23.46 22.23
C MET T 286 1.65 -24.16 21.27
N ALA T 287 1.16 -24.57 20.11
CA ALA T 287 2.04 -25.16 19.10
C ALA T 287 3.14 -24.19 18.71
N GLY T 288 2.81 -22.90 18.66
CA GLY T 288 3.82 -21.89 18.46
C GLY T 288 4.77 -21.73 19.63
N LEU T 289 4.27 -21.88 20.84
CA LEU T 289 5.16 -21.75 21.99
C LEU T 289 6.06 -22.96 22.18
N ALA T 290 5.84 -24.04 21.45
CA ALA T 290 6.77 -25.17 21.51
C ALA T 290 8.11 -24.83 20.89
N PHE T 291 8.11 -24.04 19.83
CA PHE T 291 9.32 -23.65 19.14
C PHE T 291 9.82 -22.30 19.59
N ASN T 292 9.29 -21.80 20.69
CA ASN T 292 9.57 -20.49 21.28
C ASN T 292 9.14 -19.36 20.37
N LEU T 293 8.34 -19.65 19.34
CA LEU T 293 7.83 -18.61 18.48
C LEU T 293 6.76 -17.83 19.21
N ARG T 294 7.17 -16.71 19.79
CA ARG T 294 6.38 -16.00 20.77
C ARG T 294 5.94 -14.64 20.29
N ALA T 295 4.70 -14.30 20.62
CA ALA T 295 4.29 -12.92 20.65
C ALA T 295 4.68 -12.33 22.00
N TYR T 296 6.01 -12.17 22.16
CA TYR T 296 6.54 -11.67 23.41
C TYR T 296 6.48 -10.15 23.47
N ASP T 297 6.75 -9.50 22.35
CA ASP T 297 6.99 -8.07 22.38
C ASP T 297 6.52 -7.41 21.11
N PHE T 298 6.27 -6.12 21.20
CA PHE T 298 6.01 -5.26 20.05
C PHE T 298 7.28 -4.46 19.81
N VAL T 299 7.92 -4.70 18.67
CA VAL T 299 9.26 -4.19 18.41
C VAL T 299 9.28 -2.68 18.42
N SER T 300 8.21 -2.06 17.89
CA SER T 300 8.07 -0.61 17.90
C SER T 300 8.09 -0.03 19.31
N GLN T 301 7.49 -0.72 20.26
CA GLN T 301 7.44 -0.17 21.60
C GLN T 301 8.65 -0.52 22.45
N GLU T 302 9.26 -1.70 22.25
CA GLU T 302 10.53 -1.99 22.91
C GLU T 302 11.62 -1.04 22.42
N ILE T 303 11.52 -0.63 21.15
CA ILE T 303 12.38 0.43 20.64
C ILE T 303 12.07 1.76 21.32
N ARG T 304 10.83 2.25 21.19
CA ARG T 304 10.51 3.61 21.66
C ARG T 304 10.75 3.80 23.15
N ALA T 305 10.40 2.81 23.97
CA ALA T 305 10.68 2.90 25.40
C ALA T 305 12.16 2.98 25.72
N ALA T 306 13.02 2.47 24.83
CA ALA T 306 14.45 2.49 25.00
C ALA T 306 15.13 3.73 24.43
N GLU T 307 14.56 4.36 23.39
CA GLU T 307 14.94 5.72 23.05
C GLU T 307 14.21 6.79 23.85
N ASP T 308 13.18 6.45 24.59
CA ASP T 308 12.54 7.49 25.37
C ASP T 308 12.29 6.96 26.77
N PRO T 309 13.03 7.44 27.76
CA PRO T 309 12.85 6.97 29.14
C PRO T 309 11.63 7.56 29.83
N GLU T 310 10.73 8.15 29.04
CA GLU T 310 9.45 8.68 29.52
C GLU T 310 8.27 7.91 28.96
N PHE T 311 8.46 7.11 27.91
CA PHE T 311 7.38 6.37 27.25
C PHE T 311 7.08 5.12 28.06
N GLU T 312 6.00 5.18 28.82
CA GLU T 312 5.47 4.08 29.63
C GLU T 312 4.08 3.73 29.12
N THR T 313 3.89 2.48 28.76
CA THR T 313 2.57 1.92 28.51
C THR T 313 2.41 0.74 29.44
N PHE T 314 1.17 0.22 29.57
CA PHE T 314 0.92 -0.99 30.35
C PHE T 314 1.68 -2.19 29.80
N TYR T 315 2.01 -2.16 28.52
CA TYR T 315 2.83 -3.21 27.93
C TYR T 315 4.25 -3.19 28.47
N THR T 316 4.84 -2.00 28.63
CA THR T 316 6.20 -1.91 29.15
C THR T 316 6.26 -2.37 30.60
N LYS T 317 5.17 -2.04 31.30
CA LYS T 317 5.01 -2.62 32.70
CA LYS T 317 4.93 -2.60 32.67
C LYS T 317 4.68 -4.14 32.82
N ASN T 318 4.29 -4.67 31.65
CA ASN T 318 4.17 -6.12 31.62
C ASN T 318 5.50 -6.77 31.29
N ILE T 319 6.28 -6.13 30.44
CA ILE T 319 7.61 -6.65 30.12
C ILE T 319 8.49 -6.64 31.36
N LEU T 320 8.43 -5.57 32.16
CA LEU T 320 9.17 -5.53 33.41
C LEU T 320 8.73 -6.61 34.39
N LEU T 321 7.41 -6.81 34.51
CA LEU T 321 6.88 -7.87 35.38
C LEU T 321 7.32 -9.23 34.90
N ASN T 322 7.41 -9.45 33.59
CA ASN T 322 7.89 -10.72 33.08
C ASN T 322 9.33 -10.97 33.46
N GLU T 323 10.18 -9.96 33.32
CA GLU T 323 11.59 -10.10 33.75
C GLU T 323 11.69 -10.38 35.23
N GLY T 324 10.88 -9.70 36.03
CA GLY T 324 10.83 -9.99 37.44
C GLY T 324 10.44 -11.42 37.75
N LEU T 325 9.41 -11.92 37.06
CA LEU T 325 9.03 -13.33 37.24
C LEU T 325 10.16 -14.26 36.84
N ARG T 326 10.79 -13.98 35.70
CA ARG T 326 11.78 -14.89 35.15
C ARG T 326 12.96 -15.04 36.08
N ALA T 327 13.49 -13.94 36.57
CA ALA T 327 14.68 -14.03 37.40
C ALA T 327 14.39 -14.53 38.80
N TRP T 328 13.17 -14.38 39.27
CA TRP T 328 12.83 -14.74 40.63
C TRP T 328 12.12 -16.06 40.72
N LEU T 329 12.16 -16.86 39.67
CA LEU T 329 11.52 -18.17 39.71
C LEU T 329 12.52 -19.23 39.27
N SER T 330 13.38 -18.86 38.33
CA SER T 330 14.08 -19.84 37.53
C SER T 330 15.15 -20.59 38.32
N GLU T 331 15.61 -20.04 39.43
CA GLU T 331 16.64 -20.73 40.19
C GLU T 331 16.10 -21.91 40.97
N MET T 332 14.80 -21.94 41.28
CA MET T 332 14.18 -23.12 41.85
C MET T 332 13.19 -23.78 40.93
N ASP T 333 12.83 -23.15 39.82
CA ASP T 333 12.02 -23.84 38.83
C ASP T 333 12.81 -24.95 38.16
N GLN T 334 13.92 -24.62 37.53
CA GLN T 334 14.77 -25.68 37.01
C GLN T 334 16.02 -25.85 37.85
N PRO T 335 16.09 -26.85 38.71
CA PRO T 335 17.25 -27.02 39.59
C PRO T 335 18.34 -27.87 38.98
N ALA T 336 18.11 -28.42 37.79
CA ALA T 336 19.20 -29.06 37.06
C ALA T 336 20.11 -28.01 36.45
N LYS T 337 19.58 -26.82 36.16
CA LYS T 337 20.38 -25.80 35.50
C LYS T 337 21.36 -25.16 36.47
N LYS T 338 21.05 -25.18 37.76
CA LYS T 338 21.84 -24.54 38.82
C LYS T 338 22.05 -23.05 38.53
N PHE T 339 20.94 -22.35 38.32
CA PHE T 339 20.99 -20.91 38.13
C PHE T 339 21.40 -20.24 39.44
N VAL T 340 22.50 -19.52 39.41
CA VAL T 340 22.92 -18.74 40.55
C VAL T 340 22.75 -17.27 40.18
N PHE T 341 21.77 -16.62 40.82
CA PHE T 341 21.58 -15.20 40.67
C PHE T 341 21.84 -14.55 42.02
N PRO T 342 22.86 -13.69 42.15
CA PRO T 342 23.04 -12.94 43.39
C PRO T 342 21.86 -12.03 43.66
N ASP T 343 21.68 -11.68 44.94
CA ASP T 343 20.53 -10.89 45.36
C ASP T 343 20.50 -9.51 44.72
N GLU T 344 21.63 -9.05 44.21
CA GLU T 344 21.76 -7.72 43.65
C GLU T 344 21.78 -7.66 42.14
N VAL T 345 21.62 -8.79 41.44
CA VAL T 345 21.18 -8.75 40.05
C VAL T 345 19.72 -9.10 39.89
N LEU T 346 19.05 -9.55 40.93
CA LEU T 346 17.63 -9.81 40.83
C LEU T 346 16.88 -8.50 40.64
N PRO T 347 16.08 -8.36 39.59
CA PRO T 347 15.31 -7.13 39.41
C PRO T 347 14.30 -6.93 40.52
N ARG T 348 14.55 -5.93 41.34
CA ARG T 348 13.63 -5.50 42.37
C ARG T 348 12.95 -4.23 41.88
N GLY T 349 11.87 -3.87 42.52
CA GLY T 349 11.25 -2.63 42.11
C GLY T 349 11.45 -1.63 43.21
N PHE T 350 12.62 -1.66 43.85
CA PHE T 350 13.01 -0.69 44.87
C PHE T 350 12.04 -0.69 46.05
N SER T 351 12.06 -1.79 46.81
CA SER T 351 11.19 -1.95 47.97
C SER T 351 11.46 -0.87 49.00
N TRP U 20 -22.99 -57.25 53.50
CA TRP U 20 -22.75 -57.16 54.93
C TRP U 20 -22.48 -58.53 55.54
N ILE U 21 -22.30 -59.53 54.69
CA ILE U 21 -21.93 -60.87 55.14
C ILE U 21 -20.60 -61.25 54.52
N ILE U 22 -20.56 -61.34 53.19
CA ILE U 22 -19.32 -61.60 52.46
C ILE U 22 -18.39 -60.40 52.45
N HIS U 23 -18.92 -59.22 52.80
CA HIS U 23 -18.09 -58.03 52.91
C HIS U 23 -17.87 -57.56 54.34
N SER U 24 -18.36 -58.31 55.35
CA SER U 24 -18.14 -58.01 56.76
C SER U 24 -16.69 -57.70 57.11
N ILE U 25 -15.77 -58.59 56.75
CA ILE U 25 -14.35 -58.34 56.97
C ILE U 25 -13.62 -57.91 55.70
N THR U 26 -14.24 -58.04 54.52
CA THR U 26 -13.57 -57.72 53.27
C THR U 26 -13.21 -56.24 53.18
N ILE U 27 -14.15 -55.37 53.54
CA ILE U 27 -13.92 -53.92 53.58
C ILE U 27 -12.88 -53.63 54.67
N PRO U 28 -13.00 -54.16 55.92
CA PRO U 28 -11.92 -53.97 56.90
C PRO U 28 -10.54 -54.41 56.47
N ALA U 29 -10.41 -55.64 55.97
CA ALA U 29 -9.09 -56.19 55.65
C ALA U 29 -8.36 -55.31 54.64
N LEU U 30 -9.08 -54.85 53.62
CA LEU U 30 -8.52 -53.97 52.60
C LEU U 30 -8.14 -52.60 53.16
N PHE U 31 -9.04 -52.00 53.95
CA PHE U 31 -8.77 -50.68 54.48
C PHE U 31 -7.57 -50.72 55.42
N ILE U 32 -7.56 -51.68 56.36
CA ILE U 32 -6.42 -51.91 57.23
C ILE U 32 -5.16 -52.24 56.45
N ALA U 33 -5.28 -52.94 55.31
CA ALA U 33 -4.11 -53.20 54.48
C ALA U 33 -3.48 -51.92 53.98
N GLY U 34 -4.30 -50.99 53.49
CA GLY U 34 -3.77 -49.69 53.07
C GLY U 34 -3.20 -48.87 54.24
N TRP U 35 -3.89 -48.89 55.37
CA TRP U 35 -3.42 -48.23 56.59
C TRP U 35 -2.08 -48.77 57.03
N LEU U 36 -1.93 -50.09 57.07
CA LEU U 36 -0.70 -50.71 57.50
C LEU U 36 0.40 -50.63 56.44
N PHE U 37 0.02 -50.43 55.18
CA PHE U 37 1.02 -50.20 54.15
C PHE U 37 1.69 -48.86 54.36
N VAL U 38 0.90 -47.83 54.71
CA VAL U 38 1.52 -46.56 55.11
C VAL U 38 2.20 -46.67 56.47
N SER U 39 1.55 -47.29 57.45
CA SER U 39 2.00 -47.19 58.84
C SER U 39 3.25 -48.00 59.11
N THR U 40 3.41 -49.14 58.44
CA THR U 40 4.63 -49.92 58.64
C THR U 40 5.83 -49.37 57.89
N GLY U 41 5.64 -48.34 57.08
CA GLY U 41 6.73 -47.79 56.31
C GLY U 41 6.98 -48.44 54.98
N LEU U 42 6.14 -49.40 54.58
CA LEU U 42 6.30 -50.04 53.29
C LEU U 42 6.07 -49.09 52.11
N ALA U 43 5.33 -48.00 52.32
CA ALA U 43 5.10 -47.06 51.22
C ALA U 43 6.38 -46.33 50.83
N TYR U 44 7.15 -45.92 51.83
CA TYR U 44 8.39 -45.19 51.60
C TYR U 44 9.39 -46.05 50.83
N ASP U 45 9.44 -47.33 51.14
CA ASP U 45 10.29 -48.26 50.40
C ASP U 45 9.65 -48.72 49.10
N ALA U 46 8.32 -48.60 48.98
CA ALA U 46 7.62 -49.09 47.80
C ALA U 46 7.81 -48.14 46.62
N PHE U 47 7.79 -46.85 46.91
CA PHE U 47 7.95 -45.85 45.85
C PHE U 47 9.24 -45.07 45.92
N GLY U 48 10.15 -45.42 46.83
CA GLY U 48 11.35 -44.65 46.98
C GLY U 48 11.14 -43.28 47.59
N THR U 49 10.01 -43.08 48.25
CA THR U 49 9.70 -41.80 48.84
C THR U 49 10.65 -41.52 50.01
N PRO U 50 11.27 -40.34 50.08
CA PRO U 50 12.12 -40.02 51.23
C PRO U 50 11.31 -39.96 52.51
N ARG U 51 11.86 -40.57 53.56
CA ARG U 51 11.28 -40.48 54.88
C ARG U 51 11.50 -39.07 55.41
N PRO U 52 10.75 -38.65 56.46
CA PRO U 52 10.89 -37.26 56.95
C PRO U 52 12.28 -36.78 57.35
N ASN U 53 13.30 -37.63 57.38
CA ASN U 53 14.66 -37.19 57.63
C ASN U 53 15.66 -37.60 56.56
N GLU U 54 15.20 -38.11 55.42
CA GLU U 54 16.10 -38.41 54.30
C GLU U 54 16.21 -37.25 53.31
N TYR U 55 15.55 -36.14 53.57
CA TYR U 55 15.58 -35.04 52.62
C TYR U 55 16.91 -34.32 52.62
N TYR U 56 17.42 -33.98 53.80
CA TYR U 56 18.69 -33.26 53.95
C TYR U 56 19.54 -34.01 54.95
N PRO U 57 20.28 -35.03 54.51
CA PRO U 57 21.11 -35.81 55.44
C PRO U 57 22.33 -35.03 55.93
N LEU U 63 20.65 -30.79 47.38
CA LEU U 63 19.60 -31.80 47.28
C LEU U 63 19.66 -32.50 45.92
N PRO U 64 19.40 -33.81 45.89
CA PRO U 64 19.77 -34.63 44.72
C PRO U 64 18.78 -34.68 43.56
N ILE U 65 18.82 -33.66 42.69
CA ILE U 65 18.20 -33.78 41.39
C ILE U 65 19.08 -34.68 40.53
N VAL U 66 18.47 -35.72 39.94
CA VAL U 66 19.25 -36.63 39.14
C VAL U 66 19.66 -35.93 37.85
N ASP U 67 20.94 -36.04 37.51
CA ASP U 67 21.54 -35.25 36.45
C ASP U 67 21.91 -36.08 35.24
N ASP U 68 21.62 -37.37 35.25
CA ASP U 68 21.98 -38.26 34.16
C ASP U 68 20.86 -39.25 33.88
N ARG U 69 20.81 -39.70 32.62
CA ARG U 69 19.64 -40.39 32.10
C ARG U 69 19.69 -41.89 32.34
N TYR U 70 20.72 -42.56 31.81
CA TYR U 70 20.69 -44.02 31.82
C TYR U 70 21.01 -44.59 33.19
N ASN U 71 21.75 -43.87 34.03
CA ASN U 71 22.01 -44.30 35.40
C ASN U 71 21.65 -43.20 36.39
N PRO U 72 20.36 -43.09 36.80
CA PRO U 72 19.90 -42.20 37.87
C PRO U 72 20.66 -42.38 39.19
N PHE V 15 -17.65 -62.25 39.63
CA PHE V 15 -16.80 -62.83 38.59
C PHE V 15 -17.27 -62.37 37.21
N THR V 16 -18.39 -61.66 37.19
CA THR V 16 -18.97 -61.15 35.95
C THR V 16 -18.46 -59.74 35.65
N ILE V 17 -19.08 -59.07 34.69
CA ILE V 17 -18.59 -57.80 34.17
C ILE V 17 -19.02 -56.74 35.17
N ARG V 18 -20.17 -56.97 35.80
CA ARG V 18 -20.66 -56.10 36.84
C ARG V 18 -19.76 -56.11 38.07
N TRP V 19 -19.06 -57.22 38.32
CA TRP V 19 -18.26 -57.42 39.52
C TRP V 19 -16.84 -56.91 39.35
N LEU V 20 -16.47 -56.51 38.13
CA LEU V 20 -15.13 -56.03 37.82
C LEU V 20 -15.09 -54.54 37.58
N ALA V 21 -16.13 -53.98 36.98
CA ALA V 21 -16.21 -52.56 36.74
C ALA V 21 -16.69 -51.79 37.96
N ILE V 22 -16.81 -52.45 39.11
CA ILE V 22 -17.24 -51.78 40.34
C ILE V 22 -16.18 -52.10 41.39
N HIS V 23 -15.24 -52.96 41.05
CA HIS V 23 -14.21 -53.36 42.00
C HIS V 23 -12.82 -52.93 41.61
N ALA V 24 -12.47 -52.97 40.33
CA ALA V 24 -11.18 -52.43 39.89
C ALA V 24 -11.07 -50.95 40.19
N LEU V 25 -12.19 -50.25 40.29
CA LEU V 25 -12.18 -48.87 40.75
C LEU V 25 -12.26 -48.75 42.27
N ALA V 26 -12.65 -49.81 42.98
CA ALA V 26 -12.96 -49.68 44.39
C ALA V 26 -12.18 -50.59 45.32
N ILE V 27 -11.69 -51.74 44.86
CA ILE V 27 -10.67 -52.47 45.63
C ILE V 27 -9.41 -51.62 45.82
N PRO V 28 -8.89 -50.89 44.82
CA PRO V 28 -7.84 -49.93 45.15
C PRO V 28 -8.30 -48.75 45.98
N SER V 29 -9.53 -48.25 45.76
CA SER V 29 -9.90 -46.96 46.31
C SER V 29 -9.98 -47.00 47.83
N VAL V 30 -10.51 -48.08 48.38
CA VAL V 30 -10.57 -48.24 49.83
C VAL V 30 -9.17 -48.36 50.43
N PHE V 31 -8.27 -49.05 49.72
CA PHE V 31 -6.87 -49.14 50.13
C PHE V 31 -6.22 -47.75 50.19
N PHE V 32 -6.45 -46.98 49.13
CA PHE V 32 -5.92 -45.59 49.04
C PHE V 32 -6.48 -44.76 50.18
N LEU V 33 -7.80 -44.84 50.41
CA LEU V 33 -8.41 -44.08 51.50
C LEU V 33 -7.88 -44.51 52.86
N GLY V 34 -7.60 -45.79 53.05
CA GLY V 34 -7.00 -46.24 54.30
C GLY V 34 -5.59 -45.71 54.48
N SER V 35 -4.81 -45.73 53.40
CA SER V 35 -3.48 -45.15 53.41
C SER V 35 -3.52 -43.67 53.75
N ILE V 36 -4.40 -42.92 53.09
CA ILE V 36 -4.47 -41.46 53.29
C ILE V 36 -5.01 -41.14 54.67
N ALA V 37 -5.90 -41.97 55.23
CA ALA V 37 -6.32 -41.77 56.60
C ALA V 37 -5.19 -42.04 57.58
N ALA V 38 -4.31 -43.00 57.27
CA ALA V 38 -3.10 -43.17 58.09
C ALA V 38 -2.16 -41.97 57.99
N MET V 39 -2.12 -41.32 56.82
CA MET V 39 -1.25 -40.15 56.65
C MET V 39 -1.66 -38.96 57.49
N GLN V 40 -2.88 -38.92 57.99
CA GLN V 40 -3.26 -37.85 58.90
C GLN V 40 -2.64 -38.02 60.27
N PHE V 41 -1.98 -39.15 60.52
CA PHE V 41 -1.39 -39.44 61.85
C PHE V 41 0.13 -39.60 61.77
N ILE V 42 0.75 -39.22 60.65
CA ILE V 42 2.20 -39.32 60.51
C ILE V 42 2.83 -38.09 61.13
N GLN V 43 3.81 -38.31 62.01
CA GLN V 43 4.60 -37.23 62.58
C GLN V 43 5.86 -37.09 61.76
N ARG V 44 6.02 -35.93 61.12
CA ARG V 44 7.18 -35.67 60.31
C ARG V 44 7.93 -34.49 60.89
N ARG W 2 -23.48 -37.51 -17.72
CA ARG W 2 -23.66 -37.46 -19.16
C ARG W 2 -23.86 -38.84 -19.74
N GLN W 3 -24.76 -38.93 -20.72
CA GLN W 3 -24.94 -40.13 -21.53
C GLN W 3 -24.18 -40.07 -22.83
N LYS W 4 -23.89 -38.87 -23.32
CA LYS W 4 -23.09 -38.68 -24.52
C LYS W 4 -21.71 -38.19 -24.12
N TYR W 5 -20.71 -38.96 -24.49
CA TYR W 5 -19.32 -38.60 -24.28
C TYR W 5 -18.81 -37.81 -25.47
N VAL W 6 -17.65 -37.19 -25.31
CA VAL W 6 -17.11 -36.41 -26.42
C VAL W 6 -16.56 -37.34 -27.48
N SER W 7 -16.33 -36.78 -28.66
CA SER W 7 -15.72 -37.50 -29.77
C SER W 7 -14.36 -38.06 -29.41
N ASN W 8 -13.97 -39.13 -30.09
CA ASN W 8 -12.63 -39.68 -29.95
C ASN W 8 -11.56 -38.73 -30.46
N LYS W 9 -11.93 -37.76 -31.31
CA LYS W 9 -10.98 -36.76 -31.75
C LYS W 9 -10.73 -35.70 -30.69
N ALA W 10 -11.73 -35.42 -29.84
CA ALA W 10 -11.54 -34.51 -28.73
C ALA W 10 -10.88 -35.18 -27.54
N ALA W 11 -10.97 -36.50 -27.41
CA ALA W 11 -10.36 -37.23 -26.30
C ALA W 11 -9.87 -38.59 -26.79
N PRO W 12 -8.66 -38.65 -27.33
CA PRO W 12 -8.18 -39.93 -27.90
C PRO W 12 -8.02 -41.06 -26.90
N LEU W 13 -7.61 -40.79 -25.66
CA LEU W 13 -7.37 -41.82 -24.68
C LEU W 13 -8.60 -42.15 -23.85
N GLN W 14 -9.77 -41.80 -24.37
CA GLN W 14 -11.04 -41.95 -23.66
C GLN W 14 -11.35 -43.41 -23.36
N TYR W 15 -11.64 -44.17 -24.39
CA TYR W 15 -11.89 -45.60 -24.28
C TYR W 15 -10.67 -46.45 -23.94
N PRO W 16 -9.43 -46.10 -24.31
CA PRO W 16 -8.29 -46.88 -23.80
C PRO W 16 -8.06 -46.78 -22.30
N LEU W 17 -8.59 -45.77 -21.62
CA LEU W 17 -8.35 -45.60 -20.19
C LEU W 17 -9.60 -45.88 -19.37
N ARG W 18 -10.70 -46.22 -20.01
CA ARG W 18 -11.92 -46.60 -19.30
C ARG W 18 -11.92 -48.06 -18.93
N LYS W 19 -11.14 -48.88 -19.65
CA LYS W 19 -10.98 -50.29 -19.29
C LYS W 19 -10.43 -50.44 -17.88
N LEU W 20 -9.55 -49.53 -17.47
CA LEU W 20 -9.05 -49.55 -16.10
C LEU W 20 -10.12 -49.06 -15.13
N ASN W 21 -10.94 -48.10 -15.54
CA ASN W 21 -12.04 -47.65 -14.67
C ASN W 21 -13.36 -48.32 -15.01
N SER W 22 -13.39 -49.63 -15.08
CA SER W 22 -14.57 -50.32 -15.54
C SER W 22 -15.17 -51.27 -14.53
N GLU W 23 -14.38 -51.85 -13.65
CA GLU W 23 -14.88 -52.78 -12.65
C GLU W 23 -15.08 -52.11 -11.29
N ALA W 24 -15.41 -50.83 -11.30
CA ALA W 24 -15.70 -50.04 -10.11
C ALA W 24 -16.85 -50.62 -9.32
N GLY W 25 -16.57 -51.12 -8.12
CA GLY W 25 -17.56 -51.74 -7.26
C GLY W 25 -17.39 -53.23 -7.08
N LYS W 26 -16.59 -53.87 -7.92
CA LYS W 26 -16.36 -55.31 -7.80
C LYS W 26 -15.54 -55.61 -6.55
N VAL W 27 -16.00 -56.60 -5.77
CA VAL W 27 -15.33 -57.02 -4.55
C VAL W 27 -15.13 -58.52 -4.62
N VAL W 28 -14.38 -59.04 -3.66
CA VAL W 28 -14.39 -60.49 -3.44
C VAL W 28 -15.34 -60.77 -2.28
N PRO W 29 -16.08 -61.87 -2.31
CA PRO W 29 -17.04 -62.12 -1.24
C PRO W 29 -16.35 -62.60 0.03
N GLY W 30 -16.98 -62.27 1.15
CA GLY W 30 -16.46 -62.67 2.43
C GLY W 30 -15.32 -61.79 2.90
N TRP W 31 -14.55 -62.34 3.84
CA TRP W 31 -13.50 -61.58 4.50
C TRP W 31 -12.28 -61.38 3.62
N GLY W 32 -12.20 -62.05 2.48
CA GLY W 32 -11.18 -61.76 1.49
C GLY W 32 -9.78 -62.09 1.95
N THR W 33 -8.86 -61.17 1.71
CA THR W 33 -7.46 -61.33 2.09
C THR W 33 -7.10 -60.53 3.34
N ALA W 34 -8.08 -59.89 3.97
CA ALA W 34 -7.97 -59.16 5.23
C ALA W 34 -7.27 -59.87 6.41
N PRO W 35 -7.30 -61.21 6.55
CA PRO W 35 -6.47 -61.82 7.60
C PRO W 35 -4.98 -61.56 7.44
N LEU W 36 -4.49 -61.40 6.21
CA LEU W 36 -3.10 -61.00 6.00
C LEU W 36 -2.92 -59.52 6.27
N MET W 37 -3.93 -58.73 5.97
CA MET W 37 -3.94 -57.31 6.27
C MET W 37 -3.82 -57.07 7.78
N GLY W 38 -4.48 -57.87 8.60
CA GLY W 38 -4.32 -57.72 10.05
C GLY W 38 -2.91 -58.02 10.53
N ILE W 39 -2.28 -59.04 9.93
CA ILE W 39 -0.88 -59.35 10.24
C ILE W 39 0.02 -58.19 9.86
N MET W 40 -0.25 -57.55 8.74
CA MET W 40 0.56 -56.40 8.36
C MET W 40 0.25 -55.17 9.21
N LEU W 41 -1.00 -54.97 9.63
CA LEU W 41 -1.28 -53.91 10.60
C LEU W 41 -0.66 -54.15 11.96
N ILE W 42 -0.31 -55.36 12.33
CA ILE W 42 0.37 -55.47 13.61
C ILE W 42 1.87 -55.35 13.37
N ALA W 43 2.35 -55.84 12.23
CA ALA W 43 3.79 -55.79 11.95
C ALA W 43 4.27 -54.36 11.69
N LEU W 44 3.49 -53.57 10.96
CA LEU W 44 3.91 -52.20 10.68
C LEU W 44 3.82 -51.33 11.94
N LEU W 45 2.83 -51.57 12.79
CA LEU W 45 2.78 -50.87 14.07
C LEU W 45 3.96 -51.27 14.96
N LEU W 46 4.38 -52.53 14.92
CA LEU W 46 5.59 -52.94 15.63
C LEU W 46 6.83 -52.26 15.06
N PHE W 47 6.88 -52.09 13.74
CA PHE W 47 7.98 -51.36 13.12
C PHE W 47 8.01 -49.90 13.56
N ILE W 48 6.85 -49.26 13.60
CA ILE W 48 6.78 -47.85 13.99
C ILE W 48 7.17 -47.70 15.46
N LEU W 49 6.70 -48.62 16.31
CA LEU W 49 7.08 -48.62 17.72
C LEU W 49 8.58 -48.80 17.91
N THR W 50 9.20 -49.76 17.19
CA THR W 50 10.62 -50.00 17.40
C THR W 50 11.47 -48.88 16.82
N ILE W 51 11.02 -48.24 15.74
CA ILE W 51 11.82 -47.17 15.17
C ILE W 51 11.68 -45.90 16.01
N LEU W 52 10.54 -45.70 16.65
CA LEU W 52 10.41 -44.59 17.57
C LEU W 52 11.24 -44.83 18.81
N GLN W 53 11.23 -46.05 19.35
CA GLN W 53 12.04 -46.37 20.52
C GLN W 53 13.52 -46.28 20.22
N LEU W 54 13.88 -46.52 18.97
CA LEU W 54 15.27 -46.54 18.59
C LEU W 54 15.80 -45.12 18.37
N TYR W 55 15.01 -44.27 17.69
CA TYR W 55 15.27 -42.83 17.65
C TYR W 55 15.39 -42.25 19.05
N ASN W 56 14.46 -42.62 19.93
CA ASN W 56 14.32 -42.00 21.25
C ASN W 56 15.42 -42.41 22.22
N GLY W 57 16.18 -43.46 21.93
CA GLY W 57 17.16 -43.92 22.87
C GLY W 57 16.61 -44.76 23.99
N THR W 58 15.37 -45.21 23.87
CA THR W 58 14.89 -46.31 24.70
C THR W 58 15.52 -47.63 24.28
N VAL W 59 15.75 -47.82 22.99
CA VAL W 59 16.46 -48.98 22.50
C VAL W 59 17.83 -48.50 22.07
N ILE W 60 18.86 -48.90 22.81
CA ILE W 60 20.24 -48.56 22.50
C ILE W 60 20.85 -49.86 21.97
N VAL W 61 20.85 -50.01 20.67
CA VAL W 61 21.58 -51.09 20.04
C VAL W 61 22.80 -50.49 19.37
N GLU W 62 23.91 -51.23 19.39
CA GLU W 62 25.14 -50.84 18.71
C GLU W 62 24.87 -50.61 17.22
N GLY W 63 25.07 -49.37 16.78
CA GLY W 63 24.78 -48.99 15.41
C GLY W 63 24.06 -47.67 15.37
N ILE W 64 23.33 -47.37 16.43
CA ILE W 64 22.57 -46.12 16.55
C ILE W 64 23.30 -45.26 17.56
N ASP W 65 23.73 -44.08 17.12
CA ASP W 65 24.36 -43.14 18.04
C ASP W 65 23.37 -42.49 18.98
N VAL W 66 22.07 -42.52 18.62
CA VAL W 66 20.95 -41.90 19.34
C VAL W 66 21.08 -40.38 19.44
N MET X 1 -16.27 26.63 34.41
CA MET X 1 -16.83 25.28 34.41
C MET X 1 -18.05 25.20 35.31
N VAL X 2 -18.42 26.34 35.90
CA VAL X 2 -19.62 26.39 36.72
C VAL X 2 -20.86 26.18 35.87
N THR X 3 -20.91 26.80 34.69
CA THR X 3 -22.01 26.56 33.78
C THR X 3 -22.08 25.12 33.32
N LEU X 4 -20.93 24.45 33.17
CA LEU X 4 -20.96 23.06 32.79
C LEU X 4 -21.42 22.17 33.93
N LYS X 5 -21.05 22.52 35.16
CA LYS X 5 -21.57 21.84 36.33
C LYS X 5 -23.08 21.99 36.42
N ILE X 6 -23.61 23.17 36.12
CA ILE X 6 -25.06 23.38 36.10
C ILE X 6 -25.73 22.54 35.02
N VAL X 7 -25.14 22.50 33.82
CA VAL X 7 -25.70 21.69 32.73
C VAL X 7 -25.73 20.22 33.11
N VAL X 8 -24.67 19.74 33.77
CA VAL X 8 -24.65 18.35 34.18
C VAL X 8 -25.69 18.09 35.27
N TYR X 9 -25.84 19.02 36.21
CA TYR X 9 -26.82 18.86 37.27
C TYR X 9 -28.23 18.81 36.70
N LEU X 10 -28.55 19.69 35.77
CA LEU X 10 -29.87 19.69 35.14
C LEU X 10 -30.09 18.49 34.22
N THR X 11 -29.07 18.06 33.47
CA THR X 11 -29.22 16.89 32.61
C THR X 11 -29.47 15.63 33.43
N VAL X 12 -28.72 15.44 34.52
CA VAL X 12 -28.94 14.31 35.40
C VAL X 12 -30.32 14.40 36.03
N SER X 13 -30.71 15.61 36.44
CA SER X 13 -32.03 15.82 37.03
C SER X 13 -33.13 15.44 36.07
N PHE X 14 -33.00 15.85 34.81
CA PHE X 14 -34.02 15.59 33.80
C PHE X 14 -34.15 14.11 33.52
N PHE X 15 -33.02 13.41 33.37
CA PHE X 15 -33.11 12.00 33.03
C PHE X 15 -33.59 11.16 34.20
N VAL X 16 -33.15 11.49 35.42
CA VAL X 16 -33.64 10.73 36.57
C VAL X 16 -35.09 11.08 36.88
N GLY X 17 -35.52 12.31 36.58
CA GLY X 17 -36.91 12.65 36.77
C GLY X 17 -37.79 11.92 35.77
N LEU X 18 -37.30 11.76 34.54
CA LEU X 18 -38.01 10.96 33.56
C LEU X 18 -38.17 9.53 34.06
N PHE X 19 -37.09 8.94 34.58
CA PHE X 19 -37.16 7.59 35.16
C PHE X 19 -38.19 7.51 36.28
N ILE X 20 -38.13 8.45 37.22
CA ILE X 20 -38.94 8.35 38.42
C ILE X 20 -40.41 8.59 38.11
N PHE X 21 -40.72 9.70 37.43
CA PHE X 21 -42.12 9.95 37.10
C PHE X 21 -42.65 8.98 36.06
N GLY X 22 -41.79 8.32 35.28
CA GLY X 22 -42.27 7.29 34.40
C GLY X 22 -42.59 6.00 35.11
N PHE X 23 -41.96 5.76 36.25
CA PHE X 23 -42.37 4.62 37.06
C PHE X 23 -43.48 4.94 38.06
N LEU X 24 -43.99 6.17 38.09
CA LEU X 24 -45.26 6.46 38.75
C LEU X 24 -46.39 6.69 37.76
N SER X 25 -46.23 6.24 36.52
CA SER X 25 -47.28 6.34 35.52
C SER X 25 -48.11 5.06 35.42
N GLY X 26 -48.23 4.31 36.51
CA GLY X 26 -48.98 3.06 36.50
C GLY X 26 -48.30 1.99 35.68
N ASP X 27 -46.99 1.84 35.90
CA ASP X 27 -46.19 0.89 35.13
C ASP X 27 -46.62 -0.58 35.20
N PRO X 28 -47.08 -1.15 36.32
CA PRO X 28 -47.54 -2.55 36.28
C PRO X 28 -48.73 -2.81 35.38
N ALA X 29 -49.49 -1.79 35.00
CA ALA X 29 -50.57 -1.96 34.04
C ALA X 29 -50.08 -1.99 32.60
N ARG X 30 -48.77 -1.95 32.37
CA ARG X 30 -48.19 -1.94 31.03
C ARG X 30 -47.70 -3.31 30.61
N ASN X 31 -48.31 -4.33 31.11
CA ASN X 31 -48.16 -5.76 30.85
C ASN X 31 -49.09 -6.19 29.72
N PRO X 32 -48.75 -7.27 29.00
CA PRO X 32 -49.68 -7.76 27.97
C PRO X 32 -50.99 -8.27 28.54
N SER X 33 -50.95 -8.93 29.69
CA SER X 33 -52.16 -9.44 30.33
C SER X 33 -52.70 -8.36 31.26
N GLY X 34 -53.55 -7.50 30.72
CA GLY X 34 -54.25 -6.52 31.52
C GLY X 34 -53.60 -5.16 31.60
N GLU Y 9 -11.02 -16.67 78.41
CA GLU Y 9 -11.69 -17.84 78.98
C GLU Y 9 -12.99 -17.46 79.67
N LEU Y 10 -13.96 -18.37 79.62
CA LEU Y 10 -15.24 -18.19 80.28
C LEU Y 10 -15.08 -18.30 81.80
N PRO Y 11 -16.03 -17.76 82.56
CA PRO Y 11 -15.91 -17.79 84.02
C PRO Y 11 -15.79 -19.20 84.59
N GLU Y 12 -14.96 -19.31 85.63
CA GLU Y 12 -14.61 -20.61 86.19
C GLU Y 12 -15.81 -21.30 86.83
N ALA Y 13 -16.75 -20.51 87.37
CA ALA Y 13 -17.98 -21.05 87.94
C ALA Y 13 -18.76 -21.84 86.91
N TYR Y 14 -18.77 -21.37 85.66
CA TYR Y 14 -19.45 -22.06 84.58
C TYR Y 14 -18.47 -22.55 83.53
N ARG Y 15 -17.36 -23.13 83.98
CA ARG Y 15 -16.30 -23.67 83.13
C ARG Y 15 -16.38 -25.20 83.14
N ALA Y 16 -17.61 -25.72 83.06
CA ALA Y 16 -17.86 -27.15 82.98
C ALA Y 16 -18.37 -27.58 81.61
N PHE Y 17 -18.95 -26.66 80.84
CA PHE Y 17 -19.50 -26.97 79.53
C PHE Y 17 -18.42 -27.49 78.57
N GLY Y 18 -17.33 -26.74 78.42
CA GLY Y 18 -16.24 -27.14 77.58
C GLY Y 18 -16.60 -27.24 76.12
N PRO Y 19 -16.66 -28.47 75.60
CA PRO Y 19 -17.06 -28.68 74.21
C PRO Y 19 -18.48 -28.26 73.88
N LEU Y 20 -19.35 -28.08 74.88
CA LEU Y 20 -20.69 -27.55 74.63
C LEU Y 20 -20.64 -26.18 73.96
N ILE Y 21 -19.83 -25.27 74.52
CA ILE Y 21 -19.65 -23.94 73.95
C ILE Y 21 -19.02 -24.02 72.56
N ASP Y 22 -18.21 -25.04 72.31
CA ASP Y 22 -17.75 -25.27 70.94
C ASP Y 22 -18.90 -25.64 70.01
N VAL Y 23 -19.87 -26.40 70.53
CA VAL Y 23 -20.95 -26.87 69.66
C VAL Y 23 -21.94 -25.76 69.34
N LEU Y 24 -22.27 -24.91 70.32
CA LEU Y 24 -23.37 -23.95 70.12
C LEU Y 24 -23.27 -22.96 68.94
N PRO Y 25 -22.11 -22.51 68.46
CA PRO Y 25 -22.16 -21.67 67.24
C PRO Y 25 -22.59 -22.42 66.01
N ILE Y 26 -22.18 -23.68 65.85
CA ILE Y 26 -22.53 -24.44 64.65
C ILE Y 26 -23.81 -25.20 64.90
N LEU Y 27 -24.52 -24.86 65.96
CA LEU Y 27 -25.86 -25.43 66.14
C LEU Y 27 -26.82 -24.98 65.02
N PRO Y 28 -26.92 -23.68 64.66
CA PRO Y 28 -27.81 -23.33 63.54
C PRO Y 28 -27.41 -23.87 62.18
N ILE Y 29 -26.13 -24.18 61.93
CA ILE Y 29 -25.80 -24.75 60.62
C ILE Y 29 -26.35 -26.17 60.48
N PHE Y 30 -26.72 -26.81 61.58
CA PHE Y 30 -27.36 -28.12 61.54
C PHE Y 30 -28.87 -28.05 61.31
N PHE Y 31 -29.50 -26.89 61.50
CA PHE Y 31 -30.94 -26.81 61.28
C PHE Y 31 -31.28 -26.86 59.81
N LEU Y 32 -30.50 -26.17 58.99
CA LEU Y 32 -30.61 -26.28 57.54
C LEU Y 32 -30.31 -27.69 57.05
N LEU Y 33 -29.42 -28.42 57.73
CA LEU Y 33 -29.18 -29.81 57.34
C LEU Y 33 -30.35 -30.70 57.72
N LEU Y 34 -30.91 -30.51 58.91
CA LEU Y 34 -32.05 -31.29 59.36
C LEU Y 34 -33.29 -30.97 58.56
N ALA Y 35 -33.35 -29.81 57.90
CA ALA Y 35 -34.43 -29.54 56.97
C ALA Y 35 -34.40 -30.51 55.77
N PHE Y 36 -33.19 -30.72 55.23
CA PHE Y 36 -33.01 -31.69 54.12
C PHE Y 36 -33.26 -33.10 54.66
N VAL Y 37 -32.90 -33.35 55.93
CA VAL Y 37 -33.13 -34.66 56.55
C VAL Y 37 -34.63 -34.94 56.67
N TRP Y 38 -35.40 -33.97 57.13
CA TRP Y 38 -36.85 -34.14 57.25
C TRP Y 38 -37.49 -34.30 55.88
N GLN Y 39 -37.01 -33.55 54.88
CA GLN Y 39 -37.55 -33.67 53.54
C GLN Y 39 -37.25 -35.02 52.91
N ALA Y 40 -36.09 -35.60 53.23
CA ALA Y 40 -35.82 -36.97 52.80
C ALA Y 40 -36.70 -37.96 53.56
N SER Y 41 -36.96 -37.68 54.84
CA SER Y 41 -37.78 -38.58 55.64
C SER Y 41 -39.21 -38.64 55.12
N VAL Y 42 -39.77 -37.50 54.73
CA VAL Y 42 -41.08 -37.53 54.08
C VAL Y 42 -40.95 -37.93 52.62
N GLY Y 43 -39.74 -37.91 52.08
CA GLY Y 43 -39.51 -38.33 50.72
C GLY Y 43 -39.58 -37.23 49.70
N PHE Y 44 -39.43 -35.97 50.12
CA PHE Y 44 -39.67 -34.78 49.31
C PHE Y 44 -41.03 -34.84 48.64
N ARG Y 45 -42.03 -35.10 49.47
CA ARG Y 45 -43.39 -35.27 49.00
C ARG Y 45 -43.97 -33.89 48.66
N GLN Z 11 -27.12 -26.85 -7.37
CA GLN Z 11 -27.59 -25.69 -6.61
C GLN Z 11 -26.54 -24.59 -6.61
N PRO Z 12 -26.96 -23.34 -6.73
CA PRO Z 12 -26.02 -22.23 -6.66
C PRO Z 12 -25.65 -21.93 -5.22
N VAL Z 13 -24.54 -21.24 -5.05
CA VAL Z 13 -24.04 -20.84 -3.74
C VAL Z 13 -24.95 -19.75 -3.17
N GLU Z 14 -25.12 -19.74 -1.85
CA GLU Z 14 -25.79 -18.61 -1.23
C GLU Z 14 -24.88 -17.95 -0.21
N LEU Z 15 -25.28 -16.76 0.19
CA LEU Z 15 -24.81 -16.16 1.42
C LEU Z 15 -25.92 -15.21 1.83
N ASN Z 16 -26.69 -15.57 2.84
CA ASN Z 16 -27.79 -14.71 3.23
C ASN Z 16 -27.26 -13.47 3.98
N ARG Z 17 -28.17 -12.56 4.37
CA ARG Z 17 -27.74 -11.32 5.00
C ARG Z 17 -27.08 -11.56 6.34
N THR Z 18 -27.63 -12.47 7.13
CA THR Z 18 -27.08 -12.76 8.43
C THR Z 18 -25.68 -13.33 8.33
N SER Z 19 -25.47 -14.25 7.39
CA SER Z 19 -24.14 -14.78 7.15
C SER Z 19 -23.20 -13.70 6.67
N LEU Z 20 -23.67 -12.76 5.87
CA LEU Z 20 -22.82 -11.65 5.45
C LEU Z 20 -22.40 -10.80 6.64
N TYR Z 21 -23.32 -10.47 7.53
CA TYR Z 21 -22.98 -9.66 8.69
C TYR Z 21 -22.04 -10.40 9.63
N LEU Z 22 -22.28 -11.70 9.83
CA LEU Z 22 -21.40 -12.51 10.66
C LEU Z 22 -20.01 -12.58 10.06
N GLY Z 23 -19.93 -12.78 8.74
CA GLY Z 23 -18.65 -12.83 8.09
C GLY Z 23 -17.91 -11.52 8.14
N LEU Z 24 -18.63 -10.41 7.96
CA LEU Z 24 -18.00 -9.11 8.05
C LEU Z 24 -17.45 -8.86 9.43
N LEU Z 25 -18.24 -9.15 10.48
CA LEU Z 25 -17.70 -8.94 11.81
C LEU Z 25 -16.52 -9.84 12.12
N VAL Z 26 -16.56 -11.12 11.71
CA VAL Z 26 -15.44 -11.98 12.07
C VAL Z 26 -14.17 -11.53 11.34
N VAL Z 27 -14.31 -11.13 10.06
CA VAL Z 27 -13.19 -10.52 9.34
C VAL Z 27 -12.70 -9.25 10.02
N PHE Z 28 -13.62 -8.35 10.36
CA PHE Z 28 -13.21 -7.03 10.83
C PHE Z 28 -12.57 -7.11 12.20
N VAL Z 29 -13.15 -7.91 13.10
CA VAL Z 29 -12.60 -8.06 14.44
C VAL Z 29 -11.29 -8.86 14.41
N THR Z 30 -11.20 -9.89 13.57
CA THR Z 30 -9.96 -10.63 13.45
C THR Z 30 -8.86 -9.76 12.87
N GLY Z 31 -9.21 -8.90 11.91
CA GLY Z 31 -8.21 -8.01 11.36
C GLY Z 31 -7.77 -6.96 12.36
N LEU Z 32 -8.70 -6.44 13.15
CA LEU Z 32 -8.33 -5.52 14.22
C LEU Z 32 -7.44 -6.19 15.25
N LEU Z 33 -7.68 -7.47 15.52
CA LEU Z 33 -6.83 -8.20 16.44
C LEU Z 33 -5.42 -8.38 15.89
N PHE Z 34 -5.31 -8.81 14.64
CA PHE Z 34 -4.01 -9.13 14.08
C PHE Z 34 -3.29 -7.93 13.49
N SER Z 35 -3.94 -6.78 13.39
CA SER Z 35 -3.28 -5.58 12.89
C SER Z 35 -2.13 -5.15 13.77
N SER Z 36 -2.33 -5.21 15.09
CA SER Z 36 -1.30 -4.77 16.04
C SER Z 36 -0.04 -5.61 15.92
N TYR Z 37 -0.17 -6.84 15.47
CA TYR Z 37 0.96 -7.74 15.32
C TYR Z 37 1.52 -7.75 13.92
N PHE Z 38 0.72 -7.37 12.92
CA PHE Z 38 1.26 -7.15 11.58
C PHE Z 38 2.10 -5.89 11.55
N PHE Z 39 1.68 -4.86 12.29
CA PHE Z 39 2.47 -3.65 12.45
C PHE Z 39 3.69 -3.90 13.33
N ASN Z 40 3.55 -4.78 14.31
CA ASN Z 40 4.56 -5.08 15.33
C ASN Z 40 5.06 -3.85 16.05
N MET AA 1 7.51 5.91 15.34
CA MET AA 1 7.28 4.52 15.68
C MET AA 1 7.88 3.57 14.66
N GLU AA 2 8.83 2.75 15.10
CA GLU AA 2 9.48 1.76 14.24
C GLU AA 2 8.54 0.57 14.04
N THR AA 3 7.51 0.77 13.23
CA THR AA 3 6.54 -0.26 12.94
C THR AA 3 6.82 -0.82 11.55
N ASN AA 4 6.35 -2.03 11.33
CA ASN AA 4 6.41 -2.64 10.01
C ASN AA 4 5.69 -1.79 8.98
N LYS AA 5 6.39 -1.47 7.91
CA LYS AA 5 5.81 -0.69 6.83
C LYS AA 5 4.67 -1.47 6.17
N LEU AA 6 4.95 -2.70 5.76
CA LEU AA 6 3.95 -3.54 5.10
C LEU AA 6 2.86 -4.00 6.06
N GLY AA 7 3.05 -3.76 7.36
CA GLY AA 7 2.00 -4.00 8.31
C GLY AA 7 0.75 -3.20 8.04
N PHE AA 8 0.86 -2.07 7.34
CA PHE AA 8 -0.38 -1.44 6.91
C PHE AA 8 -1.03 -2.23 5.79
N VAL AA 9 -0.26 -2.59 4.77
CA VAL AA 9 -0.85 -3.24 3.61
C VAL AA 9 -1.19 -4.68 3.94
N ALA AA 10 -0.56 -5.27 4.98
CA ALA AA 10 -1.01 -6.56 5.46
C ALA AA 10 -2.33 -6.43 6.19
N SER AA 11 -2.53 -5.33 6.91
CA SER AA 11 -3.76 -5.18 7.70
C SER AA 11 -4.97 -5.04 6.81
N VAL AA 12 -4.84 -4.32 5.70
CA VAL AA 12 -6.00 -3.93 4.92
C VAL AA 12 -6.38 -5.02 3.89
N LEU AA 13 -5.41 -5.76 3.35
CA LEU AA 13 -5.76 -6.90 2.53
C LEU AA 13 -6.19 -8.10 3.34
N PHE AA 14 -5.73 -8.22 4.58
CA PHE AA 14 -6.25 -9.27 5.45
C PHE AA 14 -7.74 -9.10 5.70
N VAL AA 15 -8.25 -7.88 5.63
CA VAL AA 15 -9.59 -7.61 6.13
C VAL AA 15 -10.53 -7.16 5.02
N PHE AA 16 -10.03 -6.86 3.82
CA PHE AA 16 -10.94 -6.58 2.73
C PHE AA 16 -10.88 -7.56 1.56
N VAL AA 17 -9.82 -8.35 1.41
CA VAL AA 17 -9.87 -9.48 0.47
C VAL AA 17 -10.94 -10.50 0.85
N PRO AA 18 -11.06 -10.95 2.11
CA PRO AA 18 -12.25 -11.75 2.45
C PRO AA 18 -13.55 -10.98 2.36
N THR AA 19 -13.54 -9.69 2.70
CA THR AA 19 -14.77 -8.90 2.79
C THR AA 19 -15.47 -8.81 1.44
N VAL AA 20 -14.72 -8.49 0.38
CA VAL AA 20 -15.31 -8.40 -0.95
C VAL AA 20 -15.85 -9.76 -1.36
N PHE AA 21 -15.17 -10.85 -0.96
CA PHE AA 21 -15.67 -12.19 -1.22
C PHE AA 21 -17.06 -12.38 -0.65
N LEU AA 22 -17.21 -11.98 0.61
CA LEU AA 22 -18.52 -12.10 1.25
C LEU AA 22 -19.54 -11.26 0.54
N LEU AA 23 -19.17 -10.03 0.17
CA LEU AA 23 -20.15 -9.18 -0.49
C LEU AA 23 -20.52 -9.75 -1.84
N ILE AA 24 -19.54 -10.32 -2.56
CA ILE AA 24 -19.86 -10.97 -3.83
C ILE AA 24 -20.89 -12.05 -3.61
N LEU AA 25 -20.62 -12.90 -2.62
CA LEU AA 25 -21.51 -14.00 -2.29
C LEU AA 25 -22.85 -13.50 -1.82
N TYR AA 26 -22.87 -12.39 -1.09
CA TYR AA 26 -24.16 -11.91 -0.63
C TYR AA 26 -24.96 -11.34 -1.78
N ILE AA 27 -24.29 -10.55 -2.63
CA ILE AA 27 -24.99 -9.81 -3.66
C ILE AA 27 -25.59 -10.76 -4.67
N GLN AA 28 -24.83 -11.78 -5.07
CA GLN AA 28 -25.35 -12.79 -5.96
C GLN AA 28 -26.43 -13.64 -5.31
N THR AA 29 -26.50 -13.68 -3.99
CA THR AA 29 -27.61 -14.37 -3.35
C THR AA 29 -28.85 -13.48 -3.38
N ALA AA 30 -28.65 -12.17 -3.22
CA ALA AA 30 -29.78 -11.27 -3.12
C ALA AA 30 -30.41 -10.97 -4.48
N SER AA 31 -29.72 -11.32 -5.56
CA SER AA 31 -30.21 -11.00 -6.88
C SER AA 31 -30.57 -12.28 -7.62
N TYR BA 28 -8.70 22.29 61.11
CA TYR BA 28 -8.26 21.70 59.86
C TYR BA 28 -9.44 21.38 58.94
N ASP BA 29 -10.59 21.08 59.55
CA ASP BA 29 -11.78 20.71 58.78
C ASP BA 29 -12.27 21.86 57.90
N ASP BA 30 -12.02 23.11 58.31
CA ASP BA 30 -12.32 24.24 57.45
C ASP BA 30 -11.39 24.30 56.25
N ILE BA 31 -10.13 23.90 56.41
CA ILE BA 31 -9.16 23.91 55.31
C ILE BA 31 -8.99 22.54 54.65
N ARG BA 32 -9.63 21.50 55.20
CA ARG BA 32 -9.59 20.18 54.56
C ARG BA 32 -10.49 20.20 53.34
N GLY BA 33 -9.88 20.13 52.15
CA GLY BA 33 -10.59 20.22 50.90
C GLY BA 33 -10.52 21.59 50.25
N SER BA 34 -10.24 22.64 51.02
CA SER BA 34 -10.05 23.96 50.44
C SER BA 34 -8.63 24.12 49.89
N GLY BA 35 -7.63 23.97 50.76
CA GLY BA 35 -6.25 24.05 50.30
C GLY BA 35 -5.44 25.20 50.85
N LEU BA 36 -5.66 25.54 52.12
CA LEU BA 36 -5.06 26.73 52.72
C LEU BA 36 -3.55 26.66 52.81
N ALA BA 37 -2.95 25.47 52.67
CA ALA BA 37 -1.50 25.41 52.55
C ALA BA 37 -1.03 25.89 51.18
N ASN BA 38 -1.70 25.43 50.12
CA ASN BA 38 -1.24 25.63 48.75
C ASN BA 38 -1.27 27.09 48.31
N ILE BA 61 15.05 32.54 61.71
CA ILE BA 61 13.87 32.77 60.89
C ILE BA 61 12.99 31.53 60.86
N ARG BA 62 11.68 31.75 61.00
CA ARG BA 62 10.69 30.68 61.16
C ARG BA 62 10.19 30.24 59.78
N SER BA 63 9.06 29.52 59.76
CA SER BA 63 8.44 28.94 58.57
C SER BA 63 8.22 29.95 57.47
N LEU BA 64 8.92 29.76 56.35
CA LEU BA 64 8.90 30.67 55.21
C LEU BA 64 8.21 29.97 54.05
N CYS BA 65 6.99 30.40 53.75
CA CYS BA 65 6.19 29.79 52.70
C CYS BA 65 6.29 30.65 51.45
N LEU BA 66 6.25 29.99 50.30
CA LEU BA 66 6.52 30.59 49.00
C LEU BA 66 5.39 30.15 48.08
N GLN BA 67 4.52 31.06 47.66
CA GLN BA 67 3.31 30.68 46.93
C GLN BA 67 3.33 31.24 45.52
N PRO BA 68 3.79 30.46 44.54
CA PRO BA 68 3.72 30.92 43.14
C PRO BA 68 2.30 30.99 42.64
N GLN BA 69 2.09 31.86 41.67
CA GLN BA 69 0.82 31.89 40.95
C GLN BA 69 0.99 31.93 39.43
N THR BA 70 2.23 31.86 38.93
CA THR BA 70 2.44 31.82 37.49
C THR BA 70 3.79 31.17 37.17
N PHE BA 71 3.85 30.46 36.03
CA PHE BA 71 5.04 29.71 35.61
C PHE BA 71 5.35 30.02 34.12
N LEU BA 72 6.15 31.05 33.88
CA LEU BA 72 6.59 31.35 32.52
C LEU BA 72 7.88 30.59 32.21
N VAL BA 73 7.82 29.70 31.22
CA VAL BA 73 8.99 28.97 30.74
C VAL BA 73 9.51 29.69 29.50
N GLU BA 74 10.82 29.90 29.42
CA GLU BA 74 11.43 30.58 28.29
C GLU BA 74 11.69 29.56 27.18
N THR BA 75 10.65 29.31 26.39
CA THR BA 75 10.75 28.39 25.27
C THR BA 75 11.48 29.04 24.11
N PHE BA 76 12.08 28.21 23.27
CA PHE BA 76 12.79 28.71 22.08
C PHE BA 76 11.88 28.66 20.86
N ARG BA 89 10.99 33.09 24.18
CA ARG BA 89 10.38 33.97 25.16
C ARG BA 89 9.70 33.18 26.27
N PHE BA 90 9.45 33.84 27.39
CA PHE BA 90 8.78 33.23 28.52
C PHE BA 90 7.28 33.21 28.26
N VAL BA 91 6.75 32.01 27.95
CA VAL BA 91 5.31 31.79 27.81
C VAL BA 91 4.80 31.07 29.06
N GLU BA 92 3.57 31.40 29.47
CA GLU BA 92 2.99 30.82 30.67
C GLU BA 92 2.03 29.70 30.33
N GLY BA 93 2.24 28.54 30.93
CA GLY BA 93 1.47 27.36 30.66
C GLY BA 93 0.28 27.21 31.59
N LYS BA 94 0.00 25.98 32.00
CA LYS BA 94 -1.07 25.70 32.95
C LYS BA 94 -0.66 24.60 33.93
N LEU BA 95 -1.20 24.68 35.15
CA LEU BA 95 -0.78 23.86 36.28
C LEU BA 95 -1.44 22.50 36.23
N LEU BA 96 -0.65 21.44 36.02
CA LEU BA 96 -1.24 20.12 35.86
C LEU BA 96 -1.21 19.30 37.14
N THR BA 97 -0.59 19.84 38.17
CA THR BA 97 -0.50 19.22 39.48
C THR BA 97 -1.25 20.07 40.49
N ARG BA 98 -2.44 19.57 40.89
CA ARG BA 98 -3.69 20.28 41.27
C ARG BA 98 -3.41 21.60 41.99
N SER BA 99 -2.85 21.58 43.20
CA SER BA 99 -2.37 22.77 43.89
C SER BA 99 -1.40 22.28 44.96
N SER BA 100 -0.15 22.01 44.58
CA SER BA 100 0.80 21.49 45.55
C SER BA 100 2.13 22.21 45.40
N PHE BA 101 2.07 23.52 45.15
CA PHE BA 101 3.26 24.29 44.78
C PHE BA 101 3.72 25.23 45.89
N THR BA 102 3.28 25.02 47.13
CA THR BA 102 3.62 25.93 48.21
C THR BA 102 4.93 25.48 48.86
N LEU BA 103 6.04 26.12 48.48
CA LEU BA 103 7.32 25.82 49.10
C LEU BA 103 7.29 26.38 50.51
N ASP BA 104 6.90 25.56 51.47
CA ASP BA 104 6.46 26.09 52.75
C ASP BA 104 7.33 25.57 53.90
N GLN BA 105 7.27 26.31 55.01
CA GLN BA 105 7.89 25.96 56.28
C GLN BA 105 9.41 25.88 56.19
N VAL BA 106 10.00 26.67 55.31
CA VAL BA 106 11.46 26.73 55.17
C VAL BA 106 12.08 27.38 56.40
N LEU BA 118 23.90 41.24 55.17
CA LEU BA 118 22.69 40.46 55.37
C LEU BA 118 22.60 39.28 54.40
N THR BA 119 22.51 38.07 54.95
CA THR BA 119 22.41 36.86 54.14
C THR BA 119 21.59 35.82 54.88
N PHE BA 120 20.86 35.01 54.12
CA PHE BA 120 19.99 33.94 54.68
C PHE BA 120 20.46 32.57 54.14
N VAL BA 121 20.68 31.62 55.04
CA VAL BA 121 21.13 30.28 54.69
C VAL BA 121 19.91 29.37 54.66
N GLU BA 122 19.87 28.45 53.71
CA GLU BA 122 18.74 27.54 53.57
C GLU BA 122 18.69 26.55 54.73
N GLN BA 123 17.50 26.00 54.94
CA GLN BA 123 17.17 25.17 56.09
C GLN BA 123 16.30 24.01 55.63
N GLY BA 124 15.61 23.35 56.56
CA GLY BA 124 14.71 22.28 56.18
C GLY BA 124 13.42 22.79 55.58
N GLY BA 125 12.30 22.17 55.92
CA GLY BA 125 11.03 22.53 55.33
C GLY BA 125 10.87 22.00 53.92
N PHE BA 126 9.73 22.30 53.33
CA PHE BA 126 9.44 21.85 51.96
C PHE BA 126 10.13 22.79 50.97
N ASP BA 127 11.45 22.62 50.94
CA ASP BA 127 12.31 23.31 50.00
C ASP BA 127 12.39 22.60 48.67
N PHE BA 128 11.40 21.77 48.36
CA PHE BA 128 11.21 21.24 47.01
C PHE BA 128 9.71 21.07 46.81
N GLN BA 129 9.25 21.37 45.60
CA GLN BA 129 7.91 21.01 45.15
C GLN BA 129 8.04 20.64 43.66
N PRO BA 130 7.87 19.36 43.33
CA PRO BA 130 7.76 18.97 41.92
C PRO BA 130 6.41 19.30 41.27
N VAL BA 131 6.38 20.23 40.32
CA VAL BA 131 5.13 20.63 39.70
C VAL BA 131 5.28 20.50 38.19
N THR BA 132 4.41 19.69 37.58
CA THR BA 132 4.37 19.54 36.13
C THR BA 132 3.43 20.59 35.57
N VAL BA 133 3.95 21.48 34.73
CA VAL BA 133 3.10 22.48 34.09
C VAL BA 133 3.03 22.18 32.59
N GLN BA 134 2.02 22.73 31.93
CA GLN BA 134 1.92 22.52 30.48
C GLN BA 134 1.92 23.86 29.76
N ASN BA 137 0.79 24.11 22.80
CA ASN BA 137 1.78 23.15 22.30
C ASN BA 137 1.38 21.73 22.65
N GLY BA 138 1.33 21.42 23.95
CA GLY BA 138 0.95 20.11 24.41
C GLY BA 138 2.10 19.28 24.96
N ASP BA 139 3.04 19.95 25.63
CA ASP BA 139 4.23 19.29 26.17
C ASP BA 139 4.29 19.53 27.67
N ARG BA 140 4.36 18.46 28.44
CA ARG BA 140 4.47 18.53 29.89
C ARG BA 140 5.90 18.83 30.31
N VAL BA 141 6.08 19.87 31.13
CA VAL BA 141 7.39 20.22 31.67
C VAL BA 141 7.35 19.99 33.18
N PRO BA 142 7.95 18.89 33.67
CA PRO BA 142 7.97 18.62 35.12
C PRO BA 142 9.06 19.36 35.89
N LEU BA 143 8.84 20.57 36.38
CA LEU BA 143 9.94 21.33 36.97
C LEU BA 143 9.98 21.06 38.47
N LEU BA 144 11.16 20.77 38.99
CA LEU BA 144 11.39 20.73 40.44
C LEU BA 144 11.60 22.16 40.93
N PHE BA 145 10.49 22.84 41.21
CA PHE BA 145 10.57 24.11 41.93
C PHE BA 145 11.26 23.91 43.27
N THR BA 146 12.41 24.52 43.48
CA THR BA 146 13.08 24.31 44.75
C THR BA 146 13.99 25.49 45.02
N VAL BA 147 14.28 25.72 46.30
CA VAL BA 147 15.41 26.55 46.73
C VAL BA 147 16.20 25.80 47.79
N LYS BA 148 17.29 25.17 47.37
CA LYS BA 148 18.24 24.55 48.29
C LYS BA 148 19.55 25.33 48.22
N GLY BA 149 19.73 26.29 49.11
CA GLY BA 149 20.97 27.03 49.20
C GLY BA 149 20.82 28.52 48.92
N THR BA 160 18.24 47.30 57.28
CA THR BA 160 16.99 46.92 57.93
C THR BA 160 15.95 46.47 56.90
N ILE BA 161 14.95 45.72 57.35
CA ILE BA 161 13.89 45.23 56.48
C ILE BA 161 12.84 46.33 56.33
N ARG BA 162 12.72 46.87 55.12
CA ARG BA 162 11.80 47.94 54.80
C ARG BA 162 11.01 47.52 53.58
N PRO BA 163 10.03 48.31 53.10
CA PRO BA 163 9.39 47.93 51.84
C PRO BA 163 10.21 48.25 50.59
N SER BA 164 11.52 48.00 50.61
CA SER BA 164 12.31 47.98 49.38
C SER BA 164 13.39 46.91 49.42
N THR BA 165 13.69 46.40 50.62
CA THR BA 165 14.90 45.61 50.85
C THR BA 165 14.81 44.23 50.20
N ARG BA 166 15.83 43.85 49.44
CA ARG BA 166 15.79 42.57 48.74
C ARG BA 166 16.95 41.66 49.12
N PHE BA 167 16.63 40.38 49.31
CA PHE BA 167 17.60 39.33 49.60
C PHE BA 167 17.87 38.50 48.34
N SER BA 168 18.61 39.08 47.41
CA SER BA 168 18.96 38.37 46.18
C SER BA 168 19.98 37.28 46.46
N GLY BA 169 19.79 36.11 45.85
CA GLY BA 169 20.65 34.97 46.11
C GLY BA 169 20.52 33.91 45.05
N SER BA 170 21.30 32.84 45.24
CA SER BA 170 21.33 31.70 44.32
C SER BA 170 21.23 30.40 45.12
N PHE BA 171 20.63 29.39 44.48
CA PHE BA 171 20.35 28.10 45.08
C PHE BA 171 20.73 26.97 44.14
N ASP BA 172 21.00 25.80 44.74
CA ASP BA 172 21.41 24.62 44.00
C ASP BA 172 20.21 23.69 43.83
N VAL BA 173 19.72 23.61 42.60
CA VAL BA 173 18.59 22.75 42.20
C VAL BA 173 19.09 21.31 42.08
N PRO BA 174 18.60 20.38 42.90
CA PRO BA 174 18.91 18.96 42.72
C PRO BA 174 18.19 18.40 41.51
N PRO BA 175 18.53 17.19 41.05
CA PRO BA 175 17.75 16.59 39.97
C PRO BA 175 16.31 16.34 40.39
N TYR BA 176 15.42 16.38 39.39
CA TYR BA 176 13.98 16.18 39.59
C TYR BA 176 13.70 14.92 40.38
N ARG BA 177 14.26 13.80 39.96
CA ARG BA 177 14.13 12.55 40.67
C ARG BA 177 15.51 12.09 41.11
N THR BA 178 15.56 11.37 42.23
CA THR BA 178 16.84 10.90 42.72
C THR BA 178 17.30 9.70 41.91
N SER BA 179 18.54 9.29 42.13
CA SER BA 179 19.16 8.32 41.22
C SER BA 179 18.60 6.92 41.36
N SER BA 180 17.77 6.63 42.36
CA SER BA 180 17.07 5.36 42.45
C SER BA 180 15.79 5.34 41.60
N PHE BA 181 15.60 6.29 40.69
CA PHE BA 181 14.52 6.19 39.70
C PHE BA 181 14.89 5.22 38.60
N ILE BA 182 13.87 4.52 38.10
CA ILE BA 182 13.99 3.57 36.99
C ILE BA 182 13.10 4.03 35.85
N ASP BA 183 13.63 4.03 34.64
CA ASP BA 183 12.86 4.31 33.44
C ASP BA 183 11.92 3.15 33.10
N PRO BA 184 11.08 3.30 32.07
CA PRO BA 184 10.32 2.14 31.56
C PRO BA 184 11.12 0.89 31.14
N LYS BA 185 12.43 0.95 30.96
CA LYS BA 185 13.17 -0.20 30.47
C LYS BA 185 13.90 -0.98 31.54
N GLY BA 186 13.73 -0.64 32.81
CA GLY BA 186 14.42 -1.32 33.87
C GLY BA 186 15.73 -0.68 34.30
N ARG BA 187 16.16 0.39 33.64
CA ARG BA 187 17.47 0.94 33.93
C ARG BA 187 17.37 2.11 34.89
N GLY BA 188 18.41 2.25 35.71
CA GLY BA 188 18.50 3.33 36.66
C GLY BA 188 19.92 3.40 37.18
N LEU BA 189 20.17 4.39 38.04
CA LEU BA 189 21.54 4.71 38.42
C LEU BA 189 21.93 4.11 39.76
N ALA BA 190 21.21 4.46 40.82
CA ALA BA 190 21.46 3.82 42.10
C ALA BA 190 20.95 2.39 42.10
N VAL BA 191 19.76 2.17 41.54
CA VAL BA 191 19.18 0.86 41.33
C VAL BA 191 18.66 0.78 39.90
N GLY BA 192 18.95 -0.35 39.24
CA GLY BA 192 18.45 -0.57 37.90
C GLY BA 192 19.46 -1.14 36.92
N TYR BA 193 19.00 -1.43 35.71
CA TYR BA 193 19.88 -1.83 34.63
C TYR BA 193 20.83 -0.71 34.25
N ASP BA 194 21.93 -1.11 33.62
CA ASP BA 194 22.92 -0.20 33.09
C ASP BA 194 22.77 0.01 31.59
N ALA BA 195 21.99 -0.84 30.93
CA ALA BA 195 21.75 -0.76 29.50
C ALA BA 195 20.32 -1.23 29.21
N ALA BA 196 19.85 -0.93 28.01
CA ALA BA 196 18.59 -1.49 27.53
C ALA BA 196 18.68 -3.01 27.43
N VAL BA 197 17.87 -3.70 28.24
CA VAL BA 197 17.84 -5.17 28.20
C VAL BA 197 16.72 -5.71 27.33
N GLY BA 198 16.00 -4.84 26.62
CA GLY BA 198 15.05 -5.34 25.64
C GLY BA 198 15.73 -5.92 24.41
N ILE BA 199 16.76 -5.25 23.93
CA ILE BA 199 17.43 -5.62 22.68
C ILE BA 199 18.85 -6.08 22.96
N PRO BA 200 19.46 -6.87 22.07
CA PRO BA 200 20.82 -7.42 22.23
C PRO BA 200 21.54 -7.64 20.90
N ARG BA 205 26.10 -0.12 24.25
CA ARG BA 205 25.90 -1.20 23.30
C ARG BA 205 25.77 -0.64 21.89
N GLU BA 206 25.00 0.44 21.78
CA GLU BA 206 24.68 1.07 20.51
C GLU BA 206 24.50 2.56 20.79
N ALA BA 207 23.79 3.26 19.89
CA ALA BA 207 23.46 4.68 20.06
C ALA BA 207 22.51 4.96 21.22
N PHE BA 208 22.14 3.96 22.01
CA PHE BA 208 21.24 4.13 23.15
C PHE BA 208 21.94 4.66 24.37
N SER BA 209 23.28 4.75 24.35
CA SER BA 209 24.07 4.99 25.56
C SER BA 209 23.88 6.38 26.15
N ARG BA 210 23.23 7.30 25.43
CA ARG BA 210 22.87 8.57 26.03
C ARG BA 210 21.72 8.41 27.03
N GLN BA 211 20.82 7.46 26.78
CA GLN BA 211 19.78 7.16 27.76
C GLN BA 211 20.16 6.03 28.70
N ASN BA 212 21.14 5.20 28.34
CA ASN BA 212 21.58 4.10 29.21
C ASN BA 212 22.23 4.58 30.49
N ASN BA 213 23.40 5.22 30.37
CA ASN BA 213 24.18 5.68 31.52
C ASN BA 213 23.61 6.99 32.04
N LYS BA 214 22.85 6.92 33.14
CA LYS BA 214 22.19 8.10 33.66
C LYS BA 214 23.12 8.92 34.56
N SER BA 215 22.98 10.25 34.46
CA SER BA 215 23.81 11.19 35.21
C SER BA 215 22.95 11.93 36.22
N PHE BA 216 23.62 12.44 37.26
CA PHE BA 216 22.97 13.20 38.32
C PHE BA 216 23.80 14.46 38.59
N LYS BA 217 23.57 15.50 37.79
CA LYS BA 217 24.27 16.77 37.99
C LYS BA 217 23.45 17.69 38.88
N VAL BA 218 23.87 18.95 39.00
CA VAL BA 218 23.16 19.91 39.83
C VAL BA 218 23.06 21.20 39.04
N GLY BA 219 21.96 21.93 39.26
CA GLY BA 219 21.74 23.17 38.56
C GLY BA 219 21.75 24.33 39.52
N THR BA 220 21.87 25.54 38.98
CA THR BA 220 21.77 26.73 39.80
C THR BA 220 20.56 27.54 39.39
N GLY BA 221 19.98 28.22 40.37
CA GLY BA 221 18.86 29.10 40.16
C GLY BA 221 19.06 30.43 40.86
N ASN BA 222 18.78 31.54 40.18
CA ASN BA 222 18.82 32.85 40.82
C ASN BA 222 17.42 33.23 41.31
N ILE BA 223 17.33 33.67 42.56
CA ILE BA 223 16.06 34.10 43.15
C ILE BA 223 16.25 35.49 43.75
N VAL BA 224 15.34 36.41 43.44
CA VAL BA 224 15.34 37.75 44.00
C VAL BA 224 14.06 37.90 44.80
N LEU BA 225 14.22 38.10 46.11
CA LEU BA 225 13.10 38.18 47.04
C LEU BA 225 12.85 39.66 47.37
N GLN BA 226 11.69 40.18 46.98
CA GLN BA 226 11.29 41.54 47.30
C GLN BA 226 10.52 41.56 48.61
N VAL BA 227 10.77 42.56 49.44
CA VAL BA 227 10.03 42.76 50.69
C VAL BA 227 9.14 43.98 50.53
N ASP BA 228 7.83 43.78 50.69
CA ASP BA 228 6.84 44.83 50.49
C ASP BA 228 6.07 45.18 51.76
N ARG BA 229 5.53 44.19 52.47
CA ARG BA 229 4.73 44.43 53.66
C ARG BA 229 5.44 43.90 54.90
N VAL BA 230 5.75 44.79 55.83
CA VAL BA 230 6.47 44.41 57.04
C VAL BA 230 5.62 44.78 58.24
N ASN BA 231 5.32 43.80 59.09
CA ASN BA 231 4.52 44.00 60.30
C ASN BA 231 5.37 43.47 61.46
N GLN BA 232 6.00 44.39 62.19
CA GLN BA 232 6.89 44.02 63.29
C GLN BA 232 6.16 43.67 64.57
N SER BA 233 4.85 43.98 64.66
CA SER BA 233 4.08 43.59 65.83
C SER BA 233 3.99 42.08 65.96
N THR BA 234 3.74 41.38 64.85
CA THR BA 234 3.87 39.94 64.84
C THR BA 234 5.33 39.52 64.70
N GLY BA 235 6.15 40.34 64.03
CA GLY BA 235 7.54 40.04 63.84
C GLY BA 235 7.76 39.33 62.52
N GLU BA 236 7.15 39.84 61.45
CA GLU BA 236 7.06 39.08 60.21
C GLU BA 236 7.01 39.98 58.99
N ILE BA 237 7.64 39.52 57.91
CA ILE BA 237 7.72 40.30 56.68
C ILE BA 237 7.26 39.45 55.49
N SER BA 238 6.73 40.12 54.48
CA SER BA 238 6.14 39.47 53.33
C SER BA 238 6.41 40.31 52.10
N GLY BA 239 6.29 39.67 50.94
CA GLY BA 239 6.60 40.33 49.69
C GLY BA 239 6.47 39.36 48.54
N SER BA 240 7.05 39.73 47.40
CA SER BA 240 7.01 38.91 46.20
C SER BA 240 8.41 38.44 45.82
N PHE BA 241 8.47 37.44 44.94
CA PHE BA 241 9.76 36.97 44.43
C PHE BA 241 9.76 36.90 42.91
N GLU BA 242 10.95 36.74 42.34
CA GLU BA 242 11.12 36.16 41.02
C GLU BA 242 12.25 35.14 41.07
N SER BA 243 11.99 33.94 40.57
CA SER BA 243 13.01 32.90 40.58
C SER BA 243 13.13 32.23 39.21
N GLN BA 244 14.38 31.99 38.81
CA GLN BA 244 14.69 31.40 37.50
C GLN BA 244 15.47 30.11 37.75
N GLN BA 245 14.81 28.96 37.64
CA GLN BA 245 15.53 27.71 37.88
C GLN BA 245 15.25 26.73 36.76
N PRO BA 246 16.20 25.83 36.44
CA PRO BA 246 15.99 24.91 35.33
C PRO BA 246 15.01 23.79 35.65
N SER BA 247 14.48 23.20 34.59
CA SER BA 247 13.54 22.09 34.68
C SER BA 247 14.29 20.77 34.60
N ASP BA 248 13.56 19.68 34.34
CA ASP BA 248 14.11 18.34 34.36
C ASP BA 248 14.69 17.95 33.01
N THR BA 249 15.81 17.22 33.04
CA THR BA 249 16.45 16.69 31.83
C THR BA 249 16.19 15.21 31.60
N ASP BA 250 15.39 14.57 32.47
CA ASP BA 250 15.12 13.12 32.42
C ASP BA 250 16.42 12.32 32.52
N PHE BA 251 17.20 12.60 33.58
CA PHE BA 251 18.52 11.99 33.83
C PHE BA 251 19.47 12.17 32.64
N GLY BA 252 19.44 13.36 32.04
CA GLY BA 252 20.23 13.59 30.86
C GLY BA 252 19.65 12.90 29.64
N SER BA 253 18.46 13.36 29.21
CA SER BA 253 17.82 12.86 28.00
C SER BA 253 17.28 13.96 27.09
N LYS BA 254 16.96 15.13 27.63
CA LYS BA 254 16.33 16.20 26.88
C LYS BA 254 16.81 17.53 27.45
N PRO BA 255 17.00 18.55 26.62
CA PRO BA 255 17.48 19.84 27.13
C PRO BA 255 16.39 20.56 27.92
N ALA BA 256 16.67 20.80 29.20
CA ALA BA 256 15.72 21.52 30.04
C ALA BA 256 15.67 22.99 29.64
N MET BA 257 14.63 23.66 30.12
CA MET BA 257 14.44 25.08 29.87
C MET BA 257 14.22 25.79 31.21
N THR BA 258 14.48 27.10 31.21
CA THR BA 258 14.36 27.90 32.41
C THR BA 258 12.91 28.35 32.58
N VAL BA 259 12.42 28.29 33.81
CA VAL BA 259 11.08 28.75 34.16
C VAL BA 259 11.19 29.96 35.08
N LYS BA 260 10.37 30.96 34.79
CA LYS BA 260 10.21 32.15 35.61
C LYS BA 260 9.08 31.90 36.59
N ILE BA 261 9.31 32.18 37.87
CA ILE BA 261 8.31 31.95 38.91
C ILE BA 261 8.08 33.25 39.66
N LEU BA 262 6.81 33.62 39.84
CA LEU BA 262 6.41 34.80 40.61
C LEU BA 262 5.34 34.44 41.62
N GLY BA 263 5.42 35.06 42.79
CA GLY BA 263 4.44 34.83 43.82
C GLY BA 263 4.87 35.44 45.13
N GLN BA 264 3.90 35.51 46.04
CA GLN BA 264 4.10 36.12 47.34
C GLN BA 264 4.64 35.12 48.34
N PHE BA 265 5.49 35.61 49.22
CA PHE BA 265 6.04 34.84 50.32
C PHE BA 265 5.87 35.65 51.59
N TYR BA 266 5.97 34.95 52.71
CA TYR BA 266 5.71 35.50 54.03
C TYR BA 266 6.50 34.69 55.04
N SER BA 267 7.28 35.36 55.88
CA SER BA 267 8.12 34.68 56.86
C SER BA 267 8.11 35.43 58.18
N ARG BA 268 8.44 34.70 59.24
CA ARG BA 268 8.51 35.21 60.61
C ARG BA 268 9.99 35.20 61.02
N ILE BA 269 10.63 36.37 60.97
CA ILE BA 269 12.02 36.45 61.40
C ILE BA 269 12.09 36.35 62.92
N THR BA 270 12.77 35.32 63.40
CA THR BA 270 12.92 35.13 64.84
C THR BA 270 14.20 34.38 65.16
N MET CA 1 0.90 6.08 10.47
CA MET CA 1 -0.12 5.46 9.59
C MET CA 1 -0.67 4.19 10.25
N GLU CA 2 -0.10 3.82 11.41
CA GLU CA 2 -0.53 2.64 12.13
C GLU CA 2 -1.82 2.90 12.91
N ALA CA 3 -2.03 4.12 13.38
CA ALA CA 3 -3.31 4.44 13.98
C ALA CA 3 -4.41 4.54 12.95
N VAL CA 4 -4.06 4.85 11.71
CA VAL CA 4 -5.07 5.05 10.65
C VAL CA 4 -5.75 3.73 10.34
N ALA CA 5 -4.96 2.65 10.22
CA ALA CA 5 -5.46 1.29 10.06
C ALA CA 5 -6.37 0.88 11.20
N TYR CA 6 -5.99 1.18 12.44
CA TYR CA 6 -6.81 0.80 13.59
C TYR CA 6 -8.15 1.53 13.56
N ILE CA 7 -8.13 2.84 13.25
CA ILE CA 7 -9.35 3.62 13.25
C ILE CA 7 -10.27 3.23 12.08
N LEU CA 8 -9.68 2.96 10.92
CA LEU CA 8 -10.46 2.47 9.78
C LEU CA 8 -11.11 1.14 10.07
N ILE CA 9 -10.38 0.21 10.71
CA ILE CA 9 -10.98 -1.09 10.99
C ILE CA 9 -12.06 -0.96 12.05
N PHE CA 10 -11.85 -0.10 13.05
CA PHE CA 10 -12.88 0.12 14.07
C PHE CA 10 -14.14 0.75 13.46
N ALA CA 11 -13.96 1.66 12.49
CA ALA CA 11 -15.10 2.19 11.75
C ALA CA 11 -15.81 1.09 10.96
N CYS CA 12 -15.07 0.11 10.46
CA CYS CA 12 -15.70 -1.02 9.75
C CYS CA 12 -16.52 -1.90 10.70
N ILE CA 13 -16.01 -2.18 11.90
CA ILE CA 13 -16.84 -2.87 12.90
C ILE CA 13 -18.09 -2.06 13.22
N ILE CA 14 -17.96 -0.74 13.37
CA ILE CA 14 -19.12 0.07 13.74
C ILE CA 14 -20.15 0.11 12.61
N GLY CA 15 -19.69 0.19 11.37
CA GLY CA 15 -20.60 0.15 10.24
C GLY CA 15 -21.33 -1.18 10.13
N THR CA 16 -20.60 -2.29 10.32
CA THR CA 16 -21.25 -3.59 10.32
C THR CA 16 -22.26 -3.72 11.45
N LEU CA 17 -21.97 -3.15 12.60
CA LEU CA 17 -22.89 -3.26 13.74
C LEU CA 17 -24.17 -2.48 13.46
N PHE CA 18 -24.04 -1.28 12.90
CA PHE CA 18 -25.20 -0.48 12.51
C PHE CA 18 -26.04 -1.21 11.47
N PHE CA 19 -25.39 -1.72 10.43
CA PHE CA 19 -26.15 -2.32 9.34
C PHE CA 19 -26.75 -3.66 9.75
N ALA CA 20 -26.16 -4.33 10.71
CA ALA CA 20 -26.73 -5.58 11.17
C ALA CA 20 -27.81 -5.39 12.20
N ILE CA 21 -27.92 -4.20 12.77
CA ILE CA 21 -29.10 -3.91 13.58
C ILE CA 21 -30.15 -3.23 12.71
N ALA CA 22 -29.78 -2.11 12.08
CA ALA CA 22 -30.75 -1.31 11.35
C ALA CA 22 -31.29 -2.05 10.13
N PHE CA 23 -30.42 -2.45 9.23
CA PHE CA 23 -30.85 -3.13 8.01
C PHE CA 23 -30.63 -4.63 8.12
N ARG CA 24 -31.28 -5.24 9.09
CA ARG CA 24 -31.18 -6.67 9.28
C ARG CA 24 -32.26 -7.37 8.49
N GLU CA 25 -32.01 -8.63 8.14
CA GLU CA 25 -32.99 -9.44 7.44
C GLU CA 25 -34.14 -9.76 8.40
N PRO CA 26 -35.38 -9.50 8.03
CA PRO CA 26 -36.48 -9.71 8.97
C PRO CA 26 -36.73 -11.18 9.27
N PRO CA 27 -36.88 -11.53 10.54
CA PRO CA 27 -37.29 -12.90 10.90
C PRO CA 27 -38.79 -13.08 10.76
N LYS CA 28 -39.19 -13.86 9.75
CA LYS CA 28 -40.59 -14.13 9.49
C LYS CA 28 -41.04 -15.40 10.19
N ILE CA 29 -42.23 -15.37 10.79
CA ILE CA 29 -42.72 -16.53 11.51
C ILE CA 29 -43.20 -17.56 10.49
N THR CA 30 -42.33 -18.55 10.22
CA THR CA 30 -42.55 -19.68 9.31
C THR CA 30 -42.92 -19.24 7.89
N ILE DA 81 34.50 2.30 56.40
CA ILE DA 81 33.49 2.90 55.54
C ILE DA 81 33.73 4.39 55.40
N ASP DA 82 33.52 4.90 54.18
CA ASP DA 82 33.59 6.33 53.92
C ASP DA 82 32.56 7.08 54.77
N VAL DA 83 32.90 8.30 55.16
CA VAL DA 83 31.99 9.05 56.03
C VAL DA 83 31.51 10.29 55.29
N ASN DA 84 31.60 10.25 53.96
CA ASN DA 84 30.93 11.30 53.18
C ASN DA 84 30.27 10.76 51.92
N ASN DA 85 30.05 9.44 51.79
CA ASN DA 85 29.31 8.96 50.65
C ASN DA 85 28.40 7.82 51.12
N THR DA 86 28.72 7.24 52.27
CA THR DA 86 28.10 6.01 52.71
C THR DA 86 26.94 6.28 53.68
N ASN DA 87 25.95 5.39 53.65
CA ASN DA 87 24.66 5.61 54.31
C ASN DA 87 24.72 5.14 55.76
N ILE DA 88 23.57 5.10 56.45
CA ILE DA 88 23.52 4.56 57.81
C ILE DA 88 23.44 3.03 57.83
N ALA DA 89 22.85 2.42 56.79
CA ALA DA 89 22.70 0.97 56.76
C ALA DA 89 24.04 0.24 56.63
N ALA DA 90 25.05 0.89 56.05
CA ALA DA 90 26.39 0.33 55.96
C ALA DA 90 27.30 0.85 57.05
N PHE DA 91 26.72 1.43 58.09
CA PHE DA 91 27.42 1.70 59.33
C PHE DA 91 27.02 0.68 60.39
N ARG DA 92 26.02 -0.16 60.09
CA ARG DA 92 25.78 -1.41 60.83
C ARG DA 92 26.99 -2.32 60.93
N LYS DA 93 27.76 -2.42 59.84
CA LYS DA 93 28.77 -3.45 59.71
C LYS DA 93 29.84 -3.37 60.82
N HIS DA 94 30.14 -2.16 61.26
CA HIS DA 94 31.10 -1.93 62.34
C HIS DA 94 30.58 -2.44 63.67
N ARG DA 95 31.50 -2.90 64.52
CA ARG DA 95 31.14 -3.53 65.78
C ARG DA 95 30.64 -2.49 66.78
N GLY DA 96 29.35 -2.18 66.70
CA GLY DA 96 28.64 -1.37 67.67
C GLY DA 96 28.69 0.11 67.36
N LEU DA 97 27.85 0.56 66.44
CA LEU DA 97 27.89 1.97 66.06
C LEU DA 97 26.48 2.58 65.97
N TYR DA 98 25.50 1.78 65.55
CA TYR DA 98 24.13 2.24 65.31
C TYR DA 98 23.50 2.70 66.63
N PRO DA 99 22.59 3.70 66.62
CA PRO DA 99 22.19 4.62 65.54
C PRO DA 99 22.60 6.09 65.73
N THR DA 100 22.99 6.49 66.94
CA THR DA 100 23.23 7.90 67.21
C THR DA 100 24.52 8.38 66.57
N ILE DA 101 25.57 7.56 66.67
CA ILE DA 101 26.86 7.88 66.05
C ILE DA 101 26.68 8.01 64.55
N ALA DA 102 26.00 7.04 63.97
CA ALA DA 102 25.68 7.07 62.55
C ALA DA 102 24.67 8.15 62.20
N GLY DA 103 23.73 8.46 63.09
CA GLY DA 103 22.77 9.51 62.80
C GLY DA 103 23.33 10.91 62.92
N LYS DA 104 24.50 11.06 63.55
CA LYS DA 104 25.17 12.35 63.68
C LYS DA 104 26.35 12.52 62.74
N VAL DA 105 27.01 11.44 62.34
CA VAL DA 105 28.13 11.56 61.41
C VAL DA 105 27.59 11.88 60.02
N VAL DA 106 26.33 11.56 59.76
CA VAL DA 106 25.73 11.77 58.45
C VAL DA 106 24.98 13.09 58.36
N SER DA 107 24.42 13.57 59.48
CA SER DA 107 23.53 14.72 59.47
C SER DA 107 24.26 15.99 59.05
N ASN DA 108 25.53 16.11 59.40
CA ASN DA 108 26.39 17.19 58.94
C ASN DA 108 27.28 16.65 57.82
N ALA DA 109 27.23 17.29 56.65
CA ALA DA 109 27.99 16.89 55.48
C ALA DA 109 28.11 18.09 54.55
N PRO DA 110 29.19 18.20 53.77
CA PRO DA 110 30.41 17.38 53.74
C PRO DA 110 31.43 17.67 54.87
N TYR DA 111 32.23 16.65 55.16
CA TYR DA 111 33.39 16.74 56.04
C TYR DA 111 34.66 16.77 55.20
N ASP DA 112 35.50 17.79 55.42
CA ASP DA 112 36.77 17.85 54.70
C ASP DA 112 37.81 16.94 55.37
N SER DA 113 38.10 17.19 56.64
CA SER DA 113 39.04 16.35 57.36
C SER DA 113 38.43 14.98 57.64
N ILE DA 114 39.28 13.94 57.56
CA ILE DA 114 38.86 12.60 57.96
C ILE DA 114 38.59 12.58 59.46
N GLU DA 115 39.41 13.27 60.23
CA GLU DA 115 39.28 13.32 61.69
C GLU DA 115 38.39 14.45 62.15
N ASP DA 116 37.57 15.00 61.24
CA ASP DA 116 36.62 16.03 61.60
C ASP DA 116 35.37 15.47 62.25
N ILE DA 117 35.15 14.15 62.14
CA ILE DA 117 34.02 13.55 62.87
C ILE DA 117 34.31 13.53 64.36
N LEU DA 118 35.56 13.73 64.76
CA LEU DA 118 35.93 13.52 66.15
C LEU DA 118 35.81 14.79 66.98
N ASP DA 119 35.71 15.94 66.31
CA ASP DA 119 35.49 17.22 66.98
C ASP DA 119 34.14 17.18 67.71
N ILE DA 120 33.15 16.55 67.10
CA ILE DA 120 31.79 16.33 67.62
C ILE DA 120 31.13 17.66 67.94
N PRO DA 121 30.60 18.38 66.93
CA PRO DA 121 30.03 19.70 67.16
C PRO DA 121 28.85 19.78 68.14
N GLY DA 122 28.14 18.67 68.36
CA GLY DA 122 27.12 18.65 69.39
C GLY DA 122 27.00 17.36 70.16
N LEU DA 123 27.91 16.41 69.93
CA LEU DA 123 27.84 15.13 70.61
C LEU DA 123 28.54 15.18 71.96
N ARG DA 124 28.18 14.24 72.82
CA ARG DA 124 28.64 14.17 74.20
C ARG DA 124 29.94 13.34 74.27
N GLU DA 125 30.37 13.02 75.49
CA GLU DA 125 31.64 12.31 75.68
C GLU DA 125 31.53 10.82 75.39
N VAL DA 126 30.38 10.22 75.64
CA VAL DA 126 30.17 8.81 75.35
C VAL DA 126 30.11 8.56 73.85
N GLU DA 127 29.78 9.59 73.07
CA GLU DA 127 29.86 9.51 71.63
C GLU DA 127 31.28 9.80 71.15
N LYS DA 128 31.90 10.84 71.72
CA LYS DA 128 33.23 11.28 71.33
C LYS DA 128 34.29 10.19 71.51
N ASP DA 129 34.37 9.61 72.72
CA ASP DA 129 35.38 8.57 72.98
C ASP DA 129 35.17 7.33 72.13
N ARG DA 130 33.91 6.90 71.99
CA ARG DA 130 33.62 5.69 71.21
C ARG DA 130 33.97 5.89 69.73
N LEU DA 131 33.67 7.07 69.18
CA LEU DA 131 34.14 7.38 67.84
C LEU DA 131 35.66 7.48 67.79
N GLN DA 132 36.29 7.91 68.89
CA GLN DA 132 37.75 8.01 68.94
C GLN DA 132 38.41 6.66 68.88
N LYS DA 133 37.74 5.61 69.36
CA LYS DA 133 38.21 4.27 69.09
C LYS DA 133 38.16 3.94 67.60
N ASN DA 134 37.06 4.32 66.94
CA ASN DA 134 36.80 3.92 65.55
C ASN DA 134 37.26 5.01 64.59
N MET DA 135 38.54 4.98 64.25
CA MET DA 135 39.10 5.87 63.25
C MET DA 135 39.82 5.13 62.12
N ASP DA 136 39.84 3.80 62.15
CA ASP DA 136 40.58 3.01 61.18
C ASP DA 136 39.79 2.72 59.90
N ILE DA 137 38.56 3.22 59.78
CA ILE DA 137 37.74 2.88 58.62
C ILE DA 137 37.17 4.14 57.97
N PHE DA 138 37.19 5.26 58.68
CA PHE DA 138 36.54 6.47 58.20
C PHE DA 138 37.32 7.13 57.07
N THR DA 139 36.60 7.81 56.19
CA THR DA 139 37.18 8.43 55.00
C THR DA 139 36.42 9.70 54.65
N ILE DA 140 37.03 10.50 53.78
CA ILE DA 140 36.46 11.77 53.34
C ILE DA 140 36.54 11.90 51.82
N SER DA 141 36.43 10.77 51.10
CA SER DA 141 36.77 10.71 49.67
C SER DA 141 35.94 11.62 48.77
N ASP DA 142 34.64 11.32 48.60
CA ASP DA 142 33.87 12.05 47.61
C ASP DA 142 32.37 12.00 47.88
N PRO DA 143 31.74 13.15 48.19
CA PRO DA 143 30.27 13.16 48.27
C PRO DA 143 29.62 13.18 46.90
N VAL DA 144 29.10 12.04 46.47
CA VAL DA 144 28.50 11.93 45.15
C VAL DA 144 27.09 12.53 45.19
N PRO DA 145 26.76 13.47 44.29
CA PRO DA 145 25.42 14.08 44.33
C PRO DA 145 24.27 13.11 44.06
N ALA DA 146 24.53 11.97 43.41
CA ALA DA 146 23.50 10.96 43.28
C ALA DA 146 23.22 10.23 44.60
N LEU DA 147 24.13 10.32 45.57
CA LEU DA 147 23.96 9.67 46.86
C LEU DA 147 23.56 10.63 47.97
N VAL DA 148 23.58 11.94 47.71
CA VAL DA 148 23.05 12.95 48.63
C VAL DA 148 22.10 13.86 47.87
N GLU DA 149 20.81 13.52 47.88
CA GLU DA 149 19.79 14.38 47.30
C GLU DA 149 18.58 14.46 48.21
N GLY DA 150 18.83 14.54 49.51
CA GLY DA 150 17.80 14.69 50.51
C GLY DA 150 17.33 13.36 51.08
N ALA DA 151 17.81 13.04 52.29
CA ALA DA 151 17.63 11.74 52.96
C ALA DA 151 17.79 10.56 52.00
N ASP DA 152 18.99 10.44 51.43
CA ASP DA 152 19.39 9.23 50.71
C ASP DA 152 20.35 8.37 51.51
N ARG DA 153 21.03 8.97 52.48
CA ARG DA 153 21.93 8.26 53.37
C ARG DA 153 21.20 7.71 54.57
N PHE DA 154 20.02 8.25 54.87
CA PHE DA 154 19.29 7.88 56.08
C PHE DA 154 18.32 6.75 55.75
N ASN DA 155 17.40 7.00 54.83
CA ASN DA 155 16.58 5.97 54.21
C ASN DA 155 16.75 6.16 52.72
N ASN DA 156 17.67 5.38 52.13
CA ASN DA 156 17.71 5.30 50.68
C ASN DA 156 16.41 4.75 50.13
N GLY DA 157 15.76 3.83 50.85
CA GLY DA 157 14.58 3.17 50.40
C GLY DA 157 14.77 1.71 50.05
N VAL DA 158 15.82 1.08 50.56
CA VAL DA 158 16.18 -0.29 50.21
C VAL DA 158 16.05 -1.12 51.48
N TYR DA 159 14.95 -1.86 51.59
CA TYR DA 159 14.70 -2.69 52.75
C TYR DA 159 14.93 -4.16 52.41
N ALA EA 39 20.65 -32.08 66.69
CA ALA EA 39 21.85 -32.60 67.35
C ALA EA 39 22.74 -31.46 67.85
N ASN EA 40 23.71 -31.06 67.02
CA ASN EA 40 24.51 -29.89 67.35
C ASN EA 40 23.72 -28.61 67.15
N LEU EA 41 22.61 -28.69 66.41
CA LEU EA 41 21.74 -27.53 66.20
C LEU EA 41 21.13 -27.06 67.51
N ARG EA 42 20.82 -28.01 68.39
CA ARG EA 42 20.32 -27.68 69.71
C ARG EA 42 21.30 -26.82 70.49
N THR EA 43 22.58 -27.20 70.47
CA THR EA 43 23.66 -26.46 71.13
C THR EA 43 23.78 -25.04 70.59
N ILE EA 44 23.63 -24.05 71.47
CA ILE EA 44 23.71 -22.64 71.08
C ILE EA 44 24.64 -21.91 72.03
N PRO EA 45 25.17 -20.74 71.66
CA PRO EA 45 25.82 -19.89 72.65
C PRO EA 45 24.86 -19.47 73.76
N LEU EA 46 25.27 -19.71 75.01
CA LEU EA 46 24.56 -19.24 76.20
C LEU EA 46 24.93 -17.81 76.54
N ASN EA 47 26.21 -17.58 76.83
CA ASN EA 47 26.71 -16.28 77.24
C ASN EA 47 27.83 -15.78 76.34
N GLU EA 48 28.46 -14.67 76.72
CA GLU EA 48 29.67 -14.18 76.07
C GLU EA 48 30.93 -14.79 76.66
N ALA EA 49 30.85 -15.40 77.85
CA ALA EA 49 31.97 -16.13 78.41
C ALA EA 49 32.38 -17.29 77.51
N GLY EA 50 31.39 -18.01 77.00
CA GLY EA 50 31.59 -19.10 76.06
C GLY EA 50 31.26 -20.45 76.67
N ASP EA 51 30.04 -20.93 76.40
CA ASP EA 51 29.57 -22.20 76.91
C ASP EA 51 28.37 -22.61 76.06
N THR EA 52 28.58 -23.51 75.10
CA THR EA 52 27.50 -23.98 74.25
C THR EA 52 26.47 -24.79 75.04
N VAL EA 53 25.27 -24.26 75.21
CA VAL EA 53 24.21 -24.95 75.97
C VAL EA 53 23.26 -25.63 74.99
N THR EA 54 22.95 -26.90 75.29
CA THR EA 54 22.08 -27.71 74.45
C THR EA 54 20.63 -27.48 74.85
N LEU EA 55 19.74 -27.56 73.87
CA LEU EA 55 18.30 -27.37 74.08
C LEU EA 55 17.55 -28.66 73.79
N SER EA 56 16.57 -28.96 74.64
CA SER EA 56 15.65 -30.06 74.35
C SER EA 56 14.82 -29.74 73.12
N LEU EA 57 14.51 -30.79 72.34
CA LEU EA 57 13.68 -30.62 71.16
C LEU EA 57 12.31 -30.07 71.50
N GLU EA 58 11.70 -30.61 72.56
CA GLU EA 58 10.39 -30.13 73.02
C GLU EA 58 10.47 -28.71 73.53
N GLU EA 59 11.52 -28.38 74.29
CA GLU EA 59 11.72 -27.01 74.77
C GLU EA 59 11.89 -26.04 73.60
N PHE EA 60 12.68 -26.43 72.59
CA PHE EA 60 12.86 -25.62 71.39
C PHE EA 60 11.54 -25.40 70.65
N THR EA 61 10.74 -26.46 70.50
CA THR EA 61 9.43 -26.33 69.85
C THR EA 61 8.48 -25.42 70.64
N ARG EA 62 8.51 -25.55 71.96
CA ARG EA 62 7.69 -24.70 72.83
C ARG EA 62 8.08 -23.23 72.69
N GLY EA 63 9.38 -22.95 72.61
CA GLY EA 63 9.82 -21.59 72.34
C GLY EA 63 9.46 -21.10 70.96
N GLN EA 64 9.53 -22.00 69.97
CA GLN EA 64 9.17 -21.67 68.59
C GLN EA 64 7.72 -21.24 68.47
N GLN EA 65 6.82 -21.93 69.15
CA GLN EA 65 5.40 -21.55 69.15
C GLN EA 65 5.21 -20.13 69.69
N LYS EA 66 5.74 -19.86 70.89
CA LYS EA 66 5.66 -18.53 71.50
C LYS EA 66 6.34 -17.45 70.68
N PHE EA 67 7.31 -17.80 69.82
CA PHE EA 67 7.76 -16.85 68.80
C PHE EA 67 6.65 -16.41 67.84
N ASN EA 68 5.67 -17.27 67.58
CA ASN EA 68 4.68 -16.99 66.55
C ASN EA 68 3.36 -16.48 67.13
N ASN EA 69 3.36 -16.06 68.39
CA ASN EA 69 2.15 -15.55 69.01
C ASN EA 69 2.31 -14.15 69.58
N ALA EA 70 3.50 -13.80 70.07
CA ALA EA 70 3.77 -12.50 70.63
C ALA EA 70 4.86 -11.72 69.90
N CYS EA 71 5.60 -12.36 68.99
CA CYS EA 71 6.71 -11.73 68.31
C CYS EA 71 6.60 -11.75 66.79
N ALA EA 72 5.83 -12.67 66.21
CA ALA EA 72 5.62 -12.72 64.76
C ALA EA 72 4.73 -11.62 64.24
N ILE EA 73 4.20 -10.77 65.13
CA ILE EA 73 3.48 -9.57 64.71
C ILE EA 73 4.34 -8.75 63.78
N CYS EA 74 5.62 -8.59 64.11
CA CYS EA 74 6.52 -7.83 63.26
C CYS EA 74 7.95 -8.36 63.19
N HIS EA 75 8.24 -9.54 63.76
CA HIS EA 75 9.53 -10.18 63.58
C HIS EA 75 9.41 -11.49 62.80
N LEU EA 76 8.36 -11.64 62.01
CA LEU EA 76 8.12 -12.86 61.25
C LEU EA 76 9.08 -12.90 60.08
N GLY EA 77 9.99 -13.87 60.09
CA GLY EA 77 10.84 -14.06 58.94
C GLY EA 77 12.31 -13.94 59.25
N GLY EA 78 12.67 -13.01 60.14
CA GLY EA 78 14.06 -12.84 60.48
C GLY EA 78 14.50 -11.41 60.66
N ILE EA 79 13.66 -10.46 60.23
CA ILE EA 79 13.95 -9.05 60.37
C ILE EA 79 12.84 -8.42 61.17
N THR EA 80 12.92 -7.11 61.39
CA THR EA 80 11.90 -6.36 62.12
C THR EA 80 11.14 -5.49 61.13
N LYS EA 81 9.82 -5.50 61.23
CA LYS EA 81 9.02 -4.70 60.32
C LYS EA 81 9.10 -3.21 60.67
N THR EA 82 9.21 -2.89 61.96
CA THR EA 82 9.30 -1.48 62.37
C THR EA 82 10.55 -0.82 61.81
N ASN EA 83 11.68 -1.50 61.89
CA ASN EA 83 12.95 -1.04 61.33
C ASN EA 83 13.51 -2.19 60.51
N PRO EA 84 13.55 -2.11 59.17
CA PRO EA 84 14.16 -3.15 58.35
C PRO EA 84 15.69 -3.17 58.33
N ASN EA 85 16.32 -3.01 59.49
CA ASN EA 85 17.76 -3.15 59.55
C ASN EA 85 18.22 -3.97 60.73
N VAL EA 86 17.35 -4.16 61.73
CA VAL EA 86 17.75 -4.85 62.94
C VAL EA 86 17.12 -6.23 62.91
N GLY EA 87 17.77 -7.13 62.18
CA GLY EA 87 17.24 -8.46 62.01
C GLY EA 87 17.64 -9.38 63.15
N LEU EA 88 16.95 -10.51 63.24
CA LEU EA 88 17.30 -11.51 64.25
C LEU EA 88 18.23 -12.57 63.67
N ASP EA 89 19.31 -12.12 63.05
CA ASP EA 89 20.28 -13.00 62.41
C ASP EA 89 21.53 -13.11 63.26
N THR EA 90 22.35 -14.12 62.93
CA THR EA 90 23.57 -14.39 63.70
C THR EA 90 24.59 -13.26 63.53
N GLU EA 91 24.81 -12.83 62.29
CA GLU EA 91 25.77 -11.76 62.03
C GLU EA 91 25.33 -10.44 62.64
N SER EA 92 24.03 -10.16 62.66
CA SER EA 92 23.54 -8.95 63.30
C SER EA 92 23.66 -9.03 64.81
N LEU EA 93 23.29 -10.17 65.41
CA LEU EA 93 23.26 -10.26 66.86
C LEU EA 93 24.67 -10.36 67.44
N ALA EA 94 25.61 -10.95 66.71
CA ALA EA 94 26.99 -10.97 67.16
C ALA EA 94 27.61 -9.58 67.07
N GLY EA 95 27.23 -8.82 66.05
CA GLY EA 95 27.67 -7.45 65.88
C GLY EA 95 26.85 -6.43 66.62
N ALA EA 96 25.88 -6.86 67.44
CA ALA EA 96 25.18 -5.94 68.31
C ALA EA 96 26.10 -5.47 69.44
N PHE EA 97 25.80 -4.32 70.00
CA PHE EA 97 26.55 -3.78 71.14
C PHE EA 97 25.59 -3.61 72.31
N PRO EA 98 25.66 -4.45 73.35
CA PRO EA 98 26.63 -5.53 73.57
C PRO EA 98 26.29 -6.75 72.73
N ASP EA 99 27.19 -7.73 72.66
CA ASP EA 99 26.97 -8.91 71.83
C ASP EA 99 25.71 -9.64 72.27
N ARG EA 100 24.65 -9.59 71.47
CA ARG EA 100 23.37 -10.17 71.88
C ARG EA 100 23.08 -11.47 71.16
N ASN EA 101 24.12 -12.14 70.65
CA ASN EA 101 23.97 -13.44 70.01
C ASN EA 101 24.10 -14.58 71.02
N ASN EA 102 23.70 -14.31 72.26
CA ASN EA 102 23.77 -15.26 73.35
C ASN EA 102 22.38 -15.41 73.96
N LEU EA 103 22.11 -16.59 74.52
CA LEU EA 103 20.80 -16.87 75.10
C LEU EA 103 20.52 -15.97 76.31
N GLU EA 104 21.50 -15.88 77.21
CA GLU EA 104 21.39 -14.96 78.34
C GLU EA 104 21.37 -13.52 77.86
N GLY EA 105 22.14 -13.22 76.80
CA GLY EA 105 22.09 -11.90 76.20
C GLY EA 105 20.72 -11.53 75.67
N LEU EA 106 20.06 -12.46 74.96
CA LEU EA 106 18.72 -12.18 74.45
C LEU EA 106 17.69 -12.07 75.56
N VAL EA 107 17.79 -12.92 76.59
CA VAL EA 107 16.85 -12.83 77.72
C VAL EA 107 17.04 -11.50 78.45
N ASP EA 108 18.29 -11.07 78.62
CA ASP EA 108 18.56 -9.78 79.25
C ASP EA 108 18.13 -8.61 78.37
N TYR EA 109 18.16 -8.78 77.03
CA TYR EA 109 17.54 -7.79 76.15
C TYR EA 109 16.05 -7.70 76.42
N LEU EA 110 15.40 -8.84 76.56
CA LEU EA 110 13.97 -8.86 76.82
C LEU EA 110 13.64 -8.28 78.18
N HIS EA 111 14.60 -8.31 79.11
CA HIS EA 111 14.44 -7.61 80.37
C HIS EA 111 14.65 -6.11 80.26
N ASN EA 112 15.29 -5.64 79.18
CA ASN EA 112 15.58 -4.21 79.03
C ASN EA 112 15.84 -3.82 77.58
N PRO EA 113 14.82 -3.34 76.85
CA PRO EA 113 15.03 -2.89 75.47
C PRO EA 113 15.92 -1.66 75.37
N THR EA 114 17.07 -1.81 74.73
CA THR EA 114 18.00 -0.72 74.47
C THR EA 114 18.20 -0.58 72.97
N THR EA 115 19.19 0.22 72.59
CA THR EA 115 19.52 0.37 71.18
C THR EA 115 20.50 -0.70 70.75
N TYR EA 116 20.93 -0.61 69.49
CA TYR EA 116 21.93 -1.54 68.97
C TYR EA 116 23.32 -1.24 69.53
N ASP EA 117 23.54 -0.03 70.05
CA ASP EA 117 24.72 0.26 70.86
C ASP EA 117 24.42 0.36 72.35
N GLY EA 118 23.17 0.55 72.74
CA GLY EA 118 22.81 0.49 74.14
C GLY EA 118 22.93 1.83 74.84
N LEU EA 119 22.52 2.89 74.16
CA LEU EA 119 22.58 4.23 74.77
C LEU EA 119 21.40 4.46 75.70
N THR EA 120 20.19 4.46 75.13
CA THR EA 120 18.97 4.74 75.87
C THR EA 120 18.16 3.46 76.02
N GLU EA 121 17.80 3.12 77.26
CA GLU EA 121 17.00 1.93 77.54
C GLU EA 121 15.55 2.25 77.26
N ILE EA 122 15.18 2.23 75.99
CA ILE EA 122 13.84 2.61 75.55
C ILE EA 122 12.99 1.34 75.59
N SER EA 123 12.47 1.05 76.78
CA SER EA 123 11.55 -0.06 76.99
C SER EA 123 10.12 0.27 76.60
N GLU EA 124 9.89 1.45 76.02
CA GLU EA 124 8.55 1.89 75.64
C GLU EA 124 8.24 1.70 74.16
N LEU EA 125 9.22 1.87 73.29
CA LEU EA 125 9.02 1.60 71.86
C LEU EA 125 9.02 0.11 71.55
N HIS EA 126 9.41 -0.73 72.50
CA HIS EA 126 9.56 -2.16 72.33
C HIS EA 126 8.79 -2.90 73.42
N PRO EA 127 8.31 -4.11 73.12
CA PRO EA 127 7.83 -4.98 74.20
C PRO EA 127 8.94 -5.30 75.18
N SER EA 128 8.57 -5.36 76.46
CA SER EA 128 9.55 -5.44 77.55
C SER EA 128 9.00 -6.27 78.68
N THR EA 129 9.84 -7.18 79.21
CA THR EA 129 9.43 -8.05 80.31
C THR EA 129 9.02 -7.26 81.55
N LYS EA 130 9.73 -6.16 81.83
CA LYS EA 130 9.32 -5.30 82.93
C LYS EA 130 8.08 -4.49 82.58
N SER EA 131 8.03 -3.96 81.35
CA SER EA 131 6.93 -3.07 80.95
C SER EA 131 5.81 -3.92 80.32
N SER EA 132 4.98 -4.49 81.18
CA SER EA 132 3.81 -5.22 80.74
C SER EA 132 2.64 -4.30 80.37
N ASP EA 133 2.67 -3.05 80.83
CA ASP EA 133 1.55 -2.14 80.57
C ASP EA 133 1.52 -1.68 79.11
N ILE EA 134 2.68 -1.36 78.55
CA ILE EA 134 2.74 -0.96 77.15
C ILE EA 134 2.48 -2.16 76.24
N TYR EA 135 3.08 -3.29 76.55
CA TYR EA 135 2.91 -4.52 75.77
C TYR EA 135 2.46 -5.64 76.70
N PRO EA 136 1.19 -6.05 76.64
CA PRO EA 136 0.71 -7.15 77.49
C PRO EA 136 1.00 -8.55 76.97
N LYS EA 137 1.87 -8.71 75.97
CA LYS EA 137 2.08 -10.01 75.34
C LYS EA 137 2.93 -10.94 76.19
N MET EA 138 3.83 -10.42 77.02
CA MET EA 138 4.74 -11.24 77.80
C MET EA 138 4.37 -11.27 79.28
N ARG EA 139 3.20 -10.74 79.63
CA ARG EA 139 2.74 -10.73 81.03
C ARG EA 139 2.52 -12.15 81.55
N ASN EA 140 2.17 -13.09 80.67
CA ASN EA 140 2.01 -14.49 81.05
C ASN EA 140 3.28 -15.32 80.87
N LEU EA 141 4.32 -14.76 80.27
CA LEU EA 141 5.55 -15.51 80.01
C LEU EA 141 6.43 -15.52 81.24
N THR EA 142 6.88 -16.72 81.62
CA THR EA 142 7.75 -16.88 82.77
C THR EA 142 9.21 -16.78 82.33
N GLU EA 143 10.13 -17.14 83.22
CA GLU EA 143 11.55 -17.17 82.86
C GLU EA 143 11.84 -18.27 81.86
N ASP EA 144 11.15 -19.40 81.98
CA ASP EA 144 11.35 -20.51 81.04
C ASP EA 144 10.87 -20.13 79.65
N ASP EA 145 9.78 -19.37 79.55
CA ASP EA 145 9.27 -18.93 78.25
C ASP EA 145 10.26 -18.00 77.55
N LEU EA 146 10.84 -17.05 78.31
CA LEU EA 146 11.86 -16.17 77.75
C LEU EA 146 13.10 -16.95 77.32
N ARG EA 147 13.51 -17.91 78.16
CA ARG EA 147 14.66 -18.76 77.82
C ARG EA 147 14.41 -19.54 76.54
N ALA EA 148 13.21 -20.09 76.37
CA ALA EA 148 12.91 -20.92 75.21
C ALA EA 148 12.79 -20.07 73.93
N ILE EA 149 12.15 -18.91 74.02
CA ILE EA 149 12.03 -18.06 72.82
C ILE EA 149 13.39 -17.49 72.44
N SER EA 150 14.26 -17.21 73.42
CA SER EA 150 15.59 -16.75 73.08
C SER EA 150 16.48 -17.88 72.57
N GLY EA 151 16.23 -19.12 72.98
CA GLY EA 151 16.99 -20.23 72.47
C GLY EA 151 16.57 -20.74 71.11
N HIS EA 152 15.30 -20.52 70.72
CA HIS EA 152 14.89 -20.90 69.38
C HIS EA 152 15.37 -19.94 68.30
N ILE EA 153 15.56 -18.67 68.64
CA ILE EA 153 16.08 -17.70 67.68
C ILE EA 153 17.51 -18.03 67.28
N LEU EA 154 18.29 -18.63 68.17
CA LEU EA 154 19.69 -18.94 67.90
C LEU EA 154 19.92 -20.42 67.62
N LEU EA 155 18.86 -21.19 67.30
CA LEU EA 155 19.05 -22.59 66.94
C LEU EA 155 18.27 -22.96 65.68
N MET EA 156 17.87 -21.97 64.92
CA MET EA 156 17.62 -22.02 63.48
C MET EA 156 18.79 -21.72 62.53
N PRO EA 157 19.72 -20.78 62.78
CA PRO EA 157 20.51 -20.26 61.64
C PRO EA 157 21.43 -21.27 60.95
N LYS EA 158 21.79 -22.36 61.61
CA LYS EA 158 22.50 -23.42 60.90
C LYS EA 158 21.56 -24.49 60.32
N ILE EA 159 20.29 -24.49 60.74
CA ILE EA 159 19.24 -25.21 60.00
C ILE EA 159 18.94 -24.52 58.67
N ARG EA 160 18.70 -23.22 58.70
CA ARG EA 160 18.24 -22.55 57.49
C ARG EA 160 19.40 -21.90 56.74
N GLY EA 161 20.07 -20.94 57.36
CA GLY EA 161 21.16 -20.26 56.70
C GLY EA 161 20.72 -18.95 56.09
N ASP EA 162 20.56 -18.95 54.77
CA ASP EA 162 20.04 -17.81 54.03
C ASP EA 162 18.54 -17.88 53.84
N GLN EA 163 17.84 -18.60 54.72
CA GLN EA 163 16.39 -18.69 54.70
C GLN EA 163 15.78 -18.11 55.97
N TRP EA 164 16.59 -17.56 56.87
CA TRP EA 164 16.04 -16.82 58.00
C TRP EA 164 16.65 -15.43 58.10
N GLY EA 165 17.93 -15.30 57.77
CA GLY EA 165 18.71 -14.08 57.93
C GLY EA 165 18.06 -12.80 57.45
N ALA EA 166 17.69 -12.77 56.17
CA ALA EA 166 16.88 -11.69 55.63
C ALA EA 166 15.79 -12.21 54.71
N GLY EA 167 15.47 -13.50 54.78
CA GLY EA 167 14.60 -14.13 53.82
C GLY EA 167 15.36 -14.55 52.57
N LYS EA 168 14.78 -15.50 51.85
CA LYS EA 168 15.36 -16.00 50.60
C LYS EA 168 15.11 -14.99 49.49
N THR EA 169 15.79 -13.84 49.59
CA THR EA 169 15.62 -12.65 48.76
C THR EA 169 14.17 -12.17 48.65
N MET FA 1 22.41 -57.64 20.78
CA MET FA 1 21.43 -57.92 21.82
C MET FA 1 21.85 -57.19 23.10
N THR FA 2 21.85 -55.87 23.01
CA THR FA 2 22.10 -55.05 24.17
C THR FA 2 20.93 -55.17 25.14
N PRO FA 3 21.15 -55.04 26.47
CA PRO FA 3 20.06 -55.15 27.46
C PRO FA 3 18.84 -54.30 27.18
N SER FA 4 19.08 -53.09 26.68
CA SER FA 4 18.01 -52.18 26.29
C SER FA 4 17.22 -52.67 25.06
N LEU FA 5 17.77 -53.61 24.29
CA LEU FA 5 17.02 -54.30 23.26
C LEU FA 5 16.38 -55.59 23.76
N THR FA 6 17.05 -56.28 24.69
CA THR FA 6 16.48 -57.49 25.28
C THR FA 6 15.21 -57.16 26.06
N ASN FA 7 15.22 -56.07 26.82
CA ASN FA 7 14.00 -55.65 27.52
C ASN FA 7 12.93 -55.17 26.56
N PHE FA 8 13.29 -54.60 25.42
CA PHE FA 8 12.28 -54.20 24.43
C PHE FA 8 11.58 -55.42 23.84
N MET FA 9 12.35 -56.41 23.41
CA MET FA 9 11.77 -57.65 22.90
C MET FA 9 11.02 -58.40 23.99
N LEU FA 10 11.50 -58.31 25.23
CA LEU FA 10 10.83 -59.00 26.32
C LEU FA 10 9.54 -58.29 26.69
N SER FA 11 9.47 -56.97 26.52
CA SER FA 11 8.22 -56.27 26.76
C SER FA 11 7.19 -56.65 25.71
N LEU FA 12 7.64 -56.78 24.45
CA LEU FA 12 6.78 -57.36 23.42
C LEU FA 12 6.27 -58.74 23.82
N LEU FA 13 7.19 -59.64 24.17
CA LEU FA 13 6.84 -61.03 24.46
C LEU FA 13 6.08 -61.20 25.76
N ALA FA 14 6.11 -60.20 26.64
CA ALA FA 14 5.41 -60.26 27.91
C ALA FA 14 4.05 -59.59 27.84
N GLY FA 15 3.97 -58.37 27.27
CA GLY FA 15 2.70 -57.71 27.11
C GLY FA 15 1.80 -58.36 26.09
N LEU FA 16 2.34 -59.22 25.22
CA LEU FA 16 1.45 -60.09 24.44
C LEU FA 16 0.75 -61.09 25.34
N LEU FA 17 1.36 -61.45 26.48
CA LEU FA 17 0.74 -62.31 27.46
C LEU FA 17 0.27 -61.55 28.69
N ILE FA 18 0.04 -60.24 28.56
CA ILE FA 18 -0.50 -59.42 29.64
C ILE FA 18 -1.85 -58.82 29.27
N VAL FA 19 -1.95 -58.22 28.09
CA VAL FA 19 -3.22 -57.64 27.66
C VAL FA 19 -3.64 -58.06 26.26
N VAL FA 20 -2.76 -58.60 25.43
CA VAL FA 20 -3.14 -58.91 24.05
C VAL FA 20 -4.01 -60.16 23.99
N VAL FA 21 -3.49 -61.29 24.49
CA VAL FA 21 -4.32 -62.48 24.61
C VAL FA 21 -4.32 -63.15 25.98
N PRO FA 22 -4.32 -62.42 27.12
CA PRO FA 22 -5.16 -62.87 28.24
C PRO FA 22 -6.57 -62.39 28.05
N ALA FA 23 -6.67 -61.18 27.48
CA ALA FA 23 -7.96 -60.52 27.32
C ALA FA 23 -8.75 -61.13 26.18
N THR FA 24 -8.10 -61.53 25.08
CA THR FA 24 -8.83 -62.08 23.95
C THR FA 24 -9.34 -63.49 24.24
N ILE FA 25 -8.53 -64.30 24.91
CA ILE FA 25 -8.97 -65.64 25.29
C ILE FA 25 -10.04 -65.58 26.38
N ALA FA 26 -10.13 -64.45 27.10
CA ALA FA 26 -11.26 -64.22 27.99
C ALA FA 26 -12.48 -63.66 27.26
N LEU FA 27 -12.28 -62.84 26.22
CA LEU FA 27 -13.39 -62.36 25.41
C LEU FA 27 -14.08 -63.50 24.68
N ILE FA 28 -13.33 -64.50 24.24
CA ILE FA 28 -13.95 -65.69 23.63
C ILE FA 28 -14.84 -66.39 24.64
N PHE FA 29 -14.32 -66.67 25.84
CA PHE FA 29 -15.09 -67.35 26.87
C PHE FA 29 -16.32 -66.56 27.30
N ILE FA 30 -16.23 -65.23 27.31
CA ILE FA 30 -17.34 -64.41 27.78
C ILE FA 30 -18.27 -64.01 26.64
N SER FA 31 -17.90 -64.26 25.39
CA SER FA 31 -18.82 -64.05 24.29
C SER FA 31 -19.56 -65.32 23.90
N GLN FA 32 -19.02 -66.49 24.25
CA GLN FA 32 -19.77 -67.72 24.00
C GLN FA 32 -20.92 -67.90 24.99
N ARG FA 33 -20.81 -67.38 26.22
CA ARG FA 33 -21.85 -67.58 27.21
C ARG FA 33 -22.70 -66.35 27.50
N ASP FA 34 -22.44 -65.22 26.84
CA ASP FA 34 -23.42 -64.15 26.85
C ASP FA 34 -23.90 -63.85 25.44
N GLN FA 35 -24.18 -64.90 24.66
CA GLN FA 35 -24.72 -64.77 23.31
C GLN FA 35 -26.07 -64.04 23.31
CA1 OEX GA . 17.72 9.84 -40.20
MN1 OEX GA . 19.99 12.80 -38.82
MN2 OEX GA . 21.04 10.61 -40.88
MN3 OEX GA . 20.52 9.70 -38.03
MN4 OEX GA . 17.61 9.40 -36.92
FE FE2 HA . -23.38 -0.52 -40.64
CL CL IA . 16.76 12.41 -31.12
MG CLA JA . 0.97 12.17 -38.05
CHA CLA JA . 1.73 9.04 -39.42
CHB CLA JA . -2.35 11.28 -38.27
CHC CLA JA . 0.28 15.18 -36.72
CHD CLA JA . 4.48 12.94 -37.93
NA CLA JA . -0.19 10.39 -38.75
C1A CLA JA . 0.27 9.31 -39.24
C2A CLA JA . -0.77 8.30 -39.62
C3A CLA JA . -2.06 9.04 -39.25
C4A CLA JA . -1.51 10.32 -38.71
CMA CLA JA . -3.23 9.04 -40.21
CAA CLA JA . -0.58 7.05 -38.77
CBA CLA JA . -1.78 6.12 -38.88
CGA CLA JA . -1.44 4.98 -39.82
O1A CLA JA . -0.48 4.97 -40.57
O2A CLA JA . -2.17 3.89 -39.95
NB CLA JA . -0.80 13.09 -37.56
C1B CLA JA . -2.04 12.61 -37.71
C2B CLA JA . -3.11 13.56 -37.24
C3B CLA JA . -2.29 14.69 -36.80
C4B CLA JA . -0.88 14.32 -37.03
CMB CLA JA . -4.59 13.39 -37.24
CAB CLA JA . -2.76 15.98 -36.21
CBB CLA JA . -3.45 15.98 -35.11
NC CLA JA . 2.20 13.79 -37.41
C1C CLA JA . 1.73 14.93 -36.90
C2C CLA JA . 2.74 15.94 -36.51
C3C CLA JA . 3.98 15.26 -36.87
C4C CLA JA . 3.54 13.95 -37.41
CMC CLA JA . 2.55 17.30 -35.91
CAC CLA JA . 5.39 15.76 -36.72
CBC CLA JA . 5.83 15.61 -35.28
ND CLA JA . 2.74 11.33 -38.52
C1D CLA JA . 4.04 11.63 -38.46
C2D CLA JA . 4.97 10.56 -38.96
C3D CLA JA . 3.96 9.56 -39.33
C4D CLA JA . 2.74 10.05 -39.06
CMD CLA JA . 6.44 10.32 -39.14
CAD CLA JA . 3.85 8.19 -39.91
OBD CLA JA . 4.84 7.43 -40.19
CBD CLA JA . 2.41 7.81 -39.96
CGD CLA JA . 2.01 7.56 -41.38
O1D CLA JA . 1.15 8.23 -41.93
O2D CLA JA . 2.65 6.49 -42.14
CED CLA JA . 2.55 5.14 -41.69
C1 CLA JA . -1.44 2.48 -40.16
C2 CLA JA . -1.56 1.38 -39.14
C3 CLA JA . -0.68 1.27 -38.14
C4 CLA JA . 0.46 2.24 -38.03
C5 CLA JA . -0.82 0.16 -37.13
C6 CLA JA . -0.40 -1.16 -37.76
C7 CLA JA . -1.18 -2.33 -37.16
C8 CLA JA . -0.51 -3.66 -37.50
C9 CLA JA . -0.76 -4.05 -38.95
C10 CLA JA . -1.02 -4.73 -36.55
C11 CLA JA . -0.70 -4.37 -35.10
C12 CLA JA . -0.65 -5.62 -34.22
C13 CLA JA . -0.88 -5.28 -32.76
C14 CLA JA . 0.40 -4.77 -32.12
C15 CLA JA . -1.42 -6.49 -32.04
C16 CLA JA . -1.77 -6.16 -30.59
C17 CLA JA . -2.02 -7.42 -29.78
C18 CLA JA . -3.36 -8.04 -30.12
C19 CLA JA . -3.80 -9.03 -29.06
C20 CLA JA . -4.42 -6.97 -30.34
MG CLA KA . -7.43 20.68 -39.45
CHA CLA KA . -5.99 19.13 -42.15
CHB CLA KA . -9.88 21.84 -41.59
CHC CLA KA . -8.86 22.16 -36.80
CHD CLA KA . -5.01 19.23 -37.29
NA CLA KA . -7.92 20.51 -41.61
C1A CLA KA . -7.26 19.87 -42.48
C2A CLA KA . -7.84 19.93 -43.86
C3A CLA KA . -9.03 20.84 -43.65
C4A CLA KA . -8.95 21.08 -42.19
CMA CLA KA . -9.21 22.02 -44.58
CAA CLA KA . -8.33 18.53 -44.27
CBA CLA KA . -9.60 18.01 -43.61
CGA CLA KA . -9.33 17.02 -42.50
O1A CLA KA . -8.39 17.09 -41.74
O2A CLA KA . -10.07 15.96 -42.18
NB CLA KA . -9.13 21.82 -39.24
C1B CLA KA . -9.99 22.22 -40.17
C2B CLA KA . -11.10 23.07 -39.66
C3B CLA KA . -10.77 23.15 -38.24
C4B CLA KA . -9.53 22.35 -38.08
CMB CLA KA . -12.23 23.68 -40.43
CAB CLA KA . -11.45 23.84 -37.12
CBB CLA KA . -11.80 25.10 -37.21
NC CLA KA . -6.97 20.72 -37.38
C1C CLA KA . -7.66 21.40 -36.47
C2C CLA KA . -7.15 21.34 -35.10
C3C CLA KA . -6.00 20.49 -35.27
C4C CLA KA . -5.97 20.17 -36.70
CMC CLA KA . -7.72 21.99 -33.86
CAC CLA KA . -5.02 20.07 -34.25
CBC CLA KA . -4.14 21.28 -33.99
ND CLA KA . -5.88 19.45 -39.54
C1D CLA KA . -4.93 18.97 -38.73
C2D CLA KA . -3.86 18.22 -39.41
C3D CLA KA . -4.34 18.33 -40.78
C4D CLA KA . -5.48 19.01 -40.78
CMD CLA KA . -2.59 17.49 -39.09
CAD CLA KA . -3.99 17.91 -42.13
OBD CLA KA . -2.97 17.22 -42.46
CBD CLA KA . -5.00 18.46 -43.06
CGD CLA KA . -4.39 19.54 -43.86
O1D CLA KA . -3.51 20.22 -43.39
O2D CLA KA . -4.86 19.80 -45.20
CED CLA KA . -4.20 20.73 -46.03
C1 CLA KA . -11.28 15.42 -43.07
C2 CLA KA . -12.63 16.10 -43.12
C3 CLA KA . -13.70 15.49 -43.64
C4 CLA KA . -13.61 14.10 -44.19
C5 CLA KA . -15.03 16.20 -43.67
CHA PHO LA . -6.61 -5.06 -37.82
CHB PHO LA . -3.94 -2.62 -34.68
CHC PHO LA . -4.80 1.60 -36.98
CHD PHO LA . -7.64 -0.79 -40.17
NA PHO LA . -5.45 -3.59 -36.33
C1A PHO LA . -5.81 -4.89 -36.76
C2A PHO LA . -5.18 -5.92 -35.88
C3A PHO LA . -4.68 -5.08 -34.68
C4A PHO LA . -4.68 -3.68 -35.27
CMA PHO LA . -5.61 -5.14 -33.50
CAA PHO LA . -4.07 -6.69 -36.57
CBA PHO LA . -3.70 -7.83 -35.66
CGA PHO LA . -2.43 -8.48 -36.12
O1A PHO LA . -2.05 -8.65 -37.26
O2A PHO LA . -1.66 -8.90 -35.07
NB PHO LA . -4.58 -0.67 -36.07
C1B PHO LA . -3.88 -1.32 -35.07
C2B PHO LA . -3.03 -0.30 -34.42
C3B PHO LA . -3.24 0.91 -35.05
C4B PHO LA . -4.27 0.69 -36.12
CMB PHO LA . -2.16 -0.70 -33.32
CAB PHO LA . -2.70 2.23 -34.83
CBB PHO LA . -1.63 2.60 -34.15
NC PHO LA . -6.13 0.14 -38.45
C1C PHO LA . -5.69 1.33 -38.10
C2C PHO LA . -6.26 2.35 -39.01
C3C PHO LA . -7.07 1.68 -39.92
C4C PHO LA . -7.00 0.25 -39.56
CMC PHO LA . -5.97 3.78 -38.89
CAC PHO LA . -7.86 2.17 -41.04
CBC PHO LA . -7.25 1.95 -42.40
ND PHO LA . -6.90 -2.66 -38.73
C1D PHO LA . -7.62 -2.16 -39.81
C2D PHO LA . -8.28 -3.27 -40.44
C3D PHO LA . -7.90 -4.42 -39.72
C4D PHO LA . -7.04 -3.98 -38.66
CMD PHO LA . -9.15 -3.23 -41.59
CAD PHO LA . -8.07 -5.84 -39.60
OBD PHO LA . -8.75 -6.57 -40.28
CBD PHO LA . -7.20 -6.32 -38.40
CGD PHO LA . -8.04 -7.12 -37.46
O1D PHO LA . -7.94 -8.29 -37.13
O2D PHO LA . -9.04 -6.39 -36.91
CED PHO LA . -9.49 -6.78 -35.62
C1 PHO LA . -1.84 -10.25 -34.64
C2 PHO LA . -1.66 -10.42 -33.17
C3 PHO LA . -0.67 -10.03 -32.35
C4 PHO LA . -0.78 -10.40 -30.92
C5 PHO LA . 0.57 -9.27 -32.75
C6 PHO LA . 1.19 -8.47 -31.61
C7 PHO LA . 2.59 -8.90 -31.27
C8 PHO LA . 3.64 -8.11 -32.01
C9 PHO LA . 4.26 -9.01 -33.03
C10 PHO LA . 4.70 -7.58 -31.06
C11 PHO LA . 4.56 -6.09 -30.74
C12 PHO LA . 4.21 -5.28 -31.96
C13 PHO LA . 5.27 -4.26 -32.34
C14 PHO LA . 6.51 -4.97 -32.86
C15 PHO LA . 5.59 -3.37 -31.16
C16 PHO LA . 5.43 -1.91 -31.52
C17 PHO LA . 5.23 -1.07 -30.27
C18 PHO LA . 4.46 0.22 -30.52
C19 PHO LA . 4.97 0.94 -31.75
C20 PHO LA . 4.53 1.11 -29.30
MG CLA MA . 13.24 -17.80 -36.56
CHA CLA MA . 16.05 -15.76 -36.81
CHB CLA MA . 12.52 -16.94 -39.81
CHC CLA MA . 10.53 -19.78 -36.27
CHD CLA MA . 14.14 -18.57 -33.17
NA CLA MA . 14.16 -16.51 -38.13
C1A CLA MA . 15.22 -15.82 -38.06
C2A CLA MA . 15.59 -15.06 -39.30
C3A CLA MA . 14.44 -15.45 -40.23
C4A CLA MA . 13.64 -16.36 -39.35
CMA CLA MA . 13.75 -14.39 -41.08
CAA CLA MA . 16.92 -15.56 -39.83
CBA CLA MA . 17.05 -17.07 -39.60
CGA CLA MA . 17.24 -17.76 -40.93
O1A CLA MA . 17.84 -17.28 -41.88
O2A CLA MA . 16.78 -18.96 -41.21
NB CLA MA . 11.73 -18.28 -37.88
C1B CLA MA . 11.58 -17.86 -39.13
C2B CLA MA . 10.37 -18.42 -39.82
C3B CLA MA . 9.81 -19.24 -38.74
C4B CLA MA . 10.72 -19.10 -37.58
CMB CLA MA . 9.87 -18.18 -41.21
CAB CLA MA . 8.58 -20.07 -38.76
CBB CLA MA . 7.65 -19.84 -39.65
NC CLA MA . 12.47 -19.00 -34.97
C1C CLA MA . 11.35 -19.72 -35.05
C2C CLA MA . 10.98 -20.48 -33.83
C3C CLA MA . 12.06 -20.13 -32.93
C4C CLA MA . 12.93 -19.21 -33.72
CMC CLA MA . 9.79 -21.39 -33.61
CAC CLA MA . 12.27 -20.58 -31.50
CBC CLA MA . 12.39 -22.09 -31.46
ND CLA MA . 14.66 -17.36 -35.22
C1D CLA MA . 14.99 -17.67 -33.95
C2D CLA MA . 16.26 -17.02 -33.45
C3D CLA MA . 16.62 -16.27 -34.65
C4D CLA MA . 15.69 -16.51 -35.60
CMD CLA MA . 17.09 -16.99 -32.20
CAD CLA MA . 17.66 -15.36 -35.16
OBD CLA MA . 18.66 -14.92 -34.49
CBD CLA MA . 17.31 -14.97 -36.57
CGD CLA MA . 17.01 -13.50 -36.61
O1D CLA MA . 15.95 -13.08 -36.18
O2D CLA MA . 17.96 -12.56 -37.16
CED CLA MA . 17.71 -11.15 -37.07
C1 CLA MA . 16.29 -19.33 -42.69
C2 CLA MA . 15.94 -20.76 -43.05
C3 CLA MA . 16.89 -21.63 -43.41
C4 CLA MA . 18.32 -21.19 -43.45
C5 CLA MA . 16.52 -23.05 -43.76
C1 BCR NA . 0.99 -25.24 -35.68
C2 BCR NA . 1.11 -26.19 -36.86
C3 BCR NA . 2.56 -26.61 -37.11
C4 BCR NA . 3.12 -27.36 -35.92
C5 BCR NA . 2.74 -26.65 -34.63
C6 BCR NA . 2.09 -25.49 -34.67
C7 BCR NA . 2.41 -24.45 -33.65
C8 BCR NA . 3.56 -23.77 -33.63
C9 BCR NA . 3.77 -22.89 -32.71
C10 BCR NA . 4.80 -22.19 -32.76
C11 BCR NA . 5.58 -21.61 -32.10
C33 BCR NA . 3.10 -27.30 -33.33
C31 BCR NA . -0.34 -25.42 -34.98
C32 BCR NA . 1.10 -23.81 -36.18
C34 BCR NA . 2.79 -22.68 -31.58
C12 BCR NA . 6.46 -20.99 -31.46
C13 BCR NA . 7.06 -20.23 -30.35
C14 BCR NA . 8.31 -19.79 -30.56
C15 BCR NA . 9.10 -19.02 -29.61
C16 BCR NA . 10.25 -18.43 -29.36
C17 BCR NA . 11.17 -17.81 -28.86
C18 BCR NA . 12.40 -17.31 -28.84
C19 BCR NA . 12.94 -16.54 -27.72
C20 BCR NA . 13.84 -15.63 -27.37
C21 BCR NA . 14.52 -14.86 -26.77
C22 BCR NA . 15.59 -14.09 -26.54
C23 BCR NA . 15.68 -13.24 -25.33
C24 BCR NA . 16.73 -12.42 -25.17
C25 BCR NA . 16.93 -11.52 -24.02
C26 BCR NA . 16.39 -10.30 -24.04
C27 BCR NA . 16.25 -9.43 -22.82
C28 BCR NA . 16.84 -10.07 -21.58
C29 BCR NA . 18.10 -10.82 -21.95
C30 BCR NA . 17.78 -11.98 -22.86
C35 BCR NA . 6.35 -19.97 -29.06
C36 BCR NA . 13.28 -17.54 -30.02
C37 BCR NA . 16.69 -14.11 -27.55
C38 BCR NA . 15.93 -9.72 -25.35
C39 BCR NA . 17.05 -13.05 -22.05
C40 BCR NA . 19.08 -12.52 -23.44
O6 SQD OA . -21.59 1.62 -56.75
C44 SQD OA . -20.26 2.12 -57.00
C45 SQD OA . -19.47 2.15 -55.71
C46 SQD OA . -18.17 2.91 -55.84
O47 SQD OA . -20.29 2.78 -54.69
C7 SQD OA . -20.27 4.12 -54.61
O49 SQD OA . -20.81 4.83 -55.41
C8 SQD OA . -19.49 4.63 -53.42
C9 SQD OA . -18.72 5.87 -53.69
C10 SQD OA . -17.55 6.06 -52.73
C11 SQD OA . -16.20 5.75 -53.31
C12 SQD OA . -15.18 6.86 -53.14
C13 SQD OA . -14.57 6.93 -51.76
C14 SQD OA . -13.30 7.75 -51.70
C15 SQD OA . -12.81 8.01 -50.30
C16 SQD OA . -11.37 7.63 -50.06
C17 SQD OA . -10.43 8.01 -51.18
C18 SQD OA . -9.47 9.12 -50.84
C19 SQD OA . -9.14 10.05 -51.98
C20 SQD OA . -7.67 10.17 -52.27
O48 SQD OA . -17.56 2.57 -57.10
C23 SQD OA . -17.68 3.47 -58.08
O10 SQD OA . -18.59 3.47 -58.85
C24 SQD OA . -16.54 4.44 -58.07
C25 SQD OA . -15.54 4.21 -59.16
C26 SQD OA . -15.47 5.34 -60.15
C27 SQD OA . -14.21 5.37 -60.98
C28 SQD OA . -13.32 6.55 -60.72
C29 SQD OA . -12.87 6.69 -59.29
C30 SQD OA . -12.66 8.11 -58.84
C31 SQD OA . -12.28 9.06 -59.95
C32 SQD OA . -10.94 8.76 -60.58
C33 SQD OA . -11.01 8.05 -61.90
C34 SQD OA . -9.87 8.32 -62.83
C35 SQD OA . -10.04 9.54 -63.69
C36 SQD OA . -9.69 10.84 -63.00
C37 SQD OA . -8.48 10.77 -62.11
C38 SQD OA . -7.51 11.90 -62.32
C1 SQD OA . -22.44 1.72 -57.85
C2 SQD OA . -23.85 1.35 -57.41
O2 SQD OA . -23.88 0.00 -56.95
C3 SQD OA . -24.83 1.56 -58.56
O3 SQD OA . -26.16 1.32 -58.10
C4 SQD OA . -24.70 2.96 -59.12
O4 SQD OA . -25.51 3.10 -60.28
C5 SQD OA . -23.25 3.27 -59.48
C6 SQD OA . -23.03 4.69 -59.96
O5 SQD OA . -22.42 3.05 -58.32
S SQD OA . -22.49 5.85 -58.75
O7 SQD OA . -22.49 7.15 -59.34
O8 SQD OA . -23.60 5.77 -57.67
O9 SQD OA . -21.25 5.37 -58.19
C2 PL9 PA . -25.54 8.14 -43.92
C3 PL9 PA . -25.27 7.15 -43.04
C4 PL9 PA . -26.16 6.07 -42.84
C5 PL9 PA . -27.36 6.03 -43.62
C6 PL9 PA . -27.62 7.04 -44.52
C1 PL9 PA . -26.70 8.13 -44.69
C7 PL9 PA . -24.08 7.25 -42.29
C8 PL9 PA . -22.91 7.37 -43.11
C9 PL9 PA . -21.98 8.24 -42.89
C10 PL9 PA . -20.65 7.79 -42.70
C11 PL9 PA . -22.14 9.56 -43.50
C12 PL9 PA . -21.47 9.61 -44.87
C13 PL9 PA . -22.07 10.74 -45.59
C14 PL9 PA . -21.36 11.80 -45.99
C15 PL9 PA . -20.85 11.90 -47.36
C16 PL9 PA . -20.79 12.78 -45.03
C52 PL9 PA . -28.27 4.90 -43.43
C53 PL9 PA . -28.78 7.07 -45.33
O1 PL9 PA . -25.84 5.21 -42.02
O2 PL9 PA . -26.85 9.09 -45.47
C BCT QA . -25.46 -1.14 -41.00
O1 BCT QA . -24.75 -0.28 -41.37
O2 BCT QA . -26.37 -1.74 -41.56
O3 BCT QA . -24.75 -1.95 -40.07
O1 LHG RA . -17.13 -5.94 -60.87
C1 LHG RA . -17.13 -5.39 -59.56
C2 LHG RA . -16.25 -6.20 -58.64
O2 LHG RA . -16.50 -7.58 -58.83
C3 LHG RA . -16.61 -5.81 -57.21
O3 LHG RA . -17.90 -6.33 -56.88
P LHG RA . -18.57 -5.87 -55.51
O4 LHG RA . -19.93 -5.42 -55.93
O5 LHG RA . -18.42 -6.84 -54.37
O6 LHG RA . -17.72 -4.58 -55.17
C4 LHG RA . -17.46 -4.20 -53.82
C5 LHG RA . -16.31 -3.22 -53.85
C6 LHG RA . -15.23 -3.58 -52.87
O7 LHG RA . -15.73 -3.28 -55.12
C7 LHG RA . -15.45 -1.95 -55.59
O9 LHG RA . -16.25 -1.08 -55.33
C8 LHG RA . -14.23 -1.65 -56.40
C9 LHG RA . -14.62 -0.70 -57.51
C10 LHG RA . -14.04 0.68 -57.33
O8 LHG RA . -15.68 -4.44 -51.86
C23 LHG RA . -14.87 -4.56 -50.66
O10 LHG RA . -14.83 -5.64 -50.13
C24 LHG RA . -14.11 -3.39 -50.09
C11 LHG RA . -13.85 1.28 -58.70
C12 LHG RA . -12.47 0.91 -59.20
C13 LHG RA . -12.03 1.80 -60.34
C25 LHG RA . -12.67 -3.84 -49.96
C26 LHG RA . -12.11 -3.54 -48.57
C27 LHG RA . -11.61 -2.12 -48.42
C28 LHG RA . -10.83 -1.65 -49.64
C29 LHG RA . -11.43 -0.40 -50.24
C30 LHG RA . -11.35 -0.46 -51.76
C31 LHG RA . -10.80 0.82 -52.34
C32 LHG RA . -10.04 0.56 -53.64
C33 LHG RA . -10.26 1.69 -54.64
C34 LHG RA . -10.36 1.16 -56.07
C35 LHG RA . -9.00 1.15 -56.76
MG CLA SA . -27.01 50.21 -11.85
CHA CLA SA . -27.30 53.25 -10.19
CHB CLA SA . -29.42 49.00 -9.70
CHC CLA SA . -26.86 47.32 -13.58
CHD CLA SA . -24.53 51.60 -13.99
NA CLA SA . -28.25 51.00 -10.16
C1A CLA SA . -28.23 52.18 -9.67
C2A CLA SA . -29.18 52.38 -8.51
C3A CLA SA . -29.80 51.00 -8.36
C4A CLA SA . -29.13 50.28 -9.49
CMA CLA SA . -29.83 50.37 -6.97
CAA CLA SA . -30.30 53.38 -8.81
CBA CLA SA . -31.40 52.88 -9.76
CGA CLA SA . -31.36 53.62 -11.07
O1A CLA SA . -30.35 53.86 -11.70
O2A CLA SA . -32.43 54.09 -11.69
NB CLA SA . -28.02 48.42 -11.67
C1B CLA SA . -28.89 48.07 -10.73
C2B CLA SA . -29.32 46.65 -10.79
C3B CLA SA . -28.56 46.18 -11.94
C4B CLA SA . -27.77 47.34 -12.43
CMB CLA SA . -30.28 45.91 -9.91
CAB CLA SA . -28.58 44.81 -12.47
CBB CLA SA . -28.91 44.51 -13.69
NC CLA SA . -25.89 49.58 -13.54
C1C CLA SA . -25.92 48.36 -14.07
C2C CLA SA . -24.97 48.07 -15.16
C3C CLA SA . -24.28 49.36 -15.28
C4C CLA SA . -24.93 50.20 -14.25
CMC CLA SA . -24.76 46.80 -15.94
CAC CLA SA . -23.17 49.75 -16.23
CBC CLA SA . -21.82 49.79 -15.58
ND CLA SA . -26.07 51.94 -12.15
C1D CLA SA . -25.12 52.44 -12.96
C2D CLA SA . -24.74 53.84 -12.69
C3D CLA SA . -25.66 54.11 -11.57
C4D CLA SA . -26.38 53.01 -11.31
CMD CLA SA . -23.79 54.86 -13.25
CAD CLA SA . -26.03 55.20 -10.65
OBD CLA SA . -25.64 56.42 -10.70
CBD CLA SA . -27.07 54.67 -9.70
CGD CLA SA . -26.54 54.71 -8.29
O1D CLA SA . -27.29 54.74 -7.35
O2D CLA SA . -25.12 54.72 -8.01
CED CLA SA . -24.68 54.29 -6.71
MG CLA TA . -24.75 41.03 -10.96
CHA CLA TA . -22.21 38.90 -12.05
CHB CLA TA . -22.28 43.22 -10.00
CHC CLA TA . -27.23 43.03 -9.88
CHD CLA TA . -27.19 38.61 -12.01
NA CLA TA . -22.52 41.07 -11.01
C1A CLA TA . -21.74 40.18 -11.46
C2A CLA TA . -20.27 40.51 -11.34
C3A CLA TA . -20.33 41.88 -10.68
C4A CLA TA . -21.81 42.09 -10.54
CMA CLA TA . -19.40 42.23 -9.52
CAA CLA TA . -19.64 40.62 -12.72
CBA CLA TA . -18.13 40.78 -12.61
CGA CLA TA . -17.48 39.48 -13.02
O1A CLA TA . -16.71 38.82 -12.32
O2A CLA TA . -17.67 38.90 -14.19
NB CLA TA . -24.74 42.88 -10.05
C1B CLA TA . -23.68 43.65 -9.75
C2B CLA TA . -24.05 44.96 -9.13
C3B CLA TA . -25.50 44.86 -9.11
C4B CLA TA . -25.85 43.55 -9.71
CMB CLA TA . -23.15 46.08 -8.66
CAB CLA TA . -26.48 45.86 -8.63
CBB CLA TA . -26.69 46.95 -9.33
NC CLA TA . -26.88 40.84 -10.97
C1C CLA TA . -27.71 41.78 -10.48
C2C CLA TA . -29.15 41.47 -10.58
C3C CLA TA . -29.13 40.15 -11.23
C4C CLA TA . -27.69 39.86 -11.41
CMC CLA TA . -30.33 42.31 -10.15
CAC CLA TA . -30.30 39.30 -11.63
CBC CLA TA . -30.22 39.02 -13.10
ND CLA TA . -24.84 39.21 -11.79
C1D CLA TA . -25.76 38.33 -12.21
C2D CLA TA . -25.22 37.08 -12.84
C3D CLA TA . -23.78 37.39 -12.75
C4D CLA TA . -23.64 38.58 -12.15
CMD CLA TA . -25.72 35.81 -13.47
CAD CLA TA . -22.46 36.80 -13.09
OBD CLA TA . -22.26 35.70 -13.70
CBD CLA TA . -21.40 37.76 -12.63
CGD CLA TA . -20.60 37.10 -11.55
O1D CLA TA . -20.93 37.18 -10.39
O2D CLA TA . -19.39 36.35 -11.90
CED CLA TA . -18.75 35.55 -10.91
C1 CLA TA . -18.10 37.37 -14.27
C2 CLA TA . -19.12 36.89 -15.28
C3 CLA TA . -19.29 37.54 -16.44
C4 CLA TA . -18.49 38.76 -16.76
C5 CLA TA . -20.31 37.03 -17.44
C6 CLA TA . -19.85 35.68 -17.97
C7 CLA TA . -20.87 35.09 -18.93
C8 CLA TA . -20.18 34.23 -20.00
C9 CLA TA . -19.42 35.11 -20.99
C10 CLA TA . -21.24 33.38 -20.71
C11 CLA TA . -20.58 32.48 -21.74
C12 CLA TA . -19.61 31.51 -21.09
C13 CLA TA . -20.01 30.08 -21.34
C14 CLA TA . -21.29 29.71 -20.59
C15 CLA TA . -18.86 29.15 -20.96
C16 CLA TA . -17.63 29.43 -21.81
C17 CLA TA . -17.16 28.17 -22.53
C18 CLA TA . -15.86 28.41 -23.28
C19 CLA TA . -16.12 29.01 -24.65
C20 CLA TA . -14.93 29.30 -22.47
MG CLA UA . -23.08 33.18 -4.97
CHA CLA UA . -19.89 33.36 -3.56
CHB CLA UA . -21.64 34.28 -7.91
CHC CLA UA . -26.15 33.02 -6.31
CHD CLA UA . -24.38 32.05 -1.83
NA CLA UA . -21.03 33.76 -5.68
C1A CLA UA . -19.95 33.76 -4.99
C2A CLA UA . -18.72 34.18 -5.75
C3A CLA UA . -19.31 34.48 -7.13
C4A CLA UA . -20.76 34.15 -6.91
CMA CLA UA . -18.92 35.75 -7.88
CAA CLA UA . -17.76 33.01 -5.82
CBA CLA UA . -18.34 31.88 -6.66
CGA CLA UA . -18.02 32.11 -8.11
O1A CLA UA . -17.16 32.88 -8.52
O2A CLA UA . -18.63 31.52 -9.12
NB CLA UA . -23.78 33.60 -6.85
C1B CLA UA . -23.09 34.02 -7.92
C2B CLA UA . -23.94 34.21 -9.15
C3B CLA UA . -25.26 33.83 -8.64
C4B CLA UA . -25.07 33.47 -7.21
CMB CLA UA . -23.54 34.67 -10.52
CAB CLA UA . -26.54 33.81 -9.36
CBB CLA UA . -26.61 33.24 -10.55
NC CLA UA . -24.97 32.62 -4.17
C1C CLA UA . -26.11 32.62 -4.89
C2C CLA UA . -27.32 32.19 -4.15
C3C CLA UA . -26.78 31.90 -2.83
C4C CLA UA . -25.33 32.20 -2.94
CMC CLA UA . -28.74 32.07 -4.65
CAC CLA UA . -27.52 31.41 -1.60
CBC CLA UA . -26.83 30.19 -1.05
ND CLA UA . -22.44 32.77 -3.11
C1D CLA UA . -22.94 32.34 -1.95
C2D CLA UA . -21.94 32.19 -0.84
C3D CLA UA . -20.74 32.62 -1.56
C4D CLA UA . -21.08 32.92 -2.82
CMD CLA UA . -21.89 31.76 0.60
CAD CLA UA . -19.29 32.80 -1.36
OBD CLA UA . -18.62 32.47 -0.31
CBD CLA UA . -18.69 33.28 -2.65
CGD CLA UA . -18.09 34.64 -2.47
O1D CLA UA . -16.97 34.89 -2.89
O2D CLA UA . -18.84 35.69 -1.81
CED CLA UA . -18.15 36.65 -1.01
C1 CLA UA . -20.05 32.04 -9.64
C2 CLA UA . -21.30 31.23 -9.40
C3 CLA UA . -22.04 30.78 -10.42
C4 CLA UA . -23.27 29.98 -10.16
C5 CLA UA . -21.62 31.08 -11.84
C6 CLA UA . -22.70 30.60 -12.79
C7 CLA UA . -23.67 31.74 -13.13
C8 CLA UA . -24.71 31.30 -14.15
C9 CLA UA . -25.49 30.09 -13.67
C10 CLA UA . -24.02 31.00 -15.48
CAA F6C VA . -16.94 26.92 -3.04
CAB F6C VA . -16.01 17.94 -6.31
CAC F6C VA . -20.46 21.64 -11.94
CAD F6C VA . -18.54 28.37 -7.45
NA F6C VA . -16.59 24.52 -5.58
CBA F6C VA . -18.43 26.65 -3.16
CBB F6C VA . -15.41 17.06 -5.53
CBC F6C VA . -19.73 21.61 -13.22
CBD F6C VA . -17.61 28.14 -6.33
NB F6C VA . -16.63 21.63 -6.42
OBD F6C VA . -19.09 29.47 -7.76
CGA F6C VA . -19.17 27.95 -3.00
CGD F6C VA . -16.39 28.98 -6.38
ND F6C VA . -18.13 24.91 -8.23
CED F6C VA . -14.44 30.03 -7.45
CHA F6C VA . -17.33 26.66 -6.39
CHB F6C VA . -15.69 22.69 -4.41
CHC F6C VA . -17.39 20.08 -8.20
CHD F6C VA . -19.30 24.11 -10.18
CMA F6C VA . -14.28 24.69 -2.80
CMB F6C VA . -14.84 19.79 -3.67
CMC F6C VA . -19.07 18.99 -10.56
CMD F6C VA . -20.26 27.46 -10.09
OMB F6C VA . -15.46 19.78 -2.63
C1 F6C VA . -21.37 29.23 -2.82
C1A F6C VA . -16.68 25.76 -5.39
C1B F6C VA . -15.98 21.55 -5.27
C1C F6C VA . -18.15 20.97 -9.09
C1D F6C VA . -18.94 25.16 -9.25
O1A F6C VA . -18.73 29.06 -3.23
O1D F6C VA . -16.10 29.61 -5.39
C2 F6C VA . -21.71 29.75 -4.19
C2A F6C VA . -16.07 26.24 -4.09
C2B F6C VA . -15.58 20.18 -4.91
C2C F6C VA . -18.92 20.42 -10.20
C2D F6C VA . -19.38 26.58 -9.31
O2A F6C VA . -20.40 28.01 -2.55
O2D F6C VA . -15.54 29.14 -7.52
C3 F6C VA . -22.91 29.45 -4.68
C3A F6C VA . -15.60 24.91 -3.50
C3B F6C VA . -16.08 19.39 -6.04
C3C F6C VA . -19.51 21.58 -10.78
C3D F6C VA . -18.69 27.10 -8.15
C4 F6C VA . -23.86 28.61 -3.89
C4A F6C VA . -15.98 23.98 -4.58
C4B F6C VA . -16.73 20.39 -6.93
C4C F6C VA . -19.01 22.69 -9.94
C4D F6C VA . -17.99 26.14 -7.59
C5 F6C VA . -23.32 29.94 -6.05
C6 F6C VA . -24.29 28.94 -6.69
C7 F6C VA . -25.63 29.60 -7.02
C8 F6C VA . -26.56 28.66 -7.79
C9 F6C VA . -25.89 28.07 -9.01
C10 F6C VA . -27.83 29.44 -8.15
C11 F6C VA . -28.72 29.57 -6.92
C12 F6C VA . -30.17 29.80 -7.33
C13 F6C VA . -30.41 31.26 -7.72
C14 F6C VA . -31.41 31.95 -6.82
C15 F6C VA . -30.90 31.35 -9.14
NC F6C VA . -18.22 22.28 -8.95
MG F6C VA . -17.33 23.33 -7.33
C16 F6C VA . -30.25 32.52 -9.86
C17 F6C VA . -29.67 32.05 -11.18
C18 F6C VA . -29.93 33.01 -12.33
C19 F6C VA . -29.87 34.48 -11.93
C20 F6C VA . -28.98 32.73 -13.50
MG CLA WA . -20.85 23.83 3.37
CHA CLA WA . -17.73 24.27 1.96
CHB CLA WA . -20.38 26.78 5.04
CHC CLA WA . -23.87 23.42 4.57
CHD CLA WA . -21.17 20.75 1.57
NA CLA WA . -19.25 25.38 3.48
C1A CLA WA . -18.13 25.38 2.90
C2A CLA WA . -17.24 26.52 3.29
C3A CLA WA . -18.10 27.23 4.31
C4A CLA WA . -19.34 26.42 4.28
CMA CLA WA . -17.43 27.39 5.64
CAA CLA WA . -16.90 27.60 2.26
CBA CLA WA . -17.42 27.47 0.84
CGA CLA WA . -18.88 27.81 0.80
O1A CLA WA . -19.36 28.71 1.43
O2A CLA WA . -19.77 27.18 0.06
NB CLA WA . -21.98 24.98 4.64
C1B CLA WA . -21.69 26.14 5.23
C2B CLA WA . -22.79 26.65 6.11
C3B CLA WA . -23.80 25.60 5.94
C4B CLA WA . -23.20 24.63 5.02
CMB CLA WA . -22.86 27.91 6.93
CAB CLA WA . -25.18 25.39 6.48
CBB CLA WA . -25.78 26.10 7.41
NC CLA WA . -22.27 22.28 3.13
C1C CLA WA . -23.47 22.36 3.64
C2C CLA WA . -24.43 21.36 3.22
C3C CLA WA . -23.64 20.54 2.31
C4C CLA WA . -22.32 21.19 2.36
CMC CLA WA . -25.86 21.32 3.62
CAC CLA WA . -24.06 19.31 1.55
CBC CLA WA . -24.21 19.55 0.07
ND CLA WA . -19.84 22.70 2.07
C1D CLA WA . -19.97 21.56 1.43
C2D CLA WA . -18.83 21.15 0.60
C3D CLA WA . -17.96 22.29 0.86
C4D CLA WA . -18.58 23.12 1.69
CMD CLA WA . -18.47 20.01 -0.28
CAD CLA WA . -16.64 22.80 0.48
OBD CLA WA . -16.07 22.50 -0.62
CBD CLA WA . -16.43 24.07 1.21
CGD CLA WA . -15.33 23.91 2.21
O1D CLA WA . -14.31 24.53 2.10
O2D CLA WA . -15.51 23.00 3.31
CED CLA WA . -14.83 23.15 4.53
C1 CLA WA . -20.88 26.23 0.70
C2 CLA WA . -21.52 25.09 -0.07
C3 CLA WA . -22.86 25.08 -0.26
C4 CLA WA . -23.52 23.97 -1.02
C5 CLA WA . -23.71 26.21 0.27
C6 CLA WA . -24.75 25.63 1.22
C7 CLA WA . -24.93 26.54 2.43
C8 CLA WA . -26.39 26.51 2.89
C9 CLA WA . -26.72 25.11 3.41
C10 CLA WA . -27.27 26.85 1.72
C11 CLA WA . -28.63 27.50 2.00
C12 CLA WA . -29.74 26.80 2.81
C13 CLA WA . -30.46 25.60 2.21
C14 CLA WA . -30.29 25.38 0.71
C15 CLA WA . -31.95 25.73 2.47
C16 CLA WA . -32.39 25.11 3.80
C17 CLA WA . -33.83 25.53 3.98
C18 CLA WA . -34.53 24.87 5.16
C19 CLA WA . -33.66 24.86 6.41
C20 CLA WA . -35.84 25.60 5.42
MG CLA XA . -22.95 32.99 7.43
CHA CLA XA . -20.59 32.76 9.98
CHB CLA XA . -21.05 30.70 5.69
CHC CLA XA . -25.25 33.22 4.99
CHD CLA XA . -24.79 35.37 9.38
NA CLA XA . -21.05 31.85 7.77
C1A CLA XA . -20.30 31.90 8.79
C2A CLA XA . -19.08 31.02 8.73
C3A CLA XA . -19.26 30.38 7.36
C4A CLA XA . -20.53 31.01 6.89
CMA CLA XA . -18.07 30.28 6.41
CAA CLA XA . -19.17 29.97 9.84
CBA CLA XA . -20.51 29.23 9.79
CGA CLA XA . -20.29 27.83 9.25
O1A CLA XA . -19.64 27.56 8.26
O2A CLA XA . -20.79 26.75 9.81
NB CLA XA . -23.12 32.08 5.58
C1B CLA XA . -22.28 31.19 5.03
C2B CLA XA . -22.71 30.74 3.68
C3B CLA XA . -23.96 31.49 3.50
C4B CLA XA . -24.13 32.30 4.73
CMB CLA XA . -22.05 29.75 2.74
CAB CLA XA . -24.88 31.49 2.35
CBB CLA XA . -25.08 30.39 1.66
NC CLA XA . -24.74 34.13 7.23
C1C CLA XA . -25.54 34.08 6.15
C2C CLA XA . -26.74 34.95 6.20
C3C CLA XA . -26.60 35.57 7.51
C4C CLA XA . -25.34 35.00 8.06
CMC CLA XA . -27.83 35.13 5.17
CAC CLA XA . -27.51 36.58 8.16
CBC CLA XA . -28.21 35.94 9.35
ND CLA XA . -22.85 33.91 9.21
C1D CLA XA . -23.55 34.80 9.93
C2D CLA XA . -22.96 35.14 11.26
C3D CLA XA . -21.77 34.28 11.22
C4D CLA XA . -21.78 33.63 10.05
CMD CLA XA . -23.27 36.02 12.45
CAD CLA XA . -20.59 33.90 12.02
OBD CLA XA . -20.33 34.32 13.21
CBD CLA XA . -19.79 32.90 11.25
CGD CLA XA . -18.44 33.48 10.95
O1D CLA XA . -18.28 34.68 10.86
O2D CLA XA . -17.29 32.60 10.75
CED CLA XA . -16.10 32.81 11.51
C1 CLA XA . -21.39 25.58 8.89
C2 CLA XA . -22.64 24.84 9.31
C3 CLA XA . -22.88 23.59 8.88
C4 CLA XA . -21.90 22.91 7.98
C5 CLA XA . -24.14 22.88 9.31
C6 CLA XA . -23.82 21.96 10.48
C7 CLA XA . -24.57 22.41 11.73
C8 CLA XA . -25.42 21.26 12.29
C9 CLA XA . -26.46 21.79 13.27
C10 CLA XA . -24.51 20.24 12.96
CAA F6C YA . -2.70 19.28 -4.89
CAB F6C YA . -12.19 19.57 -6.03
CAC F6C YA . -10.75 12.66 -1.92
CAD F6C YA . -3.01 15.83 -1.60
NA F6C YA . -5.94 18.74 -3.95
CBA F6C YA . -2.84 17.81 -5.32
CBB F6C YA . -12.50 20.05 -7.21
CBC F6C YA . -9.81 11.60 -2.47
CBD F6C YA . -2.84 17.14 -2.30
NB F6C YA . -8.86 18.60 -4.63
OBD F6C YA . -2.11 15.23 -0.90
CGA F6C YA . -3.04 17.74 -6.81
CGD F6C YA . -2.43 18.19 -1.30
ND F6C YA . -6.47 16.01 -2.62
CED F6C YA . -2.45 19.08 1.02
CHA F6C YA . -4.24 17.42 -2.80
CHB F6C YA . -7.19 20.36 -5.16
CHC F6C YA . -10.90 17.17 -4.38
CHD F6C YA . -7.89 14.14 -1.96
CMA F6C YA . -4.78 22.16 -4.41
CMB F6C YA . -9.75 21.77 -6.60
CMC F6C YA . -12.79 14.72 -3.57
CMD F6C YA . -4.85 13.11 -0.60
OMB F6C YA . -9.00 22.67 -6.28
C1 F6C YA . -4.65 16.84 -8.54
C1A F6C YA . -4.73 18.62 -3.56
C1B F6C YA . -8.54 19.78 -5.20
C1C F6C YA . -10.42 16.00 -3.62
C1D F6C YA . -6.59 14.83 -1.99
O1A F6C YA . -2.14 17.54 -7.62
O1D F6C YA . -1.87 19.20 -1.68
C2 F6C YA . -3.64 16.02 -9.29
C2A F6C YA . -3.82 19.75 -3.95
C2B F6C YA . -9.70 20.45 -5.86
C2C F6C YA . -11.33 14.89 -3.27
C2D F6C YA . -5.32 14.30 -1.39
O2A F6C YA . -4.19 17.89 -7.42
O2D F6C YA . -2.71 18.01 0.11
C3 F6C YA . -4.04 15.15 -10.25
C3A F6C YA . -4.78 20.66 -4.69
C3B F6C YA . -10.77 19.49 -5.62
C3C F6C YA . -10.43 13.99 -2.55
C3D F6C YA . -4.42 15.41 -1.75
C4 F6C YA . -3.02 14.35 -10.98
C4A F6C YA . -6.05 19.88 -4.61
C4B F6C YA . -10.17 18.37 -4.84
C4C F6C YA . -9.11 14.69 -2.58
C4D F6C YA . -5.13 16.32 -2.43
C5 F6C YA . -5.51 14.99 -10.57
C6 F6C YA . -5.85 13.51 -10.66
C7 F6C YA . -5.79 13.02 -12.10
C8 F6C YA . -7.10 12.37 -12.51
C9 F6C YA . -7.81 11.75 -11.31
C10 F6C YA . -6.83 11.30 -13.58
C11 F6C YA . -7.92 11.33 -14.65
C12 F6C YA . -8.02 9.98 -15.35
C13 F6C YA . -9.28 9.92 -16.22
C14 F6C YA . -10.32 8.99 -15.61
C15 F6C YA . -8.89 9.46 -17.62
NC F6C YA . -9.14 15.87 -3.22
MG F6C YA . -7.63 17.31 -3.62
MG CLA ZA . -28.94 24.44 -23.77
CHA CLA ZA . -32.16 23.43 -22.87
CHB CLA ZA . -29.09 22.19 -26.30
CHC CLA ZA . -25.80 25.41 -24.60
CHD CLA ZA . -28.91 26.74 -21.12
NA CLA ZA . -30.43 22.96 -24.54
C1A CLA ZA . -31.60 22.70 -24.06
C2A CLA ZA . -32.29 21.58 -24.79
C3A CLA ZA . -31.26 21.20 -25.84
C4A CLA ZA . -30.18 22.18 -25.55
CMA CLA ZA . -30.84 19.75 -25.92
CAA CLA ZA . -33.62 22.01 -25.41
CBA CLA ZA . -33.82 21.81 -26.90
CGA CLA ZA . -33.59 23.11 -27.61
O1A CLA ZA . -34.33 23.58 -28.45
O2A CLA ZA . -32.52 23.84 -27.42
NB CLA ZA . -27.65 23.87 -25.24
C1B CLA ZA . -27.88 23.00 -26.20
C2B CLA ZA . -26.79 22.88 -27.17
C3B CLA ZA . -25.82 23.83 -26.67
C4B CLA ZA . -26.43 24.40 -25.46
CMB CLA ZA . -26.81 21.97 -28.36
CAB CLA ZA . -24.47 24.22 -27.18
CBB CLA ZA . -23.69 23.40 -27.83
NC CLA ZA . -27.60 25.93 -23.04
C1C CLA ZA . -26.36 26.13 -23.45
C2C CLA ZA . -25.59 27.13 -22.71
C3C CLA ZA . -26.54 27.56 -21.71
C4C CLA ZA . -27.74 26.75 -22.01
CMC CLA ZA . -24.17 27.58 -22.92
CAC CLA ZA . -26.36 28.59 -20.62
CBC CLA ZA . -26.10 27.93 -19.28
ND CLA ZA . -30.15 25.06 -22.33
C1D CLA ZA . -30.07 25.88 -21.30
C2D CLA ZA . -31.21 25.87 -20.37
C3D CLA ZA . -32.03 24.86 -21.05
C4D CLA ZA . -31.38 24.44 -22.15
CMD CLA ZA . -31.58 26.56 -19.10
CAD CLA ZA . -33.31 24.16 -20.93
OBD CLA ZA . -34.04 24.12 -19.88
CBD CLA ZA . -33.49 23.33 -22.14
CGD CLA ZA . -33.75 21.92 -21.74
O1D CLA ZA . -32.87 21.26 -21.22
O2D CLA ZA . -35.03 21.29 -21.95
CED CLA ZA . -35.53 20.39 -20.96
C1 CLA ZA . -32.55 25.22 -26.60
C2 CLA ZA . -31.23 25.79 -26.15
C3 CLA ZA . -31.06 27.09 -25.94
C4 CLA ZA . -32.17 28.07 -26.18
C5 CLA ZA . -29.70 27.57 -25.50
C6 CLA ZA . -28.97 28.07 -26.73
C7 CLA ZA . -27.47 27.98 -26.56
C8 CLA ZA . -26.85 29.36 -26.44
C9 CLA ZA . -26.92 30.08 -27.79
C10 CLA ZA . -25.40 29.23 -25.99
MG CLA AB . -39.17 33.18 -14.35
CHA CLA AB . -41.26 31.58 -16.60
CHB CLA AB . -37.27 30.31 -14.28
CHC CLA AB . -37.07 34.77 -12.19
CHD CLA AB . -41.19 36.05 -14.45
NA CLA AB . -39.22 31.18 -15.35
C1A CLA AB . -40.11 30.75 -16.15
C2A CLA AB . -39.96 29.28 -16.51
C3A CLA AB . -38.71 28.94 -15.73
C4A CLA AB . -38.35 30.22 -15.09
CMA CLA AB . -38.89 27.78 -14.79
CAA CLA AB . -39.72 28.91 -17.97
CBA CLA AB . -38.68 29.82 -18.56
CGA CLA AB . -38.11 29.24 -19.82
O1A CLA AB . -37.65 28.12 -19.89
O2A CLA AB . -38.01 29.86 -20.98
NB CLA AB . -37.41 32.61 -13.40
C1B CLA AB . -36.77 31.44 -13.49
C2B CLA AB . -35.54 31.38 -12.65
C3B CLA AB . -35.56 32.71 -12.05
C4B CLA AB . -36.74 33.40 -12.57
CMB CLA AB . -34.53 30.28 -12.47
CAB CLA AB . -34.61 33.35 -11.13
CBB CLA AB . -33.35 33.54 -11.46
NC CLA AB . -39.11 35.11 -13.49
C1C CLA AB . -38.23 35.56 -12.61
C2C CLA AB . -38.49 36.89 -12.04
C3C CLA AB . -39.71 37.26 -12.73
C4C CLA AB . -40.00 36.11 -13.59
CMC CLA AB . -37.69 37.67 -11.02
CAC CLA AB . -40.55 38.49 -12.62
CBC CLA AB . -41.59 38.26 -11.56
ND CLA AB . -40.83 33.78 -15.20
C1D CLA AB . -41.54 34.90 -15.29
C2D CLA AB . -42.65 34.87 -16.23
C3D CLA AB . -42.50 33.50 -16.74
C4D CLA AB . -41.46 32.96 -16.12
CMD CLA AB . -43.71 35.84 -16.68
CAD CLA AB . -43.10 32.53 -17.68
OBD CLA AB . -44.29 32.66 -18.14
CBD CLA AB . -42.45 31.22 -17.44
CGD CLA AB . -43.36 30.36 -16.62
O1D CLA AB . -43.35 29.15 -16.70
O2D CLA AB . -44.30 30.93 -15.68
CED CLA AB . -44.62 30.25 -14.48
MG CLA BB . -35.13 25.14 -12.76
CHA CLA BB . -33.89 24.53 -9.60
CHB CLA BB . -32.36 27.05 -13.32
CHC CLA BB . -36.25 25.60 -15.89
CHD CLA BB . -37.99 23.22 -12.02
NA CLA BB . -33.31 25.72 -11.63
C1A CLA BB . -32.99 25.39 -10.45
C2A CLA BB . -31.66 25.94 -10.01
C3A CLA BB . -31.24 26.77 -11.20
C4A CLA BB . -32.37 26.49 -12.13
CMA CLA BB . -30.80 28.20 -10.99
CAA CLA BB . -30.61 24.84 -10.05
CBA CLA BB . -30.15 24.31 -8.71
CGA CLA BB . -29.23 25.22 -7.93
O1A CLA BB . -29.20 26.44 -7.96
O2A CLA BB . -28.40 24.77 -7.04
NB CLA BB . -34.40 26.16 -14.38
C1B CLA BB . -33.33 26.95 -14.42
C2B CLA BB . -33.13 27.68 -15.69
C3B CLA BB . -34.30 27.24 -16.46
C4B CLA BB . -35.03 26.31 -15.56
CMB CLA BB . -32.03 28.62 -16.06
CAB CLA BB . -34.66 27.69 -17.83
CBB CLA BB . -35.04 26.90 -18.81
NC CLA BB . -36.81 24.44 -13.80
C1C CLA BB . -37.10 24.76 -15.05
C2C CLA BB . -38.35 24.24 -15.59
C3C CLA BB . -38.84 23.48 -14.46
C4C CLA BB . -37.82 23.68 -13.41
CMC CLA BB . -38.89 24.44 -16.97
CAC CLA BB . -40.09 22.68 -14.32
CBC CLA BB . -41.14 23.63 -13.86
ND CLA BB . -35.89 24.08 -11.26
C1D CLA BB . -36.98 23.38 -10.98
C2D CLA BB . -37.07 22.82 -9.61
C3D CLA BB . -35.80 23.34 -9.11
C4D CLA BB . -35.18 24.01 -10.08
CMD CLA BB . -38.01 22.02 -8.77
CAD CLA BB . -34.98 23.34 -7.89
OBD CLA BB . -35.27 22.77 -6.79
CBD CLA BB . -33.71 24.06 -8.18
CGD CLA BB . -33.57 25.23 -7.28
O1D CLA BB . -32.63 25.28 -6.52
O2D CLA BB . -34.48 26.34 -7.29
CED CLA BB . -33.93 27.65 -7.20
C1 CLA BB . -28.79 25.17 -5.54
C2 CLA BB . -27.84 25.84 -4.60
C3 CLA BB . -28.21 26.84 -3.80
C4 CLA BB . -27.18 27.43 -2.89
C5 CLA BB . -29.60 27.43 -3.83
C6 CLA BB . -30.53 26.76 -2.82
C7 CLA BB . -31.78 26.35 -3.58
C8 CLA BB . -32.87 25.67 -2.76
C9 CLA BB . -33.01 26.32 -1.39
C10 CLA BB . -32.63 24.17 -2.61
C11 CLA BB . -32.05 23.48 -3.83
C12 CLA BB . -33.01 22.40 -4.32
C13 CLA BB . -32.36 21.10 -4.71
C14 CLA BB . -31.24 21.31 -5.73
C15 CLA BB . -33.49 20.21 -5.19
C16 CLA BB . -33.23 19.39 -6.45
C17 CLA BB . -34.39 18.42 -6.62
C18 CLA BB . -35.57 19.07 -7.30
C19 CLA BB . -35.11 19.80 -8.55
C20 CLA BB . -36.62 18.06 -7.72
MG CLA CB . -26.00 11.58 -15.75
CHA CLA CB . -27.49 8.68 -16.92
CHB CLA CB . -28.23 11.55 -13.16
CHC CLA CB . -24.52 14.40 -14.65
CHD CLA CB . -23.78 11.53 -18.49
NA CLA CB . -27.66 10.28 -15.07
C1A CLA CB . -28.09 9.24 -15.64
C2A CLA CB . -29.26 8.62 -14.95
C3A CLA CB . -29.49 9.59 -13.80
C4A CLA CB . -28.39 10.55 -14.01
CMA CLA CB . -30.88 10.15 -13.71
CAA CLA CB . -28.88 7.23 -14.44
CBA CLA CB . -27.99 7.30 -13.24
CGA CLA CB . -26.71 6.60 -13.41
O1A CLA CB . -26.05 6.73 -14.39
O2A CLA CB . -26.17 5.85 -12.49
NB CLA CB . -26.33 12.78 -14.15
C1B CLA CB . -27.24 12.63 -13.21
C2B CLA CB . -27.19 13.66 -12.17
C3B CLA CB . -26.10 14.52 -12.60
C4B CLA CB . -25.63 13.89 -13.85
CMB CLA CB . -28.10 13.71 -11.02
CAB CLA CB . -25.53 15.75 -11.99
CBB CLA CB . -26.20 16.55 -11.21
NC CLA CB . -24.36 12.73 -16.44
C1C CLA CB . -23.92 13.81 -15.82
C2C CLA CB . -22.73 14.39 -16.38
C3C CLA CB . -22.45 13.52 -17.49
C4C CLA CB . -23.53 12.52 -17.44
CMC CLA CB . -22.02 15.57 -15.88
CAC CLA CB . -21.32 13.63 -18.45
CBC CLA CB . -20.09 13.13 -17.74
ND CLA CB . -25.59 10.45 -17.36
C1D CLA CB . -24.77 10.48 -18.37
C2D CLA CB . -24.95 9.39 -19.35
C3D CLA CB . -26.05 8.70 -18.70
C4D CLA CB . -26.36 9.34 -17.58
CMD CLA CB . -24.35 8.93 -20.63
CAD CLA CB . -26.91 7.53 -18.91
OBD CLA CB . -26.75 6.64 -19.80
CBD CLA CB . -27.89 7.52 -17.80
CGD CLA CB . -29.28 7.75 -18.28
O1D CLA CB . -29.54 8.48 -19.20
O2D CLA CB . -30.38 7.10 -17.61
CED CLA CB . -31.24 6.25 -18.31
C1 CLA CB . -25.01 4.82 -12.85
C2 CLA CB . -23.53 5.04 -12.63
C3 CLA CB . -22.80 4.08 -12.04
C4 CLA CB . -23.43 2.82 -11.57
C5 CLA CB . -21.32 4.19 -11.80
C6 CLA CB . -20.70 5.43 -12.44
C7 CLA CB . -19.36 5.67 -11.76
C8 CLA CB . -18.75 7.00 -12.17
C9 CLA CB . -18.31 6.97 -13.62
C10 CLA CB . -17.58 7.30 -11.25
C11 CLA CB . -18.07 8.04 -10.02
C12 CLA CB . -17.18 9.26 -9.74
C13 CLA CB . -17.43 9.86 -8.36
C14 CLA CB . -17.60 8.79 -7.29
C15 CLA CB . -18.62 10.80 -8.42
C16 CLA CB . -18.26 12.17 -7.90
C17 CLA CB . -18.31 13.18 -9.03
C18 CLA CB . -17.57 14.44 -8.68
C19 CLA CB . -16.86 14.98 -9.91
C20 CLA CB . -18.54 15.48 -8.18
MG CLA DB . -30.20 13.90 -8.57
CHA CLA DB . -29.83 17.37 -8.34
CHB CLA DB . -27.48 13.59 -6.53
CHC CLA DB . -30.62 10.58 -8.83
CHD CLA DB . -33.03 14.39 -10.63
NA CLA DB . -28.80 15.29 -7.54
C1A CLA DB . -28.81 16.56 -7.57
C2A CLA DB . -27.70 17.18 -6.79
C3A CLA DB . -26.99 15.97 -6.32
C4A CLA DB . -27.79 14.86 -6.81
CMA CLA DB . -25.61 15.99 -6.85
CAA CLA DB . -28.18 17.94 -5.56
CBA CLA DB . -29.24 17.14 -4.83
CGA CLA DB . -29.70 17.86 -3.63
O1A CLA DB . -30.75 18.44 -3.55
O2A CLA DB . -29.00 17.97 -2.54
NB CLA DB . -29.18 12.32 -7.77
C1B CLA DB . -28.13 12.35 -6.96
C2B CLA DB . -27.66 11.00 -6.53
C3B CLA DB . -28.61 10.14 -7.24
C4B CLA DB . -29.50 11.05 -7.98
CMB CLA DB . -26.51 10.69 -5.61
CAB CLA DB . -28.77 8.67 -7.30
CBB CLA DB . -27.86 7.82 -6.90
NC CLA DB . -31.66 12.67 -9.52
C1C CLA DB . -31.61 11.36 -9.59
C2C CLA DB . -32.61 10.74 -10.49
C3C CLA DB . -33.33 11.89 -10.99
C4C CLA DB . -32.65 13.01 -10.34
CMC CLA DB . -32.86 9.30 -10.82
CAC CLA DB . -34.47 11.95 -11.96
CBC CLA DB . -33.99 12.17 -13.38
ND CLA DB . -31.25 15.40 -9.37
C1D CLA DB . -32.33 15.55 -10.11
C2D CLA DB . -32.74 16.91 -10.40
C3D CLA DB . -31.69 17.62 -9.66
C4D CLA DB . -30.90 16.71 -9.10
CMD CLA DB . -33.84 17.54 -11.15
CAD CLA DB . -31.24 18.97 -9.34
OBD CLA DB . -31.79 20.07 -9.67
CBD CLA DB . -30.00 18.85 -8.52
CGD CLA DB . -28.89 19.47 -9.31
O1D CLA DB . -27.81 19.62 -8.83
O2D CLA DB . -29.07 19.92 -10.68
CED CLA DB . -28.14 19.54 -11.67
C1 CLA DB . -28.79 19.46 -2.00
C2 CLA DB . -28.30 20.57 -2.87
C3 CLA DB . -27.59 21.58 -2.36
C4 CLA DB . -27.25 21.65 -0.90
C5 CLA DB . -27.11 22.64 -3.31
C6 CLA DB . -25.66 22.39 -3.66
C7 CLA DB . -25.53 21.44 -4.84
C8 CLA DB . -24.24 20.64 -4.87
C9 CLA DB . -24.45 19.39 -5.70
C10 CLA DB . -23.76 20.32 -3.47
C11 CLA DB . -22.26 20.08 -3.40
C12 CLA DB . -21.55 21.29 -2.82
C13 CLA DB . -20.58 21.89 -3.83
C14 CLA DB . -19.14 21.74 -3.42
C15 CLA DB . -20.90 23.35 -4.01
C16 CLA DB . -20.00 23.93 -5.08
C17 CLA DB . -20.79 24.08 -6.36
C18 CLA DB . -21.77 25.25 -6.33
C19 CLA DB . -21.14 26.54 -5.85
C20 CLA DB . -22.37 25.44 -7.72
CAA F6C EB . -24.93 11.37 -8.79
CAB F6C EB . -21.31 19.86 -7.23
CAC F6C EB . -17.66 15.18 -2.05
CAD F6C EB . -21.34 9.20 -6.09
NA F6C EB . -22.52 13.39 -7.95
CBA F6C EB . -25.97 11.11 -9.85
CBB F6C EB . -21.38 20.84 -8.08
CBC F6C EB . -16.34 14.88 -2.71
CBD F6C EB . -22.37 9.61 -7.09
NB F6C EB . -21.68 16.18 -7.22
OBD F6C EB . -20.80 8.05 -6.00
CGA F6C EB . -25.66 9.95 -10.73
CGD F6C EB . -22.17 8.89 -8.39
ND F6C EB . -20.87 12.64 -5.45
CED F6C EB . -22.29 6.72 -9.43
CHA F6C EB . -22.19 11.11 -7.16
CHB F6C EB . -23.05 15.37 -9.09
CHC F6C EB . -20.39 17.54 -5.58
CHD F6C EB . -19.47 13.20 -3.57
CMA F6C EB . -23.14 13.31 -11.29
CMB F6C EB . -23.26 18.52 -9.74
CMC F6C EB . -18.16 18.16 -3.42
CMD F6C EB . -19.34 9.77 -3.40
OMB F6C EB . -23.19 18.03 -10.84
C1 F6C EB . -24.30 9.16 -12.69
C1A F6C EB . -22.73 12.15 -8.11
C1B F6C EB . -22.42 16.44 -8.28
C1C F6C EB . -19.83 16.52 -4.72
C1D F6C EB . -20.12 12.24 -4.43
O1A F6C EB . -25.61 8.80 -10.39
O1D F6C EB . -21.41 9.27 -9.25
C2 F6C EB . -22.86 9.44 -12.38
C2A F6C EB . -23.58 11.84 -9.30
C2B F6C EB . -22.50 17.89 -8.63
C2C F6C EB . -18.81 16.86 -3.72
C2D F6C EB . -20.01 10.77 -4.29
O2A F6C EB . -25.42 10.05 -12.01
O2D F6C EB . -22.92 7.71 -8.65
C3 F6C EB . -22.12 10.17 -13.21
C3A F6C EB . -23.74 13.19 -9.91
C3B F6C EB . -21.69 18.47 -7.57
C3C F6C EB . -18.61 15.56 -3.11
C3D F6C EB . -20.86 10.39 -5.41
C4 F6C EB . -22.69 10.73 -14.46
C4A F6C EB . -23.09 14.06 -8.91
C4B F6C EB . -21.23 17.34 -6.76
C4C F6C EB . -19.50 14.66 -3.82
C4D F6C EB . -21.31 11.47 -6.03
C5 F6C EB . -20.69 10.43 -12.88
C6 F6C EB . -20.34 11.88 -13.19
C7 F6C EB . -19.18 11.98 -14.17
C8 F6C EB . -17.90 11.47 -13.52
C9 F6C EB . -16.98 12.63 -13.18
C10 F6C EB . -17.26 10.41 -14.42
C11 F6C EB . -16.14 10.93 -15.30
C12 F6C EB . -15.66 9.90 -16.31
C13 F6C EB . -14.40 10.28 -17.08
C14 F6C EB . -13.86 11.68 -16.79
C15 F6C EB . -14.67 10.14 -18.57
NC F6C EB . -20.23 15.25 -4.76
MG F6C EB . -21.32 14.35 -6.33
C16 F6C EB . -14.79 8.67 -18.98
C17 F6C EB . -13.41 8.09 -19.30
C18 F6C EB . -13.45 6.98 -20.35
C19 F6C EB . -14.77 6.21 -20.40
C20 F6C EB . -13.17 7.50 -21.75
MG CLA FB . -25.43 3.31 -6.29
CHA CLA FB . -27.95 0.98 -6.74
CHB CLA FB . -27.60 5.10 -4.35
CHC CLA FB . -22.94 5.57 -5.84
CHD CLA FB . -23.26 1.35 -8.27
NA CLA FB . -27.53 3.11 -5.60
C1A CLA FB . -28.34 2.18 -5.90
C2A CLA FB . -29.71 2.36 -5.30
C3A CLA FB . -29.56 3.70 -4.62
C4A CLA FB . -28.13 4.00 -4.86
CMA CLA FB . -30.51 4.73 -5.14
CAA CLA FB . -30.04 1.32 -4.22
CBA CLA FB . -29.16 1.28 -2.97
CGA CLA FB . -27.86 0.53 -3.22
O1A CLA FB . -27.76 -0.65 -3.48
O2A CLA FB . -26.69 1.12 -3.20
NB CLA FB . -25.31 5.08 -5.24
C1B CLA FB . -26.25 5.65 -4.48
C2B CLA FB . -25.81 6.88 -3.81
C3B CLA FB . -24.44 7.00 -4.27
C4B CLA FB . -24.21 5.84 -5.16
CMB CLA FB . -26.55 7.77 -2.86
CAB CLA FB . -23.43 8.03 -3.94
CBB CLA FB . -23.71 9.30 -3.79
NC CLA FB . -23.42 3.43 -6.94
C1C CLA FB . -22.56 4.40 -6.64
C2C CLA FB . -21.21 4.24 -7.19
C3C CLA FB . -21.32 2.98 -7.91
C4C CLA FB . -22.71 2.58 -7.70
CMC CLA FB . -20.00 5.12 -7.06
CAC CLA FB . -20.27 2.25 -8.68
CBC CLA FB . -19.47 1.41 -7.72
ND CLA FB . -25.44 1.60 -7.30
C1D CLA FB . -24.62 0.89 -8.04
C2D CLA FB . -25.18 -0.35 -8.61
C3D CLA FB . -26.52 -0.24 -8.05
C4D CLA FB . -26.60 0.87 -7.32
CMD CLA FB . -24.75 -1.47 -9.50
CAD CLA FB . -27.79 -0.97 -8.03
OBD CLA FB . -28.04 -2.04 -8.65
CBD CLA FB . -28.72 -0.27 -7.12
CGD CLA FB . -30.00 0.01 -7.86
O1D CLA FB . -30.27 1.09 -8.31
O2D CLA FB . -30.98 -1.02 -8.07
CED CLA FB . -31.86 -0.84 -9.18
C1 CLA FB . -25.35 0.36 -3.62
C2 CLA FB . -24.17 1.20 -4.01
C3 CLA FB . -22.91 0.96 -3.61
C4 CLA FB . -22.62 -0.23 -2.74
C5 CLA FB . -21.84 1.91 -4.07
C6 CLA FB . -20.53 1.68 -3.31
C7 CLA FB . -20.34 2.63 -2.12
C8 CLA FB . -18.88 2.75 -1.62
C9 CLA FB . -17.84 2.06 -2.50
C10 CLA FB . -18.78 2.24 -0.20
MG CLA GB . -38.22 20.46 -0.91
CHA CLA GB . -35.06 19.18 -1.60
CHB CLA GB . -36.74 22.57 1.33
CHC CLA GB . -41.23 21.86 -0.47
CHD CLA GB . -39.62 18.25 -3.29
NA CLA GB . -36.15 20.86 -0.22
C1A CLA GB . -35.08 20.27 -0.56
C2A CLA GB . -33.89 20.69 0.27
C3A CLA GB . -34.49 21.77 1.16
C4A CLA GB . -35.89 21.75 0.71
CMA CLA GB . -34.24 21.73 2.66
CAA CLA GB . -32.70 21.24 -0.48
CBA CLA GB . -31.49 20.49 0.00
CGA CLA GB . -30.83 21.17 1.17
O1A CLA GB . -31.18 22.26 1.57
O2A CLA GB . -29.80 20.66 1.86
NB CLA GB . -38.87 22.02 0.27
C1B CLA GB . -38.17 22.74 1.14
C2B CLA GB . -38.99 23.71 1.92
C3B CLA GB . -40.31 23.45 1.37
C4B CLA GB . -40.14 22.40 0.36
CMB CLA GB . -38.60 24.69 3.00
CAB CLA GB . -41.59 24.11 1.72
CBB CLA GB . -42.40 23.55 2.59
NC CLA GB . -40.12 20.10 -1.75
C1C CLA GB . -41.23 20.68 -1.32
C2C CLA GB . -42.48 20.05 -1.76
C3C CLA GB . -41.98 18.95 -2.55
C4C CLA GB . -40.52 19.09 -2.49
CMC CLA GB . -43.88 20.43 -1.43
CAC CLA GB . -42.72 17.89 -3.29
CBC CLA GB . -43.14 16.84 -2.28
ND CLA GB . -37.63 19.07 -2.22
C1D CLA GB . -38.19 18.20 -3.05
C2D CLA GB . -37.28 17.20 -3.66
C3D CLA GB . -36.05 17.67 -3.03
C4D CLA GB . -36.30 18.72 -2.26
CMD CLA GB . -37.34 16.03 -4.59
CAD CLA GB . -34.63 17.33 -2.98
OBD CLA GB . -34.24 16.13 -3.02
CBD CLA GB . -33.94 18.32 -2.11
CGD CLA GB . -33.28 17.56 -1.01
O1D CLA GB . -33.93 17.09 -0.10
O2D CLA GB . -31.85 17.37 -0.96
CED CLA GB . -31.26 16.80 0.20
C1 CLA GB . -29.90 20.44 3.43
C2 CLA GB . -29.96 21.65 4.33
C3 CLA GB . -30.44 21.58 5.57
C4 CLA GB . -30.46 22.84 6.37
C5 CLA GB . -30.96 20.28 6.13
C6 CLA GB . -32.39 20.50 6.59
C7 CLA GB . -32.50 20.09 8.05
C8 CLA GB . -33.93 19.84 8.51
C9 CLA GB . -33.91 19.10 9.84
C10 CLA GB . -34.71 19.08 7.44
C11 CLA GB . -35.95 18.42 8.01
C12 CLA GB . -37.07 18.45 6.99
C13 CLA GB . -38.41 18.71 7.64
C14 CLA GB . -38.61 17.76 8.82
C15 CLA GB . -39.49 18.52 6.59
C1 BCR HB . -5.71 9.72 -3.96
C2 BCR HB . -4.24 9.66 -4.36
C3 BCR HB . -3.37 8.85 -3.40
C4 BCR HB . -3.88 7.42 -3.22
C5 BCR HB . -5.39 7.44 -3.13
C6 BCR HB . -6.02 8.61 -2.98
C7 BCR HB . -6.99 8.80 -1.86
C8 BCR HB . -8.31 8.64 -1.96
C9 BCR HB . -9.08 8.81 -0.95
C10 BCR HB . -10.13 8.13 -0.83
C11 BCR HB . -11.31 8.09 -0.92
C33 BCR HB . -6.12 6.14 -3.22
C31 BCR HB . -6.60 9.58 -5.17
C32 BCR HB . -6.03 11.06 -3.33
C34 BCR HB . -8.73 9.78 0.14
C12 BCR HB . -12.56 7.97 -1.05
C13 BCR HB . -13.96 7.94 -0.60
C14 BCR HB . -14.90 7.55 -1.47
C15 BCR HB . -16.33 7.46 -1.14
C16 BCR HB . -17.56 7.05 -1.45
C17 BCR HB . -18.74 6.82 -1.47
C18 BCR HB . -19.88 6.42 -2.04
C19 BCR HB . -21.18 6.37 -1.34
C20 BCR HB . -22.36 5.77 -1.16
C21 BCR HB . -23.45 5.51 -0.77
C22 BCR HB . -24.63 4.87 -0.76
C23 BCR HB . -25.71 5.12 0.20
C24 BCR HB . -26.72 4.24 0.38
C25 BCR HB . -27.87 4.45 1.30
C26 BCR HB . -28.97 5.05 0.78
C27 BCR HB . -30.18 5.47 1.58
C28 BCR HB . -30.18 4.88 2.98
C29 BCR HB . -28.78 4.94 3.56
C30 BCR HB . -27.86 4.02 2.77
C35 BCR HB . -14.34 8.31 0.80
C36 BCR HB . -19.83 6.02 -3.49
C37 BCR HB . -24.87 3.83 -1.82
C38 BCR HB . -29.05 5.42 -0.67
C39 BCR HB . -28.44 2.63 2.97
C40 BCR HB . -26.48 3.99 3.41
C1 BCR IB . -12.16 9.71 -8.49
C2 BCR IB . -10.84 10.06 -9.18
C3 BCR IB . -9.98 11.03 -8.37
C4 BCR IB . -9.70 10.56 -6.95
C5 BCR IB . -10.78 9.61 -6.51
C6 BCR IB . -12.00 9.78 -6.99
C7 BCR IB . -13.17 10.02 -6.12
C8 BCR IB . -13.11 10.82 -5.05
C9 BCR IB . -14.13 11.02 -4.30
C10 BCR IB . -13.95 11.09 -3.07
C11 BCR IB . -14.43 11.33 -2.02
C33 BCR IB . -10.45 8.47 -5.57
C31 BCR IB . -12.59 8.31 -8.84
C32 BCR IB . -13.25 10.70 -8.91
C34 BCR IB . -15.50 11.19 -4.89
C12 BCR IB . -14.87 11.60 -0.88
C13 BCR IB . -15.85 11.58 0.22
C14 BCR IB . -15.41 11.71 1.47
C15 BCR IB . -16.30 11.68 2.61
C16 BCR IB . -16.48 11.50 3.90
C17 BCR IB . -16.94 11.38 5.00
C18 BCR IB . -16.87 11.08 6.30
C19 BCR IB . -18.01 11.15 7.21
C20 BCR IB . -18.39 11.00 8.47
C21 BCR IB . -19.04 10.91 9.46
C22 BCR IB . -19.31 10.67 10.75
C23 BCR IB . -20.70 10.70 11.21
C24 BCR IB . -21.03 10.24 12.41
C25 BCR IB . -22.43 10.23 12.92
C26 BCR IB . -23.26 9.24 12.54
C27 BCR IB . -24.75 9.39 12.67
C28 BCR IB . -25.08 10.10 13.97
C29 BCR IB . -24.38 11.46 13.94
C30 BCR IB . -22.87 11.28 13.93
C35 BCR IB . -17.31 11.40 -0.05
C36 BCR IB . -15.56 10.62 6.86
C37 BCR IB . -18.20 10.41 11.72
C38 BCR IB . -22.73 7.96 11.97
C39 BCR IB . -22.40 10.79 15.29
C40 BCR IB . -22.25 12.65 13.64
C1 BCR JB . -26.53 26.16 12.56
C2 BCR JB . -26.22 27.59 12.99
C3 BCR JB . -27.25 28.59 12.47
C4 BCR JB . -28.66 28.26 12.94
C5 BCR JB . -28.89 26.77 12.88
C6 BCR JB . -28.00 25.98 12.26
C7 BCR JB . -28.43 24.94 11.30
C8 BCR JB . -28.64 23.68 11.67
C9 BCR JB . -28.99 22.79 10.82
C10 BCR JB . -29.77 21.89 11.17
C11 BCR JB . -30.00 20.75 11.06
C33 BCR JB . -30.14 26.22 13.52
C31 BCR JB . -26.13 25.21 13.69
C32 BCR JB . -25.75 25.85 11.29
C34 BCR JB . -28.47 22.81 9.42
C12 BCR JB . -30.32 19.53 11.01
C13 BCR JB . -30.41 18.19 10.44
C14 BCR JB . -31.08 17.23 11.08
C15 BCR JB . -31.18 15.89 10.53
C16 BCR JB . -31.52 14.61 10.59
C17 BCR JB . -31.95 13.58 11.05
C18 BCR JB . -32.54 12.73 11.88
C19 BCR JB . -32.66 11.31 11.55
C20 BCR JB . -33.27 10.16 11.83
C21 BCR JB . -33.60 9.01 11.92
C22 BCR JB . -34.35 7.98 12.27
C23 BCR JB . -33.93 6.60 12.06
C24 BCR JB . -34.06 5.99 10.89
C25 BCR JB . -33.68 4.57 10.69
C26 BCR JB . -32.45 4.17 10.39
C27 BCR JB . -32.25 2.99 9.47
C28 BCR JB . -33.22 1.89 9.81
C29 BCR JB . -34.63 2.45 9.81
C30 BCR JB . -34.78 3.54 10.85
C35 BCR JB . -29.70 17.91 9.14
C36 BCR JB . -33.05 13.22 13.20
C37 BCR JB . -35.69 8.20 12.90
C38 BCR JB . -31.21 4.83 10.93
C39 BCR JB . -34.68 2.95 12.24
C40 BCR JB . -36.15 4.15 10.67
CL CL KB . 28.63 11.50 -40.85
MG CLA LB . 17.30 -7.25 -67.54
CHA CLA LB . 19.08 -4.31 -67.59
CHB CLA LB . 18.24 -7.57 -64.21
CHC CLA LB . 15.46 -10.05 -67.40
CHD CLA LB . 16.56 -6.91 -70.98
NA CLA LB . 18.48 -6.11 -66.05
C1A CLA LB . 19.07 -5.00 -66.26
C2A CLA LB . 19.78 -4.47 -65.07
C3A CLA LB . 19.58 -5.57 -64.06
C4A CLA LB . 18.69 -6.48 -64.82
CMA CLA LB . 20.84 -6.17 -63.48
CAA CLA LB . 19.06 -3.25 -64.49
CBA CLA LB . 17.54 -3.24 -64.66
CGA CLA LB . 16.84 -3.73 -63.41
O1A CLA LB . 16.74 -3.15 -62.35
O2A CLA LB . 16.30 -4.92 -63.35
NB CLA LB . 16.92 -8.60 -66.02
C1B CLA LB . 17.38 -8.62 -64.77
C2B CLA LB . 16.95 -9.78 -63.94
C3B CLA LB . 16.12 -10.49 -64.92
C4B CLA LB . 16.16 -9.69 -66.17
CMB CLA LB . 17.30 -10.06 -62.50
CAB CLA LB . 15.34 -11.77 -64.85
CBB CLA LB . 15.25 -12.53 -63.79
NC CLA LB . 16.15 -8.30 -68.96
C1C CLA LB . 15.50 -9.43 -68.73
C2C CLA LB . 14.81 -10.02 -69.87
C3C CLA LB . 15.12 -9.06 -70.93
C4C CLA LB . 15.96 -8.05 -70.26
CMC CLA LB . 13.99 -11.27 -69.90
CAC CLA LB . 14.70 -9.07 -72.37
CBC CLA LB . 13.53 -8.13 -72.54
ND CLA LB . 17.67 -6.01 -69.05
C1D CLA LB . 17.36 -5.87 -70.34
C2D CLA LB . 17.87 -4.63 -70.98
C3D CLA LB . 18.56 -4.04 -69.83
C4D CLA LB . 18.41 -4.86 -68.79
CMD CLA LB . 17.82 -3.99 -72.35
CAD CLA LB . 19.37 -2.85 -69.43
OBD CLA LB . 19.76 -1.88 -70.15
CBD CLA LB . 19.77 -3.03 -67.99
CGD CLA LB . 21.27 -3.16 -67.97
O1D CLA LB . 21.81 -4.19 -67.64
O2D CLA LB . 22.10 -2.04 -68.35
CED CLA LB . 23.44 -2.32 -68.71
C1 CLA LB . 15.42 -5.41 -62.11
C2 CLA LB . 15.07 -6.87 -62.11
C3 CLA LB . 14.12 -7.33 -62.93
C4 CLA LB . 13.37 -6.41 -63.87
C5 CLA LB . 13.79 -8.80 -62.93
C6 CLA LB . 13.60 -9.29 -61.51
C7 CLA LB . 13.03 -10.70 -61.60
C8 CLA LB . 13.34 -11.50 -60.35
C9 CLA LB . 14.84 -11.79 -60.27
C10 CLA LB . 12.53 -12.79 -60.38
C11 CLA LB . 11.10 -12.54 -59.94
C12 CLA LB . 10.86 -13.00 -58.50
C13 CLA LB . 9.53 -12.49 -57.96
C14 CLA LB . 9.37 -11.00 -58.21
C15 CLA LB . 9.43 -12.78 -56.46
MG CLA MB . 8.10 0.80 -64.75
CHA CLA MB . 11.46 0.11 -65.10
CHB CLA MB . 8.63 3.71 -66.49
CHC CLA MB . 4.83 1.41 -64.46
CHD CLA MB . 7.63 -2.30 -63.03
NA CLA MB . 9.84 1.81 -65.71
C1A CLA MB . 11.03 1.40 -65.75
C2A CLA MB . 11.98 2.30 -66.49
C3A CLA MB . 11.04 3.43 -66.88
C4A CLA MB . 9.75 2.97 -66.32
CMA CLA MB . 11.46 4.86 -66.65
CAA CLA MB . 12.45 1.64 -67.79
CBA CLA MB . 11.38 0.78 -68.41
CGA CLA MB . 11.92 -0.04 -69.54
O1A CLA MB . 12.92 0.26 -70.14
O2A CLA MB . 11.38 -1.16 -69.96
NB CLA MB . 6.91 2.35 -65.40
C1B CLA MB . 7.26 3.45 -66.04
C2B CLA MB . 6.11 4.36 -66.30
C3B CLA MB . 5.00 3.64 -65.68
C4B CLA MB . 5.62 2.41 -65.15
CMB CLA MB . 6.09 5.67 -66.99
CAB CLA MB . 3.54 3.91 -65.51
CBB CLA MB . 2.90 4.97 -65.94
NC CLA MB . 6.49 -0.28 -63.89
C1C CLA MB . 5.26 0.16 -63.85
C2C CLA MB . 4.28 -0.68 -63.18
C3C CLA MB . 5.10 -1.79 -62.73
C4C CLA MB . 6.45 -1.44 -63.23
CMC CLA MB . 2.83 -0.35 -63.07
CAC CLA MB . 4.72 -3.02 -61.99
CBC CLA MB . 4.19 -2.77 -60.60
ND CLA MB . 9.16 -0.78 -64.15
C1D CLA MB . 8.96 -1.93 -63.52
C2D CLA MB . 10.18 -2.77 -63.38
C3D CLA MB . 11.14 -1.88 -64.04
C4D CLA MB . 10.50 -0.78 -64.44
CMD CLA MB . 10.57 -4.10 -62.82
CAD CLA MB . 12.56 -1.82 -64.36
OBD CLA MB . 13.46 -2.53 -63.79
CBD CLA MB . 12.83 -0.52 -65.03
CGD CLA MB . 13.78 0.32 -64.22
O1D CLA MB . 14.58 1.02 -64.79
O2D CLA MB . 13.73 0.34 -62.77
CED CLA MB . 14.01 1.55 -62.08
C1 CLA MB . 11.67 -1.78 -71.40
C2 CLA MB . 10.58 -1.94 -72.43
C3 CLA MB . 9.83 -3.06 -72.47
C4 CLA MB . 10.04 -4.16 -71.47
C5 CLA MB . 8.75 -3.20 -73.51
C6 CLA MB . 8.69 -4.65 -73.98
C7 CLA MB . 9.25 -4.84 -75.38
C8 CLA MB . 10.40 -5.84 -75.39
C9 CLA MB . 10.06 -7.16 -74.70
C10 CLA MB . 11.59 -5.20 -74.71
C11 CLA MB . 12.33 -4.29 -75.68
C12 CLA MB . 13.68 -4.88 -76.05
C13 CLA MB . 14.63 -4.84 -74.86
C14 CLA MB . 14.71 -3.43 -74.29
C15 CLA MB . 15.98 -5.36 -75.33
C16 CLA MB . 16.66 -4.30 -76.17
C17 CLA MB . 17.61 -4.92 -77.19
C18 CLA MB . 19.00 -4.33 -77.00
C19 CLA MB . 19.91 -4.92 -78.05
C20 CLA MB . 19.00 -2.81 -77.09
MG CLA NB . 11.49 -0.26 -75.86
CHA CLA NB . 12.84 1.73 -73.37
CHB CLA NB . 14.71 -0.71 -76.99
CHC CLA NB . 10.19 -2.15 -78.31
CHD CLA NB . 8.23 0.35 -74.61
NA CLA NB . 13.55 0.40 -75.27
C1A CLA NB . 13.87 1.14 -74.29
C2A CLA NB . 15.36 1.39 -74.16
C3A CLA NB . 15.89 0.60 -75.34
C4A CLA NB . 14.64 0.05 -75.91
CMA CLA NB . 16.92 1.22 -76.28
CAA CLA NB . 16.00 0.79 -72.93
CBA CLA NB . 15.28 -0.39 -72.32
CGA CLA NB . 16.03 -0.71 -71.07
O1A CLA NB . 17.17 -1.11 -71.05
O2A CLA NB . 15.58 -0.53 -69.85
NB CLA NB . 12.35 -1.27 -77.42
C1B CLA NB . 13.64 -1.37 -77.75
C2B CLA NB . 13.92 -2.19 -78.95
C3B CLA NB . 12.56 -2.60 -79.32
C4B CLA NB . 11.66 -2.00 -78.32
CMB CLA NB . 15.24 -2.50 -79.58
CAB CLA NB . 12.12 -3.46 -80.45
CBB CLA NB . 12.62 -4.66 -80.63
NC CLA NB . 9.52 -0.92 -76.30
C1C CLA NB . 9.18 -1.61 -77.39
C2C CLA NB . 7.73 -1.80 -77.61
C3C CLA NB . 7.17 -1.10 -76.46
C4C CLA NB . 8.35 -0.59 -75.72
CMC CLA NB . 7.02 -2.51 -78.73
CAC CLA NB . 5.73 -0.92 -76.07
CBC CLA NB . 5.37 -1.99 -75.07
ND CLA NB . 10.60 0.78 -74.41
C1D CLA NB . 9.38 0.94 -73.92
C2D CLA NB . 9.31 1.75 -72.67
C3D CLA NB . 10.73 2.05 -72.52
C4D CLA NB . 11.40 1.46 -73.51
CMD CLA NB . 8.27 2.27 -71.72
CAD CLA NB . 11.66 2.74 -71.62
OBD CLA NB . 11.38 3.18 -70.46
CBD CLA NB . 13.03 2.67 -72.20
CGD CLA NB . 13.50 4.00 -72.68
O1D CLA NB . 14.69 4.29 -72.65
O2D CLA NB . 12.60 4.97 -73.24
CED CLA NB . 12.95 5.48 -74.52
C1 CLA NB . 15.77 -1.67 -68.75
C2 CLA NB . 15.40 -3.10 -69.05
C3 CLA NB . 14.82 -3.88 -68.14
C4 CLA NB . 14.49 -3.37 -66.77
C5 CLA NB . 14.46 -5.28 -68.48
C6 CLA NB . 13.24 -5.24 -69.40
C7 CLA NB . 12.35 -6.47 -69.19
C8 CLA NB . 12.28 -6.86 -67.73
C9 CLA NB . 12.07 -8.35 -67.56
C10 CLA NB . 11.19 -6.05 -67.04
C11 CLA NB . 9.81 -6.46 -67.51
C12 CLA NB . 9.00 -5.20 -67.76
C13 CLA NB . 8.72 -4.54 -66.42
C14 CLA NB . 7.84 -5.42 -65.55
C15 CLA NB . 8.03 -3.21 -66.67
C16 CLA NB . 8.90 -2.30 -67.52
C17 CLA NB . 8.24 -0.96 -67.62
C18 CLA NB . 7.83 -0.50 -69.01
C19 CLA NB . 7.48 -1.65 -69.95
C20 CLA NB . 6.67 0.46 -68.86
MG CLA OB . 7.78 12.04 -65.30
CHA CLA OB . 9.31 15.16 -65.19
CHB CLA OB . 10.12 10.97 -63.03
CHC CLA OB . 6.25 9.00 -65.35
CHD CLA OB . 5.39 13.27 -67.61
NA CLA OB . 9.51 12.92 -64.21
C1A CLA OB . 9.94 14.12 -64.30
C2A CLA OB . 11.13 14.42 -63.43
C3A CLA OB . 11.36 13.07 -62.78
C4A CLA OB . 10.26 12.24 -63.38
CMA CLA OB . 12.78 12.55 -62.73
CAA CLA OB . 10.74 15.36 -62.29
CBA CLA OB . 9.45 14.95 -61.61
CGA CLA OB . 8.61 16.11 -61.14
O1A CLA OB . 9.01 17.23 -60.91
O2A CLA OB . 7.33 16.01 -60.92
NB CLA OB . 8.15 10.26 -64.33
C1B CLA OB . 9.11 9.99 -63.46
C2B CLA OB . 9.09 8.60 -62.94
C3B CLA OB . 7.95 8.04 -63.65
C4B CLA OB . 7.42 9.13 -64.48
CMB CLA OB . 10.04 7.99 -61.96
CAB CLA OB . 7.37 6.66 -63.59
CBB CLA OB . 8.11 5.58 -63.58
NC CLA OB . 6.08 11.27 -66.31
C1C CLA OB . 5.60 10.03 -66.18
C2C CLA OB . 4.36 9.75 -66.91
C3C CLA OB . 4.10 11.03 -67.56
C4C CLA OB . 5.22 11.88 -67.13
CMC CLA OB . 3.56 8.49 -66.93
CAC CLA OB . 2.96 11.41 -68.44
CBC CLA OB . 1.87 11.97 -67.57
ND CLA OB . 7.32 13.74 -66.23
C1D CLA OB . 6.42 14.17 -67.11
C2D CLA OB . 6.59 15.60 -67.53
C3D CLA OB . 7.76 15.93 -66.71
C4D CLA OB . 8.12 14.85 -66.01
CMD CLA OB . 5.92 16.59 -68.44
CAD CLA OB . 8.65 17.07 -66.42
OBD CLA OB . 8.60 18.22 -66.98
CBD CLA OB . 9.68 16.61 -65.46
CGD CLA OB . 11.03 16.75 -66.09
O1D CLA OB . 12.04 16.87 -65.42
O2D CLA OB . 11.20 16.78 -67.53
CED CLA OB . 12.49 17.02 -68.04
C1 CLA OB . 6.69 16.71 -59.65
C2 CLA OB . 5.49 16.07 -59.00
C3 CLA OB . 4.26 16.50 -59.33
C4 CLA OB . 3.06 15.86 -58.70
C5 CLA OB . 4.07 17.61 -60.33
MG CLA PB . 0.24 -14.86 -53.43
CHA CLA PB . -1.91 -17.26 -54.80
CHB CLA PB . -1.99 -14.47 -50.90
CHC CLA PB . 2.38 -12.60 -52.11
CHD CLA PB . 2.47 -15.34 -56.09
NA CLA PB . -1.71 -15.74 -52.88
C1A CLA PB . -2.39 -16.62 -53.52
C2A CLA PB . -3.72 -16.91 -52.90
C3A CLA PB . -3.71 -15.98 -51.71
C4A CLA PB . -2.38 -15.35 -51.82
CMA CLA PB . -4.83 -14.97 -51.64
CAA CLA PB . -3.79 -18.34 -52.36
CBA CLA PB . -2.71 -18.71 -51.37
CGA CLA PB . -1.68 -19.54 -52.09
O1A CLA PB . -1.88 -20.18 -53.09
O2A CLA PB . -0.44 -19.73 -51.68
NB CLA PB . 0.18 -13.71 -51.74
C1B CLA PB . -0.77 -13.68 -50.81
C2B CLA PB . -0.47 -12.78 -49.67
C3B CLA PB . 0.82 -12.23 -50.08
C4B CLA PB . 1.14 -12.87 -51.36
CMB CLA PB . -1.29 -12.47 -48.46
CAB CLA PB . 1.68 -11.25 -49.38
CBB CLA PB . 1.57 -9.98 -49.64
NC CLA PB . 2.17 -14.15 -53.97
C1C CLA PB . 2.80 -13.14 -53.39
C2C CLA PB . 3.96 -12.59 -54.12
C3C CLA PB . 3.98 -13.44 -55.29
C4C CLA PB . 2.85 -14.35 -55.10
CMC CLA PB . 4.87 -11.47 -53.74
CAC CLA PB . 4.93 -13.40 -56.46
CBC CLA PB . 6.02 -14.44 -56.34
ND CLA PB . 0.38 -15.97 -55.06
C1D CLA PB . 1.25 -16.11 -56.04
C2D CLA PB . 0.87 -17.09 -57.06
C3D CLA PB . -0.42 -17.52 -56.53
C4D CLA PB . -0.63 -16.86 -55.39
CMD CLA PB . 1.52 -17.57 -58.31
CAD CLA PB . -1.55 -18.43 -56.82
OBD CLA PB . -1.91 -18.76 -58.00
CBD CLA PB . -2.54 -18.30 -55.71
CGD CLA PB . -3.90 -17.91 -56.21
O1D CLA PB . -4.90 -18.34 -55.67
O2D CLA PB . -4.13 -17.02 -57.32
CED CLA PB . -5.46 -16.88 -57.78
C1 CLA PB . 0.76 -18.77 -52.12
C2 CLA PB . 1.36 -17.74 -51.19
C3 CLA PB . 2.43 -17.03 -51.58
C4 CLA PB . 3.02 -17.27 -52.94
C5 CLA PB . 3.07 -15.99 -50.71
C6 CLA PB . 2.92 -16.30 -49.24
C7 CLA PB . 2.81 -14.98 -48.49
C8 CLA PB . 3.58 -15.01 -47.19
C9 CLA PB . 2.68 -14.37 -46.12
C10 CLA PB . 4.90 -14.26 -47.37
C11 CLA PB . 5.86 -14.35 -46.17
C12 CLA PB . 6.05 -15.79 -45.71
C13 CLA PB . 7.52 -16.19 -45.64
C14 CLA PB . 7.86 -17.14 -46.79
C15 CLA PB . 7.80 -16.87 -44.30
MG CLA QB . 7.00 -23.42 -65.94
CHA CLA QB . 4.88 -25.95 -64.96
CHB CLA QB . 4.38 -21.24 -65.44
CHC CLA QB . 9.06 -20.91 -66.84
CHD CLA QB . 9.57 -25.75 -66.56
NA CLA QB . 4.89 -23.54 -65.28
C1A CLA QB . 4.24 -24.59 -64.95
C2A CLA QB . 2.80 -24.36 -64.63
C3A CLA QB . 2.71 -22.89 -64.89
C4A CLA QB . 4.09 -22.52 -65.22
CMA CLA QB . 1.79 -22.55 -66.03
CAA CLA QB . 2.47 -24.46 -63.13
CBA CLA QB . 3.69 -24.16 -62.27
CGA CLA QB . 3.36 -23.85 -60.84
O1A CLA QB . 2.43 -23.18 -60.47
O2A CLA QB . 4.08 -24.31 -59.83
NB CLA QB . 6.74 -21.38 -66.11
C1B CLA QB . 5.66 -20.66 -65.84
C2B CLA QB . 5.84 -19.20 -65.98
C3B CLA QB . 7.23 -19.13 -66.41
C4B CLA QB . 7.69 -20.53 -66.46
CMB CLA QB . 4.80 -18.16 -65.73
CAB CLA QB . 8.11 -18.00 -66.73
CBB CLA QB . 7.84 -16.76 -66.41
NC CLA QB . 9.04 -23.34 -66.53
C1C CLA QB . 9.68 -22.23 -66.87
C2C CLA QB . 11.07 -22.39 -67.30
C3C CLA QB . 11.24 -23.85 -67.17
C4C CLA QB . 9.93 -24.32 -66.69
CMC CLA QB . 11.95 -21.25 -67.70
CAC CLA QB . 12.42 -24.81 -67.39
CBC CLA QB . 13.36 -24.47 -68.53
ND CLA QB . 7.30 -25.39 -65.86
C1D CLA QB . 8.30 -26.25 -66.06
C2D CLA QB . 7.93 -27.66 -65.73
C3D CLA QB . 6.55 -27.46 -65.30
C4D CLA QB . 6.27 -26.17 -65.38
CMD CLA QB . 8.55 -29.02 -65.74
CAD CLA QB . 5.40 -28.22 -64.79
OBD CLA QB . 5.33 -29.49 -64.74
CBD CLA QB . 4.25 -27.29 -64.70
CGD CLA QB . 3.40 -27.62 -65.87
O1D CLA QB . 2.20 -27.43 -65.81
O2D CLA QB . 3.97 -28.16 -67.08
CED CLA QB . 3.71 -27.51 -68.33
C1 CLA QB . 4.87 -23.33 -58.83
C2 CLA QB . 6.35 -23.22 -58.58
C3 CLA QB . 7.19 -24.25 -58.41
C4 CLA QB . 6.73 -25.68 -58.50
C5 CLA QB . 8.64 -23.97 -58.14
C6 CLA QB . 8.81 -23.74 -56.64
C7 CLA QB . 8.99 -22.26 -56.31
C8 CLA QB . 8.61 -21.92 -54.86
C9 CLA QB . 7.24 -22.46 -54.48
C10 CLA QB . 8.66 -20.40 -54.68
CAA F6C RB . 3.84 -11.71 -66.11
CAB F6C RB . 2.05 -19.22 -60.48
CAC F6C RB . -2.02 -20.70 -67.40
CAD F6C RB . 2.19 -13.93 -69.95
NA F6C RB . 3.25 -14.98 -65.45
CBA F6C RB . 4.66 -10.77 -67.00
CBB F6C RB . 2.95 -20.11 -60.11
CBC F6C RB . -1.23 -21.39 -68.48
CBD F6C RB . 3.08 -13.32 -68.92
NB F6C RB . 2.34 -17.15 -63.57
OBD F6C RB . 2.23 -13.68 -71.21
CGA F6C RB . 6.07 -10.70 -66.47
CGD F6C RB . 4.50 -13.42 -69.37
ND F6C RB . 1.32 -16.35 -67.42
CED F6C RB . 5.90 -15.33 -70.19
CHA F6C RB . 2.87 -14.22 -67.73
CHB F6C RB . 3.95 -15.30 -63.20
CHC F6C RB . 0.84 -19.15 -63.42
CHD F6C RB . -0.29 -18.06 -68.08
CMA F6C RB . 6.27 -13.45 -64.10
CMB F6C RB . 4.16 -16.66 -60.25
CMC F6C RB . -1.24 -21.44 -64.24
CMD F6C RB . -0.09 -16.25 -71.05
OMB F6C RB . 4.76 -15.59 -60.29
C1 F6C RB . 8.14 -11.08 -67.88
C1A F6C RB . 3.50 -14.15 -66.38
C1B F6C RB . 3.20 -16.50 -62.78
C1C F6C RB . 0.22 -19.23 -64.76
C1D F6C RB . 0.52 -16.87 -68.36
O1A F6C RB . 6.47 -9.85 -65.68
O1D F6C RB . 5.04 -12.50 -69.97
C2 F6C RB . 9.60 -11.00 -67.50
C2A F6C RB . 4.49 -13.08 -66.03
C2B F6C RB . 3.32 -17.09 -61.41
C2C F6C RB . -0.74 -20.31 -65.09
C2D F6C RB . 0.55 -16.16 -69.68
O2A F6C RB . 7.04 -11.53 -66.81
O2D F6C RB . 5.27 -14.63 -69.12
C3 F6C RB . 10.27 -12.10 -67.13
C3A F6C RB . 4.82 -13.44 -64.58
C3B F6C RB . 2.39 -18.22 -61.52
C3C F6C RB . -1.08 -19.97 -66.48
C3D F6C RB . 1.52 -15.10 -69.35
C4 F6C RB . 11.72 -12.00 -66.76
C4A F6C RB . 3.96 -14.65 -64.38
C4B F6C RB . 1.83 -18.19 -62.88
C4C F6C RB . -0.27 -18.75 -66.77
C4D F6C RB . 1.90 -15.28 -68.08
C5 F6C RB . 9.58 -13.43 -67.08
C6 F6C RB . 10.50 -14.47 -66.44
C7 F6C RB . 10.43 -14.40 -64.92
C8 F6C RB . 10.53 -15.78 -64.30
C9 F6C RB . 10.62 -15.70 -62.78
C10 F6C RB . 11.73 -16.52 -64.89
C11 F6C RB . 12.31 -17.50 -63.87
C12 F6C RB . 12.31 -18.92 -64.43
C13 F6C RB . 11.77 -19.91 -63.40
C14 F6C RB . 12.76 -21.05 -63.17
C15 F6C RB . 10.42 -20.44 -63.86
NC F6C RB . 0.48 -18.35 -65.73
MG F6C RB . 1.85 -16.73 -65.52
MG CLA SB . -7.64 -4.40 -61.53
CHA CLA SB . -11.06 -4.70 -61.49
CHB CLA SB . -7.72 -5.67 -64.71
CHC CLA SB . -4.29 -4.05 -61.62
CHD CLA SB . -7.66 -3.23 -58.21
NA CLA SB . -9.18 -5.11 -62.95
C1A CLA SB . -10.43 -5.12 -62.77
C2A CLA SB . -11.19 -5.66 -63.94
C3A CLA SB . -10.10 -6.01 -64.90
C4A CLA SB . -8.92 -5.56 -64.15
CMA CLA SB . -10.08 -7.44 -65.39
CAA CLA SB . -11.95 -4.55 -64.65
CBA CLA SB . -11.31 -3.17 -64.53
CGA CLA SB . -11.86 -2.14 -65.47
O1A CLA SB . -12.88 -2.23 -66.11
O2A CLA SB . -11.27 -1.00 -65.72
NB CLA SB . -6.21 -4.81 -62.94
C1B CLA SB . -6.42 -5.30 -64.15
C2B CLA SB . -5.23 -5.48 -64.95
C3B CLA SB . -4.18 -5.00 -64.05
C4B CLA SB . -4.91 -4.61 -62.82
CMB CLA SB . -5.26 -6.03 -66.32
CAB CLA SB . -2.71 -4.90 -64.21
CBB CLA SB . -2.05 -5.40 -65.23
NC CLA SB . -6.21 -3.68 -60.16
C1C CLA SB . -4.93 -3.58 -60.40
C2C CLA SB . -4.15 -2.96 -59.34
C3C CLA SB . -5.15 -2.65 -58.34
C4C CLA SB . -6.39 -3.15 -58.94
CMC CLA SB . -2.70 -2.70 -59.38
CAC CLA SB . -4.98 -1.99 -57.01
CBC CLA SB . -5.44 -0.56 -57.13
ND CLA SB . -8.92 -4.07 -60.07
C1D CLA SB . -8.92 -3.55 -58.87
C2D CLA SB . -10.23 -3.31 -58.27
C3D CLA SB . -11.06 -3.81 -59.38
C4D CLA SB . -10.26 -4.21 -60.36
CMD CLA SB . -10.75 -2.75 -56.99
CAD CLA SB . -12.46 -4.01 -59.74
OBD CLA SB . -13.38 -4.06 -58.86
CBD CLA SB . -12.50 -4.69 -61.07
CGD CLA SB . -12.91 -6.12 -60.92
O1D CLA SB . -12.74 -6.72 -59.88
O2D CLA SB . -13.51 -6.81 -62.03
CED CLA SB . -14.11 -8.08 -61.86
C1 CLA SB . -11.88 0.35 -65.14
C2 CLA SB . -10.99 1.53 -64.88
C3 CLA SB . -11.42 2.63 -64.27
C4 CLA SB . -12.83 2.76 -63.79
C5 CLA SB . -10.46 3.76 -64.08
C6 CLA SB . -9.77 3.62 -62.74
C7 CLA SB . -9.41 4.99 -62.16
C8 CLA SB . -8.38 4.83 -61.05
C9 CLA SB . -9.03 4.32 -59.77
C10 CLA SB . -7.68 6.16 -60.81
C11 CLA SB . -6.42 6.28 -61.66
C12 CLA SB . -5.30 6.87 -60.83
C13 CLA SB . -3.99 6.95 -61.60
C14 CLA SB . -2.89 6.23 -60.84
C15 CLA SB . -3.63 8.41 -61.83
MG CLA TB . -4.28 -7.46 -69.10
CHA CLA TB . -0.98 -8.42 -68.74
CHB CLA TB . -3.07 -4.37 -70.02
CHC CLA TB . -7.48 -6.55 -69.58
CHD CLA TB . -5.34 -10.72 -68.25
NA CLA TB . -2.29 -6.49 -69.38
C1A CLA TB . -1.15 -7.00 -69.16
C2A CLA TB . -0.02 -6.05 -69.31
C3A CLA TB . -0.74 -4.78 -69.64
C4A CLA TB . -2.12 -5.24 -69.71
CMA CLA TB . -0.57 -3.75 -68.58
CAA CLA TB . 0.79 -6.37 -70.55
CBA CLA TB . 2.18 -5.72 -70.71
CGA CLA TB . 2.90 -5.05 -69.56
O1A CLA TB . 2.83 -5.26 -68.35
O2A CLA TB . 3.85 -4.14 -69.75
NB CLA TB . -5.13 -5.69 -69.71
C1B CLA TB . -4.51 -4.56 -70.07
C2B CLA TB . -5.43 -3.48 -70.48
C3B CLA TB . -6.71 -4.12 -70.34
C4B CLA TB . -6.46 -5.51 -69.86
CMB CLA TB . -5.18 -2.09 -70.93
CAB CLA TB . -7.95 -3.38 -70.65
CBB CLA TB . -9.01 -3.92 -71.15
NC CLA TB . -6.12 -8.49 -68.94
C1C CLA TB . -7.32 -7.93 -69.11
C2C CLA TB . -8.48 -8.79 -68.79
C3C CLA TB . -7.83 -10.03 -68.38
C4C CLA TB . -6.39 -9.73 -68.51
CMC CLA TB . -9.95 -8.49 -68.86
CAC CLA TB . -8.43 -11.32 -67.90
CBC CLA TB . -8.62 -11.23 -66.40
ND CLA TB . -3.49 -9.21 -68.61
C1D CLA TB . -3.92 -10.43 -68.30
C2D CLA TB . -2.83 -11.40 -67.99
C3D CLA TB . -1.70 -10.52 -68.20
C4D CLA TB . -2.13 -9.31 -68.54
CMD CLA TB . -2.69 -12.83 -67.60
CAD CLA TB . -0.24 -10.55 -68.15
OBD CLA TB . 0.45 -11.46 -67.59
CBD CLA TB . 0.27 -9.18 -68.41
CGD CLA TB . 0.86 -8.65 -67.13
O1D CLA TB . 2.06 -8.60 -66.99
O2D CLA TB . 0.04 -8.17 -66.05
CED CLA TB . 0.70 -7.56 -64.95
C1 CLA TB . 5.33 -4.71 -69.99
C2 CLA TB . 5.58 -6.14 -69.60
C3 CLA TB . 6.09 -7.02 -70.47
C4 CLA TB . 6.44 -6.60 -71.86
C5 CLA TB . 6.31 -8.44 -70.05
C6 CLA TB . 5.52 -9.30 -71.03
C7 CLA TB . 4.01 -9.30 -70.76
C8 CLA TB . 3.18 -10.15 -71.72
C9 CLA TB . 3.95 -10.86 -72.83
C10 CLA TB . 2.11 -9.25 -72.32
C11 CLA TB . 0.77 -9.93 -72.56
C12 CLA TB . 0.46 -11.10 -71.65
C13 CLA TB . -0.96 -11.54 -71.94
C14 CLA TB . -1.95 -10.40 -71.76
C15 CLA TB . -1.27 -12.67 -70.98
C16 CLA TB . -2.60 -13.34 -71.29
C17 CLA TB . -2.62 -13.81 -72.73
C18 CLA TB . -3.84 -14.66 -72.98
C19 CLA TB . -4.09 -14.69 -74.47
C20 CLA TB . -3.61 -16.06 -72.49
MG CLA UB . -1.00 1.51 -67.94
CHA CLA UB . -4.48 1.70 -67.83
CHB CLA UB . -1.24 -1.36 -66.11
CHC CLA UB . 2.35 1.27 -68.16
CHD CLA UB . -0.91 4.46 -69.91
NA CLA UB . -2.64 0.29 -67.07
C1A CLA UB . -3.89 0.52 -67.11
C2A CLA UB . -4.70 -0.49 -66.36
C3A CLA UB . -3.64 -1.38 -65.78
C4A CLA UB . -2.42 -0.79 -66.37
CMA CLA UB . -3.59 -1.48 -64.28
CAA CLA UB . -5.40 -1.31 -67.42
CBA CLA UB . -6.10 -2.54 -66.87
CGA CLA UB . -7.46 -2.16 -66.38
O1A CLA UB . -8.36 -1.76 -67.09
O2A CLA UB . -7.85 -2.24 -65.14
NB CLA UB . 0.36 0.13 -67.24
C1B CLA UB . 0.12 -0.96 -66.52
C2B CLA UB . 1.35 -1.74 -66.18
C3B CLA UB . 2.39 -0.92 -66.79
C4B CLA UB . 1.68 0.21 -67.42
CMB CLA UB . 1.44 -3.01 -65.40
CAB CLA UB . 3.87 -1.08 -66.86
CBB CLA UB . 4.55 -2.17 -66.59
NC CLA UB . 0.48 2.67 -68.93
C1C CLA UB . 1.78 2.45 -68.84
C2C CLA UB . 2.65 3.46 -69.47
C3C CLA UB . 1.65 4.38 -69.98
C4C CLA UB . 0.36 3.82 -69.59
CMC CLA UB . 4.15 3.47 -69.53
CAC CLA UB . 1.80 5.66 -70.74
CBC CLA UB . 2.03 6.79 -69.78
ND CLA UB . -2.27 2.82 -68.77
C1D CLA UB . -2.20 3.95 -69.46
C2D CLA UB . -3.52 4.61 -69.67
C3D CLA UB . -4.37 3.66 -68.99
C4D CLA UB . -3.63 2.68 -68.51
CMD CLA UB . -4.13 5.82 -70.31
CAD CLA UB . -5.79 3.46 -68.70
OBD CLA UB . -6.69 4.37 -68.74
CBD CLA UB . -5.93 2.15 -68.03
CGD CLA UB . -6.68 2.33 -66.74
O1D CLA UB . -7.43 1.46 -66.35
O2D CLA UB . -6.54 3.51 -65.93
CED CLA UB . -6.45 3.33 -64.52
C1 CLA UB . -8.02 -0.98 -64.18
C2 CLA UB . -7.06 -0.74 -63.05
C3 CLA UB . -7.48 -0.36 -61.83
C4 CLA UB . -8.92 -0.17 -61.54
C5 CLA UB . -6.50 -0.13 -60.70
C6 CLA UB . -5.07 -0.08 -61.21
C7 CLA UB . -4.55 1.35 -61.21
C8 CLA UB . -3.13 1.39 -60.69
C9 CLA UB . -3.14 1.50 -59.18
C10 CLA UB . -2.38 2.58 -61.26
C11 CLA UB . -1.14 2.15 -62.03
C12 CLA UB . -1.55 1.56 -63.37
C13 CLA UB . -1.00 2.34 -64.56
C14 CLA UB . 0.50 2.48 -64.47
C15 CLA UB . -1.70 3.69 -64.70
C16 CLA UB . -1.15 4.49 -65.88
C17 CLA UB . -0.84 5.91 -65.43
C18 CLA UB . -1.53 7.00 -66.25
C19 CLA UB . -0.64 7.53 -67.37
C20 CLA UB . -2.88 6.58 -66.82
MG CLA VB . -12.19 -0.07 -71.85
CHA CLA VB . -14.85 -1.71 -73.38
CHB CLA VB . -10.25 -1.03 -74.47
CHC CLA VB . -9.63 1.51 -70.31
CHD CLA VB . -14.35 0.95 -69.27
NA CLA VB . -12.49 -1.22 -73.73
C1A CLA VB . -13.56 -1.77 -74.15
C2A CLA VB . -13.41 -2.48 -75.46
C3A CLA VB . -11.94 -2.24 -75.74
C4A CLA VB . -11.51 -1.45 -74.57
CMA CLA VB . -11.11 -3.38 -76.18
CAA CLA VB . -14.19 -1.88 -76.63
CBA CLA VB . -14.28 -0.37 -76.61
CGA CLA VB . -15.59 -0.03 -77.28
O1A CLA VB . -16.67 -0.10 -76.72
O2A CLA VB . -15.73 0.29 -78.55
NB CLA VB . -10.21 0.19 -72.33
C1B CLA VB . -9.58 -0.23 -73.42
C2B CLA VB . -8.15 0.19 -73.47
C3B CLA VB . -8.02 0.93 -72.22
C4B CLA VB . -9.34 0.87 -71.59
CMB CLA VB . -7.17 -0.09 -74.56
CAB CLA VB . -6.87 1.63 -71.60
CBB CLA VB . -5.63 1.30 -71.79
NC CLA VB . -12.03 1.08 -70.09
C1C CLA VB . -10.93 1.71 -69.68
C2C CLA VB . -11.11 2.62 -68.53
C3C CLA VB . -12.53 2.46 -68.28
C4C CLA VB . -12.99 1.50 -69.29
CMC CLA VB . -10.11 3.47 -67.84
CAC CLA VB . -13.42 3.11 -67.29
CBC CLA VB . -14.01 4.29 -68.01
ND CLA VB . -14.10 -0.27 -71.32
C1D CLA VB . -14.89 0.17 -70.35
C2D CLA VB . -16.31 -0.24 -70.46
C3D CLA VB . -16.23 -1.00 -71.71
C4D CLA VB . -14.97 -0.98 -72.13
CMD CLA VB . -17.57 -0.03 -69.69
CAD CLA VB . -17.07 -1.77 -72.62
OBD CLA VB . -18.27 -2.15 -72.38
CBD CLA VB . -16.21 -2.28 -73.71
CGD CLA VB . -16.20 -3.78 -73.66
O1D CLA VB . -15.92 -4.36 -72.63
O2D CLA VB . -16.53 -4.57 -74.81
CED CLA VB . -17.18 -5.81 -74.60
C1 CLA VB . -16.10 1.77 -79.06
C2 CLA VB . -15.27 2.98 -78.73
C3 CLA VB . -15.52 4.17 -79.28
C4 CLA VB . -14.66 5.36 -78.93
C5 CLA VB . -16.67 4.35 -80.24
MG CLA WB . 1.34 -12.96 -78.51
CHA CLA WB . 2.10 -9.89 -77.01
CHB CLA WB . 4.57 -13.06 -79.61
CHC CLA WB . 0.63 -15.99 -79.77
CHD CLA WB . -1.97 -12.76 -77.22
NA CLA WB . 3.14 -11.66 -78.33
C1A CLA WB . 3.25 -10.53 -77.73
C2A CLA WB . 4.63 -9.92 -77.83
C3A CLA WB . 5.37 -10.95 -78.67
C4A CLA WB . 4.29 -11.97 -78.89
CMA CLA WB . 6.24 -10.49 -79.83
CAA CLA WB . 5.34 -9.88 -76.48
CBA CLA WB . 6.29 -8.70 -76.40
CGA CLA WB . 5.66 -7.55 -75.64
O1A CLA WB . 5.01 -7.68 -74.62
O2A CLA WB . 5.76 -6.28 -75.97
NB CLA WB . 2.46 -14.33 -79.53
C1B CLA WB . 3.72 -14.20 -79.95
C2B CLA WB . 4.19 -15.35 -80.78
C3B CLA WB . 3.00 -16.18 -80.80
C4B CLA WB . 1.98 -15.48 -80.01
CMB CLA WB . 5.52 -15.56 -81.43
CAB CLA WB . 2.78 -17.48 -81.47
CBB CLA WB . 2.51 -17.51 -82.76
NC CLA WB . -0.40 -14.19 -78.48
C1C CLA WB . -0.51 -15.35 -79.11
C2C CLA WB . -1.85 -15.97 -79.12
C3C CLA WB . -2.62 -14.99 -78.38
C4C CLA WB . -1.64 -13.93 -78.03
CMC CLA WB . -2.26 -17.27 -79.75
CAC CLA WB . -4.09 -15.01 -78.04
CBC CLA WB . -4.83 -14.26 -79.13
ND CLA WB . 0.23 -11.72 -77.40
C1D CLA WB . -1.02 -11.69 -76.94
C2D CLA WB . -1.34 -10.49 -76.13
C3D CLA WB . -0.05 -9.80 -76.19
C4D CLA WB . 0.78 -10.55 -76.92
CMD CLA WB . -2.53 -9.97 -75.40
CAD CLA WB . 0.61 -8.57 -75.72
OBD CLA WB . 0.15 -7.76 -74.84
CBD CLA WB . 2.00 -8.57 -76.25
CGD CLA WB . 2.12 -7.38 -77.15
O1D CLA WB . 3.07 -7.16 -77.88
O2D CLA WB . 1.06 -6.41 -77.18
CED CLA WB . 0.86 -5.83 -78.46
MG CLA XB . -3.19 -8.25 -85.68
CHA CLA XB . -5.42 -9.69 -87.93
CHB CLA XB . -3.26 -11.23 -83.95
CHC CLA XB . -1.09 -6.84 -83.45
CHD CLA XB . -3.26 -5.24 -87.52
NA CLA XB . -4.18 -10.24 -85.89
C1A CLA XB . -5.00 -10.60 -86.80
C2A CLA XB . -5.50 -12.01 -86.65
C3A CLA XB . -4.84 -12.43 -85.37
C4A CLA XB . -4.03 -11.23 -85.04
CMA CLA XB . -5.73 -13.00 -84.27
CAA CLA XB . -4.85 -12.83 -87.75
CBA CLA XB . -4.99 -14.33 -87.60
CGA CLA XB . -3.76 -14.91 -88.23
O1A CLA XB . -3.60 -16.07 -88.57
O2A CLA XB . -2.67 -14.18 -88.47
NB CLA XB . -2.31 -8.96 -83.94
C1B CLA XB . -2.41 -10.18 -83.39
C2B CLA XB . -1.61 -10.37 -82.15
C3B CLA XB . -0.99 -9.05 -82.02
C4B CLA XB . -1.48 -8.25 -83.18
CMB CLA XB . -1.53 -11.63 -81.31
CAB CLA XB . -0.04 -8.50 -81.01
CBB CLA XB . 0.66 -9.22 -80.17
NC CLA XB . -2.24 -6.37 -85.57
C1C CLA XB . -1.39 -6.00 -84.61
C2C CLA XB . -0.75 -4.68 -84.83
C3C CLA XB . -1.34 -4.26 -86.09
C4C CLA XB . -2.26 -5.36 -86.45
CMC CLA XB . 0.27 -3.96 -84.00
CAC CLA XB . -1.08 -2.98 -86.85
CBC CLA XB . -0.13 -3.26 -87.98
ND CLA XB . -4.08 -7.50 -87.30
C1D CLA XB . -4.06 -6.37 -88.00
C2D CLA XB . -4.92 -6.38 -89.23
C3D CLA XB . -5.43 -7.74 -89.14
C4D CLA XB . -4.92 -8.32 -88.05
CMD CLA XB . -5.29 -5.45 -90.35
CAD CLA XB . -6.31 -8.67 -89.87
OBD CLA XB . -6.72 -8.52 -91.07
CBD CLA XB . -6.39 -9.93 -89.07
CGD CLA XB . -7.77 -10.10 -88.54
O1D CLA XB . -8.38 -9.14 -88.09
O2D CLA XB . -8.39 -11.40 -88.54
CED CLA XB . -9.41 -11.67 -89.50
C1 BCR YB . 1.10 -22.08 -56.40
C2 BCR YB . -0.16 -22.67 -55.76
C3 BCR YB . 0.14 -23.38 -54.46
C4 BCR YB . 0.79 -22.39 -53.52
C5 BCR YB . 2.11 -22.04 -54.14
C6 BCR YB . 2.08 -21.52 -55.37
C7 BCR YB . 3.04 -20.45 -55.69
C8 BCR YB . 4.14 -20.64 -56.43
C9 BCR YB . 4.96 -19.69 -56.69
C10 BCR YB . 6.07 -19.95 -57.21
C11 BCR YB . 7.04 -19.49 -57.68
C33 BCR YB . 3.37 -22.26 -53.37
C31 BCR YB . 0.71 -21.03 -57.41
C32 BCR YB . 1.76 -23.25 -57.09
C34 BCR YB . 4.64 -18.26 -56.38
C12 BCR YB . 8.12 -19.07 -58.17
C13 BCR YB . 9.04 -18.21 -58.93
C14 BCR YB . 10.31 -18.62 -58.93
C15 BCR YB . 11.39 -17.93 -59.61
C16 BCR YB . 12.62 -18.00 -60.10
C17 BCR YB . 13.69 -17.76 -60.58
C18 BCR YB . 14.86 -17.97 -61.20
C19 BCR YB . 15.84 -16.88 -61.32
C20 BCR YB . 16.93 -16.39 -61.90
C21 BCR YB . 17.84 -15.66 -62.14
C22 BCR YB . 19.05 -15.28 -62.56
C23 BCR YB . 19.50 -13.88 -62.52
C24 BCR YB . 20.60 -13.57 -63.19
C25 BCR YB . 21.17 -12.21 -63.19
C26 BCR YB . 20.84 -11.34 -64.13
C27 BCR YB . 21.23 -9.88 -64.07
C28 BCR YB . 22.44 -9.63 -63.18
C29 BCR YB . 23.13 -10.90 -62.69
C30 BCR YB . 22.16 -11.88 -62.10
C35 BCR YB . 8.59 -16.97 -59.65
C36 BCR YB . 15.17 -19.32 -61.81
C37 BCR YB . 20.02 -16.32 -63.04
C38 BCR YB . 20.06 -11.75 -65.33
C39 BCR YB . 21.46 -11.38 -60.83
C40 BCR YB . 22.94 -13.14 -61.74
C1A DGD ZB . 17.33 -4.85 -47.27
C2A DGD ZB . 16.33 -5.82 -46.74
C3A DGD ZB . 16.72 -6.20 -45.31
C4A DGD ZB . 15.55 -6.79 -44.57
C5A DGD ZB . 14.91 -7.89 -45.38
C6A DGD ZB . 14.00 -8.74 -44.54
O1A DGD ZB . 18.38 -4.50 -46.77
C1B DGD ZB . 17.33 -6.44 -51.73
C2B DGD ZB . 16.48 -6.53 -52.93
C3B DGD ZB . 15.10 -6.94 -52.57
C4B DGD ZB . 14.25 -5.72 -52.23
C5B DGD ZB . 13.02 -6.28 -51.52
C6B DGD ZB . 13.48 -6.92 -50.20
C7B DGD ZB . 12.43 -7.97 -49.93
C8B DGD ZB . 12.66 -8.44 -48.53
C9B DGD ZB . 13.55 -9.65 -48.61
CAB DGD ZB . 12.65 -10.74 -49.15
CBB DGD ZB . 12.81 -11.86 -48.18
CCB DGD ZB . 13.84 -12.80 -48.74
CDB DGD ZB . 13.17 -14.11 -48.53
O1B DGD ZB . 17.85 -7.37 -51.18
O1G DGD ZB . 16.93 -4.44 -48.49
C1G DGD ZB . 17.85 -3.80 -49.33
C2G DGD ZB . 18.36 -4.88 -50.31
O2G DGD ZB . 17.36 -5.18 -51.20
C3G DGD ZB . 19.49 -4.25 -51.12
O3G DGD ZB . 20.58 -4.46 -50.27
C1D DGD ZB . 21.50 -3.44 -50.31
C2D DGD ZB . 22.22 -3.54 -48.98
O2D DGD ZB . 21.37 -2.96 -48.07
C3D DGD ZB . 23.47 -2.65 -49.12
O3D DGD ZB . 24.23 -2.77 -47.96
C4D DGD ZB . 24.35 -3.19 -50.26
O4D DGD ZB . 24.59 -4.50 -50.10
C5D DGD ZB . 23.49 -3.09 -51.52
O5D DGD ZB . 24.88 -2.68 -53.29
C6D DGD ZB . 24.15 -3.70 -52.73
O6D DGD ZB . 22.35 -3.86 -51.35
C1E DGD ZB . 26.22 -2.95 -53.49
C2E DGD ZB . 27.01 -1.70 -53.08
O2E DGD ZB . 26.59 -1.43 -51.81
C3E DGD ZB . 26.59 -0.55 -54.00
O3E DGD ZB . 27.37 0.51 -53.66
C4E DGD ZB . 26.87 -0.93 -55.45
O4E DGD ZB . 28.21 -1.26 -55.56
C5E DGD ZB . 26.10 -2.19 -55.76
O6E DGD ZB . 26.36 -3.22 -54.85
C6E DGD ZB . 26.62 -2.81 -57.04
O5E DGD ZB . 26.67 -1.79 -57.96
C1A DGD AC . 0.86 24.86 -54.75
C2A DGD AC . 0.53 24.17 -53.47
C3A DGD AC . -0.89 23.65 -53.49
C4A DGD AC . -0.95 22.34 -52.69
C5A DGD AC . -2.35 21.73 -52.75
C6A DGD AC . -2.28 20.26 -52.38
C7A DGD AC . -2.57 20.21 -50.88
C8A DGD AC . -3.00 18.82 -50.48
O1A DGD AC . 0.36 25.88 -55.19
C1B DGD AC . 4.29 21.75 -57.43
C2B DGD AC . 3.44 20.59 -57.77
C3B DGD AC . 2.61 20.16 -56.60
C4B DGD AC . 1.73 18.97 -57.00
C5B DGD AC . 1.87 18.00 -55.84
C6B DGD AC . 0.75 16.96 -55.99
C7B DGD AC . -0.46 17.62 -55.38
C8B DGD AC . -0.97 16.66 -54.33
O1B DGD AC . 5.39 21.94 -57.89
O1G DGD AC . 1.83 24.16 -55.43
C1G DGD AC . 3.06 23.89 -54.83
C2G DGD AC . 4.12 23.59 -55.93
O2G DGD AC . 3.55 22.81 -56.95
C3G DGD AC . 4.62 24.93 -56.52
O3G DGD AC . 5.56 25.31 -55.52
C1D DGD AC . 6.48 26.27 -55.91
C2D DGD AC . 6.44 27.44 -54.92
O2D DGD AC . 5.20 28.05 -55.07
C3D DGD AC . 7.54 28.43 -55.40
O3D DGD AC . 7.70 29.42 -54.45
C4D DGD AC . 8.95 27.72 -55.56
O4D DGD AC . 9.53 27.48 -54.34
C5D DGD AC . 8.80 26.32 -56.24
C6D DGD AC . 10.00 25.40 -55.97
O6D DGD AC . 7.70 25.60 -55.71
C1 BCR BC . -10.67 3.93 -74.92
C2 BCR BC . -12.09 3.39 -74.78
C3 BCR BC . -12.81 3.15 -76.10
C4 BCR BC . -11.97 2.53 -77.21
C5 BCR BC . -10.56 2.28 -76.77
C6 BCR BC . -9.93 3.10 -75.94
C7 BCR BC . -8.47 3.09 -75.94
C8 BCR BC . -7.76 3.91 -76.70
C9 BCR BC . -6.30 3.78 -76.62
C10 BCR BC . -5.51 4.18 -77.62
C11 BCR BC . -4.51 4.41 -78.24
C33 BCR BC . -9.83 1.10 -77.35
C31 BCR BC . -9.93 3.75 -73.61
C32 BCR BC . -10.70 5.41 -75.31
C34 BCR BC . -5.68 3.18 -75.40
C12 BCR BC . -3.70 4.72 -79.24
C13 BCR BC . -2.32 5.02 -79.68
C14 BCR BC . -2.03 5.99 -80.56
C15 BCR BC . -1.36 6.69 -81.26
C35 BCR BC . -1.19 4.24 -79.16
O1A CL7 CC . -4.11 4.05 -30.69
CGA CL7 CC . -3.79 2.89 -30.66
O2A CL7 CC . -4.02 2.30 -31.83
C1 CL7 CC . -5.46 1.80 -32.33
C2 CL7 CC . -6.50 1.44 -31.32
C3 CL7 CC . -6.85 0.17 -31.06
C5 CL7 CC . -6.24 -1.01 -31.76
C6 CL7 CC . -5.77 -1.99 -30.70
C7 CL7 CC . -4.25 -2.01 -30.67
C8 CL7 CC . -3.62 -2.27 -29.32
C10 CL7 CC . -2.13 -1.99 -29.46
C11 CL7 CC . -1.27 -2.81 -28.50
C12 CL7 CC . 0.14 -2.92 -29.07
C13 CL7 CC . 1.21 -3.17 -28.02
C15 CL7 CC . 0.85 -4.35 -27.13
C16 CL7 CC . 1.00 -5.70 -27.82
C17 CL7 CC . 1.77 -6.66 -26.93
C18 CL7 CC . 1.03 -7.98 -26.70
C19 CL7 CC . 0.90 -8.79 -27.99
C20 CL7 CC . 1.73 -8.83 -25.64
C14 CL7 CC . 2.56 -3.37 -28.69
C9 CL7 CC . -4.21 -1.40 -28.23
C4 CL7 CC . -7.88 -0.09 -30.02
CBA CL7 CC . -3.19 2.21 -29.47
CAA CL7 CC . -2.37 3.21 -28.64
C2A CL7 CC . -0.85 3.05 -28.57
C1A CL7 CC . -0.26 3.94 -29.61
CHA CL7 CC . -0.28 5.45 -29.57
CBD CL7 CC . -0.86 6.40 -28.56
CGD CL7 CC . -0.23 6.12 -27.23
O2D CL7 CC . -1.06 5.67 -26.15
CED CL7 CC . -0.43 5.33 -24.94
O1D CL7 CC . 0.94 6.24 -27.05
C3A CL7 CC . -0.48 1.68 -29.07
CMA CL7 CC . 0.21 0.71 -28.11
C4A CL7 CC . 0.18 2.02 -30.33
NA CL7 CC . 0.28 3.30 -30.57
CHB CL7 CC . 0.62 1.04 -31.09
C1B CL7 CC . 1.29 1.09 -32.38
NB CL7 CC . 1.55 2.21 -33.03
MG CL7 CC . 1.30 4.13 -32.35
ND CL7 CC . 0.94 6.03 -31.84
C4D CL7 CC . 0.30 6.27 -30.65
C2B CL7 CC . 1.69 -0.14 -33.09
CMB CL7 CC . 1.55 -1.56 -32.67
C3B CL7 CC . 2.28 0.41 -34.29
CAB CL7 CC . 2.86 -0.40 -35.38
OBB CL7 CC . 3.62 0.06 -36.23
C4B CL7 CC . 2.14 1.88 -34.17
CHC CL7 CC . 2.59 2.85 -35.16
C1C CL7 CC . 2.64 4.30 -35.08
NC CL7 CC . 2.16 5.00 -34.06
C2C CL7 CC . 3.26 5.05 -36.16
CMC CL7 CC . 3.84 4.45 -37.39
C3C CL7 CC . 3.08 6.41 -35.67
CAC CL7 CC . 3.51 7.69 -36.29
CBC CL7 CC . 5.00 7.67 -36.47
C4C CL7 CC . 2.40 6.26 -34.38
CHD CL7 CC . 1.87 7.39 -33.59
C1D CL7 CC . 1.19 7.24 -32.32
C2D CL7 CC . 0.73 8.35 -31.45
CMD CL7 CC . 0.73 9.85 -31.45
C3D CL7 CC . 0.16 7.56 -30.36
CAD CL7 CC . -0.51 7.74 -29.09
OBD CL7 CC . -0.69 8.85 -28.49
CHA PHO DC . -20.22 17.03 -38.76
CHB PHO DC . -16.02 18.85 -40.17
CHC PHO DC . -13.57 15.83 -37.19
CHD PHO DC . -17.77 14.01 -35.67
NA PHO DC . -18.00 17.64 -39.41
C1A PHO DC . -19.40 17.85 -39.44
C2A PHO DC . -19.76 19.04 -40.29
C3A PHO DC . -18.41 19.35 -40.99
C4A PHO DC . -17.42 18.56 -40.14
CMA PHO DC . -18.39 18.88 -42.42
CAA PHO DC . -20.25 20.18 -39.45
CBA PHO DC . -21.18 21.04 -40.25
CGA PHO DC . -21.30 22.35 -39.58
O1A PHO DC . -21.24 22.59 -38.37
O2A PHO DC . -21.52 23.38 -40.45
NB PHO DC . -15.14 17.25 -38.50
C1B PHO DC . -15.03 18.22 -39.49
C2B PHO DC . -13.59 18.47 -39.69
C3B PHO DC . -12.88 17.63 -38.87
C4B PHO DC . -13.87 16.82 -38.08
CMB PHO DC . -13.16 19.46 -40.71
CAB PHO DC . -11.46 17.39 -38.68
CBB PHO DC . -10.43 18.10 -39.15
NC PHO DC . -15.81 15.16 -36.52
C1C PHO DC . -14.51 15.03 -36.44
C2C PHO DC . -14.15 13.90 -35.55
C3C PHO DC . -15.35 13.32 -35.15
C4C PHO DC . -16.43 14.16 -35.76
CMC PHO DC . -12.79 13.47 -35.28
CAC PHO DC . -15.55 12.14 -34.29
CBC PHO DC . -16.25 12.33 -32.97
ND PHO DC . -18.59 15.86 -37.14
C1D PHO DC . -18.79 14.77 -36.29
C2D PHO DC . -20.20 14.54 -36.23
C3D PHO DC . -20.79 15.39 -37.16
C4D PHO DC . -19.74 16.16 -37.74
CMD PHO DC . -20.91 13.57 -35.41
CAD PHO DC . -22.04 15.79 -37.73
OBD PHO DC . -23.15 15.46 -37.44
CBD PHO DC . -21.70 16.82 -38.86
CGD PHO DC . -22.16 16.28 -40.17
O1D PHO DC . -23.24 16.43 -40.75
O2D PHO DC . -21.22 15.50 -40.77
CED PHO DC . -21.24 15.44 -42.20
C1 PHO DC . -22.08 24.57 -39.90
C2 PHO DC . -21.09 25.64 -40.12
C3 PHO DC . -20.34 26.16 -39.15
C4 PHO DC . -20.42 25.68 -37.76
C5 PHO DC . -19.34 27.24 -39.38
C6 PHO DC . -17.93 26.72 -39.20
C7 PHO DC . -17.05 27.73 -38.51
C8 PHO DC . -15.81 27.11 -37.89
C9 PHO DC . -16.12 26.56 -36.52
C10 PHO DC . -14.70 28.15 -37.85
C11 PHO DC . -14.34 28.66 -39.23
C12 PHO DC . -13.25 27.82 -39.89
C13 PHO DC . -12.98 28.19 -41.35
C14 PHO DC . -14.27 28.35 -42.12
C15 PHO DC . -12.10 27.15 -42.03
C16 PHO DC . -10.70 27.06 -41.44
C17 PHO DC . -9.82 26.11 -42.22
C18 PHO DC . -8.40 26.01 -41.69
C19 PHO DC . -7.59 25.03 -42.50
C20 PHO DC . -8.39 25.56 -40.24
MG CLA EC . -3.02 15.46 -32.39
CHA CLA EC . -5.64 17.52 -31.43
CHB CLA EC . -5.38 13.08 -33.17
CHC CLA EC . -0.49 13.51 -33.48
CHD CLA EC . -0.77 17.93 -31.41
NA CLA EC . -5.23 15.29 -32.33
C1A CLA EC . -6.03 16.15 -31.91
C2A CLA EC . -7.44 15.76 -31.98
C3A CLA EC . -7.33 14.34 -32.40
C4A CLA EC . -5.89 14.21 -32.67
CMA CLA EC . -7.87 13.48 -31.28
CAA CLA EC . -7.90 16.38 -33.28
CBA CLA EC . -9.41 16.53 -33.31
CGA CLA EC . -9.90 17.14 -34.60
O1A CLA EC . -10.79 16.69 -35.27
O2A CLA EC . -9.48 18.26 -35.13
NB CLA EC . -2.96 13.56 -33.22
C1B CLA EC . -3.98 12.74 -33.47
C2B CLA EC . -3.58 11.45 -34.08
C3B CLA EC . -2.12 11.60 -34.14
C4B CLA EC . -1.84 12.94 -33.59
CMB CLA EC . -4.52 10.36 -34.46
CAB CLA EC . -1.03 10.73 -34.65
CBB CLA EC . -1.21 9.64 -35.33
NC CLA EC . -0.94 15.73 -32.50
C1C CLA EC . -0.07 14.80 -32.89
C2C CLA EC . 1.34 15.12 -32.66
C3C CLA EC . 1.24 16.44 -32.06
C4C CLA EC . -0.20 16.71 -32.00
CMC CLA EC . 2.53 14.28 -33.00
CAC CLA EC . 2.34 17.34 -31.56
CBC CLA EC . 2.36 17.24 -30.05
ND CLA EC . -3.03 17.26 -31.55
C1D CLA EC . -2.18 18.22 -31.31
C2D CLA EC . -2.74 19.53 -30.96
C3D CLA EC . -4.15 19.17 -31.02
C4D CLA EC . -4.24 17.90 -31.36
CMD CLA EC . -2.26 20.90 -30.63
CAD CLA EC . -5.48 19.76 -30.85
OBD CLA EC . -5.74 20.96 -31.17
CBD CLA EC . -6.47 18.67 -30.97
CGD CLA EC . -7.13 18.45 -29.66
O1D CLA EC . -6.63 17.82 -28.77
O2D CLA EC . -8.41 19.04 -29.44
CED CLA EC . -8.76 19.37 -28.11
C1 CLA EC . -10.59 19.18 -35.82
C2 CLA EC . -11.38 20.27 -35.16
C3 CLA EC . -12.61 20.09 -34.64
C4 CLA EC . -13.29 18.75 -34.64
C5 CLA EC . -13.30 21.28 -34.02
C6 CLA EC . -14.65 21.45 -34.71
C7 CLA EC . -14.56 21.80 -36.19
C8 CLA EC . -15.93 21.88 -36.86
C9 CLA EC . -16.86 20.74 -36.44
C10 CLA EC . -15.72 21.85 -38.35
C11 CLA EC . -16.51 22.92 -39.09
C12 CLA EC . -15.85 23.17 -40.45
C13 CLA EC . -16.69 23.97 -41.41
C14 CLA EC . -17.75 23.10 -42.07
C15 CLA EC . -15.78 24.61 -42.45
MG CLA FC . -22.61 39.50 -35.63
CHA CLA FC . -19.87 40.90 -34.01
CHB CLA FC . -23.04 37.54 -32.81
CHC CLA FC . -25.31 38.22 -37.15
CHD CLA FC . -21.95 41.51 -38.47
NA CLA FC . -21.61 39.25 -33.65
C1A CLA FC . -20.59 39.88 -33.22
C2A CLA FC . -20.12 39.49 -31.86
C3A CLA FC . -21.09 38.41 -31.54
C4A CLA FC . -21.98 38.39 -32.73
CMA CLA FC . -20.29 37.21 -31.14
CAA CLA FC . -20.39 40.53 -30.78
CBA CLA FC . -21.60 41.41 -31.05
CGA CLA FC . -22.26 41.78 -29.75
O1A CLA FC . -21.73 42.43 -28.86
O2A CLA FC . -23.48 41.42 -29.43
NB CLA FC . -23.98 38.08 -35.04
C1B CLA FC . -24.01 37.36 -33.91
C2B CLA FC . -25.14 36.39 -33.88
C3B CLA FC . -25.77 36.62 -35.18
C4B CLA FC . -24.99 37.69 -35.83
CMB CLA FC . -25.52 35.41 -32.80
CAB CLA FC . -26.95 36.01 -35.83
CBB CLA FC . -28.03 35.65 -35.21
NC CLA FC . -23.57 39.93 -37.47
C1C CLA FC . -24.62 39.25 -37.93
C2C CLA FC . -25.04 39.60 -39.30
C3C CLA FC . -24.09 40.64 -39.66
C4C CLA FC . -23.21 40.76 -38.46
CMC CLA FC . -26.17 39.04 -40.11
CAC CLA FC . -24.02 41.37 -40.98
CBC CLA FC . -24.22 42.88 -40.88
ND CLA FC . -21.29 40.88 -36.24
C1D CLA FC . -21.08 41.64 -37.30
C2D CLA FC . -19.93 42.57 -37.19
C3D CLA FC . -19.49 42.22 -35.83
C4D CLA FC . -20.30 41.28 -35.37
CMD CLA FC . -19.24 43.62 -38.03
CAD CLA FC . -18.47 42.55 -34.83
OBD CLA FC . -17.55 43.40 -34.95
CBD CLA FC . -18.61 41.64 -33.67
CGD CLA FC . -17.46 40.69 -33.69
O1D CLA FC . -17.07 40.20 -34.71
O2D CLA FC . -16.77 40.27 -32.52
CED CLA FC . -15.46 39.80 -32.73
C1 BCR GC . -18.82 41.13 -43.22
C2 BCR GC . -18.70 41.71 -41.82
C3 BCR GC . -17.26 41.96 -41.44
C4 BCR GC . -16.47 40.67 -41.47
C5 BCR GC . -16.70 39.97 -42.79
C6 BCR GC . -17.91 39.93 -43.36
C7 BCR GC . -18.40 38.72 -44.10
C8 BCR GC . -18.25 38.49 -45.41
C9 BCR GC . -18.71 37.43 -45.98
C10 BCR GC . -18.34 37.09 -47.13
C11 BCR GC . -17.93 36.23 -47.82
C33 BCR GC . -15.51 39.33 -43.42
C31 BCR GC . -18.41 42.18 -44.26
C32 BCR GC . -20.27 40.73 -43.46
C34 BCR GC . -19.75 36.60 -45.28
C12 BCR GC . -17.48 35.36 -48.61
C13 BCR GC . -17.24 34.02 -49.18
C14 BCR GC . -16.33 33.95 -50.17
C15 BCR GC . -15.92 32.74 -50.89
C16 BCR GC . -15.07 32.13 -51.70
C17 BCR GC . -14.53 31.29 -52.37
C18 BCR GC . -13.54 30.69 -53.07
C19 BCR GC . -13.79 29.37 -53.70
C20 BCR GC . -13.33 28.18 -54.05
C35 BCR GC . -17.98 32.81 -48.69
C36 BCR GC . -12.19 31.32 -53.21
C2 PL9 HC . -17.02 -5.98 -37.69
C3 PL9 HC . -16.75 -6.93 -36.75
C4 PL9 HC . -17.72 -7.92 -36.45
C5 PL9 HC . -18.93 -7.89 -37.12
C6 PL9 HC . -19.20 -6.93 -38.04
C1 PL9 HC . -18.27 -5.95 -38.34
C7 PL9 HC . -15.45 -6.94 -36.13
C8 PL9 HC . -15.06 -5.77 -35.35
C9 PL9 HC . -14.21 -5.87 -34.33
C10 PL9 HC . -13.97 -7.15 -33.66
C11 PL9 HC . -13.16 -4.83 -34.22
C12 PL9 HC . -12.60 -4.77 -32.79
C13 PL9 HC . -12.18 -3.36 -32.56
C14 PL9 HC . -10.91 -2.95 -32.48
C15 PL9 HC . -9.75 -3.84 -32.79
C16 PL9 HC . -10.53 -1.58 -32.07
C17 PL9 HC . -11.73 -0.71 -31.70
C18 PL9 HC . -11.28 0.55 -31.07
C19 PL9 HC . -11.22 0.81 -29.77
C20 PL9 HC . -11.44 -0.26 -28.78
C21 PL9 HC . -10.66 2.12 -29.34
C22 PL9 HC . -10.95 2.45 -27.89
C23 PL9 HC . -10.80 3.91 -27.72
C24 PL9 HC . -11.65 4.60 -26.98
C25 PL9 HC . -12.89 4.03 -26.42
C26 PL9 HC . -11.41 6.02 -26.81
C27 PL9 HC . -11.15 6.31 -25.35
C28 PL9 HC . -9.74 6.02 -25.11
C29 PL9 HC . -9.34 5.12 -24.24
C30 PL9 HC . -10.08 4.84 -23.00
C31 PL9 HC . -8.28 4.19 -24.54
C32 PL9 HC . -7.01 4.51 -23.80
C33 PL9 HC . -5.98 3.82 -24.58
C34 PL9 HC . -4.70 4.13 -24.49
C35 PL9 HC . -4.26 5.50 -24.56
C36 PL9 HC . -3.90 3.22 -23.68
C37 PL9 HC . -2.82 2.56 -24.51
C38 PL9 HC . -2.08 1.69 -23.56
C39 PL9 HC . -0.80 1.39 -23.68
C40 PL9 HC . -0.40 0.19 -24.44
C41 PL9 HC . 0.13 1.92 -22.62
C52 PL9 HC . -19.89 -8.89 -36.77
C53 PL9 HC . -20.43 -6.81 -38.76
O1 PL9 HC . -17.44 -8.77 -35.61
O2 PL9 HC . -18.46 -5.08 -39.18
O1 LHG IC . -25.01 0.04 -26.38
C1 LHG IC . -25.21 0.63 -25.09
C2 LHG IC . -26.61 1.19 -25.00
O2 LHG IC . -27.48 0.59 -25.96
C3 LHG IC . -26.59 2.65 -25.32
O3 LHG IC . -27.88 3.13 -24.99
P LHG IC . -28.05 4.53 -24.26
O4 LHG IC . -28.99 4.43 -23.11
O5 LHG IC . -28.29 5.51 -25.34
O6 LHG IC . -26.57 4.76 -23.75
C4 LHG IC . -25.93 5.96 -24.14
C5 LHG IC . -24.57 6.05 -23.51
C6 LHG IC . -24.02 7.41 -23.90
O7 LHG IC . -24.69 5.94 -22.11
C7 LHG IC . -23.59 5.16 -21.62
O9 LHG IC . -23.20 4.24 -22.30
C8 LHG IC . -22.93 5.48 -20.29
C9 LHG IC . -21.57 4.78 -20.24
C10 LHG IC . -20.44 5.75 -20.49
O8 LHG IC . -22.89 7.26 -24.75
C23 LHG IC . -22.73 8.26 -25.77
O10 LHG IC . -23.73 8.89 -26.06
C24 LHG IC . -21.41 8.51 -26.45
C11 LHG IC . -19.25 5.44 -19.57
C12 LHG IC . -18.19 4.60 -20.29
C13 LHG IC . -17.48 3.67 -19.32
C14 LHG IC . -17.00 4.42 -18.07
C15 LHG IC . -15.71 3.85 -17.47
C16 LHG IC . -14.89 4.97 -16.84
C17 LHG IC . -13.88 4.45 -15.82
C18 LHG IC . -12.76 3.65 -16.49
C19 LHG IC . -11.49 3.62 -15.64
C20 LHG IC . -11.75 3.13 -14.22
C21 LHG IC . -11.31 4.17 -13.19
C22 LHG IC . -11.98 3.93 -11.85
C25 LHG IC . -20.34 8.75 -25.39
C26 LHG IC . -19.97 10.21 -25.20
C27 LHG IC . -19.00 10.40 -24.04
C28 LHG IC . -18.48 11.82 -23.92
C29 LHG IC . -17.39 11.92 -22.86
C30 LHG IC . -17.97 12.39 -21.53
C31 LHG IC . -17.66 11.40 -20.41
C32 LHG IC . -18.85 10.51 -20.10
C33 LHG IC . -18.77 9.87 -18.71
C34 LHG IC . -19.90 8.87 -18.52
C35 LHG IC . -20.70 9.07 -17.24
C36 LHG IC . -21.33 7.74 -16.86
C37 LHG IC . -22.84 7.86 -16.77
C38 LHG IC . -23.38 6.68 -16.02
O1 LHG JC . -22.85 -6.13 -24.48
C1 LHG JC . -23.76 -6.03 -25.57
C2 LHG JC . -23.46 -7.14 -26.55
O2 LHG JC . -23.77 -8.38 -25.91
C3 LHG JC . -21.98 -7.08 -26.85
O3 LHG JC . -21.41 -8.33 -27.22
P LHG JC . -21.26 -8.77 -28.74
O4 LHG JC . -21.83 -10.14 -28.85
O5 LHG JC . -21.73 -7.63 -29.60
O6 LHG JC . -19.68 -8.89 -29.00
C4 LHG JC . -18.74 -9.52 -28.14
C5 LHG JC . -17.41 -8.78 -28.28
C6 LHG JC . -17.60 -7.66 -29.29
O7 LHG JC . -17.05 -8.17 -27.06
C7 LHG JC . -16.12 -8.97 -26.28
O9 LHG JC . -16.52 -9.89 -25.61
C8 LHG JC . -14.65 -8.66 -26.29
C9 LHG JC . -14.19 -8.25 -24.91
C10 LHG JC . -12.70 -8.49 -24.70
O8 LHG JC . -16.38 -7.08 -29.66
C23 LHG JC . -16.13 -5.74 -29.24
O10 LHG JC . -16.89 -5.26 -28.41
C24 LHG JC . -14.95 -5.00 -29.81
C11 LHG JC . -11.85 -8.45 -25.98
C12 LHG JC . -10.58 -9.26 -25.87
C13 LHG JC . -10.22 -10.08 -27.10
C14 LHG JC . -9.19 -9.41 -28.01
C15 LHG JC . -8.52 -10.44 -28.92
C16 LHG JC . -7.01 -10.31 -28.91
C17 LHG JC . -6.29 -11.54 -29.47
C18 LHG JC . -6.15 -11.55 -30.99
C19 LHG JC . -5.45 -12.82 -31.46
C20 LHG JC . -5.20 -12.81 -32.96
C21 LHG JC . -4.13 -13.81 -33.39
C22 LHG JC . -4.49 -15.24 -33.03
C25 LHG JC . -14.30 -4.11 -28.76
C26 LHG JC . -13.11 -4.76 -28.05
C27 LHG JC . -11.83 -4.72 -28.88
C28 LHG JC . -10.71 -5.48 -28.18
C29 LHG JC . -9.35 -5.01 -28.65
C30 LHG JC . -8.53 -4.42 -27.51
C31 LHG JC . -7.08 -4.91 -27.58
C32 LHG JC . -6.50 -5.13 -26.18
C33 LHG JC . -4.98 -5.28 -26.24
C34 LHG JC . -4.31 -4.63 -25.04
C35 LHG JC . -2.85 -5.07 -24.97
C36 LHG JC . -2.00 -4.09 -24.16
C1 LMG KC . -2.22 30.96 -55.25
O1 LMG KC . -3.37 30.30 -55.75
C2 LMG KC . -0.96 30.46 -55.95
O2 LMG KC . -0.84 29.04 -55.87
C3 LMG KC . 0.23 31.17 -55.34
O3 LMG KC . 1.43 30.75 -55.99
C4 LMG KC . 0.08 32.69 -55.50
O4 LMG KC . 0.27 33.09 -56.85
C5 LMG KC . -1.28 33.16 -55.02
O5 LMG KC . -0.83 35.44 -54.55
C6 LMG KC . -1.49 34.58 -55.48
O6 LMG KC . -2.35 32.35 -55.52
C7 LMG KC . -4.52 30.71 -55.05
C8 LMG KC . -5.09 29.48 -54.35
C9 LMG KC . -6.55 29.78 -54.01
O7 LMG KC . -5.03 28.38 -55.24
C10 LMG KC . -4.09 27.36 -54.80
O9 LMG KC . -3.16 27.70 -54.10
C11 LMG KC . -4.25 25.92 -55.22
C12 LMG KC . -5.08 25.16 -54.19
C13 LMG KC . -6.58 25.40 -54.37
C14 LMG KC . -7.41 24.23 -53.83
C15 LMG KC . -7.39 24.20 -52.30
C16 LMG KC . -8.32 23.10 -51.76
C17 LMG KC . -7.77 21.72 -52.06
O8 LMG KC . -7.07 28.69 -53.28
C28 LMG KC . -8.44 28.72 -52.81
O10 LMG KC . -9.02 29.79 -52.71
C29 LMG KC . -9.14 27.42 -52.46
C30 LMG KC . -9.94 27.55 -51.17
C31 LMG KC . -10.61 26.21 -50.84
C32 LMG KC . -11.39 26.28 -49.53
C33 LMG KC . -12.22 25.01 -49.33
C1A DGD LC . -12.84 36.58 -22.19
C2A DGD LC . -13.11 36.90 -23.60
C3A DGD LC . -14.54 36.49 -23.96
C4A DGD LC . -14.58 35.04 -24.44
C5A DGD LC . -15.99 34.50 -24.24
C6A DGD LC . -16.29 33.37 -25.22
C7A DGD LC . -17.74 32.99 -25.00
C8A DGD LC . -18.26 32.14 -26.13
C9A DGD LC . -19.55 31.45 -25.66
CAA DGD LC . -19.66 30.12 -26.39
CBA DGD LC . -20.65 29.24 -25.64
CCA DGD LC . -20.33 27.80 -25.99
CDA DGD LC . -21.27 26.91 -25.18
CEA DGD LC . -20.43 26.06 -24.25
CFA DGD LC . -19.96 24.81 -24.97
CGA DGD LC . -19.12 24.01 -23.99
O1A DGD LC . -13.49 35.86 -21.45
C1B DGD LC . -13.77 38.04 -19.26
C2B DGD LC . -14.73 37.44 -18.27
C3B DGD LC . -14.90 35.94 -18.48
C4B DGD LC . -14.46 35.10 -17.28
C5B DGD LC . -14.97 33.68 -17.59
C6B DGD LC . -14.01 33.06 -18.62
C7B DGD LC . -14.12 31.55 -18.42
C8B DGD LC . -13.09 30.91 -19.32
C9B DGD LC . -12.17 30.05 -18.49
CAB DGD LC . -10.81 30.49 -18.91
CBB DGD LC . -9.87 29.74 -18.05
O1B DGD LC . -14.05 38.79 -20.17
O1G DGD LC . -11.94 37.49 -21.70
C1G DGD LC . -11.15 37.22 -20.56
C2G DGD LC . -11.40 38.38 -19.59
O2G DGD LC . -12.48 37.98 -18.79
C3G DGD LC . -10.20 38.47 -18.60
O3G DGD LC . -9.14 39.17 -19.25
C1D DGD LC . -7.88 38.74 -18.80
C2D DGD LC . -6.79 39.54 -19.56
O2D DGD LC . -6.76 38.99 -20.82
C3D DGD LC . -5.45 39.16 -18.86
O3D DGD LC . -4.38 39.85 -19.46
C4D DGD LC . -5.50 39.61 -17.40
O4D DGD LC . -5.78 40.95 -17.31
C5D DGD LC . -6.68 38.86 -16.75
C6D DGD LC . -6.93 39.33 -15.31
O6D DGD LC . -7.89 39.13 -17.44
CHA HEM MC . -31.08 32.93 -61.25
CHB HEM MC . -29.66 37.58 -61.21
CHC HEM MC . -25.07 36.13 -60.87
CHD HEM MC . -26.50 31.52 -60.64
C1A HEM MC . -31.08 34.31 -61.31
C2A HEM MC . -32.24 35.12 -61.56
C3A HEM MC . -31.86 36.41 -61.55
C4A HEM MC . -30.44 36.45 -61.30
CMA HEM MC . -32.77 37.63 -61.78
CAA HEM MC . -33.66 34.59 -61.80
CBA HEM MC . -33.78 34.18 -63.27
CGA HEM MC . -34.16 32.72 -63.37
O1A HEM MC . -33.24 31.88 -63.60
O2A HEM MC . -35.35 32.39 -63.23
C1B HEM MC . -28.28 37.59 -61.11
C2B HEM MC . -27.45 38.78 -61.07
C3B HEM MC . -26.16 38.38 -60.97
C4B HEM MC . -26.18 36.93 -60.96
CMB HEM MC . -28.05 40.19 -61.12
CAB HEM MC . -24.82 39.15 -60.88
CBB HEM MC . -24.62 40.47 -61.01
C1C HEM MC . -25.10 34.78 -60.64
C2C HEM MC . -24.00 34.02 -60.10
C3C HEM MC . -24.40 32.73 -60.01
C4C HEM MC . -25.75 32.67 -60.54
CMC HEM MC . -22.67 34.70 -59.69
CAC HEM MC . -23.67 31.46 -59.56
CBC HEM MC . -22.35 31.27 -59.60
C1D HEM MC . -27.86 31.48 -60.76
C2D HEM MC . -28.71 30.31 -60.69
C3D HEM MC . -29.98 30.70 -60.86
C4D HEM MC . -29.98 32.13 -61.04
CMD HEM MC . -28.24 28.87 -60.46
CAD HEM MC . -31.20 29.76 -60.86
CBD HEM MC . -31.93 29.82 -59.52
CGD HEM MC . -32.42 28.44 -59.18
O1D HEM MC . -33.67 28.24 -59.10
O2D HEM MC . -31.58 27.53 -58.96
NA HEM MC . -30.00 35.15 -61.17
NB HEM MC . -27.48 36.48 -61.05
NC HEM MC . -26.14 33.94 -60.91
ND HEM MC . -28.67 32.58 -60.97
FE HEM MC . -28.05 34.54 -61.07
MG CLA NC . -37.59 15.22 5.91
CHA CLA NC . -39.42 13.64 8.42
CHB CLA NC . -34.85 14.91 7.89
CHC CLA NC . -35.83 16.63 3.40
CHD CLA NC . -40.52 15.36 3.91
NA CLA NC . -37.15 14.36 7.92
C1A CLA NC . -37.96 13.80 8.73
C2A CLA NC . -37.32 13.37 10.01
C3A CLA NC . -35.89 13.84 9.80
C4A CLA NC . -35.95 14.39 8.44
CMA CLA NC . -35.33 14.77 10.85
CAA CLA NC . -37.31 11.86 10.05
CBA CLA NC . -36.50 11.31 11.19
CGA CLA NC . -37.27 11.37 12.49
O1A CLA NC . -38.48 11.53 12.57
O2A CLA NC . -36.71 11.23 13.65
NB CLA NC . -35.59 15.69 5.69
C1B CLA NC . -34.62 15.54 6.59
C2B CLA NC . -33.31 16.08 6.14
C3B CLA NC . -33.64 16.58 4.82
C4B CLA NC . -35.08 16.30 4.61
CMB CLA NC . -31.98 16.15 6.80
CAB CLA NC . -32.72 17.23 3.87
CBB CLA NC . -32.85 18.50 3.54
NC CLA NC . -38.09 15.84 3.95
C1C CLA NC . -37.26 16.46 3.12
C2C CLA NC . -37.85 16.97 1.90
C3C CLA NC . -39.24 16.58 2.03
C4C CLA NC . -39.27 15.89 3.33
CMC CLA NC . -37.15 17.71 0.83
CAC CLA NC . -40.38 16.85 1.08
CBC CLA NC . -40.84 18.27 1.26
ND CLA NC . -39.51 14.66 5.98
C1D CLA NC . -40.60 14.77 5.23
C2D CLA NC . -41.84 14.27 5.85
C3D CLA NC . -41.29 13.83 7.12
C4D CLA NC . -39.98 14.07 7.14
CMD CLA NC . -43.30 14.13 5.53
CAD CLA NC . -41.74 13.22 8.37
OBD CLA NC . -42.89 13.54 8.81
CBD CLA NC . -40.55 13.06 9.25
CGD CLA NC . -40.72 13.80 10.55
O1D CLA NC . -40.85 13.18 11.58
O2D CLA NC . -40.73 15.24 10.62
CED CLA NC . -40.08 15.90 11.71
C1 CLA NC . -36.45 12.50 14.61
C2 CLA NC . -37.46 12.91 15.64
C3 CLA NC . -37.65 14.21 15.96
C4 CLA NC . -38.66 14.57 17.01
C5 CLA NC . -36.84 15.29 15.28
C1 RRX OC . -35.30 33.39 -16.61
C2 RRX OC . -36.30 32.88 -17.64
O2 RRX OC . -23.96 57.55 -19.17
C3 RRX OC . -36.96 33.96 -18.42
C40 RRX OC . -26.41 54.53 -17.09
C30 RRX OC . -25.66 54.25 -18.40
C39 RRX OC . -26.57 53.43 -19.31
C29 RRX OC . -25.36 55.59 -19.08
C28 RRX OC . -24.23 56.36 -18.42
C27 RRX OC . -22.99 55.51 -18.34
C26 RRX OC . -23.26 54.14 -17.79
C38 RRX OC . -22.20 53.60 -16.86
C25 RRX OC . -24.39 53.48 -18.12
C24 RRX OC . -24.40 52.04 -18.19
C23 RRX OC . -25.46 51.22 -17.90
C22 RRX OC . -25.73 49.98 -18.47
C37 RRX OC . -25.41 49.73 -19.90
C21 RRX OC . -26.32 48.91 -17.75
C20 RRX OC . -27.47 48.22 -18.02
C19 RRX OC . -27.87 46.98 -17.54
C18 RRX OC . -28.80 46.08 -18.09
C36 RRX OC . -28.47 45.45 -19.39
C17 RRX OC . -30.02 45.73 -17.47
C16 RRX OC . -30.24 44.78 -16.49
C15 RRX OC . -31.23 43.81 -16.37
C14 RRX OC . -31.32 42.72 -15.53
C13 RRX OC . -32.35 41.75 -15.44
C35 RRX OC . -33.25 41.79 -14.26
C12 RRX OC . -32.59 40.76 -16.42
C11 RRX OC . -33.34 39.61 -16.32
C10 RRX OC . -34.12 39.19 -15.26
C9 RRX OC . -34.30 37.88 -14.75
C34 RRX OC . -34.55 37.74 -13.31
C8 RRX OC . -34.26 36.75 -15.58
C7 RRX OC . -34.74 35.51 -15.27
C6 RRX OC . -35.70 34.74 -16.03
C32 RRX OC . -35.19 32.36 -15.48
C31 RRX OC . -33.92 33.50 -17.28
C5 RRX OC . -36.95 35.21 -16.23
C33 RRX OC . -37.73 36.01 -15.23
C4 RRX OC . -37.68 34.96 -17.51
O1 LHG PC . -24.99 -3.41 -17.82
C1 LHG PC . -24.33 -3.89 -18.98
C2 LHG PC . -25.26 -4.83 -19.71
O2 LHG PC . -25.06 -6.16 -19.25
C3 LHG PC . -25.03 -4.77 -21.21
O3 LHG PC . -25.93 -3.81 -21.77
P LHG PC . -25.38 -2.80 -22.87
O4 LHG PC . -25.31 -3.52 -24.18
O5 LHG PC . -26.14 -1.52 -22.79
O6 LHG PC . -23.92 -2.54 -22.27
C4 LHG PC . -22.77 -2.49 -23.11
C5 LHG PC . -21.64 -1.95 -22.26
C6 LHG PC . -20.49 -2.94 -22.19
O7 LHG PC . -21.16 -0.79 -22.87
C7 LHG PC . -21.58 0.41 -22.20
O9 LHG PC . -22.19 0.33 -21.17
C8 LHG PC . -21.22 1.74 -22.80
C9 LHG PC . -19.80 2.00 -22.36
C10 LHG PC . -18.83 1.48 -23.39
O8 LHG PC . -19.31 -2.32 -21.66
C23 LHG PC . -19.12 -2.21 -20.22
O10 LHG PC . -19.95 -2.69 -19.48
C24 LHG PC . -17.91 -1.52 -19.65
C11 LHG PC . -17.45 1.23 -22.80
C12 LHG PC . -16.62 0.44 -23.80
C13 LHG PC . -15.13 0.69 -23.61
C14 LHG PC . -14.36 -0.62 -23.62
C15 LHG PC . -14.15 -1.11 -25.04
C16 LHG PC . -12.68 -1.39 -25.30
C17 LHG PC . -11.81 -0.16 -25.02
C18 LHG PC . -10.69 -0.49 -24.04
C19 LHG PC . -9.81 -1.61 -24.56
C20 LHG PC . -8.35 -1.25 -24.51
C21 LHG PC . -7.77 -1.06 -25.91
C22 LHG PC . -7.79 0.41 -26.28
C25 LHG PC . -18.10 -1.36 -18.15
C26 LHG PC . -17.54 -0.03 -17.63
C27 LHG PC . -17.74 0.11 -16.13
C28 LHG PC . -16.46 0.49 -15.40
C29 LHG PC . -16.66 1.77 -14.59
C30 LHG PC . -15.54 1.95 -13.57
C31 LHG PC . -15.96 2.84 -12.41
C32 LHG PC . -16.16 2.03 -11.13
C33 LHG PC . -16.84 2.81 -10.02
C34 LHG PC . -16.04 4.04 -9.62
C35 LHG PC . -16.57 4.67 -8.35
C36 LHG PC . -16.42 3.74 -7.15
C37 LHG PC . -15.43 4.32 -6.15
C38 LHG PC . -16.00 5.56 -5.49
O6 SQD QC . -16.67 -21.98 -19.35
C44 SQD QC . -16.31 -22.36 -18.02
C45 SQD QC . -15.61 -21.20 -17.26
C46 SQD QC . -16.63 -20.14 -16.88
O47 SQD QC . -14.74 -21.56 -16.19
C7 SQD QC . -14.64 -20.82 -14.97
O49 SQD QC . -15.22 -21.24 -13.99
C8 SQD QC . -13.84 -19.50 -14.86
C9 SQD QC . -13.84 -18.92 -13.45
C10 SQD QC . -12.41 -18.85 -12.95
C11 SQD QC . -12.24 -17.61 -12.08
C12 SQD QC . -11.49 -16.53 -12.85
C13 SQD QC . -10.02 -16.95 -13.01
C14 SQD QC . -9.29 -16.64 -11.71
C15 SQD QC . -7.78 -16.56 -11.95
C16 SQD QC . -7.24 -17.94 -12.29
C17 SQD QC . -5.72 -17.96 -12.12
C18 SQD QC . -5.34 -17.61 -10.68
C19 SQD QC . -4.21 -16.58 -10.65
C20 SQD QC . -3.32 -16.85 -9.45
C21 SQD QC . -2.26 -15.78 -9.35
C22 SQD QC . -2.82 -14.56 -8.67
O48 SQD QC . -16.01 -18.97 -17.35
C23 SQD QC . -16.73 -17.79 -17.26
O10 SQD QC . -17.83 -17.83 -16.73
C24 SQD QC . -15.98 -16.47 -17.35
C25 SQD QC . -16.25 -15.69 -16.09
C26 SQD QC . -15.33 -14.47 -16.00
C27 SQD QC . -13.90 -14.84 -16.35
C28 SQD QC . -13.01 -13.60 -16.28
C29 SQD QC . -12.79 -13.21 -14.81
C30 SQD QC . -11.56 -12.31 -14.71
C31 SQD QC . -10.33 -13.04 -15.24
C32 SQD QC . -9.10 -12.17 -15.00
C33 SQD QC . -7.85 -12.95 -15.37
C34 SQD QC . -6.60 -12.19 -14.89
C35 SQD QC . -6.03 -12.88 -13.68
C36 SQD QC . -4.70 -12.26 -13.35
C37 SQD QC . -3.77 -13.34 -12.84
C38 SQD QC . -3.30 -14.19 -13.99
C1 SQD QC . -18.05 -21.84 -19.64
C2 SQD QC . -18.53 -21.74 -21.08
O2 SQD QC . -17.83 -20.82 -21.80
C3 SQD QC . -19.98 -21.31 -20.98
O3 SQD QC . -20.55 -21.22 -22.23
C4 SQD QC . -20.84 -22.20 -20.10
O4 SQD QC . -22.01 -21.54 -19.83
C5 SQD QC . -20.15 -22.54 -18.82
C6 SQD QC . -20.78 -23.72 -18.15
O5 SQD QC . -18.78 -22.83 -18.98
S SQD QC . -19.74 -24.30 -16.81
O7 SQD QC . -18.90 -23.28 -16.24
O8 SQD QC . -20.59 -24.90 -15.77
O9 SQD QC . -18.78 -25.25 -17.29
C1 LMG RC . 3.00 13.52 -3.20
O1 LMG RC . 1.91 13.98 -2.44
C2 LMG RC . 4.17 14.49 -3.21
O2 LMG RC . 3.76 15.77 -3.69
C3 LMG RC . 5.23 13.90 -4.12
O3 LMG RC . 6.36 14.78 -4.13
C4 LMG RC . 5.65 12.50 -3.64
O4 LMG RC . 6.24 12.59 -2.34
C5 LMG RC . 4.43 11.62 -3.50
O5 LMG RC . 6.04 10.26 -2.30
C6 LMG RC . 4.73 10.27 -2.86
O6 LMG RC . 3.49 12.29 -2.66
C7 LMG RC . 1.02 12.88 -2.21
C8 LMG RC . 0.19 12.60 -3.47
C9 LMG RC . 0.20 11.11 -3.76
O7 LMG RC . -1.13 13.07 -3.20
C10 LMG RC . -1.73 13.73 -4.34
O9 LMG RC . -1.19 14.69 -4.83
C11 LMG RC . -3.01 13.23 -4.93
C12 LMG RC . -3.89 14.42 -5.24
C13 LMG RC . -5.20 13.96 -5.84
C14 LMG RC . -6.23 15.06 -5.92
C15 LMG RC . -7.36 14.60 -6.84
C16 LMG RC . -8.47 15.63 -6.92
C17 LMG RC . -9.64 15.09 -7.74
C18 LMG RC . -10.69 16.15 -7.90
C19 LMG RC . -11.96 15.79 -8.13
O8 LMG RC . -0.40 10.82 -5.02
C28 LMG RC . 0.37 10.24 -6.10
O10 LMG RC . 1.44 9.73 -5.85
C29 LMG RC . -0.11 10.30 -7.53
C30 LMG RC . -1.60 9.97 -7.58
C31 LMG RC . -2.27 10.68 -8.75
C32 LMG RC . -3.76 10.80 -8.48
C33 LMG RC . -4.34 9.42 -8.18
C34 LMG RC . -5.64 9.21 -8.94
C35 LMG RC . -5.98 7.74 -9.07
C36 LMG RC . -6.54 7.19 -7.78
C37 LMG RC . -7.12 6.00 -7.77
C38 LMG RC . -7.68 5.44 -6.50
C1B LMT SC . -24.38 -22.14 -11.94
C2B LMT SC . -25.84 -22.13 -12.48
C3B LMT SC . -26.77 -22.91 -11.53
C4B LMT SC . -26.19 -24.31 -11.19
C5B LMT SC . -24.76 -24.11 -10.66
C6B LMT SC . -24.15 -25.45 -10.31
O1B LMT SC . -24.32 -21.28 -10.85
O2B LMT SC . -26.19 -20.83 -12.54
O3B LMT SC . -28.04 -22.98 -12.03
O4' LMT SC . -26.93 -24.93 -10.23
O5B LMT SC . -23.96 -23.43 -11.61
O6B LMT SC . -23.80 -26.12 -11.45
C1' LMT SC . -22.01 -18.32 -9.14
C2' LMT SC . -22.28 -18.11 -10.64
C3' LMT SC . -23.34 -19.11 -11.20
C4' LMT SC . -23.13 -20.55 -10.66
C5' LMT SC . -22.94 -20.44 -9.14
C6' LMT SC . -22.81 -21.78 -8.50
O1' LMT SC . -20.85 -17.70 -8.83
O2' LMT SC . -22.79 -16.85 -10.80
O3' LMT SC . -23.28 -19.11 -12.56
O5' LMT SC . -21.78 -19.69 -8.89
O6' LMT SC . -22.62 -21.57 -7.19
C1 LMT SC . -20.24 -18.08 -7.64
C2 LMT SC . -19.88 -16.80 -7.02
C3 LMT SC . -18.55 -16.68 -6.33
C4 LMT SC . -17.50 -17.30 -7.20
C5 LMT SC . -16.19 -17.15 -6.50
C6 LMT SC . -15.83 -15.71 -6.34
C7 LMT SC . -14.84 -15.55 -5.23
C8 LMT SC . -14.05 -14.31 -5.51
C9 LMT SC . -13.32 -13.76 -4.33
C10 LMT SC . -12.34 -12.76 -4.86
C11 LMT SC . -11.16 -12.63 -3.95
C12 LMT SC . -10.63 -11.23 -3.94
CHA HEM TC . 34.89 29.14 -52.66
CHB HEM TC . 32.20 31.43 -55.98
CHC HEM TC . 30.62 27.20 -57.64
CHD HEM TC . 32.60 25.01 -53.79
C1A HEM TC . 34.35 30.12 -53.47
C2A HEM TC . 34.73 31.51 -53.49
C3A HEM TC . 33.99 32.14 -54.40
C4A HEM TC . 33.11 31.17 -55.00
CMA HEM TC . 34.02 33.64 -54.78
CAA HEM TC . 35.81 32.10 -52.57
CBA HEM TC . 35.08 32.74 -51.39
CGA HEM TC . 35.89 32.70 -50.14
O1A HEM TC . 36.00 33.76 -49.48
O2A HEM TC . 36.43 31.61 -49.79
C1B HEM TC . 31.57 30.48 -56.74
C2B HEM TC . 30.84 30.75 -57.96
C3B HEM TC . 30.38 29.56 -58.42
C4B HEM TC . 30.85 28.55 -57.51
CMB HEM TC . 30.63 32.19 -58.49
CAB HEM TC . 29.56 29.19 -59.68
CBB HEM TC . 29.49 29.91 -60.80
C1C HEM TC . 30.93 26.27 -56.68
C2C HEM TC . 30.36 24.94 -56.61
C3C HEM TC . 30.91 24.31 -55.58
C4C HEM TC . 31.83 25.23 -54.91
CMC HEM TC . 29.33 24.37 -57.62
CAC HEM TC . 30.53 22.87 -55.20
CBC HEM TC . 31.46 21.91 -55.15
C1D HEM TC . 33.43 25.93 -53.18
C2D HEM TC . 34.34 25.64 -52.07
C3D HEM TC . 34.97 26.78 -51.76
C4D HEM TC . 34.50 27.82 -52.65
CMD HEM TC . 34.52 24.25 -51.41
CAD HEM TC . 36.05 26.97 -50.67
CBD HEM TC . 37.36 26.56 -51.35
CGD HEM TC . 38.54 27.37 -50.90
O1D HEM TC . 38.66 27.65 -49.68
O2D HEM TC . 39.38 27.73 -51.77
NA HEM TC . 33.35 29.94 -54.42
NB HEM TC . 31.58 29.14 -56.49
NC HEM TC . 31.80 26.41 -55.64
ND HEM TC . 33.57 27.26 -53.49
FE HEM TC . 32.37 28.21 -54.84
CA1 OEX UC . -2.55 -2.54 44.88
MN1 OEX UC . 1.38 -2.48 45.42
MN2 OEX UC . -0.62 -0.77 47.17
MN3 OEX UC . -0.22 0.09 44.29
MN4 OEX UC . -1.40 -1.59 41.92
FE FE2 VC . -31.09 -25.75 23.84
CL CL WC . 3.05 -2.85 37.23
MG CLA XC . -8.34 -15.73 35.78
CHA CLA XC . -10.87 -13.45 36.61
CHB CLA XC . -10.77 -17.60 34.23
CHC CLA XC . -5.87 -17.89 34.99
CHD CLA XC . -5.96 -13.64 37.47
NA CLA XC . -10.54 -15.57 35.44
C1A CLA XC . -11.33 -14.65 35.84
C2A CLA XC . -12.76 -14.83 35.45
C3A CLA XC . -12.71 -16.15 34.70
C4A CLA XC . -11.24 -16.48 34.79
CMA CLA XC . -13.74 -17.23 34.98
CAA CLA XC . -13.17 -13.68 34.52
CBA CLA XC . -14.51 -13.97 33.85
CGA CLA XC . -15.61 -13.21 34.57
O1A CLA XC . -15.48 -12.67 35.65
O2A CLA XC . -16.83 -13.05 34.10
NB CLA XC . -8.34 -17.50 34.74
C1B CLA XC . -9.38 -18.13 34.18
C2B CLA XC . -9.02 -19.40 33.50
C3B CLA XC . -7.57 -19.45 33.75
C4B CLA XC . -7.24 -18.23 34.53
CMB CLA XC . -9.90 -20.38 32.76
CAB CLA XC . -6.61 -20.49 33.33
CBB CLA XC . -6.44 -20.76 32.06
NC CLA XC . -6.24 -15.74 36.18
C1C CLA XC . -5.41 -16.71 35.76
C2C CLA XC . -3.99 -16.55 36.12
C3C CLA XC . -4.02 -15.28 36.86
C4C CLA XC . -5.45 -14.87 36.83
CMC CLA XC . -2.82 -17.44 35.82
CAC CLA XC . -2.87 -14.55 37.50
CBC CLA XC . -2.09 -13.80 36.43
ND CLA XC . -8.26 -14.00 36.81
C1D CLA XC . -7.36 -13.23 37.43
C2D CLA XC . -7.91 -11.98 38.06
C3D CLA XC . -9.32 -12.14 37.69
C4D CLA XC . -9.44 -13.29 36.99
CMD CLA XC . -7.42 -10.80 38.84
CAD CLA XC . -10.63 -11.47 37.82
OBD CLA XC . -10.82 -10.31 38.35
CBD CLA XC . -11.67 -12.28 37.11
CGD CLA XC . -12.71 -12.72 38.08
O1D CLA XC . -12.91 -13.91 38.31
O2D CLA XC . -13.51 -11.73 38.79
CED CLA XC . -14.34 -10.83 38.05
C1 CLA XC . -17.58 -11.66 34.30
C2 CLA XC . -17.97 -10.81 33.12
C3 CLA XC . -17.14 -9.86 32.65
C4 CLA XC . -15.81 -9.65 33.30
C5 CLA XC . -17.55 -9.02 31.47
C6 CLA XC . -18.60 -8.00 31.92
C7 CLA XC . -19.56 -7.67 30.78
C8 CLA XC . -20.33 -6.40 31.08
C9 CLA XC . -21.42 -6.65 32.12
C10 CLA XC . -20.93 -5.86 29.78
C11 CLA XC . -19.83 -5.53 28.78
C12 CLA XC . -20.32 -4.49 27.77
C13 CLA XC . -19.49 -4.56 26.49
C14 CLA XC . -18.17 -3.80 26.64
C15 CLA XC . -20.31 -3.98 25.34
C16 CLA XC . -19.58 -4.14 24.02
C17 CLA XC . -20.24 -3.32 22.92
C18 CLA XC . -21.54 -3.97 22.46
C19 CLA XC . -21.98 -3.40 21.12
C20 CLA XC . -21.40 -5.48 22.38
MG CLA YC . -7.05 -27.67 34.98
CHA CLA YC . -8.71 -26.22 37.61
CHB CLA YC . -8.45 -30.68 35.93
CHC CLA YC . -5.48 -29.07 32.37
CHD CLA YC . -5.89 -24.49 33.94
NA CLA YC . -8.44 -28.39 36.57
C1A CLA YC . -8.97 -27.70 37.48
C2A CLA YC . -9.86 -28.47 38.39
C3A CLA YC . -9.71 -29.88 37.86
C4A CLA YC . -8.81 -29.64 36.70
CMA CLA YC . -9.37 -30.99 38.84
CAA CLA YC . -11.32 -28.01 38.22
CBA CLA YC . -12.03 -28.45 36.94
CGA CLA YC . -12.10 -27.36 35.89
O1A CLA YC . -11.22 -26.55 35.69
O2A CLA YC . -13.08 -27.14 35.04
NB CLA YC . -6.99 -29.60 34.26
C1B CLA YC . -7.57 -30.69 34.76
C2B CLA YC . -7.28 -31.93 33.98
C3B CLA YC . -6.39 -31.42 32.94
C4B CLA YC . -6.28 -29.97 33.19
CMB CLA YC . -7.77 -33.32 34.27
CAB CLA YC . -5.72 -32.12 31.83
CBB CLA YC . -5.01 -33.21 32.01
NC CLA YC . -5.82 -26.90 33.43
C1C CLA YC . -5.27 -27.63 32.48
C2C CLA YC . -4.42 -26.92 31.52
C3C CLA YC . -4.53 -25.57 32.02
C4C CLA YC . -5.41 -25.66 33.19
CMC CLA YC . -3.66 -27.48 30.35
CAC CLA YC . -3.87 -24.35 31.51
CBC CLA YC . -2.42 -24.44 31.96
ND CLA YC . -7.21 -25.76 35.50
C1D CLA YC . -6.70 -24.59 35.14
C2D CLA YC . -7.01 -23.47 36.06
C3D CLA YC . -7.82 -24.20 37.02
C4D CLA YC . -7.89 -25.47 36.65
CMD CLA YC . -6.76 -22.00 36.21
CAD CLA YC . -8.58 -23.97 38.26
OBD CLA YC . -8.71 -22.86 38.85
CBD CLA YC . -9.12 -25.27 38.69
CGD CLA YC . -8.40 -25.71 39.91
O1D CLA YC . -7.24 -25.41 40.08
O2D CLA YC . -9.07 -26.53 40.90
CED CLA YC . -8.45 -26.83 42.12
C1 CLA YC . -14.51 -27.87 35.12
C2 CLA YC . -14.73 -29.29 34.69
C3 CLA YC . -15.96 -29.79 34.49
C4 CLA YC . -17.18 -28.95 34.70
C5 CLA YC . -16.12 -31.23 34.06
CHA PHO ZC . -24.59 -9.98 28.21
CHB PHO ZC . -20.01 -8.93 27.30
CHC PHO ZC . -18.44 -12.82 29.81
CHD PHO ZC . -23.11 -14.04 30.70
NA PHO ZC . -22.24 -9.77 27.80
C1A PHO ZC . -23.56 -9.28 27.72
C2A PHO ZC . -23.59 -7.95 27.02
C3A PHO ZC . -22.17 -7.87 26.41
C4A PHO ZC . -21.43 -8.92 27.23
CMA PHO ZC . -22.14 -8.24 24.96
CAA PHO ZC . -23.91 -6.80 27.95
CBA PHO ZC . -24.14 -5.59 27.09
CGA PHO ZC . -24.17 -4.36 27.92
O1A PHO ZC . -24.63 -4.22 29.05
O2A PHO ZC . -23.60 -3.29 27.29
NB PHO ZC . -19.56 -10.97 28.63
C1B PHO ZC . -19.21 -9.81 27.96
C2B PHO ZC . -17.74 -9.71 28.03
C3B PHO ZC . -17.27 -10.79 28.73
C4B PHO ZC . -18.44 -11.65 29.12
CMB PHO ZC . -17.08 -8.57 27.38
CAB PHO ZC . -15.93 -11.21 29.09
CBB PHO ZC . -14.80 -10.53 29.09
NC PHO ZC . -20.86 -13.16 30.13
C1C PHO ZC . -19.61 -13.53 30.30
C2C PHO ZC . -19.58 -14.82 31.04
C3C PHO ZC . -20.89 -15.16 31.30
C4C PHO ZC . -21.74 -14.10 30.71
CMC PHO ZC . -18.34 -15.50 31.39
CAC PHO ZC . -21.46 -16.32 32.00
CBC PHO ZC . -21.94 -16.03 33.39
ND PHO ZC . -23.41 -11.96 29.39
C1D PHO ZC . -23.93 -13.05 30.09
C2D PHO ZC . -25.35 -12.94 30.08
C3D PHO ZC . -25.65 -11.76 29.38
C4D PHO ZC . -24.42 -11.19 28.97
CMD PHO ZC . -26.29 -13.86 30.67
CAD PHO ZC . -26.71 -10.95 28.89
OBD PHO ZC . -27.91 -11.11 28.99
CBD PHO ZC . -26.08 -9.73 28.15
CGD PHO ZC . -26.64 -9.60 26.78
O1D PHO ZC . -27.29 -8.70 26.28
O2D PHO ZC . -26.37 -10.68 26.01
CED PHO ZC . -26.28 -10.47 24.60
C1 PHO ZC . -24.48 -2.44 26.53
C2 PHO ZC . -23.82 -1.86 25.32
C3 PHO ZC . -22.65 -1.21 25.17
C4 PHO ZC . -22.31 -0.73 23.81
C5 PHO ZC . -21.66 -0.91 26.25
C6 PHO ZC . -20.24 -0.71 25.75
C7 PHO ZC . -19.68 0.67 26.00
C8 PHO ZC . -18.91 0.74 27.30
C9 PHO ZC . -19.74 1.54 28.27
C10 PHO ZC . -17.54 1.38 27.10
C11 PHO ZC . -16.40 0.38 27.09
C12 PHO ZC . -16.56 -0.68 28.17
C13 PHO ZC . -15.45 -0.64 29.22
C14 PHO ZC . -15.58 0.59 30.07
C15 PHO ZC . -14.08 -0.73 28.55
C16 PHO ZC . -13.27 -1.87 29.11
C17 PHO ZC . -12.19 -2.28 28.13
C18 PHO ZC . -11.76 -3.74 28.28
C19 PHO ZC . -11.54 -4.12 29.73
C20 PHO ZC . -10.51 -3.99 27.46
MG CLA AD . -23.21 12.99 33.50
CHA CLA AD . -20.42 13.64 35.49
CHB CLA AD . -24.46 11.18 36.14
CHC CLA AD . -25.89 12.37 31.55
CHD CLA AD . -21.75 14.90 30.84
NA CLA AD . -22.55 12.47 35.56
C1A CLA AD . -21.46 12.80 36.14
C2A CLA AD . -21.30 12.29 37.55
C3A CLA AD . -22.59 11.52 37.72
C4A CLA AD . -23.25 11.73 36.40
CMA CLA AD . -22.57 10.13 38.37
CAA CLA AD . -21.23 13.48 38.51
CBA CLA AD . -22.16 14.59 38.05
CGA CLA AD . -23.18 14.88 39.12
O1A CLA AD . -22.97 14.80 40.31
O2A CLA AD . -24.42 15.26 38.86
NB CLA AD . -24.93 11.91 33.82
C1B CLA AD . -25.29 11.25 34.92
C2B CLA AD . -26.62 10.57 34.82
C3B CLA AD . -27.01 10.95 33.45
C4B CLA AD . -25.91 11.77 32.91
CMB CLA AD . -27.36 9.74 35.83
CAB CLA AD . -28.24 10.59 32.72
CBB CLA AD . -28.96 9.56 33.10
NC CLA AD . -23.73 13.57 31.51
C1C CLA AD . -24.86 13.20 30.90
C2C CLA AD . -25.05 13.70 29.52
C3C CLA AD . -23.81 14.46 29.32
C4C CLA AD . -23.07 14.32 30.60
CMC CLA AD . -26.19 13.49 28.57
CAC CLA AD . -23.38 15.22 28.09
CBC CLA AD . -24.39 16.30 27.77
ND CLA AD . -21.55 14.04 33.11
C1D CLA AD . -21.01 14.77 32.11
C2D CLA AD . -19.68 15.38 32.41
C3D CLA AD . -19.51 14.88 33.78
C4D CLA AD . -20.58 14.15 34.10
CMD CLA AD . -18.65 16.24 31.73
CAD CLA AD . -18.54 14.93 34.91
OBD CLA AD . -17.41 15.53 34.89
CBD CLA AD . -19.09 14.11 36.03
CGD CLA AD . -18.21 12.92 36.25
O1D CLA AD . -18.24 11.97 35.49
O2D CLA AD . -17.29 12.88 37.38
CED CLA AD . -16.35 11.81 37.50
C1 CLA AD . -25.63 14.83 39.83
C2 CLA AD . -27.01 15.42 39.65
C3 CLA AD . -27.33 16.59 40.20
C4 CLA AD . -26.30 17.35 41.00
C5 CLA AD . -28.71 17.16 40.02
C1 BCR BD . -34.40 9.13 25.39
C2 BCR BD . -35.58 9.57 26.25
C3 BCR BD . -35.27 10.83 27.04
C4 BCR BD . -34.98 12.00 26.10
C5 BCR BD . -34.08 11.55 24.99
C6 BCR BD . -33.57 10.31 24.97
C7 BCR BD . -32.18 10.10 24.49
C8 BCR BD . -31.09 10.50 25.15
C9 BCR BD . -29.93 10.27 24.67
C10 BCR BD . -28.91 10.56 25.34
C11 BCR BD . -27.79 10.91 25.26
C33 BCR BD . -33.75 12.51 23.89
C31 BCR BD . -34.90 8.43 24.14
C32 BCR BD . -33.55 8.15 26.20
C34 BCR BD . -29.73 9.69 23.30
C12 BCR BD . -26.59 11.27 25.26
C13 BCR BD . -25.23 11.48 24.77
C14 BCR BD . -24.37 12.04 25.62
C15 BCR BD . -22.96 12.34 25.35
C16 BCR BD . -21.83 12.84 25.80
C17 BCR BD . -20.70 13.22 25.94
C18 BCR BD . -19.70 13.79 26.61
C19 BCR BD . -18.34 13.93 26.07
C20 BCR BD . -17.06 14.08 26.39
C21 BCR BD . -15.88 14.20 26.36
C22 BCR BD . -14.67 14.53 26.83
C23 BCR BD . -13.45 14.32 26.03
C24 BCR BD . -12.26 14.60 26.57
C25 BCR BD . -10.96 14.40 25.87
C26 BCR BD . -10.36 13.22 25.93
C27 BCR BD . -9.22 12.82 25.00
C28 BCR BD . -8.82 13.95 24.06
C29 BCR BD . -8.89 15.27 24.80
C30 BCR BD . -10.32 15.58 25.18
C35 BCR BD . -24.80 11.07 23.39
C36 BCR BD . -19.96 14.33 27.98
C37 BCR BD . -14.59 15.13 28.21
C38 BCR BD . -10.77 12.21 26.95
C39 BCR BD . -11.10 15.93 23.91
C40 BCR BD . -10.33 16.74 26.15
O6 SQD CD . -36.11 -29.45 38.97
C44 SQD CD . -35.19 -28.87 39.91
C45 SQD CD . -34.17 -28.02 39.17
C46 SQD CD . -33.02 -27.61 40.06
O47 SQD CD . -33.65 -28.80 38.06
C7 SQD CD . -32.63 -29.64 38.30
O49 SQD CD . -32.76 -30.67 38.89
C8 SQD CD . -31.32 -29.13 37.74
C9 SQD CD . -30.15 -29.44 38.63
C10 SQD CD . -28.97 -28.51 38.38
C11 SQD CD . -28.78 -27.45 39.44
C12 SQD CD . -27.39 -27.39 40.02
C13 SQD CD . -26.38 -26.69 39.14
C14 SQD CD . -25.12 -26.28 39.86
C15 SQD CD . -24.03 -25.78 38.94
C16 SQD CD . -23.46 -24.43 39.33
C17 SQD CD . -23.23 -24.26 40.81
C18 SQD CD . -21.78 -24.19 41.20
C19 SQD CD . -21.47 -24.82 42.54
C20 SQD CD . -20.77 -23.90 43.51
O48 SQD CD . -33.55 -27.23 41.35
C23 SQD CD . -33.41 -28.11 42.33
O10 SQD CD . -34.23 -28.96 42.57
C24 SQD CD . -32.11 -27.92 43.07
C25 SQD CD . -32.29 -27.28 44.41
C26 SQD CD . -31.87 -28.19 45.55
C27 SQD CD . -31.62 -27.48 46.86
C28 SQD CD . -30.18 -27.53 47.32
C29 SQD CD . -29.19 -26.99 46.32
C30 SQD CD . -27.84 -27.65 46.35
C31 SQD CD . -27.47 -28.24 47.70
C32 SQD CD . -27.30 -27.22 48.79
C33 SQD CD . -28.48 -27.10 49.72
C34 SQD CD . -28.13 -26.65 51.11
C35 SQD CD . -27.73 -27.77 52.05
C36 SQD CD . -26.28 -28.21 51.91
C37 SQD CD . -25.31 -27.07 51.69
C38 SQD CD . -24.10 -27.15 52.58
C1 SQD CD . -36.98 -30.39 39.54
C2 SQD CD . -37.76 -31.07 38.42
O2 SQD CD . -38.55 -30.11 37.72
C3 SQD CD . -38.64 -32.16 39.00
O3 SQD CD . -39.27 -32.88 37.93
C4 SQD CD . -37.81 -33.12 39.84
O4 SQD CD . -38.67 -34.06 40.50
C5 SQD CD . -37.02 -32.34 40.90
C6 SQD CD . -36.10 -33.22 41.73
O5 SQD CD . -36.22 -31.34 40.25
S SQD CD . -34.41 -33.30 41.21
O7 SQD CD . -33.74 -34.28 42.00
O8 SQD CD . -34.54 -33.82 39.75
O9 SQD CD . -33.88 -31.97 41.20
C2 PL9 DD . -27.42 -33.69 27.60
C3 PL9 DD . -27.59 -32.64 26.74
C4 PL9 DD . -28.73 -32.54 25.91
C5 PL9 DD . -29.74 -33.56 26.03
C6 PL9 DD . -29.55 -34.62 26.90
C1 PL9 DD . -28.36 -34.70 27.71
C7 PL9 DD . -26.57 -31.68 26.68
C8 PL9 DD . -26.27 -31.10 27.94
C9 PL9 DD . -25.06 -30.93 28.39
C10 PL9 DD . -24.64 -29.63 28.75
C11 PL9 DD . -24.47 -32.04 29.13
C12 PL9 DD . -24.74 -31.88 30.62
C13 PL9 DD . -24.55 -33.23 31.22
C14 PL9 DD . -23.61 -33.49 32.12
C15 PL9 DD . -23.91 -33.50 33.56
C16 PL9 DD . -22.16 -33.50 31.78
C52 PL9 DD . -30.93 -33.46 25.18
C53 PL9 DD . -30.49 -35.66 27.05
O1 PL9 DD . -28.82 -31.58 25.17
O2 PL9 DD . -28.11 -35.61 28.52
C BCT ED . -32.76 -26.94 23.05
O1 BCT ED . -31.95 -27.07 23.89
O2 BCT ED . -33.92 -27.33 22.98
O3 BCT ED . -32.57 -25.70 22.41
O1 LHG FD . -41.26 -22.23 42.88
C1 LHG FD . -40.25 -22.30 41.88
C2 LHG FD . -39.96 -20.92 41.30
O2 LHG FD . -41.19 -20.25 41.05
C3 LHG FD . -39.20 -21.12 40.01
O3 LHG FD . -40.07 -21.63 39.00
P LHG FD . -39.46 -22.12 37.62
O4 LHG FD . -40.01 -23.50 37.45
O5 LHG FD . -39.55 -21.12 36.51
O6 LHG FD . -37.93 -22.26 38.02
C4 LHG FD . -36.89 -22.01 37.08
C5 LHG FD . -35.61 -21.84 37.84
C6 LHG FD . -34.87 -20.58 37.44
O7 LHG FD . -35.95 -21.64 39.20
C7 LHG FD . -35.05 -22.42 40.02
O9 LHG FD . -34.71 -23.50 39.62
C8 LHG FD . -34.60 -21.90 41.35
C9 LHG FD . -34.62 -23.05 42.33
C10 LHG FD . -33.24 -23.49 42.75
O8 LHG FD . -35.25 -20.12 36.18
C23 LHG FD . -34.38 -19.20 35.49
O10 LHG FD . -34.89 -18.34 34.81
C24 LHG FD . -32.88 -19.27 35.60
C11 LHG FD . -33.34 -24.05 44.16
C12 LHG FD . -33.16 -22.91 45.14
C13 LHG FD . -32.80 -23.44 46.53
C25 LHG FD . -32.40 -17.90 36.06
C26 LHG FD . -31.27 -17.38 35.20
C27 LHG FD . -29.90 -17.91 35.63
C28 LHG FD . -29.74 -17.93 37.13
C29 LHG FD . -29.41 -19.31 37.66
C30 LHG FD . -30.12 -19.54 38.98
C31 LHG FD . -29.18 -20.10 40.03
C32 LHG FD . -29.59 -19.67 41.43
C33 LHG FD . -29.35 -20.79 42.43
C34 LHG FD . -30.44 -20.84 43.49
C35 LHG FD . -30.08 -20.01 44.71
MG CLA GD . 17.29 -54.89 8.83
CHA CLA GD . 20.13 -56.70 7.95
CHB CLA GD . 16.20 -55.36 5.61
CHC CLA GD . 14.48 -53.29 9.75
CHD CLA GD . 18.56 -54.46 12.14
NA CLA GD . 18.03 -55.91 6.99
C1A CLA GD . 19.13 -56.56 6.84
C2A CLA GD . 19.32 -57.11 5.45
C3A CLA GD . 18.07 -56.63 4.73
C4A CLA GD . 17.37 -55.94 5.85
CMA CLA GD . 18.24 -55.95 3.38
CAA CLA GD . 19.35 -58.66 5.41
CBA CLA GD . 17.98 -59.34 5.60
CGA CLA GD . 17.93 -60.09 6.91
O1A CLA GD . 18.32 -59.65 7.99
O2A CLA GD . 17.44 -61.30 7.04
NB CLA GD . 15.57 -54.42 7.82
C1B CLA GD . 15.31 -54.62 6.52
C2B CLA GD . 14.03 -54.01 6.07
C3B CLA GD . 13.54 -53.41 7.29
C4B CLA GD . 14.55 -53.70 8.34
CMB CLA GD . 13.41 -54.03 4.70
CAB CLA GD . 12.28 -52.64 7.43
CBB CLA GD . 11.34 -52.97 8.25
NC CLA GD . 16.61 -54.04 10.67
C1C CLA GD . 15.47 -53.39 10.83
C2C CLA GD . 15.24 -52.76 12.14
C3C CLA GD . 16.47 -53.12 12.85
C4C CLA GD . 17.23 -53.90 11.85
CMC CLA GD . 14.06 -51.95 12.62
CAC CLA GD . 16.87 -52.79 14.27
CBC CLA GD . 17.89 -51.67 14.35
ND CLA GD . 18.88 -55.39 9.92
C1D CLA GD . 19.34 -55.21 11.16
C2D CLA GD . 20.69 -55.80 11.43
C3D CLA GD . 20.95 -56.37 10.10
C4D CLA GD . 19.90 -56.12 9.30
CMD CLA GD . 21.65 -55.89 12.58
CAD CLA GD . 21.98 -57.15 9.37
OBD CLA GD . 23.04 -57.67 9.88
CBD CLA GD . 21.50 -57.34 7.97
CGD CLA GD . 22.46 -56.67 7.02
O1D CLA GD . 22.54 -57.03 5.86
O2D CLA GD . 23.32 -55.57 7.44
CED CLA GD . 23.82 -54.69 6.43
MG CLA HD . 12.18 -47.09 7.07
CHA CLA HD . 11.41 -44.09 8.71
CHB CLA HD . 15.47 -46.50 7.88
CHC CLA HD . 12.89 -49.94 5.44
CHD CLA HD . 8.70 -47.51 6.30
NA CLA HD . 13.33 -45.50 8.15
C1A CLA HD . 12.86 -44.45 8.71
C2A CLA HD . 13.89 -43.58 9.37
C3A CLA HD . 15.18 -44.36 9.08
C4A CLA HD . 14.63 -45.54 8.31
CMA CLA HD . 16.42 -43.65 8.59
CAA CLA HD . 13.65 -43.50 10.86
CBA CLA HD . 14.58 -42.48 11.51
CGA CLA HD . 13.78 -41.25 11.86
O1A CLA HD . 14.02 -40.12 11.49
O2A CLA HD . 12.72 -41.28 12.65
NB CLA HD . 13.95 -48.07 6.71
C1B CLA HD . 15.18 -47.73 7.12
C2B CLA HD . 16.24 -48.70 6.72
C3B CLA HD . 15.44 -49.70 6.00
C4B CLA HD . 14.04 -49.23 6.05
CMB CLA HD . 17.73 -48.68 6.98
CAB CLA HD . 15.90 -50.95 5.35
CBB CLA HD . 16.25 -51.97 6.10
NC CLA HD . 10.97 -48.51 6.04
C1C CLA HD . 11.45 -49.61 5.46
C2C CLA HD . 10.45 -50.48 4.80
C3C CLA HD . 9.21 -49.75 5.08
C4C CLA HD . 9.63 -48.56 5.83
CMC CLA HD . 10.66 -51.78 4.07
CAC CLA HD . 7.80 -50.14 4.68
CBC CLA HD . 6.95 -50.22 5.91
ND CLA HD . 10.42 -46.15 7.34
C1D CLA HD . 9.12 -46.34 7.07
C2D CLA HD . 8.20 -45.28 7.59
C3D CLA HD . 9.19 -44.41 8.24
C4D CLA HD . 10.41 -44.96 8.06
CMD CLA HD . 6.73 -44.95 7.61
CAD CLA HD . 9.28 -43.16 9.01
OBD CLA HD . 8.29 -42.42 9.38
CBD CLA HD . 10.73 -42.89 9.33
CGD CLA HD . 11.15 -41.64 8.63
O1D CLA HD . 11.58 -41.67 7.49
O2D CLA HD . 11.05 -40.36 9.31
CED CLA HD . 11.26 -39.14 8.60
C1 CLA HD . 11.34 -40.61 12.17
C2 CLA HD . 10.02 -41.26 12.47
C3 CLA HD . 9.87 -42.08 13.53
C4 CLA HD . 11.01 -42.36 14.44
C5 CLA HD . 8.51 -42.71 13.79
C6 CLA HD . 7.53 -41.61 14.16
C7 CLA HD . 6.13 -42.18 14.37
C8 CLA HD . 5.36 -41.38 15.42
C9 CLA HD . 5.92 -41.61 16.82
C10 CLA HD . 3.89 -41.75 15.35
C11 CLA HD . 3.07 -40.92 16.34
C12 CLA HD . 3.17 -39.44 16.01
C13 CLA HD . 1.80 -38.85 15.73
C14 CLA HD . 1.25 -39.37 14.41
C15 CLA HD . 1.89 -37.33 15.71
C16 CLA HD . 2.32 -36.80 17.08
C17 CLA HD . 1.30 -35.81 17.63
C18 CLA HD . 1.80 -35.18 18.93
C19 CLA HD . 1.45 -36.07 20.12
C20 CLA HD . 3.29 -34.91 18.87
MG CLA ID . 10.11 -39.42 0.97
CHA CLA ID . 12.50 -36.91 1.28
CHB CLA ID . 10.27 -39.75 4.39
CHC CLA ID . 7.81 -41.85 0.64
CHD CLA ID . 10.09 -38.93 -2.58
NA CLA ID . 11.23 -38.46 2.65
C1A CLA ID . 12.10 -37.53 2.56
C2A CLA ID . 12.68 -37.08 3.88
C3A CLA ID . 11.95 -38.01 4.85
C4A CLA ID . 11.09 -38.80 3.91
CMA CLA ID . 12.73 -38.72 5.95
CAA CLA ID . 12.28 -35.64 4.13
CBA CLA ID . 10.78 -35.52 4.31
CGA CLA ID . 10.43 -35.76 5.77
O1A CLA ID . 11.24 -35.72 6.68
O2A CLA ID . 9.22 -36.04 6.21
NB CLA ID . 9.18 -40.64 2.34
C1B CLA ID . 9.33 -40.64 3.67
C2B CLA ID . 8.49 -41.65 4.37
C3B CLA ID . 7.78 -42.25 3.24
C4B CLA ID . 8.26 -41.56 2.01
CMB CLA ID . 8.38 -41.97 5.83
CAB CLA ID . 6.76 -43.33 3.26
CBB CLA ID . 5.77 -43.28 4.11
NC CLA ID . 9.11 -40.26 -0.73
C1C CLA ID . 8.21 -41.23 -0.65
C2C CLA ID . 7.61 -41.67 -1.94
C3C CLA ID . 8.30 -40.80 -2.88
C4C CLA ID . 9.19 -39.96 -2.05
CMC CLA ID . 6.58 -42.74 -2.19
CAC CLA ID . 8.14 -40.75 -4.38
CBC CLA ID . 7.84 -39.32 -4.80
ND CLA ID . 10.99 -38.28 -0.43
C1D CLA ID . 10.97 -38.10 -1.75
C2D CLA ID . 11.87 -37.02 -2.27
C3D CLA ID . 12.46 -36.58 -1.00
C4D CLA ID . 11.92 -37.33 -0.01
CMD CLA ID . 12.26 -36.39 -3.58
CAD CLA ID . 13.43 -35.61 -0.45
OBD CLA ID . 14.00 -34.67 -1.12
CBD CLA ID . 13.48 -35.78 1.04
CGD CLA ID . 14.85 -36.19 1.47
O1D CLA ID . 15.41 -35.63 2.40
O2D CLA ID . 15.55 -37.27 0.78
CED CLA ID . 16.97 -37.20 0.63
C1 CLA ID . 8.64 -37.52 6.11
C2 CLA ID . 7.53 -37.86 5.14
C3 CLA ID . 6.36 -38.33 5.58
C4 CLA ID . 5.27 -38.65 4.60
C5 CLA ID . 6.12 -38.54 7.06
C6 CLA ID . 4.79 -39.24 7.26
C7 CLA ID . 4.96 -40.75 7.35
C8 CLA ID . 3.65 -41.45 7.66
C9 CLA ID . 2.60 -41.12 6.60
C10 CLA ID . 3.17 -41.05 9.04
CAA F6C JD . 9.56 -30.47 0.76
CAB F6C JD . 1.98 -24.69 1.98
CAC F6C JD . -0.20 -31.59 5.57
CAD F6C JD . 7.76 -33.55 4.12
NA F6C JD . 6.81 -29.22 2.57
CBA F6C JD . 8.56 -31.40 0.11
CBB F6C JD . 2.02 -23.50 1.40
CBC F6C JD . -0.43 -31.32 7.00
CBD F6C JD . 8.58 -32.48 3.54
NB F6C JD . 4.31 -27.56 2.61
OBD F6C JD . 8.14 -34.74 4.38
CGA F6C JD . 9.20 -32.74 -0.08
CGD F6C JD . 9.79 -32.16 4.34
ND F6C JD . 5.10 -31.18 4.21
CED F6C JD . 11.04 -31.66 6.39
CHA F6C JD . 7.61 -31.33 3.40
CHB F6C JD . 6.48 -27.11 1.57
CHC F6C JD . 1.98 -27.50 3.44
CHD F6C JD . 3.00 -31.96 5.14
CMA F6C JD . 9.40 -27.03 1.29
CMB F6C JD . 5.15 -24.45 0.68
CMC F6C JD . -0.77 -28.55 4.43
CMD F6C JD . 5.00 -34.81 5.38
OMB F6C JD . 5.31 -24.66 -0.50
C1 F6C JD . 9.11 -35.12 -0.97
C1A F6C JD . 7.76 -30.05 2.63
C1B F6C JD . 5.11 -26.77 1.92
C1C F6C JD . 1.81 -28.83 4.04
C1D F6C JD . 4.39 -32.17 4.76
O1A F6C JD . 10.11 -33.20 0.57
O1D F6C JD . 10.85 -32.12 3.77
C2 F6C JD . 8.67 -36.02 0.16
C2A F6C JD . 9.02 -29.62 1.91
C2B F6C JD . 4.48 -25.52 1.49
C2C F6C JD . 0.52 -29.28 4.51
C2D F6C JD . 5.16 -33.42 4.92
O2A F6C JD . 8.83 -33.57 -1.03
O2D F6C JD . 9.80 -31.90 5.75
C3 F6C JD . 7.61 -36.81 -0.04
C3A F6C JD . 8.57 -28.29 1.33
C3B F6C JD . 3.14 -25.62 2.05
C3C F6C JD . 0.80 -30.61 5.00
C3D F6C JD . 6.43 -33.00 4.37
C4 F6C JD . 6.89 -36.78 -1.36
C4A F6C JD . 7.19 -28.20 1.86
C4B F6C JD . 3.13 -26.94 2.72
C4C F6C JD . 2.24 -30.77 4.77
C4D F6C JD . 6.34 -31.74 3.99
C5 F6C JD . 7.12 -37.74 1.05
C6 F6C JD . 5.62 -37.94 0.92
C7 F6C JD . 5.25 -39.40 0.74
C8 F6C JD . 3.75 -39.65 0.74
C9 F6C JD . 3.09 -39.05 1.98
C10 F6C JD . 3.51 -41.15 0.64
C11 F6C JD . 3.73 -41.62 -0.80
C12 F6C JD . 2.97 -42.91 -1.07
C13 F6C JD . 3.73 -44.11 -0.52
C14 F6C JD . 4.13 -45.09 -1.61
C15 F6C JD . 2.88 -44.86 0.49
NC F6C JD . 2.81 -29.70 4.19
MG F6C JD . 4.76 -29.38 3.44
C16 F6C JD . 3.72 -45.30 1.67
C17 F6C JD . 3.06 -44.87 2.97
C18 F6C JD . 3.09 -45.95 4.05
C19 F6C JD . 4.38 -46.77 4.06
C20 F6C JD . 2.83 -45.33 5.42
MG CLA KD . 8.30 -29.86 -7.24
CHA CLA KD . 9.57 -28.19 -4.48
CHB CLA KD . 11.47 -31.06 -7.79
CHC CLA KD . 7.03 -31.51 -9.76
CHD CLA KD . 5.08 -28.50 -6.54
NA CLA KD . 10.30 -29.68 -6.25
C1A CLA KD . 10.59 -28.99 -5.22
C2A CLA KD . 12.06 -29.01 -4.90
C3A CLA KD . 12.61 -29.86 -6.00
C4A CLA KD . 11.39 -30.24 -6.74
CMA CLA KD . 13.69 -29.18 -6.80
CAA CLA KD . 12.53 -29.69 -3.61
CBA CLA KD . 11.52 -30.30 -2.66
CGA CLA KD . 11.00 -31.59 -3.24
O1A CLA KD . 11.71 -32.38 -3.80
O2A CLA KD . 9.76 -31.99 -3.16
NB CLA KD . 9.17 -31.14 -8.59
C1B CLA KD . 10.43 -31.55 -8.71
C2B CLA KD . 10.64 -32.48 -9.86
C3B CLA KD . 9.29 -32.58 -10.42
C4B CLA KD . 8.46 -31.71 -9.57
CMB CLA KD . 11.91 -33.16 -10.31
CAB CLA KD . 8.70 -33.33 -11.57
CBB CLA KD . 9.34 -34.00 -12.48
NC CLA KD . 6.34 -29.94 -8.04
C1C CLA KD . 6.03 -30.76 -9.01
C2C CLA KD . 4.63 -30.88 -9.33
C3C CLA KD . 4.01 -29.98 -8.37
C4C CLA KD . 5.18 -29.44 -7.65
CMC CLA KD . 4.06 -31.82 -10.34
CAC CLA KD . 2.55 -29.67 -8.18
CBC CLA KD . 1.97 -30.26 -6.92
ND CLA KD . 7.41 -28.68 -5.91
C1D CLA KD . 6.20 -28.18 -5.68
C2D CLA KD . 6.10 -27.27 -4.52
C3D CLA KD . 7.49 -27.33 -4.09
C4D CLA KD . 8.16 -28.13 -4.90
CMD CLA KD . 5.04 -26.46 -3.86
CAD CLA KD . 8.35 -26.78 -3.04
OBD CLA KD . 7.91 -26.42 -1.90
CBD CLA KD . 9.73 -27.29 -3.28
CGD CLA KD . 10.62 -26.16 -3.66
O1D CLA KD . 11.54 -25.84 -2.95
O2D CLA KD . 10.38 -25.46 -4.90
CED CLA KD . 11.40 -24.78 -5.58
C1 CLA KD . 8.79 -32.04 -4.44
C2 CLA KD . 7.29 -31.94 -4.33
C3 CLA KD . 6.52 -32.94 -4.79
C4 CLA KD . 5.02 -32.87 -4.69
C5 CLA KD . 7.15 -34.17 -5.39
C6 CLA KD . 6.66 -34.35 -6.81
C7 CLA KD . 7.78 -34.80 -7.73
C8 CLA KD . 7.24 -35.72 -8.81
C9 CLA KD . 6.28 -34.95 -9.71
C10 CLA KD . 6.48 -36.85 -8.13
C11 CLA KD . 6.40 -38.20 -8.87
C12 CLA KD . 5.72 -38.37 -10.23
C13 CLA KD . 4.19 -38.25 -10.32
C14 CLA KD . 3.42 -38.31 -9.00
C15 CLA KD . 3.66 -39.36 -11.21
C16 CLA KD . 3.60 -38.98 -12.68
C17 CLA KD . 3.25 -40.26 -13.42
C18 CLA KD . 2.96 -40.07 -14.90
C19 CLA KD . 3.98 -39.15 -15.56
C20 CLA KD . 2.95 -41.44 -15.57
MG CLA LD . 15.79 -36.43 -9.64
CHA CLA LD . 18.00 -33.98 -10.79
CHB CLA LD . 14.28 -33.95 -7.79
CHC CLA LD . 13.66 -38.80 -8.57
CHD CLA LD . 17.49 -38.86 -11.65
NA CLA LD . 16.08 -34.23 -9.31
C1A CLA LD . 16.97 -33.48 -9.83
C2A CLA LD . 16.92 -32.04 -9.41
C3A CLA LD . 15.72 -32.06 -8.45
C4A CLA LD . 15.33 -33.50 -8.51
CMA CLA LD . 15.81 -31.34 -7.12
CAA CLA LD . 16.62 -31.17 -10.63
CBA CLA LD . 15.39 -31.68 -11.37
CGA CLA LD . 14.24 -30.74 -11.13
O1A CLA LD . 13.90 -30.31 -10.03
O2A CLA LD . 13.45 -30.27 -12.08
NB CLA LD . 14.18 -36.36 -8.35
C1B CLA LD . 13.71 -35.31 -7.68
C2B CLA LD . 12.53 -35.62 -6.83
C3B CLA LD . 12.37 -37.06 -7.08
C4B CLA LD . 13.44 -37.43 -8.04
CMB CLA LD . 11.71 -34.72 -5.94
CAB CLA LD . 11.36 -37.99 -6.53
CBB CLA LD . 10.14 -37.57 -6.28
NC CLA LD . 15.61 -38.51 -10.06
C1C CLA LD . 14.68 -39.30 -9.51
C2C CLA LD . 14.72 -40.72 -9.92
C3C CLA LD . 15.86 -40.73 -10.84
C4C CLA LD . 16.34 -39.33 -10.85
CMC CLA LD . 13.82 -41.86 -9.50
CAC CLA LD . 16.43 -41.91 -11.59
CBC CLA LD . 16.16 -41.73 -13.07
ND CLA LD . 17.32 -36.55 -10.92
C1D CLA LD . 17.95 -37.48 -11.66
C2D CLA LD . 19.12 -36.96 -12.46
C3D CLA LD . 19.07 -35.56 -12.06
C4D CLA LD . 18.06 -35.39 -11.20
CMD CLA LD . 20.15 -37.49 -13.42
CAD CLA LD . 19.78 -34.28 -12.28
OBD CLA LD . 20.76 -34.10 -13.08
CBD CLA LD . 19.10 -33.22 -11.48
CGD CLA LD . 20.07 -32.68 -10.45
O1D CLA LD . 20.98 -33.36 -10.04
O2D CLA LD . 19.92 -31.32 -9.96
CED CLA LD . 21.02 -30.42 -10.00
C1 CLA LD . 11.87 -30.15 -11.84
C2 CLA LD . 10.89 -30.49 -12.93
C3 CLA LD . 9.67 -29.94 -12.95
C4 CLA LD . 9.26 -28.99 -11.87
C5 CLA LD . 8.71 -30.29 -14.07
C6 CLA LD . 8.75 -29.20 -15.13
C7 CLA LD . 9.28 -29.76 -16.46
C8 CLA LD . 8.28 -29.52 -17.59
C9 CLA LD . 8.58 -30.39 -18.79
C10 CLA LD . 8.30 -28.04 -17.96
CAA F6C MD . 10.36 -15.56 7.24
CAB F6C MD . 5.24 -22.91 3.88
CAC F6C MD . 2.85 -16.45 -0.51
CAD F6C MD . 9.23 -12.82 3.52
NA F6C MD . 8.76 -17.36 4.82
CBA F6C MD . 9.02 -14.82 7.23
CBB F6C MD . 4.89 -23.71 4.86
CBC F6C MD . 2.31 -15.21 0.16
CBD F6C MD . 9.95 -13.71 4.49
NB F6C MD . 6.86 -19.56 4.01
OBD F6C MD . 9.57 -11.62 3.20
CGA F6C MD . 8.19 -15.25 8.41
CGD F6C MD . 11.37 -13.87 4.07
ND F6C MD . 7.13 -15.68 2.82
CED F6C MD . 13.08 -13.93 2.25
CHA F6C MD . 9.21 -15.02 4.34
CHB F6C MD . 8.75 -19.60 5.64
CHC F6C MD . 4.92 -20.04 2.53
CHD F6C MD . 5.36 -15.34 1.18
CMA F6C MD . 11.62 -18.85 6.51
CMB F6C MD . 7.80 -22.69 5.99
CMC F6C MD . 2.55 -19.65 0.40
CMD F6C MD . 6.78 -12.16 1.20
OMB F6C MD . 8.99 -22.67 6.27
C1 F6C MD . 5.91 -16.22 8.92
C1A F6C MD . 9.46 -16.31 5.03
C1B F6C MD . 7.62 -20.21 4.90
C1C F6C MD . 4.66 -18.76 1.85
C1D F6C MD . 6.49 -14.86 1.97
O1A F6C MD . 8.12 -14.65 9.46
O1D F6C MD . 12.22 -14.20 4.87
C2 F6C MD . 5.47 -15.12 9.85
C2A F6C MD . 10.57 -16.47 6.03
C2B F6C MD . 7.21 -21.64 5.10
C2C F6C MD . 3.56 -18.62 0.87
C2D F6C MD . 7.05 -13.46 1.91
O2A F6C MD . 7.42 -16.33 8.41
O2D F6C MD . 11.76 -13.64 2.68
C3 F6C MD . 4.20 -15.07 10.29
C3A F6C MD . 10.40 -17.94 6.42
C3B F6C MD . 6.09 -21.73 4.17
C3C F6C MD . 3.69 -17.22 0.47
C3D F6C MD . 8.13 -13.60 2.89
C4 F6C MD . 3.78 -13.96 11.22
C4A F6C MD . 9.23 -18.33 5.58
C4B F6C MD . 5.94 -20.39 3.54
C4C F6C MD . 4.85 -16.73 1.26
C4D F6C MD . 8.12 -14.86 3.35
C5 F6C MD . 3.19 -16.09 9.85
C6 F6C MD . 1.90 -15.41 9.44
C7 F6C MD . 0.90 -15.36 10.59
C8 F6C MD . -0.43 -15.99 10.19
C9 F6C MD . -0.67 -15.84 8.69
C10 F6C MD . -1.56 -15.35 10.99
C11 F6C MD . -2.59 -16.39 11.42
C12 F6C MD . -3.95 -15.75 11.66
C13 F6C MD . -5.03 -16.81 11.81
C14 F6C MD . -5.94 -16.83 10.60
C15 F6C MD . -5.82 -16.55 13.09
NC F6C MD . 5.39 -17.67 2.06
MG F6C MD . 7.03 -17.59 3.43
MG CLA ND . -7.94 -42.23 12.39
CHA CLA ND . -9.89 -43.70 9.90
CHB CLA ND . -10.82 -41.43 13.98
CHC CLA ND . -6.04 -40.75 14.78
CHD CLA ND . -5.03 -43.09 10.65
NA CLA ND . -10.13 -42.52 12.03
C1A CLA ND . -10.69 -43.09 11.03
C2A CLA ND . -12.19 -43.02 11.08
C3A CLA ND . -12.43 -42.25 12.37
C4A CLA ND . -11.05 -42.04 12.83
CMA CLA ND . -13.31 -41.03 12.30
CAA CLA ND . -12.83 -44.41 11.08
CBA CLA ND . -13.77 -44.75 12.22
CGA CLA ND . -13.04 -45.59 13.23
O1A CLA ND . -13.47 -46.63 13.71
O2A CLA ND . -11.88 -45.25 13.73
NB CLA ND . -8.38 -41.23 14.12
C1B CLA ND . -9.58 -41.06 14.64
C2B CLA ND . -9.57 -40.40 15.96
C3B CLA ND . -8.14 -40.20 16.19
C4B CLA ND . -7.49 -40.74 14.99
CMB CLA ND . -10.78 -40.10 16.76
CAB CLA ND . -7.42 -39.59 17.33
CBB CLA ND . -7.92 -38.64 18.07
NC CLA ND . -5.85 -42.05 12.72
C1C CLA ND . -5.27 -41.37 13.70
C2C CLA ND . -3.79 -41.29 13.64
C3C CLA ND . -3.50 -42.04 12.43
C4C CLA ND . -4.83 -42.44 11.95
CMC CLA ND . -2.84 -40.61 14.59
CAC CLA ND . -2.16 -42.33 11.82
CBC CLA ND . -1.88 -41.42 10.65
ND CLA ND . -7.43 -43.18 10.73
C1D CLA ND . -6.32 -43.42 10.07
C2D CLA ND . -6.48 -44.03 8.74
C3D CLA ND . -7.94 -44.12 8.72
C4D CLA ND . -8.42 -43.63 9.87
CMD CLA ND . -5.57 -44.47 7.65
CAD CLA ND . -9.04 -44.58 7.87
OBD CLA ND . -8.96 -44.84 6.62
CBD CLA ND . -10.30 -44.44 8.63
CGD CLA ND . -11.27 -43.61 7.85
O1D CLA ND . -11.06 -42.44 7.66
O2D CLA ND . -12.48 -44.19 7.29
CED CLA ND . -12.90 -43.75 6.01
C1 CLA ND . -10.52 -45.98 13.31
C2 CLA ND . -9.23 -45.29 13.66
C3 CLA ND . -8.09 -45.97 13.87
C4 CLA ND . -8.06 -47.47 13.76
C5 CLA ND . -6.86 -45.19 14.22
C6 CLA ND . -6.70 -45.27 15.73
C7 CLA ND . -5.91 -44.08 16.25
C8 CLA ND . -4.54 -44.51 16.75
C9 CLA ND . -4.69 -45.31 18.03
C10 CLA ND . -3.71 -43.26 17.01
MG CLA OD . -2.40 -53.21 1.52
CHA CLA OD . -5.66 -54.20 2.12
CHB CLA OD . -3.50 -49.95 1.70
CHC CLA OD . 0.82 -52.24 1.01
CHD CLA OD . -1.39 -56.56 1.32
NA CLA OD . -4.33 -52.17 1.91
C1A CLA OD . -5.48 -52.72 2.09
C2A CLA OD . -6.63 -51.75 2.14
C3A CLA OD . -5.88 -50.43 1.97
C4A CLA OD . -4.48 -50.87 1.88
CMA CLA OD . -6.38 -49.60 0.82
CAA CLA OD . -7.46 -51.65 3.41
CBA CLA OD . -6.55 -51.63 4.61
CGA CLA OD . -7.26 -51.11 5.82
O1A CLA OD . -7.88 -50.07 5.84
O2A CLA OD . -7.31 -51.70 6.99
NB CLA OD . -1.48 -51.35 1.40
C1B CLA OD . -2.05 -50.15 1.51
C2B CLA OD . -1.07 -49.02 1.35
C3B CLA OD . 0.16 -49.77 1.13
C4B CLA OD . -0.18 -51.19 1.17
CMB CLA OD . -1.29 -47.54 1.42
CAB CLA OD . 1.54 -49.28 0.92
CBB CLA OD . 2.15 -48.57 1.83
NC CLA OD . -0.56 -54.24 1.25
C1C CLA OD . 0.61 -53.69 0.99
C2C CLA OD . 1.72 -54.61 0.68
C3C CLA OD . 1.04 -55.89 0.80
C4C CLA OD . -0.34 -55.55 1.14
CMC CLA OD . 3.16 -54.31 0.36
CAC CLA OD . 1.57 -57.27 0.59
CBC CLA OD . 1.36 -57.64 -0.86
ND CLA OD . -3.19 -55.01 1.62
C1D CLA OD . -2.78 -56.27 1.61
C2D CLA OD . -3.81 -57.27 1.89
C3D CLA OD . -4.96 -56.39 2.10
C4D CLA OD . -4.54 -55.13 1.93
CMD CLA OD . -3.85 -58.76 2.01
CAD CLA OD . -6.41 -56.40 2.40
OBD CLA OD . -7.13 -57.45 2.28
CBD CLA OD . -6.92 -55.02 2.21
CGD CLA OD . -7.62 -54.93 0.89
O1D CLA OD . -8.53 -54.16 0.70
O2D CLA OD . -7.25 -55.78 -0.22
CED CLA OD . -7.36 -55.30 -1.55
MG CLA PD . -5.45 -44.71 0.24
CHA CLA PD . -3.81 -42.70 -2.03
CHB CLA PD . -2.93 -44.06 2.44
CHC CLA PD . -7.14 -46.52 2.50
CHD CLA PD . -7.96 -45.36 -2.15
NA CLA PD . -3.58 -43.50 0.25
C1A CLA PD . -3.11 -42.80 -0.68
C2A CLA PD . -1.84 -42.09 -0.32
C3A CLA PD . -1.58 -42.59 1.07
C4A CLA PD . -2.78 -43.43 1.28
CMA CLA PD . -0.21 -43.15 1.42
CAA CLA PD . -2.14 -40.62 -0.06
CBA CLA PD . -1.67 -39.63 -1.11
CGA CLA PD . -0.17 -39.39 -1.14
O1A CLA PD . 0.71 -40.17 -0.83
O2A CLA PD . 0.35 -38.29 -1.62
NB CLA PD . -5.09 -45.20 2.20
C1B CLA PD . -4.00 -44.93 2.90
C2B CLA PD . -3.97 -45.56 4.24
C3B CLA PD . -5.23 -46.29 4.26
C4B CLA PD . -5.85 -46.01 2.95
CMB CLA PD . -2.89 -45.45 5.28
CAB CLA PD . -5.72 -47.14 5.37
CBB CLA PD . -6.93 -47.14 5.86
NC CLA PD . -7.30 -45.71 0.19
C1C CLA PD . -7.80 -46.40 1.20
C2C CLA PD . -9.05 -47.09 0.96
C3C CLA PD . -9.33 -46.70 -0.41
C4C CLA PD . -8.18 -45.86 -0.78
CMC CLA PD . -9.83 -47.93 1.94
CAC CLA PD . -10.49 -47.06 -1.28
CBC CLA PD . -10.10 -48.34 -1.94
ND CLA PD . -5.92 -44.22 -1.64
C1D CLA PD . -6.86 -44.50 -2.54
C2D CLA PD . -6.65 -43.90 -3.88
C3D CLA PD . -5.41 -43.19 -3.60
C4D CLA PD . -5.05 -43.40 -2.34
CMD CLA PD . -7.33 -43.87 -5.22
CAD CLA PD . -4.43 -42.32 -4.26
OBD CLA PD . -4.48 -41.92 -5.47
CBD CLA PD . -3.40 -41.95 -3.26
CGD CLA PD . -2.05 -42.40 -3.71
O1D CLA PD . -1.18 -41.59 -3.92
O2D CLA PD . -1.72 -43.79 -3.88
CED CLA PD . -0.45 -44.21 -3.41
C1 CLA PD . 1.12 -38.49 -3.00
C2 CLA PD . 2.53 -38.03 -3.21
C3 CLA PD . 3.45 -38.77 -3.84
C4 CLA PD . 4.81 -38.20 -4.01
C5 CLA PD . 3.16 -40.17 -4.34
C6 CLA PD . 2.66 -40.19 -5.77
C7 CLA PD . 1.38 -41.00 -5.80
C8 CLA PD . 0.71 -41.16 -7.16
C9 CLA PD . 1.76 -41.37 -8.25
C10 CLA PD . -0.19 -39.98 -7.52
C11 CLA PD . -0.96 -39.38 -6.35
C12 CLA PD . -2.45 -39.49 -6.62
C13 CLA PD . -3.25 -38.25 -6.27
C14 CLA PD . -3.00 -37.82 -4.83
C15 CLA PD . -4.70 -38.61 -6.58
C16 CLA PD . -5.75 -38.17 -5.58
C17 CLA PD . -7.12 -38.41 -6.18
C18 CLA PD . -7.55 -39.86 -5.99
C19 CLA PD . -7.37 -40.27 -4.55
C20 CLA PD . -9.01 -40.06 -6.36
MG CLA QD . -12.07 -29.94 4.01
CHA CLA QD . -15.48 -29.40 3.67
CHB CLA QD . -12.01 -30.96 0.75
CHC CLA QD . -8.77 -30.44 4.39
CHD CLA QD . -12.25 -28.90 7.38
NA CLA QD . -13.54 -30.14 2.37
C1A CLA QD . -14.79 -29.90 2.42
C2A CLA QD . -15.50 -30.19 1.15
C3A CLA QD . -14.39 -30.73 0.28
C4A CLA QD . -13.23 -30.61 1.18
CMA CLA QD . -14.63 -32.09 -0.33
CAA CLA QD . -16.09 -28.90 0.58
CBA CLA QD . -15.03 -28.04 -0.02
CGA CLA QD . -14.96 -26.69 0.56
O1A CLA QD . -15.00 -26.50 1.73
O2A CLA QD . -14.81 -25.60 -0.14
NB CLA QD . -10.62 -30.59 2.76
C1B CLA QD . -10.75 -30.94 1.49
C2B CLA QD . -9.50 -31.35 0.85
C3B CLA QD . -8.52 -31.21 1.93
C4B CLA QD . -9.32 -30.73 3.07
CMB CLA QD . -9.39 -31.78 -0.54
CAB CLA QD . -7.06 -31.46 1.94
CBB CLA QD . -6.44 -32.29 1.14
NC CLA QD . -10.73 -29.64 5.62
C1C CLA QD . -9.44 -29.88 5.54
C2C CLA QD . -8.67 -29.52 6.70
C3C CLA QD . -9.67 -29.00 7.58
C4C CLA QD . -10.92 -29.13 6.82
CMC CLA QD . -7.22 -29.66 6.87
CAC CLA QD . -9.47 -28.46 8.96
CBC CLA QD . -8.88 -27.09 8.80
ND CLA QD . -13.44 -29.26 5.32
C1D CLA QD . -13.47 -28.91 6.59
C2D CLA QD . -14.81 -28.56 7.09
C3D CLA QD . -15.56 -28.76 5.87
C4D CLA QD . -14.73 -29.15 4.91
CMD CLA QD . -15.43 -28.10 8.37
CAD CLA QD . -16.94 -28.68 5.39
OBD CLA QD . -17.92 -28.18 6.03
CBD CLA QD . -16.94 -29.13 3.98
CGD CLA QD . -17.70 -30.39 3.80
O1D CLA QD . -17.72 -31.27 4.63
O2D CLA QD . -18.41 -30.62 2.57
CED CLA QD . -19.79 -30.84 2.58
C1 CLA QD . -15.14 -24.16 0.48
C2 CLA QD . -14.13 -23.19 1.02
C3 CLA QD . -14.18 -21.90 0.65
C4 CLA QD . -15.20 -21.44 -0.34
C5 CLA QD . -13.24 -20.85 1.15
C6 CLA QD . -12.33 -21.34 2.26
C7 CLA QD . -11.16 -20.37 2.36
C8 CLA QD . -10.08 -20.89 3.29
C9 CLA QD . -10.55 -20.88 4.73
C10 CLA QD . -8.83 -20.03 3.11
C11 CLA QD . -7.96 -20.59 1.99
C12 CLA QD . -6.50 -20.67 2.43
C13 CLA QD . -5.55 -20.93 1.28
C14 CLA QD . -5.92 -20.12 0.03
C15 CLA QD . -5.50 -22.41 0.97
C16 CLA QD . -4.08 -22.93 1.02
C17 CLA QD . -3.91 -23.88 2.17
C18 CLA QD . -2.44 -24.08 2.51
C19 CLA QD . -2.26 -24.19 4.01
C20 CLA QD . -1.95 -25.35 1.86
MG CLA RD . -9.18 -32.89 -3.58
CHA CLA RD . -6.37 -34.80 -2.83
CHB CLA RD . -7.09 -30.24 -4.13
CHC CLA RD . -11.92 -31.08 -4.29
CHD CLA RD . -11.22 -35.72 -3.01
NA CLA RD . -6.99 -32.53 -3.50
C1A CLA RD . -6.08 -33.38 -3.19
C2A CLA RD . -4.71 -32.80 -3.20
C3A CLA RD . -5.01 -31.38 -3.55
C4A CLA RD . -6.46 -31.36 -3.75
CMA CLA RD . -4.55 -30.51 -2.45
CAA CLA RD . -3.83 -33.35 -4.31
CBA CLA RD . -4.61 -33.44 -5.60
CGA CLA RD . -3.76 -33.97 -6.69
O1A CLA RD . -3.83 -35.10 -7.12
O2A CLA RD . -2.82 -33.30 -7.28
NB CLA RD . -9.44 -30.92 -4.13
C1B CLA RD . -8.52 -30.00 -4.35
C2B CLA RD . -9.06 -28.70 -4.79
C3B CLA RD . -10.49 -28.99 -4.81
C4B CLA RD . -10.63 -30.38 -4.39
CMB CLA RD . -8.27 -27.45 -5.11
CAB CLA RD . -11.67 -28.16 -5.17
CBB CLA RD . -11.64 -26.86 -5.28
NC CLA RD . -11.25 -33.36 -3.72
C1C CLA RD . -12.22 -32.48 -3.92
C2C CLA RD . -13.59 -33.00 -3.76
C3C CLA RD . -13.35 -34.39 -3.40
C4C CLA RD . -11.88 -34.48 -3.39
CMC CLA RD . -14.91 -32.33 -3.91
CAC CLA RD . -14.34 -35.48 -3.10
CBC CLA RD . -14.60 -35.59 -1.61
ND CLA RD . -8.99 -34.80 -3.04
C1D CLA RD . -9.78 -35.83 -2.87
C2D CLA RD . -9.13 -37.09 -2.52
C3D CLA RD . -7.75 -36.63 -2.50
C4D CLA RD . -7.75 -35.32 -2.81
CMD CLA RD . -9.59 -38.47 -2.23
CAD CLA RD . -6.38 -37.09 -2.27
OBD CLA RD . -6.02 -38.28 -1.99
CBD CLA RD . -5.46 -35.94 -2.42
CGD CLA RD . -4.82 -35.72 -1.08
O1D CLA RD . -3.94 -34.92 -0.96
O2D CLA RD . -5.21 -36.45 0.10
CED CLA RD . -5.49 -35.74 1.30
C1 CLA RD . -1.39 -33.99 -7.31
C2 CLA RD . -0.74 -34.55 -6.09
C3 CLA RD . 0.60 -34.57 -5.97
C4 CLA RD . 1.50 -34.06 -7.05
C5 CLA RD . 1.18 -35.14 -4.69
C6 CLA RD . 1.56 -33.99 -3.78
C7 CLA RD . 0.38 -33.55 -2.92
C8 CLA RD . 0.45 -32.10 -2.46
C9 CLA RD . -0.95 -31.62 -2.13
C10 CLA RD . 1.11 -31.22 -3.52
C11 CLA RD . 1.73 -29.97 -2.93
C12 CLA RD . 3.24 -30.10 -2.84
C13 CLA RD . 3.69 -30.01 -1.39
C14 CLA RD . 4.50 -28.77 -1.10
C15 CLA RD . 4.51 -31.24 -1.04
C16 CLA RD . 4.89 -31.20 0.42
C17 CLA RD . 4.00 -32.17 1.19
C18 CLA RD . 4.36 -33.63 0.97
C19 CLA RD . 5.85 -33.90 1.13
C20 CLA RD . 3.56 -34.50 1.91
CAA F6C SD . -8.46 -27.46 -1.50
CAB F6C SD . 0.27 -30.00 0.74
CAC F6C SD . 1.14 -23.14 -3.04
CAD F6C SD . -6.97 -22.84 -2.64
NA F6C SD . -5.37 -26.83 -0.65
CBA F6C SD . -9.66 -28.28 -1.13
CBB F6C SD . 0.55 -30.88 1.65
CBC F6C SD . 1.27 -22.13 -1.94
CBD F6C SD . -7.65 -24.07 -2.16
NB F6C SD . -2.59 -27.87 -0.26
OBD F6C SD . -7.47 -21.68 -2.72
CGA F6C SD . -10.76 -27.49 -0.49
CGD F6C SD . -8.67 -23.76 -1.12
ND F6C SD . -3.92 -24.58 -2.19
CED F6C SD . -10.79 -22.66 -0.77
CHA F6C SD . -6.50 -24.93 -1.68
CHB F6C SD . -4.73 -28.76 0.52
CHC F6C SD . -0.18 -27.44 -0.76
CHD F6C SD . -1.93 -23.51 -3.03
CMA F6C SD . -7.29 -27.98 1.90
CMB F6C SD . -2.85 -31.10 1.68
CMC F6C SD . 2.40 -25.75 -1.44
CMD F6C SD . -4.28 -21.14 -3.88
OMB F6C SD . -3.68 -30.97 2.55
C1 F6C SD . -11.55 -26.44 1.64
C1A F6C SD . -6.46 -26.21 -0.90
C1B F6C SD . -3.27 -28.82 0.37
C1C F6C SD . -0.23 -26.18 -1.47
C1D F6C SD . -3.36 -23.54 -2.81
O1A F6C SD . -11.41 -26.64 -1.02
O1D F6C SD . -8.41 -23.65 0.05
C2 F6C SD . -10.49 -25.51 2.10
C2A F6C SD . -7.66 -26.89 -0.33
C2B F6C SD . -2.41 -29.89 0.94
C2C F6C SD . 0.98 -25.43 -1.78
C2D F6C SD . -4.31 -22.48 -3.21
O2A F6C SD . -11.15 -27.68 0.73
O2D F6C SD . -10.03 -23.59 -1.51
C3 F6C SD . -9.95 -25.63 3.32
C3A F6C SD . -7.05 -28.03 0.42
C3B F6C SD . -1.09 -29.44 0.54
C3C F6C SD . 0.44 -24.31 -2.49
C3D F6C SD . -5.54 -23.11 -2.72
C4 F6C SD . -10.42 -26.68 4.25
C4A F6C SD . -5.63 -27.89 0.06
C4B F6C SD . -1.29 -28.19 -0.19
C4C F6C SD . -1.01 -24.53 -2.51
C4D F6C SD . -5.26 -24.27 -2.15
C5 F6C SD . -8.87 -24.68 3.76
C6 F6C SD . -7.81 -25.44 4.51
C7 F6C SD . -7.60 -24.88 5.91
C8 F6C SD . -7.02 -23.48 5.83
C9 F6C SD . -5.55 -23.48 6.23
C10 F6C SD . -7.88 -22.53 6.67
C11 F6C SD . -7.33 -22.24 8.06
C12 F6C SD . -8.32 -21.46 8.92
C13 F6C SD . -7.76 -20.95 10.26
C14 F6C SD . -6.34 -21.41 10.56
C15 F6C SD . -8.70 -21.41 11.37
NC F6C SD . -1.37 -25.66 -1.91
MG F6C SD . -3.31 -26.22 -1.26
C16 F6C SD . -10.00 -20.62 11.35
C17 F6C SD . -9.88 -19.32 12.12
C18 F6C SD . -11.20 -18.87 12.75
C19 F6C SD . -12.45 -19.32 12.00
C20 F6C SD . -11.32 -19.31 14.20
MG CLA TD . -13.41 -22.02 -5.68
CHA CLA TD . -16.58 -22.45 -6.99
CHB CLA TD . -12.30 -24.33 -7.95
CHC CLA TD . -10.29 -21.58 -4.42
CHD CLA TD . -14.65 -19.61 -3.41
NA CLA TD . -14.30 -23.26 -7.30
C1A CLA TD . -15.53 -23.31 -7.63
C2A CLA TD . -15.80 -24.29 -8.73
C3A CLA TD . -14.44 -24.90 -8.94
C4A CLA TD . -13.62 -24.11 -8.01
CMA CLA TD . -14.40 -26.39 -8.70
CAA CLA TD . -16.23 -23.62 -10.05
CBA CLA TD . -15.24 -22.66 -10.71
CGA CLA TD . -15.23 -21.29 -10.07
O1A CLA TD . -16.16 -20.51 -10.05
O2A CLA TD . -14.20 -20.82 -9.41
NB CLA TD . -11.57 -22.85 -6.13
C1B CLA TD . -11.29 -23.73 -7.09
C2B CLA TD . -9.85 -24.07 -7.18
C3B CLA TD . -9.28 -23.24 -6.13
C4B CLA TD . -10.42 -22.53 -5.53
CMB CLA TD . -9.15 -24.96 -8.14
CAB CLA TD . -7.87 -23.11 -5.72
CBB CLA TD . -7.01 -24.10 -5.67
NC CLA TD . -12.60 -20.78 -4.16
C1C CLA TD . -11.32 -20.73 -3.80
C2C CLA TD . -11.00 -19.77 -2.74
C3C CLA TD . -12.31 -19.19 -2.46
C4C CLA TD . -13.21 -19.90 -3.37
CMC CLA TD . -9.70 -19.42 -2.11
CAC CLA TD . -12.66 -18.12 -1.47
CBC CLA TD . -12.43 -16.78 -2.11
ND CLA TD . -15.12 -21.14 -5.21
C1D CLA TD . -15.57 -20.25 -4.34
C2D CLA TD . -17.01 -19.99 -4.40
C3D CLA TD . -17.36 -20.90 -5.47
C4D CLA TD . -16.25 -21.52 -5.88
CMD CLA TD . -18.01 -19.14 -3.68
CAD CLA TD . -18.51 -21.36 -6.24
OBD CLA TD . -19.71 -20.98 -6.06
CBD CLA TD . -18.05 -22.28 -7.30
CGD CLA TD . -18.84 -23.55 -7.19
O1D CLA TD . -18.40 -24.55 -6.69
O2D CLA TD . -20.19 -23.64 -7.69
CED CLA TD . -21.02 -24.64 -7.12
C1 CLA TD . -14.27 -19.45 -8.59
C2 CLA TD . -13.24 -19.23 -7.52
C3 CLA TD . -12.61 -18.07 -7.34
C4 CLA TD . -12.90 -16.89 -8.21
C5 CLA TD . -11.57 -18.01 -6.23
C6 CLA TD . -10.72 -16.74 -6.32
C7 CLA TD . -9.39 -16.94 -7.04
C8 CLA TD . -8.33 -15.86 -6.76
C9 CLA TD . -8.71 -14.86 -5.68
C10 CLA TD . -7.98 -15.13 -8.05
MG CLA UD . -4.92 -41.25 -12.40
CHA CLA UD . -4.58 -38.27 -10.62
CHB CLA UD . -1.60 -41.04 -13.16
CHC CLA UD . -5.23 -44.24 -13.87
CHD CLA UD . -8.34 -41.36 -11.50
NA CLA UD . -3.26 -39.85 -11.95
C1A CLA UD . -3.30 -38.76 -11.27
C2A CLA UD . -2.01 -37.99 -11.35
C3A CLA UD . -1.11 -38.92 -12.15
C4A CLA UD . -2.05 -40.02 -12.42
CMA CLA UD . -0.33 -38.39 -13.32
CAA CLA UD . -1.36 -37.66 -10.02
CBA CLA UD . -1.07 -36.17 -10.05
CGA CLA UD . 0.30 -35.87 -10.59
O1A CLA UD . 1.11 -36.74 -10.85
O2A CLA UD . 0.77 -34.65 -10.81
NB CLA UD . -3.57 -42.46 -13.36
C1B CLA UD . -2.29 -42.23 -13.61
C2B CLA UD . -1.64 -43.28 -14.45
C3B CLA UD . -2.74 -44.20 -14.66
C4B CLA UD . -3.89 -43.62 -13.93
CMB CLA UD . -0.23 -43.40 -14.99
CAB CLA UD . -2.75 -45.48 -15.40
CBB CLA UD . -3.16 -45.51 -16.64
NC CLA UD . -6.53 -42.59 -12.64
C1C CLA UD . -6.48 -43.66 -13.39
C2C CLA UD . -7.77 -44.26 -13.74
C3C CLA UD . -8.68 -43.36 -13.08
C4C CLA UD . -7.82 -42.38 -12.42
CMC CLA UD . -8.04 -45.46 -14.58
CAC CLA UD . -10.17 -43.38 -13.02
CBC CLA UD . -10.68 -42.79 -14.32
ND CLA UD . -6.24 -40.22 -11.31
C1D CLA UD . -7.55 -40.24 -11.05
C2D CLA UD . -8.09 -39.07 -10.34
C3D CLA UD . -6.83 -38.32 -10.20
C4D CLA UD . -5.84 -39.03 -10.74
CMD CLA UD . -9.41 -38.56 -9.83
CAD CLA UD . -6.34 -37.07 -9.66
OBD CLA UD . -7.04 -36.02 -9.71
CBD CLA UD . -4.87 -37.02 -9.85
CGD CLA UD . -4.56 -35.80 -10.67
O1D CLA UD . -4.83 -35.76 -11.86
O2D CLA UD . -3.96 -34.63 -10.08
CED CLA UD . -3.54 -33.57 -10.94
C1 CLA UD . 1.29 -34.22 -12.26
C2 CLA UD . 2.56 -34.85 -12.79
C3 CLA UD . 2.84 -34.87 -14.08
C4 CLA UD . 4.11 -35.52 -14.50
C5 CLA UD . 1.90 -34.28 -15.09
C6 CLA UD . 1.54 -35.36 -16.10
C7 CLA UD . 1.86 -34.84 -17.50
C8 CLA UD . 1.17 -35.61 -18.61
C9 CLA UD . 1.26 -34.81 -19.92
C10 CLA UD . -0.26 -35.92 -18.22
C11 CLA UD . -1.11 -36.27 -19.44
C12 CLA UD . -2.13 -37.33 -19.08
C13 CLA UD . -2.32 -38.33 -20.21
C14 CLA UD . -2.56 -37.59 -21.52
C15 CLA UD . -3.49 -39.23 -19.84
C1 BCR VD . 2.33 -11.34 2.91
C2 BCR VD . 2.84 -10.33 3.92
C3 BCR VD . 3.13 -8.95 3.33
C4 BCR VD . 1.92 -8.36 2.62
C5 BCR VD . 1.22 -9.44 1.85
C6 BCR VD . 1.81 -10.63 1.68
C7 BCR VD . 1.98 -11.19 0.32
C8 BCR VD . 1.15 -12.08 -0.24
C9 BCR VD . 1.35 -12.51 -1.43
C10 BCR VD . 0.38 -12.81 -2.17
C11 BCR VD . -0.29 -13.66 -2.66
C33 BCR VD . -0.14 -9.14 1.30
C31 BCR VD . 1.20 -12.17 3.52
C32 BCR VD . 3.43 -12.29 2.53
C34 BCR VD . 2.74 -12.65 -1.98
C12 BCR VD . -1.07 -14.52 -3.15
C13 BCR VD . -1.60 -15.43 -4.19
C14 BCR VD . -2.76 -16.05 -3.97
C15 BCR VD . -3.39 -16.95 -4.94
C16 BCR VD . -4.45 -17.65 -5.32
C17 BCR VD . -5.23 -18.36 -5.92
C18 BCR VD . -6.36 -19.06 -6.04
C19 BCR VD . -6.73 -19.81 -7.27
C20 BCR VD . -7.67 -20.24 -8.10
C21 BCR VD . -8.25 -20.78 -9.00
C22 BCR VD . -9.31 -21.22 -9.70
C23 BCR VD . -9.21 -21.94 -10.97
C24 BCR VD . -10.28 -22.08 -11.78
C25 BCR VD . -10.29 -22.83 -13.07
C26 BCR VD . -10.65 -24.15 -12.99
C27 BCR VD . -10.58 -25.11 -14.15
C28 BCR VD . -10.36 -24.41 -15.48
C29 BCR VD . -9.34 -23.31 -15.31
C30 BCR VD . -9.91 -22.22 -14.42
C35 BCR VD . -0.86 -15.62 -5.48
C36 BCR VD . -7.29 -19.09 -4.88
C37 BCR VD . -10.66 -20.96 -9.13
C38 BCR VD . -11.09 -24.76 -11.70
C39 BCR VD . -11.12 -21.70 -15.17
C40 BCR VD . -8.94 -21.05 -14.33
C1 BCR WD . -3.05 -17.05 3.80
C2 BCR WD . -2.45 -16.46 5.08
C3 BCR WD . -0.93 -16.29 5.01
C4 BCR WD . -0.47 -15.45 3.81
C5 BCR WD . -1.50 -15.52 2.72
C6 BCR WD . -2.22 -16.63 2.61
C7 BCR WD . -2.24 -17.44 1.37
C8 BCR WD . -1.13 -17.67 0.66
C9 BCR WD . -1.16 -18.37 -0.41
C10 BCR WD . -0.44 -18.02 -1.37
C11 BCR WD . -0.02 -18.29 -2.44
C33 BCR WD . -1.72 -14.33 1.83
C31 BCR WD . -4.45 -16.51 3.58
C32 BCR WD . -3.08 -18.56 3.87
C34 BCR WD . -2.00 -19.61 -0.50
C12 BCR WD . 0.48 -18.52 -3.56
C13 BCR WD . 0.48 -18.98 -4.96
C14 BCR WD . 1.38 -18.46 -5.79
C15 BCR WD . 1.44 -18.83 -7.19
C16 BCR WD . 1.81 -18.55 -8.43
C17 BCR WD . 2.00 -18.57 -9.61
C18 BCR WD . 2.42 -18.03 -10.74
C19 BCR WD . 2.31 -18.70 -12.04
C20 BCR WD . 2.60 -18.60 -13.33
C21 BCR WD . 2.67 -18.78 -14.52
C22 BCR WD . 2.96 -18.54 -15.79
C23 BCR WD . 2.49 -19.47 -16.82
C24 BCR WD . 2.54 -19.13 -18.10
C25 BCR WD . 2.06 -20.02 -19.20
C26 BCR WD . 0.75 -20.07 -19.48
C27 BCR WD . 0.16 -21.22 -20.25
C28 BCR WD . 1.12 -21.63 -21.35
C29 BCR WD . 2.44 -22.01 -20.71
C30 BCR WD . 3.07 -20.80 -20.02
C35 BCR WD . -0.51 -19.98 -5.45
C36 BCR WD . 3.00 -16.65 -10.72
C37 BCR WD . 3.77 -17.34 -16.17
C38 BCR WD . -0.19 -18.99 -19.03
C39 BCR WD . 3.59 -19.84 -21.08
C40 BCR WD . 4.24 -21.31 -19.19
C1 BCR XD . 11.39 -33.43 -17.23
C2 BCR XD . 12.79 -34.04 -17.15
C3 BCR XD . 12.76 -35.55 -16.95
C4 BCR XD . 12.02 -36.27 -18.08
C5 BCR XD . 10.79 -35.47 -18.47
C6 BCR XD . 10.38 -34.45 -17.70
C7 BCR XD . 8.96 -34.31 -17.31
C8 BCR XD . 8.11 -33.55 -18.00
C9 BCR XD . 6.90 -33.43 -17.64
C10 BCR XD . 6.01 -33.32 -18.50
C11 BCR XD . 5.01 -32.78 -18.77
C33 BCR XD . 10.05 -35.88 -19.72
C31 BCR XD . 11.42 -32.28 -18.23
C32 BCR XD . 10.97 -32.95 -15.86
C34 BCR XD . 6.53 -33.37 -16.19
C12 BCR XD . 3.94 -32.23 -19.15
C13 BCR XD . 2.65 -31.54 -19.00
C14 BCR XD . 1.91 -31.28 -20.08
C15 BCR XD . 0.63 -30.60 -19.95
C16 BCR XD . -0.44 -30.00 -20.45
C17 BCR XD . -1.20 -29.55 -21.26
C18 BCR XD . -1.73 -29.23 -22.45
C19 BCR XD . -2.97 -28.47 -22.54
C20 BCR XD . -3.98 -28.11 -23.31
C21 BCR XD . -4.95 -27.58 -23.81
C22 BCR XD . -5.92 -27.38 -24.68
C23 BCR XD . -6.80 -26.23 -24.61
C24 BCR XD . -7.86 -26.19 -23.81
C25 BCR XD . -8.78 -25.03 -23.78
C26 BCR XD . -8.60 -23.93 -23.04
C27 BCR XD . -9.77 -23.23 -22.42
C28 BCR XD . -10.91 -23.14 -23.41
C29 BCR XD . -11.22 -24.53 -23.94
C30 BCR XD . -10.01 -25.11 -24.66
C35 BCR XD . 2.20 -31.15 -17.61
C36 BCR XD . -1.02 -29.62 -23.70
C37 BCR XD . -6.13 -28.35 -25.79
C38 BCR XD . -7.24 -23.35 -22.77
C39 BCR XD . -9.74 -24.35 -25.94
C40 BCR XD . -10.34 -26.55 -25.00
CL CL YD . 3.88 4.18 50.87
MG CLA ZD . -27.87 2.14 64.29
CHA CLA ZD . -24.85 1.51 65.82
CHB CLA ZD . -26.08 3.78 61.80
CHC CLA ZD . -30.77 2.66 62.69
CHD CLA ZD . -29.60 0.62 66.97
NA CLA ZD . -25.75 2.59 63.82
C1A CLA ZD . -24.75 2.25 64.51
C2A CLA ZD . -23.44 2.70 63.95
C3A CLA ZD . -23.88 3.48 62.74
C4A CLA ZD . -25.34 3.27 62.78
CMA CLA ZD . -23.41 4.91 62.70
CAA CLA ZD . -22.66 1.50 63.39
CBA CLA ZD . -23.50 0.36 62.83
CGA CLA ZD . -23.62 0.45 61.32
O1A CLA ZD . -22.76 0.22 60.49
O2A CLA ZD . -24.73 0.84 60.76
NB CLA ZD . -28.33 3.08 62.50
C1B CLA ZD . -27.53 3.71 61.65
C2B CLA ZD . -28.22 4.33 60.48
C3B CLA ZD . -29.61 3.97 60.77
C4B CLA ZD . -29.58 3.21 62.04
CMB CLA ZD . -27.58 5.09 59.34
CAB CLA ZD . -30.89 4.25 60.07
CBB CLA ZD . -31.01 4.92 58.95
NC CLA ZD . -29.87 1.67 64.74
C1C CLA ZD . -30.91 1.98 63.98
C2C CLA ZD . -32.23 1.60 64.50
C3C CLA ZD . -31.86 0.97 65.77
C4C CLA ZD . -30.39 1.07 65.82
CMC CLA ZD . -33.56 1.81 63.87
CAC CLA ZD . -32.74 0.35 66.81
CBC CLA ZD . -32.74 -1.15 66.62
ND CLA ZD . -27.48 1.26 66.04
C1D CLA ZD . -28.13 0.66 67.02
C2D CLA ZD . -27.28 0.08 68.09
C3D CLA ZD . -25.95 0.46 67.55
C4D CLA ZD . -26.15 1.10 66.40
CMD CLA ZD . -27.47 -0.67 69.38
CAD CLA ZD . -24.51 0.36 67.84
OBD CLA ZD . -23.93 -0.16 68.88
CBD CLA ZD . -23.77 1.09 66.77
CGD CLA ZD . -23.09 2.26 67.42
O1D CLA ZD . -23.41 3.41 67.16
O2D CLA ZD . -22.03 2.07 68.38
CED CLA ZD . -21.72 3.13 69.26
C1 CLA ZD . -24.97 0.79 59.17
C2 CLA ZD . -26.20 1.49 58.69
C3 CLA ZD . -27.40 0.91 58.84
C4 CLA ZD . -27.54 -0.44 59.50
C5 CLA ZD . -28.62 1.63 58.36
C6 CLA ZD . -28.44 2.14 56.95
C7 CLA ZD . -29.79 2.61 56.45
C8 CLA ZD . -29.62 3.63 55.35
C9 CLA ZD . -29.04 4.93 55.90
C10 CLA ZD . -30.98 3.88 54.70
C11 CLA ZD . -31.32 2.77 53.71
C12 CLA ZD . -31.12 3.23 52.27
C13 CLA ZD . -31.15 2.05 51.30
C14 CLA ZD . -30.28 0.91 51.77
C15 CLA ZD . -30.74 2.50 49.90
MG CLA AE . -25.39 -9.15 59.43
CHA CLA AE . -24.35 -6.34 61.14
CHB CLA AE . -23.81 -11.04 61.81
CHC CLA AE . -26.47 -11.85 57.79
CHD CLA AE . -27.08 -7.10 57.05
NA CLA AE . -24.22 -8.76 61.28
C1A CLA AE . -23.93 -7.63 61.78
C2A CLA AE . -23.14 -7.70 63.06
C3A CLA AE . -22.97 -9.20 63.21
C4A CLA AE . -23.71 -9.71 62.03
CMA CLA AE . -21.61 -9.78 63.52
CAA CLA AE . -23.98 -7.22 64.24
CBA CLA AE . -25.45 -7.57 64.08
CGA CLA AE . -26.28 -6.90 65.12
O1A CLA AE . -25.83 -6.51 66.16
O2A CLA AE . -27.57 -6.66 64.97
NB CLA AE . -25.16 -11.16 59.77
C1B CLA AE . -24.48 -11.77 60.73
C2B CLA AE . -24.52 -13.26 60.62
C3B CLA AE . -25.33 -13.45 59.41
C4B CLA AE . -25.66 -12.10 58.97
CMB CLA AE . -23.90 -14.28 61.50
CAB CLA AE . -25.78 -14.65 58.66
CBB CLA AE . -25.54 -15.90 58.95
NC CLA AE . -26.58 -9.42 57.70
C1C CLA AE . -26.87 -10.59 57.19
C2C CLA AE . -27.68 -10.61 55.98
C3C CLA AE . -27.85 -9.19 55.74
C4C CLA AE . -27.14 -8.55 56.85
CMC CLA AE . -28.11 -11.85 55.28
CAC CLA AE . -28.59 -8.50 54.63
CBC CLA AE . -28.03 -8.73 53.26
ND CLA AE . -25.71 -7.22 59.05
C1D CLA AE . -26.36 -6.47 58.16
C2D CLA AE . -26.29 -5.02 58.42
C3D CLA AE . -25.46 -5.04 59.63
C4D CLA AE . -25.17 -6.31 59.92
CMD CLA AE . -26.79 -3.73 57.82
CAD CLA AE . -24.85 -4.12 60.58
OBD CLA AE . -24.64 -2.88 60.34
CBD CLA AE . -24.08 -4.91 61.56
CGD CLA AE . -22.62 -4.59 61.51
O1D CLA AE . -21.96 -4.59 62.52
O2D CLA AE . -21.95 -4.32 60.25
CED CLA AE . -20.60 -4.75 60.05
C1 CLA AE . -28.54 -6.38 66.21
C2 CLA AE . -29.69 -7.29 66.54
C3 CLA AE . -30.90 -7.12 65.99
C4 CLA AE . -31.12 -6.02 64.98
C5 CLA AE . -32.03 -8.04 66.34
C6 CLA AE . -33.34 -7.25 66.38
C7 CLA AE . -33.84 -7.03 67.81
C8 CLA AE . -33.98 -5.55 68.13
C9 CLA AE . -34.79 -4.79 67.08
C10 CLA AE . -32.60 -4.95 68.24
C11 CLA AE . -32.01 -5.22 69.62
C12 CLA AE . -31.93 -3.94 70.43
C13 CLA AE . -30.88 -3.02 69.86
C14 CLA AE . -29.54 -3.74 69.72
C15 CLA AE . -30.78 -1.79 70.77
C16 CLA AE . -30.06 -2.18 72.05
C17 CLA AE . -30.50 -1.32 73.22
C18 CLA AE . -29.28 -0.65 73.84
C19 CLA AE . -29.73 0.16 75.03
C20 CLA AE . -28.22 -1.65 74.25
MG CLA BE . -29.59 -8.49 70.28
CHA CLA BE . -26.30 -8.24 69.22
CHB CLA BE . -28.81 -6.11 72.65
CHC CLA BE . -32.78 -8.75 71.37
CHD CLA BE . -30.22 -10.96 67.83
NA CLA BE . -27.80 -7.29 70.88
C1A CLA BE . -26.64 -7.32 70.35
C2A CLA BE . -25.65 -6.37 70.99
C3A CLA BE . -26.50 -5.74 72.08
C4A CLA BE . -27.80 -6.42 71.86
CMA CLA BE . -25.96 -5.60 73.49
CAA CLA BE . -25.18 -5.23 70.10
CBA CLA BE . -26.14 -4.85 68.98
CGA CLA BE . -25.39 -3.83 68.18
O1A CLA BE . -25.11 -2.74 68.62
O2A CLA BE . -24.93 -3.99 66.97
NB CLA BE . -30.63 -7.56 71.79
C1B CLA BE . -30.19 -6.63 72.65
C2B CLA BE . -31.21 -6.16 73.62
C3B CLA BE . -32.36 -6.97 73.23
C4B CLA BE . -31.92 -7.79 72.08
CMB CLA BE . -31.05 -5.15 74.72
CAB CLA BE . -33.73 -6.99 73.79
CBB CLA BE . -34.43 -5.88 73.91
NC CLA BE . -31.28 -9.59 69.60
C1C CLA BE . -32.46 -9.63 70.22
C2C CLA BE . -33.43 -10.62 69.69
C3C CLA BE . -32.67 -11.20 68.60
C4C CLA BE . -31.37 -10.52 68.63
CMC CLA BE . -34.83 -10.92 70.16
CAC CLA BE . -33.09 -12.29 67.64
CBC CLA BE . -33.59 -11.64 66.38
ND CLA BE . -28.61 -9.48 68.86
C1D CLA BE . -28.88 -10.36 67.91
C2D CLA BE . -27.75 -10.67 66.99
C3D CLA BE . -26.75 -9.79 67.59
C4D CLA BE . -27.30 -9.14 68.61
CMD CLA BE . -27.47 -11.54 65.80
CAD CLA BE . -25.35 -9.36 67.40
OBD CLA BE . -24.64 -9.59 66.37
CBD CLA BE . -24.98 -8.45 68.52
CGD CLA BE . -24.00 -9.08 69.45
O1D CLA BE . -23.18 -8.40 70.04
O2D CLA BE . -24.02 -10.50 69.72
CED CLA BE . -24.06 -10.86 71.09
C1 CLA BE . -25.15 -2.87 65.86
C2 CLA BE . -26.52 -2.28 65.63
C3 CLA BE . -26.95 -1.99 64.41
C4 CLA BE . -26.12 -2.26 63.20
C5 CLA BE . -28.32 -1.41 64.23
C6 CLA BE . -29.33 -2.54 64.44
C7 CLA BE . -30.58 -2.34 63.58
C8 CLA BE . -30.22 -1.81 62.20
C9 CLA BE . -31.32 -0.95 61.64
C10 CLA BE . -29.86 -2.96 61.29
C11 CLA BE . -31.08 -3.81 60.96
C12 CLA BE . -30.68 -5.27 61.08
C13 CLA BE . -29.73 -5.61 59.95
C14 CLA BE . -30.40 -5.48 58.59
C15 CLA BE . -29.23 -7.03 60.15
C16 CLA BE . -28.52 -7.16 61.47
C17 CLA BE . -27.92 -8.55 61.56
C18 CLA BE . -28.44 -9.45 62.66
C19 CLA BE . -29.89 -9.17 63.05
C20 CLA BE . -28.26 -10.90 62.20
MG CLA CE . -17.64 -16.81 62.26
CHA CLA CE . -14.55 -17.70 63.58
CHB CLA CE . -16.17 -13.90 61.16
CHC CLA CE . -20.64 -15.96 60.92
CHD CLA CE . -19.02 -19.86 63.41
NA CLA CE . -15.62 -15.88 62.33
C1A CLA CE . -14.57 -16.36 62.87
C2A CLA CE . -13.35 -15.49 62.74
C3A CLA CE . -13.91 -14.31 62.00
C4A CLA CE . -15.34 -14.69 61.82
CMA CLA CE . -13.54 -12.93 62.50
CAA CLA CE . -12.33 -16.14 61.80
CBA CLA CE . -12.96 -16.66 60.52
CGA CLA CE . -12.33 -17.90 59.99
O1A CLA CE . -11.20 -18.30 60.24
O2A CLA CE . -12.95 -18.73 59.19
NB CLA CE . -18.29 -15.17 61.20
C1B CLA CE . -17.60 -14.10 60.85
C2B CLA CE . -18.38 -13.09 60.09
C3B CLA CE . -19.70 -13.71 60.03
C4B CLA CE . -19.55 -15.00 60.74
CMB CLA CE . -17.89 -11.79 59.55
CAB CLA CE . -20.96 -13.23 59.40
CBB CLA CE . -21.36 -11.98 59.49
NC CLA CE . -19.53 -17.77 62.17
C1C CLA CE . -20.60 -17.28 61.56
C2C CLA CE . -21.78 -18.16 61.54
C3C CLA CE . -21.29 -19.32 62.26
C4C CLA CE . -19.89 -18.97 62.61
CMC CLA CE . -23.12 -17.93 60.91
CAC CLA CE . -21.99 -20.60 62.57
CBC CLA CE . -21.73 -21.57 61.44
ND CLA CE . -17.06 -18.45 63.24
C1D CLA CE . -17.60 -19.58 63.66
C2D CLA CE . -16.68 -20.49 64.41
C3D CLA CE . -15.47 -19.67 64.33
C4D CLA CE . -15.75 -18.55 63.66
CMD CLA CE . -16.73 -21.82 65.10
CAD CLA CE . -14.06 -19.69 64.76
OBD CLA CE . -13.51 -20.60 65.47
CBD CLA CE . -13.42 -18.43 64.30
CGD CLA CE . -12.93 -17.69 65.50
O1D CLA CE . -12.03 -16.88 65.41
O2D CLA CE . -13.49 -17.91 66.81
CED CLA CE . -12.89 -17.23 67.91
C1 CLA CE . -12.17 -19.37 57.96
C2 CLA CE . -12.94 -19.68 56.70
C3 CLA CE . -13.41 -20.92 56.51
C4 CLA CE . -14.19 -21.23 55.26
C5 CLA CE . -13.16 -22.01 57.53
MG CLA DE . -35.48 -2.15 42.57
CHA CLA DE . -38.95 -2.46 42.21
CHB CLA DE . -35.17 -3.46 39.45
CHC CLA DE . -32.15 -1.77 42.94
CHD CLA DE . -35.95 -0.81 45.78
NA CLA DE . -36.86 -2.87 41.00
C1A CLA DE . -38.14 -2.94 41.04
C2A CLA DE . -38.74 -3.57 39.82
C3A CLA DE . -37.50 -3.91 39.02
C4A CLA DE . -36.43 -3.37 39.87
CMA CLA DE . -37.31 -5.36 38.67
CAA CLA DE . -39.57 -2.58 39.00
CBA CLA DE . -38.82 -1.32 38.58
CGA CLA DE . -39.24 -0.19 39.47
O1A CLA DE . -40.27 -0.15 40.11
O2A CLA DE . -38.55 0.91 39.66
NB CLA DE . -33.90 -2.56 41.35
C1B CLA DE . -33.93 -3.06 40.12
C2B CLA DE . -32.59 -3.17 39.49
C3B CLA DE . -31.73 -2.69 40.56
C4B CLA DE . -32.63 -2.32 41.66
CMB CLA DE . -32.22 -3.70 38.13
CAB CLA DE . -30.26 -2.54 40.58
CBB CLA DE . -29.51 -3.51 41.03
NC CLA DE . -34.25 -1.33 44.09
C1C CLA DE . -32.93 -1.39 44.12
C2C CLA DE . -32.28 -1.07 45.40
C3C CLA DE . -33.43 -0.76 46.23
C4C CLA DE . -34.57 -0.96 45.33
CMC CLA DE . -30.83 -1.05 45.75
CAC CLA DE . -33.46 -0.37 47.68
CBC CLA DE . -33.61 1.13 47.85
ND CLA DE . -36.98 -1.69 43.79
C1D CLA DE . -37.10 -1.18 45.00
C2D CLA DE . -38.47 -1.06 45.48
C3D CLA DE . -39.20 -1.59 44.32
C4D CLA DE . -38.29 -1.92 43.40
CMD CLA DE . -39.07 -0.55 46.74
CAD CLA DE . -40.56 -1.89 43.84
OBD CLA DE . -41.53 -2.20 44.61
CBD CLA DE . -40.45 -2.44 42.46
CGD CLA DE . -41.09 -3.80 42.35
O1D CLA DE . -41.66 -4.13 41.33
O2D CLA DE . -41.08 -4.79 43.40
CED CLA DE . -41.86 -5.96 43.19
C1 CLA DE . -37.46 1.06 40.81
C2 CLA DE . -35.98 1.04 40.53
C3 CLA DE . -35.11 1.26 41.53
C4 CLA DE . -35.61 1.55 42.91
C5 CLA DE . -33.61 1.25 41.31
C6 CLA DE . -33.23 1.67 39.90
C7 CLA DE . -31.98 0.91 39.51
C8 CLA DE . -31.00 1.78 38.74
C9 CLA DE . -30.51 0.96 37.57
C10 CLA DE . -29.87 2.21 39.68
C11 CLA DE . -28.91 3.23 39.08
C12 CLA DE . -29.64 4.41 38.45
C13 CLA DE . -29.16 5.76 38.99
C14 CLA DE . -30.20 6.35 39.91
C15 CLA DE . -28.88 6.70 37.82
MG CLA EE . -44.09 5.53 54.51
CHA CLA EE . -46.55 5.84 52.13
CHB CLA EE . -43.61 2.31 53.37
CHC CLA EE . -41.64 5.18 56.81
CHD CLA EE . -44.77 8.76 55.73
NA CLA EE . -44.95 4.21 52.94
C1A CLA EE . -45.88 4.49 52.14
C2A CLA EE . -46.29 3.36 51.24
C3A CLA EE . -45.39 2.29 51.75
C4A CLA EE . -44.58 2.98 52.76
CMA CLA EE . -46.14 1.14 52.37
CAA CLA EE . -45.84 3.53 49.77
CBA CLA EE . -44.60 4.42 49.67
CGA CLA EE . -43.88 4.30 48.36
O1A CLA EE . -43.68 3.27 47.75
O2A CLA EE . -43.38 5.35 47.73
NB CLA EE . -42.83 3.97 55.01
C1B CLA EE . -42.72 2.78 54.43
C2B CLA EE . -41.63 1.93 54.96
C3B CLA EE . -41.08 2.80 55.99
C4B CLA EE . -41.89 4.03 55.93
CMB CLA EE . -41.29 0.56 54.49
CAB CLA EE . -39.96 2.62 56.93
CBB CLA EE . -39.06 1.70 56.80
NC CLA EE . -43.28 6.81 55.99
C1C CLA EE . -42.31 6.48 56.84
C2C CLA EE . -41.91 7.51 57.80
C3C CLA EE . -42.83 8.61 57.46
C4C CLA EE . -43.62 8.06 56.32
CMC CLA EE . -40.82 7.32 58.81
CAC CLA EE . -43.03 10.03 57.98
CBC CLA EE . -42.83 10.24 59.45
ND CLA EE . -45.33 7.04 54.14
C1D CLA EE . -45.55 8.27 54.58
C2D CLA EE . -46.61 9.00 53.83
C3D CLA EE . -46.96 7.96 52.85
C4D CLA EE . -46.20 6.90 53.09
CMD CLA EE . -47.28 10.33 53.82
CAD CLA EE . -47.86 7.73 51.72
OBD CLA EE . -48.79 8.52 51.35
CBD CLA EE . -47.73 6.31 51.31
CGD CLA EE . -48.94 5.64 51.85
O1D CLA EE . -49.38 4.67 51.28
O2D CLA EE . -49.60 6.13 53.03
CED CLA EE . -49.84 5.26 54.12
C1 CLA EE . -41.81 5.51 47.45
C2 CLA EE . -40.87 6.56 47.96
C3 CLA EE . -41.11 7.88 47.96
C4 CLA EE . -42.42 8.46 47.52
C5 CLA EE . -40.04 8.82 48.47
C6 CLA EE . -39.08 9.13 47.32
C7 CLA EE . -37.76 8.36 47.45
C8 CLA EE . -37.04 8.19 46.12
C9 CLA EE . -37.95 7.64 45.02
C10 CLA EE . -35.83 7.29 46.32
CAA F6C FE . -37.27 -4.43 55.82
CAB F6C FE . -41.01 0.42 48.48
CAC F6C FE . -47.36 -3.13 52.19
CAD F6C FE . -41.50 -5.04 57.84
NA F6C FE . -39.64 -2.58 54.24
CBA F6C FE . -36.58 -4.64 57.16
CBB F6C FE . -41.03 1.74 48.38
CBC F6C FE . -47.96 -2.34 53.33
CBD F6C FE . -40.12 -4.56 57.51
NB F6C FE . -40.80 -1.41 51.73
OBD F6C FE . -41.87 -5.46 59.00
CGA F6C FE . -35.56 -3.55 57.38
CGD F6C FE . -39.68 -3.56 58.54
ND F6C FE . -42.53 -3.53 54.73
CED F6C FE . -40.75 -1.50 59.45
CHA F6C FE . -40.34 -3.86 56.19
CHB F6C FE . -38.47 -1.35 52.57
CHC F6C FE . -42.94 -1.16 50.46
CHD F6C FE . -44.88 -3.74 54.15
CMA F6C FE . -36.36 -1.08 54.83
CMB F6C FE . -37.97 0.34 49.84
CMC F6C FE . -46.03 -1.39 49.68
CMD F6C FE . -44.84 -5.43 57.20
OMB F6C FE . -36.92 0.08 50.38
C1 F6C FE . -35.46 -2.10 59.47
C1A F6C FE . -39.33 -3.15 55.34
C1B F6C FE . -39.52 -1.03 51.59
C1C F6C FE . -43.93 -1.87 51.29
C1D F6C FE . -43.75 -3.99 55.05
O1A F6C FE . -34.39 -3.62 57.09
O1D F6C FE . -39.02 -3.90 59.51
C2 F6C FE . -34.48 -1.01 59.85
C2A F6C FE . -37.88 -3.04 55.74
C2B F6C FE . -39.26 -0.25 50.34
C2C F6C FE . -45.35 -1.95 50.90
C2D F6C FE . -43.82 -4.73 56.35
O2A F6C FE . -35.84 -2.37 57.94
O2D F6C FE . -40.05 -2.15 58.40
C3 F6C FE . -34.76 0.27 59.59
C3A F6C FE . -37.32 -2.24 54.57
C3B F6C FE . -40.59 -0.21 49.75
C3C F6C FE . -45.92 -2.71 52.00
C3D F6C FE . -42.42 -4.63 56.75
C4 F6C FE . -33.78 1.35 59.96
C4A F6C FE . -38.54 -2.03 53.73
C4B F6C FE . -41.49 -0.95 50.67
C4C F6C FE . -44.77 -2.98 52.89
C4D F6C FE . -41.75 -3.95 55.81
C5 F6C FE . -36.06 0.65 58.92
C6 F6C FE . -36.05 2.13 58.58
C7 F6C FE . -35.32 2.38 57.25
C8 F6C FE . -36.00 3.48 56.46
C9 F6C FE . -35.18 3.85 55.22
C10 F6C FE . -36.20 4.71 57.36
C11 F6C FE . -36.14 6.00 56.54
C12 F6C FE . -37.43 6.80 56.70
C13 F6C FE . -37.95 7.28 55.34
C14 F6C FE . -38.17 8.79 55.35
C15 F6C FE . -39.23 6.53 54.99
NC F6C FE . -43.61 -2.46 52.44
MG F6C FE . -41.65 -2.47 53.27
MG CLA GE . -35.64 -16.48 48.19
CHA CLA GE . -37.58 -18.76 46.50
CHB CLA GE . -38.08 -16.42 50.59
CHC CLA GE . -33.73 -14.29 49.91
CHD CLA GE . -33.27 -16.51 45.60
NA CLA GE . -37.60 -17.46 48.54
C1A CLA GE . -38.16 -18.31 47.79
C2A CLA GE . -39.47 -18.79 48.33
C3A CLA GE . -39.62 -17.99 49.57
C4A CLA GE . -38.35 -17.24 49.58
CMA CLA GE . -40.87 -17.15 49.69
CAA CLA GE . -39.38 -20.23 48.83
CBA CLA GE . -38.00 -20.63 49.34
CGA CLA GE . -37.96 -21.90 50.11
O1A CLA GE . -38.83 -22.72 50.17
O2A CLA GE . -36.95 -22.27 50.86
NB CLA GE . -35.88 -15.50 49.97
C1B CLA GE . -36.90 -15.60 50.80
C2B CLA GE . -36.79 -14.79 52.00
C3B CLA GE . -35.50 -14.14 51.82
C4B CLA GE . -35.00 -14.64 50.52
CMB CLA GE . -37.84 -14.77 53.04
CAB CLA GE . -34.75 -13.18 52.67
CBB CLA GE . -35.24 -12.60 53.74
NC CLA GE . -33.75 -15.60 47.85
C1C CLA GE . -33.15 -14.78 48.67
C2C CLA GE . -31.81 -14.40 48.26
C3C CLA GE . -31.63 -15.10 47.01
C4C CLA GE . -32.91 -15.80 46.83
CMC CLA GE . -30.91 -13.51 49.03
CAC CLA GE . -30.44 -15.11 46.10
CBC CLA GE . -29.69 -16.39 46.30
ND CLA GE . -35.37 -17.30 46.42
C1D CLA GE . -34.44 -17.36 45.51
C2D CLA GE . -34.65 -18.35 44.44
C3D CLA GE . -35.94 -18.87 44.89
C4D CLA GE . -36.29 -18.24 46.01
CMD CLA GE . -33.91 -18.80 43.22
CAD CLA GE . -36.97 -19.84 44.51
OBD CLA GE . -37.06 -20.27 43.32
CBD CLA GE . -38.10 -19.72 45.47
CGD CLA GE . -39.28 -19.07 44.83
O1D CLA GE . -39.14 -18.31 43.89
O2D CLA GE . -40.60 -19.30 45.36
CED CLA GE . -41.75 -18.86 44.65
C1 CLA GE . -36.01 -23.45 50.37
C2 CLA GE . -34.58 -23.52 50.84
C3 CLA GE . -33.72 -24.41 50.35
C4 CLA GE . -34.11 -25.42 49.32
C5 CLA GE . -32.31 -24.40 50.89
C6 CLA GE . -31.45 -23.51 50.03
C7 CLA GE . -30.01 -24.01 50.02
C8 CLA GE . -29.09 -22.91 49.50
C9 CLA GE . -29.19 -22.76 47.99
C10 CLA GE . -27.66 -23.21 49.93
C11 CLA GE . -27.33 -22.57 51.26
C12 CLA GE . -25.94 -21.95 51.20
C13 CLA GE . -25.58 -21.22 52.49
C14 CLA GE . -25.19 -19.78 52.19
C15 CLA GE . -24.44 -21.95 53.17
MG CLA HE . -39.68 -13.75 55.56
CHA CLA HE . -38.54 -10.65 56.57
CHB CLA HE . -37.24 -15.09 57.60
CHC CLA HE . -40.85 -16.77 54.69
CHD CLA HE . -42.19 -12.21 53.60
NA CLA HE . -38.09 -12.99 56.94
C1A CLA HE . -37.79 -11.79 57.16
C2A CLA HE . -36.59 -11.63 58.04
C3A CLA HE . -36.19 -13.04 58.27
C4A CLA HE . -37.25 -13.76 57.58
CMA CLA HE . -34.86 -13.36 57.66
CAA CLA HE . -36.98 -11.10 59.40
CBA CLA HE . -35.89 -10.55 60.32
CGA CLA HE . -34.49 -10.20 59.82
O1A CLA HE . -34.13 -9.85 58.72
O2A CLA HE . -33.45 -10.15 60.64
NB CLA HE . -39.10 -15.66 56.08
C1B CLA HE . -38.14 -16.02 56.93
C2B CLA HE . -38.01 -17.49 57.09
C3B CLA HE . -39.06 -17.97 56.24
C4B CLA HE . -39.71 -16.78 55.63
CMB CLA HE . -37.07 -18.30 57.91
CAB CLA HE . -39.30 -19.42 56.09
CBB CLA HE . -40.45 -19.95 55.91
NC CLA HE . -41.29 -14.39 54.34
C1C CLA HE . -41.56 -15.66 54.04
C2C CLA HE . -42.63 -15.86 53.03
C3C CLA HE . -43.00 -14.50 52.72
C4C CLA HE . -42.12 -13.67 53.56
CMC CLA HE . -43.19 -17.15 52.49
CAC CLA HE . -44.02 -14.00 51.73
CBC CLA HE . -43.36 -13.84 50.38
ND CLA HE . -40.32 -11.93 55.11
C1D CLA HE . -41.28 -11.38 54.36
C2D CLA HE . -41.29 -9.90 54.39
C3D CLA HE . -40.18 -9.68 55.30
C4D CLA HE . -39.66 -10.85 55.66
CMD CLA HE . -42.08 -8.77 53.80
CAD CLA HE . -39.42 -8.59 55.93
OBD CLA HE . -39.50 -7.37 55.57
CBD CLA HE . -38.30 -9.17 56.69
CGD CLA HE . -37.02 -8.80 55.99
O1D CLA HE . -36.31 -7.93 56.43
O2D CLA HE . -36.58 -9.47 54.79
CED CLA HE . -35.30 -9.13 54.30
C1 CLA HE . -33.22 -8.77 61.40
C2 CLA HE . -33.96 -7.55 60.86
C3 CLA HE . -34.73 -6.81 61.64
C4 CLA HE . -34.90 -7.14 63.10
C5 CLA HE . -35.48 -5.63 61.07
C6 CLA HE . -36.95 -5.86 61.35
C7 CLA HE . -37.58 -6.90 60.42
C8 CLA HE . -39.08 -7.18 60.66
C9 CLA HE . -39.71 -6.40 61.82
C10 CLA HE . -39.24 -8.66 60.89
C11 CLA HE . -40.52 -9.25 60.32
C12 CLA HE . -41.10 -8.52 59.12
C13 CLA HE . -42.28 -9.32 58.62
C14 CLA HE . -41.87 -10.75 58.26
C15 CLA HE . -42.81 -8.60 57.40
C16 CLA HE . -44.11 -9.20 56.90
C17 CLA HE . -45.14 -9.24 58.03
C18 CLA HE . -46.49 -9.63 57.48
C19 CLA HE . -47.33 -10.13 58.62
C20 CLA HE . -47.16 -8.44 56.85
MG CLA IE . -30.96 -16.94 58.10
CHA CLA IE . -32.53 -19.57 56.42
CHB CLA IE . -32.31 -14.84 55.77
CHC CLA IE . -29.54 -14.39 59.79
CHD CLA IE . -29.68 -19.24 60.48
NA CLA IE . -32.27 -17.13 56.32
C1A CLA IE . -32.75 -18.21 55.81
C2A CLA IE . -33.56 -17.97 54.57
C3A CLA IE . -33.39 -16.49 54.38
C4A CLA IE . -32.62 -16.12 55.57
CMA CLA IE . -32.74 -16.05 53.08
CAA CLA IE . -35.00 -18.18 54.97
CBA CLA IE . -35.99 -17.77 53.90
CGA CLA IE . -36.18 -18.89 52.93
O1A CLA IE . -36.66 -19.96 53.22
O2A CLA IE . -35.85 -18.85 51.66
NB CLA IE . -30.95 -14.90 57.81
C1B CLA IE . -31.53 -14.20 56.83
C2B CLA IE . -31.31 -12.73 56.94
C3B CLA IE . -30.48 -12.63 58.14
C4B CLA IE . -30.31 -14.03 58.59
CMB CLA IE . -31.83 -11.66 56.04
CAB CLA IE . -29.87 -11.47 58.84
CBB CLA IE . -30.20 -10.20 58.69
NC CLA IE . -29.83 -16.83 59.88
C1C CLA IE . -29.29 -15.72 60.37
C2C CLA IE . -28.41 -15.89 61.54
C3C CLA IE . -28.47 -17.34 61.71
C4C CLA IE . -29.35 -17.81 60.65
CMC CLA IE . -27.66 -14.82 62.29
CAC CLA IE . -27.82 -18.23 62.72
CBC CLA IE . -26.44 -18.58 62.25
ND CLA IE . -31.04 -18.90 58.51
C1D CLA IE . -30.49 -19.74 59.38
C2D CLA IE . -30.78 -21.18 59.10
C3D CLA IE . -31.59 -21.02 57.90
C4D CLA IE . -31.70 -19.73 57.62
CMD CLA IE . -30.50 -22.54 59.63
CAD CLA IE . -32.31 -21.85 56.95
OBD CLA IE . -32.13 -23.10 56.78
CBD CLA IE . -33.02 -20.95 56.02
CGD CLA IE . -32.67 -21.33 54.61
O1D CLA IE . -33.51 -21.21 53.74
O2D CLA IE . -31.37 -21.81 54.24
CED CLA IE . -30.81 -21.31 53.04
C1 CLA IE . -34.58 -19.57 51.05
C2 CLA IE . -33.39 -18.77 50.58
C3 CLA IE . -32.76 -19.05 49.43
C4 CLA IE . -33.22 -20.16 48.55
C5 CLA IE . -31.58 -18.25 48.97
C6 CLA IE . -31.04 -17.35 50.07
C7 CLA IE . -29.75 -17.90 50.64
C8 CLA IE . -28.75 -16.78 50.86
C9 CLA IE . -27.98 -16.52 49.59
C10 CLA IE . -27.78 -17.14 51.97
C11 CLA IE . -27.83 -16.13 53.11
C12 CLA IE . -29.08 -16.35 53.93
C13 CLA IE . -28.79 -16.73 55.38
C14 CLA IE . -27.88 -15.69 56.03
C15 CLA IE . -28.22 -18.13 55.48
C16 CLA IE . -27.91 -18.52 56.92
C17 CLA IE . -26.50 -19.12 57.00
C18 CLA IE . -26.45 -20.52 57.63
C19 CLA IE . -26.14 -20.46 59.11
C20 CLA IE . -27.71 -21.34 57.39
MG CLA JE . -39.59 -24.92 55.89
CHA CLA JE . -42.84 -26.12 55.60
CHB CLA JE . -40.51 -23.47 58.82
CHC CLA JE . -36.43 -23.74 56.10
CHD CLA JE . -38.75 -26.56 52.91
NA CLA JE . -41.45 -24.80 57.10
C1A CLA JE . -42.59 -25.33 56.84
C2A CLA JE . -43.64 -25.05 57.88
C3A CLA JE . -42.85 -24.20 58.85
C4A CLA JE . -41.50 -24.14 58.23
CMA CLA JE . -43.47 -22.95 59.36
CAA CLA JE . -44.13 -26.27 58.65
CBA CLA JE . -43.08 -27.32 58.93
CGA CLA JE . -43.80 -28.63 58.97
O1A CLA JE . -44.13 -29.24 57.97
O2A CLA JE . -44.23 -29.23 60.07
NB CLA JE . -38.62 -23.76 57.28
C1B CLA JE . -39.10 -23.27 58.41
C2B CLA JE . -38.12 -22.51 59.21
C3B CLA JE . -36.92 -22.62 58.37
C4B CLA JE . -37.33 -23.40 57.19
CMB CLA JE . -38.31 -21.86 60.54
CAB CLA JE . -35.54 -22.10 58.52
CBB CLA JE . -35.24 -21.02 59.19
NC CLA JE . -37.85 -25.15 54.72
C1C CLA JE . -36.64 -24.67 55.01
C2C CLA JE . -35.55 -25.13 54.15
C3C CLA JE . -36.27 -26.01 53.24
C4C CLA JE . -37.66 -25.94 53.67
CMC CLA JE . -34.09 -24.80 54.21
CAC CLA JE . -35.78 -26.85 52.12
CBC CLA JE . -35.56 -28.21 52.73
ND CLA JE . -40.45 -26.06 54.50
C1D CLA JE . -40.09 -26.69 53.40
C2D CLA JE . -41.15 -27.49 52.74
C3D CLA JE . -42.24 -27.21 53.68
C4D CLA JE . -41.78 -26.40 54.63
CMD CLA JE . -41.28 -28.37 51.55
CAD CLA JE . -43.66 -27.53 53.91
OBD CLA JE . -44.42 -28.10 53.06
CBD CLA JE . -44.10 -26.81 55.12
CGD CLA JE . -45.15 -25.82 54.75
O1D CLA JE . -44.95 -25.02 53.88
O2D CLA JE . -46.43 -25.81 55.40
CED CLA JE . -47.56 -25.43 54.64
C1 CLA JE . -43.58 -30.57 60.65
C2 CLA JE . -42.12 -30.67 61.04
C3 CLA JE . -41.63 -31.76 61.65
C4 CLA JE . -40.19 -31.82 62.03
C5 CLA JE . -42.54 -32.93 61.97
MG CLA KE . -45.19 -8.21 65.00
CHA CLA KE . -41.88 -9.31 64.75
CHB CLA KE . -44.14 -6.04 67.42
CHC CLA KE . -48.34 -7.03 65.07
CHD CLA KE . -46.13 -10.46 62.40
NA CLA KE . -43.25 -7.70 65.98
C1A CLA KE . -42.10 -8.23 65.76
C2A CLA KE . -41.01 -7.63 66.62
C3A CLA KE . -41.76 -6.62 67.46
C4A CLA KE . -43.15 -6.79 66.91
CMA CLA KE . -41.54 -6.55 68.96
CAA CLA KE . -39.99 -6.85 65.81
CBA CLA KE . -38.61 -6.91 66.45
CGA CLA KE . -37.74 -7.93 65.75
O1A CLA KE . -37.69 -8.10 64.55
O2A CLA KE . -36.92 -8.77 66.37
NB CLA KE . -46.10 -6.73 66.08
C1B CLA KE . -45.57 -6.00 67.07
C2B CLA KE . -46.54 -5.10 67.74
C3B CLA KE . -47.76 -5.42 67.01
C4B CLA KE . -47.40 -6.44 66.01
CMB CLA KE . -46.32 -4.12 68.87
CAB CLA KE . -49.13 -4.89 67.20
CBB CLA KE . -49.88 -5.36 68.16
NC CLA KE . -46.95 -8.67 63.89
C1C CLA KE . -48.14 -8.14 64.12
C2C CLA KE . -49.28 -8.71 63.38
C3C CLA KE . -48.61 -9.74 62.59
C4C CLA KE . -47.20 -9.63 62.99
CMC CLA KE . -50.73 -8.30 63.43
CAC CLA KE . -49.22 -10.71 61.62
CBC CLA KE . -49.55 -11.98 62.38
ND CLA KE . -44.34 -9.57 63.81
C1D CLA KE . -44.73 -10.39 62.84
C2D CLA KE . -43.66 -11.23 62.26
C3D CLA KE . -42.53 -10.74 63.07
C4D CLA KE . -42.99 -9.82 63.92
CMD CLA KE . -43.53 -12.26 61.20
CAD CLA KE . -41.08 -10.96 63.25
OBD CLA KE . -40.32 -11.63 62.46
CBD CLA KE . -40.62 -10.07 64.36
CGD CLA KE . -40.12 -10.97 65.44
O1D CLA KE . -39.81 -10.58 66.54
O2D CLA KE . -39.96 -12.37 65.20
CED CLA KE . -40.24 -13.18 66.33
MG CLA LE . -47.40 -16.16 70.09
CHA CLA LE . -50.62 -17.35 70.66
CHB CLA LE . -48.79 -13.89 67.91
CHC CLA LE . -44.27 -15.05 69.47
CHD CLA LE . -46.10 -18.58 72.30
NA CLA LE . -49.44 -15.64 69.36
C1A CLA LE . -50.54 -16.20 69.68
C2A CLA LE . -51.75 -15.63 69.01
C3A CLA LE . -51.12 -14.57 68.12
C4A CLA LE . -49.68 -14.70 68.49
CMA CLA LE . -51.48 -14.60 66.64
CAA CLA LE . -52.53 -14.86 70.07
CBA CLA LE . -53.62 -13.95 69.54
CGA CLA LE . -53.70 -12.82 70.52
O1A CLA LE . -54.63 -12.03 70.63
O2A CLA LE . -52.74 -12.57 71.39
NB CLA LE . -46.66 -14.68 68.86
C1B CLA LE . -47.34 -13.84 68.06
C2B CLA LE . -46.51 -12.85 67.32
C3B CLA LE . -45.16 -13.23 67.81
C4B CLA LE . -45.36 -14.36 68.75
CMB CLA LE . -46.98 -11.78 66.36
CAB CLA LE . -43.82 -12.66 67.50
CBB CLA LE . -43.60 -11.50 66.94
NC CLA LE . -45.49 -16.66 70.86
C1C CLA LE . -44.35 -16.09 70.52
C2C CLA LE . -43.17 -16.52 71.29
C3C CLA LE . -43.74 -17.51 72.19
C4C CLA LE . -45.18 -17.53 71.83
CMC CLA LE . -41.74 -16.07 71.21
CAC CLA LE . -43.04 -18.32 73.24
CBC CLA LE . -43.29 -17.70 74.60
ND CLA LE . -48.06 -17.66 71.24
C1D CLA LE . -47.55 -18.54 72.10
C2D CLA LE . -48.56 -19.43 72.75
C3D CLA LE . -49.76 -18.89 72.13
C4D CLA LE . -49.42 -17.91 71.31
CMD CLA LE . -48.59 -20.56 73.74
CAD CLA LE . -51.23 -19.11 72.13
OBD CLA LE . -51.89 -19.76 73.01
CBD CLA LE . -51.81 -18.15 71.14
CGD CLA LE . -52.38 -18.94 70.00
O1D CLA LE . -51.79 -19.89 69.55
O2D CLA LE . -53.64 -18.54 69.43
CED CLA LE . -54.81 -19.32 69.71
C1 BCR ME . -41.69 2.50 43.90
C2 BCR ME . -42.45 2.11 42.64
C3 BCR ME . -42.21 3.08 41.50
C4 BCR ME . -40.72 3.12 41.22
C5 BCR ME . -40.09 3.71 42.45
C6 BCR ME . -40.31 3.09 43.60
C7 BCR ME . -39.18 3.02 44.56
C8 BCR ME . -39.11 3.77 45.67
C9 BCR ME . -38.12 3.69 46.48
C10 BCR ME . -38.00 4.55 47.37
C11 BCR ME . -37.38 4.85 48.34
C33 BCR ME . -39.25 4.95 42.33
C31 BCR ME . -41.58 1.31 44.83
C32 BCR ME . -42.52 3.58 44.53
C34 BCR ME . -37.10 2.60 46.38
C12 BCR ME . -36.76 5.25 49.35
C13 BCR ME . -36.01 5.19 50.62
C14 BCR ME . -35.68 6.37 51.12
C15 BCR ME . -34.94 6.57 52.36
C16 BCR ME . -34.59 7.39 53.34
C17 BCR ME . -34.10 7.90 54.30
C18 BCR ME . -33.95 8.75 55.33
C19 BCR ME . -32.72 8.73 56.13
C20 BCR ME . -32.08 9.07 57.23
C21 BCR ME . -31.20 9.20 58.04
C22 BCR ME . -30.50 9.75 59.04
C23 BCR ME . -29.25 9.17 59.52
C24 BCR ME . -28.78 9.62 60.69
C25 BCR ME . -27.51 9.14 61.25
C26 BCR ME . -27.46 8.12 62.10
C27 BCR ME . -26.18 7.48 62.56
C28 BCR ME . -24.98 8.39 62.41
C29 BCR ME . -25.32 9.83 62.04
C30 BCR ME . -26.26 9.89 60.84
C35 BCR ME . -35.68 3.90 51.30
C36 BCR ME . -35.06 9.71 55.69
C37 BCR ME . -30.98 11.01 59.68
C38 BCR ME . -28.72 7.56 62.67
C39 BCR ME . -25.64 9.35 59.55
C40 BCR ME . -26.60 11.36 60.63
C1A DGD NE . -16.71 5.16 47.47
C2A DGD NE . -17.66 5.17 46.34
C3A DGD NE . -17.08 6.02 45.21
C4A DGD NE . -17.77 5.71 43.90
C5A DGD NE . -19.26 5.80 44.05
C6A DGD NE . -19.94 5.87 42.71
O1A DGD NE . -15.68 5.79 47.62
C1B DGD NE . -19.92 5.18 50.95
C2B DGD NE . -20.98 4.35 51.55
C3B DGD NE . -21.80 3.69 50.51
C4B DGD NE . -21.20 2.37 50.09
C5B DGD NE . -21.90 2.00 48.80
C6B DGD NE . -21.52 3.04 47.73
C7B DGD NE . -22.68 3.02 46.78
C8B DGD NE . -22.25 3.81 45.58
C9B DGD NE . -22.74 5.22 45.79
CAB DGD NE . -24.23 5.16 45.60
CBB DGD NE . -24.50 6.22 44.58
CCB DGD NE . -24.93 7.44 45.34
CDB DGD NE . -26.12 7.86 44.54
O1B DGD NE . -20.08 6.28 50.50
O1G DGD NE . -17.17 4.32 48.43
C1G DGD NE . -16.63 4.39 49.72
C2G DGD NE . -17.61 5.24 50.55
O2G DGD NE . -18.76 4.51 50.78
C3G DGD NE . -16.96 5.46 51.91
O3G DGD NE . -16.16 6.59 51.64
C1D DGD NE . -14.98 6.58 52.32
C2D DGD NE . -14.07 7.46 51.50
O2D DGD NE . -13.65 6.67 50.45
C3D DGD NE . -12.85 7.76 52.40
O3D DGD NE . -12.01 8.65 51.73
C4D DGD NE . -13.33 8.48 53.66
O4D DGD NE . -14.08 9.56 53.35
C5D DGD NE . -14.28 7.53 54.36
O5D DGD NE . -14.08 7.88 56.62
C6D DGD NE . -14.94 8.14 55.58
O6D DGD NE . -15.34 7.23 53.52
C1E DGD NE . -13.71 8.98 57.36
C2E DGD NE . -12.21 8.83 57.66
O2E DGD NE . -11.63 8.64 56.42
C3E DGD NE . -12.01 7.57 58.50
O3E DGD NE . -10.68 7.53 58.81
C4E DGD NE . -12.82 7.70 59.79
O4E DGD NE . -12.43 8.85 60.43
C5E DGD NE . -14.27 7.88 59.43
O6E DGD NE . -14.46 8.94 58.53
C6E DGD NE . -15.05 8.38 60.61
O5E DGD NE . -14.70 7.54 61.66
C1A DGD OE . -6.92 -27.79 52.86
C2A DGD OE . -7.00 -27.29 51.47
C3A DGD OE . -8.12 -28.00 50.71
C4A DGD OE . -8.72 -27.02 49.71
C5A DGD OE . -9.90 -27.64 48.97
C6A DGD OE . -10.76 -26.56 48.36
C7A DGD OE . -10.24 -26.40 46.93
C8A DGD OE . -11.29 -25.72 46.07
O1A DGD OE . -6.65 -28.92 53.25
C1B DGD OE . -8.69 -23.89 56.07
C2B DGD OE . -10.12 -23.82 55.71
C3B DGD OE . -10.32 -23.88 54.22
C4B DGD OE . -11.81 -23.84 53.89
C5B DGD OE . -11.91 -22.85 52.74
C6B DGD OE . -13.29 -23.02 52.12
C7B DGD OE . -13.15 -24.19 51.17
C8B DGD OE . -13.62 -23.70 49.84
O1B DGD OE . -8.20 -23.31 57.02
O1G DGD OE . -7.26 -26.79 53.75
C1G DGD OE . -6.55 -25.58 53.75
C2G DGD OE . -6.75 -24.86 55.12
O2G DGD OE . -8.08 -25.00 55.56
C3G DGD OE . -5.79 -25.51 56.16
O3G DGD OE . -4.58 -24.84 55.82
C1D DGD OE . -3.59 -24.89 56.81
C2D DGD OE . -2.31 -25.45 56.18
O2D DGD OE . -2.56 -26.78 55.87
C3D DGD OE . -1.25 -25.40 57.33
O3D DGD OE . -0.01 -25.73 56.81
C4D DGD OE . -1.11 -23.96 57.97
O4D DGD OE . -0.44 -23.10 57.13
C5D DGD OE . -2.53 -23.31 58.16
C6D DGD OE . -2.47 -21.78 58.29
O6D DGD OE . -3.37 -23.52 57.04
C1 BCR PE . -37.34 -27.10 60.12
C2 BCR PE . -38.38 -27.74 59.23
C3 BCR PE . -39.54 -28.41 59.96
C4 BCR PE . -40.08 -27.65 61.16
C5 BCR PE . -39.33 -26.36 61.40
C6 BCR PE . -38.04 -26.25 61.14
C7 BCR PE . -37.31 -25.18 61.83
C8 BCR PE . -36.69 -25.37 62.99
C9 BCR PE . -36.03 -24.21 63.57
C10 BCR PE . -35.80 -24.11 64.89
C11 BCR PE . -35.41 -23.68 65.93
C33 BCR PE . -40.09 -25.20 61.95
C31 BCR PE . -36.48 -26.15 59.30
C32 BCR PE . -36.46 -28.17 60.77
C34 BCR PE . -35.58 -23.10 62.69
C12 BCR PE . -35.24 -23.51 67.24
C13 BCR PE . -34.53 -22.82 68.32
C14 BCR PE . -34.09 -23.43 69.42
C15 BCR PE . -33.56 -23.55 70.50
C35 BCR PE . -34.27 -21.37 68.23
O1A CL7 QE . -13.39 -12.49 25.30
CGA CL7 QE . -14.07 -11.50 25.17
O2A CL7 QE . -15.15 -11.54 25.92
C1 CL7 QE . -16.48 -12.37 25.58
C2 CL7 QE . -16.79 -12.67 24.15
C3 CL7 QE . -17.77 -12.04 23.47
C5 CL7 QE . -18.65 -10.98 24.10
C6 CL7 QE . -18.63 -9.77 23.19
C7 CL7 QE . -17.86 -8.65 23.87
C8 CL7 QE . -17.10 -7.71 22.94
C10 CL7 QE . -16.21 -6.85 23.81
C11 CL7 QE . -15.93 -5.48 23.21
C12 CL7 QE . -15.56 -4.52 24.33
C13 CL7 QE . -14.71 -3.34 23.86
C15 CL7 QE . -15.33 -2.63 22.67
C16 CL7 QE . -16.56 -1.81 23.03
C17 CL7 QE . -16.46 -0.42 22.41
C18 CL7 QE . -17.69 -0.04 21.58
C19 CL7 QE . -18.93 0.10 22.43
C20 CL7 QE . -17.45 1.24 20.81
C14 CL7 QE . -14.48 -2.37 25.02
C9 CL7 QE . -16.26 -8.47 21.93
C4 CL7 QE . -18.00 -12.39 22.05
CBA CL7 QE . -13.69 -10.35 24.26
CAA CL7 QE . -12.18 -10.22 24.16
C2A CL7 QE . -11.49 -8.99 24.77
C1A CL7 QE . -11.02 -9.38 26.14
CHA CL7 QE . -9.92 -10.36 26.43
CBD CL7 QE . -9.06 -11.17 25.50
CGD CL7 QE . -8.33 -10.25 24.60
O2D CL7 QE . -8.58 -10.31 23.19
CED CL7 QE . -7.93 -9.36 22.36
O1D CL7 QE . -7.55 -9.42 25.01
C3A CL7 QE . -12.53 -7.95 25.06
CMA CL7 QE . -12.44 -6.60 24.34
C4A CL7 QE . -12.53 -7.97 26.53
NA CL7 QE . -11.66 -8.78 27.06
CHB CL7 QE . -13.38 -7.18 27.17
C1B CL7 QE . -13.59 -7.02 28.59
NB CL7 QE . -12.95 -7.71 29.52
MG CL7 QE . -11.37 -8.98 29.25
ND CL7 QE . -9.94 -10.36 29.07
C4D CL7 QE . -9.52 -10.72 27.80
C2B CL7 QE . -14.62 -6.09 29.11
CMB CL7 QE . -15.52 -5.17 28.37
C3B CL7 QE . -14.48 -6.29 30.53
CAB CL7 QE . -15.28 -5.59 31.57
OBB CL7 QE . -14.96 -5.53 32.74
C4B CL7 QE . -13.42 -7.31 30.69
CHC CL7 QE . -12.95 -7.85 31.97
C1C CL7 QE . -11.83 -8.74 32.25
NC CL7 QE . -11.09 -9.31 31.31
C2C CL7 QE . -11.48 -9.01 33.62
CMC CL7 QE . -12.19 -8.47 34.82
C3C CL7 QE . -10.35 -9.91 33.42
CAC CL7 QE . -9.49 -10.58 34.45
CBC CL7 QE . -8.83 -9.52 35.30
C4C CL7 QE . -10.21 -10.03 31.97
CHD CL7 QE . -9.28 -10.96 31.31
C1D CL7 QE . -9.15 -11.07 29.86
C2D CL7 QE . -8.17 -11.93 29.16
CMD CL7 QE . -7.09 -12.91 29.50
C3D CL7 QE . -8.53 -11.60 27.79
CAD CL7 QE . -8.15 -11.90 26.42
OBD CL7 QE . -7.16 -12.63 26.07
CHA PHO RE . -15.87 -34.43 27.63
CHB PHO RE . -13.07 -32.89 31.20
CHC PHO RE . -12.64 -28.47 29.11
CHD PHO RE . -15.39 -29.99 25.44
NA PHO RE . -14.60 -33.37 29.36
C1A PHO RE . -15.18 -34.51 28.78
C2A PHO RE . -14.89 -35.74 29.60
C3A PHO RE . -14.30 -35.13 30.90
C4A PHO RE . -13.98 -33.70 30.46
CMA PHO RE . -15.29 -35.13 32.02
CAA PHO RE . -13.92 -36.66 28.91
CBA PHO RE . -14.14 -38.07 29.36
CGA PHO RE . -12.92 -38.86 29.01
O1A PHO RE . -12.16 -38.69 28.07
O2A PHO RE . -12.70 -39.88 29.90
NB PHO RE . -13.01 -30.83 29.82
C1B PHO RE . -12.71 -31.60 30.92
C2B PHO RE . -11.89 -30.77 31.84
C3B PHO RE . -11.76 -29.52 31.26
C4B PHO RE . -12.49 -29.53 29.95
CMB PHO RE . -11.43 -31.32 33.12
CAB PHO RE . -11.13 -28.30 31.72
CBB PHO RE . -10.32 -28.10 32.76
NC PHO RE . -13.95 -29.52 27.34
C1C PHO RE . -13.35 -28.47 27.85
C2C PHO RE . -13.58 -27.27 27.00
C3C PHO RE . -14.42 -27.68 25.97
C4C PHO RE . -14.64 -29.14 26.18
CMC PHO RE . -13.08 -25.94 27.30
CAC PHO RE . -14.98 -26.86 24.87
CBC PHO RE . -14.58 -27.20 23.46
ND PHO RE . -15.14 -32.12 26.74
C1D PHO RE . -15.64 -31.37 25.68
C2D PHO RE . -16.49 -32.24 24.91
C3D PHO RE . -16.61 -33.43 25.63
C4D PHO RE . -15.79 -33.29 26.78
CMD PHO RE . -17.17 -31.93 23.67
CAD PHO RE . -17.21 -34.72 25.63
OBD PHO RE . -17.89 -35.26 24.79
CBD PHO RE . -16.82 -35.39 26.98
CGD PHO RE . -18.05 -35.67 27.77
O1D PHO RE . -18.75 -36.68 27.80
O2D PHO RE . -18.42 -34.62 28.54
CED PHO RE . -19.13 -34.91 29.74
C1 PHO RE . -11.86 -40.95 29.42
C2 PHO RE . -10.68 -40.96 30.32
C3 PHO RE . -9.47 -40.54 29.96
C4 PHO RE . -9.22 -39.98 28.62
C5 PHO RE . -8.28 -40.57 30.85
C6 PHO RE . -7.88 -39.17 31.25
C7 PHO RE . -6.38 -39.02 31.29
C8 PHO RE . -5.91 -37.58 31.19
C9 PHO RE . -5.82 -37.14 29.75
C10 PHO RE . -4.57 -37.44 31.91
C11 PHO RE . -4.66 -37.83 33.37
C12 PHO RE . -5.02 -36.63 34.25
C13 PHO RE . -5.29 -37.00 35.70
C14 PHO RE . -6.20 -38.22 35.80
C15 PHO RE . -5.92 -35.83 36.47
C16 PHO RE . -5.00 -34.63 36.59
C17 PHO RE . -5.61 -33.55 37.46
C18 PHO RE . -4.72 -32.33 37.64
C19 PHO RE . -5.39 -31.29 38.49
C20 PHO RE . -4.36 -31.71 36.30
MG CLA SE . -5.35 -19.48 29.81
CHA CLA SE . -4.73 -22.51 28.23
CHB CLA SE . -8.63 -19.83 28.86
CHC CLA SE . -5.98 -16.63 31.49
CHD CLA SE . -1.95 -19.24 30.57
NA CLA SE . -6.56 -20.96 28.70
C1A CLA SE . -6.13 -22.02 28.15
C2A CLA SE . -7.17 -22.80 27.47
C3A CLA SE . -8.34 -21.90 27.57
C4A CLA SE . -7.84 -20.83 28.44
CMA CLA SE . -8.72 -21.48 26.17
CAA CLA SE . -7.56 -23.83 28.50
CBA CLA SE . -8.23 -25.03 27.88
CGA CLA SE . -8.64 -26.07 28.88
O1A CLA SE . -9.73 -26.58 28.95
O2A CLA SE . -7.86 -26.62 29.79
NB CLA SE . -7.07 -18.41 30.12
C1B CLA SE . -8.30 -18.66 29.68
C2B CLA SE . -9.32 -17.68 30.10
C3B CLA SE . -8.51 -16.73 30.87
C4B CLA SE . -7.13 -17.26 30.83
CMB CLA SE . -10.78 -17.73 29.75
CAB CLA SE . -8.82 -15.48 31.61
CBB CLA SE . -10.03 -15.05 31.87
NC CLA SE . -4.14 -18.17 30.94
C1C CLA SE . -4.57 -17.03 31.46
C2C CLA SE . -3.51 -16.16 31.99
C3C CLA SE . -2.32 -16.95 31.73
C4C CLA SE . -2.82 -18.17 31.07
CMC CLA SE . -3.67 -14.82 32.64
CAC CLA SE . -0.88 -16.64 32.01
CBC CLA SE . -0.24 -16.22 30.70
ND CLA SE . -3.65 -20.48 29.48
C1D CLA SE . -2.41 -20.43 29.90
C2D CLA SE . -1.58 -21.61 29.63
C3D CLA SE . -2.58 -22.41 28.94
C4D CLA SE . -3.70 -21.72 28.90
CMD CLA SE . -0.19 -22.08 29.88
CAD CLA SE . -2.75 -23.73 28.32
OBD CLA SE . -2.16 -24.77 28.73
CBD CLA SE . -4.10 -23.77 27.72
CGD CLA SE . -3.99 -23.81 26.24
O1D CLA SE . -3.77 -22.83 25.57
O2D CLA SE . -4.09 -25.07 25.58
CED CLA SE . -3.42 -25.24 24.36
C1 CLA SE . -8.06 -28.18 30.06
C2 CLA SE . -7.36 -29.31 29.37
C3 CLA SE . -7.87 -29.97 28.32
C4 CLA SE . -9.19 -29.59 27.71
C5 CLA SE . -7.08 -31.10 27.74
C6 CLA SE . -7.95 -32.36 27.73
C7 CLA SE . -8.34 -32.84 29.12
C8 CLA SE . -9.29 -34.03 29.08
C9 CLA SE . -10.39 -33.88 28.03
C10 CLA SE . -9.90 -34.20 30.45
C11 CLA SE . -9.86 -35.63 30.96
C12 CLA SE . -9.97 -35.62 32.47
C13 CLA SE . -10.27 -36.98 33.08
C14 CLA SE . -11.74 -37.32 32.98
C15 CLA SE . -9.83 -36.95 34.55
MG CLA TE . 0.71 -50.07 28.85
CHA CLA TE . 3.87 -48.62 29.06
CHB CLA TE . 0.37 -48.48 25.81
CHC CLA TE . -2.31 -51.54 28.63
CHD CLA TE . 1.18 -51.52 32.05
NA CLA TE . 1.95 -48.73 27.57
C1A CLA TE . 3.12 -48.31 27.82
C2A CLA TE . 3.71 -47.41 26.78
C3A CLA TE . 2.58 -47.33 25.81
C4A CLA TE . 1.55 -48.24 26.42
CMA CLA TE . 2.29 -45.89 25.58
CAA CLA TE . 4.83 -48.03 25.96
CBA CLA TE . 4.73 -49.55 25.83
CGA CLA TE . 5.27 -49.97 24.49
O1A CLA TE . 6.42 -49.80 24.12
O2A CLA TE . 4.55 -50.56 23.57
NB CLA TE . -0.75 -50.01 27.41
C1B CLA TE . -0.76 -49.31 26.27
C2B CLA TE . -2.03 -49.48 25.49
C3B CLA TE . -2.78 -50.39 26.37
C4B CLA TE . -1.92 -50.65 27.52
CMB CLA TE . -2.43 -48.89 24.17
CAB CLA TE . -4.13 -50.99 26.25
CBB CLA TE . -4.65 -51.41 25.12
NC CLA TE . -0.33 -51.45 30.09
C1C CLA TE . -1.56 -51.88 29.85
C2C CLA TE . -2.16 -52.72 30.90
C3C CLA TE . -1.08 -52.79 31.88
C4C CLA TE . -0.01 -51.96 31.29
CMC CLA TE . -3.52 -53.36 30.95
CAC CLA TE . -1.14 -53.51 33.21
CBC CLA TE . -0.11 -54.60 33.37
ND CLA TE . 2.08 -50.14 30.30
C1D CLA TE . 2.26 -50.71 31.49
C2D CLA TE . 3.57 -50.46 32.13
C3D CLA TE . 4.16 -49.61 31.10
C4D CLA TE . 3.29 -49.48 30.11
CMD CLA TE . 4.28 -50.83 33.40
CAD CLA TE . 5.39 -48.86 30.77
OBD CLA TE . 6.42 -48.77 31.50
CBD CLA TE . 5.19 -48.11 29.52
CGD CLA TE . 5.07 -46.67 29.86
O1D CLA TE . 4.44 -46.29 30.81
O2D CLA TE . 5.67 -45.62 29.08
CED CLA TE . 5.88 -44.42 29.77
C1 BCR UE . 0.28 -50.08 37.50
C2 BCR UE . 1.41 -50.05 36.47
C3 BCR UE . 2.51 -49.08 36.87
C4 BCR UE . 1.94 -47.68 36.98
C5 BCR UE . 0.71 -47.68 37.84
C6 BCR UE . -0.20 -48.66 37.77
C7 BCR UE . -1.66 -48.40 37.89
C8 BCR UE . -2.36 -48.43 39.04
C9 BCR UE . -3.63 -48.21 39.08
C10 BCR UE . -4.22 -47.97 40.16
C11 BCR UE . -4.96 -47.27 40.75
C33 BCR UE . 0.56 -46.54 38.79
C31 BCR UE . 0.76 -50.69 38.81
C32 BCR UE . -0.86 -50.93 36.93
C34 BCR UE . -4.44 -48.27 37.81
C12 BCR UE . -5.73 -46.56 41.44
C13 BCR UE . -6.85 -45.64 41.74
C14 BCR UE . -6.90 -45.16 43.00
C15 BCR UE . -7.90 -44.25 43.54
C16 BCR UE . -8.29 -43.40 44.49
C17 BCR UE . -8.94 -42.61 45.12
C18 BCR UE . -9.21 -41.66 46.04
C19 BCR UE . -10.57 -41.13 46.18
C20 BCR UE . -11.38 -40.11 46.42
C35 BCR UE . -7.87 -45.29 40.71
C36 BCR UE . -8.13 -41.13 46.94
C2 PL9 VE . -30.47 -16.93 23.05
C3 PL9 VE . -30.60 -15.89 22.17
C4 PL9 VE . -31.66 -15.88 21.23
C5 PL9 VE . -32.56 -16.95 21.24
C6 PL9 VE . -32.43 -17.98 22.14
C1 PL9 VE . -31.39 -17.99 23.04
C7 PL9 VE . -29.65 -14.81 22.23
C8 PL9 VE . -28.24 -15.11 22.00
C9 PL9 VE . -27.41 -14.20 21.52
C10 PL9 VE . -27.91 -13.04 20.75
C11 PL9 VE . -26.06 -14.09 22.13
C12 PL9 VE . -25.07 -13.40 21.18
C13 PL9 VE . -23.73 -13.96 21.50
C14 PL9 VE . -22.76 -13.27 22.10
C15 PL9 VE . -22.96 -11.93 22.71
C16 PL9 VE . -21.39 -13.79 22.24
C17 PL9 VE . -21.20 -15.15 21.55
C18 PL9 VE . -19.75 -15.52 21.50
C19 PL9 VE . -18.93 -15.34 20.48
C20 PL9 VE . -19.36 -14.59 19.29
C21 PL9 VE . -17.48 -15.69 20.67
C22 PL9 VE . -16.72 -15.79 19.37
C23 PL9 VE . -15.51 -16.60 19.61
C24 PL9 VE . -15.10 -17.48 18.74
C25 PL9 VE . -15.87 -17.90 17.55
C26 PL9 VE . -13.86 -18.20 19.01
C27 PL9 VE . -12.84 -17.87 17.95
C28 PL9 VE . -12.22 -16.61 18.34
C29 PL9 VE . -12.27 -15.54 17.59
C30 PL9 VE . -12.27 -15.62 16.11
C31 PL9 VE . -12.55 -14.23 18.12
C32 PL9 VE . -11.34 -13.34 18.15
C33 PL9 VE . -11.67 -12.32 19.14
C34 PL9 VE . -10.77 -11.58 19.73
C35 PL9 VE . -9.56 -12.16 20.30
C36 PL9 VE . -10.65 -10.23 19.20
C37 PL9 VE . -10.96 -9.20 20.26
C38 PL9 VE . -10.78 -7.88 19.60
C39 PL9 VE . -10.40 -6.78 20.23
C40 PL9 VE . -11.41 -5.89 20.80
C41 PL9 VE . -9.05 -6.23 19.88
C52 PL9 VE . -33.61 -16.92 20.28
C53 PL9 VE . -33.30 -19.10 22.21
O1 PL9 VE . -31.74 -14.96 20.46
O2 PL9 VE . -31.23 -18.88 23.86
O1 LHG WE . -24.89 -24.10 11.00
C1 LHG WE . -23.97 -24.33 9.94
C2 LHG WE . -24.24 -25.71 9.32
O2 LHG WE . -25.55 -26.15 9.62
C3 LHG WE . -23.30 -26.70 9.94
O3 LHG WE . -23.45 -27.88 9.16
P LHG WE . -22.19 -28.75 8.78
O4 LHG WE . -22.21 -29.11 7.33
O5 LHG WE . -22.11 -29.81 9.81
O6 LHG WE . -21.03 -27.70 9.07
C4 LHG WE . -20.03 -28.11 9.98
C5 LHG WE . -18.97 -27.04 10.08
C6 LHG WE . -17.89 -27.62 10.98
O7 LHG WE . -18.47 -26.75 8.81
C7 LHG WE . -18.24 -25.33 8.72
O9 LHG WE . -19.03 -24.60 9.28
C8 LHG WE . -17.07 -24.76 7.96
C9 LHG WE . -16.87 -23.31 8.39
C10 LHG WE . -15.69 -23.16 9.36
O8 LHG WE . -17.81 -26.88 12.20
C23 LHG WE . -17.50 -27.65 13.37
O10 LHG WE . -17.67 -28.85 13.30
C24 LHG WE . -16.94 -27.00 14.62
C11 LHG WE . -14.89 -21.90 9.05
C12 LHG WE . -15.29 -20.74 9.96
C13 LHG WE . -15.16 -19.40 9.25
C14 LHG WE . -13.80 -19.26 8.58
C15 LHG WE . -13.29 -17.82 8.54
C16 LHG WE . -11.77 -17.81 8.62
C17 LHG WE . -11.15 -16.51 8.10
C18 LHG WE . -11.48 -15.33 9.02
C19 LHG WE . -10.47 -14.19 8.88
C20 LHG WE . -10.28 -13.75 7.44
C21 LHG WE . -8.83 -13.86 6.99
C22 LHG WE . -8.73 -13.91 5.48
C25 LHG WE . -15.74 -26.13 14.27
C26 LHG WE . -14.41 -26.79 14.61
C27 LHG WE . -13.24 -25.95 14.09
C28 LHG WE . -11.89 -26.47 14.56
C29 LHG WE . -10.77 -25.50 14.17
C30 LHG WE . -10.10 -25.92 12.87
C31 LHG WE . -10.13 -24.80 11.84
C32 LHG WE . -11.26 -25.02 10.83
C33 LHG WE . -11.02 -24.23 9.53
C34 LHG WE . -12.24 -24.35 8.62
C35 LHG WE . -11.90 -24.78 7.19
C36 LHG WE . -13.02 -24.29 6.27
C37 LHG WE . -13.65 -25.45 5.52
C38 LHG WE . -14.43 -24.91 4.36
O1 LHG XE . -27.40 -18.10 8.99
C1 LHG XE . -28.28 -19.07 9.52
C2 LHG XE . -29.40 -18.35 10.25
O2 LHG XE . -30.17 -17.63 9.29
C3 LHG XE . -28.76 -17.38 11.22
O3 LHG XE . -29.54 -16.24 11.52
P LHG XE . -30.48 -16.18 12.80
O4 LHG XE . -31.83 -15.73 12.32
O5 LHG XE . -30.31 -17.46 13.57
O6 LHG XE . -29.90 -15.01 13.71
C4 LHG XE . -29.49 -13.73 13.28
C5 LHG XE . -28.35 -13.28 14.19
C6 LHG XE . -28.08 -14.36 15.21
O7 LHG XE . -27.15 -13.13 13.45
C7 LHG XE . -26.89 -11.77 13.03
O9 LHG XE . -27.46 -11.31 12.06
C8 LHG XE . -25.93 -10.91 13.79
C9 LHG XE . -24.75 -10.52 12.91
C10 LHG XE . -24.08 -9.24 13.38
O8 LHG XE . -27.22 -13.94 16.23
C23 LHG XE . -25.92 -14.54 16.28
O10 LHG XE . -25.57 -15.22 15.33
C24 LHG XE . -25.05 -14.29 17.49
C11 LHG XE . -24.21 -8.94 14.87
C12 LHG XE . -24.11 -7.46 15.17
C13 LHG XE . -25.10 -6.94 16.21
C14 LHG XE . -24.51 -6.84 17.63
C15 LHG XE . -25.33 -5.89 18.49
C16 LHG XE . -24.47 -4.87 19.21
C17 LHG XE . -25.26 -3.66 19.76
C18 LHG XE . -25.90 -3.90 21.12
C19 LHG XE . -26.68 -2.68 21.56
C20 LHG XE . -27.24 -2.85 22.97
C21 LHG XE . -27.63 -1.51 23.61
C22 LHG XE . -28.68 -0.76 22.81
C25 LHG XE . -23.59 -14.15 17.09
C26 LHG XE . -23.13 -12.71 16.88
C27 LHG XE . -22.84 -12.00 18.20
C28 LHG XE . -22.50 -10.52 17.95
C29 LHG XE . -21.68 -9.95 19.09
C30 LHG XE . -20.31 -9.49 18.63
C31 LHG XE . -19.97 -8.13 19.24
C32 LHG XE . -19.18 -7.25 18.27
C33 LHG XE . -18.55 -6.07 18.99
C34 LHG XE . -17.18 -5.73 18.43
C35 LHG XE . -16.73 -4.36 18.94
C36 LHG XE . -15.21 -4.20 18.85
C1 LMG YE . -4.28 -34.10 53.23
O1 LMG YE . -5.58 -34.62 52.99
C2 LMG YE . -4.34 -33.03 54.31
O2 LMG YE . -5.27 -31.99 53.98
C3 LMG YE . -2.93 -32.49 54.51
O3 LMG YE . -2.94 -31.48 55.52
C4 LMG YE . -1.98 -33.61 54.90
O4 LMG YE . -2.22 -34.05 56.23
C5 LMG YE . -2.10 -34.80 53.96
O5 LMG YE . 0.00 -35.84 54.28
C6 LMG YE . -1.39 -35.98 54.58
O6 LMG YE . -3.47 -35.17 53.73
C7 LMG YE . -5.53 -35.57 51.93
C8 LMG YE . -6.40 -35.03 50.80
C9 LMG YE . -6.75 -36.20 49.90
O7 LMG YE . -7.58 -34.47 51.35
C10 LMG YE . -7.63 -33.02 51.18
O9 LMG YE . -6.59 -32.41 51.08
C11 LMG YE . -8.96 -32.31 51.15
C12 LMG YE . -9.46 -32.18 49.70
C13 LMG YE . -10.12 -33.46 49.22
C14 LMG YE . -11.13 -33.19 48.10
C15 LMG YE . -10.46 -32.80 46.80
C16 LMG YE . -11.46 -32.65 45.66
C17 LMG YE . -12.33 -31.41 45.85
O8 LMG YE . -7.48 -35.72 48.78
C28 LMG YE . -7.94 -36.63 47.75
O10 LMG YE . -7.39 -37.71 47.64
C29 LMG YE . -9.05 -36.21 46.84
C30 LMG YE . -8.78 -36.59 45.39
C31 LMG YE . -9.94 -36.13 44.50
C32 LMG YE . -9.68 -36.44 43.04
C33 LMG YE . -10.92 -36.19 42.19
C1A DGD ZE . 9.77 -38.05 21.23
C2A DGD ZE . 9.21 -38.78 22.38
C3A DGD ZE . 8.02 -39.62 21.94
C4A DGD ZE . 6.72 -38.83 22.00
C5A DGD ZE . 5.70 -39.46 21.06
C6A DGD ZE . 4.28 -39.15 21.52
C7A DGD ZE . 3.38 -39.93 20.55
C8A DGD ZE . 1.96 -39.99 21.10
C9A DGD ZE . 1.04 -40.37 19.95
CAA DGD ZE . -0.32 -39.76 20.22
CBA DGD ZE . -1.13 -39.74 18.91
CCA DGD ZE . -2.17 -38.65 19.05
CDA DGD ZE . -2.92 -38.56 17.72
CEA DGD ZE . -2.68 -37.19 17.11
CFA DGD ZE . -3.68 -36.21 17.67
CGA DGD ZE . -3.39 -34.85 17.05
O1A DGD ZE . 9.26 -37.90 20.13
C1B DGD ZE . 11.73 -39.01 18.61
C2B DGD ZE . 11.25 -39.10 17.19
C3B DGD ZE . 9.98 -38.31 16.95
C4B DGD ZE . 10.15 -37.16 15.93
C5B DGD ZE . 8.72 -36.69 15.65
C6B DGD ZE . 8.27 -35.82 16.84
C7B DGD ZE . 7.21 -34.87 16.29
C8B DGD ZE . 6.85 -33.91 17.39
C9B DGD ZE . 7.07 -32.50 16.90
CAB DGD ZE . 7.89 -31.89 18.01
CBB DGD ZE . 8.23 -30.53 17.54
O1B DGD ZE . 11.69 -39.91 19.44
O1G DGD ZE . 11.12 -37.88 21.43
C1G DGD ZE . 11.84 -36.88 20.76
C2G DGD ZE . 13.01 -37.60 20.08
O2G DGD ZE . 12.54 -37.94 18.81
C3G DGD ZE . 14.14 -36.57 19.80
O3G DGD ZE . 14.89 -36.40 21.01
C1D DGD ZE . 15.43 -35.10 21.11
C2D DGD ZE . 16.20 -34.99 22.45
O2D DGD ZE . 15.23 -34.90 23.42
C3D DGD ZE . 16.93 -33.61 22.40
O3D DGD ZE . 17.69 -33.42 23.55
C4D DGD ZE . 17.91 -33.61 21.21
O4D DGD ZE . 18.79 -34.68 21.31
C5D DGD ZE . 17.06 -33.84 19.94
C6D DGD ZE . 17.95 -34.01 18.69
O6D DGD ZE . 16.33 -35.05 20.03
CHA HEM AF . -20.26 -57.69 45.41
CHB HEM AF . -16.14 -59.68 47.07
CHC HEM AF . -14.71 -55.34 48.60
CHD HEM AF . -18.67 -53.32 46.70
C1A HEM AF . -19.28 -58.61 45.77
C2A HEM AF . -19.39 -60.03 45.63
C3A HEM AF . -18.26 -60.59 46.08
C4A HEM AF . -17.39 -59.53 46.53
CMA HEM AF . -17.95 -62.09 46.12
CAA HEM AF . -20.62 -60.77 45.05
CBA HEM AF . -21.66 -60.93 46.16
CGA HEM AF . -22.96 -60.27 45.75
O1A HEM AF . -23.20 -59.11 46.19
O2A HEM AF . -23.73 -60.90 44.99
C1B HEM AF . -15.39 -58.66 47.64
C2B HEM AF . -14.09 -58.82 48.25
C3B HEM AF . -13.68 -57.60 48.67
C4B HEM AF . -14.74 -56.68 48.34
CMB HEM AF . -13.37 -60.19 48.33
CAB HEM AF . -12.39 -57.11 49.40
CBB HEM AF . -11.39 -57.85 49.88
C1C HEM AF . -15.60 -54.42 48.09
C2C HEM AF . -15.34 -53.00 47.96
C3C HEM AF . -16.44 -52.44 47.42
C4C HEM AF . -17.41 -53.50 47.21
CMC HEM AF . -13.98 -52.39 48.38
CAC HEM AF . -16.78 -50.97 47.07
CBC HEM AF . -16.26 -49.91 47.68
C1D HEM AF . -19.45 -54.31 46.17
C2D HEM AF . -20.70 -54.15 45.45
C3D HEM AF . -21.14 -55.36 45.09
C4D HEM AF . -20.19 -56.33 45.56
CMD HEM AF . -21.40 -52.81 45.15
CAD HEM AF . -22.44 -55.63 44.32
CBD HEM AF . -22.15 -55.90 42.84
CGD HEM AF . -23.24 -55.28 42.00
O1D HEM AF . -23.97 -56.04 41.32
O2D HEM AF . -23.37 -54.04 42.01
NA HEM AF . -18.05 -58.34 46.33
NB HEM AF . -15.76 -57.33 47.71
NC HEM AF . -16.86 -54.69 47.63
ND HEM AF . -19.17 -55.66 46.21
FE HEM AF . -17.47 -56.50 47.02
MG CLA BF . -5.25 -35.86 -19.12
CHA CLA BF . -6.16 -35.59 -22.47
CHB CLA BF . -3.16 -33.21 -19.61
CHC CLA BF . -4.49 -36.06 -15.84
CHD CLA BF . -7.56 -38.53 -18.73
NA CLA BF . -4.72 -34.53 -20.82
C1A CLA BF . -5.16 -34.57 -22.02
C2A CLA BF . -4.55 -33.54 -22.91
C3A CLA BF . -3.58 -32.85 -21.98
C4A CLA BF . -3.85 -33.56 -20.71
CMA CLA BF . -2.13 -32.81 -22.40
CAA CLA BF . -5.62 -32.54 -23.29
CBA CLA BF . -5.09 -31.34 -24.02
CGA CLA BF . -4.83 -31.65 -25.47
O1A CLA BF . -5.28 -32.60 -26.07
O2A CLA BF . -4.10 -30.89 -26.23
NB CLA BF . -4.00 -34.76 -17.89
C1B CLA BF . -3.20 -33.76 -18.25
C2B CLA BF . -2.35 -33.25 -17.13
C3B CLA BF . -2.76 -34.12 -16.05
C4B CLA BF . -3.79 -35.02 -16.60
CMB CLA BF . -1.31 -32.18 -17.06
CAB CLA BF . -2.26 -34.09 -14.66
CBB CLA BF . -1.57 -35.07 -14.16
NC CLA BF . -5.96 -37.07 -17.53
C1C CLA BF . -5.47 -37.05 -16.31
C2C CLA BF . -5.96 -38.09 -15.42
C3C CLA BF . -6.89 -38.82 -16.25
C4C CLA BF . -6.81 -38.10 -17.54
CMC CLA BF . -5.58 -38.30 -14.01
CAC CLA BF . -7.71 -40.02 -15.91
CBC CLA BF . -6.83 -41.25 -15.97
ND CLA BF . -6.58 -36.87 -20.19
C1D CLA BF . -7.40 -37.90 -20.03
C2D CLA BF . -8.11 -38.34 -21.26
C3D CLA BF . -7.57 -37.37 -22.19
C4D CLA BF . -6.72 -36.58 -21.54
CMD CLA BF . -9.10 -39.39 -21.69
CAD CLA BF . -7.65 -37.03 -23.60
OBD CLA BF . -7.80 -37.96 -24.44
CBD CLA BF . -6.75 -35.86 -23.84
CGD CLA BF . -5.71 -36.17 -24.87
O1D CLA BF . -5.74 -35.63 -25.95
O2D CLA BF . -4.64 -37.09 -24.61
CED CLA BF . -3.32 -36.80 -25.09
C1 CLA BF . -2.61 -31.30 -26.65
C2 CLA BF . -2.33 -32.08 -27.92
C3 CLA BF . -1.34 -32.98 -27.98
C4 CLA BF . -1.10 -33.73 -29.26
C5 CLA BF . -0.46 -33.25 -26.79
C1 RRX CF . -1.32 -51.05 5.30
C2 RRX CF . -2.68 -51.67 5.60
O2 RRX CF . 20.78 -59.08 18.16
C3 RRX CF . -2.60 -53.03 6.22
C40 RRX CF . 18.29 -58.43 14.57
C30 RRX CF . 17.87 -58.01 15.98
C39 RRX CF . 16.39 -58.33 16.16
C29 RRX CF . 18.69 -58.80 17.01
C28 RRX CF . 20.13 -58.34 17.14
C27 RRX CF . 20.17 -56.86 17.46
C26 RRX CF . 19.30 -56.05 16.55
C38 RRX CF . 19.87 -54.73 16.13
C25 RRX CF . 18.08 -56.51 16.16
C24 RRX CF . 17.00 -55.60 15.89
C23 RRX CF . 16.01 -55.76 14.97
C22 RRX CF . 14.70 -55.29 15.05
C37 RRX CF . 14.02 -55.21 16.36
C21 RRX CF . 13.97 -54.86 13.92
C20 RRX CF . 12.75 -55.31 13.47
C19 RRX CF . 11.87 -54.69 12.59
C18 RRX CF . 10.49 -54.90 12.43
C36 RRX CF . 9.59 -54.54 13.56
C17 RRX CF . 9.91 -55.42 11.26
C16 RRX CF . 9.56 -54.74 10.10
C15 RRX CF . 8.41 -54.81 9.32
C14 RRX CF . 7.95 -53.97 8.30
C13 RRX CF . 6.78 -54.08 7.54
C35 RRX CF . 6.90 -54.49 6.13
C12 RRX CF . 5.48 -53.83 8.05
C11 RRX CF . 4.32 -53.59 7.35
C10 RRX CF . 4.10 -53.65 5.99
C9 RRX CF . 3.29 -52.83 5.19
C34 RRX CF . 3.74 -52.59 3.79
C8 RRX CF . 2.11 -52.24 5.65
C7 RRX CF . 1.10 -51.71 4.90
C6 RRX CF . -0.28 -52.08 4.92
C32 RRX CF . -1.51 -50.04 4.15
C31 RRX CF . -0.87 -50.28 6.55
C5 RRX CF . -0.67 -53.33 4.62
C33 RRX CF . -0.02 -54.21 3.58
C4 RRX CF . -1.82 -53.99 5.33
O1 LHG DF . -23.41 -19.92 2.91
C1 LHG DF . -23.97 -19.39 4.10
C2 LHG DF . -25.46 -19.63 4.08
O2 LHG DF . -26.11 -18.51 3.48
C3 LHG DF . -26.01 -19.84 5.48
O3 LHG DF . -26.01 -21.22 5.75
P LHG DF . -25.52 -21.74 7.19
O4 LHG DF . -26.61 -21.51 8.18
O5 LHG DF . -24.93 -23.10 7.05
O6 LHG DF . -24.32 -20.71 7.41
C4 LHG DF . -24.08 -20.10 8.67
C5 LHG DF . -22.72 -19.43 8.59
C6 LHG DF . -22.83 -17.93 8.85
O7 LHG DF . -21.92 -19.98 9.59
C7 LHG DF . -20.94 -20.91 9.09
O9 LHG DF . -20.84 -21.07 7.90
C8 LHG DF . -20.09 -21.65 10.07
C9 LHG DF . -18.96 -20.69 10.41
C10 LHG DF . -19.33 -19.87 11.63
O8 LHG DF . -21.53 -17.37 9.07
C23 LHG DF . -20.69 -16.98 7.96
O10 LHG DF . -21.11 -17.10 6.83
C24 LHG DF . -19.31 -16.42 8.18
C11 LHG DF . -18.53 -18.58 11.70
C12 LHG DF . -19.16 -17.68 12.77
C13 LHG DF . -18.13 -16.72 13.35
C14 LHG DF . -18.71 -15.31 13.43
C15 LHG DF . -19.61 -15.17 14.64
C16 LHG DF . -19.18 -13.96 15.48
C17 LHG DF . -17.73 -14.07 15.92
C18 LHG DF . -16.93 -12.83 15.53
C19 LHG DF . -17.56 -11.58 16.13
C20 LHG DF . -16.52 -10.74 16.85
C21 LHG DF . -16.75 -10.76 18.36
C22 LHG DF . -15.87 -11.81 18.99
C25 LHG DF . -18.58 -16.32 6.84
C26 LHG DF . -17.09 -16.67 6.96
C27 LHG DF . -16.40 -16.56 5.60
C28 LHG DF . -15.14 -15.72 5.66
C29 LHG DF . -13.94 -16.51 5.16
C30 LHG DF . -12.76 -15.60 4.85
C31 LHG DF . -11.78 -16.21 3.86
C32 LHG DF . -11.89 -15.54 2.49
C33 LHG DF . -11.14 -16.29 1.39
C34 LHG DF . -9.66 -16.42 1.71
C35 LHG DF . -8.88 -16.93 0.50
C36 LHG DF . -8.93 -15.95 -0.67
C37 LHG DF . -7.55 -15.39 -0.93
C38 LHG DF . -6.62 -16.46 -1.49
O6 SQD EF . -33.41 -2.16 3.92
C44 SQD EF . -32.87 -1.35 2.86
C45 SQD EF . -31.34 -1.43 2.80
C46 SQD EF . -30.90 -2.77 2.25
O47 SQD EF . -30.66 -0.32 2.20
C7 SQD EF . -29.50 -0.46 1.37
O49 SQD EF . -29.65 -0.39 0.17
C8 SQD EF . -28.08 -0.71 1.94
C9 SQD EF . -27.01 -0.77 0.87
C10 SQD EF . -26.00 0.34 1.12
C11 SQD EF . -24.61 -0.15 0.73
C12 SQD EF . -23.81 -0.48 1.98
C13 SQD EF . -23.45 0.82 2.71
C14 SQD EF . -22.25 1.45 2.00
C15 SQD EF . -21.54 2.43 2.92
C16 SQD EF . -22.43 3.65 3.15
C17 SQD EF . -21.58 4.80 3.71
C18 SQD EF . -20.47 5.18 2.73
C19 SQD EF . -19.15 5.34 3.47
C20 SQD EF . -18.33 6.42 2.80
C21 SQD EF . -16.96 6.52 3.45
C22 SQD EF . -16.04 5.47 2.87
O48 SQD EF . -29.95 -3.18 3.19
C23 SQD EF . -29.42 -4.46 3.04
O10 SQD EF . -29.77 -5.12 2.08
C24 SQD EF . -28.13 -4.79 3.77
C25 SQD EF . -27.11 -5.21 2.73
C26 SQD EF . -25.71 -5.31 3.35
C27 SQD EF . -25.42 -4.11 4.24
C28 SQD EF . -24.03 -4.25 4.87
C29 SQD EF . -22.97 -4.02 3.80
C30 SQD EF . -21.65 -3.69 4.48
C31 SQD EF . -21.79 -2.44 5.35
C32 SQD EF . -20.42 -2.05 5.91
C33 SQD EF . -20.53 -0.71 6.64
C34 SQD EF . -19.13 -0.21 6.98
C35 SQD EF . -18.77 0.93 6.04
C36 SQD EF . -17.50 1.57 6.51
C37 SQD EF . -17.57 3.06 6.27
C38 SQD EF . -18.48 3.69 7.29
C1 SQD EF . -34.14 -3.32 3.57
C2 SQD EF . -34.98 -4.06 4.59
O2 SQD EF . -34.29 -4.31 5.74
C3 SQD EF . -35.36 -5.36 3.94
O3 SQD EF . -36.16 -6.12 4.76
C4 SQD EF . -36.02 -5.22 2.59
O4 SQD EF . -36.01 -6.43 1.95
C5 SQD EF . -35.32 -4.21 1.73
C6 SQD EF . -36.20 -3.75 0.59
O5 SQD EF . -34.92 -3.06 2.43
S SQD EF . -35.47 -2.32 -0.19
O7 SQD EF . -34.04 -2.24 -0.06
O8 SQD EF . -35.85 -2.31 -1.62
O9 SQD EF . -35.90 -1.11 0.45
C1 LMG FF . 9.85 -7.31 7.18
O1 LMG FF . 9.98 -8.23 6.10
C2 LMG FF . 11.15 -7.09 7.94
O2 LMG FF . 11.64 -8.33 8.43
C3 LMG FF . 10.84 -6.14 9.07
O3 LMG FF . 12.03 -5.90 9.80
C4 LMG FF . 10.25 -4.83 8.54
O4 LMG FF . 11.22 -4.16 7.72
C5 LMG FF . 9.05 -5.11 7.65
O5 LMG FF . 9.43 -2.78 7.08
C6 LMG FF . 8.51 -3.86 6.96
O6 LMG FF . 9.45 -6.04 6.65
C7 LMG FF . 8.84 -8.11 5.26
C8 LMG FF . 7.64 -8.82 5.88
C9 LMG FF . 6.42 -7.91 5.81
O7 LMG FF . 7.44 -10.02 5.14
C10 LMG FF . 7.07 -11.14 6.00
O9 LMG FF . 7.82 -11.48 6.88
C11 LMG FF . 5.79 -11.87 5.78
C12 LMG FF . 6.06 -13.36 5.91
C13 LMG FF . 4.79 -14.13 5.72
C14 LMG FF . 5.02 -15.63 5.56
C15 LMG FF . 3.70 -16.36 5.71
C16 LMG FF . 3.84 -17.85 5.50
C17 LMG FF . 2.47 -18.52 5.53
C18 LMG FF . 2.64 -20.02 5.40
C19 LMG FF . 1.63 -20.75 4.95
O8 LMG FF . 5.31 -8.42 6.54
C28 LMG FF . 4.78 -7.74 7.70
O10 LMG FF . 5.07 -6.57 7.87
C29 LMG FF . 3.92 -8.46 8.70
C30 LMG FF . 2.91 -9.33 7.99
C31 LMG FF . 2.55 -10.54 8.83
C32 LMG FF . 1.99 -11.63 7.94
C33 LMG FF . 0.84 -11.10 7.10
C34 LMG FF . -0.33 -12.08 7.11
C35 LMG FF . -1.63 -11.40 6.73
C36 LMG FF . -1.70 -11.16 5.24
C37 LMG FF . -2.86 -10.81 4.70
C38 LMG FF . -2.97 -10.57 3.22
C1B LMT GF . -34.00 -6.00 -6.04
C2B LMT GF . -34.97 -7.17 -6.25
C3B LMT GF . -35.57 -7.14 -7.68
C4B LMT GF . -36.12 -5.73 -8.00
C5B LMT GF . -35.01 -4.71 -7.75
C6B LMT GF . -35.51 -3.30 -8.07
O1B LMT GF . -32.83 -6.26 -6.75
O2B LMT GF . -34.23 -8.31 -6.08
O3B LMT GF . -36.49 -8.13 -7.85
O4' LMT GF . -36.52 -5.65 -9.32
O5B LMT GF . -34.55 -4.78 -6.42
O6B LMT GF . -36.36 -2.88 -7.08
C1' LMT GF . -28.72 -6.13 -6.48
C2' LMT GF . -29.39 -6.81 -5.28
C3' LMT GF . -30.92 -7.03 -5.51
C4' LMT GF . -31.61 -5.84 -6.20
C5' LMT GF . -30.72 -5.43 -7.38
C6' LMT GF . -31.33 -4.33 -8.18
O1' LMT GF . -27.52 -5.61 -6.07
O2' LMT GF . -28.80 -8.02 -5.08
O3' LMT GF . -31.52 -7.31 -4.33
O5' LMT GF . -29.48 -5.01 -6.91
O6' LMT GF . -30.48 -4.02 -9.18
C1 LMT GF . -26.95 -4.65 -6.90
C2 LMT GF . -25.54 -5.09 -6.97
C3 LMT GF . -24.46 -4.06 -6.92
C4 LMT GF . -24.79 -3.08 -5.83
C5 LMT GF . -23.69 -2.07 -5.78
C6 LMT GF . -22.39 -2.70 -5.43
C7 LMT GF . -21.25 -1.85 -5.88
C8 LMT GF . -20.08 -2.13 -5.00
C9 LMT GF . -18.77 -1.70 -5.55
C10 LMT GF . -17.78 -1.75 -4.42
C11 LMT GF . -16.67 -0.78 -4.61
C12 LMT GF . -15.38 -1.30 -4.06
CHA HEM HF . 14.39 -5.39 67.86
CHB HEM HF . 13.15 -9.58 69.96
CHC HEM HF . 8.51 -8.35 69.70
CHD HEM HF . 9.71 -4.62 66.83
C1A HEM HF . 14.45 -6.59 68.52
C2A HEM HF . 15.64 -7.22 69.02
C3A HEM HF . 15.30 -8.38 69.60
C4A HEM HF . 13.88 -8.52 69.49
CMA HEM HF . 16.23 -9.41 70.27
CAA HEM HF . 17.05 -6.62 68.86
CBA HEM HF . 17.69 -7.30 67.66
CGA HEM HF . 18.65 -6.39 66.94
O1A HEM HF . 19.78 -6.86 66.66
O2A HEM HF . 18.30 -5.22 66.65
C1B HEM HF . 11.79 -9.58 70.11
C2B HEM HF . 11.04 -10.56 70.86
C3B HEM HF . 9.74 -10.23 70.78
C4B HEM HF . 9.66 -9.02 70.00
CMB HEM HF . 11.74 -11.76 71.55
CAB HEM HF . 8.47 -10.87 71.39
CBB HEM HF . 8.42 -11.62 72.49
C1C HEM HF . 8.43 -7.30 68.81
C2C HEM HF . 7.21 -6.84 68.20
C3C HEM HF . 7.51 -5.80 67.42
C4C HEM HF . 8.95 -5.57 67.49
CMC HEM HF . 5.82 -7.44 68.45
CAC HEM HF . 6.44 -5.04 66.60
CBC HEM HF . 6.25 -3.73 66.77
C1D HEM HF . 11.07 -4.46 66.89
C2D HEM HF . 11.83 -3.38 66.32
C3D HEM HF . 13.13 -3.59 66.59
C4D HEM HF . 13.24 -4.81 67.36
CMD HEM HF . 11.24 -2.20 65.51
CAD HEM HF . 14.32 -2.69 66.20
CBD HEM HF . 14.37 -1.62 67.30
CGD HEM HF . 15.77 -1.19 67.64
O1D HEM HF . 16.60 -1.02 66.72
O2D HEM HF . 16.05 -1.00 68.86
NA HEM HF . 13.38 -7.42 68.82
NB HEM HF . 10.93 -8.65 69.60
NC HEM HF . 9.47 -6.52 68.36
ND HEM HF . 11.97 -5.31 67.53
FE HEM HF . 11.43 -7.10 68.34
#